data_3Q2K
#
_entry.id   3Q2K
#
_cell.length_a   102.261
_cell.length_b   319.975
_cell.length_c   103.800
_cell.angle_alpha   90.00
_cell.angle_beta   119.07
_cell.angle_gamma   90.00
#
_symmetry.space_group_name_H-M   'P 1 21 1'
#
loop_
_entity.id
_entity.type
_entity.pdbx_description
1 polymer oxidoreductase
2 non-polymer '1,4-DIHYDRONICOTINAMIDE ADENINE DINUCLEOTIDE'
3 non-polymer '(2S,3S,4R,5R,6R)-5-acetamido-6-[[[(2R,3S,4R,5R)-5-(2,4-dioxopyrimidin-1-yl)-3,4-dihydroxy-oxolan-2-yl]methoxy-hydroxy-phosphoryl]oxy-hydroxy-phosphoryl]oxy-3,4-dihydroxy-oxane-2-carboxylic acid'
4 water water
#
_entity_poly.entity_id   1
_entity_poly.type   'polypeptide(L)'
_entity_poly.pdbx_seq_one_letter_code
;MGSSHHHHHHSSENLYFQGHMSSLPITDRKIRFGLVGCGRISKNHIGAIAQHGDRAELVEICDTNPEALQAAEAATGARP
FSSLSDMLAQGNADALVLATPSGLHPWQAIEVAQAGRHVVSEKPMATRWEDGKRMVKACDEAGVRLFVVKQNRRNATLQL
VKKAIEQGRFGRIYMVTVNVFWTRPQEYYDAARWRGKWEWDGGAFMNQASHYVDLLDWLVGPVESVYAYTATLARRIEAE
DTGVAALRWRHGAMGSINVTMLTYPQNLEGSITILGEKGTVRVGGVAVNRIDEWKFAEPHPDDDKIREANYETTSVYGFG
HPLYYDNVINCLRGDCEPETDGREGLQSLALLTAIYRSARDGVRIPLPLD
;
_entity_poly.pdbx_strand_id   A,B,C,D,E,F,G,H,I,J,K,L,M,N,O,P
#
# COMPACT_ATOMS: atom_id res chain seq x y z
N PRO A 25 54.58 50.28 25.93
CA PRO A 25 55.07 50.36 24.55
C PRO A 25 56.30 49.50 24.39
N ILE A 26 56.50 48.80 23.28
CA ILE A 26 57.69 47.97 23.15
C ILE A 26 58.63 48.53 22.08
N THR A 27 59.72 49.18 22.48
CA THR A 27 60.51 49.93 21.50
C THR A 27 61.92 49.46 21.18
N ASP A 28 62.51 48.75 22.13
CA ASP A 28 63.93 48.43 21.99
C ASP A 28 64.17 46.98 21.58
N ARG A 29 63.10 46.29 21.22
CA ARG A 29 63.22 44.94 20.68
C ARG A 29 62.05 44.59 19.77
N LYS A 30 62.04 43.36 19.27
CA LYS A 30 60.97 42.93 18.40
C LYS A 30 59.70 42.57 19.16
N ILE A 31 58.53 42.95 18.66
CA ILE A 31 57.31 42.44 19.29
C ILE A 31 57.31 40.92 19.35
N ARG A 32 56.91 40.36 20.48
CA ARG A 32 56.78 38.91 20.55
C ARG A 32 55.36 38.37 20.54
N PHE A 33 55.00 37.66 19.47
CA PHE A 33 53.63 37.20 19.21
C PHE A 33 53.46 35.72 19.49
N GLY A 34 52.28 35.31 19.93
CA GLY A 34 51.93 33.91 20.12
C GLY A 34 50.68 33.80 19.26
N LEU A 35 50.44 32.66 18.65
CA LEU A 35 49.26 32.45 17.81
C LEU A 35 48.54 31.25 18.41
N VAL A 36 47.26 31.52 18.70
CA VAL A 36 46.33 30.53 19.22
C VAL A 36 45.38 30.09 18.10
N GLY A 37 45.62 28.91 17.55
CA GLY A 37 44.75 28.33 16.54
C GLY A 37 45.54 28.14 15.26
N CYS A 38 45.98 26.92 14.99
CA CYS A 38 46.89 26.76 13.86
C CYS A 38 46.13 26.20 12.69
N GLY A 39 45.03 26.85 12.28
CA GLY A 39 44.11 26.24 11.33
C GLY A 39 44.21 26.95 9.98
N ARG A 40 43.11 26.96 9.25
CA ARG A 40 43.13 27.47 7.88
C ARG A 40 43.72 28.87 7.74
N ILE A 41 43.46 29.79 8.66
CA ILE A 41 43.83 31.18 8.38
C ILE A 41 45.17 31.49 9.05
N SER A 42 45.65 30.50 9.79
CA SER A 42 46.88 30.75 10.52
C SER A 42 48.06 31.10 9.62
N LYS A 43 48.18 30.50 8.44
CA LYS A 43 49.34 30.79 7.59
C LYS A 43 49.34 32.24 7.12
N ASN A 44 48.17 32.84 7.01
CA ASN A 44 48.20 34.25 6.66
C ASN A 44 48.72 35.07 7.84
N HIS A 45 48.50 34.57 9.06
CA HIS A 45 48.97 35.30 10.21
C HIS A 45 50.50 35.15 10.24
N ILE A 46 50.91 33.89 10.13
CA ILE A 46 52.31 33.50 10.01
C ILE A 46 52.97 34.32 8.92
N GLY A 47 52.53 34.31 7.66
CA GLY A 47 53.17 35.19 6.67
C GLY A 47 53.17 36.68 6.97
N ALA A 48 52.09 37.16 7.58
CA ALA A 48 52.03 38.60 7.84
C ALA A 48 53.10 39.01 8.87
N ILE A 49 53.27 38.19 9.89
CA ILE A 49 54.28 38.44 10.91
C ILE A 49 55.67 38.36 10.31
N ALA A 50 55.98 37.27 9.62
CA ALA A 50 57.20 37.13 8.85
C ALA A 50 57.47 38.36 7.98
N GLN A 51 56.52 38.76 7.16
CA GLN A 51 56.69 39.99 6.38
C GLN A 51 57.04 41.18 7.27
N HIS A 52 56.66 41.14 8.54
CA HIS A 52 57.15 42.25 9.36
C HIS A 52 58.26 41.78 10.27
N GLY A 53 58.86 40.67 9.83
CA GLY A 53 59.90 39.98 10.61
C GLY A 53 60.95 40.90 11.21
N ASP A 54 61.10 42.13 10.76
CA ASP A 54 62.14 42.90 11.43
C ASP A 54 61.63 43.63 12.67
N ARG A 55 60.31 43.64 12.85
CA ARG A 55 59.76 44.37 13.98
C ARG A 55 59.06 43.42 14.96
N ALA A 56 58.93 42.18 14.53
CA ALA A 56 58.01 41.27 15.23
C ALA A 56 58.53 39.86 15.04
N GLU A 57 58.14 38.93 15.91
CA GLU A 57 58.34 37.54 15.55
C GLU A 57 57.40 36.58 16.24
N LEU A 58 57.20 35.44 15.58
CA LEU A 58 56.25 34.46 16.08
C LEU A 58 57.05 33.59 17.05
N VAL A 59 56.90 33.82 18.36
CA VAL A 59 57.58 33.04 19.37
C VAL A 59 56.83 31.78 19.80
N GLU A 60 55.51 31.84 19.90
CA GLU A 60 54.75 30.71 20.46
C GLU A 60 53.51 30.38 19.66
N ILE A 61 53.12 29.11 19.68
CA ILE A 61 51.92 28.66 18.99
C ILE A 61 51.21 27.60 19.84
N CYS A 62 49.91 27.50 19.58
CA CYS A 62 49.01 26.72 20.40
C CYS A 62 47.91 26.08 19.55
N ASP A 63 47.69 24.80 19.78
CA ASP A 63 46.56 24.22 19.06
C ASP A 63 46.27 22.95 19.83
N THR A 64 45.00 22.63 19.81
CA THR A 64 44.38 21.67 20.70
C THR A 64 44.38 20.34 19.94
N ASN A 65 44.54 20.49 18.63
CA ASN A 65 44.78 19.37 17.73
C ASN A 65 46.28 19.12 17.49
N PRO A 66 46.78 17.95 17.91
CA PRO A 66 48.18 17.53 17.80
C PRO A 66 48.78 17.66 16.40
N GLU A 67 48.19 16.98 15.43
CA GLU A 67 48.52 17.24 14.01
C GLU A 67 48.66 18.70 13.59
N ALA A 68 47.69 19.55 13.91
CA ALA A 68 47.79 20.93 13.50
C ALA A 68 48.92 21.67 14.21
N LEU A 69 49.18 21.33 15.48
CA LEU A 69 50.29 21.95 16.22
C LEU A 69 51.66 21.64 15.63
N GLN A 70 51.86 20.37 15.31
CA GLN A 70 53.15 19.88 14.82
C GLN A 70 53.47 20.56 13.50
N ALA A 71 52.55 20.39 12.54
CA ALA A 71 52.57 21.05 11.23
C ALA A 71 53.01 22.50 11.38
N ALA A 72 52.45 23.22 12.35
CA ALA A 72 52.82 24.62 12.50
C ALA A 72 54.18 24.76 13.17
N GLU A 73 54.50 23.86 14.08
CA GLU A 73 55.85 23.89 14.63
C GLU A 73 56.94 23.61 13.58
N ALA A 74 56.74 22.61 12.74
CA ALA A 74 57.67 22.36 11.64
C ALA A 74 57.82 23.63 10.77
N ALA A 75 56.72 24.16 10.25
CA ALA A 75 56.79 25.43 9.52
C ALA A 75 57.42 26.63 10.22
N THR A 76 57.28 26.79 11.53
CA THR A 76 57.75 28.05 12.12
C THR A 76 58.89 27.92 13.12
N GLY A 77 59.05 26.73 13.72
CA GLY A 77 60.04 26.54 14.77
C GLY A 77 59.75 27.37 16.01
N ALA A 78 58.49 27.75 16.19
CA ALA A 78 58.11 28.45 17.40
C ALA A 78 57.81 27.39 18.47
N ARG A 79 57.81 27.79 19.73
CA ARG A 79 57.49 26.82 20.78
C ARG A 79 56.03 26.33 20.79
N PRO A 80 55.79 25.01 20.79
CA PRO A 80 54.44 24.48 20.73
C PRO A 80 53.87 24.26 22.13
N PHE A 81 52.54 24.40 22.27
CA PHE A 81 51.80 24.32 23.52
C PHE A 81 50.46 23.70 23.17
N SER A 82 50.06 22.68 23.93
CA SER A 82 48.84 21.99 23.56
C SER A 82 47.62 22.63 24.23
N SER A 83 47.84 23.75 24.90
CA SER A 83 46.70 24.47 25.48
C SER A 83 47.08 25.90 25.84
N LEU A 84 46.11 26.81 25.73
CA LEU A 84 46.38 28.22 25.99
C LEU A 84 46.82 28.55 27.41
N SER A 85 46.28 27.84 28.40
CA SER A 85 46.79 28.12 29.73
C SER A 85 48.24 27.70 29.94
N ASP A 86 48.66 26.54 29.47
CA ASP A 86 50.10 26.31 29.47
C ASP A 86 50.83 27.48 28.79
N MET A 87 50.45 27.75 27.54
CA MET A 87 51.10 28.79 26.76
C MET A 87 51.24 30.02 27.65
N LEU A 88 50.16 30.32 28.37
CA LEU A 88 50.15 31.50 29.23
C LEU A 88 50.97 31.29 30.50
N ALA A 89 50.93 30.09 31.06
CA ALA A 89 51.80 29.78 32.21
C ALA A 89 53.30 29.88 31.95
N GLN A 90 53.76 29.45 30.78
CA GLN A 90 55.19 29.33 30.53
C GLN A 90 55.72 30.22 29.41
N GLY A 91 54.87 30.64 28.50
CA GLY A 91 55.43 31.41 27.41
C GLY A 91 55.44 32.85 27.86
N ASN A 92 55.98 33.75 27.03
CA ASN A 92 55.97 35.16 27.36
C ASN A 92 55.70 36.11 26.20
N ALA A 93 54.79 35.72 25.30
CA ALA A 93 54.38 36.66 24.24
C ALA A 93 53.85 37.97 24.80
N ASP A 94 54.20 39.06 24.13
CA ASP A 94 53.59 40.35 24.44
C ASP A 94 52.14 40.30 23.96
N ALA A 95 51.90 39.65 22.82
CA ALA A 95 50.55 39.59 22.29
C ALA A 95 50.13 38.23 21.73
N LEU A 96 48.87 37.89 21.95
CA LEU A 96 48.41 36.60 21.47
C LEU A 96 47.38 36.84 20.35
N VAL A 97 47.52 36.19 19.20
CA VAL A 97 46.56 36.29 18.11
C VAL A 97 45.53 35.16 18.24
N LEU A 98 44.26 35.51 18.33
CA LEU A 98 43.23 34.48 18.41
C LEU A 98 42.71 34.13 17.04
N ALA A 99 43.07 32.95 16.57
CA ALA A 99 42.69 32.55 15.23
C ALA A 99 41.92 31.24 15.40
N THR A 100 41.19 31.11 16.51
CA THR A 100 40.42 29.89 16.75
C THR A 100 38.96 30.09 16.37
N PRO A 101 38.13 29.04 16.50
CA PRO A 101 36.72 29.22 16.20
C PRO A 101 36.16 30.45 16.92
N SER A 102 35.23 31.16 16.27
CA SER A 102 34.99 32.54 16.72
C SER A 102 34.40 32.60 18.13
N GLY A 103 33.51 31.69 18.48
CA GLY A 103 32.93 31.81 19.81
C GLY A 103 33.93 31.57 20.93
N LEU A 104 35.12 31.03 20.63
CA LEU A 104 36.14 30.96 21.67
C LEU A 104 36.91 32.28 21.83
N HIS A 105 36.80 33.22 20.90
CA HIS A 105 37.59 34.45 21.06
C HIS A 105 37.35 35.19 22.36
N PRO A 106 36.08 35.31 22.78
CA PRO A 106 35.91 36.11 23.99
C PRO A 106 36.50 35.43 25.22
N TRP A 107 36.27 34.13 25.41
CA TRP A 107 36.82 33.45 26.58
C TRP A 107 38.35 33.44 26.65
N GLN A 108 38.97 33.14 25.50
CA GLN A 108 40.41 33.23 25.36
C GLN A 108 40.96 34.64 25.60
N ALA A 109 40.30 35.66 25.08
CA ALA A 109 40.78 37.03 25.26
C ALA A 109 40.74 37.42 26.73
N ILE A 110 39.68 37.06 27.43
CA ILE A 110 39.65 37.35 28.87
C ILE A 110 40.73 36.57 29.61
N GLU A 111 40.97 35.29 29.29
CA GLU A 111 42.08 34.56 29.92
C GLU A 111 43.44 35.23 29.62
N VAL A 112 43.61 35.67 28.38
CA VAL A 112 44.84 36.30 27.95
C VAL A 112 45.03 37.63 28.66
N ALA A 113 43.96 38.41 28.77
CA ALA A 113 43.96 39.70 29.46
C ALA A 113 44.33 39.54 30.93
N GLN A 114 43.75 38.52 31.55
CA GLN A 114 44.04 38.15 32.93
C GLN A 114 45.51 37.77 33.13
N ALA A 115 46.25 37.46 32.07
CA ALA A 115 47.63 37.06 32.23
C ALA A 115 48.45 38.27 31.78
N GLY A 116 47.80 39.41 31.55
CA GLY A 116 48.61 40.60 31.31
C GLY A 116 49.11 40.86 29.89
N ARG A 117 48.66 40.10 28.91
CA ARG A 117 49.05 40.33 27.52
C ARG A 117 48.01 40.99 26.60
N HIS A 118 48.49 41.64 25.55
CA HIS A 118 47.63 42.09 24.46
C HIS A 118 46.92 41.00 23.68
N VAL A 119 45.77 41.38 23.12
CA VAL A 119 45.01 40.42 22.32
C VAL A 119 44.80 41.02 20.95
N VAL A 120 45.01 40.18 19.93
CA VAL A 120 44.57 40.54 18.60
C VAL A 120 43.55 39.47 18.23
N SER A 121 42.26 39.80 18.25
CA SER A 121 41.25 38.81 17.92
C SER A 121 40.92 38.82 16.43
N GLU A 122 40.83 37.65 15.83
CA GLU A 122 40.22 37.51 14.52
C GLU A 122 38.75 37.98 14.53
N LYS A 123 38.15 38.16 13.36
CA LYS A 123 36.74 38.55 13.34
C LYS A 123 35.91 37.27 13.27
N PRO A 124 34.65 37.35 13.73
CA PRO A 124 34.15 38.42 14.56
C PRO A 124 34.76 38.32 15.96
N MET A 125 34.70 39.42 16.70
CA MET A 125 35.29 39.36 18.03
C MET A 125 34.57 38.37 18.94
N ALA A 126 33.33 38.00 18.62
CA ALA A 126 32.62 37.01 19.45
C ALA A 126 31.32 36.63 18.77
N THR A 127 30.64 35.61 19.29
CA THR A 127 29.35 35.31 18.68
C THR A 127 28.10 35.80 19.41
N ARG A 128 28.29 36.25 20.65
CA ARG A 128 27.22 36.71 21.54
C ARG A 128 27.60 38.10 22.03
N TRP A 129 26.67 39.04 21.90
CA TRP A 129 26.86 40.43 22.26
C TRP A 129 27.39 40.55 23.68
N GLU A 130 26.79 39.85 24.64
CA GLU A 130 27.20 39.89 26.05
C GLU A 130 28.67 39.52 26.23
N ASP A 131 29.12 38.46 25.57
CA ASP A 131 30.53 38.08 25.57
C ASP A 131 31.45 39.15 24.97
N GLY A 132 31.03 39.78 23.89
CA GLY A 132 31.91 40.77 23.27
C GLY A 132 32.09 41.86 24.30
N LYS A 133 31.00 42.24 24.96
CA LYS A 133 31.08 43.31 25.96
C LYS A 133 32.02 42.89 27.07
N ARG A 134 31.91 41.66 27.57
CA ARG A 134 32.81 41.19 28.63
C ARG A 134 34.28 41.23 28.19
N MET A 135 34.55 40.81 26.96
CA MET A 135 35.93 40.73 26.52
C MET A 135 36.52 42.13 26.46
N VAL A 136 35.74 43.15 26.12
CA VAL A 136 36.31 44.49 26.12
C VAL A 136 36.55 44.96 27.56
N LYS A 137 35.69 44.52 28.47
CA LYS A 137 35.81 45.01 29.84
C LYS A 137 37.03 44.36 30.47
N ALA A 138 37.29 43.08 30.22
CA ALA A 138 38.50 42.45 30.74
C ALA A 138 39.75 43.15 30.20
N CYS A 139 39.82 43.43 28.90
CA CYS A 139 40.96 44.16 28.37
C CYS A 139 41.13 45.53 28.98
N ASP A 140 40.04 46.29 29.09
CA ASP A 140 39.99 47.56 29.82
C ASP A 140 40.55 47.43 31.23
N GLU A 141 39.94 46.53 32.00
CA GLU A 141 40.41 46.27 33.36
C GLU A 141 41.86 45.86 33.50
N ALA A 142 42.47 45.10 32.59
CA ALA A 142 43.88 44.73 32.72
C ALA A 142 44.84 45.75 32.12
N GLY A 143 44.28 46.76 31.46
CA GLY A 143 45.11 47.83 30.92
C GLY A 143 45.90 47.34 29.74
N VAL A 144 45.32 46.39 29.01
CA VAL A 144 45.93 45.79 27.84
C VAL A 144 45.15 46.18 26.59
N ARG A 145 45.83 46.11 25.45
CA ARG A 145 45.27 46.48 24.17
C ARG A 145 44.45 45.35 23.55
N LEU A 146 43.28 45.71 23.01
CA LEU A 146 42.45 44.73 22.31
C LEU A 146 42.32 45.09 20.84
N PHE A 147 42.74 44.22 19.91
CA PHE A 147 42.64 44.49 18.49
C PHE A 147 41.67 43.49 17.87
N VAL A 148 40.80 43.92 16.95
CA VAL A 148 39.97 43.02 16.16
C VAL A 148 40.34 43.13 14.68
N VAL A 149 40.56 41.99 14.03
CA VAL A 149 41.03 42.02 12.64
C VAL A 149 39.89 42.44 11.70
N LYS A 150 40.06 43.62 11.08
CA LYS A 150 39.21 44.09 10.02
C LYS A 150 40.10 44.54 8.87
N GLN A 151 40.65 43.58 8.12
CA GLN A 151 41.69 43.97 7.18
C GLN A 151 41.14 44.79 6.02
N ASN A 152 39.87 44.57 5.65
CA ASN A 152 39.31 45.33 4.53
C ASN A 152 39.29 46.82 4.73
N ARG A 153 39.39 47.25 5.99
CA ARG A 153 39.41 48.69 6.24
C ARG A 153 40.59 49.33 5.52
N ARG A 154 41.65 48.54 5.33
CA ARG A 154 42.80 49.02 4.57
C ARG A 154 42.63 49.07 3.05
N ASN A 155 41.65 48.41 2.44
CA ASN A 155 41.62 48.41 0.96
C ASN A 155 41.80 49.84 0.45
N ALA A 156 42.59 50.08 -0.60
CA ALA A 156 42.81 51.48 -0.96
C ALA A 156 41.51 51.94 -1.63
N THR A 157 40.68 51.05 -2.14
CA THR A 157 39.41 51.48 -2.72
C THR A 157 38.57 52.13 -1.60
N LEU A 158 38.40 51.40 -0.50
CA LEU A 158 37.58 51.85 0.62
C LEU A 158 38.18 53.10 1.25
N GLN A 159 39.50 53.14 1.37
CA GLN A 159 40.15 54.35 1.90
C GLN A 159 39.78 55.58 1.08
N LEU A 160 39.67 55.50 -0.24
CA LEU A 160 39.17 56.64 -1.01
C LEU A 160 37.73 57.04 -0.67
N VAL A 161 36.89 56.02 -0.52
CA VAL A 161 35.49 56.31 -0.25
C VAL A 161 35.44 56.97 1.11
N LYS A 162 36.14 56.37 2.06
CA LYS A 162 36.10 56.83 3.45
C LYS A 162 36.49 58.30 3.58
N LYS A 163 37.53 58.70 2.85
CA LYS A 163 37.95 60.09 2.77
C LYS A 163 36.93 61.00 2.10
N ALA A 164 36.37 60.57 0.98
CA ALA A 164 35.27 61.30 0.36
C ALA A 164 34.19 61.59 1.39
N ILE A 165 33.85 60.59 2.21
CA ILE A 165 32.78 60.85 3.17
C ILE A 165 33.20 61.83 4.27
N GLU A 166 34.38 61.65 4.85
CA GLU A 166 34.95 62.53 5.87
C GLU A 166 34.99 64.00 5.45
N GLN A 167 35.34 64.28 4.21
CA GLN A 167 35.40 65.64 3.68
C GLN A 167 34.03 66.22 3.31
N GLY A 168 32.93 65.55 3.64
CA GLY A 168 31.61 66.00 3.20
C GLY A 168 31.38 65.98 1.70
N ARG A 169 32.13 65.20 0.92
CA ARG A 169 31.90 65.34 -0.52
C ARG A 169 30.55 64.77 -0.98
N PHE A 170 29.83 64.01 -0.17
CA PHE A 170 28.56 63.46 -0.63
C PHE A 170 27.43 64.42 -0.28
N GLY A 171 27.71 65.41 0.55
CA GLY A 171 26.56 66.08 1.15
C GLY A 171 25.73 64.98 1.79
N ARG A 172 24.45 65.25 1.98
CA ARG A 172 23.55 64.32 2.67
C ARG A 172 23.56 62.96 1.95
N ILE A 173 23.78 61.88 2.69
CA ILE A 173 23.80 60.52 2.16
C ILE A 173 22.37 60.00 2.29
N TYR A 174 21.85 59.42 1.22
CA TYR A 174 20.45 58.98 1.20
C TYR A 174 20.23 57.47 1.20
N MET A 175 21.10 56.75 0.50
CA MET A 175 20.82 55.34 0.20
C MET A 175 22.08 54.48 0.09
N VAL A 176 22.11 53.36 0.79
CA VAL A 176 23.36 52.63 0.83
C VAL A 176 23.00 51.17 0.64
N THR A 177 23.71 50.55 -0.29
CA THR A 177 23.38 49.14 -0.49
C THR A 177 24.60 48.23 -0.53
N VAL A 178 24.57 47.14 0.21
CA VAL A 178 25.69 46.22 0.32
C VAL A 178 25.30 44.84 -0.20
N ASN A 179 26.07 44.24 -1.11
CA ASN A 179 25.80 42.90 -1.60
C ASN A 179 26.94 41.93 -1.28
N VAL A 180 26.68 40.73 -0.78
CA VAL A 180 27.77 39.80 -0.50
C VAL A 180 27.24 38.50 -1.08
N PHE A 181 27.53 38.32 -2.36
CA PHE A 181 26.96 37.19 -3.06
C PHE A 181 28.07 36.20 -3.34
N TRP A 182 28.24 35.24 -2.44
CA TRP A 182 29.41 34.38 -2.40
C TRP A 182 28.93 32.94 -2.34
N THR A 183 29.94 32.06 -2.22
CA THR A 183 29.72 30.63 -2.37
C THR A 183 30.47 29.83 -1.30
N ARG A 184 29.72 29.06 -0.53
CA ARG A 184 30.30 28.15 0.47
C ARG A 184 29.51 26.87 0.25
N PRO A 185 30.17 25.76 -0.15
CA PRO A 185 29.45 24.49 -0.33
C PRO A 185 29.34 23.77 1.01
N GLN A 186 28.55 22.70 1.05
CA GLN A 186 28.39 21.90 2.26
C GLN A 186 29.74 21.42 2.79
N GLU A 187 30.64 21.00 1.91
CA GLU A 187 31.93 20.44 2.32
C GLU A 187 32.86 21.38 3.09
N TYR A 188 32.73 22.68 2.79
CA TYR A 188 33.41 23.67 3.62
C TYR A 188 32.84 23.60 5.05
N TYR A 189 31.52 23.57 5.16
CA TYR A 189 30.95 23.47 6.51
C TYR A 189 31.33 22.16 7.17
N ASP A 190 31.42 21.06 6.41
CA ASP A 190 31.63 19.75 7.01
C ASP A 190 33.07 19.54 7.48
N ALA A 191 33.96 20.41 7.03
CA ALA A 191 35.38 20.31 7.33
C ALA A 191 35.72 20.47 8.81
N ALA A 192 34.90 21.20 9.57
CA ALA A 192 35.11 21.30 11.02
C ALA A 192 33.77 21.45 11.74
N ARG A 193 33.65 20.73 12.84
CA ARG A 193 32.41 20.67 13.62
C ARG A 193 31.91 22.07 14.01
N TRP A 194 32.83 23.01 14.18
CA TRP A 194 32.39 24.31 14.72
C TRP A 194 31.57 25.15 13.75
N ARG A 195 31.69 24.90 12.46
CA ARG A 195 31.29 25.86 11.42
C ARG A 195 29.78 25.78 11.24
N GLY A 196 29.11 26.92 11.16
CA GLY A 196 27.66 26.88 10.93
C GLY A 196 26.89 26.83 12.24
N LYS A 197 27.64 26.75 13.35
CA LYS A 197 26.97 26.69 14.65
C LYS A 197 26.86 28.04 15.32
N TRP A 198 25.67 28.25 15.88
CA TRP A 198 25.34 29.50 16.57
C TRP A 198 26.41 29.71 17.65
N GLU A 199 26.76 28.66 18.38
CA GLU A 199 27.61 28.98 19.52
C GLU A 199 28.98 29.46 19.06
N TRP A 200 29.52 28.88 17.98
CA TRP A 200 30.94 29.03 17.66
C TRP A 200 31.23 29.89 16.43
N ASP A 201 30.23 30.13 15.60
CA ASP A 201 30.43 30.70 14.25
C ASP A 201 29.42 31.80 13.95
N GLY A 202 28.12 31.50 14.05
CA GLY A 202 27.13 32.32 13.35
C GLY A 202 26.98 31.78 11.94
N GLY A 203 26.17 32.44 11.10
CA GLY A 203 25.96 31.97 9.73
C GLY A 203 26.57 32.98 8.77
N ALA A 204 25.98 33.14 7.59
CA ALA A 204 26.57 33.95 6.53
C ALA A 204 26.94 35.36 6.96
N PHE A 205 26.12 36.00 7.80
CA PHE A 205 26.26 37.35 8.30
C PHE A 205 27.44 37.50 9.28
N MET A 206 27.49 36.59 10.24
CA MET A 206 28.44 36.76 11.33
C MET A 206 29.87 36.36 10.97
N ASN A 207 29.98 35.37 10.09
CA ASN A 207 31.30 34.95 9.66
C ASN A 207 31.74 35.75 8.42
N GLN A 208 31.33 35.31 7.23
CA GLN A 208 31.78 35.88 5.98
C GLN A 208 31.47 37.36 5.77
N ALA A 209 30.27 37.81 6.17
CA ALA A 209 29.86 39.14 5.75
C ALA A 209 30.11 40.18 6.83
N SER A 210 30.75 39.72 7.90
CA SER A 210 30.99 40.70 8.95
C SER A 210 31.86 41.85 8.47
N HIS A 211 32.80 41.59 7.56
CA HIS A 211 33.65 42.63 6.98
C HIS A 211 32.76 43.68 6.31
N TYR A 212 31.55 43.28 5.93
CA TYR A 212 30.68 44.15 5.15
C TYR A 212 29.64 44.80 6.07
N VAL A 213 29.10 44.04 7.02
CA VAL A 213 28.38 44.67 8.13
C VAL A 213 29.24 45.77 8.72
N ASP A 214 30.50 45.47 9.03
CA ASP A 214 31.43 46.51 9.51
C ASP A 214 31.34 47.82 8.73
N LEU A 215 31.11 47.83 7.42
CA LEU A 215 31.21 49.09 6.66
C LEU A 215 30.08 50.06 6.95
N LEU A 216 28.96 49.54 7.45
CA LEU A 216 27.75 50.35 7.58
C LEU A 216 28.03 51.45 8.61
N ASP A 217 28.63 51.03 9.72
CA ASP A 217 28.90 52.00 10.76
C ASP A 217 30.19 52.76 10.46
N TRP A 218 31.20 52.03 10.00
CA TRP A 218 32.48 52.67 9.71
C TRP A 218 32.37 53.67 8.56
N LEU A 219 31.79 53.30 7.43
CA LEU A 219 31.73 54.30 6.37
C LEU A 219 30.65 55.34 6.67
N VAL A 220 29.43 54.89 6.94
CA VAL A 220 28.30 55.79 6.77
C VAL A 220 27.89 56.50 8.06
N GLY A 221 28.05 55.82 9.19
CA GLY A 221 27.68 56.39 10.47
C GLY A 221 26.86 55.41 11.30
N PRO A 222 26.38 55.92 12.43
CA PRO A 222 25.58 55.21 13.41
C PRO A 222 24.24 54.75 12.84
N VAL A 223 24.01 53.44 12.87
CA VAL A 223 22.78 52.88 12.33
C VAL A 223 21.75 53.10 13.44
N GLU A 224 20.54 53.51 13.08
CA GLU A 224 19.53 53.64 14.12
C GLU A 224 18.68 52.37 14.37
N SER A 225 18.26 51.70 13.31
CA SER A 225 17.68 50.41 13.60
C SER A 225 17.81 49.54 12.36
N VAL A 226 17.50 48.26 12.53
CA VAL A 226 17.43 47.34 11.40
C VAL A 226 16.18 46.46 11.48
N TYR A 227 15.78 45.87 10.35
CA TYR A 227 14.90 44.70 10.36
C TYR A 227 15.56 43.67 9.44
N ALA A 228 15.52 42.40 9.83
CA ALA A 228 16.17 41.40 8.99
C ALA A 228 15.32 40.16 8.80
N TYR A 229 15.55 39.52 7.66
CA TYR A 229 15.09 38.15 7.44
C TYR A 229 16.37 37.34 7.17
N THR A 230 16.44 36.14 7.73
CA THR A 230 17.50 35.21 7.37
C THR A 230 16.86 33.81 7.34
N ALA A 231 17.51 32.87 6.67
CA ALA A 231 16.98 31.50 6.62
C ALA A 231 18.19 30.69 6.22
N THR A 232 18.11 29.42 6.61
CA THR A 232 19.05 28.45 6.08
C THR A 232 18.34 27.83 4.90
N LEU A 233 18.64 28.28 3.69
CA LEU A 233 17.84 27.77 2.57
C LEU A 233 18.32 26.50 1.89
N ALA A 234 19.59 26.13 2.05
CA ALA A 234 20.07 24.87 1.48
C ALA A 234 21.09 24.09 2.32
N ARG A 235 21.93 24.75 3.12
CA ARG A 235 23.04 24.07 3.77
C ARG A 235 22.55 23.36 5.04
N ARG A 236 23.22 22.26 5.42
CA ARG A 236 22.94 21.59 6.68
C ARG A 236 23.86 22.08 7.78
N ILE A 237 23.46 23.20 8.39
CA ILE A 237 24.17 23.89 9.45
C ILE A 237 23.09 24.50 10.34
N GLU A 238 23.46 25.11 11.47
CA GLU A 238 22.51 25.75 12.38
C GLU A 238 22.11 27.15 11.95
N ALA A 239 23.07 27.97 11.49
CA ALA A 239 22.83 29.38 11.27
C ALA A 239 22.32 29.66 9.84
N GLU A 240 22.03 30.92 9.51
CA GLU A 240 21.52 31.28 8.19
C GLU A 240 22.59 31.10 7.12
N ASP A 241 22.17 30.68 5.93
CA ASP A 241 23.08 30.76 4.78
C ASP A 241 22.66 31.91 3.90
N THR A 242 21.50 32.51 4.17
CA THR A 242 21.04 33.62 3.34
C THR A 242 20.27 34.63 4.16
N GLY A 243 20.34 35.91 3.78
CA GLY A 243 19.45 36.85 4.39
C GLY A 243 19.56 38.28 3.91
N VAL A 244 18.71 39.15 4.45
CA VAL A 244 18.72 40.54 4.07
C VAL A 244 18.39 41.37 5.31
N ALA A 245 19.02 42.54 5.40
CA ALA A 245 18.64 43.47 6.46
C ALA A 245 18.35 44.81 5.81
N ALA A 246 17.22 45.40 6.21
CA ALA A 246 16.93 46.80 5.92
C ALA A 246 17.46 47.65 7.07
N LEU A 247 17.86 48.87 6.77
CA LEU A 247 18.68 49.64 7.69
C LEU A 247 18.26 51.10 7.63
N ARG A 248 18.22 51.76 8.78
CA ARG A 248 17.96 53.19 8.77
C ARG A 248 19.07 53.79 9.62
N TRP A 249 19.75 54.82 9.10
CA TRP A 249 20.79 55.48 9.88
C TRP A 249 20.23 56.58 10.79
N ARG A 250 20.92 56.97 11.86
CA ARG A 250 20.43 58.13 12.59
C ARG A 250 20.27 59.36 11.71
N HIS A 251 21.16 59.58 10.75
CA HIS A 251 21.10 60.84 10.02
C HIS A 251 20.06 60.73 8.89
N GLY A 252 19.31 59.63 8.82
CA GLY A 252 18.23 59.54 7.83
C GLY A 252 18.46 58.65 6.62
N ALA A 253 19.71 58.40 6.22
CA ALA A 253 19.88 57.53 5.07
C ALA A 253 19.22 56.19 5.39
N MET A 254 18.93 55.42 4.35
CA MET A 254 18.37 54.08 4.52
C MET A 254 19.14 53.14 3.59
N GLY A 255 18.96 51.85 3.76
CA GLY A 255 19.41 50.92 2.73
C GLY A 255 19.34 49.47 3.17
N SER A 256 20.21 48.65 2.58
CA SER A 256 20.09 47.21 2.77
C SER A 256 21.44 46.51 2.62
N ILE A 257 21.53 45.34 3.24
CA ILE A 257 22.70 44.52 3.04
C ILE A 257 22.14 43.13 2.75
N ASN A 258 22.59 42.55 1.65
CA ASN A 258 21.97 41.33 1.16
C ASN A 258 23.07 40.29 1.04
N VAL A 259 22.82 39.09 1.57
CA VAL A 259 23.92 38.18 1.77
C VAL A 259 23.48 36.77 1.41
N THR A 260 24.27 36.10 0.57
CA THR A 260 24.06 34.66 0.50
C THR A 260 25.37 33.91 0.32
N MET A 261 25.44 32.72 0.90
CA MET A 261 26.51 31.79 0.56
C MET A 261 26.18 30.76 -0.54
N LEU A 262 25.04 30.90 -1.20
CA LEU A 262 24.53 29.89 -2.11
C LEU A 262 24.73 30.32 -3.57
N THR A 263 25.53 31.34 -3.86
CA THR A 263 25.65 31.81 -5.24
C THR A 263 26.17 30.71 -6.17
N TYR A 264 25.53 30.63 -7.33
CA TYR A 264 25.93 29.73 -8.41
C TYR A 264 26.83 30.44 -9.40
N PRO A 265 27.96 29.82 -9.80
CA PRO A 265 28.62 28.62 -9.30
C PRO A 265 29.74 28.93 -8.31
N GLN A 266 30.04 30.20 -8.07
CA GLN A 266 31.20 30.70 -7.32
C GLN A 266 30.99 32.17 -6.96
N ASN A 267 31.87 32.75 -6.16
CA ASN A 267 31.62 34.10 -5.67
C ASN A 267 31.29 35.03 -6.83
N LEU A 268 30.32 35.93 -6.63
CA LEU A 268 29.91 36.90 -7.63
C LEU A 268 30.30 38.34 -7.29
N GLU A 269 30.09 38.79 -6.06
CA GLU A 269 30.15 40.23 -5.76
C GLU A 269 30.28 40.43 -4.24
N GLY A 270 31.13 41.38 -3.87
CA GLY A 270 31.14 41.88 -2.51
C GLY A 270 31.11 43.37 -2.79
N SER A 271 29.98 44.07 -2.59
CA SER A 271 29.94 45.46 -3.06
C SER A 271 29.29 46.42 -2.07
N ILE A 272 29.52 47.70 -2.28
CA ILE A 272 28.79 48.74 -1.55
C ILE A 272 28.57 49.91 -2.49
N THR A 273 27.34 50.43 -2.47
CA THR A 273 26.94 51.58 -3.24
C THR A 273 26.38 52.64 -2.30
N ILE A 274 26.85 53.88 -2.46
CA ILE A 274 26.46 54.96 -1.56
C ILE A 274 26.04 56.17 -2.40
N LEU A 275 24.83 56.68 -2.17
CA LEU A 275 24.30 57.74 -3.00
C LEU A 275 23.94 58.90 -2.09
N GLY A 276 24.50 60.08 -2.33
CA GLY A 276 24.10 61.21 -1.53
C GLY A 276 23.77 62.41 -2.41
N GLU A 277 23.59 63.54 -1.75
CA GLU A 277 23.14 64.73 -2.47
C GLU A 277 24.08 65.04 -3.62
N LYS A 278 25.39 64.89 -3.42
CA LYS A 278 26.32 65.39 -4.43
C LYS A 278 27.45 64.40 -4.71
N GLY A 279 27.13 63.13 -4.52
CA GLY A 279 28.15 62.11 -4.74
C GLY A 279 27.42 60.80 -4.98
N THR A 280 28.07 59.93 -5.77
CA THR A 280 27.54 58.63 -6.11
C THR A 280 28.79 57.75 -6.20
N VAL A 281 28.89 56.77 -5.32
CA VAL A 281 29.96 55.77 -5.43
C VAL A 281 29.47 54.33 -5.50
N ARG A 282 30.10 53.52 -6.34
CA ARG A 282 29.92 52.08 -6.17
C ARG A 282 31.28 51.36 -6.14
N VAL A 283 31.53 50.64 -5.06
CA VAL A 283 32.69 49.77 -5.01
C VAL A 283 32.29 48.31 -5.21
N GLY A 284 32.60 47.77 -6.38
CA GLY A 284 32.28 46.40 -6.79
C GLY A 284 33.44 45.42 -6.86
N GLY A 285 33.35 44.41 -7.72
CA GLY A 285 34.30 43.31 -7.65
C GLY A 285 33.82 42.27 -6.65
N VAL A 286 34.58 41.20 -6.46
CA VAL A 286 34.17 40.11 -5.59
C VAL A 286 34.30 40.47 -4.11
N ALA A 287 35.10 41.49 -3.86
CA ALA A 287 35.49 41.94 -2.52
C ALA A 287 35.88 43.42 -2.45
N VAL A 288 34.92 44.33 -2.63
CA VAL A 288 35.14 45.77 -2.62
C VAL A 288 36.53 46.15 -3.12
N ASN A 289 36.89 45.64 -4.29
CA ASN A 289 38.23 45.87 -4.82
C ASN A 289 38.24 46.62 -6.16
N ARG A 290 37.09 46.98 -6.73
CA ARG A 290 36.99 47.70 -8.00
C ARG A 290 35.94 48.81 -7.91
N ILE A 291 36.36 50.04 -7.64
CA ILE A 291 35.50 51.21 -7.82
C ILE A 291 34.91 51.20 -9.23
N ASP A 292 33.59 51.04 -9.42
CA ASP A 292 32.97 50.95 -10.74
C ASP A 292 32.25 52.26 -11.06
N GLU A 293 31.99 53.13 -10.09
CA GLU A 293 31.16 54.30 -10.28
C GLU A 293 31.61 55.34 -9.26
N TRP A 294 31.88 56.56 -9.72
CA TRP A 294 32.45 57.56 -8.83
C TRP A 294 32.14 58.92 -9.44
N LYS A 295 31.08 59.58 -9.01
CA LYS A 295 30.67 60.86 -9.57
C LYS A 295 30.45 61.84 -8.43
N PHE A 296 31.14 62.98 -8.49
CA PHE A 296 31.07 64.06 -7.50
C PHE A 296 30.82 65.42 -8.15
N ALA A 297 29.96 66.21 -7.51
CA ALA A 297 29.68 67.56 -7.97
C ALA A 297 30.92 68.45 -7.92
N GLU A 298 31.74 68.29 -6.89
CA GLU A 298 32.99 69.04 -6.84
C GLU A 298 34.23 68.15 -6.92
N PRO A 299 35.22 68.55 -7.75
CA PRO A 299 36.44 67.81 -8.05
C PRO A 299 37.41 67.63 -6.90
N HIS A 300 38.24 66.58 -6.96
CA HIS A 300 39.28 66.27 -5.98
C HIS A 300 40.38 65.45 -6.65
N PRO A 301 41.65 65.68 -6.28
CA PRO A 301 42.72 64.94 -6.96
C PRO A 301 42.51 63.43 -6.84
N ASP A 302 41.86 62.97 -5.78
CA ASP A 302 41.59 61.55 -5.74
C ASP A 302 40.77 61.07 -6.92
N ASP A 303 40.04 61.98 -7.57
CA ASP A 303 39.15 61.64 -8.66
C ASP A 303 39.95 60.98 -9.78
N ASP A 304 41.27 61.07 -9.64
CA ASP A 304 42.16 60.67 -10.71
C ASP A 304 42.86 59.34 -10.43
N LYS A 305 42.76 58.84 -9.20
CA LYS A 305 43.50 57.69 -8.70
C LYS A 305 42.67 56.41 -8.63
N ILE A 306 41.49 56.46 -9.24
CA ILE A 306 40.50 55.39 -9.13
C ILE A 306 41.11 54.11 -9.68
N ARG A 307 41.61 54.27 -10.89
CA ARG A 307 42.14 53.16 -11.66
C ARG A 307 43.30 52.49 -10.93
N GLU A 308 44.14 53.33 -10.36
CA GLU A 308 45.28 52.82 -9.60
C GLU A 308 44.88 52.19 -8.26
N ALA A 309 43.87 52.75 -7.60
CA ALA A 309 43.42 52.17 -6.35
C ALA A 309 42.79 50.81 -6.60
N ASN A 310 42.14 50.61 -7.74
CA ASN A 310 41.57 49.31 -8.04
C ASN A 310 42.71 48.28 -8.19
N TYR A 311 43.73 48.67 -8.95
CA TYR A 311 44.89 47.84 -9.26
C TYR A 311 45.56 47.48 -7.94
N GLU A 312 45.83 48.50 -7.14
CA GLU A 312 46.45 48.28 -5.83
C GLU A 312 45.68 47.26 -4.99
N THR A 313 44.38 47.47 -4.81
CA THR A 313 43.55 46.69 -3.88
C THR A 313 43.48 45.27 -4.41
N THR A 314 43.22 45.14 -5.71
CA THR A 314 43.13 43.80 -6.30
C THR A 314 44.42 43.00 -6.13
N SER A 315 45.53 43.72 -6.21
CA SER A 315 46.82 43.06 -6.16
C SER A 315 47.02 42.49 -4.75
N VAL A 316 46.34 42.98 -3.71
CA VAL A 316 46.39 42.27 -2.45
C VAL A 316 45.22 41.35 -2.09
N TYR A 317 44.35 41.07 -3.04
CA TYR A 317 43.17 40.27 -2.71
C TYR A 317 43.47 38.89 -2.14
N GLY A 318 42.85 38.57 -1.00
CA GLY A 318 43.04 37.26 -0.38
C GLY A 318 44.14 37.39 0.64
N PHE A 319 44.87 38.51 0.64
CA PHE A 319 45.98 38.55 1.59
C PHE A 319 46.11 39.91 2.28
N GLY A 320 45.06 40.39 2.95
CA GLY A 320 45.13 41.68 3.62
C GLY A 320 45.78 41.70 4.99
N HIS A 321 46.05 40.54 5.59
CA HIS A 321 46.61 40.58 6.94
C HIS A 321 47.88 41.43 7.13
N PRO A 322 48.78 41.44 6.13
CA PRO A 322 50.00 42.23 6.35
C PRO A 322 49.70 43.71 6.52
N LEU A 323 48.69 44.22 5.82
CA LEU A 323 48.25 45.59 5.99
C LEU A 323 47.75 45.88 7.41
N TYR A 324 46.99 44.95 7.98
CA TYR A 324 46.45 45.07 9.33
C TYR A 324 47.55 45.04 10.38
N TYR A 325 48.45 44.07 10.25
CA TYR A 325 49.54 43.91 11.22
C TYR A 325 50.49 45.10 11.26
N ASP A 326 50.63 45.81 10.15
CA ASP A 326 51.41 47.05 10.16
C ASP A 326 50.88 48.03 11.21
N ASN A 327 49.57 48.24 11.22
CA ASN A 327 48.93 49.07 12.24
C ASN A 327 49.07 48.48 13.64
N VAL A 328 48.97 47.16 13.74
CA VAL A 328 49.07 46.56 15.07
C VAL A 328 50.44 46.79 15.70
N ILE A 329 51.47 46.53 14.90
CA ILE A 329 52.85 46.75 15.31
C ILE A 329 53.08 48.23 15.65
N ASN A 330 52.70 49.16 14.78
CA ASN A 330 52.94 50.57 15.07
C ASN A 330 52.24 50.88 16.39
N CYS A 331 51.06 50.29 16.59
CA CYS A 331 50.39 50.63 17.83
C CYS A 331 51.16 50.08 19.03
N LEU A 332 51.65 48.85 18.95
CA LEU A 332 52.32 48.29 20.12
C LEU A 332 53.70 48.91 20.35
N ARG A 333 54.23 49.57 19.32
CA ARG A 333 55.51 50.25 19.42
C ARG A 333 55.30 51.64 20.02
N GLY A 334 54.07 52.09 20.14
CA GLY A 334 53.78 53.37 20.76
C GLY A 334 53.47 54.55 19.85
N ASP A 335 53.32 54.34 18.54
CA ASP A 335 53.05 55.41 17.59
C ASP A 335 51.57 55.55 17.20
N CYS A 336 50.80 54.51 17.44
CA CYS A 336 49.45 54.49 16.88
C CYS A 336 48.35 54.16 17.87
N GLU A 337 47.24 54.87 17.74
CA GLU A 337 45.98 54.33 18.22
C GLU A 337 45.57 53.23 17.22
N PRO A 338 44.96 52.13 17.69
CA PRO A 338 44.57 51.10 16.72
C PRO A 338 43.49 51.59 15.76
N GLU A 339 43.61 51.25 14.49
CA GLU A 339 42.46 51.41 13.61
C GLU A 339 41.22 50.74 14.19
N THR A 340 41.32 49.47 14.59
CA THR A 340 40.13 48.73 15.01
C THR A 340 40.33 48.08 16.37
N ASP A 341 40.01 48.80 17.44
CA ASP A 341 40.14 48.30 18.80
C ASP A 341 38.92 47.47 19.17
N GLY A 342 38.75 47.23 20.47
CA GLY A 342 37.68 46.38 20.98
C GLY A 342 36.34 47.05 20.73
N ARG A 343 36.28 48.34 21.04
CA ARG A 343 35.10 49.13 20.73
C ARG A 343 34.69 49.20 19.27
N GLU A 344 35.59 49.48 18.33
CA GLU A 344 35.26 49.44 16.91
C GLU A 344 34.68 48.06 16.60
N GLY A 345 35.25 47.03 17.23
CA GLY A 345 34.71 45.69 17.04
C GLY A 345 33.26 45.58 17.47
N LEU A 346 32.93 46.19 18.60
CA LEU A 346 31.61 46.06 19.22
C LEU A 346 30.57 46.75 18.34
N GLN A 347 31.02 47.71 17.55
CA GLN A 347 30.12 48.44 16.66
C GLN A 347 29.50 47.42 15.72
N SER A 348 30.34 46.62 15.08
CA SER A 348 29.76 45.71 14.09
C SER A 348 29.15 44.51 14.80
N LEU A 349 29.61 44.17 16.01
CA LEU A 349 29.01 43.05 16.74
C LEU A 349 27.60 43.46 17.13
N ALA A 350 27.44 44.75 17.42
CA ALA A 350 26.12 45.24 17.80
C ALA A 350 25.13 45.12 16.64
N LEU A 351 25.58 45.46 15.43
CA LEU A 351 24.70 45.31 14.27
C LEU A 351 24.39 43.87 13.97
N LEU A 352 25.42 43.03 14.03
CA LEU A 352 25.22 41.61 13.78
C LEU A 352 24.18 41.11 14.78
N THR A 353 24.27 41.59 16.02
CA THR A 353 23.33 41.06 17.02
C THR A 353 21.92 41.56 16.73
N ALA A 354 21.78 42.83 16.36
CA ALA A 354 20.49 43.42 16.08
C ALA A 354 19.87 42.67 14.91
N ILE A 355 20.70 42.41 13.89
CA ILE A 355 20.27 41.65 12.72
C ILE A 355 19.81 40.26 13.17
N TYR A 356 20.56 39.53 13.98
CA TYR A 356 20.15 38.18 14.37
C TYR A 356 18.93 38.20 15.29
N ARG A 357 18.84 39.18 16.17
CA ARG A 357 17.66 39.22 17.03
C ARG A 357 16.40 39.51 16.21
N SER A 358 16.50 40.45 15.28
CA SER A 358 15.44 40.86 14.37
C SER A 358 15.02 39.66 13.53
N ALA A 359 15.99 38.88 13.04
CA ALA A 359 15.58 37.78 12.19
C ALA A 359 14.94 36.69 13.05
N ARG A 360 15.43 36.48 14.25
CA ARG A 360 14.76 35.43 15.01
C ARG A 360 13.43 35.97 15.53
N ASP A 361 13.34 37.22 15.98
CA ASP A 361 12.11 37.68 16.64
C ASP A 361 11.08 38.32 15.69
N GLY A 362 11.38 38.51 14.41
CA GLY A 362 10.36 39.09 13.54
C GLY A 362 10.07 40.53 13.89
N VAL A 363 11.01 41.30 14.43
CA VAL A 363 10.64 42.64 14.85
C VAL A 363 11.78 43.60 14.50
N ARG A 364 11.47 44.88 14.32
CA ARG A 364 12.52 45.88 14.22
C ARG A 364 13.39 45.97 15.48
N ILE A 365 14.71 46.12 15.36
CA ILE A 365 15.60 46.17 16.52
C ILE A 365 16.37 47.48 16.46
N PRO A 366 16.23 48.34 17.49
CA PRO A 366 16.86 49.65 17.48
C PRO A 366 18.22 49.60 18.17
N LEU A 367 19.15 50.48 17.79
CA LEU A 367 20.40 50.65 18.54
C LEU A 367 20.42 51.96 19.34
N PRO A 368 21.38 52.10 20.26
CA PRO A 368 22.39 51.14 20.72
C PRO A 368 21.70 50.09 21.58
N LEU A 369 22.26 48.90 21.63
CA LEU A 369 21.76 47.79 22.41
C LEU A 369 22.08 47.94 23.89
N ASP A 370 21.25 47.35 24.73
CA ASP A 370 21.70 47.22 26.12
C ASP A 370 22.92 46.32 26.23
N ARG B 29 -16.71 45.09 -36.08
CA ARG B 29 -16.19 46.44 -36.41
C ARG B 29 -14.89 46.74 -35.68
N LYS B 30 -14.32 47.92 -35.85
CA LYS B 30 -13.13 48.18 -35.05
C LYS B 30 -13.52 48.48 -33.60
N ILE B 31 -12.76 48.02 -32.60
CA ILE B 31 -13.03 48.39 -31.21
C ILE B 31 -12.97 49.91 -31.03
N ARG B 32 -14.01 50.48 -30.45
CA ARG B 32 -14.05 51.92 -30.21
C ARG B 32 -13.55 52.28 -28.82
N PHE B 33 -12.56 53.19 -28.77
CA PHE B 33 -11.90 53.56 -27.54
C PHE B 33 -12.17 55.01 -27.20
N GLY B 34 -12.49 55.28 -25.93
CA GLY B 34 -12.51 56.63 -25.40
C GLY B 34 -11.36 56.75 -24.41
N LEU B 35 -10.81 57.96 -24.31
CA LEU B 35 -9.62 58.23 -23.51
C LEU B 35 -9.89 59.34 -22.50
N VAL B 36 -9.67 59.05 -21.21
CA VAL B 36 -9.90 60.06 -20.18
C VAL B 36 -8.63 60.64 -19.62
N GLY B 37 -8.41 61.93 -19.88
CA GLY B 37 -7.20 62.60 -19.43
C GLY B 37 -6.22 62.67 -20.58
N CYS B 38 -5.89 63.88 -21.00
CA CYS B 38 -5.07 64.01 -22.20
C CYS B 38 -3.71 64.52 -21.80
N GLY B 39 -3.10 63.82 -20.85
CA GLY B 39 -1.88 64.38 -20.25
C GLY B 39 -0.65 63.96 -21.01
N ARG B 40 0.44 63.76 -20.27
CA ARG B 40 1.70 63.34 -20.86
C ARG B 40 1.54 61.92 -21.39
N ILE B 41 0.94 61.05 -20.58
CA ILE B 41 0.86 59.65 -20.96
C ILE B 41 -0.20 59.41 -22.06
N SER B 42 -1.06 60.40 -22.28
CA SER B 42 -2.06 60.25 -23.34
C SER B 42 -1.35 59.90 -24.65
N LYS B 43 -0.23 60.56 -24.97
CA LYS B 43 0.43 60.31 -26.25
C LYS B 43 0.75 58.85 -26.49
N ASN B 44 1.19 58.16 -25.45
CA ASN B 44 1.52 56.74 -25.64
C ASN B 44 0.27 55.97 -26.03
N HIS B 45 -0.88 56.35 -25.48
CA HIS B 45 -2.12 55.67 -25.83
C HIS B 45 -2.64 55.88 -27.25
N ILE B 46 -2.63 57.14 -27.69
CA ILE B 46 -2.90 57.51 -29.08
C ILE B 46 -2.03 56.64 -29.99
N GLY B 47 -0.72 56.66 -29.76
CA GLY B 47 0.24 55.88 -30.56
C GLY B 47 0.00 54.37 -30.56
N ALA B 48 -0.21 53.81 -29.38
CA ALA B 48 -0.41 52.36 -29.31
C ALA B 48 -1.73 51.99 -29.96
N ILE B 49 -2.74 52.82 -29.76
CA ILE B 49 -4.04 52.50 -30.33
C ILE B 49 -3.88 52.61 -31.85
N ALA B 50 -3.21 53.65 -32.32
CA ALA B 50 -2.99 53.83 -33.74
C ALA B 50 -2.22 52.72 -34.46
N GLN B 51 -1.89 51.63 -33.77
CA GLN B 51 -1.25 50.56 -34.54
C GLN B 51 -1.91 49.20 -34.48
N HIS B 52 -3.05 49.17 -33.80
CA HIS B 52 -4.05 48.16 -34.11
C HIS B 52 -5.15 48.77 -34.97
N GLY B 53 -4.75 49.49 -36.01
CA GLY B 53 -5.68 50.17 -36.91
C GLY B 53 -6.69 49.27 -37.60
N ASP B 54 -6.33 47.99 -37.74
CA ASP B 54 -7.27 47.03 -38.32
C ASP B 54 -8.38 46.73 -37.31
N ARG B 55 -8.04 46.65 -36.03
CA ARG B 55 -9.00 46.19 -35.03
C ARG B 55 -9.54 47.20 -34.02
N ALA B 56 -9.15 48.48 -34.09
CA ALA B 56 -9.75 49.47 -33.22
C ALA B 56 -9.38 50.89 -33.59
N GLU B 57 -10.07 51.86 -33.01
CA GLU B 57 -9.87 53.24 -33.37
C GLU B 57 -10.20 54.01 -32.09
N LEU B 58 -9.64 55.20 -31.95
CA LEU B 58 -9.88 56.10 -30.82
C LEU B 58 -10.96 57.14 -31.08
N VAL B 59 -12.20 56.82 -30.71
CA VAL B 59 -13.33 57.64 -31.14
C VAL B 59 -13.57 58.90 -30.32
N GLU B 60 -13.14 58.89 -29.06
CA GLU B 60 -13.55 59.85 -28.01
C GLU B 60 -12.43 60.27 -27.06
N ILE B 61 -12.46 61.52 -26.60
CA ILE B 61 -11.42 62.07 -25.74
C ILE B 61 -12.02 63.04 -24.73
N CYS B 62 -11.23 63.36 -23.70
CA CYS B 62 -11.82 64.02 -22.54
C CYS B 62 -10.77 64.58 -21.57
N ASP B 63 -10.93 65.85 -21.22
CA ASP B 63 -10.04 66.49 -20.27
C ASP B 63 -10.78 67.69 -19.70
N THR B 64 -10.63 67.91 -18.40
CA THR B 64 -11.24 69.03 -17.68
C THR B 64 -10.39 70.29 -17.82
N ASN B 65 -9.36 70.18 -18.65
CA ASN B 65 -8.54 71.34 -18.95
C ASN B 65 -8.69 71.68 -20.44
N PRO B 66 -9.39 72.79 -20.71
CA PRO B 66 -9.73 73.16 -22.09
C PRO B 66 -8.57 73.04 -23.07
N GLU B 67 -7.49 73.77 -22.83
CA GLU B 67 -6.31 73.74 -23.71
C GLU B 67 -5.90 72.33 -24.11
N ALA B 68 -5.82 71.45 -23.11
CA ALA B 68 -5.33 70.10 -23.34
C ALA B 68 -6.28 69.26 -24.18
N LEU B 69 -7.59 69.48 -24.00
CA LEU B 69 -8.59 68.75 -24.77
C LEU B 69 -8.55 69.21 -26.22
N GLN B 70 -8.44 70.53 -26.38
CA GLN B 70 -8.39 71.10 -27.73
C GLN B 70 -7.13 70.64 -28.45
N ALA B 71 -6.04 70.44 -27.71
CA ALA B 71 -4.80 70.01 -28.34
C ALA B 71 -4.86 68.52 -28.66
N ALA B 72 -5.44 67.76 -27.74
CA ALA B 72 -5.65 66.33 -27.95
C ALA B 72 -6.48 66.13 -29.20
N GLU B 73 -7.52 66.96 -29.30
CA GLU B 73 -8.41 66.86 -30.46
C GLU B 73 -7.68 67.22 -31.75
N ALA B 74 -6.84 68.25 -31.71
CA ALA B 74 -6.06 68.62 -32.88
C ALA B 74 -5.26 67.41 -33.37
N ALA B 75 -4.57 66.71 -32.47
CA ALA B 75 -3.83 65.53 -32.90
C ALA B 75 -4.69 64.36 -33.36
N THR B 76 -5.94 64.27 -32.87
CA THR B 76 -6.73 63.08 -33.13
C THR B 76 -8.02 63.37 -33.90
N GLY B 77 -8.55 64.59 -33.76
CA GLY B 77 -9.88 64.94 -34.23
C GLY B 77 -10.89 63.90 -33.79
N ALA B 78 -10.99 63.65 -32.48
CA ALA B 78 -12.12 62.85 -32.02
C ALA B 78 -13.04 63.73 -31.20
N ARG B 79 -14.27 63.27 -31.01
CA ARG B 79 -15.29 64.06 -30.34
C ARG B 79 -14.81 64.45 -28.94
N PRO B 80 -14.42 65.71 -28.76
CA PRO B 80 -14.01 66.22 -27.46
C PRO B 80 -15.13 66.12 -26.44
N PHE B 81 -14.82 66.16 -25.14
CA PHE B 81 -15.79 66.26 -24.05
C PHE B 81 -15.06 66.84 -22.86
N SER B 82 -15.63 67.81 -22.14
CA SER B 82 -14.86 68.36 -21.03
C SER B 82 -15.13 67.72 -19.65
N SER B 83 -15.94 66.67 -19.60
CA SER B 83 -16.10 65.94 -18.35
C SER B 83 -16.30 64.47 -18.67
N LEU B 84 -16.09 63.62 -17.67
CA LEU B 84 -16.18 62.19 -17.90
C LEU B 84 -17.65 61.78 -18.03
N SER B 85 -18.50 62.43 -17.24
CA SER B 85 -19.94 62.21 -17.26
C SER B 85 -20.61 62.54 -18.59
N ASP B 86 -20.20 63.69 -19.12
CA ASP B 86 -20.57 64.09 -20.48
C ASP B 86 -20.32 62.96 -21.47
N MET B 87 -19.09 62.48 -21.46
CA MET B 87 -18.59 61.57 -22.50
C MET B 87 -19.32 60.25 -22.36
N LEU B 88 -19.78 59.98 -21.14
CA LEU B 88 -20.45 58.72 -20.88
C LEU B 88 -21.92 58.88 -21.23
N ALA B 89 -22.50 60.05 -20.95
CA ALA B 89 -23.89 60.21 -21.32
C ALA B 89 -24.07 60.10 -22.83
N GLN B 90 -23.19 60.76 -23.59
CA GLN B 90 -23.38 60.91 -25.03
C GLN B 90 -22.55 59.97 -25.91
N GLY B 91 -21.33 59.69 -25.51
CA GLY B 91 -20.46 58.92 -26.39
C GLY B 91 -20.77 57.44 -26.27
N ASN B 92 -20.05 56.64 -27.04
CA ASN B 92 -20.37 55.21 -27.14
C ASN B 92 -19.13 54.33 -27.21
N ALA B 93 -18.03 54.78 -26.61
CA ALA B 93 -16.84 53.96 -26.56
C ALA B 93 -17.15 52.62 -25.89
N ASP B 94 -16.63 51.54 -26.47
CA ASP B 94 -16.74 50.22 -25.84
C ASP B 94 -15.91 50.18 -24.56
N ALA B 95 -14.76 50.85 -24.59
CA ALA B 95 -13.75 50.69 -23.55
C ALA B 95 -13.15 52.06 -23.26
N LEU B 96 -13.06 52.40 -21.98
CA LEU B 96 -12.51 53.72 -21.69
C LEU B 96 -11.16 53.60 -20.98
N VAL B 97 -10.27 54.52 -21.31
CA VAL B 97 -8.90 54.48 -20.83
C VAL B 97 -8.67 55.63 -19.86
N LEU B 98 -8.22 55.30 -18.66
CA LEU B 98 -8.01 56.33 -17.65
C LEU B 98 -6.54 56.70 -17.57
N ALA B 99 -6.21 57.90 -18.04
CA ALA B 99 -4.83 58.38 -18.12
C ALA B 99 -4.78 59.65 -17.30
N THR B 100 -5.65 59.77 -16.31
CA THR B 100 -5.61 60.90 -15.38
C THR B 100 -4.87 60.57 -14.09
N PRO B 101 -4.72 61.57 -13.21
CA PRO B 101 -3.97 61.48 -11.96
C PRO B 101 -4.52 60.25 -11.24
N SER B 102 -3.62 59.47 -10.66
CA SER B 102 -3.90 58.09 -10.28
C SER B 102 -4.96 57.92 -9.21
N GLY B 103 -4.96 58.85 -8.26
CA GLY B 103 -6.01 58.95 -7.24
C GLY B 103 -7.44 59.00 -7.75
N LEU B 104 -7.66 59.44 -8.98
CA LEU B 104 -9.00 59.41 -9.59
C LEU B 104 -9.32 58.03 -10.18
N HIS B 105 -8.29 57.27 -10.50
CA HIS B 105 -8.60 56.07 -11.25
C HIS B 105 -9.80 55.30 -10.72
N PRO B 106 -9.88 55.02 -9.41
CA PRO B 106 -10.87 54.07 -8.94
C PRO B 106 -12.28 54.64 -9.13
N TRP B 107 -12.43 55.95 -8.97
CA TRP B 107 -13.77 56.53 -8.95
C TRP B 107 -14.27 56.69 -10.38
N GLN B 108 -13.40 57.16 -11.27
CA GLN B 108 -13.73 57.14 -12.69
C GLN B 108 -14.01 55.71 -13.14
N ALA B 109 -13.21 54.76 -12.68
CA ALA B 109 -13.48 53.38 -13.03
C ALA B 109 -14.85 52.87 -12.56
N ILE B 110 -15.30 53.30 -11.39
CA ILE B 110 -16.61 52.87 -10.93
C ILE B 110 -17.73 53.57 -11.72
N GLU B 111 -17.56 54.83 -12.11
CA GLU B 111 -18.58 55.47 -12.92
C GLU B 111 -18.76 54.77 -14.27
N VAL B 112 -17.64 54.59 -14.98
CA VAL B 112 -17.59 53.82 -16.22
C VAL B 112 -18.22 52.44 -16.19
N ALA B 113 -17.87 51.58 -15.24
CA ALA B 113 -18.60 50.31 -15.14
C ALA B 113 -20.11 50.46 -14.96
N GLN B 114 -20.53 51.60 -14.41
CA GLN B 114 -21.94 51.90 -14.21
C GLN B 114 -22.57 52.32 -15.53
N ALA B 115 -21.83 53.07 -16.35
CA ALA B 115 -22.24 53.34 -17.71
C ALA B 115 -21.99 52.09 -18.53
N GLY B 116 -21.92 50.94 -17.87
CA GLY B 116 -21.74 49.67 -18.56
C GLY B 116 -20.59 49.54 -19.55
N ARG B 117 -19.51 50.31 -19.46
CA ARG B 117 -18.40 50.17 -20.39
C ARG B 117 -17.17 49.46 -19.79
N HIS B 118 -16.32 48.86 -20.63
CA HIS B 118 -15.05 48.34 -20.12
C HIS B 118 -14.07 49.43 -19.70
N VAL B 119 -13.09 49.01 -18.89
CA VAL B 119 -12.13 49.92 -18.28
C VAL B 119 -10.70 49.42 -18.37
N VAL B 120 -9.83 50.30 -18.85
CA VAL B 120 -8.38 50.12 -18.98
C VAL B 120 -7.86 51.25 -18.11
N SER B 121 -7.51 50.93 -16.86
CA SER B 121 -6.88 51.95 -16.03
C SER B 121 -5.37 52.01 -16.27
N GLU B 122 -4.76 53.19 -16.33
CA GLU B 122 -3.31 53.27 -16.13
C GLU B 122 -2.88 52.89 -14.71
N LYS B 123 -1.61 52.50 -14.55
CA LYS B 123 -1.07 52.23 -13.22
C LYS B 123 -0.84 53.53 -12.46
N PRO B 124 -0.99 53.42 -11.13
CA PRO B 124 -1.38 52.15 -10.51
C PRO B 124 -2.90 52.15 -10.51
N MET B 125 -3.57 51.01 -10.37
CA MET B 125 -5.02 51.02 -10.50
C MET B 125 -5.68 51.99 -9.53
N ALA B 126 -5.04 52.18 -8.38
CA ALA B 126 -5.57 53.01 -7.30
C ALA B 126 -4.39 53.45 -6.45
N THR B 127 -4.58 54.42 -5.57
CA THR B 127 -3.59 54.84 -4.59
C THR B 127 -3.90 54.29 -3.20
N ARG B 128 -5.11 53.78 -2.97
CA ARG B 128 -5.54 53.26 -1.67
C ARG B 128 -6.15 51.86 -1.85
N TRP B 129 -5.82 50.94 -0.96
CA TRP B 129 -6.10 49.52 -1.17
C TRP B 129 -7.60 49.32 -1.21
N GLU B 130 -8.33 50.07 -0.38
CA GLU B 130 -9.76 49.84 -0.30
C GLU B 130 -10.40 50.30 -1.60
N ASP B 131 -9.85 51.38 -2.16
CA ASP B 131 -10.31 51.85 -3.45
C ASP B 131 -10.02 50.83 -4.55
N GLY B 132 -8.77 50.40 -4.65
CA GLY B 132 -8.46 49.26 -5.51
C GLY B 132 -9.49 48.14 -5.45
N LYS B 133 -9.79 47.64 -4.26
CA LYS B 133 -10.74 46.54 -4.10
C LYS B 133 -12.15 46.91 -4.55
N ARG B 134 -12.59 48.15 -4.28
CA ARG B 134 -13.90 48.61 -4.73
C ARG B 134 -14.08 48.69 -6.25
N MET B 135 -13.13 49.28 -6.97
CA MET B 135 -13.13 49.22 -8.44
C MET B 135 -13.27 47.78 -8.94
N VAL B 136 -12.46 46.85 -8.43
CA VAL B 136 -12.65 45.47 -8.85
C VAL B 136 -14.06 44.93 -8.63
N LYS B 137 -14.69 45.25 -7.49
CA LYS B 137 -16.07 44.82 -7.24
C LYS B 137 -17.01 45.40 -8.28
N ALA B 138 -16.84 46.68 -8.60
CA ALA B 138 -17.71 47.35 -9.56
C ALA B 138 -17.71 46.68 -10.94
N CYS B 139 -16.55 46.61 -11.57
CA CYS B 139 -16.43 45.90 -12.84
C CYS B 139 -17.01 44.49 -12.72
N ASP B 140 -16.77 43.87 -11.58
CA ASP B 140 -17.24 42.51 -11.33
C ASP B 140 -18.76 42.51 -11.35
N GLU B 141 -19.35 43.45 -10.62
CA GLU B 141 -20.80 43.47 -10.49
C GLU B 141 -21.42 43.71 -11.86
N ALA B 142 -20.79 44.63 -12.60
CA ALA B 142 -21.26 45.14 -13.88
C ALA B 142 -20.98 44.24 -15.08
N GLY B 143 -20.16 43.21 -14.94
CA GLY B 143 -19.93 42.28 -16.05
C GLY B 143 -19.01 42.85 -17.12
N VAL B 144 -18.34 43.95 -16.81
CA VAL B 144 -17.44 44.59 -17.75
C VAL B 144 -16.04 43.98 -17.64
N ARG B 145 -15.07 44.58 -18.31
CA ARG B 145 -13.68 44.18 -18.15
C ARG B 145 -12.88 45.36 -17.62
N LEU B 146 -11.92 45.02 -16.75
CA LEU B 146 -10.97 45.98 -16.18
C LEU B 146 -9.53 45.57 -16.47
N PHE B 147 -8.77 46.45 -17.13
CA PHE B 147 -7.37 46.13 -17.38
C PHE B 147 -6.61 47.21 -16.63
N VAL B 148 -5.50 46.76 -16.06
CA VAL B 148 -4.51 47.66 -15.48
C VAL B 148 -3.26 47.54 -16.32
N VAL B 149 -2.81 48.72 -16.75
CA VAL B 149 -1.66 48.89 -17.62
C VAL B 149 -0.33 48.58 -16.94
N LYS B 150 0.28 47.47 -17.32
CA LYS B 150 1.64 47.11 -16.92
C LYS B 150 2.41 46.83 -18.20
N GLN B 151 2.92 47.86 -18.87
CA GLN B 151 3.43 47.61 -20.22
C GLN B 151 4.84 47.07 -20.20
N ASN B 152 5.57 47.11 -19.08
CA ASN B 152 6.92 46.51 -19.03
C ASN B 152 7.05 44.99 -19.05
N ARG B 153 5.99 44.30 -18.66
CA ARG B 153 6.10 42.85 -18.59
C ARG B 153 6.55 42.26 -19.92
N ARG B 154 6.17 42.89 -21.02
CA ARG B 154 6.62 42.38 -22.31
C ARG B 154 7.99 42.82 -22.82
N ASN B 155 8.78 43.63 -22.10
CA ASN B 155 10.16 43.79 -22.54
C ASN B 155 10.92 42.51 -22.85
N ALA B 156 11.75 42.58 -23.88
CA ALA B 156 12.61 41.46 -24.24
C ALA B 156 13.35 40.86 -23.03
N THR B 157 14.19 41.64 -22.36
CA THR B 157 14.93 41.07 -21.23
C THR B 157 14.07 40.39 -20.16
N LEU B 158 12.99 41.04 -19.73
CA LEU B 158 12.15 40.49 -18.67
C LEU B 158 11.41 39.23 -19.14
N GLN B 159 10.98 39.23 -20.41
CA GLN B 159 10.39 38.00 -20.93
C GLN B 159 11.43 36.89 -20.92
N LEU B 160 12.70 37.17 -21.14
CA LEU B 160 13.67 36.07 -21.02
C LEU B 160 13.78 35.55 -19.58
N VAL B 161 13.81 36.52 -18.66
CA VAL B 161 13.87 36.14 -17.26
C VAL B 161 12.60 35.36 -16.88
N LYS B 162 11.44 35.80 -17.34
CA LYS B 162 10.21 35.12 -16.92
C LYS B 162 10.27 33.68 -17.42
N LYS B 163 10.65 33.52 -18.68
CA LYS B 163 10.76 32.21 -19.29
C LYS B 163 11.76 31.30 -18.55
N ALA B 164 12.97 31.79 -18.30
CA ALA B 164 13.91 30.98 -17.51
C ALA B 164 13.27 30.51 -16.20
N ILE B 165 12.68 31.43 -15.43
CA ILE B 165 12.08 31.01 -14.15
C ILE B 165 11.00 29.94 -14.35
N GLU B 166 10.10 30.19 -15.28
CA GLU B 166 9.04 29.22 -15.56
C GLU B 166 9.60 27.88 -16.00
N GLN B 167 10.67 27.90 -16.79
CA GLN B 167 11.36 26.64 -17.12
C GLN B 167 12.13 25.93 -15.99
N GLY B 168 12.09 26.42 -14.76
CA GLY B 168 12.79 25.78 -13.64
C GLY B 168 14.31 25.88 -13.69
N ARG B 169 14.80 26.85 -14.47
CA ARG B 169 16.22 26.86 -14.75
C ARG B 169 16.97 27.25 -13.49
N PHE B 170 16.33 27.97 -12.58
CA PHE B 170 17.08 28.46 -11.42
C PHE B 170 17.10 27.38 -10.35
N GLY B 171 16.20 26.41 -10.42
CA GLY B 171 16.01 25.54 -9.27
C GLY B 171 15.51 26.46 -8.16
N ARG B 172 15.77 26.13 -6.90
CA ARG B 172 15.29 26.95 -5.78
C ARG B 172 15.90 28.36 -5.86
N ILE B 173 15.07 29.39 -5.80
CA ILE B 173 15.56 30.77 -5.82
C ILE B 173 15.83 31.20 -4.39
N TYR B 174 16.95 31.86 -4.13
CA TYR B 174 17.49 32.19 -2.80
C TYR B 174 17.42 33.68 -2.53
N MET B 175 17.75 34.49 -3.52
CA MET B 175 18.04 35.88 -3.20
C MET B 175 17.72 36.79 -4.39
N VAL B 176 17.04 37.89 -4.11
CA VAL B 176 16.53 38.72 -5.20
C VAL B 176 16.74 40.17 -4.79
N THR B 177 17.44 40.92 -5.62
CA THR B 177 17.58 42.31 -5.22
C THR B 177 17.25 43.28 -6.34
N VAL B 178 16.42 44.29 -6.09
CA VAL B 178 16.05 45.22 -7.14
C VAL B 178 16.57 46.62 -6.80
N ASN B 179 17.26 47.27 -7.74
CA ASN B 179 17.71 48.64 -7.47
C ASN B 179 17.10 49.61 -8.47
N VAL B 180 16.48 50.70 -8.00
CA VAL B 180 15.97 51.75 -8.86
C VAL B 180 16.58 53.03 -8.30
N PHE B 181 17.75 53.34 -8.86
CA PHE B 181 18.47 54.52 -8.41
C PHE B 181 18.31 55.55 -9.52
N TRP B 182 17.34 56.45 -9.37
CA TRP B 182 16.93 57.32 -10.46
C TRP B 182 16.96 58.78 -10.02
N THR B 183 16.56 59.69 -10.90
CA THR B 183 16.62 61.12 -10.59
C THR B 183 15.32 61.86 -10.92
N ARG B 184 14.73 62.51 -9.92
CA ARG B 184 13.63 63.45 -10.20
C ARG B 184 13.86 64.77 -9.49
N PRO B 185 14.13 65.84 -10.26
CA PRO B 185 14.31 67.07 -9.48
C PRO B 185 12.95 67.65 -9.09
N GLN B 186 12.94 68.70 -8.27
CA GLN B 186 11.74 69.42 -7.88
C GLN B 186 10.78 69.72 -9.03
N GLU B 187 11.31 70.29 -10.11
CA GLU B 187 10.47 70.72 -11.22
C GLU B 187 9.62 69.56 -11.72
N TYR B 188 10.02 68.34 -11.37
CA TYR B 188 9.27 67.21 -11.91
C TYR B 188 7.91 67.23 -11.22
N TYR B 189 7.97 67.33 -9.91
CA TYR B 189 6.82 67.33 -9.01
C TYR B 189 6.01 68.61 -9.12
N ASP B 190 6.71 69.71 -9.38
CA ASP B 190 6.09 71.03 -9.55
C ASP B 190 5.21 71.05 -10.80
N ALA B 191 5.34 70.07 -11.69
CA ALA B 191 4.63 70.13 -12.96
C ALA B 191 3.11 70.05 -12.86
N ALA B 192 2.58 69.64 -11.71
CA ALA B 192 1.13 69.62 -11.52
C ALA B 192 0.90 69.37 -10.03
N ARG B 193 -0.21 69.86 -9.48
CA ARG B 193 -0.37 69.75 -8.03
C ARG B 193 -0.58 68.32 -7.53
N TRP B 194 -1.19 67.46 -8.34
CA TRP B 194 -1.37 66.09 -7.90
C TRP B 194 -0.05 65.37 -7.63
N ARG B 195 1.04 65.76 -8.29
CA ARG B 195 2.30 65.01 -8.22
C ARG B 195 2.85 65.08 -6.80
N GLY B 196 3.20 63.93 -6.22
CA GLY B 196 3.84 63.93 -4.92
C GLY B 196 2.90 63.70 -3.74
N LYS B 197 1.60 63.81 -3.99
CA LYS B 197 0.60 63.76 -2.93
C LYS B 197 0.17 62.32 -2.62
N TRP B 198 -0.13 61.95 -1.37
CA TRP B 198 -0.43 60.57 -1.00
C TRP B 198 -1.70 60.18 -1.72
N GLU B 199 -2.68 61.09 -1.66
CA GLU B 199 -4.01 60.77 -2.14
C GLU B 199 -4.02 60.58 -3.66
N TRP B 200 -3.31 61.44 -4.39
CA TRP B 200 -3.40 61.40 -5.84
C TRP B 200 -2.33 60.62 -6.60
N ASP B 201 -1.15 60.46 -6.01
CA ASP B 201 0.05 59.96 -6.69
C ASP B 201 0.79 58.83 -6.00
N GLY B 202 1.23 59.09 -4.76
CA GLY B 202 2.11 58.16 -4.05
C GLY B 202 3.50 58.73 -4.24
N GLY B 203 4.49 57.94 -3.84
CA GLY B 203 5.87 58.40 -3.91
C GLY B 203 6.73 57.61 -4.88
N ALA B 204 7.98 57.48 -4.45
CA ALA B 204 8.99 56.84 -5.26
C ALA B 204 8.59 55.40 -5.59
N PHE B 205 8.07 54.67 -4.62
CA PHE B 205 7.60 53.32 -4.86
C PHE B 205 6.31 53.20 -5.67
N MET B 206 5.24 53.86 -5.25
CA MET B 206 3.98 53.73 -5.97
C MET B 206 4.05 54.34 -7.37
N ASN B 207 4.66 55.52 -7.52
CA ASN B 207 4.76 56.04 -8.87
C ASN B 207 6.04 55.60 -9.58
N GLN B 208 7.19 56.16 -9.26
CA GLN B 208 8.36 55.87 -10.10
C GLN B 208 8.82 54.43 -10.28
N ALA B 209 8.92 53.66 -9.21
CA ALA B 209 9.47 52.31 -9.34
C ALA B 209 8.41 51.21 -9.37
N SER B 210 7.18 51.55 -9.70
CA SER B 210 6.07 50.62 -9.48
C SER B 210 6.21 49.50 -10.51
N HIS B 211 6.82 49.87 -11.63
CA HIS B 211 7.17 48.90 -12.65
C HIS B 211 8.14 47.87 -12.07
N TYR B 212 9.06 48.30 -11.19
CA TYR B 212 9.94 47.40 -10.44
C TYR B 212 9.24 46.67 -9.30
N VAL B 213 8.52 47.37 -8.43
CA VAL B 213 7.68 46.61 -7.52
C VAL B 213 6.88 45.53 -8.24
N ASP B 214 6.34 45.80 -9.42
CA ASP B 214 5.61 44.74 -10.14
C ASP B 214 6.43 43.46 -10.37
N LEU B 215 7.74 43.60 -10.47
CA LEU B 215 8.56 42.42 -10.75
C LEU B 215 8.58 41.41 -9.62
N LEU B 216 8.40 41.88 -8.39
CA LEU B 216 8.61 41.00 -7.25
C LEU B 216 7.61 39.86 -7.33
N ASP B 217 6.34 40.22 -7.46
CA ASP B 217 5.30 39.21 -7.49
C ASP B 217 5.34 38.51 -8.85
N TRP B 218 5.40 39.27 -9.94
CA TRP B 218 5.25 38.71 -11.28
C TRP B 218 6.39 37.77 -11.70
N LEU B 219 7.64 38.22 -11.65
CA LEU B 219 8.75 37.31 -11.94
C LEU B 219 8.98 36.18 -10.94
N VAL B 220 9.03 36.53 -9.66
CA VAL B 220 9.57 35.65 -8.61
C VAL B 220 8.49 34.83 -7.92
N GLY B 221 7.30 35.41 -7.75
CA GLY B 221 6.19 34.64 -7.24
C GLY B 221 5.58 35.36 -6.06
N PRO B 222 4.63 34.72 -5.38
CA PRO B 222 3.88 35.38 -4.31
C PRO B 222 4.79 35.79 -3.15
N VAL B 223 4.68 37.05 -2.75
CA VAL B 223 5.40 37.55 -1.59
C VAL B 223 4.68 37.22 -0.28
N GLU B 224 5.42 36.86 0.76
CA GLU B 224 4.77 36.51 2.03
C GLU B 224 4.66 37.69 3.00
N SER B 225 5.68 38.54 3.09
CA SER B 225 5.62 39.67 4.00
C SER B 225 6.77 40.60 3.65
N VAL B 226 6.69 41.82 4.20
CA VAL B 226 7.72 42.81 3.90
C VAL B 226 8.05 43.62 5.14
N TYR B 227 9.19 44.28 5.13
CA TYR B 227 9.45 45.32 6.12
C TYR B 227 10.02 46.50 5.35
N ALA B 228 9.55 47.72 5.55
CA ALA B 228 10.09 48.83 4.78
C ALA B 228 10.46 50.02 5.64
N TYR B 229 11.42 50.83 5.18
CA TYR B 229 11.61 52.17 5.71
C TYR B 229 11.44 53.09 4.51
N THR B 230 10.79 54.24 4.69
CA THR B 230 10.82 55.20 3.60
C THR B 230 10.87 56.58 4.24
N ALA B 231 11.16 57.60 3.42
CA ALA B 231 11.16 58.98 3.89
C ALA B 231 11.22 59.87 2.68
N THR B 232 10.99 61.15 2.96
CA THR B 232 11.25 62.22 2.02
C THR B 232 12.51 62.93 2.47
N LEU B 233 13.65 62.67 1.84
CA LEU B 233 14.88 63.17 2.42
C LEU B 233 15.28 64.53 1.84
N ALA B 234 14.80 64.87 0.66
CA ALA B 234 15.15 66.17 0.10
C ALA B 234 14.10 66.81 -0.81
N ARG B 235 13.15 66.08 -1.37
CA ARG B 235 12.12 66.76 -2.16
C ARG B 235 11.01 67.34 -1.28
N ARG B 236 10.37 68.39 -1.77
CA ARG B 236 9.27 69.05 -1.08
C ARG B 236 8.00 68.41 -1.62
N ILE B 237 7.66 67.23 -1.10
CA ILE B 237 6.47 66.56 -1.57
C ILE B 237 5.92 65.91 -0.31
N GLU B 238 4.72 65.37 -0.41
CA GLU B 238 4.17 64.59 0.70
C GLU B 238 4.74 63.19 0.75
N ALA B 239 4.81 62.42 -0.34
CA ALA B 239 5.27 61.04 -0.22
C ALA B 239 6.79 60.89 -0.23
N GLU B 240 7.25 59.65 -0.09
CA GLU B 240 8.67 59.41 0.13
C GLU B 240 9.45 59.70 -1.16
N ASP B 241 10.69 60.17 -1.08
CA ASP B 241 11.51 60.17 -2.29
C ASP B 241 12.56 59.06 -2.23
N THR B 242 12.59 58.34 -1.11
CA THR B 242 13.66 57.36 -0.90
C THR B 242 13.15 56.25 -0.01
N GLY B 243 13.52 55.02 -0.32
CA GLY B 243 12.99 53.94 0.49
C GLY B 243 13.72 52.64 0.21
N VAL B 244 13.53 51.70 1.13
CA VAL B 244 13.96 50.31 1.03
C VAL B 244 12.91 49.38 1.62
N ALA B 245 12.68 48.23 0.98
CA ALA B 245 11.84 47.21 1.57
C ALA B 245 12.59 45.89 1.53
N ALA B 246 12.57 45.17 2.64
CA ALA B 246 13.10 43.81 2.68
C ALA B 246 11.89 42.90 2.56
N LEU B 247 12.06 41.77 1.88
CA LEU B 247 10.97 40.97 1.36
C LEU B 247 11.17 39.50 1.68
N ARG B 248 10.09 38.78 1.95
CA ARG B 248 10.26 37.34 2.03
C ARG B 248 9.19 36.70 1.15
N TRP B 249 9.57 35.72 0.34
CA TRP B 249 8.64 35.15 -0.62
C TRP B 249 8.07 33.93 0.06
N ARG B 250 6.89 33.53 -0.39
CA ARG B 250 6.30 32.29 0.10
CA ARG B 250 6.28 32.29 0.07
C ARG B 250 7.14 31.04 -0.15
N HIS B 251 7.84 30.95 -1.27
CA HIS B 251 8.73 29.79 -1.36
C HIS B 251 10.05 29.89 -0.58
N GLY B 252 10.28 30.94 0.21
CA GLY B 252 11.45 31.03 1.09
C GLY B 252 12.59 31.95 0.68
N ALA B 253 12.60 32.41 -0.57
CA ALA B 253 13.58 33.41 -0.96
C ALA B 253 13.44 34.72 -0.19
N MET B 254 14.52 35.48 -0.15
CA MET B 254 14.55 36.76 0.53
C MET B 254 15.13 37.75 -0.47
N GLY B 255 14.95 39.04 -0.21
CA GLY B 255 15.53 40.06 -1.07
C GLY B 255 15.19 41.46 -0.60
N SER B 256 15.42 42.44 -1.47
CA SER B 256 15.18 43.82 -1.11
C SER B 256 14.99 44.63 -2.39
N ILE B 257 14.15 45.64 -2.28
CA ILE B 257 14.08 46.60 -3.37
C ILE B 257 14.48 47.94 -2.75
N ASN B 258 15.48 48.54 -3.39
CA ASN B 258 16.06 49.80 -2.93
C ASN B 258 15.76 50.88 -3.97
N VAL B 259 15.08 51.93 -3.53
CA VAL B 259 14.65 53.00 -4.42
C VAL B 259 14.99 54.36 -3.83
N THR B 260 15.43 55.26 -4.70
CA THR B 260 15.53 56.69 -4.45
C THR B 260 15.45 57.49 -5.75
N MET B 261 14.92 58.71 -5.68
CA MET B 261 14.78 59.61 -6.83
C MET B 261 15.77 60.76 -6.73
N LEU B 262 16.70 60.58 -5.78
CA LEU B 262 17.69 61.59 -5.49
C LEU B 262 19.11 61.22 -5.93
N THR B 263 19.26 60.43 -6.98
CA THR B 263 20.57 60.01 -7.46
C THR B 263 21.33 61.13 -8.15
N TYR B 264 22.59 61.28 -7.78
CA TYR B 264 23.42 62.29 -8.39
C TYR B 264 24.11 61.67 -9.62
N PRO B 265 24.00 62.33 -10.80
CA PRO B 265 23.19 63.50 -11.07
C PRO B 265 22.17 63.11 -12.15
N GLN B 266 21.97 61.82 -12.38
CA GLN B 266 20.99 61.43 -13.37
C GLN B 266 20.79 59.94 -13.10
N ASN B 267 19.78 59.38 -13.75
CA ASN B 267 19.53 57.97 -13.49
C ASN B 267 20.84 57.21 -13.54
N LEU B 268 21.06 56.39 -12.53
CA LEU B 268 22.18 55.46 -12.51
C LEU B 268 21.80 54.02 -12.85
N GLU B 269 20.72 53.50 -12.29
CA GLU B 269 20.55 52.05 -12.31
C GLU B 269 19.09 51.71 -12.06
N GLY B 270 18.60 50.76 -12.84
CA GLY B 270 17.29 50.13 -12.64
C GLY B 270 17.55 48.67 -12.97
N SER B 271 17.56 47.82 -11.95
CA SER B 271 18.05 46.45 -12.14
C SER B 271 17.43 45.42 -11.24
N ILE B 272 17.62 44.15 -11.61
CA ILE B 272 17.20 43.09 -10.73
C ILE B 272 18.23 41.98 -10.83
N THR B 273 18.55 41.36 -9.71
CA THR B 273 19.50 40.25 -9.61
C THR B 273 18.73 39.12 -8.95
N ILE B 274 18.83 37.94 -9.55
CA ILE B 274 18.12 36.78 -9.08
C ILE B 274 19.19 35.70 -8.97
N LEU B 275 19.38 35.22 -7.74
CA LEU B 275 20.29 34.13 -7.41
C LEU B 275 19.49 32.92 -6.94
N GLY B 276 19.76 31.80 -7.61
CA GLY B 276 19.15 30.52 -7.29
C GLY B 276 20.17 29.40 -7.29
N GLU B 277 19.67 28.19 -7.04
CA GLU B 277 20.51 27.03 -6.76
C GLU B 277 21.36 26.67 -7.98
N LYS B 278 20.78 26.76 -9.16
CA LYS B 278 21.56 26.45 -10.35
C LYS B 278 21.51 27.58 -11.37
N GLY B 279 21.31 28.81 -10.90
CA GLY B 279 21.29 29.94 -11.83
C GLY B 279 21.51 31.27 -11.16
N THR B 280 22.06 32.19 -11.94
CA THR B 280 22.46 33.50 -11.45
C THR B 280 22.22 34.47 -12.60
N VAL B 281 21.34 35.45 -12.44
CA VAL B 281 21.07 36.40 -13.52
C VAL B 281 21.07 37.81 -12.94
N ARG B 282 21.42 38.81 -13.74
CA ARG B 282 21.41 40.19 -13.28
C ARG B 282 21.08 41.02 -14.51
N VAL B 283 19.91 41.64 -14.53
CA VAL B 283 19.52 42.51 -15.62
C VAL B 283 19.74 43.92 -15.09
N GLY B 284 20.72 44.59 -15.67
CA GLY B 284 21.21 45.88 -15.20
C GLY B 284 20.93 46.95 -16.25
N GLY B 285 21.76 47.98 -16.23
CA GLY B 285 21.62 49.17 -17.05
C GLY B 285 20.81 50.23 -16.31
N VAL B 286 20.53 51.36 -16.94
CA VAL B 286 19.56 52.27 -16.34
C VAL B 286 18.10 51.84 -16.31
N ALA B 287 17.68 50.77 -16.99
CA ALA B 287 16.26 50.39 -17.03
C ALA B 287 16.01 48.90 -17.27
N VAL B 288 16.63 48.02 -16.50
CA VAL B 288 16.61 46.58 -16.75
C VAL B 288 16.60 46.29 -18.26
N ASN B 289 17.42 47.00 -19.02
CA ASN B 289 17.52 46.86 -20.46
C ASN B 289 18.81 46.16 -20.88
N ARG B 290 19.70 45.82 -19.96
CA ARG B 290 20.90 45.11 -20.38
C ARG B 290 21.22 43.86 -19.56
N ILE B 291 21.28 42.68 -20.17
CA ILE B 291 21.66 41.49 -19.42
C ILE B 291 23.14 41.34 -19.08
N ASP B 292 23.53 41.43 -17.81
CA ASP B 292 24.91 41.43 -17.34
C ASP B 292 25.37 40.07 -16.81
N GLU B 293 24.44 39.21 -16.39
CA GLU B 293 24.85 37.90 -15.90
C GLU B 293 23.80 36.92 -16.39
N TRP B 294 24.25 35.74 -16.81
CA TRP B 294 23.31 34.74 -17.29
C TRP B 294 23.99 33.37 -17.23
N LYS B 295 23.87 32.69 -16.10
CA LYS B 295 24.72 31.54 -15.85
C LYS B 295 23.80 30.49 -15.26
N PHE B 296 23.79 29.30 -15.86
CA PHE B 296 22.84 28.27 -15.43
C PHE B 296 23.59 26.96 -15.45
N ALA B 297 23.24 26.00 -14.59
CA ALA B 297 23.96 24.74 -14.51
C ALA B 297 23.72 23.95 -15.80
N GLU B 298 22.59 24.19 -16.43
CA GLU B 298 22.24 23.47 -17.66
C GLU B 298 21.92 24.50 -18.73
N PRO B 299 22.85 24.64 -19.68
CA PRO B 299 22.75 25.59 -20.78
C PRO B 299 21.61 25.32 -21.74
N HIS B 300 21.21 26.38 -22.42
CA HIS B 300 20.26 26.29 -23.51
CA HIS B 300 20.22 26.39 -23.47
C HIS B 300 20.90 27.02 -24.69
N PRO B 301 20.51 26.63 -25.90
CA PRO B 301 21.17 27.06 -27.14
C PRO B 301 21.09 28.58 -27.35
N ASP B 302 19.98 29.18 -26.90
CA ASP B 302 19.87 30.63 -26.99
C ASP B 302 20.75 31.36 -25.97
N ASP B 303 21.33 30.63 -25.03
CA ASP B 303 22.06 31.22 -23.90
C ASP B 303 23.20 32.06 -24.42
N ASP B 304 23.90 31.51 -25.39
CA ASP B 304 24.99 32.21 -26.07
C ASP B 304 24.58 33.55 -26.66
N LYS B 305 23.46 33.60 -27.37
CA LYS B 305 23.08 34.83 -28.04
C LYS B 305 23.17 35.98 -27.03
N PHE B 319 7.27 47.70 -28.22
CA PHE B 319 7.42 47.18 -26.86
C PHE B 319 6.68 47.91 -25.75
N GLY B 320 6.37 49.21 -25.87
CA GLY B 320 5.64 49.77 -24.74
C GLY B 320 4.17 49.41 -24.59
N HIS B 321 3.35 50.45 -24.62
CA HIS B 321 1.90 50.29 -24.63
C HIS B 321 1.39 49.58 -25.89
N PRO B 322 1.93 49.93 -27.07
CA PRO B 322 1.66 49.18 -28.29
C PRO B 322 1.52 47.68 -28.05
N LEU B 323 2.50 47.08 -27.39
CA LEU B 323 2.38 45.65 -27.15
C LEU B 323 1.26 45.40 -26.14
N TYR B 324 1.19 46.28 -25.14
CA TYR B 324 0.11 46.18 -24.17
C TYR B 324 -1.25 46.04 -24.84
N TYR B 325 -1.55 46.96 -25.75
CA TYR B 325 -2.89 47.04 -26.34
C TYR B 325 -3.31 45.79 -27.12
N ASP B 326 -2.34 44.99 -27.54
CA ASP B 326 -2.66 43.80 -28.33
C ASP B 326 -3.43 42.75 -27.54
N ASN B 327 -3.01 42.52 -26.31
CA ASN B 327 -3.73 41.61 -25.42
C ASN B 327 -5.11 42.16 -25.03
N VAL B 328 -5.17 43.46 -24.77
CA VAL B 328 -6.45 44.10 -24.50
C VAL B 328 -7.44 43.75 -25.60
N ILE B 329 -7.09 44.12 -26.83
CA ILE B 329 -7.97 43.92 -27.97
C ILE B 329 -8.19 42.43 -28.19
N ASN B 330 -7.13 41.63 -28.19
CA ASN B 330 -7.42 40.20 -28.23
C ASN B 330 -8.53 39.87 -27.23
N CYS B 331 -8.36 40.26 -25.98
CA CYS B 331 -9.33 39.88 -24.97
C CYS B 331 -10.72 40.44 -25.27
N LEU B 332 -10.78 41.69 -25.67
CA LEU B 332 -12.09 42.23 -26.05
C LEU B 332 -12.62 41.54 -27.29
N ARG B 333 -11.75 41.23 -28.26
CA ARG B 333 -12.26 40.52 -29.43
C ARG B 333 -13.01 39.27 -28.96
N GLY B 334 -12.45 38.56 -27.99
CA GLY B 334 -13.04 37.29 -27.53
C GLY B 334 -11.89 36.30 -27.43
N ASP B 335 -10.78 36.64 -28.07
CA ASP B 335 -9.73 35.68 -28.39
C ASP B 335 -9.19 34.95 -27.16
N CYS B 336 -9.15 35.63 -26.03
CA CYS B 336 -8.29 35.23 -24.92
C CYS B 336 -8.71 35.94 -23.64
N GLU B 337 -8.09 35.55 -22.52
CA GLU B 337 -8.28 36.23 -21.24
C GLU B 337 -7.14 37.22 -20.95
N PRO B 338 -7.48 38.51 -20.75
CA PRO B 338 -6.52 39.61 -20.76
C PRO B 338 -5.30 39.30 -19.88
N GLU B 339 -4.13 39.83 -20.19
CA GLU B 339 -2.93 39.48 -19.44
C GLU B 339 -2.85 40.20 -18.08
N THR B 340 -3.18 41.48 -17.99
CA THR B 340 -3.18 42.15 -16.69
C THR B 340 -4.51 42.81 -16.35
N ASP B 341 -5.42 42.06 -15.74
CA ASP B 341 -6.72 42.56 -15.26
C ASP B 341 -6.62 43.10 -13.84
N GLY B 342 -7.78 43.38 -13.26
CA GLY B 342 -7.84 44.07 -11.97
C GLY B 342 -7.14 43.19 -10.94
N ARG B 343 -7.57 41.95 -10.79
CA ARG B 343 -7.02 41.10 -9.74
C ARG B 343 -5.51 41.12 -9.87
N GLU B 344 -5.02 41.24 -11.09
CA GLU B 344 -3.58 41.35 -11.26
C GLU B 344 -3.09 42.67 -10.68
N GLY B 345 -3.83 43.74 -10.97
CA GLY B 345 -3.43 45.07 -10.53
C GLY B 345 -3.44 45.05 -9.00
N LEU B 346 -4.31 44.24 -8.41
CA LEU B 346 -4.43 44.15 -6.96
C LEU B 346 -3.17 43.61 -6.27
N GLN B 347 -2.55 42.62 -6.90
CA GLN B 347 -1.33 42.01 -6.40
C GLN B 347 -0.23 43.02 -6.05
N SER B 348 0.10 43.92 -6.96
CA SER B 348 1.13 44.92 -6.67
C SER B 348 0.58 46.10 -5.88
N LEU B 349 -0.70 46.41 -6.02
CA LEU B 349 -1.27 47.41 -5.12
C LEU B 349 -1.20 46.85 -3.71
N ALA B 350 -1.42 45.56 -3.50
CA ALA B 350 -1.43 45.06 -2.13
C ALA B 350 0.01 45.19 -1.63
N LEU B 351 0.97 44.97 -2.52
CA LEU B 351 2.37 44.92 -2.13
C LEU B 351 2.81 46.34 -1.81
N LEU B 352 2.31 47.33 -2.56
CA LEU B 352 2.69 48.71 -2.24
C LEU B 352 2.03 49.10 -0.92
N THR B 353 0.87 48.52 -0.63
CA THR B 353 0.14 48.97 0.55
C THR B 353 0.96 48.46 1.75
N ALA B 354 1.38 47.20 1.65
CA ALA B 354 2.18 46.58 2.69
C ALA B 354 3.49 47.34 2.96
N ILE B 355 4.12 47.83 1.89
CA ILE B 355 5.31 48.65 2.02
C ILE B 355 4.95 49.91 2.81
N TYR B 356 3.89 50.60 2.41
CA TYR B 356 3.52 51.87 3.01
C TYR B 356 3.10 51.74 4.48
N ARG B 357 2.36 50.67 4.78
CA ARG B 357 1.85 50.45 6.13
C ARG B 357 3.08 50.15 6.98
N SER B 358 3.94 49.30 6.43
CA SER B 358 5.15 48.88 7.14
C SER B 358 6.04 50.08 7.45
N ALA B 359 6.30 50.89 6.42
CA ALA B 359 7.07 52.10 6.64
C ALA B 359 6.44 52.98 7.72
N ARG B 360 5.11 53.07 7.72
CA ARG B 360 4.43 53.96 8.65
C ARG B 360 4.47 53.35 10.03
N ASP B 361 4.20 52.05 10.11
CA ASP B 361 3.88 51.46 11.39
C ASP B 361 5.12 50.84 12.00
N GLY B 362 6.15 50.51 11.23
CA GLY B 362 7.40 50.04 11.83
C GLY B 362 7.28 48.61 12.27
N VAL B 363 6.41 47.88 11.59
CA VAL B 363 6.23 46.46 11.82
C VAL B 363 6.31 45.79 10.46
N ARG B 364 6.63 44.50 10.53
CA ARG B 364 6.57 43.68 9.32
C ARG B 364 5.12 43.59 8.87
N ILE B 365 4.82 43.61 7.58
CA ILE B 365 3.43 43.47 7.21
C ILE B 365 3.22 42.27 6.30
N PRO B 366 2.39 41.29 6.72
CA PRO B 366 2.26 40.05 5.99
C PRO B 366 1.15 40.15 4.94
N LEU B 367 1.16 39.28 3.94
CA LEU B 367 0.16 39.18 2.88
C LEU B 367 -0.47 37.80 2.98
N PRO B 368 -1.73 37.65 2.52
CA PRO B 368 -2.54 38.64 1.80
C PRO B 368 -3.20 39.69 2.70
N LEU B 369 -3.40 40.93 2.26
CA LEU B 369 -4.01 41.90 3.17
C LEU B 369 -5.48 41.59 3.46
N ASP B 370 -6.01 42.01 4.61
CA ASP B 370 -7.45 41.91 4.82
C ASP B 370 -8.33 42.77 3.91
N LEU C 24 -42.94 27.40 3.04
CA LEU C 24 -43.81 26.35 3.66
C LEU C 24 -43.26 24.98 3.23
N PRO C 25 -43.48 23.91 4.00
CA PRO C 25 -42.85 22.68 3.52
C PRO C 25 -43.34 22.23 2.15
N ILE C 26 -42.51 21.49 1.43
CA ILE C 26 -42.91 20.95 0.13
C ILE C 26 -43.32 19.50 0.35
N THR C 27 -44.63 19.34 0.41
CA THR C 27 -45.23 18.09 0.86
C THR C 27 -46.05 17.40 -0.24
N ASP C 28 -46.58 18.11 -1.23
CA ASP C 28 -47.43 17.45 -2.23
C ASP C 28 -46.99 17.30 -3.68
N ARG C 29 -45.70 17.07 -3.92
CA ARG C 29 -45.11 17.00 -5.25
C ARG C 29 -43.60 16.91 -5.05
N LYS C 30 -42.88 16.20 -5.91
CA LYS C 30 -41.43 16.14 -5.77
C LYS C 30 -40.73 17.50 -5.66
N ILE C 31 -39.71 17.57 -4.82
CA ILE C 31 -38.89 18.77 -4.71
C ILE C 31 -38.22 19.05 -6.06
N ARG C 32 -38.30 20.30 -6.52
CA ARG C 32 -37.54 20.73 -7.68
C ARG C 32 -36.20 21.40 -7.38
N PHE C 33 -35.10 20.71 -7.71
CA PHE C 33 -33.73 21.18 -7.51
C PHE C 33 -33.11 21.76 -8.77
N GLY C 34 -32.27 22.78 -8.58
CA GLY C 34 -31.47 23.32 -9.67
C GLY C 34 -30.01 23.19 -9.30
N LEU C 35 -29.19 22.79 -10.27
CA LEU C 35 -27.76 22.68 -10.05
C LEU C 35 -26.98 23.79 -10.77
N VAL C 36 -26.14 24.48 -10.01
CA VAL C 36 -25.33 25.58 -10.55
C VAL C 36 -23.86 25.16 -10.50
N GLY C 37 -23.26 24.99 -11.67
CA GLY C 37 -21.92 24.46 -11.82
C GLY C 37 -21.89 23.00 -12.24
N CYS C 38 -21.45 22.74 -13.46
CA CYS C 38 -21.47 21.36 -13.97
C CYS C 38 -20.07 20.83 -14.15
N GLY C 39 -19.25 20.95 -13.11
CA GLY C 39 -17.86 20.57 -13.21
C GLY C 39 -17.77 19.21 -12.56
N ARG C 40 -16.61 18.96 -11.96
CA ARG C 40 -16.24 17.69 -11.36
C ARG C 40 -17.12 17.07 -10.28
N ILE C 41 -17.66 17.81 -9.32
CA ILE C 41 -18.48 17.16 -8.27
C ILE C 41 -19.95 17.10 -8.68
N SER C 42 -20.30 17.75 -9.79
CA SER C 42 -21.73 17.86 -10.13
C SER C 42 -22.34 16.49 -10.29
N LYS C 43 -21.54 15.57 -10.81
CA LYS C 43 -21.94 14.18 -11.00
C LYS C 43 -22.40 13.44 -9.75
N ASN C 44 -21.91 13.82 -8.58
CA ASN C 44 -22.41 13.17 -7.37
C ASN C 44 -23.74 13.81 -6.96
N HIS C 45 -23.92 15.06 -7.35
CA HIS C 45 -25.15 15.72 -6.96
C HIS C 45 -26.24 15.11 -7.85
N ILE C 46 -26.09 15.31 -9.16
CA ILE C 46 -26.98 14.72 -10.16
C ILE C 46 -27.35 13.30 -9.77
N GLY C 47 -26.37 12.46 -9.48
CA GLY C 47 -26.68 11.10 -9.03
C GLY C 47 -27.26 10.91 -7.64
N ALA C 48 -27.03 11.87 -6.75
CA ALA C 48 -27.61 11.70 -5.42
C ALA C 48 -29.08 12.07 -5.60
N ILE C 49 -29.33 13.13 -6.35
CA ILE C 49 -30.70 13.61 -6.50
C ILE C 49 -31.55 12.51 -7.14
N ALA C 50 -30.97 11.90 -8.17
CA ALA C 50 -31.59 10.82 -8.93
C ALA C 50 -31.76 9.59 -8.03
N GLN C 51 -30.95 9.48 -6.99
CA GLN C 51 -31.13 8.36 -6.07
C GLN C 51 -32.35 8.62 -5.19
N HIS C 52 -32.98 9.79 -5.30
CA HIS C 52 -34.22 10.03 -4.58
C HIS C 52 -35.32 10.45 -5.55
N GLY C 53 -35.26 9.90 -6.77
CA GLY C 53 -36.19 10.20 -7.84
C GLY C 53 -37.65 10.33 -7.46
N ASP C 54 -38.03 9.69 -6.35
CA ASP C 54 -39.41 9.73 -5.88
C ASP C 54 -39.75 10.96 -5.04
N ARG C 55 -38.76 11.55 -4.40
CA ARG C 55 -39.04 12.74 -3.60
C ARG C 55 -38.51 14.02 -4.23
N ALA C 56 -37.62 13.86 -5.21
CA ALA C 56 -36.95 15.03 -5.75
C ALA C 56 -36.67 14.78 -7.22
N GLU C 57 -36.57 15.88 -7.95
CA GLU C 57 -36.03 15.79 -9.30
C GLU C 57 -35.24 17.04 -9.65
N LEU C 58 -34.31 16.82 -10.57
CA LEU C 58 -33.42 17.83 -11.13
C LEU C 58 -34.04 18.39 -12.41
N VAL C 59 -34.28 19.69 -12.46
CA VAL C 59 -35.11 20.22 -13.53
C VAL C 59 -34.29 21.19 -14.35
N GLU C 60 -33.22 21.66 -13.71
CA GLU C 60 -32.47 22.77 -14.30
C GLU C 60 -30.98 22.61 -14.00
N ILE C 61 -30.16 23.21 -14.86
CA ILE C 61 -28.72 23.15 -14.72
C ILE C 61 -28.18 24.43 -15.32
N CYS C 62 -27.06 24.91 -14.76
CA CYS C 62 -26.58 26.22 -15.15
C CYS C 62 -25.07 26.04 -15.12
N ASP C 63 -24.40 26.47 -16.20
CA ASP C 63 -22.95 26.58 -16.29
C ASP C 63 -22.51 27.71 -17.23
N THR C 64 -21.35 28.29 -16.95
CA THR C 64 -20.85 29.48 -17.65
C THR C 64 -20.03 29.02 -18.84
N ASN C 65 -19.80 27.71 -18.85
CA ASN C 65 -18.99 27.02 -19.83
C ASN C 65 -19.89 26.23 -20.79
N PRO C 66 -20.03 26.76 -22.02
CA PRO C 66 -20.88 26.18 -23.04
C PRO C 66 -20.82 24.66 -23.05
N GLU C 67 -19.61 24.11 -23.07
CA GLU C 67 -19.39 22.68 -23.19
C GLU C 67 -19.69 21.83 -21.97
N ALA C 68 -19.40 22.30 -20.76
CA ALA C 68 -19.79 21.46 -19.63
C ALA C 68 -21.31 21.47 -19.52
N LEU C 69 -21.93 22.60 -19.86
CA LEU C 69 -23.38 22.58 -19.86
C LEU C 69 -23.88 21.55 -20.87
N GLN C 70 -23.33 21.57 -22.09
CA GLN C 70 -23.66 20.61 -23.13
C GLN C 70 -23.69 19.18 -22.59
N ALA C 71 -22.56 18.69 -22.11
CA ALA C 71 -22.45 17.38 -21.46
C ALA C 71 -23.52 17.08 -20.42
N ALA C 72 -23.99 18.14 -19.77
CA ALA C 72 -24.81 17.97 -18.58
C ALA C 72 -26.26 17.82 -19.00
N GLU C 73 -26.68 18.57 -20.02
CA GLU C 73 -28.04 18.46 -20.51
C GLU C 73 -28.28 17.08 -21.11
N ALA C 74 -27.53 16.80 -22.17
CA ALA C 74 -27.53 15.47 -22.77
C ALA C 74 -27.46 14.41 -21.68
N ALA C 75 -26.94 14.77 -20.52
CA ALA C 75 -26.56 13.76 -19.55
C ALA C 75 -27.76 13.62 -18.63
N THR C 76 -28.52 14.71 -18.52
CA THR C 76 -29.60 14.80 -17.53
C THR C 76 -30.96 14.93 -18.21
N GLY C 77 -31.02 15.67 -19.31
CA GLY C 77 -32.31 16.10 -19.83
C GLY C 77 -32.94 17.21 -19.01
N ALA C 78 -32.15 17.89 -18.18
CA ALA C 78 -32.59 19.10 -17.49
C ALA C 78 -32.58 20.31 -18.42
N ARG C 79 -33.31 21.36 -18.04
CA ARG C 79 -33.33 22.57 -18.84
C ARG C 79 -32.04 23.37 -18.70
N PRO C 80 -31.37 23.72 -19.81
CA PRO C 80 -30.09 24.38 -19.59
C PRO C 80 -30.13 25.89 -19.44
N PHE C 81 -29.24 26.45 -18.61
CA PHE C 81 -29.14 27.90 -18.54
C PHE C 81 -27.68 28.28 -18.46
N SER C 82 -27.32 29.39 -19.10
CA SER C 82 -25.90 29.66 -19.18
C SER C 82 -25.55 30.77 -18.19
N SER C 83 -26.53 31.35 -17.50
CA SER C 83 -26.14 32.18 -16.37
C SER C 83 -27.09 32.01 -15.20
N LEU C 84 -26.66 32.38 -14.00
CA LEU C 84 -27.54 32.15 -12.87
C LEU C 84 -28.69 33.13 -12.94
N SER C 85 -28.46 34.38 -13.38
CA SER C 85 -29.58 35.31 -13.45
C SER C 85 -30.73 34.77 -14.28
N ASP C 86 -30.36 34.19 -15.43
CA ASP C 86 -31.37 33.66 -16.35
C ASP C 86 -32.12 32.53 -15.68
N MET C 87 -31.35 31.65 -15.04
CA MET C 87 -31.93 30.44 -14.49
C MET C 87 -32.93 30.84 -13.42
N LEU C 88 -32.63 31.96 -12.75
CA LEU C 88 -33.49 32.40 -11.67
C LEU C 88 -34.64 33.21 -12.27
N ALA C 89 -34.38 33.95 -13.34
CA ALA C 89 -35.49 34.65 -13.99
C ALA C 89 -36.47 33.67 -14.62
N GLN C 90 -35.99 32.65 -15.32
CA GLN C 90 -36.93 31.82 -16.06
C GLN C 90 -37.20 30.49 -15.38
N GLY C 91 -36.36 30.08 -14.44
CA GLY C 91 -36.54 28.76 -13.83
C GLY C 91 -37.52 28.76 -12.68
N ASN C 92 -37.98 27.57 -12.26
CA ASN C 92 -38.79 27.46 -11.06
C ASN C 92 -38.26 26.52 -9.96
N ALA C 93 -36.96 26.26 -9.89
CA ALA C 93 -36.46 25.29 -8.92
C ALA C 93 -36.74 25.74 -7.50
N ASP C 94 -36.99 24.81 -6.58
CA ASP C 94 -37.36 25.19 -5.21
C ASP C 94 -36.11 25.51 -4.41
N ALA C 95 -35.02 24.93 -4.85
CA ALA C 95 -33.72 24.98 -4.20
C ALA C 95 -32.59 24.93 -5.22
N LEU C 96 -31.59 25.80 -5.07
CA LEU C 96 -30.44 25.72 -5.95
C LEU C 96 -29.19 25.15 -5.28
N VAL C 97 -28.56 24.24 -5.99
CA VAL C 97 -27.36 23.59 -5.47
C VAL C 97 -26.14 24.31 -6.01
N LEU C 98 -25.23 24.71 -5.12
CA LEU C 98 -24.10 25.54 -5.55
C LEU C 98 -22.82 24.70 -5.60
N ALA C 99 -22.37 24.46 -6.84
CA ALA C 99 -21.36 23.44 -7.11
C ALA C 99 -20.24 24.16 -7.85
N THR C 100 -20.20 25.46 -7.65
CA THR C 100 -19.22 26.32 -8.29
C THR C 100 -17.93 26.46 -7.46
N PRO C 101 -16.94 27.16 -8.02
CA PRO C 101 -15.76 27.52 -7.25
C PRO C 101 -16.25 28.12 -5.93
N SER C 102 -15.60 27.76 -4.82
CA SER C 102 -16.03 28.12 -3.47
C SER C 102 -16.25 29.61 -3.20
N GLY C 103 -15.39 30.47 -3.74
CA GLY C 103 -15.61 31.90 -3.56
C GLY C 103 -16.78 32.57 -4.25
N LEU C 104 -17.46 31.88 -5.17
CA LEU C 104 -18.75 32.35 -5.66
C LEU C 104 -19.95 32.02 -4.78
N HIS C 105 -19.88 30.98 -3.94
CA HIS C 105 -21.04 30.49 -3.23
C HIS C 105 -21.76 31.62 -2.50
N PRO C 106 -21.00 32.47 -1.80
CA PRO C 106 -21.67 33.52 -1.02
C PRO C 106 -22.57 34.38 -1.91
N TRP C 107 -21.97 34.81 -3.02
CA TRP C 107 -22.63 35.76 -3.89
C TRP C 107 -23.77 35.05 -4.62
N GLN C 108 -23.54 33.81 -5.05
CA GLN C 108 -24.62 33.07 -5.66
C GLN C 108 -25.71 32.83 -4.61
N ALA C 109 -25.33 32.52 -3.38
CA ALA C 109 -26.38 32.20 -2.42
C ALA C 109 -27.22 33.44 -2.14
N ILE C 110 -26.62 34.62 -2.18
CA ILE C 110 -27.35 35.84 -1.86
C ILE C 110 -28.34 36.16 -3.00
N GLU C 111 -27.94 36.07 -4.26
CA GLU C 111 -28.89 36.22 -5.37
C GLU C 111 -29.98 35.15 -5.42
N VAL C 112 -29.61 33.90 -5.13
CA VAL C 112 -30.64 32.87 -5.05
C VAL C 112 -31.62 33.29 -3.98
N ALA C 113 -31.10 33.73 -2.84
CA ALA C 113 -32.07 33.98 -1.78
C ALA C 113 -32.93 35.18 -2.11
N GLN C 114 -32.35 36.22 -2.72
CA GLN C 114 -33.19 37.36 -3.12
C GLN C 114 -34.29 37.02 -4.12
N ALA C 115 -34.14 35.90 -4.83
CA ALA C 115 -35.18 35.41 -5.72
C ALA C 115 -36.04 34.36 -5.03
N GLY C 116 -35.79 34.17 -3.74
CA GLY C 116 -36.74 33.47 -2.89
C GLY C 116 -36.68 31.96 -2.88
N ARG C 117 -35.56 31.33 -3.25
CA ARG C 117 -35.47 29.88 -3.12
C ARG C 117 -34.40 29.42 -2.11
N HIS C 118 -34.51 28.15 -1.73
CA HIS C 118 -33.55 27.57 -0.80
C HIS C 118 -32.18 27.39 -1.46
N VAL C 119 -31.12 27.29 -0.66
CA VAL C 119 -29.77 27.15 -1.17
C VAL C 119 -29.11 25.95 -0.53
N VAL C 120 -28.54 25.08 -1.35
CA VAL C 120 -27.66 24.04 -0.84
C VAL C 120 -26.26 24.42 -1.32
N SER C 121 -25.43 24.96 -0.43
CA SER C 121 -24.09 25.37 -0.87
C SER C 121 -23.07 24.25 -0.65
N GLU C 122 -22.22 24.01 -1.64
CA GLU C 122 -21.11 23.07 -1.40
C GLU C 122 -20.12 23.62 -0.38
N LYS C 123 -19.33 22.73 0.23
CA LYS C 123 -18.30 23.20 1.16
C LYS C 123 -17.15 23.83 0.37
N PRO C 124 -16.45 24.78 0.98
CA PRO C 124 -17.00 25.36 2.21
C PRO C 124 -17.93 26.48 1.76
N MET C 125 -18.67 27.10 2.67
CA MET C 125 -19.70 28.03 2.21
C MET C 125 -19.09 29.31 1.64
N ALA C 126 -17.87 29.63 2.02
CA ALA C 126 -17.22 30.80 1.42
C ALA C 126 -15.73 30.65 1.71
N THR C 127 -14.92 31.60 1.24
CA THR C 127 -13.49 31.62 1.49
C THR C 127 -13.17 32.83 2.39
N ARG C 128 -14.14 33.73 2.58
CA ARG C 128 -13.94 34.87 3.47
C ARG C 128 -14.95 34.96 4.59
N TRP C 129 -14.48 35.28 5.79
CA TRP C 129 -15.40 35.31 6.92
C TRP C 129 -16.63 36.18 6.68
N GLU C 130 -16.41 37.40 6.23
CA GLU C 130 -17.48 38.38 6.08
C GLU C 130 -18.46 37.89 5.01
N ASP C 131 -17.99 37.16 4.01
CA ASP C 131 -18.89 36.79 2.92
C ASP C 131 -19.78 35.72 3.49
N GLY C 132 -19.21 34.82 4.29
CA GLY C 132 -20.03 33.77 4.88
C GLY C 132 -21.08 34.33 5.83
N LYS C 133 -20.75 35.31 6.67
CA LYS C 133 -21.78 36.02 7.43
C LYS C 133 -22.89 36.64 6.58
N ARG C 134 -22.51 37.29 5.48
CA ARG C 134 -23.48 37.94 4.60
C ARG C 134 -24.39 36.91 3.93
N MET C 135 -23.86 35.77 3.51
CA MET C 135 -24.68 34.68 2.98
C MET C 135 -25.75 34.35 4.02
N VAL C 136 -25.34 33.96 5.22
CA VAL C 136 -26.29 33.67 6.30
C VAL C 136 -27.33 34.77 6.60
N LYS C 137 -26.88 36.01 6.71
CA LYS C 137 -27.90 37.00 6.97
C LYS C 137 -28.93 37.01 5.83
N ALA C 138 -28.45 36.88 4.61
CA ALA C 138 -29.34 37.09 3.46
C ALA C 138 -30.44 36.04 3.46
N CYS C 139 -30.04 34.78 3.62
CA CYS C 139 -31.02 33.70 3.74
C CYS C 139 -31.98 33.84 4.93
N ASP C 140 -31.45 34.39 6.01
CA ASP C 140 -32.28 34.59 7.19
C ASP C 140 -33.37 35.55 6.75
N GLU C 141 -33.00 36.72 6.23
CA GLU C 141 -34.00 37.72 5.89
C GLU C 141 -34.80 37.35 4.67
N ALA C 142 -34.36 36.43 3.82
CA ALA C 142 -35.31 35.95 2.81
C ALA C 142 -36.21 34.85 3.36
N GLY C 143 -35.99 34.37 4.58
CA GLY C 143 -36.82 33.27 5.07
C GLY C 143 -36.59 32.01 4.25
N VAL C 144 -35.42 31.83 3.67
CA VAL C 144 -35.18 30.58 2.96
C VAL C 144 -34.21 29.70 3.75
N ARG C 145 -34.20 28.40 3.50
CA ARG C 145 -33.21 27.47 4.02
C ARG C 145 -31.85 27.67 3.36
N LEU C 146 -30.78 27.60 4.15
CA LEU C 146 -29.42 27.55 3.61
C LEU C 146 -28.79 26.29 4.18
N PHE C 147 -28.45 25.31 3.36
CA PHE C 147 -27.77 24.11 3.84
C PHE C 147 -26.32 24.15 3.37
N VAL C 148 -25.38 23.57 4.11
CA VAL C 148 -24.00 23.47 3.67
C VAL C 148 -23.62 22.00 3.60
N VAL C 149 -23.03 21.56 2.50
CA VAL C 149 -22.82 20.12 2.33
C VAL C 149 -21.69 19.68 3.27
N LYS C 150 -21.96 18.79 4.21
CA LYS C 150 -20.87 18.28 5.00
C LYS C 150 -21.11 16.78 5.11
N GLN C 151 -20.81 16.05 4.03
CA GLN C 151 -21.33 14.68 3.99
C GLN C 151 -20.71 13.76 5.03
N ASN C 152 -19.48 14.04 5.47
CA ASN C 152 -18.82 13.05 6.31
C ASN C 152 -19.57 12.96 7.63
N ARG C 153 -20.40 13.97 7.91
CA ARG C 153 -21.14 13.90 9.16
C ARG C 153 -22.05 12.68 9.24
N ARG C 154 -22.42 12.14 8.09
CA ARG C 154 -23.36 11.03 8.07
C ARG C 154 -22.58 9.73 8.11
N ASN C 155 -21.27 9.80 7.95
CA ASN C 155 -20.47 8.59 8.05
C ASN C 155 -20.87 7.76 9.26
N ALA C 156 -21.15 6.48 9.07
CA ALA C 156 -21.44 5.63 10.21
C ALA C 156 -20.38 5.61 11.30
N THR C 157 -19.10 5.58 10.94
CA THR C 157 -18.06 5.62 11.97
C THR C 157 -18.14 6.87 12.85
N LEU C 158 -18.34 8.04 12.25
CA LEU C 158 -18.26 9.30 13.01
C LEU C 158 -19.57 9.47 13.78
N GLN C 159 -20.68 8.98 13.22
CA GLN C 159 -21.90 8.91 14.02
C GLN C 159 -21.74 8.16 15.34
N LEU C 160 -21.09 7.01 15.31
CA LEU C 160 -20.85 6.28 16.56
C LEU C 160 -19.98 7.09 17.52
N VAL C 161 -18.96 7.76 17.00
CA VAL C 161 -18.14 8.52 17.93
C VAL C 161 -19.01 9.61 18.55
N LYS C 162 -19.81 10.27 17.70
CA LYS C 162 -20.62 11.41 18.11
C LYS C 162 -21.55 10.95 19.22
N LYS C 163 -22.15 9.79 19.01
CA LYS C 163 -23.01 9.22 20.03
C LYS C 163 -22.26 9.01 21.35
N ALA C 164 -21.07 8.44 21.33
CA ALA C 164 -20.41 8.27 22.61
C ALA C 164 -20.05 9.61 23.23
N ILE C 165 -19.68 10.58 22.39
CA ILE C 165 -19.32 11.84 23.01
C ILE C 165 -20.58 12.43 23.63
N GLU C 166 -21.73 12.25 22.99
CA GLU C 166 -22.92 12.93 23.49
C GLU C 166 -23.44 12.28 24.76
N GLN C 167 -23.18 11.01 25.00
CA GLN C 167 -23.68 10.43 26.25
C GLN C 167 -22.62 10.41 27.33
N GLY C 168 -21.65 11.32 27.25
CA GLY C 168 -20.63 11.40 28.27
C GLY C 168 -19.75 10.17 28.44
N ARG C 169 -19.70 9.23 27.49
CA ARG C 169 -18.80 8.07 27.67
C ARG C 169 -17.30 8.33 27.73
N PHE C 170 -16.81 9.44 27.20
CA PHE C 170 -15.38 9.72 27.27
C PHE C 170 -14.95 10.34 28.59
N GLY C 171 -15.93 10.75 29.38
CA GLY C 171 -15.62 11.65 30.50
C GLY C 171 -14.99 12.91 29.96
N ARG C 172 -14.21 13.56 30.81
CA ARG C 172 -13.46 14.77 30.47
C ARG C 172 -12.60 14.44 29.25
N ILE C 173 -12.78 15.11 28.12
CA ILE C 173 -11.95 14.97 26.94
C ILE C 173 -10.60 15.68 27.07
N TYR C 174 -9.51 14.99 26.78
CA TYR C 174 -8.22 15.64 27.01
C TYR C 174 -7.43 16.01 25.75
N MET C 175 -7.40 15.11 24.78
CA MET C 175 -6.42 15.27 23.70
C MET C 175 -7.06 14.86 22.39
N VAL C 176 -6.88 15.66 21.36
CA VAL C 176 -7.52 15.37 20.08
C VAL C 176 -6.51 15.62 18.97
N THR C 177 -6.28 14.59 18.14
CA THR C 177 -5.47 14.84 16.95
C THR C 177 -6.16 14.36 15.68
N VAL C 178 -6.00 15.18 14.66
CA VAL C 178 -6.57 14.99 13.33
C VAL C 178 -5.49 15.11 12.27
N ASN C 179 -5.42 14.12 11.37
CA ASN C 179 -4.40 14.09 10.33
C ASN C 179 -5.04 14.05 8.96
N VAL C 180 -4.68 14.97 8.07
CA VAL C 180 -5.08 14.83 6.68
C VAL C 180 -3.86 14.81 5.78
N PHE C 181 -3.43 13.59 5.47
CA PHE C 181 -2.18 13.39 4.73
C PHE C 181 -2.57 12.91 3.34
N TRP C 182 -2.80 13.85 2.43
CA TRP C 182 -3.42 13.47 1.17
C TRP C 182 -2.46 13.86 0.06
N THR C 183 -2.87 13.63 -1.19
CA THR C 183 -2.06 13.85 -2.39
C THR C 183 -2.72 14.68 -3.48
N ARG C 184 -2.09 15.81 -3.81
CA ARG C 184 -2.66 16.59 -4.89
C ARG C 184 -1.45 17.07 -5.69
N PRO C 185 -1.29 16.55 -6.92
CA PRO C 185 -0.17 16.88 -7.79
C PRO C 185 -0.39 18.20 -8.51
N GLN C 186 0.66 18.74 -9.13
CA GLN C 186 0.51 20.09 -9.67
C GLN C 186 -0.58 20.07 -10.73
N GLU C 187 -0.70 18.96 -11.46
CA GLU C 187 -1.68 18.87 -12.54
C GLU C 187 -3.14 18.96 -12.05
N TYR C 188 -3.41 18.55 -10.81
CA TYR C 188 -4.70 18.86 -10.17
C TYR C 188 -5.05 20.33 -10.15
N TYR C 189 -4.06 21.13 -9.76
CA TYR C 189 -4.28 22.55 -9.52
C TYR C 189 -4.46 23.25 -10.85
N ASP C 190 -3.85 22.68 -11.89
CA ASP C 190 -3.76 23.34 -13.18
C ASP C 190 -5.01 23.02 -14.00
N ALA C 191 -5.68 21.92 -13.64
CA ALA C 191 -6.96 21.58 -14.22
C ALA C 191 -7.90 22.77 -14.22
N ALA C 192 -8.01 23.60 -13.17
CA ALA C 192 -8.77 24.85 -13.28
C ALA C 192 -8.11 26.07 -12.63
N ARG C 193 -8.33 27.24 -13.22
CA ARG C 193 -7.60 28.45 -12.82
C ARG C 193 -7.91 28.90 -11.40
N TRP C 194 -9.06 28.52 -10.86
CA TRP C 194 -9.54 29.02 -9.59
C TRP C 194 -8.91 28.30 -8.40
N ARG C 195 -8.30 27.15 -8.68
CA ARG C 195 -7.91 26.20 -7.65
C ARG C 195 -6.66 26.74 -6.96
N GLY C 196 -6.54 26.66 -5.64
CA GLY C 196 -5.34 27.09 -4.93
C GLY C 196 -5.25 28.60 -4.82
N LYS C 197 -6.26 29.34 -5.29
CA LYS C 197 -6.30 30.78 -5.05
C LYS C 197 -6.98 31.21 -3.76
N TRP C 198 -6.51 32.24 -3.08
CA TRP C 198 -7.17 32.73 -1.86
C TRP C 198 -8.62 33.12 -2.10
N GLU C 199 -8.89 34.00 -3.05
CA GLU C 199 -10.25 34.43 -3.38
C GLU C 199 -11.20 33.26 -3.69
N TRP C 200 -10.80 32.29 -4.51
CA TRP C 200 -11.73 31.31 -5.06
C TRP C 200 -11.82 30.00 -4.28
N ASP C 201 -10.76 29.65 -3.56
CA ASP C 201 -10.55 28.27 -3.11
C ASP C 201 -9.94 28.21 -1.71
N GLY C 202 -8.90 29.00 -1.45
CA GLY C 202 -8.08 28.76 -0.26
C GLY C 202 -7.15 27.60 -0.53
N GLY C 203 -6.52 27.08 0.51
CA GLY C 203 -5.49 26.06 0.34
C GLY C 203 -5.90 24.72 0.92
N ALA C 204 -4.92 23.89 1.29
CA ALA C 204 -5.26 22.58 1.84
C ALA C 204 -6.34 22.56 2.92
N PHE C 205 -6.34 23.59 3.77
CA PHE C 205 -7.23 23.60 4.95
C PHE C 205 -8.65 23.88 4.50
N MET C 206 -8.80 24.95 3.71
CA MET C 206 -10.11 25.45 3.34
C MET C 206 -10.81 24.56 2.31
N ASN C 207 -10.05 24.00 1.37
CA ASN C 207 -10.66 23.10 0.40
C ASN C 207 -10.74 21.67 0.95
N GLN C 208 -9.64 20.93 0.98
CA GLN C 208 -9.72 19.49 1.27
C GLN C 208 -9.94 19.09 2.72
N ALA C 209 -9.30 19.78 3.65
CA ALA C 209 -9.35 19.37 5.06
C ALA C 209 -10.50 20.05 5.81
N SER C 210 -11.28 20.86 5.11
CA SER C 210 -12.42 21.50 5.78
C SER C 210 -13.43 20.52 6.41
N HIS C 211 -13.71 19.40 5.75
CA HIS C 211 -14.48 18.31 6.35
C HIS C 211 -13.85 17.91 7.67
N TYR C 212 -12.54 18.12 7.78
CA TYR C 212 -11.84 17.67 8.96
C TYR C 212 -11.77 18.78 10.00
N VAL C 213 -11.58 20.02 9.56
CA VAL C 213 -11.73 21.15 10.47
C VAL C 213 -13.12 21.15 11.09
N ASP C 214 -14.13 20.76 10.31
CA ASP C 214 -15.52 20.69 10.73
C ASP C 214 -15.70 19.77 11.93
N LEU C 215 -14.96 18.66 11.97
CA LEU C 215 -15.04 17.73 13.09
C LEU C 215 -14.62 18.28 14.44
N LEU C 216 -13.74 19.28 14.45
CA LEU C 216 -13.25 19.88 15.69
C LEU C 216 -14.37 20.39 16.58
N ASP C 217 -15.21 21.25 16.00
CA ASP C 217 -16.33 21.79 16.78
C ASP C 217 -17.49 20.80 16.84
N TRP C 218 -17.93 20.29 15.69
CA TRP C 218 -19.02 19.32 15.62
C TRP C 218 -18.88 18.16 16.60
N LEU C 219 -17.68 17.59 16.71
CA LEU C 219 -17.54 16.39 17.53
C LEU C 219 -17.18 16.72 18.98
N VAL C 220 -16.17 17.57 19.13
CA VAL C 220 -15.49 17.74 20.41
C VAL C 220 -15.98 18.92 21.25
N GLY C 221 -16.50 19.95 20.57
CA GLY C 221 -17.14 21.06 21.28
C GLY C 221 -16.55 22.39 20.83
N PRO C 222 -16.94 23.50 21.46
CA PRO C 222 -16.46 24.82 21.07
C PRO C 222 -14.95 25.00 21.19
N VAL C 223 -14.32 25.47 20.11
CA VAL C 223 -12.90 25.86 20.14
C VAL C 223 -12.69 27.22 20.78
N GLU C 224 -11.68 27.33 21.64
CA GLU C 224 -11.34 28.58 22.30
C GLU C 224 -10.36 29.37 21.46
N SER C 225 -9.30 28.71 20.98
CA SER C 225 -8.36 29.41 20.14
C SER C 225 -7.45 28.46 19.35
N VAL C 226 -6.72 28.98 18.37
CA VAL C 226 -5.79 28.19 17.56
C VAL C 226 -4.47 28.92 17.39
N TYR C 227 -3.42 28.15 17.19
CA TYR C 227 -2.21 28.73 16.61
C TYR C 227 -1.82 27.88 15.40
N ALA C 228 -1.52 28.52 14.28
CA ALA C 228 -1.19 27.73 13.09
C ALA C 228 0.08 28.20 12.39
N TYR C 229 0.77 27.25 11.76
CA TYR C 229 1.80 27.54 10.77
C TYR C 229 1.28 26.94 9.47
N THR C 230 1.34 27.71 8.39
CA THR C 230 1.08 27.08 7.08
C THR C 230 2.17 27.48 6.10
N ALA C 231 2.30 26.75 5.00
CA ALA C 231 3.28 27.18 4.01
C ALA C 231 2.88 26.61 2.65
N THR C 232 3.30 27.24 1.55
CA THR C 232 3.28 26.56 0.27
C THR C 232 4.62 25.88 0.03
N LEU C 233 4.78 24.61 0.37
CA LEU C 233 6.12 23.99 0.33
C LEU C 233 6.52 23.47 -1.05
N ALA C 234 5.56 23.12 -1.90
CA ALA C 234 5.90 22.67 -3.25
C ALA C 234 4.99 23.09 -4.40
N ARG C 235 3.68 23.17 -4.23
CA ARG C 235 2.83 23.46 -5.40
C ARG C 235 2.96 24.89 -5.86
N ARG C 236 2.79 25.16 -7.16
CA ARG C 236 2.77 26.56 -7.60
C ARG C 236 1.30 26.98 -7.55
N ILE C 237 0.88 27.54 -6.43
CA ILE C 237 -0.49 27.98 -6.16
C ILE C 237 -0.36 29.14 -5.17
N GLU C 238 -1.45 29.82 -4.82
CA GLU C 238 -1.33 30.95 -3.91
C GLU C 238 -1.37 30.62 -2.41
N ALA C 239 -2.16 29.62 -2.05
CA ALA C 239 -2.58 29.31 -0.69
C ALA C 239 -1.64 28.21 -0.22
N GLU C 240 -1.93 27.68 0.96
CA GLU C 240 -0.96 26.76 1.56
C GLU C 240 -1.22 25.36 1.04
N ASP C 241 -0.21 24.52 0.88
CA ASP C 241 -0.40 23.11 0.55
C ASP C 241 -0.09 22.25 1.76
N THR C 242 0.45 22.85 2.82
CA THR C 242 0.82 22.11 4.00
C THR C 242 0.63 23.00 5.21
N GLY C 243 0.15 22.41 6.30
CA GLY C 243 0.12 23.15 7.55
C GLY C 243 -0.25 22.34 8.77
N VAL C 244 -0.14 23.03 9.91
CA VAL C 244 -0.47 22.47 11.21
C VAL C 244 -1.17 23.55 12.05
N ALA C 245 -2.18 23.17 12.81
CA ALA C 245 -2.80 24.04 13.82
C ALA C 245 -2.77 23.40 15.19
N ALA C 246 -2.38 24.18 16.21
CA ALA C 246 -2.48 23.75 17.60
C ALA C 246 -3.81 24.29 18.09
N LEU C 247 -4.54 23.49 18.88
CA LEU C 247 -5.86 23.87 19.35
C LEU C 247 -6.02 23.84 20.87
N ARG C 248 -6.89 24.71 21.37
CA ARG C 248 -7.39 24.51 22.73
C ARG C 248 -8.92 24.65 22.79
N TRP C 249 -9.62 23.75 23.47
CA TRP C 249 -11.08 23.83 23.45
C TRP C 249 -11.50 24.56 24.71
N ARG C 250 -12.76 24.98 24.78
CA ARG C 250 -13.21 25.81 25.91
C ARG C 250 -13.31 24.91 27.13
N HIS C 251 -13.69 23.65 26.92
CA HIS C 251 -13.72 22.74 28.06
C HIS C 251 -12.30 22.28 28.38
N GLY C 252 -11.30 22.76 27.65
CA GLY C 252 -9.95 22.46 28.15
C GLY C 252 -9.16 21.40 27.40
N ALA C 253 -9.75 20.55 26.57
CA ALA C 253 -8.87 19.66 25.81
C ALA C 253 -7.98 20.46 24.86
N MET C 254 -6.87 19.82 24.50
CA MET C 254 -5.94 20.38 23.52
C MET C 254 -5.77 19.41 22.36
N GLY C 255 -5.27 19.91 21.22
CA GLY C 255 -4.82 18.95 20.23
C GLY C 255 -4.26 19.71 19.05
N SER C 256 -4.19 18.99 17.94
CA SER C 256 -3.77 19.53 16.65
C SER C 256 -4.42 18.88 15.43
N ILE C 257 -4.33 19.66 14.36
CA ILE C 257 -4.78 19.22 13.04
C ILE C 257 -3.59 19.35 12.12
N ASN C 258 -3.24 18.23 11.49
CA ASN C 258 -2.05 18.16 10.66
C ASN C 258 -2.38 17.86 9.21
N VAL C 259 -2.03 18.77 8.33
CA VAL C 259 -2.56 18.71 6.97
C VAL C 259 -1.47 18.89 5.92
N THR C 260 -1.41 18.01 4.91
CA THR C 260 -0.61 18.25 3.72
C THR C 260 -1.18 17.56 2.49
N MET C 261 -1.08 18.25 1.37
CA MET C 261 -1.50 17.69 0.09
C MET C 261 -0.28 17.15 -0.65
N LEU C 262 0.86 17.03 0.04
CA LEU C 262 2.08 16.65 -0.63
C LEU C 262 2.51 15.21 -0.32
N THR C 263 1.60 14.37 0.15
CA THR C 263 2.01 13.08 0.69
C THR C 263 2.51 12.26 -0.50
N TYR C 264 3.63 11.58 -0.29
CA TYR C 264 4.16 10.61 -1.25
C TYR C 264 3.64 9.19 -1.02
N PRO C 265 3.11 8.53 -2.06
CA PRO C 265 2.89 8.88 -3.46
C PRO C 265 1.40 9.04 -3.73
N GLN C 266 0.57 8.82 -2.73
CA GLN C 266 -0.87 9.01 -2.82
C GLN C 266 -1.51 9.12 -1.42
N ASN C 267 -2.80 9.42 -1.30
CA ASN C 267 -3.39 9.58 0.03
C ASN C 267 -2.95 8.54 1.06
N LEU C 268 -2.47 8.97 2.23
CA LEU C 268 -2.05 8.05 3.28
C LEU C 268 -3.05 8.06 4.42
N GLU C 269 -3.54 9.19 4.90
CA GLU C 269 -4.34 9.09 6.13
C GLU C 269 -5.38 10.19 6.31
N GLY C 270 -6.57 9.86 6.79
CA GLY C 270 -7.60 10.86 7.06
C GLY C 270 -8.15 10.46 8.42
N SER C 271 -7.65 11.02 9.51
CA SER C 271 -7.98 10.38 10.79
C SER C 271 -8.24 11.38 11.91
N ILE C 272 -8.89 10.87 12.95
CA ILE C 272 -9.17 11.55 14.21
C ILE C 272 -8.98 10.61 15.40
N THR C 273 -8.28 11.10 16.41
CA THR C 273 -8.06 10.32 17.63
C THR C 273 -8.57 11.21 18.76
N ILE C 274 -9.47 10.69 19.58
CA ILE C 274 -9.94 11.42 20.75
C ILE C 274 -9.57 10.67 22.02
N LEU C 275 -8.88 11.34 22.94
CA LEU C 275 -8.48 10.68 24.17
C LEU C 275 -9.17 11.32 25.37
N GLY C 276 -9.84 10.54 26.21
CA GLY C 276 -10.43 11.02 27.46
C GLY C 276 -10.22 10.20 28.72
N GLU C 277 -10.84 10.64 29.80
CA GLU C 277 -10.65 10.01 31.10
C GLU C 277 -11.07 8.54 31.10
N LYS C 278 -12.13 8.23 30.35
CA LYS C 278 -12.63 6.87 30.35
C LYS C 278 -12.93 6.36 28.95
N GLY C 279 -12.34 6.96 27.92
CA GLY C 279 -12.65 6.58 26.55
C GLY C 279 -11.42 6.86 25.71
N THR C 280 -11.15 6.00 24.74
CA THR C 280 -10.09 6.24 23.78
C THR C 280 -10.64 5.83 22.42
N VAL C 281 -10.60 6.72 21.43
CA VAL C 281 -11.14 6.36 20.13
C VAL C 281 -10.21 6.87 19.03
N ARG C 282 -10.03 6.03 18.02
CA ARG C 282 -9.25 6.42 16.85
C ARG C 282 -9.99 5.97 15.60
N VAL C 283 -10.14 6.91 14.68
CA VAL C 283 -10.84 6.67 13.44
C VAL C 283 -9.78 6.95 12.38
N GLY C 284 -9.27 5.87 11.81
CA GLY C 284 -8.34 5.96 10.69
C GLY C 284 -8.90 5.68 9.32
N GLY C 285 -8.03 5.18 8.46
CA GLY C 285 -8.35 5.02 7.06
C GLY C 285 -7.84 6.22 6.29
N VAL C 286 -8.10 6.25 4.98
CA VAL C 286 -7.83 7.45 4.21
C VAL C 286 -8.78 8.62 4.47
N ALA C 287 -9.92 8.30 5.07
CA ALA C 287 -11.02 9.25 5.21
C ALA C 287 -11.95 8.95 6.39
N VAL C 288 -11.41 8.78 7.58
CA VAL C 288 -12.16 8.57 8.80
C VAL C 288 -13.23 7.53 8.49
N ASN C 289 -12.81 6.43 7.88
CA ASN C 289 -13.75 5.44 7.37
C ASN C 289 -13.54 4.10 8.06
N ARG C 290 -12.59 4.04 8.98
CA ARG C 290 -12.31 2.79 9.64
C ARG C 290 -11.87 2.97 11.09
N ILE C 291 -12.71 2.51 11.99
CA ILE C 291 -12.43 2.71 13.41
C ILE C 291 -11.36 1.72 13.81
N ASP C 292 -10.22 2.19 14.30
CA ASP C 292 -9.13 1.31 14.73
C ASP C 292 -9.03 1.03 16.23
N GLU C 293 -9.23 2.05 17.06
CA GLU C 293 -9.07 1.83 18.50
C GLU C 293 -10.39 2.28 19.11
N TRP C 294 -10.81 1.58 20.15
CA TRP C 294 -12.13 1.90 20.67
C TRP C 294 -12.20 1.20 22.02
N LYS C 295 -11.94 1.95 23.08
CA LYS C 295 -11.88 1.45 24.44
C LYS C 295 -12.58 2.42 25.39
N PHE C 296 -13.51 1.94 26.22
CA PHE C 296 -14.35 2.69 27.16
C PHE C 296 -14.48 2.03 28.53
N ALA C 297 -14.63 2.81 29.60
CA ALA C 297 -14.63 2.19 30.93
C ALA C 297 -15.85 1.30 31.12
N GLU C 298 -16.90 1.57 30.36
CA GLU C 298 -18.17 0.90 30.60
C GLU C 298 -18.86 0.59 29.28
N PRO C 299 -19.44 -0.63 29.17
CA PRO C 299 -19.79 -1.17 27.86
C PRO C 299 -21.06 -0.57 27.29
N HIS C 300 -21.33 -0.77 26.00
CA HIS C 300 -22.48 -0.13 25.38
C HIS C 300 -22.77 -0.96 24.14
N PRO C 301 -24.05 -1.15 23.80
CA PRO C 301 -24.40 -1.93 22.61
C PRO C 301 -23.64 -1.52 21.35
N ASP C 302 -23.55 -0.22 21.06
CA ASP C 302 -22.71 0.27 19.98
C ASP C 302 -21.33 -0.37 19.87
N ASP C 303 -20.71 -0.71 21.00
CA ASP C 303 -19.49 -1.51 20.96
C ASP C 303 -19.54 -2.64 19.93
N ASP C 304 -20.71 -3.26 19.76
CA ASP C 304 -20.80 -4.33 18.77
C ASP C 304 -21.05 -3.86 17.35
N LYS C 305 -21.05 -2.55 17.09
CA LYS C 305 -21.56 -2.06 15.82
C LYS C 305 -20.44 -1.58 14.89
N ILE C 306 -19.21 -1.82 15.33
CA ILE C 306 -18.05 -1.19 14.72
C ILE C 306 -17.63 -1.70 13.34
N ARG C 307 -17.53 -3.02 13.27
CA ARG C 307 -17.04 -3.62 12.02
C ARG C 307 -18.09 -3.26 10.98
N GLU C 308 -19.35 -3.37 11.38
CA GLU C 308 -20.43 -3.01 10.48
C GLU C 308 -20.35 -1.53 10.13
N ALA C 309 -19.95 -0.64 11.05
CA ALA C 309 -19.93 0.77 10.66
C ALA C 309 -18.78 1.07 9.70
N ASN C 310 -17.64 0.44 9.96
CA ASN C 310 -16.47 0.54 9.09
C ASN C 310 -16.87 0.09 7.69
N TYR C 311 -17.52 -1.06 7.60
CA TYR C 311 -17.74 -1.58 6.26
C TYR C 311 -18.67 -0.63 5.52
N GLU C 312 -19.69 -0.16 6.22
CA GLU C 312 -20.60 0.82 5.64
C GLU C 312 -19.94 2.13 5.23
N THR C 313 -19.16 2.78 6.09
CA THR C 313 -18.62 4.08 5.72
C THR C 313 -17.68 3.93 4.54
N THR C 314 -16.89 2.86 4.60
CA THR C 314 -15.97 2.55 3.52
C THR C 314 -16.65 2.35 2.18
N SER C 315 -17.80 1.66 2.24
CA SER C 315 -18.55 1.38 1.01
C SER C 315 -19.18 2.58 0.30
N VAL C 316 -19.26 3.74 0.96
CA VAL C 316 -19.76 4.91 0.26
C VAL C 316 -18.67 5.97 0.11
N TYR C 317 -17.45 5.57 0.47
CA TYR C 317 -16.27 6.37 0.17
C TYR C 317 -16.32 6.96 -1.24
N GLY C 318 -16.28 8.30 -1.32
CA GLY C 318 -16.36 8.97 -2.61
C GLY C 318 -17.75 9.27 -3.12
N PHE C 319 -18.74 8.57 -2.59
CA PHE C 319 -20.15 8.75 -2.96
C PHE C 319 -20.95 9.09 -1.71
N GLY C 320 -20.58 10.16 -1.02
CA GLY C 320 -21.25 10.46 0.23
C GLY C 320 -22.52 11.28 0.11
N HIS C 321 -22.65 11.95 -1.03
CA HIS C 321 -23.78 12.85 -1.14
C HIS C 321 -25.16 12.21 -0.99
N PRO C 322 -25.34 10.95 -1.44
CA PRO C 322 -26.68 10.38 -1.41
C PRO C 322 -27.29 10.48 -0.01
N LEU C 323 -26.47 10.17 0.99
CA LEU C 323 -26.86 10.29 2.39
C LEU C 323 -27.15 11.71 2.86
N TYR C 324 -26.33 12.66 2.44
CA TYR C 324 -26.59 14.05 2.84
C TYR C 324 -27.95 14.49 2.32
N TYR C 325 -28.32 14.07 1.12
CA TYR C 325 -29.51 14.68 0.53
C TYR C 325 -30.75 14.15 1.22
N ASP C 326 -30.66 12.95 1.79
CA ASP C 326 -31.79 12.45 2.56
C ASP C 326 -32.33 13.50 3.52
N ASN C 327 -31.40 14.09 4.27
CA ASN C 327 -31.69 15.10 5.28
C ASN C 327 -32.23 16.40 4.69
N VAL C 328 -31.63 16.89 3.61
CA VAL C 328 -32.13 18.07 2.91
C VAL C 328 -33.59 17.91 2.48
N ILE C 329 -33.87 16.79 1.83
CA ILE C 329 -35.21 16.49 1.34
C ILE C 329 -36.21 16.43 2.50
N ASN C 330 -35.89 15.66 3.55
CA ASN C 330 -36.65 15.69 4.80
C ASN C 330 -36.90 17.10 5.30
N CYS C 331 -35.84 17.87 5.52
CA CYS C 331 -36.00 19.23 6.00
C CYS C 331 -36.92 20.03 5.08
N LEU C 332 -36.73 19.88 3.78
CA LEU C 332 -37.58 20.64 2.87
C LEU C 332 -39.02 20.15 2.87
N ARG C 333 -39.19 18.86 3.17
CA ARG C 333 -40.54 18.30 3.21
C ARG C 333 -41.22 18.64 4.53
N GLY C 334 -40.51 19.30 5.44
CA GLY C 334 -41.06 19.68 6.73
C GLY C 334 -40.78 18.70 7.85
N ASP C 335 -40.16 17.57 7.53
CA ASP C 335 -39.82 16.48 8.44
C ASP C 335 -38.80 16.83 9.52
N CYS C 336 -37.83 17.68 9.17
CA CYS C 336 -36.63 17.89 9.96
C CYS C 336 -36.16 19.34 10.00
N GLU C 337 -35.18 19.57 10.86
CA GLU C 337 -34.28 20.71 10.72
C GLU C 337 -33.01 20.17 10.09
N PRO C 338 -32.32 20.97 9.25
CA PRO C 338 -31.13 20.49 8.59
C PRO C 338 -30.02 20.09 9.57
N GLU C 339 -29.22 19.09 9.22
CA GLU C 339 -28.03 18.73 9.99
C GLU C 339 -26.90 19.75 9.94
N THR C 340 -26.79 20.47 8.83
CA THR C 340 -25.75 21.47 8.64
C THR C 340 -26.38 22.61 7.83
N ASP C 341 -27.00 23.52 8.56
CA ASP C 341 -27.46 24.80 8.01
C ASP C 341 -26.31 25.81 7.97
N GLY C 342 -26.69 27.03 7.57
CA GLY C 342 -25.76 28.15 7.44
C GLY C 342 -24.87 28.30 8.65
N ARG C 343 -25.44 28.34 9.85
CA ARG C 343 -24.65 28.60 11.06
C ARG C 343 -23.74 27.44 11.44
N GLU C 344 -24.24 26.22 11.27
CA GLU C 344 -23.40 25.03 11.30
C GLU C 344 -22.12 25.24 10.48
N GLY C 345 -22.30 25.82 9.30
CA GLY C 345 -21.25 26.02 8.29
C GLY C 345 -20.33 27.17 8.64
N LEU C 346 -20.85 28.15 9.37
CA LEU C 346 -20.03 29.25 9.87
C LEU C 346 -19.05 28.74 10.93
N GLN C 347 -19.43 27.70 11.66
CA GLN C 347 -18.60 27.22 12.76
C GLN C 347 -17.26 26.81 12.15
N SER C 348 -17.25 26.00 11.10
CA SER C 348 -15.95 25.64 10.54
C SER C 348 -15.34 26.79 9.72
N LEU C 349 -16.16 27.65 9.09
CA LEU C 349 -15.57 28.80 8.40
C LEU C 349 -14.80 29.66 9.39
N ALA C 350 -15.35 29.82 10.59
CA ALA C 350 -14.67 30.57 11.65
C ALA C 350 -13.33 29.99 12.09
N LEU C 351 -13.22 28.68 12.36
CA LEU C 351 -11.92 28.06 12.53
C LEU C 351 -10.95 28.20 11.35
N LEU C 352 -11.43 28.05 10.12
CA LEU C 352 -10.52 28.18 9.00
C LEU C 352 -10.04 29.61 9.04
N THR C 353 -10.95 30.55 9.28
CA THR C 353 -10.53 31.96 9.27
C THR C 353 -9.46 32.16 10.34
N ALA C 354 -9.72 31.61 11.53
CA ALA C 354 -8.80 31.76 12.65
C ALA C 354 -7.44 31.13 12.32
N ILE C 355 -7.49 29.91 11.80
CA ILE C 355 -6.26 29.28 11.31
C ILE C 355 -5.52 30.08 10.23
N TYR C 356 -6.22 30.67 9.26
CA TYR C 356 -5.55 31.45 8.22
C TYR C 356 -5.04 32.78 8.76
N ARG C 357 -5.77 33.43 9.67
CA ARG C 357 -5.22 34.64 10.26
C ARG C 357 -4.04 34.34 11.17
N SER C 358 -4.10 33.21 11.90
CA SER C 358 -2.96 32.88 12.76
C SER C 358 -1.69 32.61 11.97
N ALA C 359 -1.83 31.88 10.86
CA ALA C 359 -0.68 31.54 10.04
C ALA C 359 -0.13 32.83 9.46
N ARG C 360 -1.02 33.74 9.07
CA ARG C 360 -0.45 34.88 8.37
C ARG C 360 0.18 35.82 9.38
N ASP C 361 -0.41 35.92 10.56
CA ASP C 361 0.09 36.95 11.46
C ASP C 361 1.05 36.44 12.52
N GLY C 362 1.08 35.14 12.78
CA GLY C 362 2.08 34.65 13.72
C GLY C 362 1.63 34.88 15.15
N VAL C 363 0.32 34.84 15.43
CA VAL C 363 -0.18 35.07 16.79
C VAL C 363 -1.31 34.08 16.99
N ARG C 364 -1.64 33.77 18.23
CA ARG C 364 -2.81 32.96 18.59
C ARG C 364 -4.04 33.76 18.16
N ILE C 365 -5.01 33.13 17.48
CA ILE C 365 -6.30 33.74 17.14
C ILE C 365 -7.38 33.06 17.99
N PRO C 366 -8.10 33.82 18.84
CA PRO C 366 -9.13 33.23 19.69
C PRO C 366 -10.51 33.36 19.05
N LEU C 367 -11.42 32.46 19.43
CA LEU C 367 -12.83 32.52 19.01
C LEU C 367 -13.75 33.05 20.10
N PRO C 368 -14.95 33.51 19.75
CA PRO C 368 -15.54 33.63 18.43
C PRO C 368 -14.97 34.88 17.79
N LEU C 369 -15.05 35.00 16.47
CA LEU C 369 -14.55 36.15 15.73
C LEU C 369 -15.52 37.33 15.77
N ASP C 370 -14.99 38.54 15.74
CA ASP C 370 -15.84 39.70 15.50
C ASP C 370 -16.60 39.59 14.18
N ASP D 28 44.19 0.64 29.65
CA ASP D 28 44.97 0.97 30.87
C ASP D 28 44.50 0.14 32.05
N ARG D 29 43.18 0.04 32.24
CA ARG D 29 42.51 -0.87 33.16
C ARG D 29 41.01 -0.78 32.87
N LYS D 30 40.17 -1.25 33.77
CA LYS D 30 38.72 -1.12 33.59
C LYS D 30 38.30 0.31 33.95
N ILE D 31 37.25 0.84 33.34
CA ILE D 31 36.73 2.14 33.75
C ILE D 31 35.98 1.94 35.06
N ARG D 32 36.20 2.84 36.02
CA ARG D 32 35.54 2.79 37.33
C ARG D 32 34.33 3.73 37.50
N PHE D 33 33.14 3.16 37.36
CA PHE D 33 31.88 3.90 37.53
C PHE D 33 31.39 4.04 38.96
N GLY D 34 30.99 5.25 39.31
CA GLY D 34 30.15 5.50 40.48
C GLY D 34 28.74 5.97 40.11
N LEU D 35 27.77 5.58 40.92
CA LEU D 35 26.35 5.85 40.68
C LEU D 35 25.78 6.71 41.79
N VAL D 36 25.12 7.81 41.43
CA VAL D 36 24.49 8.71 42.39
C VAL D 36 22.96 8.69 42.29
N GLY D 37 22.28 8.44 43.40
CA GLY D 37 20.85 8.15 43.45
C GLY D 37 20.59 6.71 43.11
N CYS D 38 20.15 5.88 44.05
CA CYS D 38 19.88 4.49 43.67
C CYS D 38 18.41 4.12 43.62
N GLY D 39 17.61 4.93 42.95
CA GLY D 39 16.18 4.67 42.98
C GLY D 39 15.74 3.79 41.83
N ARG D 40 14.52 4.03 41.38
CA ARG D 40 13.97 3.26 40.26
C ARG D 40 14.92 2.99 39.10
N ILE D 41 15.56 4.01 38.53
CA ILE D 41 16.26 3.75 37.28
C ILE D 41 17.65 3.17 37.53
N SER D 42 18.15 3.29 38.75
CA SER D 42 19.54 2.91 38.95
C SER D 42 19.81 1.46 38.56
N LYS D 43 18.84 0.56 38.70
CA LYS D 43 19.03 -0.84 38.30
C LYS D 43 19.40 -0.95 36.83
N ASN D 44 18.83 -0.08 36.02
CA ASN D 44 19.00 -0.22 34.58
C ASN D 44 20.44 0.13 34.24
N HIS D 45 20.97 1.08 35.02
CA HIS D 45 22.38 1.45 35.00
C HIS D 45 23.31 0.38 35.54
N ILE D 46 23.01 -0.10 36.74
CA ILE D 46 23.65 -1.27 37.33
C ILE D 46 23.69 -2.45 36.35
N GLY D 47 22.54 -3.07 36.13
CA GLY D 47 22.36 -4.02 35.04
C GLY D 47 23.21 -3.61 33.84
N ALA D 48 23.30 -2.31 33.58
CA ALA D 48 23.89 -1.87 32.32
C ALA D 48 25.42 -1.93 32.31
N ILE D 49 26.04 -1.53 33.41
CA ILE D 49 27.50 -1.66 33.45
C ILE D 49 27.87 -3.12 33.58
N ALA D 50 27.29 -3.80 34.58
CA ALA D 50 27.56 -5.21 34.81
C ALA D 50 27.62 -5.94 33.47
N GLN D 51 26.70 -5.62 32.56
CA GLN D 51 26.68 -6.25 31.24
C GLN D 51 27.93 -5.99 30.41
N HIS D 52 28.82 -5.14 30.91
CA HIS D 52 30.09 -4.79 30.26
C HIS D 52 31.27 -5.12 31.17
N GLY D 53 31.09 -6.11 32.05
CA GLY D 53 32.00 -6.48 33.12
C GLY D 53 33.49 -6.54 32.84
N ASP D 54 33.85 -6.87 31.60
CA ASP D 54 35.26 -6.92 31.20
C ASP D 54 35.81 -5.59 30.70
N ARG D 55 35.02 -4.52 30.75
CA ARG D 55 35.55 -3.20 30.40
C ARG D 55 35.24 -2.14 31.45
N ALA D 56 34.43 -2.45 32.44
CA ALA D 56 34.27 -1.43 33.49
C ALA D 56 33.64 -2.11 34.69
N GLU D 57 33.58 -1.38 35.80
CA GLU D 57 32.80 -1.86 36.92
C GLU D 57 32.24 -0.73 37.78
N LEU D 58 31.08 -0.99 38.37
CA LEU D 58 30.50 -0.04 39.31
C LEU D 58 31.23 -0.12 40.64
N VAL D 59 31.94 0.95 40.97
CA VAL D 59 32.85 0.93 42.10
C VAL D 59 32.25 1.51 43.37
N GLU D 60 31.28 2.41 43.20
CA GLU D 60 30.69 3.18 44.30
C GLU D 60 29.25 3.60 44.04
N ILE D 61 28.47 3.64 45.11
CA ILE D 61 27.08 4.07 45.09
C ILE D 61 26.84 5.14 46.14
N CYS D 62 26.07 6.14 45.73
CA CYS D 62 25.69 7.28 46.54
C CYS D 62 24.17 7.39 46.65
N ASP D 63 23.60 7.38 47.84
CA ASP D 63 22.18 7.76 47.94
C ASP D 63 21.90 8.39 49.29
N THR D 64 21.03 9.40 49.32
CA THR D 64 20.79 10.01 50.62
C THR D 64 19.67 9.33 51.37
N ASN D 65 19.17 8.20 50.86
CA ASN D 65 18.12 7.51 51.58
C ASN D 65 18.69 6.24 52.16
N PRO D 66 18.89 6.23 53.49
CA PRO D 66 19.57 5.16 54.20
C PRO D 66 19.30 3.79 53.58
N GLU D 67 18.04 3.40 53.39
CA GLU D 67 17.70 2.04 52.95
C GLU D 67 17.77 1.73 51.45
N ALA D 68 17.67 2.76 50.62
CA ALA D 68 17.91 2.58 49.19
C ALA D 68 19.42 2.39 48.97
N LEU D 69 20.22 3.14 49.71
CA LEU D 69 21.64 2.84 49.87
C LEU D 69 21.86 1.37 50.19
N GLN D 70 21.23 0.90 51.27
CA GLN D 70 21.32 -0.49 51.70
C GLN D 70 21.00 -1.50 50.60
N ALA D 71 19.85 -1.32 49.93
CA ALA D 71 19.41 -2.32 48.98
C ALA D 71 20.39 -2.39 47.81
N ALA D 72 21.12 -1.29 47.62
CA ALA D 72 22.08 -1.15 46.54
C ALA D 72 23.45 -1.75 46.84
N GLU D 73 24.08 -1.35 47.94
CA GLU D 73 25.28 -2.13 48.27
C GLU D 73 24.98 -3.63 48.22
N ALA D 74 23.87 -4.02 48.83
CA ALA D 74 23.46 -5.42 48.85
C ALA D 74 23.51 -5.95 47.42
N ALA D 75 22.79 -5.26 46.54
CA ALA D 75 22.74 -5.67 45.14
C ALA D 75 24.10 -5.72 44.45
N THR D 76 24.97 -4.77 44.78
CA THR D 76 26.17 -4.56 43.98
C THR D 76 27.45 -4.78 44.76
N GLY D 77 27.45 -4.39 46.03
CA GLY D 77 28.63 -4.49 46.88
C GLY D 77 29.64 -3.38 46.69
N ALA D 78 29.34 -2.44 45.81
CA ALA D 78 30.16 -1.26 45.64
C ALA D 78 30.28 -0.53 46.98
N ARG D 79 31.18 0.44 47.10
CA ARG D 79 31.21 1.16 48.37
C ARG D 79 30.11 2.21 48.48
N PRO D 80 29.42 2.24 49.63
CA PRO D 80 28.32 3.16 49.87
C PRO D 80 28.75 4.48 50.50
N PHE D 81 28.09 5.55 50.06
CA PHE D 81 28.21 6.87 50.67
C PHE D 81 26.80 7.44 50.82
N SER D 82 26.62 8.32 51.80
CA SER D 82 25.33 8.89 52.15
C SER D 82 25.33 10.36 51.73
N SER D 83 26.36 10.77 51.02
CA SER D 83 26.28 12.06 50.33
C SER D 83 27.28 12.20 49.19
N LEU D 84 26.87 12.97 48.17
CA LEU D 84 27.72 13.12 46.99
C LEU D 84 29.09 13.64 47.38
N SER D 85 29.17 14.61 48.29
CA SER D 85 30.44 15.20 48.71
C SER D 85 31.41 14.18 49.30
N ASP D 86 30.92 13.34 50.21
CA ASP D 86 31.78 12.31 50.79
C ASP D 86 32.29 11.37 49.70
N MET D 87 31.43 11.02 48.75
CA MET D 87 31.76 10.02 47.74
C MET D 87 32.88 10.58 46.89
N LEU D 88 32.92 11.90 46.82
CA LEU D 88 33.87 12.58 45.94
C LEU D 88 35.20 12.79 46.63
N ALA D 89 35.15 12.95 47.95
CA ALA D 89 36.37 13.20 48.72
C ALA D 89 37.12 11.90 48.98
N GLN D 90 36.40 10.79 49.14
CA GLN D 90 37.05 9.57 49.60
C GLN D 90 36.99 8.50 48.53
N GLY D 91 36.30 8.81 47.44
CA GLY D 91 36.13 7.84 46.37
C GLY D 91 37.03 8.13 45.20
N ASN D 92 37.20 7.13 44.34
CA ASN D 92 38.13 7.25 43.23
C ASN D 92 37.50 6.90 41.88
N ALA D 93 36.21 7.19 41.70
CA ALA D 93 35.51 6.87 40.46
C ALA D 93 35.94 7.77 39.32
N ASP D 94 36.06 7.16 38.14
CA ASP D 94 36.40 7.86 36.90
C ASP D 94 35.25 8.74 36.43
N ALA D 95 34.04 8.24 36.66
CA ALA D 95 32.86 8.83 36.05
C ALA D 95 31.70 8.65 37.01
N LEU D 96 30.91 9.70 37.17
CA LEU D 96 29.78 9.69 38.09
C LEU D 96 28.47 9.77 37.29
N VAL D 97 27.60 8.78 37.48
CA VAL D 97 26.32 8.64 36.83
C VAL D 97 25.27 9.25 37.76
N LEU D 98 24.56 10.28 37.31
CA LEU D 98 23.56 10.92 38.15
C LEU D 98 22.19 10.39 37.78
N ALA D 99 21.60 9.62 38.68
CA ALA D 99 20.27 9.06 38.49
C ALA D 99 19.41 9.59 39.63
N THR D 100 19.57 10.87 39.96
CA THR D 100 18.86 11.53 41.06
C THR D 100 17.70 12.25 40.38
N PRO D 101 16.83 12.94 41.14
CA PRO D 101 15.91 13.93 40.58
C PRO D 101 16.51 14.96 39.62
N SER D 102 15.90 15.08 38.45
CA SER D 102 16.37 15.90 37.34
C SER D 102 16.89 17.29 37.71
N GLY D 103 16.19 18.00 38.58
CA GLY D 103 16.57 19.32 39.08
C GLY D 103 17.90 19.31 39.80
N LEU D 104 18.32 18.14 40.30
CA LEU D 104 19.60 18.00 40.99
C LEU D 104 20.74 17.80 39.99
N HIS D 105 20.45 17.36 38.76
CA HIS D 105 21.52 17.05 37.82
C HIS D 105 22.52 18.18 37.56
N PRO D 106 22.00 19.39 37.33
CA PRO D 106 22.95 20.46 37.02
C PRO D 106 23.96 20.64 38.16
N TRP D 107 23.49 20.63 39.41
CA TRP D 107 24.32 21.02 40.55
C TRP D 107 25.30 19.91 40.93
N GLN D 108 24.76 18.69 40.96
CA GLN D 108 25.62 17.52 41.06
C GLN D 108 26.67 17.56 39.94
N ALA D 109 26.32 17.63 38.67
CA ALA D 109 27.36 17.64 37.64
C ALA D 109 28.44 18.68 37.88
N ILE D 110 28.05 19.86 38.32
CA ILE D 110 29.02 20.92 38.55
C ILE D 110 30.00 20.46 39.63
N GLU D 111 29.50 19.91 40.73
CA GLU D 111 30.36 19.46 41.81
C GLU D 111 31.31 18.34 41.36
N VAL D 112 30.76 17.27 40.80
CA VAL D 112 31.56 16.25 40.12
C VAL D 112 32.63 16.83 39.20
N ALA D 113 32.34 17.81 38.35
CA ALA D 113 33.39 18.33 37.49
C ALA D 113 34.45 19.05 38.29
N GLN D 114 34.01 19.99 39.11
CA GLN D 114 34.89 20.63 40.08
C GLN D 114 35.78 19.63 40.80
N ALA D 115 35.32 18.41 41.04
CA ALA D 115 36.15 17.40 41.69
C ALA D 115 36.83 16.55 40.62
N GLY D 116 36.95 17.13 39.43
CA GLY D 116 37.75 16.46 38.39
C GLY D 116 37.31 15.12 37.82
N ARG D 117 36.07 14.70 38.05
CA ARG D 117 35.65 13.50 37.34
C ARG D 117 34.69 13.79 36.19
N HIS D 118 34.49 12.79 35.32
CA HIS D 118 33.52 12.87 34.25
C HIS D 118 32.10 12.68 34.78
N VAL D 119 31.11 13.16 34.03
CA VAL D 119 29.69 13.06 34.41
C VAL D 119 28.81 12.41 33.35
N VAL D 120 28.03 11.42 33.74
CA VAL D 120 27.03 10.85 32.84
C VAL D 120 25.69 11.22 33.48
N SER D 121 24.98 12.16 32.88
CA SER D 121 23.72 12.59 33.47
C SER D 121 22.55 11.90 32.78
N GLU D 122 21.62 11.43 33.60
CA GLU D 122 20.37 10.90 33.07
C GLU D 122 19.66 12.12 32.47
N LYS D 123 18.77 11.91 31.50
CA LYS D 123 17.87 12.93 30.96
C LYS D 123 16.71 13.26 31.92
N PRO D 124 16.15 14.48 31.82
CA PRO D 124 16.75 15.58 31.07
C PRO D 124 17.96 16.06 31.87
N MET D 125 18.90 16.74 31.23
CA MET D 125 20.09 17.19 31.93
C MET D 125 19.84 18.24 33.02
N ALA D 126 18.75 18.98 32.90
CA ALA D 126 18.50 20.11 33.78
C ALA D 126 17.00 20.30 33.62
N THR D 127 16.35 21.03 34.52
CA THR D 127 14.96 21.38 34.33
C THR D 127 14.88 22.85 33.96
N ARG D 128 16.00 23.58 34.04
CA ARG D 128 15.96 25.00 33.72
C ARG D 128 17.06 25.29 32.71
N TRP D 129 16.75 26.10 31.72
CA TRP D 129 17.69 26.37 30.62
C TRP D 129 19.03 26.83 31.17
N GLU D 130 18.95 27.76 32.10
CA GLU D 130 20.13 28.42 32.62
C GLU D 130 21.00 27.43 33.37
N ASP D 131 20.41 26.49 34.09
CA ASP D 131 21.28 25.55 34.81
C ASP D 131 21.94 24.64 33.78
N GLY D 132 21.17 24.26 32.76
CA GLY D 132 21.68 23.46 31.63
C GLY D 132 22.97 24.07 31.09
N LYS D 133 22.97 25.38 30.84
CA LYS D 133 24.16 26.03 30.30
C LYS D 133 25.30 26.07 31.31
N ARG D 134 24.98 26.36 32.57
CA ARG D 134 26.01 26.36 33.62
C ARG D 134 26.63 24.98 33.78
N MET D 135 25.84 23.91 33.69
CA MET D 135 26.39 22.55 33.73
C MET D 135 27.47 22.31 32.67
N VAL D 136 27.17 22.65 31.41
CA VAL D 136 28.05 22.43 30.25
C VAL D 136 29.32 23.29 30.33
N LYS D 137 29.20 24.54 30.74
CA LYS D 137 30.36 25.39 31.00
C LYS D 137 31.32 24.87 32.06
N ALA D 138 30.77 24.37 33.17
CA ALA D 138 31.64 23.87 34.23
C ALA D 138 32.38 22.60 33.81
N CYS D 139 31.72 21.65 33.16
CA CYS D 139 32.45 20.55 32.55
C CYS D 139 33.51 20.98 31.56
N ASP D 140 33.33 22.12 30.90
CA ASP D 140 34.28 22.56 29.88
C ASP D 140 35.51 23.12 30.56
N GLU D 141 35.24 24.04 31.49
CA GLU D 141 36.30 24.58 32.32
C GLU D 141 37.15 23.46 32.88
N ALA D 142 36.51 22.38 33.31
CA ALA D 142 37.19 21.37 34.10
C ALA D 142 37.86 20.42 33.12
N GLY D 143 37.54 20.55 31.83
CA GLY D 143 38.12 19.59 30.88
C GLY D 143 37.56 18.19 31.01
N VAL D 144 36.35 18.02 31.51
CA VAL D 144 35.79 16.69 31.74
C VAL D 144 34.70 16.40 30.73
N ARG D 145 34.48 15.14 30.40
CA ARG D 145 33.38 14.76 29.53
C ARG D 145 32.05 14.99 30.25
N LEU D 146 31.01 15.32 29.47
CA LEU D 146 29.63 15.42 29.95
C LEU D 146 28.70 14.63 29.03
N PHE D 147 28.35 13.42 29.44
CA PHE D 147 27.38 12.61 28.71
C PHE D 147 25.99 12.90 29.22
N VAL D 148 24.99 12.73 28.36
CA VAL D 148 23.61 12.95 28.78
C VAL D 148 22.92 11.74 28.20
N VAL D 149 22.16 11.05 29.04
CA VAL D 149 21.64 9.76 28.61
C VAL D 149 20.48 9.92 27.64
N LYS D 150 20.70 9.58 26.38
CA LYS D 150 19.61 9.46 25.41
C LYS D 150 19.68 8.08 24.74
N GLN D 151 19.26 7.04 25.45
CA GLN D 151 19.34 5.67 24.94
C GLN D 151 18.51 5.49 23.68
N ASN D 152 17.43 6.25 23.54
CA ASN D 152 16.54 5.98 22.41
C ASN D 152 17.23 6.18 21.07
N ARG D 153 18.36 6.87 21.05
CA ARG D 153 19.03 7.14 19.77
C ARG D 153 19.67 5.87 19.23
N ARG D 154 19.86 4.88 20.10
CA ARG D 154 20.44 3.62 19.64
C ARG D 154 19.35 2.74 19.03
N ASN D 155 18.09 2.93 19.39
CA ASN D 155 17.08 2.04 18.84
C ASN D 155 17.38 1.79 17.38
N ALA D 156 17.57 0.53 17.00
CA ALA D 156 17.76 0.18 15.60
C ALA D 156 16.77 0.86 14.65
N THR D 157 15.50 0.90 15.04
CA THR D 157 14.51 1.46 14.14
C THR D 157 14.67 2.95 13.82
N LEU D 158 14.87 3.74 14.87
CA LEU D 158 15.19 5.16 14.71
C LEU D 158 16.46 5.31 13.88
N GLN D 159 17.43 4.44 14.12
CA GLN D 159 18.69 4.46 13.39
C GLN D 159 18.49 4.30 11.90
N LEU D 160 17.66 3.35 11.53
CA LEU D 160 17.22 3.22 10.14
C LEU D 160 16.54 4.49 9.60
N VAL D 161 15.80 5.20 10.44
CA VAL D 161 15.18 6.43 9.95
C VAL D 161 16.21 7.53 9.73
N LYS D 162 17.11 7.65 10.70
CA LYS D 162 18.16 8.64 10.65
C LYS D 162 18.95 8.48 9.35
N LYS D 163 19.41 7.28 9.05
CA LYS D 163 20.19 7.12 7.82
C LYS D 163 19.40 7.54 6.59
N ALA D 164 18.13 7.15 6.48
CA ALA D 164 17.35 7.54 5.32
C ALA D 164 17.28 9.05 5.10
N ILE D 165 17.19 9.73 6.23
CA ILE D 165 17.13 11.19 6.15
C ILE D 165 18.47 11.72 5.69
N GLU D 166 19.55 11.19 6.27
CA GLU D 166 20.89 11.69 5.96
C GLU D 166 21.28 11.38 4.52
N GLN D 167 20.90 10.20 4.04
CA GLN D 167 21.07 9.78 2.66
C GLN D 167 20.24 10.61 1.67
N GLY D 168 19.36 11.48 2.15
CA GLY D 168 18.55 12.29 1.25
C GLY D 168 17.34 11.63 0.61
N ARG D 169 16.96 10.46 1.11
CA ARG D 169 15.94 9.62 0.47
C ARG D 169 14.56 10.27 0.55
N PHE D 170 14.36 11.26 1.42
CA PHE D 170 13.02 11.86 1.55
C PHE D 170 12.93 13.01 0.55
N GLY D 171 14.07 13.53 0.10
CA GLY D 171 13.96 14.76 -0.70
C GLY D 171 13.41 15.78 0.29
N ARG D 172 12.77 16.86 -0.15
CA ARG D 172 12.35 17.87 0.82
C ARG D 172 11.40 17.36 1.90
N ILE D 173 11.64 17.59 3.18
CA ILE D 173 10.77 17.06 4.23
C ILE D 173 9.66 18.07 4.50
N TYR D 174 8.41 17.65 4.62
CA TYR D 174 7.31 18.62 4.62
C TYR D 174 6.56 18.69 5.94
N MET D 175 6.29 17.53 6.51
CA MET D 175 5.31 17.40 7.58
C MET D 175 5.80 16.30 8.50
N VAL D 176 5.72 16.56 9.81
CA VAL D 176 6.17 15.65 10.85
C VAL D 176 5.20 15.63 12.02
N THR D 177 4.77 14.44 12.46
CA THR D 177 3.89 14.39 13.62
C THR D 177 4.41 13.37 14.61
N VAL D 178 4.53 13.76 15.87
CA VAL D 178 4.93 12.86 16.94
C VAL D 178 3.80 12.77 17.96
N ASN D 179 3.40 11.54 18.29
CA ASN D 179 2.42 11.31 19.33
C ASN D 179 2.90 10.49 20.51
N VAL D 180 2.73 11.01 21.72
CA VAL D 180 3.10 10.27 22.91
C VAL D 180 1.87 10.12 23.80
N PHE D 181 1.17 9.01 23.65
CA PHE D 181 -0.13 8.87 24.29
C PHE D 181 0.04 7.73 25.30
N TRP D 182 0.39 8.10 26.54
CA TRP D 182 0.81 7.17 27.57
C TRP D 182 -0.12 7.33 28.78
N THR D 183 0.17 6.58 29.83
CA THR D 183 -0.63 6.56 31.06
C THR D 183 0.25 6.58 32.29
N ARG D 184 0.05 7.62 33.10
CA ARG D 184 0.69 7.70 34.40
C ARG D 184 -0.39 8.00 35.44
N PRO D 185 -0.62 7.11 36.41
CA PRO D 185 -1.70 7.48 37.32
C PRO D 185 -1.24 8.34 38.50
N GLN D 186 -2.18 8.96 39.22
CA GLN D 186 -1.78 9.81 40.35
C GLN D 186 -0.81 9.13 41.30
N GLU D 187 -0.84 7.80 41.38
CA GLU D 187 0.01 7.06 42.30
C GLU D 187 1.45 7.02 41.79
N TYR D 188 1.66 6.94 40.48
CA TYR D 188 3.00 7.15 39.95
C TYR D 188 3.58 8.44 40.50
N TYR D 189 2.83 9.54 40.50
CA TYR D 189 3.38 10.82 40.95
C TYR D 189 3.59 10.94 42.45
N ASP D 190 2.72 10.25 43.20
CA ASP D 190 2.71 10.19 44.66
C ASP D 190 3.91 9.42 45.22
N ALA D 191 4.46 8.53 44.40
CA ALA D 191 5.69 7.81 44.74
C ALA D 191 6.87 8.60 45.27
N ALA D 192 7.05 9.89 44.94
CA ALA D 192 8.06 10.67 45.64
C ALA D 192 7.77 12.16 45.49
N ARG D 193 8.14 12.93 46.50
CA ARG D 193 7.76 14.34 46.52
C ARG D 193 8.21 15.07 45.25
N TRP D 194 9.24 14.58 44.58
CA TRP D 194 9.87 15.38 43.53
C TRP D 194 9.08 15.34 42.23
N ARG D 195 8.25 14.32 42.03
CA ARG D 195 7.68 14.03 40.71
C ARG D 195 6.68 15.10 40.29
N GLY D 196 6.67 15.49 39.02
CA GLY D 196 5.64 16.48 38.67
C GLY D 196 5.92 17.88 39.18
N LYS D 197 7.00 18.11 39.91
CA LYS D 197 7.23 19.52 40.24
C LYS D 197 8.06 20.25 39.17
N TRP D 198 7.85 21.55 38.95
CA TRP D 198 8.62 22.33 37.99
C TRP D 198 10.11 22.27 38.31
N GLU D 199 10.47 22.57 39.55
CA GLU D 199 11.88 22.69 39.86
C GLU D 199 12.61 21.36 39.67
N TRP D 200 11.96 20.24 39.93
CA TRP D 200 12.71 18.99 40.08
C TRP D 200 12.50 18.02 38.93
N ASP D 201 11.39 18.16 38.21
CA ASP D 201 10.92 17.14 37.29
C ASP D 201 10.42 17.77 35.99
N GLY D 202 9.54 18.75 36.12
CA GLY D 202 8.77 19.21 34.96
C GLY D 202 7.69 18.20 34.62
N GLY D 203 7.03 18.40 33.48
CA GLY D 203 5.79 17.65 33.29
C GLY D 203 5.93 16.56 32.23
N ALA D 204 4.79 16.10 31.74
CA ALA D 204 4.76 15.12 30.67
C ALA D 204 5.79 15.41 29.57
N PHE D 205 6.05 16.65 29.19
CA PHE D 205 7.00 16.92 28.11
C PHE D 205 8.47 16.74 28.50
N MET D 206 8.79 17.21 29.70
CA MET D 206 10.19 17.35 30.05
C MET D 206 10.68 16.07 30.73
N ASN D 207 9.74 15.23 31.13
CA ASN D 207 10.13 13.94 31.73
C ASN D 207 9.80 12.82 30.75
N GLN D 208 8.52 12.52 30.59
CA GLN D 208 8.15 11.32 29.85
C GLN D 208 8.45 11.41 28.36
N ALA D 209 8.03 12.50 27.71
CA ALA D 209 8.21 12.60 26.28
C ALA D 209 9.55 13.21 25.88
N SER D 210 10.43 13.51 26.83
CA SER D 210 11.67 14.16 26.41
C SER D 210 12.46 13.37 25.37
N HIS D 211 12.39 12.04 25.40
CA HIS D 211 13.08 11.25 24.38
C HIS D 211 12.46 11.54 23.02
N TYR D 212 11.15 11.80 23.03
CA TYR D 212 10.43 12.14 21.82
C TYR D 212 10.70 13.60 21.39
N VAL D 213 10.68 14.56 22.30
CA VAL D 213 11.14 15.89 21.92
C VAL D 213 12.54 15.92 21.30
N ASP D 214 13.47 15.18 21.87
CA ASP D 214 14.80 14.88 21.30
C ASP D 214 14.76 14.49 19.83
N LEU D 215 13.75 13.74 19.39
CA LEU D 215 13.67 13.39 17.97
C LEU D 215 13.53 14.52 16.94
N LEU D 216 12.84 15.59 17.32
CA LEU D 216 12.46 16.66 16.40
C LEU D 216 13.75 17.25 15.83
N ASP D 217 14.63 17.63 16.74
CA ASP D 217 15.95 18.11 16.36
C ASP D 217 16.82 16.97 15.82
N TRP D 218 16.93 15.86 16.53
CA TRP D 218 17.90 14.84 16.13
C TRP D 218 17.63 14.15 14.81
N LEU D 219 16.43 13.63 14.58
CA LEU D 219 16.10 13.15 13.24
C LEU D 219 15.94 14.20 12.16
N VAL D 220 15.15 15.24 12.42
CA VAL D 220 14.65 16.01 11.29
C VAL D 220 15.48 17.27 11.07
N GLY D 221 16.14 17.78 12.10
CA GLY D 221 17.03 18.93 11.92
C GLY D 221 16.66 20.14 12.78
N PRO D 222 17.32 21.29 12.53
CA PRO D 222 17.09 22.34 13.52
C PRO D 222 15.70 22.99 13.55
N VAL D 223 15.13 23.20 14.73
CA VAL D 223 13.76 23.72 14.81
C VAL D 223 13.80 25.24 14.85
N GLU D 224 12.96 25.90 14.06
CA GLU D 224 13.01 27.36 14.04
C GLU D 224 12.22 28.06 15.16
N SER D 225 11.03 27.53 15.44
CA SER D 225 10.20 28.05 16.52
C SER D 225 9.09 27.06 16.84
N VAL D 226 8.44 27.26 17.98
CA VAL D 226 7.32 26.44 18.43
C VAL D 226 6.18 27.32 18.95
N TYR D 227 4.99 26.74 18.99
CA TYR D 227 3.84 27.29 19.71
C TYR D 227 3.19 26.13 20.45
N ALA D 228 2.96 26.28 21.76
CA ALA D 228 2.46 25.16 22.56
C ALA D 228 1.29 25.61 23.45
N TYR D 229 0.43 24.66 23.77
CA TYR D 229 -0.52 24.77 24.87
C TYR D 229 -0.24 23.54 25.75
N THR D 230 -0.33 23.72 27.05
CA THR D 230 -0.22 22.56 27.93
C THR D 230 -1.15 22.84 29.11
N ALA D 231 -1.49 21.81 29.90
CA ALA D 231 -2.30 22.11 31.06
C ALA D 231 -2.17 20.94 32.02
N THR D 232 -2.44 21.24 33.29
CA THR D 232 -2.68 20.19 34.27
C THR D 232 -4.18 19.89 34.28
N LEU D 233 -4.59 18.95 33.44
CA LEU D 233 -6.00 18.61 33.31
C LEU D 233 -6.53 17.59 34.31
N ALA D 234 -5.72 16.71 34.88
CA ALA D 234 -6.30 15.72 35.78
C ALA D 234 -5.42 15.38 36.99
N ARG D 235 -4.10 15.52 36.86
CA ARG D 235 -3.21 15.10 37.94
C ARG D 235 -3.05 16.12 39.06
N ARG D 236 -2.82 15.67 40.29
CA ARG D 236 -2.40 16.61 41.33
C ARG D 236 -0.88 16.76 41.21
N ILE D 237 -0.44 17.54 40.24
CA ILE D 237 0.95 18.00 40.16
C ILE D 237 1.01 19.48 39.78
N GLU D 238 2.21 20.05 39.78
CA GLU D 238 2.43 21.44 39.38
C GLU D 238 2.52 21.67 37.88
N ALA D 239 3.15 20.74 37.17
CA ALA D 239 3.46 20.88 35.76
C ALA D 239 2.34 20.22 34.95
N GLU D 240 2.41 20.31 33.62
CA GLU D 240 1.36 19.78 32.75
C GLU D 240 1.34 18.28 32.66
N ASP D 241 0.20 17.69 32.33
CA ASP D 241 0.06 16.25 32.14
C ASP D 241 -0.36 16.00 30.69
N THR D 242 -0.56 17.08 29.96
CA THR D 242 -1.15 17.05 28.61
C THR D 242 -0.71 18.33 27.90
N GLY D 243 -0.46 18.24 26.60
CA GLY D 243 -0.08 19.43 25.86
C GLY D 243 0.23 19.04 24.43
N VAL D 244 0.40 20.10 23.65
CA VAL D 244 0.55 20.06 22.20
C VAL D 244 1.51 21.18 21.82
N ALA D 245 2.47 20.85 20.97
CA ALA D 245 3.21 21.93 20.33
C ALA D 245 3.21 21.87 18.80
N ALA D 246 2.94 23.01 18.18
CA ALA D 246 3.08 23.13 16.74
C ALA D 246 4.54 23.54 16.56
N LEU D 247 5.17 23.17 15.44
CA LEU D 247 6.61 23.29 15.22
C LEU D 247 6.78 23.79 13.80
N ARG D 248 7.83 24.56 13.59
CA ARG D 248 8.28 24.90 12.25
CA ARG D 248 8.28 24.89 12.24
C ARG D 248 9.80 24.72 12.25
N TRP D 249 10.30 23.96 11.28
CA TRP D 249 11.71 23.64 11.13
C TRP D 249 12.36 24.73 10.29
N ARG D 250 13.66 24.92 10.52
CA ARG D 250 14.35 25.90 9.69
C ARG D 250 14.32 25.59 8.19
N HIS D 251 14.31 24.31 7.84
CA HIS D 251 14.35 23.99 6.41
C HIS D 251 12.92 24.04 5.91
N GLY D 252 11.94 24.34 6.76
CA GLY D 252 10.62 24.66 6.23
C GLY D 252 9.52 23.66 6.52
N ALA D 253 9.81 22.44 6.95
CA ALA D 253 8.78 21.50 7.40
C ALA D 253 7.98 22.02 8.59
N MET D 254 6.78 21.49 8.75
CA MET D 254 5.96 21.82 9.89
C MET D 254 5.50 20.52 10.56
N GLY D 255 4.95 20.63 11.76
CA GLY D 255 4.66 19.40 12.50
C GLY D 255 4.04 19.64 13.86
N SER D 256 3.80 18.57 14.60
CA SER D 256 3.29 18.81 15.94
C SER D 256 3.75 17.65 16.80
N ILE D 257 3.75 17.85 18.12
CA ILE D 257 4.06 16.81 19.09
C ILE D 257 2.91 16.91 20.09
N ASN D 258 2.17 15.80 20.21
CA ASN D 258 0.97 15.73 21.02
C ASN D 258 1.19 14.79 22.20
N VAL D 259 1.11 15.26 23.45
CA VAL D 259 1.60 14.47 24.58
C VAL D 259 0.54 14.47 25.67
N THR D 260 0.13 13.28 26.06
CA THR D 260 -0.64 13.17 27.29
C THR D 260 -0.24 12.00 28.17
N MET D 261 -0.32 12.19 29.49
CA MET D 261 -0.13 11.08 30.39
C MET D 261 -1.44 10.51 30.93
N LEU D 262 -2.53 10.84 30.26
CA LEU D 262 -3.88 10.62 30.80
C LEU D 262 -4.61 9.56 29.99
N THR D 263 -3.87 8.65 29.37
CA THR D 263 -4.50 7.86 28.32
C THR D 263 -5.21 6.64 28.94
N TYR D 264 -6.44 6.41 28.54
CA TYR D 264 -7.23 5.32 29.06
C TYR D 264 -7.01 4.09 28.16
N PRO D 265 -6.67 2.95 28.78
CA PRO D 265 -6.42 2.71 30.20
C PRO D 265 -4.94 2.44 30.39
N GLN D 266 -4.15 2.42 29.33
CA GLN D 266 -2.70 2.32 29.42
C GLN D 266 -2.06 2.83 28.13
N ASN D 267 -0.72 2.86 28.12
CA ASN D 267 0.02 3.44 27.01
C ASN D 267 -0.64 2.99 25.73
N LEU D 268 -0.89 3.93 24.83
CA LEU D 268 -1.45 3.53 23.54
C LEU D 268 -0.47 3.73 22.38
N GLU D 269 0.55 4.58 22.50
CA GLU D 269 1.24 5.03 21.30
C GLU D 269 2.37 5.99 21.63
N GLY D 270 3.46 5.81 20.89
CA GLY D 270 4.64 6.66 20.90
C GLY D 270 5.14 6.59 19.47
N SER D 271 4.79 7.57 18.64
CA SER D 271 4.99 7.44 17.20
C SER D 271 5.63 8.65 16.53
N ILE D 272 6.17 8.45 15.33
CA ILE D 272 6.74 9.55 14.56
C ILE D 272 6.39 9.16 13.13
N THR D 273 5.66 10.07 12.48
CA THR D 273 5.32 10.01 11.07
C THR D 273 6.18 11.13 10.48
N ILE D 274 6.86 10.87 9.37
CA ILE D 274 7.59 11.89 8.63
C ILE D 274 7.18 11.81 7.15
N LEU D 275 6.62 12.88 6.58
CA LEU D 275 6.35 12.90 5.15
C LEU D 275 7.19 13.91 4.41
N GLY D 276 7.74 13.50 3.26
CA GLY D 276 8.63 14.32 2.45
C GLY D 276 8.33 14.16 0.98
N GLU D 277 8.94 15.01 0.17
CA GLU D 277 8.81 14.94 -1.28
C GLU D 277 8.90 13.52 -1.86
N LYS D 278 9.81 12.64 -1.46
CA LYS D 278 9.74 11.30 -2.03
C LYS D 278 9.94 10.14 -1.06
N GLY D 279 9.39 10.35 0.13
CA GLY D 279 9.31 9.29 1.12
C GLY D 279 8.26 9.65 2.15
N THR D 280 7.82 8.62 2.87
CA THR D 280 6.69 8.60 3.78
C THR D 280 7.03 7.46 4.75
N VAL D 281 7.35 7.80 5.99
CA VAL D 281 7.60 6.77 6.98
C VAL D 281 6.73 7.02 8.21
N ARG D 282 6.24 5.93 8.80
CA ARG D 282 5.61 6.07 10.10
C ARG D 282 6.21 4.98 10.95
N VAL D 283 6.81 5.37 12.08
CA VAL D 283 7.17 4.42 13.11
C VAL D 283 6.24 4.49 14.33
N GLY D 284 5.47 3.41 14.49
CA GLY D 284 4.56 3.23 15.62
C GLY D 284 4.91 2.31 16.77
N GLY D 285 3.90 1.67 17.33
CA GLY D 285 4.04 0.93 18.58
C GLY D 285 3.77 1.88 19.74
N VAL D 286 3.99 1.40 20.96
CA VAL D 286 3.94 2.24 22.15
C VAL D 286 5.20 3.06 22.39
N ALA D 287 6.27 2.76 21.65
CA ALA D 287 7.52 3.44 21.91
C ALA D 287 8.47 3.37 20.71
N VAL D 288 7.98 3.86 19.59
CA VAL D 288 8.74 3.97 18.35
C VAL D 288 9.50 2.68 18.07
N ASN D 289 8.85 1.55 18.31
CA ASN D 289 9.48 0.23 18.23
C ASN D 289 8.90 -0.61 17.09
N ARG D 290 8.27 0.04 16.10
CA ARG D 290 7.60 -0.73 15.06
C ARG D 290 7.36 0.05 13.77
N ILE D 291 8.04 -0.27 12.67
CA ILE D 291 7.75 0.42 11.41
C ILE D 291 6.38 0.10 10.83
N ASP D 292 5.54 1.10 10.56
CA ASP D 292 4.19 0.86 10.06
C ASP D 292 4.05 1.18 8.58
N GLU D 293 4.80 2.19 8.15
CA GLU D 293 4.81 2.63 6.76
C GLU D 293 6.28 2.88 6.44
N TRP D 294 6.67 2.65 5.19
CA TRP D 294 8.03 2.89 4.73
C TRP D 294 8.01 2.88 3.21
N LYS D 295 7.78 4.03 2.59
CA LYS D 295 7.73 4.16 1.15
C LYS D 295 8.74 5.20 0.67
N PHE D 296 9.62 4.84 -0.26
CA PHE D 296 10.46 5.83 -0.93
C PHE D 296 10.44 5.64 -2.45
N ALA D 297 10.47 6.73 -3.23
CA ALA D 297 10.64 6.64 -4.68
C ALA D 297 11.79 5.76 -5.18
N GLU D 298 12.95 5.77 -4.51
CA GLU D 298 14.07 4.90 -4.88
C GLU D 298 14.30 3.82 -3.82
N PRO D 299 14.59 2.58 -4.24
CA PRO D 299 14.81 1.49 -3.30
C PRO D 299 16.27 1.52 -2.86
N HIS D 300 16.59 0.82 -1.78
CA HIS D 300 17.92 0.92 -1.18
C HIS D 300 17.99 -0.34 -0.30
N PRO D 301 19.19 -0.92 -0.14
CA PRO D 301 19.49 -2.02 0.76
C PRO D 301 18.82 -2.03 2.14
N ASP D 302 18.61 -0.86 2.73
CA ASP D 302 18.00 -0.85 4.06
C ASP D 302 16.51 -1.20 4.01
N ASP D 303 15.92 -1.00 2.84
CA ASP D 303 14.51 -1.36 2.64
C ASP D 303 14.22 -2.78 3.11
N ASP D 304 15.24 -3.57 3.45
CA ASP D 304 15.01 -4.95 3.87
C ASP D 304 15.16 -5.15 5.37
N LYS D 305 16.05 -4.35 5.95
CA LYS D 305 16.38 -4.38 7.36
C LYS D 305 15.29 -3.80 8.27
N ILE D 306 14.13 -3.50 7.69
CA ILE D 306 12.99 -2.90 8.40
C ILE D 306 12.52 -3.89 9.46
N ARG D 307 12.00 -5.00 8.96
CA ARG D 307 11.62 -6.18 9.73
C ARG D 307 12.65 -6.51 10.80
N GLU D 308 13.85 -6.93 10.38
CA GLU D 308 14.95 -7.15 11.30
C GLU D 308 14.99 -6.12 12.43
N ALA D 309 15.17 -4.86 12.03
CA ALA D 309 15.26 -3.70 12.91
C ALA D 309 14.26 -3.62 14.07
N ASN D 310 12.97 -3.70 13.76
CA ASN D 310 11.94 -3.78 14.78
C ASN D 310 12.17 -4.87 15.83
N TYR D 311 12.77 -5.98 15.42
CA TYR D 311 13.01 -7.12 16.30
C TYR D 311 13.81 -6.74 17.53
N GLU D 312 14.92 -6.06 17.29
CA GLU D 312 16.00 -5.80 18.24
C GLU D 312 15.85 -4.42 18.88
N THR D 313 14.69 -3.84 18.64
CA THR D 313 14.37 -2.49 19.10
C THR D 313 13.23 -2.61 20.12
N THR D 314 12.24 -3.45 19.87
CA THR D 314 11.38 -3.89 20.96
C THR D 314 12.13 -4.62 22.08
N SER D 315 13.01 -5.56 21.73
CA SER D 315 13.56 -6.48 22.73
C SER D 315 14.37 -5.81 23.84
N VAL D 316 14.90 -4.62 23.57
CA VAL D 316 15.50 -3.74 24.57
C VAL D 316 14.51 -2.69 25.08
N TYR D 317 13.23 -3.06 25.11
CA TYR D 317 12.19 -2.24 25.73
C TYR D 317 12.29 -2.42 27.24
N GLY D 318 12.43 -1.31 27.96
CA GLY D 318 12.48 -1.38 29.41
C GLY D 318 13.91 -1.31 29.89
N PHE D 319 14.86 -1.61 29.00
CA PHE D 319 16.31 -1.51 29.23
C PHE D 319 17.08 -1.13 27.95
N GLY D 320 17.25 0.15 27.61
CA GLY D 320 18.08 0.56 26.47
C GLY D 320 19.45 1.07 26.87
N HIS D 321 19.71 0.98 28.17
CA HIS D 321 20.98 1.47 28.70
C HIS D 321 22.25 0.75 28.27
N PRO D 322 22.24 -0.60 28.22
CA PRO D 322 23.51 -1.27 27.97
C PRO D 322 24.19 -0.74 26.71
N LEU D 323 23.42 -0.63 25.63
CA LEU D 323 23.94 -0.08 24.39
C LEU D 323 24.59 1.29 24.55
N TYR D 324 24.03 2.09 25.44
CA TYR D 324 24.37 3.51 25.48
C TYR D 324 25.69 3.58 26.21
N TYR D 325 25.83 2.68 27.18
CA TYR D 325 27.07 2.53 27.93
C TYR D 325 28.20 2.02 27.05
N ASP D 326 27.85 1.23 26.04
CA ASP D 326 28.87 0.88 25.07
C ASP D 326 29.57 2.12 24.51
N ASN D 327 28.76 3.05 24.03
CA ASN D 327 29.32 4.28 23.46
C ASN D 327 30.02 5.13 24.52
N VAL D 328 29.52 5.15 25.74
CA VAL D 328 30.23 5.90 26.79
C VAL D 328 31.59 5.28 27.07
N ILE D 329 31.59 3.95 27.14
CA ILE D 329 32.80 3.20 27.42
C ILE D 329 33.85 3.48 26.35
N ASN D 330 33.47 3.28 25.09
CA ASN D 330 34.44 3.47 24.01
C ASN D 330 35.06 4.86 24.08
N CYS D 331 34.26 5.84 24.45
CA CYS D 331 34.72 7.23 24.40
C CYS D 331 35.67 7.55 25.55
N LEU D 332 35.45 6.95 26.71
CA LEU D 332 36.34 7.20 27.84
C LEU D 332 37.70 6.54 27.65
N ARG D 333 37.72 5.53 26.77
CA ARG D 333 38.93 4.84 26.37
C ARG D 333 39.54 5.47 25.13
N GLY D 334 39.34 6.77 24.93
CA GLY D 334 39.97 7.50 23.85
C GLY D 334 39.50 7.17 22.43
N ASP D 335 38.58 6.22 22.28
CA ASP D 335 38.15 5.76 20.96
C ASP D 335 37.17 6.66 20.21
N CYS D 336 36.00 6.86 20.81
CA CYS D 336 34.86 7.39 20.06
C CYS D 336 34.58 8.85 20.38
N GLU D 337 33.46 9.33 19.84
CA GLU D 337 32.87 10.58 20.31
C GLU D 337 31.67 10.36 21.23
N PRO D 338 31.36 11.36 22.06
CA PRO D 338 30.21 11.28 22.96
C PRO D 338 28.92 11.43 22.16
N GLU D 339 28.51 10.38 21.47
CA GLU D 339 27.36 10.50 20.58
C GLU D 339 26.29 11.39 21.22
N THR D 340 26.17 11.40 22.54
CA THR D 340 25.23 12.34 23.13
C THR D 340 25.91 13.07 24.27
N ASP D 341 26.62 14.16 23.94
CA ASP D 341 27.34 14.88 24.96
C ASP D 341 26.38 15.96 25.43
N GLY D 342 26.94 16.84 26.26
CA GLY D 342 26.23 17.91 26.94
C GLY D 342 25.55 18.91 26.03
N ARG D 343 26.25 19.30 24.97
CA ARG D 343 25.72 20.26 24.01
C ARG D 343 24.63 19.57 23.21
N GLU D 344 24.77 18.28 22.95
CA GLU D 344 23.61 17.62 22.33
C GLU D 344 22.44 17.56 23.32
N GLY D 345 22.74 17.64 24.63
CA GLY D 345 21.69 17.60 25.64
C GLY D 345 21.04 18.97 25.71
N LEU D 346 21.80 20.03 25.46
CA LEU D 346 21.24 21.38 25.37
C LEU D 346 20.18 21.58 24.28
N GLN D 347 20.16 20.73 23.27
CA GLN D 347 19.39 20.97 22.06
C GLN D 347 17.96 20.66 22.44
N SER D 348 17.75 19.54 23.11
CA SER D 348 16.39 19.24 23.54
C SER D 348 16.03 20.10 24.74
N LEU D 349 16.99 20.50 25.58
CA LEU D 349 16.61 21.34 26.72
C LEU D 349 16.05 22.66 26.19
N ALA D 350 16.66 23.18 25.12
CA ALA D 350 16.26 24.44 24.47
C ALA D 350 14.83 24.30 23.93
N LEU D 351 14.56 23.22 23.21
CA LEU D 351 13.24 22.94 22.68
C LEU D 351 12.18 22.87 23.78
N LEU D 352 12.44 22.07 24.82
CA LEU D 352 11.60 21.98 26.00
C LEU D 352 11.33 23.36 26.63
N THR D 353 12.36 24.21 26.72
CA THR D 353 12.24 25.51 27.38
C THR D 353 11.30 26.40 26.55
N ALA D 354 11.46 26.35 25.24
CA ALA D 354 10.65 27.09 24.28
C ALA D 354 9.23 26.55 24.29
N ILE D 355 9.06 25.24 24.41
CA ILE D 355 7.71 24.74 24.58
C ILE D 355 7.12 25.30 25.87
N TYR D 356 7.83 25.20 26.99
CA TYR D 356 7.28 25.66 28.26
C TYR D 356 7.07 27.17 28.29
N ARG D 357 7.93 27.95 27.64
CA ARG D 357 7.79 29.40 27.64
C ARG D 357 6.55 29.74 26.85
N SER D 358 6.32 28.95 25.80
CA SER D 358 5.26 29.27 24.87
C SER D 358 3.93 28.93 25.54
N ALA D 359 3.77 27.70 26.04
CA ALA D 359 2.60 27.30 26.80
C ALA D 359 2.30 28.31 27.91
N ARG D 360 3.34 28.72 28.64
CA ARG D 360 3.11 29.74 29.66
C ARG D 360 2.68 31.06 29.06
N ASP D 361 3.35 31.55 28.01
CA ASP D 361 3.15 32.95 27.66
C ASP D 361 2.08 33.20 26.61
N GLY D 362 1.65 32.18 25.88
CA GLY D 362 0.68 32.41 24.79
C GLY D 362 1.26 33.09 23.56
N VAL D 363 2.56 32.96 23.33
CA VAL D 363 3.24 33.42 22.10
C VAL D 363 4.16 32.38 21.44
N ARG D 364 4.45 32.58 20.16
CA ARG D 364 5.40 31.73 19.47
C ARG D 364 6.76 32.07 20.08
N ILE D 365 7.58 31.07 20.34
CA ILE D 365 8.90 31.27 20.93
C ILE D 365 9.97 30.81 19.94
N PRO D 366 10.83 31.71 19.42
CA PRO D 366 11.75 31.27 18.37
C PRO D 366 13.09 30.74 18.93
N LEU D 367 13.80 29.79 18.31
CA LEU D 367 15.17 29.41 18.67
C LEU D 367 16.20 30.14 17.82
N PRO D 368 17.49 30.21 18.22
CA PRO D 368 18.03 29.72 19.47
C PRO D 368 17.62 30.67 20.60
N LEU D 369 17.60 30.17 21.84
CA LEU D 369 17.28 30.95 23.02
C LEU D 369 18.40 31.91 23.37
N ASP D 370 18.04 33.08 23.91
CA ASP D 370 18.96 33.96 24.64
C ASP D 370 19.55 33.16 25.79
N ARG E 29 39.28 65.82 64.32
CA ARG E 29 40.16 66.35 63.25
C ARG E 29 39.39 66.93 62.07
N LYS E 30 40.09 67.34 61.02
CA LYS E 30 39.47 67.79 59.79
C LYS E 30 39.16 66.61 58.85
N ILE E 31 38.29 66.82 57.87
CA ILE E 31 38.01 65.77 56.89
C ILE E 31 38.98 65.78 55.71
N ARG E 32 39.66 64.65 55.53
CA ARG E 32 40.54 64.49 54.38
C ARG E 32 39.90 63.97 53.08
N PHE E 33 39.79 64.93 52.17
CA PHE E 33 39.19 64.76 50.84
C PHE E 33 40.28 64.54 49.81
N GLY E 34 40.02 63.64 48.86
CA GLY E 34 40.71 63.69 47.57
C GLY E 34 39.83 64.07 46.40
N LEU E 35 40.44 64.66 45.37
CA LEU E 35 39.75 64.93 44.12
C LEU E 35 40.26 63.89 43.13
N VAL E 36 39.34 63.28 42.39
CA VAL E 36 39.72 62.48 41.22
C VAL E 36 39.25 63.32 40.04
N GLY E 37 40.08 63.47 39.01
CA GLY E 37 39.73 64.34 37.89
C GLY E 37 39.89 65.83 38.16
N CYS E 38 40.75 66.49 37.38
CA CYS E 38 41.10 67.87 37.63
C CYS E 38 40.83 68.73 36.41
N GLY E 39 39.60 68.71 35.91
CA GLY E 39 39.29 69.47 34.70
C GLY E 39 38.32 70.57 35.05
N ARG E 40 37.37 70.85 34.16
CA ARG E 40 36.57 72.06 34.37
C ARG E 40 35.93 72.13 35.75
N ILE E 41 35.34 71.00 36.17
CA ILE E 41 34.52 71.04 37.38
C ILE E 41 35.30 70.87 38.69
N SER E 42 36.50 70.31 38.65
CA SER E 42 37.39 70.32 39.79
C SER E 42 37.50 71.72 40.37
N LYS E 43 37.62 72.73 39.49
CA LYS E 43 37.61 74.14 39.89
C LYS E 43 36.59 74.51 40.96
N ASN E 44 35.36 74.01 40.83
CA ASN E 44 34.33 74.28 41.84
C ASN E 44 34.39 73.45 43.11
N HIS E 45 34.93 72.23 43.02
CA HIS E 45 35.08 71.46 44.25
C HIS E 45 36.17 72.07 45.14
N ILE E 46 37.36 72.32 44.59
CA ILE E 46 38.40 72.96 45.36
C ILE E 46 37.89 74.27 45.97
N GLY E 47 37.34 75.13 45.12
CA GLY E 47 36.66 76.35 45.54
C GLY E 47 35.58 76.19 46.61
N ALA E 48 34.85 75.07 46.53
CA ALA E 48 33.80 74.81 47.51
C ALA E 48 34.45 74.43 48.83
N ILE E 49 35.53 73.65 48.73
CA ILE E 49 36.20 73.02 49.86
C ILE E 49 37.13 73.95 50.65
N ALA E 50 37.95 74.75 49.99
CA ALA E 50 38.68 75.83 50.66
C ALA E 50 37.65 76.53 51.56
N GLN E 51 36.55 76.96 50.96
CA GLN E 51 35.49 77.68 51.66
C GLN E 51 34.96 76.97 52.91
N HIS E 52 35.43 75.75 53.17
CA HIS E 52 35.19 75.13 54.47
C HIS E 52 36.48 74.86 55.26
N GLY E 53 37.49 75.71 55.08
CA GLY E 53 38.78 75.57 55.77
C GLY E 53 38.60 75.08 57.20
N ASP E 54 37.73 75.75 57.94
CA ASP E 54 37.43 75.30 59.30
C ASP E 54 37.38 73.78 59.38
N ARG E 55 36.62 73.16 58.47
CA ARG E 55 36.36 71.73 58.62
C ARG E 55 36.94 70.73 57.61
N ALA E 56 37.69 71.18 56.60
CA ALA E 56 38.46 70.20 55.84
C ALA E 56 39.32 70.74 54.70
N GLU E 57 39.83 69.84 53.88
CA GLU E 57 40.98 70.20 53.04
C GLU E 57 41.30 69.17 51.98
N LEU E 58 41.70 69.65 50.81
CA LEU E 58 42.02 68.70 49.76
C LEU E 58 43.46 68.20 49.86
N VAL E 59 43.65 67.05 50.50
CA VAL E 59 44.97 66.45 50.67
C VAL E 59 45.50 65.78 49.40
N GLU E 60 44.63 65.13 48.64
CA GLU E 60 45.04 64.41 47.43
C GLU E 60 44.32 64.82 46.14
N ILE E 61 44.96 64.61 44.99
CA ILE E 61 44.34 64.94 43.71
C ILE E 61 44.86 63.84 42.79
N CYS E 62 44.17 63.62 41.68
CA CYS E 62 44.54 62.55 40.76
C CYS E 62 44.16 62.88 39.33
N ASP E 63 44.99 62.55 38.34
CA ASP E 63 44.62 62.82 36.96
C ASP E 63 45.50 62.20 35.87
N THR E 64 44.90 61.41 34.98
CA THR E 64 45.68 60.68 33.98
C THR E 64 46.29 61.62 32.94
N ASN E 65 45.89 62.88 32.96
CA ASN E 65 46.52 63.89 32.11
C ASN E 65 47.55 64.70 32.90
N PRO E 66 48.84 64.54 32.56
CA PRO E 66 49.86 64.99 33.51
C PRO E 66 49.90 66.52 33.61
N GLU E 67 49.76 67.21 32.50
CA GLU E 67 49.51 68.64 32.57
C GLU E 67 48.42 69.08 33.56
N ALA E 68 47.25 68.45 33.54
CA ALA E 68 46.21 68.82 34.49
C ALA E 68 46.58 68.39 35.91
N LEU E 69 47.26 67.25 36.03
CA LEU E 69 47.81 66.90 37.34
C LEU E 69 48.63 68.07 37.88
N GLN E 70 49.45 68.67 37.02
CA GLN E 70 50.31 69.79 37.42
C GLN E 70 49.53 71.01 37.87
N ALA E 71 48.83 71.62 36.91
CA ALA E 71 48.00 72.78 37.15
C ALA E 71 47.26 72.66 38.47
N ALA E 72 46.65 71.51 38.73
CA ALA E 72 45.94 71.38 40.00
C ALA E 72 46.87 71.19 41.21
N GLU E 73 47.87 70.33 41.09
CA GLU E 73 48.80 70.16 42.22
C GLU E 73 49.55 71.47 42.48
N ALA E 74 49.85 72.13 41.36
CA ALA E 74 50.42 73.48 41.33
C ALA E 74 49.44 74.60 41.67
N ALA E 75 48.31 74.26 42.28
CA ALA E 75 47.34 75.30 42.60
C ALA E 75 46.69 75.01 43.95
N THR E 76 46.85 73.78 44.42
CA THR E 76 46.31 73.41 45.72
C THR E 76 47.48 72.87 46.52
N GLY E 77 48.49 72.42 45.78
CA GLY E 77 49.52 71.54 46.34
C GLY E 77 48.94 70.54 47.31
N ALA E 78 48.30 69.50 46.80
CA ALA E 78 47.95 68.30 47.57
C ALA E 78 48.79 67.21 46.88
N ARG E 79 48.81 66.01 47.45
CA ARG E 79 49.72 65.00 46.91
C ARG E 79 49.25 64.46 45.56
N PRO E 80 50.05 64.63 44.49
CA PRO E 80 49.44 64.31 43.21
C PRO E 80 49.67 62.90 42.67
N PHE E 81 48.64 62.22 42.16
CA PHE E 81 48.84 60.93 41.50
C PHE E 81 48.39 60.86 40.04
N SER E 82 49.07 60.02 39.28
CA SER E 82 48.70 59.70 37.90
C SER E 82 47.65 58.60 37.81
N SER E 83 47.29 57.94 38.90
CA SER E 83 46.35 56.83 38.76
C SER E 83 45.46 56.76 40.00
N LEU E 84 44.25 56.24 39.84
CA LEU E 84 43.35 56.12 41.00
C LEU E 84 43.91 54.96 41.81
N SER E 85 44.59 54.05 41.14
CA SER E 85 44.99 52.84 41.85
C SER E 85 46.12 53.15 42.81
N ASP E 86 46.91 54.14 42.41
CA ASP E 86 47.97 54.68 43.25
C ASP E 86 47.42 55.37 44.49
N MET E 87 46.68 56.44 44.24
CA MET E 87 46.12 57.30 45.28
C MET E 87 45.36 56.54 46.36
N LEU E 88 44.74 55.44 45.97
CA LEU E 88 44.01 54.64 46.94
C LEU E 88 44.97 53.79 47.77
N ALA E 89 46.00 53.23 47.14
CA ALA E 89 47.08 52.51 47.81
C ALA E 89 47.98 53.36 48.71
N GLN E 90 48.63 54.38 48.15
CA GLN E 90 49.47 55.29 48.94
C GLN E 90 48.66 56.28 49.77
N GLY E 91 47.63 56.87 49.18
CA GLY E 91 46.85 57.90 49.87
C GLY E 91 45.92 57.35 50.95
N ASN E 92 45.35 58.26 51.73
CA ASN E 92 44.58 57.89 52.91
C ASN E 92 43.30 58.73 52.97
N ALA E 93 43.02 59.49 51.91
CA ALA E 93 41.92 60.44 51.96
C ALA E 93 40.65 59.72 52.40
N ASP E 94 39.73 60.43 53.03
CA ASP E 94 38.67 59.83 53.80
C ASP E 94 37.50 59.55 52.86
N ALA E 95 37.50 60.36 51.81
CA ALA E 95 36.33 60.45 50.95
C ALA E 95 36.90 61.00 49.65
N LEU E 96 36.57 60.35 48.54
CA LEU E 96 37.11 60.74 47.23
C LEU E 96 36.05 61.39 46.34
N VAL E 97 36.44 62.44 45.64
CA VAL E 97 35.45 63.15 44.83
C VAL E 97 35.60 62.77 43.37
N LEU E 98 34.53 62.25 42.75
CA LEU E 98 34.66 61.78 41.38
C LEU E 98 34.11 62.84 40.43
N ALA E 99 35.04 63.65 39.91
CA ALA E 99 34.78 64.63 38.87
C ALA E 99 35.45 64.28 37.52
N THR E 100 35.47 63.01 37.13
CA THR E 100 35.97 62.63 35.80
C THR E 100 34.78 62.48 34.86
N PRO E 101 35.00 62.07 33.60
CA PRO E 101 33.85 61.72 32.78
C PRO E 101 32.88 60.78 33.48
N SER E 102 31.60 60.99 33.17
CA SER E 102 30.51 60.38 33.92
C SER E 102 30.53 58.86 33.80
N GLY E 103 30.75 58.35 32.59
CA GLY E 103 30.86 56.91 32.45
C GLY E 103 31.82 56.25 33.42
N LEU E 104 32.69 57.02 34.06
CA LEU E 104 33.72 56.38 34.89
C LEU E 104 33.21 56.36 36.32
N HIS E 105 32.20 57.19 36.60
CA HIS E 105 31.84 57.41 38.00
C HIS E 105 31.58 56.06 38.66
N PRO E 106 30.76 55.22 38.02
CA PRO E 106 30.35 54.05 38.78
C PRO E 106 31.53 53.12 39.06
N TRP E 107 32.44 52.97 38.11
CA TRP E 107 33.59 52.09 38.30
C TRP E 107 34.66 52.60 39.27
N GLN E 108 35.05 53.85 39.12
CA GLN E 108 35.83 54.50 40.15
C GLN E 108 35.15 54.37 41.51
N ALA E 109 33.82 54.42 41.57
CA ALA E 109 33.18 54.44 42.88
C ALA E 109 33.23 53.06 43.51
N ILE E 110 33.21 52.02 42.68
CA ILE E 110 33.30 50.64 43.16
C ILE E 110 34.67 50.34 43.77
N GLU E 111 35.72 50.73 43.06
CA GLU E 111 37.10 50.65 43.53
C GLU E 111 37.30 51.50 44.79
N VAL E 112 36.90 52.75 44.76
CA VAL E 112 36.95 53.53 45.99
C VAL E 112 36.22 52.93 47.19
N ALA E 113 35.16 52.17 46.95
CA ALA E 113 34.42 51.65 48.10
C ALA E 113 35.14 50.40 48.59
N GLN E 114 35.82 49.76 47.64
CA GLN E 114 36.61 48.57 47.96
C GLN E 114 37.88 49.02 48.68
N ALA E 115 38.31 50.28 48.55
CA ALA E 115 39.37 50.82 49.40
C ALA E 115 38.96 51.16 50.82
N GLY E 116 37.73 50.83 51.22
CA GLY E 116 37.08 51.37 52.42
C GLY E 116 36.74 52.85 52.43
N ARG E 117 36.76 53.58 51.33
CA ARG E 117 36.57 55.03 51.51
C ARG E 117 35.18 55.53 51.15
N HIS E 118 34.79 56.69 51.66
CA HIS E 118 33.48 57.22 51.30
C HIS E 118 33.52 57.80 49.88
N VAL E 119 32.41 57.82 49.14
CA VAL E 119 32.38 58.33 47.77
C VAL E 119 31.50 59.56 47.56
N VAL E 120 32.09 60.62 47.01
CA VAL E 120 31.31 61.77 46.58
C VAL E 120 31.24 61.83 45.06
N SER E 121 30.11 61.39 44.50
CA SER E 121 30.00 61.32 43.04
C SER E 121 29.40 62.55 42.38
N GLU E 122 30.02 63.05 41.32
CA GLU E 122 29.39 64.13 40.56
C GLU E 122 28.19 63.57 39.80
N LYS E 123 27.40 64.43 39.18
CA LYS E 123 26.32 63.95 38.32
C LYS E 123 26.68 63.88 36.84
N PRO E 124 26.03 62.97 36.11
CA PRO E 124 25.16 62.00 36.76
C PRO E 124 26.02 60.88 37.34
N MET E 125 25.45 60.20 38.33
CA MET E 125 26.18 59.16 39.04
C MET E 125 26.65 58.05 38.10
N ALA E 126 25.96 57.84 36.99
CA ALA E 126 26.30 56.79 36.03
C ALA E 126 25.72 57.12 34.66
N THR E 127 26.19 56.48 33.59
CA THR E 127 25.49 56.63 32.31
C THR E 127 24.73 55.34 32.02
N ARG E 128 24.84 54.33 32.86
CA ARG E 128 24.06 53.12 32.57
C ARG E 128 23.29 52.67 33.82
N TRP E 129 22.04 52.27 33.68
CA TRP E 129 21.23 51.88 34.82
C TRP E 129 21.91 50.81 35.67
N GLU E 130 22.51 49.78 35.06
CA GLU E 130 22.96 48.65 35.85
C GLU E 130 24.21 49.12 36.61
N ASP E 131 24.96 50.00 35.95
CA ASP E 131 26.17 50.54 36.56
C ASP E 131 25.77 51.36 37.78
N GLY E 132 24.72 52.16 37.71
CA GLY E 132 24.21 52.81 38.92
C GLY E 132 23.80 51.92 40.08
N LYS E 133 23.02 50.88 39.82
CA LYS E 133 22.56 50.02 40.91
C LYS E 133 23.77 49.33 41.52
N ARG E 134 24.69 48.86 40.68
CA ARG E 134 25.90 48.26 41.25
C ARG E 134 26.79 49.17 42.09
N MET E 135 27.05 50.41 41.68
CA MET E 135 27.83 51.31 42.53
C MET E 135 27.14 51.49 43.87
N VAL E 136 25.82 51.64 43.88
CA VAL E 136 25.09 51.74 45.14
C VAL E 136 25.24 50.49 45.98
N LYS E 137 25.18 49.33 45.32
CA LYS E 137 25.25 48.06 46.01
C LYS E 137 26.60 47.98 46.74
N ALA E 138 27.66 48.30 46.00
CA ALA E 138 29.04 48.19 46.44
C ALA E 138 29.35 49.16 47.57
N CYS E 139 28.80 50.37 47.51
CA CYS E 139 28.97 51.30 48.63
C CYS E 139 28.22 50.74 49.84
N ASP E 140 27.27 49.85 49.57
CA ASP E 140 26.38 49.35 50.61
C ASP E 140 27.08 48.24 51.39
N GLU E 141 27.63 47.26 50.69
CA GLU E 141 28.42 46.20 51.30
C GLU E 141 29.68 46.69 52.00
N ALA E 142 30.30 47.76 51.49
CA ALA E 142 31.53 48.26 52.07
C ALA E 142 31.19 49.15 53.27
N GLY E 143 29.92 49.49 53.39
CA GLY E 143 29.48 50.31 54.51
C GLY E 143 30.09 51.71 54.45
N VAL E 144 30.18 52.31 53.27
CA VAL E 144 30.74 53.65 53.08
C VAL E 144 29.69 54.59 52.50
N ARG E 145 29.73 55.87 52.84
CA ARG E 145 28.72 56.81 52.36
C ARG E 145 28.87 56.97 50.85
N LEU E 146 27.77 57.29 50.16
CA LEU E 146 27.80 57.62 48.73
C LEU E 146 26.92 58.83 48.41
N PHE E 147 27.53 59.93 47.98
CA PHE E 147 26.75 61.14 47.74
C PHE E 147 26.81 61.38 46.24
N VAL E 148 25.74 61.96 45.71
CA VAL E 148 25.76 62.32 44.30
C VAL E 148 25.55 63.82 44.28
N VAL E 149 26.29 64.54 43.45
CA VAL E 149 26.21 66.01 43.46
C VAL E 149 24.92 66.56 42.81
N LYS E 150 23.96 66.99 43.62
CA LYS E 150 22.77 67.63 43.05
C LYS E 150 22.65 69.04 43.62
N GLN E 151 23.50 69.93 43.13
CA GLN E 151 23.72 71.17 43.86
C GLN E 151 22.59 72.19 43.75
N ASN E 152 21.63 71.99 42.85
CA ASN E 152 20.59 73.01 42.74
C ASN E 152 19.33 72.82 43.57
N ARG E 153 19.22 71.68 44.24
CA ARG E 153 18.04 71.48 45.06
C ARG E 153 17.92 72.66 46.02
N ARG E 154 19.06 73.16 46.47
CA ARG E 154 19.06 74.22 47.47
C ARG E 154 19.18 75.65 46.90
N ASN E 155 18.88 75.87 45.63
CA ASN E 155 18.66 77.23 45.16
C ASN E 155 17.39 77.77 45.79
N ALA E 156 17.23 79.09 45.91
CA ALA E 156 16.21 79.69 46.76
C ALA E 156 14.82 79.61 46.15
N THR E 157 14.76 79.89 44.86
CA THR E 157 13.61 79.65 43.99
C THR E 157 13.10 78.25 44.28
N LEU E 158 13.81 77.28 43.72
CA LEU E 158 13.41 75.90 43.92
C LEU E 158 13.01 75.59 45.37
N GLN E 159 13.63 76.27 46.33
CA GLN E 159 13.31 75.99 47.72
C GLN E 159 11.91 76.48 48.10
N LEU E 160 11.55 77.66 47.61
CA LEU E 160 10.19 78.17 47.78
C LEU E 160 9.16 77.20 47.19
N VAL E 161 9.36 76.80 45.94
CA VAL E 161 8.43 75.94 45.22
C VAL E 161 8.21 74.66 46.04
N LYS E 162 9.33 74.10 46.47
CA LYS E 162 9.33 72.87 47.25
C LYS E 162 8.46 72.97 48.50
N LYS E 163 8.74 74.03 49.25
CA LYS E 163 8.00 74.29 50.47
C LYS E 163 6.51 74.42 50.15
N ALA E 164 6.19 75.21 49.12
CA ALA E 164 4.78 75.30 48.70
C ALA E 164 4.13 73.93 48.52
N ILE E 165 4.82 73.02 47.85
CA ILE E 165 4.27 71.70 47.60
C ILE E 165 4.11 70.84 48.85
N GLU E 166 5.17 70.64 49.62
CA GLU E 166 4.97 69.78 50.78
C GLU E 166 4.03 70.45 51.78
N GLN E 167 3.93 71.77 51.72
CA GLN E 167 2.94 72.46 52.55
C GLN E 167 1.51 72.18 52.09
N GLY E 168 1.36 71.80 50.83
CA GLY E 168 0.06 71.37 50.34
C GLY E 168 -0.68 72.47 49.59
N ARG E 169 0.08 73.47 49.16
CA ARG E 169 -0.55 74.68 48.64
C ARG E 169 -1.29 74.56 47.32
N PHE E 170 -0.90 73.60 46.48
CA PHE E 170 -1.47 73.53 45.13
C PHE E 170 -2.74 72.69 45.15
N GLY E 171 -2.94 71.97 46.26
CA GLY E 171 -3.93 70.91 46.23
C GLY E 171 -3.47 69.94 45.16
N ARG E 172 -4.42 69.42 44.38
CA ARG E 172 -4.14 68.34 43.45
C ARG E 172 -3.32 68.86 42.26
N ILE E 173 -2.18 68.27 41.95
CA ILE E 173 -1.36 68.90 40.94
C ILE E 173 -1.77 68.33 39.59
N TYR E 174 -1.70 69.09 38.49
CA TYR E 174 -2.47 68.70 37.33
C TYR E 174 -1.53 68.69 36.13
N MET E 175 -0.74 69.74 36.05
CA MET E 175 0.02 69.85 34.82
C MET E 175 1.40 70.41 35.11
N VAL E 176 2.44 69.93 34.45
CA VAL E 176 3.78 70.45 34.72
C VAL E 176 4.54 70.55 33.41
N THR E 177 5.21 71.67 33.17
CA THR E 177 6.05 71.71 31.98
C THR E 177 7.42 72.21 32.42
N VAL E 178 8.44 71.65 31.79
CA VAL E 178 9.81 72.06 32.04
C VAL E 178 10.37 72.29 30.65
N ASN E 179 10.99 73.46 30.45
CA ASN E 179 11.76 73.80 29.26
C ASN E 179 13.24 74.08 29.56
N VAL E 180 14.10 73.49 28.75
CA VAL E 180 15.53 73.74 28.91
C VAL E 180 15.94 74.08 27.49
N PHE E 181 15.98 75.37 27.19
CA PHE E 181 16.18 75.71 25.79
C PHE E 181 17.55 76.39 25.75
N TRP E 182 18.62 75.65 25.45
CA TRP E 182 19.99 76.09 25.68
C TRP E 182 20.85 76.00 24.41
N THR E 183 22.12 76.38 24.50
CA THR E 183 23.08 76.35 23.39
C THR E 183 24.45 75.76 23.75
N ARG E 184 24.96 74.95 22.83
CA ARG E 184 26.19 74.20 22.99
C ARG E 184 26.62 74.03 21.55
N PRO E 185 27.66 74.77 21.12
CA PRO E 185 28.27 74.69 19.80
C PRO E 185 28.98 73.36 19.59
N GLN E 186 29.29 73.03 18.34
CA GLN E 186 30.11 71.85 18.08
C GLN E 186 31.34 71.81 18.99
N GLU E 187 31.93 72.97 19.21
CA GLU E 187 33.19 73.11 19.92
C GLU E 187 33.12 72.68 21.39
N TYR E 188 31.95 72.86 22.00
CA TYR E 188 31.77 72.45 23.38
C TYR E 188 31.96 70.94 23.52
N TYR E 189 31.54 70.18 22.52
CA TYR E 189 31.70 68.73 22.53
C TYR E 189 33.08 68.34 22.04
N ASP E 190 33.75 69.32 21.42
CA ASP E 190 35.01 69.07 20.76
C ASP E 190 36.17 69.27 21.73
N ALA E 191 35.84 69.80 22.91
CA ALA E 191 36.76 69.99 24.02
C ALA E 191 37.34 68.75 24.69
N ALA E 192 36.93 67.55 24.27
CA ALA E 192 37.45 66.31 24.82
C ALA E 192 36.68 65.15 24.20
N ARG E 193 37.40 64.07 23.91
CA ARG E 193 36.78 62.93 23.24
C ARG E 193 35.52 62.45 23.94
N TRP E 194 35.47 62.40 25.27
CA TRP E 194 34.34 61.78 25.97
C TRP E 194 32.97 62.42 25.82
N ARG E 195 32.92 63.72 25.57
CA ARG E 195 31.65 64.42 25.49
C ARG E 195 30.76 63.95 24.34
N GLY E 196 29.46 63.82 24.63
CA GLY E 196 28.44 63.42 23.68
C GLY E 196 28.49 61.95 23.29
N LYS E 197 29.33 61.15 23.95
CA LYS E 197 29.22 59.72 23.63
C LYS E 197 28.29 58.94 24.56
N TRP E 198 27.73 57.81 24.13
CA TRP E 198 26.79 57.16 25.04
C TRP E 198 27.51 56.65 26.28
N GLU E 199 28.68 56.05 26.12
CA GLU E 199 29.27 55.29 27.22
C GLU E 199 29.69 56.23 28.34
N TRP E 200 30.07 57.46 27.99
CA TRP E 200 30.74 58.37 28.90
C TRP E 200 30.01 59.65 29.29
N ASP E 201 29.13 60.17 28.42
CA ASP E 201 28.44 61.44 28.67
C ASP E 201 26.93 61.29 28.59
N GLY E 202 26.44 60.76 27.47
CA GLY E 202 25.04 60.94 27.08
C GLY E 202 24.79 62.35 26.61
N GLY E 203 23.59 62.59 26.10
CA GLY E 203 23.32 63.89 25.49
C GLY E 203 22.67 64.91 26.40
N ALA E 204 21.83 65.74 25.78
CA ALA E 204 21.22 66.91 26.40
C ALA E 204 20.36 66.61 27.62
N PHE E 205 19.73 65.43 27.68
CA PHE E 205 19.00 65.05 28.87
C PHE E 205 19.96 64.59 29.98
N MET E 206 20.75 63.56 29.72
CA MET E 206 21.62 63.04 30.79
C MET E 206 22.69 64.01 31.29
N ASN E 207 23.15 64.92 30.43
CA ASN E 207 24.20 65.83 30.83
C ASN E 207 23.61 67.19 31.14
N GLN E 208 23.36 68.00 30.10
CA GLN E 208 22.96 69.40 30.26
C GLN E 208 21.70 69.65 31.06
N ALA E 209 20.69 68.82 30.84
CA ALA E 209 19.42 69.18 31.45
C ALA E 209 19.18 68.29 32.66
N SER E 210 20.24 67.59 33.06
CA SER E 210 20.07 66.59 34.12
C SER E 210 19.48 67.21 35.38
N HIS E 211 19.81 68.47 35.67
CA HIS E 211 19.28 69.15 36.85
C HIS E 211 17.77 69.42 36.77
N TYR E 212 17.25 69.53 35.55
CA TYR E 212 15.81 69.68 35.39
C TYR E 212 15.10 68.34 35.43
N VAL E 213 15.73 67.31 34.90
CA VAL E 213 15.04 66.03 34.98
C VAL E 213 14.90 65.73 36.46
N ASP E 214 15.97 66.02 37.19
CA ASP E 214 15.96 65.86 38.65
C ASP E 214 14.76 66.52 39.34
N LEU E 215 14.28 67.66 38.85
CA LEU E 215 13.14 68.31 39.49
C LEU E 215 11.84 67.49 39.46
N LEU E 216 11.63 66.72 38.40
CA LEU E 216 10.34 66.06 38.16
C LEU E 216 9.92 65.15 39.30
N ASP E 217 10.87 64.36 39.79
CA ASP E 217 10.61 63.52 40.94
C ASP E 217 10.71 64.30 42.24
N TRP E 218 11.61 65.29 42.27
CA TRP E 218 11.97 65.86 43.57
C TRP E 218 10.92 66.90 43.99
N LEU E 219 10.63 67.86 43.12
CA LEU E 219 9.49 68.76 43.31
C LEU E 219 8.10 68.10 43.20
N VAL E 220 7.81 67.43 42.11
CA VAL E 220 6.44 66.96 41.93
C VAL E 220 6.15 65.62 42.60
N GLY E 221 7.11 64.71 42.62
CA GLY E 221 6.81 63.40 43.20
C GLY E 221 7.10 62.32 42.17
N PRO E 222 6.73 61.08 42.53
CA PRO E 222 7.25 59.90 41.83
C PRO E 222 6.56 59.73 40.49
N VAL E 223 7.34 59.50 39.43
CA VAL E 223 6.82 59.40 38.07
C VAL E 223 6.27 58.00 37.78
N GLU E 224 5.10 57.89 37.15
CA GLU E 224 4.60 56.55 36.83
C GLU E 224 5.18 56.03 35.52
N SER E 225 5.28 56.89 34.50
CA SER E 225 5.76 56.39 33.20
C SER E 225 6.18 57.55 32.31
N VAL E 226 6.89 57.28 31.21
CA VAL E 226 7.26 58.37 30.30
C VAL E 226 7.22 57.87 28.86
N TYR E 227 7.23 58.83 27.94
CA TYR E 227 7.33 58.49 26.53
C TYR E 227 8.19 59.65 26.10
N ALA E 228 9.24 59.40 25.32
CA ALA E 228 10.10 60.46 24.83
C ALA E 228 10.40 60.33 23.33
N TYR E 229 10.80 61.43 22.71
CA TYR E 229 11.53 61.31 21.45
C TYR E 229 12.85 62.07 21.55
N THR E 230 13.96 61.59 21.00
CA THR E 230 15.12 62.46 21.09
C THR E 230 15.75 62.22 19.74
N ALA E 231 16.72 63.06 19.39
CA ALA E 231 17.39 62.82 18.12
C ALA E 231 18.61 63.71 18.17
N THR E 232 19.58 63.36 17.33
CA THR E 232 20.66 64.31 17.14
C THR E 232 20.33 65.19 15.93
N LEU E 233 19.98 66.44 16.17
CA LEU E 233 19.58 67.22 15.00
C LEU E 233 20.66 68.07 14.35
N ALA E 234 21.61 68.62 15.10
CA ALA E 234 22.61 69.49 14.47
C ALA E 234 24.06 69.14 14.80
N ARG E 235 24.36 68.92 16.09
CA ARG E 235 25.71 68.54 16.50
C ARG E 235 26.25 67.20 16.03
N ARG E 236 27.57 67.11 15.95
CA ARG E 236 28.13 65.82 15.56
C ARG E 236 28.63 65.03 16.78
N ILE E 237 27.70 64.36 17.44
CA ILE E 237 27.94 63.60 18.66
C ILE E 237 27.14 62.33 18.51
N GLU E 238 27.30 61.38 19.43
CA GLU E 238 26.52 60.15 19.36
C GLU E 238 25.15 60.32 20.01
N ALA E 239 25.05 61.23 20.97
CA ALA E 239 23.83 61.29 21.76
C ALA E 239 23.01 62.46 21.23
N GLU E 240 21.77 62.56 21.70
CA GLU E 240 20.80 63.59 21.32
C GLU E 240 21.15 65.03 21.70
N ASP E 241 20.87 66.00 20.84
CA ASP E 241 20.98 67.43 21.20
C ASP E 241 19.63 68.11 21.44
N THR E 242 18.58 67.32 21.15
CA THR E 242 17.19 67.75 21.17
C THR E 242 16.26 66.64 21.60
N GLY E 243 15.26 66.90 22.45
CA GLY E 243 14.27 65.85 22.62
C GLY E 243 13.10 66.28 23.49
N VAL E 244 12.14 65.39 23.69
CA VAL E 244 10.99 65.75 24.51
C VAL E 244 10.52 64.50 25.23
N ALA E 245 10.00 64.70 26.45
CA ALA E 245 9.37 63.56 27.11
C ALA E 245 8.04 63.99 27.69
N ALA E 246 7.03 63.18 27.42
CA ALA E 246 5.73 63.33 28.03
C ALA E 246 5.82 62.42 29.26
N LEU E 247 5.14 62.81 30.33
CA LEU E 247 5.20 62.11 31.59
C LEU E 247 3.83 62.07 32.27
N ARG E 248 3.65 61.02 33.07
CA ARG E 248 2.54 60.86 34.00
C ARG E 248 3.12 60.50 35.38
N TRP E 249 2.66 61.26 36.38
CA TRP E 249 2.99 61.09 37.80
C TRP E 249 1.98 60.11 38.37
N ARG E 250 2.43 59.34 39.34
CA ARG E 250 1.55 58.42 40.05
C ARG E 250 0.35 59.10 40.69
N HIS E 251 0.51 60.33 41.14
CA HIS E 251 -0.67 61.06 41.64
C HIS E 251 -1.57 61.57 40.51
N GLY E 252 -1.19 61.38 39.26
CA GLY E 252 -2.08 61.72 38.13
C GLY E 252 -1.74 63.00 37.38
N ALA E 253 -0.87 63.85 37.89
CA ALA E 253 -0.43 64.99 37.06
C ALA E 253 0.15 64.47 35.75
N MET E 254 0.20 65.33 34.74
CA MET E 254 0.83 64.99 33.47
C MET E 254 1.68 66.19 33.11
N GLY E 255 2.64 66.01 32.20
CA GLY E 255 3.44 67.14 31.78
C GLY E 255 4.46 66.70 30.75
N SER E 256 5.35 67.64 30.45
CA SER E 256 6.44 67.37 29.53
C SER E 256 7.73 68.06 29.96
N ILE E 257 8.84 67.55 29.42
CA ILE E 257 10.14 68.21 29.50
C ILE E 257 10.69 68.26 28.08
N ASN E 258 11.06 69.46 27.66
CA ASN E 258 11.29 69.74 26.25
C ASN E 258 12.65 70.41 26.23
N VAL E 259 13.58 69.81 25.48
CA VAL E 259 14.97 70.13 25.69
C VAL E 259 15.70 70.28 24.36
N THR E 260 16.44 71.38 24.23
CA THR E 260 17.36 71.43 23.12
C THR E 260 18.62 72.22 23.48
N MET E 261 19.73 71.82 22.85
CA MET E 261 21.01 72.50 23.00
C MET E 261 21.29 73.23 21.69
N LEU E 262 20.25 73.62 20.96
CA LEU E 262 20.48 74.17 19.64
C LEU E 262 19.81 75.51 19.42
N THR E 263 19.56 76.21 20.52
CA THR E 263 18.77 77.43 20.55
C THR E 263 19.50 78.58 19.88
N TYR E 264 18.75 79.49 19.24
CA TYR E 264 19.36 80.67 18.62
C TYR E 264 19.29 81.87 19.56
N PRO E 265 20.41 82.57 19.77
CA PRO E 265 21.78 82.17 19.48
C PRO E 265 22.46 81.82 20.80
N GLN E 266 21.66 81.73 21.86
CA GLN E 266 22.20 81.54 23.19
C GLN E 266 21.15 81.11 24.22
N ASN E 267 21.62 80.60 25.35
CA ASN E 267 20.67 80.17 26.36
C ASN E 267 19.43 81.04 26.37
N LEU E 268 18.26 80.44 26.21
CA LEU E 268 16.99 81.15 26.09
C LEU E 268 16.07 80.89 27.27
N GLU E 269 15.97 79.64 27.72
CA GLU E 269 15.00 79.34 28.77
C GLU E 269 15.45 78.13 29.60
N GLY E 270 15.31 78.23 30.92
CA GLY E 270 15.35 77.02 31.73
C GLY E 270 14.22 77.25 32.70
N SER E 271 13.04 76.68 32.49
CA SER E 271 11.92 76.94 33.39
C SER E 271 11.09 75.74 33.86
N ILE E 272 10.15 76.05 34.74
CA ILE E 272 9.28 75.04 35.34
C ILE E 272 7.94 75.69 35.65
N THR E 273 6.88 75.08 35.14
CA THR E 273 5.54 75.57 35.42
C THR E 273 4.75 74.42 36.03
N ILE E 274 4.07 74.77 37.11
CA ILE E 274 3.31 73.80 37.86
C ILE E 274 1.94 74.41 38.03
N LEU E 275 0.88 73.66 37.70
CA LEU E 275 -0.51 74.09 37.83
C LEU E 275 -1.27 73.06 38.62
N GLY E 276 -1.99 73.57 39.60
CA GLY E 276 -2.72 72.63 40.44
C GLY E 276 -4.09 73.18 40.73
N GLU E 277 -4.81 72.42 41.55
CA GLU E 277 -6.19 72.78 41.79
C GLU E 277 -6.29 74.13 42.47
N LYS E 278 -5.35 74.51 43.32
CA LYS E 278 -5.52 75.78 44.01
C LYS E 278 -4.20 76.54 44.13
N GLY E 279 -3.44 76.50 43.04
CA GLY E 279 -2.07 76.99 43.02
C GLY E 279 -1.55 77.02 41.59
N THR E 280 -0.88 78.10 41.22
CA THR E 280 -0.24 78.21 39.92
C THR E 280 1.12 78.89 40.09
N VAL E 281 2.22 78.17 39.91
CA VAL E 281 3.54 78.78 39.94
C VAL E 281 4.25 78.65 38.61
N ARG E 282 5.07 79.64 38.29
CA ARG E 282 6.01 79.50 37.19
C ARG E 282 7.37 80.11 37.42
N VAL E 283 8.40 79.28 37.56
CA VAL E 283 9.78 79.73 37.69
C VAL E 283 10.51 79.80 36.35
N GLY E 284 10.92 81.00 35.92
CA GLY E 284 11.45 81.16 34.57
C GLY E 284 12.82 81.79 34.53
N GLY E 285 13.26 82.32 33.38
CA GLY E 285 14.65 82.70 33.20
C GLY E 285 15.52 81.83 32.31
N VAL E 286 16.83 81.99 32.41
CA VAL E 286 17.81 81.08 31.83
C VAL E 286 17.99 79.86 32.73
N ALA E 287 17.57 79.96 33.99
CA ALA E 287 17.96 78.98 35.00
C ALA E 287 17.04 78.93 36.21
N VAL E 288 15.77 78.60 35.99
CA VAL E 288 14.80 78.56 37.09
C VAL E 288 15.25 79.52 38.17
N ASN E 289 15.40 80.79 37.80
CA ASN E 289 15.93 81.82 38.68
C ASN E 289 15.00 83.00 38.92
N ARG E 290 14.11 83.28 37.97
CA ARG E 290 13.18 84.40 38.15
C ARG E 290 11.76 83.90 38.35
N ILE E 291 11.19 84.12 39.53
CA ILE E 291 9.81 83.71 39.74
C ILE E 291 8.81 84.57 38.97
N ASP E 292 8.31 84.05 37.85
CA ASP E 292 7.47 84.76 36.91
C ASP E 292 5.97 84.64 37.14
N GLU E 293 5.58 84.07 38.28
CA GLU E 293 4.18 83.70 38.38
C GLU E 293 3.99 82.99 39.71
N TRP E 294 3.10 83.53 40.54
CA TRP E 294 3.01 82.96 41.89
C TRP E 294 1.62 83.23 42.48
N LYS E 295 0.68 82.28 42.35
CA LYS E 295 -0.68 82.49 42.83
C LYS E 295 -1.32 81.32 43.59
N PHE E 296 -2.06 81.62 44.64
CA PHE E 296 -2.66 80.58 45.48
C PHE E 296 -4.03 80.98 45.99
N ALA E 297 -4.87 79.98 46.27
CA ALA E 297 -6.17 80.29 46.83
C ALA E 297 -5.99 80.47 48.34
N GLU E 298 -4.76 80.69 48.78
CA GLU E 298 -4.46 80.88 50.20
C GLU E 298 -3.01 81.33 50.35
N PRO E 299 -2.83 82.55 50.87
CA PRO E 299 -1.59 83.30 51.11
C PRO E 299 -0.80 83.13 52.40
N HIS E 321 27.93 74.58 44.78
CA HIS E 321 28.78 73.50 45.27
C HIS E 321 29.16 73.80 46.71
N PRO E 322 29.61 75.03 47.00
CA PRO E 322 29.87 75.48 48.37
C PRO E 322 28.73 75.11 49.30
N LEU E 323 27.51 75.49 48.93
CA LEU E 323 26.33 75.11 49.70
C LEU E 323 26.21 73.59 49.83
N TYR E 324 26.53 72.83 48.79
CA TYR E 324 26.37 71.38 48.83
C TYR E 324 27.37 70.73 49.79
N TYR E 325 28.61 71.20 49.78
CA TYR E 325 29.60 70.61 50.67
C TYR E 325 29.23 70.68 52.14
N ASP E 326 28.44 71.68 52.51
CA ASP E 326 28.08 71.87 53.90
C ASP E 326 27.47 70.59 54.45
N ASN E 327 26.44 70.11 53.78
CA ASN E 327 25.75 68.89 54.19
C ASN E 327 26.68 67.69 53.99
N VAL E 328 27.49 67.72 52.93
CA VAL E 328 28.50 66.67 52.81
C VAL E 328 29.34 66.53 54.08
N ILE E 329 29.71 67.66 54.67
CA ILE E 329 30.59 67.63 55.84
C ILE E 329 29.77 67.24 57.08
N ASN E 330 28.70 67.98 57.32
CA ASN E 330 27.83 67.70 58.46
C ASN E 330 27.58 66.19 58.59
N CYS E 331 27.64 65.48 57.48
CA CYS E 331 27.24 64.09 57.44
C CYS E 331 28.32 63.07 57.79
N LEU E 332 29.51 63.26 57.21
CA LEU E 332 30.65 62.44 57.58
C LEU E 332 31.01 62.66 59.05
N ARG E 333 30.56 63.77 59.62
CA ARG E 333 30.80 64.12 61.02
C ARG E 333 29.82 63.45 61.97
N GLY E 334 28.83 62.77 61.40
CA GLY E 334 27.82 62.07 62.19
C GLY E 334 26.75 63.01 62.69
N ASP E 335 26.50 64.07 61.92
CA ASP E 335 25.65 65.18 62.33
C ASP E 335 24.30 65.31 61.63
N CYS E 336 24.10 64.52 60.58
CA CYS E 336 22.84 64.50 59.86
C CYS E 336 22.60 63.25 59.00
N GLU E 337 21.71 63.44 58.03
CA GLU E 337 21.55 62.44 56.98
C GLU E 337 21.78 63.17 55.66
N PRO E 338 22.36 62.46 54.69
CA PRO E 338 22.70 63.19 53.48
C PRO E 338 21.46 63.52 52.67
N GLU E 339 21.42 64.76 52.17
CA GLU E 339 20.31 65.21 51.37
C GLU E 339 20.33 64.52 50.02
N THR E 340 21.49 64.03 49.58
CA THR E 340 21.64 63.46 48.25
C THR E 340 22.48 62.18 48.21
N ASP E 341 21.93 61.08 48.74
CA ASP E 341 22.74 59.86 48.83
C ASP E 341 22.64 59.08 47.53
N GLY E 342 23.16 57.85 47.52
CA GLY E 342 23.17 57.07 46.29
C GLY E 342 21.77 56.80 45.74
N ARG E 343 20.88 56.42 46.64
CA ARG E 343 19.50 56.18 46.27
C ARG E 343 18.74 57.35 45.67
N GLU E 344 19.04 58.57 46.12
CA GLU E 344 18.33 59.73 45.59
C GLU E 344 18.78 59.91 44.13
N GLY E 345 20.08 59.76 43.91
CA GLY E 345 20.57 59.83 42.53
C GLY E 345 19.99 58.75 41.65
N LEU E 346 19.54 57.62 42.19
CA LEU E 346 19.00 56.55 41.37
C LEU E 346 17.63 56.91 40.80
N GLN E 347 16.85 57.65 41.59
CA GLN E 347 15.62 58.27 41.12
C GLN E 347 15.86 58.91 39.76
N SER E 348 16.82 59.81 39.68
CA SER E 348 16.99 60.57 38.44
C SER E 348 17.65 59.71 37.36
N LEU E 349 18.54 58.81 37.77
CA LEU E 349 19.10 57.90 36.78
C LEU E 349 17.99 57.03 36.17
N ALA E 350 17.04 56.60 36.99
CA ALA E 350 15.95 55.73 36.53
C ALA E 350 15.03 56.47 35.56
N LEU E 351 14.72 57.73 35.84
CA LEU E 351 14.01 58.59 34.91
C LEU E 351 14.79 58.82 33.62
N LEU E 352 16.08 59.14 33.72
CA LEU E 352 16.90 59.33 32.53
C LEU E 352 16.92 58.08 31.62
N THR E 353 16.93 56.92 32.27
CA THR E 353 16.99 55.65 31.53
C THR E 353 15.64 55.42 30.86
N ALA E 354 14.54 55.60 31.58
CA ALA E 354 13.23 55.42 31.00
C ALA E 354 13.13 56.32 29.77
N ILE E 355 13.66 57.54 29.86
CA ILE E 355 13.53 58.46 28.74
C ILE E 355 14.32 57.91 27.56
N TYR E 356 15.51 57.39 27.82
CA TYR E 356 16.37 56.91 26.75
C TYR E 356 15.84 55.59 26.22
N ARG E 357 15.36 54.70 27.08
CA ARG E 357 14.75 53.50 26.55
C ARG E 357 13.54 53.84 25.70
N SER E 358 12.73 54.81 26.11
CA SER E 358 11.52 55.17 25.36
C SER E 358 11.92 55.70 23.98
N ALA E 359 12.84 56.66 23.96
CA ALA E 359 13.25 57.31 22.71
C ALA E 359 13.77 56.25 21.75
N ARG E 360 14.46 55.24 22.27
CA ARG E 360 15.07 54.30 21.35
C ARG E 360 14.06 53.26 20.89
N ASP E 361 13.26 52.75 21.82
CA ASP E 361 12.29 51.72 21.51
C ASP E 361 10.92 52.15 20.99
N GLY E 362 10.51 53.40 21.11
CA GLY E 362 9.23 53.78 20.51
C GLY E 362 8.04 53.43 21.36
N VAL E 363 8.24 53.30 22.67
CA VAL E 363 7.23 52.68 23.51
C VAL E 363 7.18 53.44 24.85
N ARG E 364 6.06 53.38 25.55
CA ARG E 364 5.95 54.00 26.87
C ARG E 364 6.78 53.22 27.88
N ILE E 365 7.58 53.85 28.74
CA ILE E 365 8.43 53.11 29.68
C ILE E 365 7.96 53.44 31.10
N PRO E 366 7.48 52.45 31.87
CA PRO E 366 6.92 52.70 33.19
C PRO E 366 7.96 52.49 34.30
N LEU E 367 7.75 53.03 35.49
CA LEU E 367 8.67 52.87 36.62
C LEU E 367 7.96 52.12 37.73
N PRO E 368 8.71 51.56 38.68
CA PRO E 368 10.17 51.53 38.74
C PRO E 368 10.72 50.45 37.81
N LEU E 369 11.95 50.66 37.31
CA LEU E 369 12.57 49.74 36.37
C LEU E 369 13.01 48.47 37.08
N ASP E 370 13.22 47.38 36.36
CA ASP E 370 13.92 46.30 37.04
C ASP E 370 15.39 46.57 37.29
N ARG F 29 -25.45 88.26 -8.10
CA ARG F 29 -26.22 88.57 -6.87
C ARG F 29 -25.43 88.33 -5.58
N LYS F 30 -26.14 88.27 -4.45
CA LYS F 30 -25.46 88.04 -3.17
C LYS F 30 -25.45 86.57 -2.75
N ILE F 31 -24.47 86.18 -1.94
CA ILE F 31 -24.46 84.82 -1.41
C ILE F 31 -25.62 84.68 -0.43
N ARG F 32 -26.45 83.69 -0.69
CA ARG F 32 -27.54 83.41 0.23
C ARG F 32 -27.13 82.32 1.21
N PHE F 33 -26.94 82.72 2.46
CA PHE F 33 -26.57 81.77 3.51
C PHE F 33 -27.73 81.35 4.38
N GLY F 34 -27.66 80.10 4.84
CA GLY F 34 -28.57 79.57 5.85
C GLY F 34 -27.68 79.22 7.03
N LEU F 35 -28.13 79.45 8.26
CA LEU F 35 -27.49 78.96 9.48
C LEU F 35 -28.23 77.84 10.22
N VAL F 36 -27.59 76.69 10.38
CA VAL F 36 -28.10 75.63 11.24
C VAL F 36 -27.54 75.72 12.66
N GLY F 37 -28.42 75.76 13.65
CA GLY F 37 -28.02 75.99 15.03
C GLY F 37 -27.83 77.45 15.40
N CYS F 38 -28.76 78.03 16.14
CA CYS F 38 -28.65 79.44 16.53
C CYS F 38 -28.31 79.47 18.01
N GLY F 39 -27.05 79.19 18.33
CA GLY F 39 -26.64 79.01 19.73
C GLY F 39 -25.51 79.99 19.93
N ARG F 40 -24.63 79.69 20.87
CA ARG F 40 -23.62 80.68 21.25
C ARG F 40 -22.81 81.18 20.05
N ILE F 41 -22.20 80.33 19.23
CA ILE F 41 -21.31 80.86 18.20
C ILE F 41 -22.03 81.40 16.97
N SER F 42 -23.32 81.10 16.87
CA SER F 42 -24.12 81.56 15.74
C SER F 42 -24.14 83.08 15.70
N LYS F 43 -24.14 83.73 16.86
CA LYS F 43 -24.07 85.19 16.96
C LYS F 43 -22.86 85.80 16.24
N ASN F 44 -21.69 85.17 16.30
CA ASN F 44 -20.59 85.65 15.45
C ASN F 44 -20.77 85.35 13.98
N HIS F 45 -21.49 84.27 13.65
CA HIS F 45 -21.72 84.05 12.23
C HIS F 45 -22.65 85.10 11.64
N ILE F 46 -23.75 85.34 12.35
CA ILE F 46 -24.71 86.40 12.02
C ILE F 46 -23.97 87.72 11.85
N GLY F 47 -23.17 88.09 12.84
CA GLY F 47 -22.35 89.30 12.78
C GLY F 47 -21.36 89.34 11.62
N ALA F 48 -20.67 88.25 11.35
CA ALA F 48 -19.78 88.19 10.19
C ALA F 48 -20.54 88.27 8.86
N ILE F 49 -21.69 87.64 8.79
CA ILE F 49 -22.40 87.70 7.52
C ILE F 49 -22.89 89.15 7.44
N ALA F 50 -23.27 89.72 8.58
CA ALA F 50 -23.77 91.08 8.59
C ALA F 50 -22.75 92.04 7.99
N GLN F 51 -21.48 91.72 8.20
CA GLN F 51 -20.41 92.68 8.00
C GLN F 51 -19.93 92.59 6.56
N HIS F 52 -20.53 91.67 5.80
CA HIS F 52 -20.20 91.51 4.38
C HIS F 52 -21.52 91.76 3.66
N GLY F 53 -22.36 92.59 4.29
CA GLY F 53 -23.75 92.77 3.90
C GLY F 53 -24.03 93.18 2.47
N ASP F 54 -23.05 93.76 1.80
CA ASP F 54 -23.28 94.01 0.38
C ASP F 54 -23.26 92.69 -0.39
N ARG F 55 -22.27 91.86 -0.10
CA ARG F 55 -22.00 90.71 -0.95
C ARG F 55 -22.69 89.42 -0.55
N ALA F 56 -23.32 89.41 0.63
CA ALA F 56 -23.88 88.15 1.11
C ALA F 56 -25.12 88.43 1.96
N GLU F 57 -25.91 87.39 2.25
CA GLU F 57 -27.00 87.62 3.18
C GLU F 57 -27.60 86.34 3.77
N LEU F 58 -27.99 86.50 5.03
CA LEU F 58 -28.53 85.43 5.87
C LEU F 58 -30.03 85.34 5.62
N VAL F 59 -30.47 84.28 4.95
CA VAL F 59 -31.86 84.19 4.50
C VAL F 59 -32.66 83.16 5.28
N GLU F 60 -32.02 82.14 5.86
CA GLU F 60 -32.76 81.10 6.57
C GLU F 60 -31.98 80.68 7.83
N ILE F 61 -32.68 80.22 8.87
CA ILE F 61 -32.05 79.85 10.13
C ILE F 61 -32.88 78.66 10.57
N CYS F 62 -32.28 77.87 11.47
CA CYS F 62 -32.87 76.58 11.77
C CYS F 62 -32.37 76.20 13.15
N ASP F 63 -33.26 75.80 14.04
CA ASP F 63 -32.81 75.26 15.31
C ASP F 63 -33.85 74.33 15.91
N THR F 64 -33.45 73.21 16.50
CA THR F 64 -34.46 72.26 16.90
C THR F 64 -35.07 72.68 18.23
N ASN F 65 -34.54 73.76 18.80
CA ASN F 65 -35.09 74.27 20.05
C ASN F 65 -35.95 75.50 19.71
N PRO F 66 -37.28 75.42 19.88
CA PRO F 66 -38.18 76.49 19.45
C PRO F 66 -37.82 77.86 19.99
N GLU F 67 -37.50 77.94 21.29
CA GLU F 67 -37.08 79.19 21.91
C GLU F 67 -35.88 79.85 21.23
N ALA F 68 -34.83 79.07 21.07
CA ALA F 68 -33.65 79.51 20.34
C ALA F 68 -34.02 79.89 18.91
N LEU F 69 -34.93 79.12 18.31
CA LEU F 69 -35.35 79.48 16.96
C LEU F 69 -36.05 80.83 16.87
N GLN F 70 -37.04 81.05 17.73
CA GLN F 70 -37.67 82.37 17.87
C GLN F 70 -36.72 83.55 18.09
N ALA F 71 -35.76 83.43 19.01
CA ALA F 71 -34.94 84.59 19.29
C ALA F 71 -34.16 85.01 18.05
N ALA F 72 -33.65 83.98 17.37
CA ALA F 72 -32.81 84.21 16.20
C ALA F 72 -33.65 84.81 15.07
N GLU F 73 -34.84 84.26 14.82
CA GLU F 73 -35.77 84.90 13.89
C GLU F 73 -36.06 86.36 14.23
N ALA F 74 -36.49 86.59 15.46
CA ALA F 74 -36.76 87.94 15.96
C ALA F 74 -35.51 88.78 15.71
N ALA F 75 -34.33 88.22 15.98
CA ALA F 75 -33.08 88.95 15.86
C ALA F 75 -32.63 89.17 14.42
N THR F 76 -32.98 88.25 13.53
CA THR F 76 -32.51 88.33 12.15
C THR F 76 -33.58 88.73 11.15
N GLY F 77 -34.81 88.28 11.37
CA GLY F 77 -35.86 88.25 10.36
C GLY F 77 -35.49 87.38 9.17
N ALA F 78 -35.11 86.12 9.39
CA ALA F 78 -34.88 85.16 8.32
C ALA F 78 -35.92 84.06 8.45
N ARG F 79 -36.05 83.23 7.43
CA ARG F 79 -37.12 82.25 7.53
C ARG F 79 -36.69 81.16 8.50
N PRO F 80 -37.57 80.85 9.45
CA PRO F 80 -37.11 79.90 10.45
C PRO F 80 -37.59 78.52 10.05
N PHE F 81 -36.91 77.46 10.50
CA PHE F 81 -37.38 76.11 10.26
C PHE F 81 -37.06 75.33 11.53
N SER F 82 -37.80 74.29 11.88
CA SER F 82 -37.48 73.62 13.13
C SER F 82 -36.78 72.28 12.94
N SER F 83 -36.21 72.06 11.76
CA SER F 83 -35.37 70.90 11.44
C SER F 83 -34.58 71.20 10.17
N LEU F 84 -33.42 70.57 10.03
CA LEU F 84 -32.57 70.81 8.87
C LEU F 84 -33.25 70.31 7.59
N SER F 85 -34.11 69.31 7.73
CA SER F 85 -34.76 68.78 6.54
C SER F 85 -35.86 69.66 5.93
N ASP F 86 -36.70 70.28 6.76
CA ASP F 86 -37.61 71.31 6.28
C ASP F 86 -36.77 72.34 5.54
N MET F 87 -35.68 72.77 6.16
CA MET F 87 -34.88 73.85 5.54
C MET F 87 -34.35 73.51 4.16
N LEU F 88 -34.05 72.23 3.97
CA LEU F 88 -33.49 71.75 2.71
C LEU F 88 -34.53 71.58 1.61
N ALA F 89 -35.69 71.09 2.04
CA ALA F 89 -36.90 70.90 1.24
C ALA F 89 -37.60 72.22 0.95
N GLN F 90 -37.63 73.15 1.90
CA GLN F 90 -38.40 74.39 1.74
C GLN F 90 -37.58 75.63 1.43
N GLY F 91 -36.27 75.64 1.65
CA GLY F 91 -35.59 76.92 1.48
C GLY F 91 -34.57 76.77 0.39
N ASN F 92 -33.77 77.80 0.15
CA ASN F 92 -32.72 77.51 -0.81
C ASN F 92 -31.53 78.45 -0.65
N ALA F 93 -30.92 78.48 0.53
CA ALA F 93 -29.56 79.00 0.63
C ALA F 93 -28.62 78.24 -0.32
N ASP F 94 -27.61 78.95 -0.81
CA ASP F 94 -26.51 78.37 -1.54
C ASP F 94 -25.65 77.55 -0.60
N ALA F 95 -25.50 78.06 0.62
CA ALA F 95 -24.51 77.60 1.60
C ALA F 95 -25.12 77.48 2.99
N LEU F 96 -25.02 76.27 3.55
CA LEU F 96 -25.43 76.10 4.93
C LEU F 96 -24.25 76.08 5.91
N VAL F 97 -24.36 76.84 7.00
CA VAL F 97 -23.33 77.04 8.01
C VAL F 97 -23.74 76.17 9.20
N LEU F 98 -22.90 75.21 9.56
CA LEU F 98 -23.27 74.27 10.61
C LEU F 98 -22.64 74.74 11.93
N ALA F 99 -23.47 75.36 12.77
CA ALA F 99 -23.12 75.84 14.11
C ALA F 99 -23.84 75.01 15.17
N THR F 100 -24.01 73.72 14.94
CA THR F 100 -24.55 72.82 15.97
C THR F 100 -23.44 72.10 16.76
N PRO F 101 -23.80 71.43 17.86
CA PRO F 101 -22.89 70.49 18.53
C PRO F 101 -22.07 69.72 17.51
N SER F 102 -20.77 69.61 17.72
CA SER F 102 -19.84 69.19 16.68
C SER F 102 -20.10 67.80 16.16
N GLY F 103 -20.64 66.92 17.00
CA GLY F 103 -20.79 65.56 16.50
C GLY F 103 -21.87 65.49 15.42
N LEU F 104 -22.68 66.53 15.31
CA LEU F 104 -23.71 66.59 14.26
C LEU F 104 -23.18 67.10 12.92
N HIS F 105 -22.03 67.76 12.94
CA HIS F 105 -21.53 68.31 11.69
C HIS F 105 -21.46 67.32 10.53
N PRO F 106 -20.85 66.14 10.74
CA PRO F 106 -20.72 65.28 9.56
C PRO F 106 -22.07 64.82 9.01
N TRP F 107 -23.01 64.40 9.84
CA TRP F 107 -24.29 63.97 9.29
C TRP F 107 -25.07 65.09 8.60
N GLN F 108 -25.01 66.27 9.22
CA GLN F 108 -25.61 67.46 8.64
C GLN F 108 -24.99 67.81 7.29
N ALA F 109 -23.67 67.73 7.20
CA ALA F 109 -23.02 68.17 5.99
C ALA F 109 -23.39 67.17 4.91
N ILE F 110 -23.57 65.91 5.28
CA ILE F 110 -23.76 64.89 4.25
C ILE F 110 -25.16 65.16 3.69
N GLU F 111 -26.11 65.51 4.55
CA GLU F 111 -27.48 65.84 4.13
C GLU F 111 -27.49 67.09 3.26
N VAL F 112 -26.65 68.06 3.57
CA VAL F 112 -26.68 69.27 2.78
C VAL F 112 -26.08 69.05 1.41
N ALA F 113 -25.01 68.28 1.37
CA ALA F 113 -24.40 67.91 0.09
C ALA F 113 -25.42 67.18 -0.80
N GLN F 114 -26.20 66.28 -0.20
CA GLN F 114 -27.15 65.52 -0.99
C GLN F 114 -28.27 66.44 -1.47
N ALA F 115 -28.50 67.51 -0.73
CA ALA F 115 -29.46 68.51 -1.20
C ALA F 115 -28.82 69.47 -2.19
N GLY F 116 -27.53 69.27 -2.50
CA GLY F 116 -26.87 70.05 -3.53
C GLY F 116 -26.41 71.44 -3.15
N ARG F 117 -26.34 71.75 -1.85
CA ARG F 117 -25.68 72.98 -1.40
C ARG F 117 -24.27 72.80 -0.84
N HIS F 118 -23.55 73.92 -0.79
CA HIS F 118 -22.29 74.04 -0.06
C HIS F 118 -22.42 73.98 1.46
N VAL F 119 -21.30 73.68 2.11
CA VAL F 119 -21.28 73.50 3.56
C VAL F 119 -20.15 74.28 4.19
N VAL F 120 -20.51 75.24 5.05
CA VAL F 120 -19.57 75.84 5.98
C VAL F 120 -19.69 75.18 7.36
N SER F 121 -18.74 74.31 7.66
CA SER F 121 -18.74 73.66 8.96
C SER F 121 -17.88 74.29 10.04
N GLU F 122 -18.46 74.46 11.23
CA GLU F 122 -17.72 74.98 12.38
C GLU F 122 -16.72 73.89 12.72
N LYS F 123 -15.73 74.22 13.53
CA LYS F 123 -14.76 73.23 13.98
C LYS F 123 -15.19 72.54 15.27
N PRO F 124 -14.71 71.32 15.57
CA PRO F 124 -13.93 70.47 14.67
C PRO F 124 -14.93 70.01 13.62
N MET F 125 -14.47 69.60 12.43
CA MET F 125 -15.40 69.18 11.39
C MET F 125 -16.23 67.95 11.74
N ALA F 126 -15.70 67.17 12.66
CA ALA F 126 -16.35 65.95 13.12
C ALA F 126 -15.72 65.59 14.47
N THR F 127 -16.37 64.69 15.20
CA THR F 127 -15.68 64.16 16.37
C THR F 127 -15.05 62.79 16.18
N ARG F 128 -15.23 62.16 15.01
CA ARG F 128 -14.66 60.84 14.76
C ARG F 128 -14.06 60.84 13.35
N TRP F 129 -12.89 60.25 13.23
CA TRP F 129 -12.08 60.36 12.02
C TRP F 129 -12.93 59.90 10.85
N GLU F 130 -13.58 58.75 11.02
CA GLU F 130 -14.36 58.13 9.95
C GLU F 130 -15.43 59.08 9.43
N ASP F 131 -16.23 59.70 10.30
CA ASP F 131 -17.22 60.69 9.89
C ASP F 131 -16.58 61.90 9.19
N GLY F 132 -15.38 62.28 9.55
CA GLY F 132 -14.66 63.34 8.84
C GLY F 132 -14.46 62.97 7.38
N LYS F 133 -14.01 61.74 7.16
CA LYS F 133 -13.75 61.25 5.81
C LYS F 133 -15.06 61.10 5.04
N ARG F 134 -16.11 60.60 5.70
CA ARG F 134 -17.38 60.45 5.00
C ARG F 134 -17.90 61.84 4.59
N MET F 135 -17.67 62.88 5.38
CA MET F 135 -18.17 64.22 5.07
C MET F 135 -17.47 64.70 3.80
N VAL F 136 -16.16 64.51 3.77
CA VAL F 136 -15.39 65.13 2.70
C VAL F 136 -15.73 64.48 1.37
N LYS F 137 -16.10 63.20 1.47
CA LYS F 137 -16.37 62.38 0.31
C LYS F 137 -17.76 62.68 -0.26
N ALA F 138 -18.75 62.81 0.62
CA ALA F 138 -20.10 63.22 0.23
C ALA F 138 -20.10 64.56 -0.50
N CYS F 139 -19.28 65.50 -0.04
CA CYS F 139 -19.23 66.74 -0.77
C CYS F 139 -18.43 66.57 -2.05
N ASP F 140 -17.44 65.69 -2.10
CA ASP F 140 -16.73 65.52 -3.37
C ASP F 140 -17.69 65.06 -4.48
N GLU F 141 -18.49 64.07 -4.11
CA GLU F 141 -19.45 63.45 -5.01
C GLU F 141 -20.60 64.35 -5.45
N ALA F 142 -21.19 65.11 -4.55
CA ALA F 142 -22.17 66.14 -4.90
C ALA F 142 -21.55 67.29 -5.68
N GLY F 143 -20.23 67.38 -5.69
CA GLY F 143 -19.58 68.48 -6.40
C GLY F 143 -19.76 69.81 -5.71
N VAL F 144 -19.96 69.78 -4.39
CA VAL F 144 -20.21 70.95 -3.57
C VAL F 144 -18.99 71.38 -2.76
N ARG F 145 -18.92 72.63 -2.32
CA ARG F 145 -17.74 73.07 -1.55
C ARG F 145 -17.97 72.67 -0.10
N LEU F 146 -16.94 72.25 0.62
CA LEU F 146 -17.04 72.02 2.06
C LEU F 146 -16.01 72.92 2.75
N PHE F 147 -16.43 73.86 3.59
CA PHE F 147 -15.53 74.76 4.33
C PHE F 147 -15.50 74.41 5.82
N VAL F 148 -14.36 74.57 6.49
CA VAL F 148 -14.25 74.33 7.93
C VAL F 148 -13.66 75.56 8.62
N VAL F 149 -14.34 76.04 9.66
CA VAL F 149 -13.90 77.29 10.25
C VAL F 149 -12.58 77.19 11.03
N LYS F 150 -11.49 77.69 10.46
CA LYS F 150 -10.33 77.98 11.29
C LYS F 150 -10.08 79.49 11.27
N GLN F 151 -10.92 80.26 11.95
CA GLN F 151 -10.80 81.71 11.93
C GLN F 151 -9.51 82.28 12.52
N ASN F 152 -8.90 81.57 13.46
CA ASN F 152 -7.67 82.04 14.09
C ASN F 152 -6.46 82.10 13.18
N ARG F 153 -6.52 81.38 12.07
CA ARG F 153 -5.34 81.37 11.20
C ARG F 153 -4.89 82.75 10.75
N ARG F 154 -5.82 83.70 10.74
CA ARG F 154 -5.56 85.01 10.16
C ARG F 154 -5.18 86.08 11.18
N ASN F 155 -5.27 85.79 12.48
CA ASN F 155 -4.63 86.64 13.48
C ASN F 155 -3.24 87.09 13.04
N ALA F 156 -2.91 88.33 13.39
CA ALA F 156 -1.76 88.98 12.80
C ALA F 156 -0.49 88.35 13.36
N THR F 157 -0.49 88.10 14.67
CA THR F 157 0.63 87.41 15.30
C THR F 157 0.99 86.13 14.56
N LEU F 158 0.02 85.24 14.35
CA LEU F 158 0.28 83.98 13.66
C LEU F 158 0.67 84.13 12.18
N GLN F 159 0.25 85.22 11.57
CA GLN F 159 0.45 85.41 10.14
C GLN F 159 1.91 85.80 9.94
N LEU F 160 2.37 86.59 10.91
CA LEU F 160 3.77 87.00 10.96
C LEU F 160 4.64 85.73 11.01
N VAL F 161 4.38 84.90 12.01
CA VAL F 161 5.13 83.67 12.25
C VAL F 161 5.06 82.69 11.08
N LYS F 162 3.85 82.60 10.54
CA LYS F 162 3.54 81.86 9.33
C LYS F 162 4.39 82.33 8.14
N LYS F 163 4.49 83.64 7.98
CA LYS F 163 5.34 84.17 6.92
C LYS F 163 6.81 83.92 7.26
N ALA F 164 7.21 84.19 8.49
CA ALA F 164 8.61 83.95 8.82
C ALA F 164 8.96 82.52 8.42
N ILE F 165 8.29 81.53 9.00
CA ILE F 165 8.55 80.15 8.60
C ILE F 165 8.69 80.09 7.07
N GLU F 166 7.66 80.53 6.35
CA GLU F 166 7.59 80.36 4.90
C GLU F 166 8.77 80.96 4.13
N GLN F 167 9.29 82.10 4.58
CA GLN F 167 10.52 82.66 3.99
C GLN F 167 11.81 81.92 4.31
N GLY F 168 11.79 80.83 5.09
CA GLY F 168 13.00 80.07 5.32
C GLY F 168 13.89 80.60 6.43
N ARG F 169 13.43 81.69 7.04
CA ARG F 169 14.13 82.33 8.16
C ARG F 169 14.57 81.45 9.33
N PHE F 170 13.96 80.28 9.52
CA PHE F 170 14.28 79.52 10.73
C PHE F 170 15.40 78.54 10.38
N GLY F 171 15.56 78.27 9.09
CA GLY F 171 16.34 77.10 8.69
C GLY F 171 15.70 75.95 9.43
N ARG F 172 16.41 74.84 9.60
CA ARG F 172 15.86 73.68 10.28
C ARG F 172 15.26 74.05 11.63
N ILE F 173 14.04 73.58 11.85
CA ILE F 173 13.23 73.78 13.05
C ILE F 173 13.60 72.57 13.90
N TYR F 174 13.91 72.81 15.16
CA TYR F 174 14.34 71.72 16.03
C TYR F 174 13.25 71.37 17.04
N MET F 175 12.67 72.43 17.61
CA MET F 175 11.79 72.28 18.74
C MET F 175 10.58 73.20 18.70
N VAL F 176 9.43 72.61 18.99
CA VAL F 176 8.17 73.37 19.03
C VAL F 176 7.36 73.05 20.28
N THR F 177 6.91 74.05 21.01
CA THR F 177 6.18 73.69 22.23
C THR F 177 4.95 74.57 22.25
N VAL F 178 3.77 74.05 22.58
CA VAL F 178 2.56 74.86 22.64
C VAL F 178 1.89 74.62 23.98
N ASN F 179 1.51 75.73 24.61
CA ASN F 179 0.87 75.62 25.91
C ASN F 179 -0.52 76.20 25.85
N VAL F 180 -1.50 75.53 26.45
CA VAL F 180 -2.82 76.11 26.56
C VAL F 180 -3.30 75.83 27.98
N PHE F 181 -3.13 76.85 28.81
CA PHE F 181 -3.33 76.68 30.23
C PHE F 181 -4.54 77.55 30.54
N TRP F 182 -5.72 76.99 30.29
CA TRP F 182 -6.96 77.76 30.40
C TRP F 182 -7.80 77.28 31.57
N THR F 183 -8.99 77.88 31.68
CA THR F 183 -9.93 77.61 32.76
C THR F 183 -11.38 77.43 32.31
N ARG F 184 -12.00 76.34 32.73
CA ARG F 184 -13.40 76.06 32.43
C ARG F 184 -14.02 75.41 33.67
N PRO F 185 -14.90 76.15 34.36
CA PRO F 185 -15.62 75.59 35.50
C PRO F 185 -16.65 74.55 35.08
N GLN F 186 -17.08 73.74 36.04
CA GLN F 186 -18.11 72.73 35.85
C GLN F 186 -19.35 73.36 35.24
N GLU F 187 -19.72 74.59 35.59
CA GLU F 187 -20.88 75.29 35.02
C GLU F 187 -20.79 75.44 33.50
N TYR F 188 -19.59 75.73 33.00
CA TYR F 188 -19.41 75.71 31.55
C TYR F 188 -19.83 74.39 30.93
N TYR F 189 -19.39 73.24 31.43
CA TYR F 189 -19.86 71.98 30.84
C TYR F 189 -21.35 71.77 31.07
N ASP F 190 -21.89 72.39 32.13
CA ASP F 190 -23.23 72.07 32.59
C ASP F 190 -24.26 72.87 31.80
N ALA F 191 -23.85 73.97 31.15
CA ALA F 191 -24.71 74.79 30.30
C ALA F 191 -25.39 74.07 29.15
N ALA F 192 -24.82 72.97 28.65
CA ALA F 192 -25.56 72.20 27.65
C ALA F 192 -25.20 70.73 27.71
N ARG F 193 -26.20 69.86 27.74
CA ARG F 193 -26.00 68.41 27.80
C ARG F 193 -24.92 67.90 26.86
N TRP F 194 -24.75 68.47 25.67
CA TRP F 194 -23.80 67.91 24.69
C TRP F 194 -22.33 68.13 25.04
N ARG F 195 -22.01 69.16 25.83
CA ARG F 195 -20.63 69.55 26.08
C ARG F 195 -19.85 68.54 26.90
N GLY F 196 -18.55 68.40 26.65
CA GLY F 196 -17.74 67.40 27.32
C GLY F 196 -18.04 65.93 27.08
N LYS F 197 -18.95 65.60 26.17
CA LYS F 197 -19.22 64.21 25.82
C LYS F 197 -18.41 63.73 24.62
N TRP F 198 -17.98 62.48 24.61
CA TRP F 198 -17.16 61.98 23.50
C TRP F 198 -17.98 62.10 22.21
N GLU F 199 -19.21 61.59 22.23
CA GLU F 199 -20.01 61.56 21.01
C GLU F 199 -20.13 62.92 20.35
N TRP F 200 -20.36 63.98 21.13
CA TRP F 200 -20.73 65.28 20.58
C TRP F 200 -19.71 66.42 20.63
N ASP F 201 -18.72 66.33 21.51
CA ASP F 201 -17.79 67.42 21.76
C ASP F 201 -16.31 67.02 21.73
N GLY F 202 -15.95 65.95 22.44
CA GLY F 202 -14.54 65.80 22.79
C GLY F 202 -14.22 66.64 24.00
N GLY F 203 -12.94 66.74 24.35
CA GLY F 203 -12.58 67.40 25.59
C GLY F 203 -11.64 68.56 25.29
N ALA F 204 -10.65 68.73 26.16
CA ALA F 204 -9.83 69.91 26.12
C ALA F 204 -9.11 70.10 24.80
N PHE F 205 -8.65 69.00 24.20
CA PHE F 205 -7.94 69.04 22.92
C PHE F 205 -8.90 69.24 21.75
N MET F 206 -9.95 68.43 21.69
CA MET F 206 -10.79 68.47 20.50
C MET F 206 -11.60 69.77 20.40
N ASN F 207 -12.12 70.21 21.54
CA ASN F 207 -12.83 71.49 21.61
C ASN F 207 -11.94 72.69 21.92
N GLN F 208 -11.62 72.91 23.20
CA GLN F 208 -10.95 74.15 23.59
C GLN F 208 -9.58 74.45 23.00
N ALA F 209 -8.80 73.41 22.73
CA ALA F 209 -7.46 73.70 22.26
C ALA F 209 -7.32 73.53 20.75
N SER F 210 -8.43 73.23 20.07
CA SER F 210 -8.32 72.72 18.71
C SER F 210 -7.63 73.67 17.75
N HIS F 211 -7.70 74.98 18.01
CA HIS F 211 -7.08 75.92 17.07
C HIS F 211 -5.58 75.87 17.32
N TYR F 212 -5.20 75.45 18.53
CA TYR F 212 -3.79 75.37 18.88
C TYR F 212 -3.26 74.07 18.30
N VAL F 213 -4.07 73.01 18.37
CA VAL F 213 -3.68 71.82 17.66
C VAL F 213 -3.45 72.01 16.17
N ASP F 214 -4.33 72.82 15.59
CA ASP F 214 -4.24 73.26 14.19
C ASP F 214 -2.93 73.95 13.80
N LEU F 215 -2.26 74.62 14.74
CA LEU F 215 -1.01 75.28 14.38
C LEU F 215 0.10 74.30 14.06
N LEU F 216 -0.02 73.13 14.68
CA LEU F 216 1.03 72.13 14.67
C LEU F 216 1.31 71.81 13.21
N ASP F 217 0.28 71.43 12.46
CA ASP F 217 0.50 71.03 11.07
C ASP F 217 0.52 72.23 10.13
N TRP F 218 -0.26 73.25 10.45
CA TRP F 218 -0.38 74.36 9.51
C TRP F 218 0.90 75.21 9.47
N LEU F 219 1.42 75.54 10.64
CA LEU F 219 2.68 76.27 10.76
C LEU F 219 3.93 75.44 10.59
N VAL F 220 4.10 74.39 11.41
CA VAL F 220 5.33 73.60 11.35
C VAL F 220 5.43 72.59 10.22
N GLY F 221 4.30 72.07 9.72
CA GLY F 221 4.34 71.08 8.67
C GLY F 221 3.79 69.74 9.14
N PRO F 222 3.98 68.68 8.34
CA PRO F 222 3.18 67.50 8.69
C PRO F 222 3.79 66.65 9.79
N VAL F 223 2.95 66.27 10.75
CA VAL F 223 3.37 65.47 11.89
C VAL F 223 3.58 64.01 11.50
N GLU F 224 4.65 63.38 11.99
CA GLU F 224 4.91 61.97 11.69
C GLU F 224 4.29 61.00 12.70
N SER F 225 4.32 61.32 14.00
CA SER F 225 3.70 60.46 15.01
C SER F 225 3.53 61.25 16.30
N VAL F 226 2.69 60.75 17.19
CA VAL F 226 2.55 61.42 18.48
C VAL F 226 2.43 60.34 19.56
N TYR F 227 2.61 60.73 20.82
CA TYR F 227 2.22 59.88 21.94
C TYR F 227 1.50 60.81 22.89
N ALA F 228 0.46 60.27 23.53
CA ALA F 228 -0.28 61.19 24.41
C ALA F 228 -0.73 60.60 25.74
N TYR F 229 -0.76 61.43 26.78
CA TYR F 229 -1.49 61.11 28.01
C TYR F 229 -2.62 62.13 28.13
N THR F 230 -3.86 61.75 28.43
CA THR F 230 -4.86 62.74 28.81
C THR F 230 -5.63 62.12 29.96
N ALA F 231 -6.39 62.92 30.70
CA ALA F 231 -7.26 62.39 31.75
C ALA F 231 -8.32 63.44 32.08
N THR F 232 -9.33 62.98 32.80
CA THR F 232 -10.34 63.82 33.44
C THR F 232 -9.89 63.91 34.89
N LEU F 233 -9.14 64.97 35.17
CA LEU F 233 -8.58 65.18 36.50
C LEU F 233 -9.58 65.79 37.47
N ALA F 234 -10.52 66.62 37.04
CA ALA F 234 -11.44 67.28 37.97
C ALA F 234 -12.87 67.49 37.50
N ARG F 235 -13.12 67.72 36.21
CA ARG F 235 -14.51 67.90 35.81
C ARG F 235 -15.42 66.67 35.78
N ARG F 236 -16.72 66.89 35.96
CA ARG F 236 -17.69 65.81 35.81
C ARG F 236 -18.07 65.90 34.33
N ILE F 237 -17.26 65.32 33.45
CA ILE F 237 -17.55 65.22 32.02
C ILE F 237 -16.98 63.91 31.50
N GLU F 238 -17.16 63.63 30.22
CA GLU F 238 -16.75 62.31 29.76
C GLU F 238 -15.32 62.36 29.30
N ALA F 239 -14.96 63.42 28.59
CA ALA F 239 -13.69 63.51 27.89
C ALA F 239 -12.67 64.17 28.82
N GLU F 240 -11.47 64.37 28.30
CA GLU F 240 -10.39 64.87 29.14
C GLU F 240 -10.40 66.39 29.32
N ASP F 241 -9.94 66.78 30.51
CA ASP F 241 -9.86 68.20 30.84
C ASP F 241 -8.38 68.55 30.85
N THR F 242 -7.53 67.52 30.87
CA THR F 242 -6.07 67.72 30.92
C THR F 242 -5.30 66.74 30.05
N GLY F 243 -4.23 67.20 29.39
CA GLY F 243 -3.43 66.25 28.62
C GLY F 243 -2.14 66.80 28.07
N VAL F 244 -1.29 65.87 27.62
CA VAL F 244 -0.01 66.24 27.04
C VAL F 244 0.17 65.37 25.82
N ALA F 245 0.69 65.95 24.75
CA ALA F 245 1.11 65.11 23.63
C ALA F 245 2.52 65.45 23.22
N ALA F 246 3.37 64.42 23.23
CA ALA F 246 4.67 64.44 22.56
C ALA F 246 4.48 64.22 21.06
N LEU F 247 5.26 64.93 20.26
CA LEU F 247 5.18 64.92 18.80
C LEU F 247 6.53 64.88 18.10
N ARG F 248 6.56 64.17 16.97
CA ARG F 248 7.69 64.19 16.06
C ARG F 248 7.16 64.54 14.66
N TRP F 249 7.75 65.54 14.01
CA TRP F 249 7.40 65.96 12.65
C TRP F 249 8.21 65.17 11.64
N ARG F 250 7.66 65.04 10.45
CA ARG F 250 8.34 64.32 9.38
C ARG F 250 9.72 64.89 9.20
N HIS F 251 9.86 66.20 9.30
CA HIS F 251 11.16 66.81 9.00
C HIS F 251 12.09 66.70 10.21
N GLY F 252 11.60 66.08 11.28
CA GLY F 252 12.49 65.67 12.36
C GLY F 252 12.44 66.51 13.63
N ALA F 253 11.89 67.71 13.52
CA ALA F 253 11.70 68.51 14.74
C ALA F 253 10.87 67.70 15.73
N MET F 254 10.94 68.07 17.01
CA MET F 254 10.19 67.32 18.01
C MET F 254 9.53 68.41 18.83
N GLY F 255 8.51 68.06 19.62
CA GLY F 255 7.88 69.12 20.40
C GLY F 255 6.81 68.46 21.25
N SER F 256 6.02 69.33 21.87
CA SER F 256 4.86 68.91 22.62
C SER F 256 3.77 69.96 22.74
N ILE F 257 2.60 69.47 23.13
CA ILE F 257 1.45 70.32 23.31
C ILE F 257 0.85 69.93 24.66
N ASN F 258 0.66 70.94 25.49
CA ASN F 258 0.32 70.74 26.90
C ASN F 258 -0.96 71.52 27.12
N VAL F 259 -2.00 70.85 27.59
CA VAL F 259 -3.29 71.51 27.64
C VAL F 259 -3.96 71.20 28.97
N THR F 260 -4.51 72.25 29.57
CA THR F 260 -5.42 72.07 30.69
C THR F 260 -6.53 73.11 30.83
N MET F 261 -7.69 72.67 31.30
CA MET F 261 -8.78 73.62 31.49
C MET F 261 -9.00 73.75 32.99
N LEU F 262 -8.02 73.36 33.79
CA LEU F 262 -8.12 73.41 35.24
C LEU F 262 -7.23 74.51 35.82
N THR F 263 -6.82 75.50 35.04
CA THR F 263 -5.85 76.45 35.58
C THR F 263 -6.43 77.30 36.71
N TYR F 264 -5.78 77.33 37.88
CA TYR F 264 -6.23 78.23 38.93
C TYR F 264 -5.70 79.64 38.65
N PRO F 265 -6.57 80.66 38.58
CA PRO F 265 -7.99 80.69 38.89
C PRO F 265 -8.73 81.16 37.64
N GLN F 266 -7.96 81.44 36.58
CA GLN F 266 -8.48 81.91 35.31
C GLN F 266 -7.46 81.63 34.23
N ASN F 267 -7.77 81.85 32.95
CA ASN F 267 -6.81 81.59 31.88
C ASN F 267 -5.42 82.13 32.17
N LEU F 268 -4.39 81.40 31.75
CA LEU F 268 -3.06 81.91 32.05
C LEU F 268 -2.29 81.99 30.74
N GLU F 269 -2.56 81.10 29.79
CA GLU F 269 -1.63 81.11 28.68
C GLU F 269 -2.10 80.31 27.48
N GLY F 270 -1.83 80.89 26.33
CA GLY F 270 -1.80 80.15 25.07
C GLY F 270 -0.58 80.59 24.30
N SER F 271 0.32 79.65 24.08
CA SER F 271 1.59 80.03 23.47
C SER F 271 2.14 78.94 22.56
N ILE F 272 2.94 79.40 21.60
CA ILE F 272 3.70 78.53 20.68
C ILE F 272 5.10 79.11 20.71
N THR F 273 6.05 78.16 20.74
CA THR F 273 7.47 78.44 20.68
C THR F 273 8.11 77.56 19.60
N ILE F 274 8.73 78.21 18.63
CA ILE F 274 9.40 77.48 17.56
C ILE F 274 10.88 77.84 17.59
N LEU F 275 11.75 76.85 17.73
CA LEU F 275 13.19 77.05 17.75
C LEU F 275 13.79 76.26 16.60
N GLY F 276 14.52 76.98 15.76
CA GLY F 276 15.18 76.34 14.63
C GLY F 276 16.61 76.85 14.63
N GLU F 277 17.37 76.42 13.63
CA GLU F 277 18.77 76.78 13.45
C GLU F 277 19.03 78.28 13.51
N LYS F 278 18.48 79.02 12.56
CA LYS F 278 18.63 80.47 12.53
C LYS F 278 17.43 81.25 13.09
N GLY F 279 16.53 80.58 13.81
CA GLY F 279 15.34 81.22 14.36
C GLY F 279 14.95 80.95 15.80
N THR F 280 14.45 81.96 16.50
CA THR F 280 13.80 81.81 17.79
C THR F 280 12.56 82.70 17.96
N VAL F 281 11.37 82.14 18.15
CA VAL F 281 10.15 82.92 18.30
C VAL F 281 9.23 82.32 19.35
N ARG F 282 8.66 83.18 20.19
CA ARG F 282 7.64 82.78 21.15
C ARG F 282 6.44 83.73 21.06
N VAL F 283 5.27 83.20 20.75
CA VAL F 283 4.05 83.99 20.88
C VAL F 283 3.33 83.59 22.17
N GLY F 284 3.06 84.57 23.04
CA GLY F 284 2.60 84.31 24.40
C GLY F 284 1.34 85.09 24.72
N GLY F 285 1.08 85.24 26.02
CA GLY F 285 -0.18 85.82 26.48
C GLY F 285 -1.15 84.67 26.61
N VAL F 286 -2.43 85.01 26.70
CA VAL F 286 -3.46 84.06 27.06
C VAL F 286 -4.04 83.48 25.77
N ALA F 287 -3.63 84.02 24.63
CA ALA F 287 -4.19 83.53 23.38
C ALA F 287 -3.40 83.95 22.16
N VAL F 288 -2.10 83.65 22.19
CA VAL F 288 -1.21 83.82 21.05
C VAL F 288 -1.41 85.21 20.45
N ASN F 289 -1.56 86.15 21.38
CA ASN F 289 -1.77 87.57 21.15
C ASN F 289 -0.56 88.48 21.34
N ARG F 290 0.61 87.97 21.71
CA ARG F 290 1.70 88.90 22.02
C ARG F 290 3.07 88.31 21.68
N ILE F 291 3.70 88.73 20.60
CA ILE F 291 5.05 88.23 20.28
C ILE F 291 5.98 88.56 21.44
N ASP F 292 6.59 87.56 22.07
CA ASP F 292 7.35 87.78 23.28
C ASP F 292 8.81 87.57 22.91
N GLU F 293 9.03 86.81 21.85
CA GLU F 293 10.43 86.51 21.61
C GLU F 293 10.52 86.44 20.09
N TRP F 294 11.44 87.19 19.51
CA TRP F 294 11.56 87.28 18.06
C TRP F 294 13.01 87.52 17.63
N LYS F 295 13.69 86.48 17.15
CA LYS F 295 15.10 86.56 16.81
C LYS F 295 15.52 85.67 15.62
N PHE F 296 16.36 86.20 14.73
CA PHE F 296 16.81 85.50 13.53
C PHE F 296 18.23 85.84 13.10
N ALA F 297 18.92 84.89 12.46
CA ALA F 297 20.28 85.05 11.96
C ALA F 297 20.54 86.34 11.17
N GLU F 298 19.63 86.72 10.28
CA GLU F 298 19.75 88.04 9.66
C GLU F 298 18.32 88.54 9.58
N PRO F 299 18.11 89.73 10.16
CA PRO F 299 16.78 90.20 10.51
C PRO F 299 16.25 91.07 9.38
N HIS F 300 15.09 91.68 9.61
CA HIS F 300 14.43 92.48 8.59
C HIS F 300 14.02 93.79 9.24
N PRO F 301 13.81 94.85 8.45
CA PRO F 301 13.61 96.08 9.19
C PRO F 301 12.35 96.17 10.07
N ASP F 302 11.43 95.22 10.05
CA ASP F 302 10.28 95.44 10.92
C ASP F 302 10.37 94.75 12.28
N ASP F 303 11.52 94.12 12.53
CA ASP F 303 11.61 93.29 13.72
C ASP F 303 11.31 94.16 14.93
N ASP F 304 11.75 95.40 14.86
CA ASP F 304 11.34 96.32 15.91
C ASP F 304 9.85 96.65 15.87
N GLY F 320 -12.50 86.74 14.47
CA GLY F 320 -11.85 86.22 13.25
C GLY F 320 -12.85 85.83 12.20
N HIS F 321 -14.07 85.48 12.62
CA HIS F 321 -15.12 85.09 11.67
C HIS F 321 -15.40 86.07 10.53
N PRO F 322 -15.56 87.36 10.86
CA PRO F 322 -15.74 88.32 9.78
C PRO F 322 -14.64 88.17 8.74
N LEU F 323 -13.37 88.13 9.17
CA LEU F 323 -12.31 87.91 8.20
C LEU F 323 -12.41 86.57 7.49
N TYR F 324 -12.83 85.53 8.21
CA TYR F 324 -12.89 84.19 7.63
C TYR F 324 -13.86 84.17 6.47
N TYR F 325 -15.03 84.77 6.67
CA TYR F 325 -16.14 84.75 5.73
C TYR F 325 -15.78 85.52 4.47
N ASP F 326 -14.68 86.26 4.54
CA ASP F 326 -14.27 87.03 3.37
C ASP F 326 -13.83 86.07 2.27
N ASN F 327 -12.97 85.15 2.69
CA ASN F 327 -12.53 84.06 1.82
C ASN F 327 -13.65 83.10 1.43
N VAL F 328 -14.59 82.82 2.33
CA VAL F 328 -15.70 81.97 1.91
C VAL F 328 -16.46 82.63 0.76
N ILE F 329 -16.62 83.95 0.81
CA ILE F 329 -17.47 84.55 -0.21
C ILE F 329 -16.73 84.71 -1.54
N ASN F 330 -15.43 85.01 -1.50
CA ASN F 330 -14.67 85.14 -2.72
C ASN F 330 -14.79 83.77 -3.34
N CYS F 331 -14.61 82.79 -2.47
CA CYS F 331 -14.57 81.44 -2.98
C CYS F 331 -15.87 81.10 -3.73
N LEU F 332 -17.01 81.33 -3.10
CA LEU F 332 -18.24 81.04 -3.81
C LEU F 332 -18.42 81.98 -4.99
N ARG F 333 -17.73 83.11 -5.03
CA ARG F 333 -17.94 83.98 -6.17
C ARG F 333 -17.32 83.37 -7.42
N GLY F 334 -15.99 83.29 -7.44
CA GLY F 334 -15.29 82.57 -8.49
C GLY F 334 -13.79 82.58 -8.20
N ASP F 335 -13.35 83.61 -7.50
CA ASP F 335 -11.94 83.98 -7.53
C ASP F 335 -11.02 83.05 -6.73
N CYS F 336 -11.55 82.32 -5.76
CA CYS F 336 -10.66 81.79 -4.74
C CYS F 336 -10.50 80.28 -4.62
N GLU F 337 -9.43 79.86 -3.96
CA GLU F 337 -9.36 78.52 -3.39
C GLU F 337 -9.93 78.61 -1.98
N PRO F 338 -10.62 77.58 -1.49
CA PRO F 338 -10.84 77.71 -0.06
C PRO F 338 -9.53 77.74 0.71
N GLU F 339 -9.40 78.71 1.61
CA GLU F 339 -8.19 78.71 2.44
C GLU F 339 -8.24 77.49 3.36
N THR F 340 -9.39 77.19 3.93
CA THR F 340 -9.56 75.96 4.70
C THR F 340 -10.68 75.04 4.24
N ASP F 341 -10.41 74.13 3.31
CA ASP F 341 -11.48 73.28 2.81
C ASP F 341 -11.61 72.01 3.64
N GLY F 342 -12.41 71.08 3.12
CA GLY F 342 -12.67 69.82 3.83
C GLY F 342 -11.38 69.09 4.13
N ARG F 343 -10.53 68.94 3.12
CA ARG F 343 -9.26 68.24 3.25
C ARG F 343 -8.31 68.83 4.28
N GLU F 344 -8.12 70.14 4.20
CA GLU F 344 -7.33 70.85 5.20
C GLU F 344 -7.93 70.57 6.57
N GLY F 345 -9.26 70.52 6.64
CA GLY F 345 -9.87 70.21 7.94
C GLY F 345 -9.55 68.84 8.50
N LEU F 346 -9.42 67.82 7.65
CA LEU F 346 -8.96 66.47 7.95
C LEU F 346 -7.56 66.50 8.58
N GLN F 347 -6.73 67.45 8.18
CA GLN F 347 -5.38 67.51 8.73
C GLN F 347 -5.44 67.49 10.26
N SER F 348 -6.07 68.49 10.86
CA SER F 348 -6.09 68.63 12.30
C SER F 348 -6.97 67.53 12.89
N LEU F 349 -7.99 67.09 12.17
CA LEU F 349 -8.79 66.00 12.70
C LEU F 349 -7.98 64.71 12.77
N ALA F 350 -7.17 64.40 11.76
CA ALA F 350 -6.21 63.31 11.85
C ALA F 350 -5.35 63.44 13.10
N LEU F 351 -4.76 64.61 13.29
CA LEU F 351 -3.95 64.78 14.50
C LEU F 351 -4.71 64.56 15.80
N LEU F 352 -5.95 65.05 15.84
CA LEU F 352 -6.64 65.03 17.11
C LEU F 352 -6.94 63.55 17.31
N THR F 353 -7.13 62.82 16.23
CA THR F 353 -7.52 61.42 16.37
C THR F 353 -6.34 60.62 16.95
N ALA F 354 -5.18 60.91 16.38
CA ALA F 354 -3.91 60.31 16.76
C ALA F 354 -3.71 60.54 18.26
N ILE F 355 -3.90 61.78 18.70
CA ILE F 355 -3.85 62.09 20.12
C ILE F 355 -4.81 61.20 20.93
N TYR F 356 -6.05 61.07 20.52
CA TYR F 356 -7.05 60.41 21.37
C TYR F 356 -6.81 58.90 21.33
N ARG F 357 -6.53 58.36 20.16
CA ARG F 357 -6.12 56.95 20.13
C ARG F 357 -4.89 56.65 21.01
N SER F 358 -3.91 57.54 20.97
CA SER F 358 -2.65 57.28 21.67
C SER F 358 -2.97 57.30 23.15
N ALA F 359 -3.71 58.32 23.58
CA ALA F 359 -4.14 58.47 24.98
C ALA F 359 -4.95 57.26 25.45
N ARG F 360 -5.92 56.87 24.63
CA ARG F 360 -6.70 55.71 25.06
C ARG F 360 -5.88 54.44 25.06
N ASP F 361 -5.05 54.24 24.03
CA ASP F 361 -4.43 52.95 23.83
C ASP F 361 -3.02 52.82 24.43
N GLY F 362 -2.33 53.92 24.72
CA GLY F 362 -1.01 53.77 25.33
C GLY F 362 0.06 53.34 24.34
N VAL F 363 -0.07 53.71 23.07
CA VAL F 363 0.96 53.44 22.07
C VAL F 363 1.18 54.69 21.25
N ARG F 364 2.34 54.78 20.60
CA ARG F 364 2.67 55.80 19.63
C ARG F 364 1.69 55.62 18.48
N ILE F 365 1.15 56.69 17.93
CA ILE F 365 0.22 56.59 16.79
C ILE F 365 0.85 57.31 15.59
N PRO F 366 1.17 56.60 14.49
CA PRO F 366 1.80 57.29 13.37
C PRO F 366 0.79 57.83 12.36
N LEU F 367 1.21 58.76 11.51
CA LEU F 367 0.32 59.37 10.53
C LEU F 367 0.90 59.15 9.13
N PRO F 368 0.10 59.26 8.07
CA PRO F 368 -1.32 59.57 8.09
C PRO F 368 -2.08 58.31 8.48
N LEU F 369 -3.28 58.53 9.01
CA LEU F 369 -4.24 57.51 9.40
C LEU F 369 -4.79 56.87 8.14
N ASP F 370 -5.17 55.61 8.28
CA ASP F 370 -5.91 54.94 7.23
C ASP F 370 -7.28 55.61 7.03
N ARG G 29 -55.72 59.75 26.99
CA ARG G 29 -56.08 58.31 27.09
C ARG G 29 -55.00 57.45 27.72
N LYS G 30 -55.22 56.14 27.83
CA LYS G 30 -54.18 55.27 28.37
C LYS G 30 -53.07 54.98 27.36
N ILE G 31 -51.83 54.88 27.80
CA ILE G 31 -50.77 54.47 26.88
C ILE G 31 -51.06 53.04 26.45
N ARG G 32 -50.79 52.78 25.17
CA ARG G 32 -50.99 51.48 24.53
C ARG G 32 -49.71 50.68 24.25
N PHE G 33 -49.48 49.64 25.04
CA PHE G 33 -48.31 48.79 24.91
C PHE G 33 -48.66 47.55 24.12
N GLY G 34 -47.70 47.12 23.32
CA GLY G 34 -47.70 45.78 22.72
C GLY G 34 -46.52 45.04 23.33
N LEU G 35 -46.68 43.73 23.51
CA LEU G 35 -45.59 42.88 23.99
C LEU G 35 -45.12 41.94 22.88
N VAL G 36 -43.81 41.94 22.62
CA VAL G 36 -43.24 40.99 21.68
C VAL G 36 -42.39 39.96 22.42
N GLY G 37 -42.86 38.72 22.37
CA GLY G 37 -42.23 37.68 23.17
C GLY G 37 -43.02 37.38 24.42
N CYS G 38 -43.73 36.25 24.44
CA CYS G 38 -44.55 35.89 25.59
C CYS G 38 -43.94 34.71 26.31
N GLY G 39 -42.72 34.90 26.80
CA GLY G 39 -41.98 33.79 27.37
C GLY G 39 -41.93 33.96 28.88
N ARG G 40 -40.86 33.45 29.49
CA ARG G 40 -40.71 33.51 30.94
C ARG G 40 -40.85 34.90 31.54
N ILE G 41 -40.25 35.94 30.96
CA ILE G 41 -40.39 37.23 31.64
C ILE G 41 -41.70 37.93 31.28
N SER G 42 -42.39 37.42 30.27
CA SER G 42 -43.62 38.05 29.81
C SER G 42 -44.58 38.39 30.95
N LYS G 43 -44.90 37.43 31.81
CA LYS G 43 -45.75 37.66 32.96
C LYS G 43 -45.42 38.88 33.83
N ASN G 44 -44.14 39.22 34.03
CA ASN G 44 -43.80 40.35 34.87
C ASN G 44 -44.19 41.65 34.18
N HIS G 45 -43.97 41.74 32.88
CA HIS G 45 -44.45 42.89 32.09
C HIS G 45 -45.96 42.90 32.12
N ILE G 46 -46.59 41.73 31.96
CA ILE G 46 -48.04 41.74 31.93
C ILE G 46 -48.42 42.32 33.28
N GLY G 47 -47.99 41.63 34.33
CA GLY G 47 -48.11 42.08 35.72
C GLY G 47 -48.03 43.58 35.92
N ALA G 48 -46.95 44.19 35.41
CA ALA G 48 -46.63 45.57 35.74
C ALA G 48 -47.47 46.58 34.96
N ILE G 49 -47.83 46.25 33.72
CA ILE G 49 -48.66 47.17 32.95
C ILE G 49 -50.03 47.20 33.64
N ALA G 50 -50.64 46.05 33.92
CA ALA G 50 -51.95 46.01 34.57
C ALA G 50 -51.93 46.82 35.86
N GLN G 51 -50.74 46.96 36.42
CA GLN G 51 -50.66 47.63 37.71
C GLN G 51 -50.65 49.15 37.56
N HIS G 52 -50.53 49.62 36.32
CA HIS G 52 -50.84 51.00 35.98
C HIS G 52 -52.02 51.02 35.03
N GLY G 53 -52.89 50.02 35.19
CA GLY G 53 -54.17 49.93 34.49
C GLY G 53 -54.94 51.20 34.16
N ASP G 54 -54.85 52.24 34.96
CA ASP G 54 -55.55 53.47 34.56
C ASP G 54 -54.76 54.47 33.72
N ARG G 55 -53.44 54.31 33.64
CA ARG G 55 -52.65 55.13 32.71
C ARG G 55 -52.22 54.31 31.50
N ALA G 56 -52.42 53.00 31.51
CA ALA G 56 -52.04 52.31 30.29
C ALA G 56 -52.62 50.91 30.27
N GLU G 57 -52.54 50.29 29.10
CA GLU G 57 -53.13 48.97 28.91
C GLU G 57 -52.29 48.24 27.87
N LEU G 58 -52.24 46.92 28.00
CA LEU G 58 -51.62 46.04 27.03
C LEU G 58 -52.61 45.71 25.90
N VAL G 59 -52.43 46.29 24.72
CA VAL G 59 -53.38 45.99 23.65
C VAL G 59 -53.04 44.81 22.73
N GLU G 60 -51.75 44.58 22.52
CA GLU G 60 -51.24 43.62 21.55
C GLU G 60 -50.15 42.70 22.12
N ILE G 61 -50.23 41.41 21.80
CA ILE G 61 -49.22 40.43 22.17
C ILE G 61 -48.74 39.67 20.94
N CYS G 62 -47.50 39.18 20.98
CA CYS G 62 -46.85 38.61 19.80
C CYS G 62 -45.85 37.54 20.19
N ASP G 63 -45.98 36.34 19.62
CA ASP G 63 -44.97 35.32 19.83
C ASP G 63 -45.01 34.42 18.61
N THR G 64 -43.87 33.93 18.14
CA THR G 64 -43.78 33.15 16.92
C THR G 64 -43.99 31.67 17.27
N ASN G 65 -44.27 31.43 18.54
CA ASN G 65 -44.51 30.06 18.99
C ASN G 65 -45.96 29.88 19.39
N PRO G 66 -46.80 29.33 18.49
CA PRO G 66 -48.24 29.15 18.60
C PRO G 66 -48.65 28.96 20.06
N GLU G 67 -47.94 28.10 20.77
CA GLU G 67 -48.45 27.66 22.08
C GLU G 67 -48.47 28.73 23.17
N ALA G 68 -47.35 29.41 23.41
CA ALA G 68 -47.37 30.46 24.42
C ALA G 68 -47.99 31.74 23.86
N LEU G 69 -48.19 31.84 22.56
CA LEU G 69 -49.02 32.95 22.12
C LEU G 69 -50.44 32.72 22.63
N GLN G 70 -50.92 31.49 22.48
CA GLN G 70 -52.25 31.13 22.94
C GLN G 70 -52.48 31.49 24.40
N ALA G 71 -51.65 30.96 25.29
CA ALA G 71 -51.80 31.21 26.72
C ALA G 71 -51.62 32.67 27.11
N ALA G 72 -50.86 33.42 26.31
CA ALA G 72 -50.63 34.79 26.75
C ALA G 72 -51.91 35.49 26.34
N GLU G 73 -52.59 34.87 25.39
CA GLU G 73 -53.86 35.39 24.90
C GLU G 73 -54.91 35.12 25.97
N ALA G 74 -55.11 33.84 26.25
CA ALA G 74 -56.03 33.46 27.32
C ALA G 74 -55.83 34.37 28.52
N ALA G 75 -54.59 34.55 28.99
CA ALA G 75 -54.38 35.30 30.22
C ALA G 75 -54.45 36.82 30.15
N THR G 76 -54.59 37.41 28.97
CA THR G 76 -54.64 38.87 28.95
C THR G 76 -55.81 39.32 28.08
N GLY G 77 -56.24 38.47 27.15
CA GLY G 77 -57.29 38.89 26.22
C GLY G 77 -56.86 39.99 25.27
N ALA G 78 -55.57 40.28 25.22
CA ALA G 78 -55.10 41.19 24.19
C ALA G 78 -55.06 40.49 22.83
N ARG G 79 -54.85 41.28 21.78
CA ARG G 79 -54.92 40.78 20.42
C ARG G 79 -53.65 40.09 19.94
N PRO G 80 -53.79 38.84 19.47
CA PRO G 80 -52.59 38.05 19.22
C PRO G 80 -52.09 38.23 17.79
N PHE G 81 -50.79 38.44 17.63
CA PHE G 81 -50.15 38.18 16.34
C PHE G 81 -49.10 37.08 16.44
N SER G 82 -48.67 36.61 15.28
CA SER G 82 -47.72 35.50 15.24
C SER G 82 -46.37 35.90 14.63
N SER G 83 -46.25 37.15 14.18
CA SER G 83 -44.94 37.67 13.80
C SER G 83 -44.99 39.15 14.16
N LEU G 84 -43.84 39.80 14.30
CA LEU G 84 -43.76 41.22 14.63
C LEU G 84 -44.20 42.06 13.44
N SER G 85 -43.86 41.59 12.24
CA SER G 85 -44.19 42.37 11.04
C SER G 85 -45.71 42.49 10.85
N ASP G 86 -46.44 41.40 11.08
CA ASP G 86 -47.90 41.48 11.12
C ASP G 86 -48.41 42.35 12.26
N MET G 87 -47.83 42.22 13.45
CA MET G 87 -48.28 43.07 14.53
C MET G 87 -48.08 44.55 14.20
N LEU G 88 -47.02 44.87 13.48
CA LEU G 88 -46.76 46.24 13.03
C LEU G 88 -47.53 46.69 11.79
N ALA G 89 -47.88 45.77 10.89
CA ALA G 89 -48.74 46.19 9.77
C ALA G 89 -50.13 46.46 10.34
N GLN G 90 -50.63 45.59 11.22
CA GLN G 90 -52.03 45.57 11.67
C GLN G 90 -52.33 46.22 13.02
N GLY G 91 -51.32 46.42 13.85
CA GLY G 91 -51.60 46.82 15.22
C GLY G 91 -51.31 48.29 15.41
N ASN G 92 -51.62 48.84 16.60
CA ASN G 92 -51.36 50.26 16.77
C ASN G 92 -50.85 50.66 18.15
N ALA G 93 -50.15 49.76 18.83
CA ALA G 93 -49.45 50.14 20.06
C ALA G 93 -48.61 51.39 19.82
N ASP G 94 -48.55 52.25 20.83
CA ASP G 94 -47.68 53.41 20.80
C ASP G 94 -46.27 52.93 21.15
N ALA G 95 -46.21 51.85 21.92
CA ALA G 95 -44.92 51.33 22.35
C ALA G 95 -44.86 49.81 22.36
N LEU G 96 -43.84 49.25 21.71
CA LEU G 96 -43.68 47.80 21.77
C LEU G 96 -42.61 47.38 22.77
N VAL G 97 -42.87 46.34 23.55
CA VAL G 97 -41.91 45.85 24.54
C VAL G 97 -41.25 44.60 23.97
N LEU G 98 -39.92 44.59 23.84
CA LEU G 98 -39.21 43.44 23.29
C LEU G 98 -38.73 42.57 24.45
N ALA G 99 -39.37 41.42 24.61
CA ALA G 99 -38.97 40.45 25.62
C ALA G 99 -38.63 39.17 24.86
N THR G 100 -38.02 39.30 23.70
CA THR G 100 -37.52 38.15 22.98
C THR G 100 -36.07 37.83 23.37
N PRO G 101 -35.50 36.74 22.84
CA PRO G 101 -34.06 36.52 22.90
C PRO G 101 -33.27 37.78 22.59
N SER G 102 -32.24 38.05 23.39
CA SER G 102 -31.62 39.35 23.46
C SER G 102 -31.02 39.71 22.12
N GLY G 103 -30.48 38.70 21.44
CA GLY G 103 -29.89 38.93 20.11
C GLY G 103 -30.92 39.47 19.13
N LEU G 104 -32.20 39.14 19.30
CA LEU G 104 -33.22 39.73 18.43
C LEU G 104 -33.54 41.18 18.72
N HIS G 105 -33.16 41.68 19.90
CA HIS G 105 -33.65 43.00 20.31
C HIS G 105 -33.26 44.08 19.33
N PRO G 106 -32.01 44.08 18.85
CA PRO G 106 -31.67 45.28 18.07
C PRO G 106 -32.43 45.23 16.74
N TRP G 107 -32.67 44.05 16.17
CA TRP G 107 -33.23 43.98 14.83
C TRP G 107 -34.73 44.26 14.90
N GLN G 108 -35.39 43.76 15.94
CA GLN G 108 -36.77 44.16 16.16
C GLN G 108 -36.94 45.65 16.40
N ALA G 109 -35.97 46.26 17.07
CA ALA G 109 -36.15 47.63 17.52
C ALA G 109 -36.03 48.56 16.33
N ILE G 110 -35.20 48.17 15.37
CA ILE G 110 -35.03 48.93 14.13
C ILE G 110 -36.31 48.91 13.29
N GLU G 111 -36.95 47.75 13.20
CA GLU G 111 -38.20 47.54 12.49
C GLU G 111 -39.31 48.33 13.19
N VAL G 112 -39.50 48.14 14.50
CA VAL G 112 -40.40 48.98 15.24
C VAL G 112 -40.26 50.47 14.98
N ALA G 113 -39.02 50.97 15.02
CA ALA G 113 -38.83 52.41 14.92
C ALA G 113 -39.21 52.84 13.51
N GLN G 114 -38.81 52.00 12.56
CA GLN G 114 -39.13 52.20 11.15
C GLN G 114 -40.63 52.36 10.92
N ALA G 115 -41.40 51.90 11.89
CA ALA G 115 -42.85 51.87 11.78
C ALA G 115 -43.45 52.93 12.71
N GLY G 116 -42.61 53.90 13.05
CA GLY G 116 -42.91 55.04 13.92
C GLY G 116 -43.39 54.80 15.33
N ARG G 117 -43.04 53.67 15.97
CA ARG G 117 -43.41 53.46 17.36
C ARG G 117 -42.24 53.52 18.35
N HIS G 118 -42.52 53.76 19.62
CA HIS G 118 -41.53 53.71 20.68
C HIS G 118 -41.11 52.29 21.02
N VAL G 119 -39.87 52.14 21.47
CA VAL G 119 -39.23 50.87 21.79
C VAL G 119 -38.95 50.75 23.29
N VAL G 120 -39.57 49.75 23.91
CA VAL G 120 -39.07 49.29 25.19
C VAL G 120 -38.33 47.95 25.08
N SER G 121 -37.00 47.97 25.12
CA SER G 121 -36.20 46.76 24.98
C SER G 121 -35.79 46.17 26.34
N GLU G 122 -36.19 44.94 26.62
CA GLU G 122 -35.55 44.22 27.72
C GLU G 122 -34.02 44.25 27.62
N LYS G 123 -33.37 43.89 28.73
CA LYS G 123 -31.91 43.86 28.78
C LYS G 123 -31.41 42.48 28.37
N PRO G 124 -30.20 42.47 27.80
CA PRO G 124 -29.43 43.65 27.40
C PRO G 124 -29.95 44.13 26.06
N MET G 125 -29.60 45.33 25.59
CA MET G 125 -30.30 45.89 24.44
C MET G 125 -29.78 45.23 23.17
N ALA G 126 -28.60 44.65 23.26
CA ALA G 126 -28.06 43.97 22.09
C ALA G 126 -27.03 43.01 22.65
N THR G 127 -26.63 42.06 21.81
CA THR G 127 -25.47 41.23 22.13
C THR G 127 -24.23 41.60 21.33
N ARG G 128 -24.32 42.47 20.33
CA ARG G 128 -23.13 42.93 19.64
C ARG G 128 -23.14 44.45 19.68
N TRP G 129 -21.96 44.97 19.99
CA TRP G 129 -21.78 46.41 20.13
C TRP G 129 -22.33 47.13 18.90
N GLU G 130 -21.99 46.62 17.72
CA GLU G 130 -22.39 47.32 16.50
C GLU G 130 -23.91 47.37 16.31
N ASP G 131 -24.58 46.31 16.74
CA ASP G 131 -26.03 46.15 16.57
C ASP G 131 -26.64 47.18 17.52
N GLY G 132 -26.01 47.34 18.68
CA GLY G 132 -26.50 48.27 19.69
C GLY G 132 -26.41 49.70 19.17
N LYS G 133 -25.28 50.07 18.58
CA LYS G 133 -25.18 51.42 18.04
C LYS G 133 -26.23 51.59 16.95
N ARG G 134 -26.45 50.55 16.15
CA ARG G 134 -27.38 50.66 15.04
C ARG G 134 -28.79 50.86 15.57
N MET G 135 -29.16 50.12 16.63
CA MET G 135 -30.54 50.27 17.05
C MET G 135 -30.67 51.70 17.59
N VAL G 136 -29.59 52.27 18.12
CA VAL G 136 -29.76 53.60 18.69
C VAL G 136 -29.97 54.64 17.58
N LYS G 137 -29.25 54.48 16.48
CA LYS G 137 -29.29 55.46 15.39
C LYS G 137 -30.67 55.40 14.76
N ALA G 138 -31.25 54.21 14.58
CA ALA G 138 -32.60 54.11 14.03
C ALA G 138 -33.68 54.72 14.91
N CYS G 139 -33.61 54.56 16.23
CA CYS G 139 -34.61 55.24 17.04
C CYS G 139 -34.44 56.76 16.98
N ASP G 140 -33.22 57.24 17.06
CA ASP G 140 -32.93 58.67 16.90
C ASP G 140 -33.58 59.16 15.61
N GLU G 141 -33.24 58.53 14.50
CA GLU G 141 -33.61 58.96 13.15
C GLU G 141 -35.11 58.84 12.93
N ALA G 142 -35.78 57.80 13.43
CA ALA G 142 -37.22 57.70 13.27
C ALA G 142 -37.90 58.73 14.17
N GLY G 143 -37.23 59.34 15.12
CA GLY G 143 -37.88 60.24 16.06
C GLY G 143 -38.58 59.54 17.20
N VAL G 144 -38.44 58.22 17.29
CA VAL G 144 -39.01 57.42 18.37
C VAL G 144 -38.17 57.44 19.64
N ARG G 145 -38.72 56.95 20.74
CA ARG G 145 -38.04 56.92 22.03
C ARG G 145 -37.51 55.49 22.20
N LEU G 146 -36.33 55.33 22.79
CA LEU G 146 -35.82 54.00 23.09
C LEU G 146 -35.49 53.80 24.57
N PHE G 147 -36.29 52.97 25.24
CA PHE G 147 -36.04 52.65 26.64
C PHE G 147 -35.39 51.27 26.75
N VAL G 148 -34.45 51.10 27.68
CA VAL G 148 -33.84 49.81 28.00
C VAL G 148 -34.20 49.51 29.45
N VAL G 149 -34.70 48.30 29.69
CA VAL G 149 -35.13 47.93 31.03
C VAL G 149 -34.00 47.64 32.01
N LYS G 150 -33.68 48.60 32.88
CA LYS G 150 -32.78 48.32 33.99
C LYS G 150 -33.58 48.58 35.27
N GLN G 151 -34.51 47.68 35.58
CA GLN G 151 -35.32 47.94 36.77
C GLN G 151 -34.54 48.17 38.06
N ASN G 152 -33.30 47.67 38.16
CA ASN G 152 -32.65 47.64 39.47
C ASN G 152 -32.30 49.08 39.82
N ARG G 153 -32.26 49.97 38.84
CA ARG G 153 -31.87 51.35 39.13
C ARG G 153 -32.91 52.05 39.99
N ARG G 154 -34.08 51.44 40.08
CA ARG G 154 -35.21 51.94 40.87
C ARG G 154 -35.14 51.42 42.30
N ASN G 155 -34.29 50.43 42.59
CA ASN G 155 -34.20 49.87 43.94
C ASN G 155 -34.05 51.00 44.95
N ALA G 156 -34.88 51.02 45.98
CA ALA G 156 -34.73 52.08 46.98
C ALA G 156 -33.33 52.08 47.61
N THR G 157 -32.76 50.91 47.86
CA THR G 157 -31.37 50.79 48.29
C THR G 157 -30.32 51.51 47.44
N LEU G 158 -30.29 51.22 46.14
CA LEU G 158 -29.37 51.88 45.21
C LEU G 158 -29.64 53.36 44.95
N GLN G 159 -30.89 53.78 45.04
CA GLN G 159 -31.23 55.21 44.96
C GLN G 159 -30.57 56.04 46.05
N LEU G 160 -30.56 55.52 47.27
CA LEU G 160 -29.79 56.18 48.34
C LEU G 160 -28.28 56.23 48.05
N VAL G 161 -27.71 55.15 47.53
CA VAL G 161 -26.29 55.12 47.22
C VAL G 161 -26.01 56.14 46.13
N LYS G 162 -26.86 56.11 45.10
CA LYS G 162 -26.71 57.09 44.03
C LYS G 162 -26.65 58.51 44.58
N LYS G 163 -27.58 58.79 45.49
CA LYS G 163 -27.73 60.15 45.99
C LYS G 163 -26.53 60.50 46.85
N ALA G 164 -26.10 59.62 47.74
CA ALA G 164 -24.83 59.91 48.43
C ALA G 164 -23.69 60.16 47.46
N ILE G 165 -23.65 59.45 46.33
CA ILE G 165 -22.49 59.63 45.46
C ILE G 165 -22.61 61.01 44.82
N GLU G 166 -23.82 61.42 44.43
CA GLU G 166 -24.03 62.71 43.77
C GLU G 166 -23.85 63.88 44.72
N GLN G 167 -24.26 63.70 45.97
CA GLN G 167 -23.97 64.76 46.92
C GLN G 167 -22.50 64.86 47.30
N GLY G 168 -21.63 63.99 46.78
CA GLY G 168 -20.22 64.01 47.15
C GLY G 168 -19.84 63.55 48.53
N ARG G 169 -20.70 62.76 49.17
CA ARG G 169 -20.49 62.36 50.56
C ARG G 169 -19.40 61.31 50.66
N PHE G 170 -18.88 60.75 49.57
CA PHE G 170 -17.85 59.71 49.71
C PHE G 170 -16.49 60.37 49.67
N GLY G 171 -16.42 61.56 49.09
CA GLY G 171 -15.09 62.13 48.83
C GLY G 171 -14.58 61.29 47.68
N ARG G 172 -13.26 61.19 47.52
CA ARG G 172 -12.65 60.43 46.44
C ARG G 172 -12.98 58.95 46.60
N ILE G 173 -13.47 58.31 45.54
CA ILE G 173 -13.88 56.91 45.65
C ILE G 173 -12.70 56.04 45.29
N TYR G 174 -12.50 54.94 45.99
CA TYR G 174 -11.20 54.32 45.82
C TYR G 174 -11.30 52.88 45.34
N MET G 175 -12.33 52.16 45.75
CA MET G 175 -12.29 50.74 45.52
C MET G 175 -13.76 50.38 45.41
N VAL G 176 -14.08 49.47 44.50
CA VAL G 176 -15.47 49.08 44.27
C VAL G 176 -15.43 47.60 43.91
N THR G 177 -16.31 46.83 44.53
CA THR G 177 -16.37 45.38 44.37
C THR G 177 -17.82 44.93 44.15
N VAL G 178 -18.08 44.06 43.18
CA VAL G 178 -19.44 43.64 42.89
C VAL G 178 -19.41 42.13 42.65
N ASN G 179 -20.28 41.40 43.36
CA ASN G 179 -20.40 39.96 43.25
C ASN G 179 -21.80 39.55 42.83
N VAL G 180 -21.84 38.65 41.86
CA VAL G 180 -23.09 38.08 41.37
C VAL G 180 -22.75 36.61 41.46
N PHE G 181 -23.09 35.98 42.58
CA PHE G 181 -22.89 34.56 42.85
C PHE G 181 -24.25 33.88 42.88
N TRP G 182 -24.71 33.39 41.74
CA TRP G 182 -26.08 32.91 41.50
C TRP G 182 -26.01 31.47 40.99
N THR G 183 -27.17 30.92 40.66
CA THR G 183 -27.30 29.50 40.31
C THR G 183 -28.19 29.33 39.08
N ARG G 184 -27.63 28.79 38.00
CA ARG G 184 -28.46 28.35 36.88
C ARG G 184 -28.03 26.91 36.60
N PRO G 185 -28.96 25.95 36.73
CA PRO G 185 -28.62 24.57 36.46
C PRO G 185 -28.71 24.31 34.95
N GLN G 186 -28.13 23.22 34.48
CA GLN G 186 -28.16 22.92 33.07
C GLN G 186 -29.58 22.90 32.52
N GLU G 187 -30.58 22.62 33.36
CA GLU G 187 -31.95 22.47 32.86
C GLU G 187 -32.52 23.85 32.55
N TYR G 188 -31.91 24.88 33.10
CA TYR G 188 -32.36 26.24 32.84
C TYR G 188 -31.93 26.63 31.42
N TYR G 189 -30.68 26.37 31.05
CA TYR G 189 -30.25 26.63 29.68
C TYR G 189 -30.95 25.71 28.69
N ASP G 190 -31.24 24.48 29.11
CA ASP G 190 -31.89 23.44 28.30
C ASP G 190 -33.31 23.84 27.89
N ALA G 191 -33.90 24.82 28.55
CA ALA G 191 -35.29 25.18 28.27
C ALA G 191 -35.47 25.85 26.92
N ALA G 192 -34.46 26.49 26.34
CA ALA G 192 -34.68 27.23 25.11
C ALA G 192 -33.36 27.26 24.33
N ARG G 193 -33.38 26.85 23.07
CA ARG G 193 -32.13 26.75 22.32
C ARG G 193 -31.34 28.05 22.35
N TRP G 194 -31.98 29.21 22.46
CA TRP G 194 -31.33 30.50 22.24
C TRP G 194 -30.32 30.68 23.38
N ARG G 195 -30.52 29.99 24.49
CA ARG G 195 -29.83 30.35 25.72
C ARG G 195 -28.35 29.98 25.85
N GLY G 196 -27.49 30.86 26.36
CA GLY G 196 -26.07 30.50 26.38
C GLY G 196 -25.29 30.59 25.08
N LYS G 197 -25.99 30.83 23.98
CA LYS G 197 -25.39 31.16 22.70
C LYS G 197 -24.85 32.58 22.54
N TRP G 198 -23.66 32.73 21.95
CA TRP G 198 -23.08 34.04 21.68
C TRP G 198 -24.04 34.92 20.89
N GLU G 199 -24.69 34.37 19.88
CA GLU G 199 -25.46 35.23 19.00
C GLU G 199 -26.68 35.82 19.71
N TRP G 200 -27.35 35.02 20.54
CA TRP G 200 -28.71 35.31 20.97
C TRP G 200 -28.78 35.73 22.43
N ASP G 201 -27.75 35.41 23.22
CA ASP G 201 -27.75 35.58 24.66
C ASP G 201 -26.45 36.15 25.22
N GLY G 202 -25.30 35.57 24.89
CA GLY G 202 -24.09 35.74 25.69
C GLY G 202 -24.17 34.87 26.93
N GLY G 203 -23.25 35.05 27.88
CA GLY G 203 -23.16 34.19 29.04
C GLY G 203 -23.48 34.93 30.32
N ALA G 204 -22.90 34.46 31.42
CA ALA G 204 -23.30 34.98 32.72
C ALA G 204 -23.12 36.48 32.83
N PHE G 205 -22.12 37.07 32.20
CA PHE G 205 -22.01 38.52 32.28
C PHE G 205 -23.11 39.20 31.48
N MET G 206 -23.32 38.77 30.23
CA MET G 206 -24.23 39.56 29.38
C MET G 206 -25.68 39.33 29.71
N ASN G 207 -26.04 38.10 30.11
CA ASN G 207 -27.43 37.94 30.51
C ASN G 207 -27.62 38.33 31.98
N GLN G 208 -27.38 37.43 32.92
CA GLN G 208 -27.78 37.74 34.30
C GLN G 208 -27.11 38.93 34.95
N ALA G 209 -25.81 39.03 34.72
CA ALA G 209 -25.07 40.07 35.44
C ALA G 209 -25.08 41.48 34.83
N SER G 210 -25.84 41.71 33.76
CA SER G 210 -25.76 43.00 33.09
C SER G 210 -26.33 44.12 33.93
N HIS G 211 -27.27 43.76 34.80
CA HIS G 211 -27.82 44.74 35.75
C HIS G 211 -26.78 45.28 36.72
N TYR G 212 -25.75 44.49 36.96
CA TYR G 212 -24.65 44.77 37.88
C TYR G 212 -23.55 45.47 37.09
N VAL G 213 -23.32 44.97 35.88
CA VAL G 213 -22.31 45.64 35.07
C VAL G 213 -22.88 47.03 34.87
N ASP G 214 -24.19 47.12 34.64
CA ASP G 214 -24.84 48.42 34.54
C ASP G 214 -24.45 49.34 35.69
N LEU G 215 -24.37 48.83 36.92
CA LEU G 215 -24.05 49.71 38.05
C LEU G 215 -22.70 50.41 37.99
N LEU G 216 -21.69 49.80 37.38
CA LEU G 216 -20.34 50.36 37.43
C LEU G 216 -20.29 51.76 36.83
N ASP G 217 -20.99 51.93 35.71
CA ASP G 217 -20.93 53.24 35.08
C ASP G 217 -21.99 54.11 35.74
N TRP G 218 -23.19 53.57 35.93
CA TRP G 218 -24.31 54.38 36.43
C TRP G 218 -24.02 55.03 37.79
N LEU G 219 -23.70 54.24 38.81
CA LEU G 219 -23.31 54.78 40.11
C LEU G 219 -21.92 55.41 40.25
N VAL G 220 -20.86 54.78 39.76
CA VAL G 220 -19.51 55.21 40.14
C VAL G 220 -18.91 56.13 39.09
N GLY G 221 -19.31 55.99 37.83
CA GLY G 221 -18.81 56.92 36.81
C GLY G 221 -18.12 56.25 35.63
N PRO G 222 -17.64 57.06 34.68
CA PRO G 222 -17.11 56.38 33.50
C PRO G 222 -15.92 55.47 33.75
N VAL G 223 -16.00 54.28 33.16
CA VAL G 223 -14.88 53.37 33.30
C VAL G 223 -13.79 53.62 32.26
N GLU G 224 -12.54 53.49 32.69
CA GLU G 224 -11.45 53.79 31.77
C GLU G 224 -10.99 52.57 31.00
N SER G 225 -10.80 51.46 31.71
CA SER G 225 -10.43 50.19 31.08
C SER G 225 -10.82 49.01 31.95
N VAL G 226 -10.77 47.84 31.34
CA VAL G 226 -11.07 46.56 32.03
C VAL G 226 -10.08 45.50 31.55
N TYR G 227 -9.88 44.49 32.40
CA TYR G 227 -9.20 43.27 32.02
C TYR G 227 -10.11 42.16 32.53
N ALA G 228 -10.46 41.16 31.72
CA ALA G 228 -11.34 40.13 32.26
C ALA G 228 -10.84 38.71 31.97
N TYR G 229 -11.23 37.74 32.78
CA TYR G 229 -11.08 36.33 32.39
C TYR G 229 -12.50 35.77 32.39
N THR G 230 -12.82 34.88 31.46
CA THR G 230 -14.08 34.16 31.63
C THR G 230 -13.91 32.72 31.21
N ALA G 231 -14.88 31.88 31.55
CA ALA G 231 -14.70 30.51 31.11
C ALA G 231 -16.05 29.80 31.14
N THR G 232 -16.18 28.72 30.39
CA THR G 232 -17.33 27.84 30.55
C THR G 232 -16.86 26.70 31.46
N LEU G 233 -16.98 26.83 32.77
CA LEU G 233 -16.46 25.80 33.65
C LEU G 233 -17.36 24.59 33.81
N ALA G 234 -18.65 24.68 33.49
CA ALA G 234 -19.44 23.51 33.87
C ALA G 234 -20.67 23.33 32.99
N ARG G 235 -21.22 24.42 32.48
CA ARG G 235 -22.52 24.31 31.82
C ARG G 235 -22.20 23.89 30.38
N ARG G 236 -23.13 23.24 29.68
CA ARG G 236 -22.95 22.91 28.28
C ARG G 236 -23.56 24.03 27.45
N ILE G 237 -22.81 25.09 27.24
CA ILE G 237 -23.36 26.26 26.54
C ILE G 237 -22.20 26.88 25.77
N GLU G 238 -22.41 27.84 24.87
CA GLU G 238 -21.31 28.43 24.14
C GLU G 238 -20.52 29.39 25.02
N ALA G 239 -21.23 30.15 25.85
CA ALA G 239 -20.65 31.32 26.49
C ALA G 239 -20.26 31.04 27.94
N GLU G 240 -19.82 32.05 28.68
CA GLU G 240 -19.08 31.80 29.91
C GLU G 240 -20.13 31.57 30.97
N ASP G 241 -19.92 30.68 31.93
CA ASP G 241 -20.82 30.56 33.08
C ASP G 241 -20.15 31.17 34.30
N THR G 242 -18.95 31.69 34.09
CA THR G 242 -18.14 32.13 35.22
C THR G 242 -17.11 33.14 34.75
N GLY G 243 -16.89 34.22 35.48
CA GLY G 243 -15.87 35.18 35.08
C GLY G 243 -15.53 36.28 36.07
N VAL G 244 -14.53 37.12 35.76
CA VAL G 244 -14.14 38.23 36.63
C VAL G 244 -13.62 39.36 35.76
N ALA G 245 -13.93 40.61 36.09
CA ALA G 245 -13.28 41.71 35.40
C ALA G 245 -12.74 42.64 36.49
N ALA G 246 -11.47 42.99 36.29
CA ALA G 246 -10.75 44.03 37.04
C ALA G 246 -10.98 45.29 36.22
N LEU G 247 -11.10 46.42 36.91
CA LEU G 247 -11.57 47.66 36.32
C LEU G 247 -10.83 48.85 36.90
N ARG G 248 -10.70 49.89 36.07
CA ARG G 248 -10.13 51.14 36.53
C ARG G 248 -11.02 52.25 36.02
N TRP G 249 -11.55 53.08 36.92
CA TRP G 249 -12.42 54.22 36.56
C TRP G 249 -11.54 55.38 36.09
N ARG G 250 -12.03 56.27 35.22
CA ARG G 250 -11.30 57.51 34.91
C ARG G 250 -10.92 58.36 36.11
N HIS G 251 -11.73 58.40 37.16
CA HIS G 251 -11.34 59.18 38.33
C HIS G 251 -10.32 58.47 39.21
N GLY G 252 -9.88 57.27 38.85
CA GLY G 252 -8.76 56.68 39.59
C GLY G 252 -9.23 55.49 40.41
N ALA G 253 -10.53 55.33 40.70
CA ALA G 253 -10.93 54.18 41.50
C ALA G 253 -10.66 52.83 40.81
N MET G 254 -10.57 51.73 41.54
CA MET G 254 -10.26 50.46 40.88
C MET G 254 -11.26 49.48 41.47
N GLY G 255 -11.49 48.32 40.88
CA GLY G 255 -12.54 47.50 41.48
C GLY G 255 -12.57 46.18 40.75
N SER G 256 -13.61 45.38 40.99
CA SER G 256 -13.73 44.17 40.20
C SER G 256 -15.21 43.79 40.26
N ILE G 257 -15.65 43.03 39.27
CA ILE G 257 -16.98 42.42 39.27
C ILE G 257 -16.69 40.95 39.03
N ASN G 258 -17.19 40.13 39.96
CA ASN G 258 -16.94 38.68 39.96
C ASN G 258 -18.27 37.99 39.77
N VAL G 259 -18.35 37.00 38.88
CA VAL G 259 -19.65 36.47 38.54
C VAL G 259 -19.61 34.97 38.38
N THR G 260 -20.65 34.31 38.88
CA THR G 260 -20.81 32.92 38.46
C THR G 260 -22.26 32.47 38.57
N MET G 261 -22.71 31.65 37.63
CA MET G 261 -23.99 30.94 37.71
C MET G 261 -23.83 29.52 38.26
N LEU G 262 -22.66 29.14 38.75
CA LEU G 262 -22.45 27.78 39.23
C LEU G 262 -22.49 27.64 40.76
N THR G 263 -22.98 28.66 41.45
CA THR G 263 -23.08 28.63 42.90
C THR G 263 -23.83 27.45 43.49
N TYR G 264 -23.30 26.85 44.55
CA TYR G 264 -24.01 25.76 45.25
C TYR G 264 -24.73 26.33 46.47
N PRO G 265 -26.01 25.96 46.64
CA PRO G 265 -26.87 25.18 45.75
C PRO G 265 -27.96 26.08 45.17
N GLN G 266 -27.88 27.39 45.41
CA GLN G 266 -28.89 28.31 44.91
C GLN G 266 -28.27 29.67 45.20
N ASN G 267 -28.92 30.74 44.72
CA ASN G 267 -28.44 32.12 44.77
C ASN G 267 -27.81 32.47 46.11
N LEU G 268 -26.55 32.88 46.15
CA LEU G 268 -25.93 33.36 47.39
C LEU G 268 -25.87 34.88 47.50
N GLU G 269 -25.55 35.60 46.43
CA GLU G 269 -25.29 37.01 46.68
C GLU G 269 -25.31 37.88 45.43
N GLY G 270 -25.65 39.15 45.59
CA GLY G 270 -25.65 40.12 44.50
C GLY G 270 -25.36 41.39 45.27
N SER G 271 -24.13 41.89 45.15
CA SER G 271 -23.69 42.83 46.17
C SER G 271 -22.83 43.90 45.52
N ILE G 272 -22.89 45.11 46.06
CA ILE G 272 -21.93 46.12 45.62
C ILE G 272 -21.37 46.76 46.89
N THR G 273 -20.07 47.06 46.88
CA THR G 273 -19.34 47.62 47.99
C THR G 273 -18.50 48.79 47.47
N ILE G 274 -18.67 49.97 48.05
CA ILE G 274 -17.97 51.16 47.56
C ILE G 274 -17.24 51.81 48.73
N LEU G 275 -15.92 51.97 48.60
CA LEU G 275 -15.08 52.63 49.59
C LEU G 275 -14.39 53.90 49.10
N GLY G 276 -14.71 54.99 49.80
CA GLY G 276 -14.08 56.24 49.44
C GLY G 276 -13.46 56.81 50.69
N GLU G 277 -12.94 58.02 50.51
CA GLU G 277 -12.21 58.78 51.51
C GLU G 277 -13.07 59.02 52.74
N LYS G 278 -14.31 59.45 52.58
CA LYS G 278 -15.11 59.62 53.79
C LYS G 278 -16.40 58.82 53.78
N GLY G 279 -16.38 57.66 53.12
CA GLY G 279 -17.59 56.86 53.01
C GLY G 279 -17.27 55.40 52.77
N THR G 280 -18.15 54.56 53.29
CA THR G 280 -18.02 53.13 53.14
C THR G 280 -19.43 52.59 53.08
N VAL G 281 -19.84 52.06 51.93
CA VAL G 281 -21.17 51.46 51.84
C VAL G 281 -21.09 50.06 51.29
N ARG G 282 -21.98 49.22 51.81
CA ARG G 282 -22.07 47.93 51.13
C ARG G 282 -23.55 47.57 51.05
N VAL G 283 -24.00 47.20 49.86
CA VAL G 283 -25.36 46.75 49.61
C VAL G 283 -25.28 45.25 49.32
N GLY G 284 -25.84 44.45 50.21
CA GLY G 284 -25.76 43.00 50.16
C GLY G 284 -27.10 42.38 49.84
N GLY G 285 -27.31 41.13 50.26
CA GLY G 285 -28.47 40.35 49.82
C GLY G 285 -28.20 39.60 48.53
N VAL G 286 -29.23 38.95 48.01
CA VAL G 286 -29.11 38.17 46.78
C VAL G 286 -29.22 39.05 45.55
N ALA G 287 -29.51 40.33 45.72
CA ALA G 287 -29.88 41.22 44.63
C ALA G 287 -29.84 42.68 45.03
N VAL G 288 -28.67 43.14 45.48
CA VAL G 288 -28.48 44.51 45.95
C VAL G 288 -29.68 45.05 46.71
N ASN G 289 -30.20 44.24 47.64
CA ASN G 289 -31.49 44.58 48.25
C ASN G 289 -31.51 44.79 49.77
N ARG G 290 -30.34 44.80 50.40
CA ARG G 290 -30.23 45.11 51.82
C ARG G 290 -28.91 45.85 52.04
N ILE G 291 -29.01 47.15 52.34
CA ILE G 291 -27.84 47.92 52.72
C ILE G 291 -27.26 47.30 53.98
N ASP G 292 -26.02 46.83 53.94
CA ASP G 292 -25.42 46.11 55.05
C ASP G 292 -24.38 46.96 55.78
N GLU G 293 -23.78 47.91 55.10
CA GLU G 293 -22.77 48.72 55.78
C GLU G 293 -23.02 50.11 55.21
N TRP G 294 -23.09 51.09 56.10
CA TRP G 294 -23.34 52.49 55.75
C TRP G 294 -22.66 53.41 56.73
N LYS G 295 -21.54 54.03 56.36
CA LYS G 295 -20.72 54.85 57.27
C LYS G 295 -20.15 56.03 56.50
N PHE G 296 -20.36 57.20 57.09
CA PHE G 296 -19.98 58.51 56.55
C PHE G 296 -19.47 59.53 57.55
N ALA G 297 -18.54 60.37 57.12
CA ALA G 297 -17.89 61.32 58.02
C ALA G 297 -18.86 62.33 58.60
N GLU G 298 -19.75 62.88 57.78
CA GLU G 298 -20.69 63.93 58.18
C GLU G 298 -22.08 63.31 58.01
N PRO G 299 -23.04 63.68 58.86
CA PRO G 299 -24.34 63.01 58.80
C PRO G 299 -25.29 63.59 57.77
N HIS G 300 -26.40 62.94 57.46
CA HIS G 300 -27.29 63.49 56.44
C HIS G 300 -28.59 62.76 56.69
N PRO G 301 -29.74 63.43 56.45
CA PRO G 301 -31.10 62.93 56.62
C PRO G 301 -31.37 61.50 56.12
N ASP G 302 -30.75 61.13 55.00
CA ASP G 302 -30.99 59.82 54.39
C ASP G 302 -30.49 58.69 55.28
N ASP G 303 -29.46 58.97 56.06
CA ASP G 303 -28.96 58.03 57.07
C ASP G 303 -30.13 57.33 57.75
N ASP G 304 -31.27 58.00 57.76
CA ASP G 304 -32.44 57.52 58.50
C ASP G 304 -33.42 56.88 57.52
N LYS G 305 -33.05 56.79 56.25
CA LYS G 305 -33.98 56.22 55.31
C LYS G 305 -33.70 54.75 55.04
N ILE G 306 -32.74 54.20 55.78
CA ILE G 306 -32.07 52.96 55.42
C ILE G 306 -32.93 51.72 55.65
N ARG G 307 -33.49 51.59 56.85
CA ARG G 307 -34.37 50.45 57.13
C ARG G 307 -35.55 50.44 56.16
N GLU G 308 -35.97 51.64 55.80
CA GLU G 308 -37.03 51.74 54.80
C GLU G 308 -36.60 51.28 53.41
N ALA G 309 -35.51 51.85 52.89
CA ALA G 309 -34.99 51.35 51.62
C ALA G 309 -34.82 49.83 51.57
N ASN G 310 -34.25 49.24 52.61
CA ASN G 310 -34.07 47.79 52.65
C ASN G 310 -35.37 47.00 52.61
N TYR G 311 -36.41 47.43 53.31
CA TYR G 311 -37.63 46.64 53.39
C TYR G 311 -38.31 46.65 52.03
N GLU G 312 -38.34 47.85 51.46
CA GLU G 312 -39.04 48.15 50.23
C GLU G 312 -38.34 47.48 49.04
N THR G 313 -37.01 47.50 49.02
CA THR G 313 -36.26 46.87 47.94
C THR G 313 -36.36 45.37 48.08
N THR G 314 -36.23 44.84 49.30
CA THR G 314 -36.38 43.39 49.47
C THR G 314 -37.79 42.87 49.25
N SER G 315 -38.77 43.73 49.50
CA SER G 315 -40.15 43.26 49.44
C SER G 315 -40.59 43.22 47.99
N VAL G 316 -39.97 44.02 47.12
CA VAL G 316 -40.29 43.89 45.70
C VAL G 316 -39.38 42.96 44.90
N TYR G 317 -38.58 42.16 45.59
CA TYR G 317 -37.73 41.16 44.96
C TYR G 317 -38.35 40.21 43.93
N GLY G 318 -37.82 40.20 42.71
CA GLY G 318 -38.41 39.39 41.64
C GLY G 318 -39.43 40.19 40.86
N PHE G 319 -39.65 41.43 41.29
CA PHE G 319 -40.78 42.18 40.75
C PHE G 319 -40.54 43.68 40.81
N GLY G 320 -39.59 44.19 40.02
CA GLY G 320 -39.30 45.62 40.00
C GLY G 320 -39.73 46.22 38.68
N HIS G 321 -40.40 45.42 37.85
CA HIS G 321 -40.91 45.96 36.60
C HIS G 321 -41.93 47.07 36.88
N PRO G 322 -42.82 46.85 37.86
CA PRO G 322 -43.82 47.89 38.13
C PRO G 322 -43.18 49.27 38.23
N LEU G 323 -42.09 49.34 38.98
CA LEU G 323 -41.44 50.63 39.24
C LEU G 323 -40.81 51.20 37.99
N TYR G 324 -40.24 50.35 37.14
CA TYR G 324 -39.60 50.78 35.90
C TYR G 324 -40.64 51.38 34.95
N TYR G 325 -41.77 50.68 34.80
CA TYR G 325 -42.84 51.28 34.01
C TYR G 325 -43.32 52.67 34.41
N ASP G 326 -43.13 53.04 35.67
CA ASP G 326 -43.71 54.29 36.15
C ASP G 326 -43.02 55.36 35.33
N ASN G 327 -41.69 55.27 35.31
CA ASN G 327 -40.92 56.28 34.60
C ASN G 327 -41.25 56.16 33.12
N VAL G 328 -41.43 54.95 32.61
CA VAL G 328 -41.60 54.81 31.16
C VAL G 328 -42.84 55.60 30.77
N ILE G 329 -43.91 55.36 31.51
CA ILE G 329 -45.19 56.05 31.33
C ILE G 329 -45.13 57.53 31.67
N ASN G 330 -44.44 57.90 32.75
CA ASN G 330 -44.30 59.32 33.03
C ASN G 330 -43.65 60.06 31.86
N CYS G 331 -42.95 59.33 31.00
CA CYS G 331 -42.11 60.01 30.03
C CYS G 331 -42.88 60.11 28.72
N LEU G 332 -43.58 59.02 28.39
CA LEU G 332 -44.40 59.01 27.18
C LEU G 332 -45.49 60.07 27.38
N ARG G 333 -45.95 60.24 28.63
CA ARG G 333 -46.91 61.28 28.94
C ARG G 333 -46.27 62.66 29.05
N GLY G 334 -45.08 62.83 28.47
CA GLY G 334 -44.49 64.15 28.31
C GLY G 334 -44.12 64.79 29.64
N ASP G 335 -44.22 64.03 30.73
CA ASP G 335 -43.60 64.42 31.99
C ASP G 335 -42.07 64.35 32.05
N CYS G 336 -41.50 63.22 32.44
CA CYS G 336 -40.05 63.07 32.56
C CYS G 336 -39.33 62.74 31.26
N GLU G 337 -38.01 62.64 31.38
CA GLU G 337 -37.14 61.98 30.42
C GLU G 337 -36.71 60.64 30.98
N PRO G 338 -36.38 59.68 30.10
CA PRO G 338 -36.11 58.29 30.46
C PRO G 338 -34.97 58.15 31.46
N GLU G 339 -35.17 57.44 32.55
CA GLU G 339 -34.06 57.08 33.42
C GLU G 339 -33.01 56.25 32.67
N THR G 340 -33.43 55.43 31.72
CA THR G 340 -32.57 54.49 31.02
C THR G 340 -33.03 54.40 29.58
N ASP G 341 -32.56 55.37 28.81
CA ASP G 341 -32.78 55.47 27.37
C ASP G 341 -31.71 54.62 26.67
N GLY G 342 -31.65 54.75 25.34
CA GLY G 342 -30.78 53.92 24.53
C GLY G 342 -29.29 54.13 24.71
N ARG G 343 -28.85 55.38 24.85
CA ARG G 343 -27.43 55.60 25.08
C ARG G 343 -27.00 55.09 26.44
N GLU G 344 -27.92 55.06 27.39
CA GLU G 344 -27.64 54.61 28.74
C GLU G 344 -27.40 53.10 28.71
N GLY G 345 -28.21 52.44 27.90
CA GLY G 345 -28.07 51.02 27.65
C GLY G 345 -26.71 50.82 27.00
N LEU G 346 -26.27 51.72 26.12
CA LEU G 346 -25.01 51.60 25.39
C LEU G 346 -23.83 51.57 26.35
N GLN G 347 -24.03 52.08 27.57
CA GLN G 347 -22.97 52.31 28.54
C GLN G 347 -22.56 50.94 29.06
N SER G 348 -23.53 50.18 29.57
CA SER G 348 -23.21 48.84 30.00
C SER G 348 -22.91 48.07 28.73
N LEU G 349 -23.47 48.42 27.57
CA LEU G 349 -23.23 47.52 26.45
C LEU G 349 -21.76 47.63 26.05
N ALA G 350 -21.22 48.84 26.11
CA ALA G 350 -19.80 49.03 25.84
C ALA G 350 -18.95 48.30 26.86
N LEU G 351 -19.26 48.37 28.15
CA LEU G 351 -18.47 47.64 29.13
C LEU G 351 -18.53 46.14 28.93
N LEU G 352 -19.73 45.64 28.61
CA LEU G 352 -19.90 44.20 28.44
C LEU G 352 -19.02 43.80 27.25
N THR G 353 -18.92 44.72 26.30
CA THR G 353 -18.22 44.36 25.08
C THR G 353 -16.73 44.38 25.43
N ALA G 354 -16.27 45.35 26.22
CA ALA G 354 -14.85 45.37 26.56
C ALA G 354 -14.51 44.15 27.42
N ILE G 355 -15.46 43.74 28.23
CA ILE G 355 -15.17 42.58 29.06
C ILE G 355 -15.02 41.35 28.18
N TYR G 356 -15.95 41.15 27.25
CA TYR G 356 -15.86 40.03 26.33
C TYR G 356 -14.62 40.12 25.44
N ARG G 357 -14.25 41.29 24.93
CA ARG G 357 -13.06 41.36 24.10
C ARG G 357 -11.84 41.00 24.94
N SER G 358 -11.83 41.48 26.17
CA SER G 358 -10.65 41.32 27.00
C SER G 358 -10.49 39.86 27.37
N ALA G 359 -11.60 39.25 27.76
CA ALA G 359 -11.57 37.83 28.06
C ALA G 359 -11.15 37.00 26.85
N ARG G 360 -11.53 37.38 25.64
CA ARG G 360 -11.23 36.58 24.44
C ARG G 360 -9.78 36.83 24.04
N ASP G 361 -9.37 38.10 24.07
CA ASP G 361 -8.05 38.47 23.58
C ASP G 361 -6.98 38.43 24.65
N GLY G 362 -7.30 38.31 25.94
CA GLY G 362 -6.18 38.32 26.90
C GLY G 362 -5.46 39.66 27.03
N VAL G 363 -6.10 40.76 26.68
CA VAL G 363 -5.51 42.07 26.94
C VAL G 363 -6.49 43.02 27.67
N ARG G 364 -5.94 44.05 28.32
CA ARG G 364 -6.73 45.17 28.82
C ARG G 364 -7.48 45.87 27.69
N ILE G 365 -8.76 46.15 27.80
CA ILE G 365 -9.40 46.81 26.67
C ILE G 365 -9.83 48.17 27.21
N PRO G 366 -9.46 49.28 26.56
CA PRO G 366 -9.79 50.61 27.09
C PRO G 366 -11.05 51.20 26.45
N LEU G 367 -11.66 52.19 27.09
CA LEU G 367 -12.87 52.87 26.60
C LEU G 367 -12.53 54.33 26.28
N PRO G 368 -13.34 54.99 25.45
CA PRO G 368 -14.51 54.46 24.77
C PRO G 368 -14.10 53.60 23.58
N LEU G 369 -14.95 52.66 23.18
CA LEU G 369 -14.73 51.75 22.07
C LEU G 369 -14.78 52.44 20.72
N ASP G 370 -14.10 51.96 19.69
CA ASP G 370 -14.36 52.47 18.34
C ASP G 370 -15.77 52.25 17.82
N ARG H 29 19.06 19.79 74.65
CA ARG H 29 19.05 21.21 75.08
C ARG H 29 18.03 22.02 74.29
N LYS H 30 17.98 23.32 74.54
CA LYS H 30 16.91 24.20 74.05
C LYS H 30 17.36 24.82 72.74
N ILE H 31 16.45 25.20 71.86
CA ILE H 31 16.87 25.93 70.67
C ILE H 31 17.32 27.34 71.03
N ARG H 32 18.49 27.74 70.55
CA ARG H 32 18.92 29.08 70.89
C ARG H 32 18.45 29.94 69.73
N PHE H 33 17.47 30.81 69.95
CA PHE H 33 17.05 31.78 68.93
C PHE H 33 17.72 33.12 69.15
N GLY H 34 18.07 33.81 68.07
CA GLY H 34 18.46 35.22 68.19
C GLY H 34 17.50 36.06 67.37
N LEU H 35 17.32 37.34 67.64
CA LEU H 35 16.26 38.10 67.02
C LEU H 35 17.00 39.27 66.38
N VAL H 36 16.78 39.45 65.08
CA VAL H 36 17.30 40.62 64.41
C VAL H 36 16.15 41.56 64.09
N GLY H 37 16.28 42.79 64.60
CA GLY H 37 15.21 43.78 64.49
C GLY H 37 14.28 43.72 65.68
N CYS H 38 14.38 44.76 66.52
CA CYS H 38 13.63 44.80 67.76
C CYS H 38 12.36 45.64 67.69
N GLY H 39 11.70 45.69 66.54
CA GLY H 39 10.65 46.67 66.30
C GLY H 39 9.28 46.22 66.77
N ARG H 40 8.24 46.68 66.07
CA ARG H 40 6.85 46.51 66.45
C ARG H 40 6.49 45.03 66.53
N ILE H 41 6.90 44.23 65.55
CA ILE H 41 6.54 42.80 65.59
C ILE H 41 7.45 41.94 66.47
N SER H 42 8.58 42.50 66.89
CA SER H 42 9.52 41.76 67.74
C SER H 42 8.89 41.14 68.98
N LYS H 43 7.87 41.79 69.51
CA LYS H 43 7.28 41.38 70.79
C LYS H 43 6.47 40.09 70.67
N ASN H 44 6.05 39.79 69.45
CA ASN H 44 5.23 38.59 69.30
C ASN H 44 6.20 37.43 69.13
N HIS H 45 7.41 37.75 68.70
CA HIS H 45 8.45 36.73 68.59
C HIS H 45 8.93 36.39 69.99
N ILE H 46 9.41 37.40 70.70
CA ILE H 46 9.73 37.18 72.11
C ILE H 46 8.57 36.46 72.80
N GLY H 47 7.37 37.00 72.61
CA GLY H 47 6.20 36.29 73.08
C GLY H 47 6.08 34.82 72.69
N ALA H 48 6.27 34.45 71.42
CA ALA H 48 5.97 33.07 71.05
C ALA H 48 7.01 32.07 71.56
N ILE H 49 8.24 32.58 71.62
CA ILE H 49 9.39 31.78 72.04
C ILE H 49 9.29 31.47 73.53
N ALA H 50 9.43 32.51 74.35
CA ALA H 50 9.14 32.46 75.79
C ALA H 50 7.96 31.53 76.04
N GLN H 51 6.91 31.65 75.25
CA GLN H 51 5.85 30.67 75.42
C GLN H 51 6.25 29.22 75.18
N HIS H 52 7.42 28.98 74.59
CA HIS H 52 7.92 27.63 74.43
C HIS H 52 9.23 27.48 75.20
N GLY H 53 9.58 28.54 75.92
CA GLY H 53 10.91 28.73 76.52
C GLY H 53 11.40 27.57 77.37
N ASP H 54 10.74 26.44 77.22
CA ASP H 54 11.27 25.19 77.73
C ASP H 54 11.64 24.17 76.64
N ARG H 55 11.47 24.51 75.36
CA ARG H 55 12.20 23.73 74.38
C ARG H 55 13.12 24.68 73.64
N ALA H 56 13.21 25.93 74.11
CA ALA H 56 13.96 26.97 73.44
C ALA H 56 13.99 28.20 74.33
N GLU H 57 14.88 29.13 73.97
CA GLU H 57 15.13 30.37 74.70
C GLU H 57 15.54 31.46 73.72
N LEU H 58 15.27 32.70 74.09
CA LEU H 58 15.84 33.82 73.36
C LEU H 58 17.17 34.28 73.94
N VAL H 59 18.25 33.93 73.23
CA VAL H 59 19.62 34.18 73.68
C VAL H 59 20.30 35.48 73.23
N GLU H 60 19.90 36.08 72.11
CA GLU H 60 20.48 37.34 71.63
C GLU H 60 19.53 38.17 70.78
N ILE H 61 19.78 39.47 70.73
CA ILE H 61 18.88 40.40 70.04
C ILE H 61 19.70 41.51 69.42
N CYS H 62 19.17 42.08 68.34
CA CYS H 62 19.96 42.93 67.47
C CYS H 62 19.14 44.07 66.86
N ASP H 63 19.69 45.27 66.84
CA ASP H 63 18.93 46.36 66.26
C ASP H 63 19.95 47.48 66.04
N THR H 64 19.76 48.34 65.06
CA THR H 64 20.79 49.31 64.69
C THR H 64 20.37 50.59 65.39
N ASN H 65 19.28 50.47 66.14
CA ASN H 65 18.77 51.62 66.87
C ASN H 65 19.04 51.49 68.37
N PRO H 66 19.90 52.37 68.89
CA PRO H 66 20.31 52.31 70.30
C PRO H 66 19.09 52.12 71.20
N GLU H 67 18.14 53.04 71.10
CA GLU H 67 16.93 52.98 71.91
C GLU H 67 16.13 51.69 71.84
N ALA H 68 15.94 51.17 70.63
CA ALA H 68 15.04 50.03 70.57
C ALA H 68 15.92 48.86 71.02
N LEU H 69 17.19 48.96 70.66
CA LEU H 69 18.13 47.96 71.17
C LEU H 69 18.06 47.95 72.70
N GLN H 70 18.31 49.09 73.34
CA GLN H 70 18.24 49.14 74.80
C GLN H 70 16.99 48.45 75.32
N ALA H 71 15.88 49.10 74.97
CA ALA H 71 14.54 48.68 75.31
C ALA H 71 14.35 47.16 75.26
N ALA H 72 14.85 46.50 74.23
CA ALA H 72 14.56 45.08 74.10
C ALA H 72 15.39 44.21 75.04
N GLU H 73 16.63 44.62 75.32
CA GLU H 73 17.41 43.85 76.27
C GLU H 73 16.86 44.12 77.66
N ALA H 74 16.65 45.40 77.96
CA ALA H 74 15.87 45.77 79.15
C ALA H 74 14.71 44.80 79.31
N ALA H 75 14.06 44.41 78.21
CA ALA H 75 12.88 43.57 78.28
C ALA H 75 13.13 42.07 78.34
N THR H 76 14.28 41.60 77.90
CA THR H 76 14.47 40.15 77.86
C THR H 76 15.78 39.66 78.48
N GLY H 77 16.75 40.56 78.63
CA GLY H 77 18.10 40.20 79.06
C GLY H 77 18.85 39.25 78.14
N ALA H 78 18.55 39.26 76.85
CA ALA H 78 19.39 38.58 75.88
C ALA H 78 20.47 39.60 75.52
N ARG H 79 21.53 39.08 74.94
CA ARG H 79 22.79 39.77 74.75
C ARG H 79 22.61 40.64 73.51
N PRO H 80 22.87 41.94 73.67
CA PRO H 80 22.55 42.99 72.71
C PRO H 80 23.67 43.23 71.71
N PHE H 81 23.34 43.12 70.42
CA PHE H 81 24.32 43.46 69.40
C PHE H 81 23.76 44.59 68.56
N SER H 82 24.60 45.55 68.19
CA SER H 82 24.15 46.68 67.40
C SER H 82 24.44 46.56 65.89
N SER H 83 24.62 45.33 65.43
CA SER H 83 24.54 45.02 64.01
C SER H 83 24.58 43.51 63.82
N LEU H 84 24.19 43.04 62.64
CA LEU H 84 24.01 41.60 62.45
C LEU H 84 25.37 40.94 62.33
N SER H 85 26.34 41.65 61.77
CA SER H 85 27.60 40.95 61.55
C SER H 85 28.26 40.71 62.90
N ASP H 86 28.25 41.69 63.79
CA ASP H 86 28.80 41.48 65.12
C ASP H 86 28.06 40.32 65.79
N MET H 87 26.75 40.31 65.65
CA MET H 87 26.00 39.23 66.28
C MET H 87 26.35 37.85 65.76
N LEU H 88 26.71 37.75 64.47
CA LEU H 88 27.04 36.49 63.82
C LEU H 88 28.47 36.02 64.12
N ALA H 89 29.37 36.99 64.19
CA ALA H 89 30.75 36.75 64.60
C ALA H 89 30.75 36.22 66.03
N GLN H 90 30.03 36.87 66.93
CA GLN H 90 30.10 36.48 68.33
C GLN H 90 29.02 35.57 68.92
N GLY H 91 27.80 35.62 68.40
CA GLY H 91 26.71 34.92 69.08
C GLY H 91 26.73 33.48 68.62
N ASN H 92 25.81 32.67 69.13
CA ASN H 92 25.78 31.25 68.78
C ASN H 92 24.36 30.73 68.65
N ALA H 93 23.39 31.61 68.41
CA ALA H 93 22.03 31.16 68.19
C ALA H 93 22.04 30.19 67.01
N ASP H 94 21.34 29.08 67.20
CA ASP H 94 21.04 28.09 66.18
C ASP H 94 20.22 28.73 65.08
N ALA H 95 19.41 29.74 65.39
CA ALA H 95 18.51 30.32 64.39
C ALA H 95 18.19 31.78 64.65
N LEU H 96 18.43 32.58 63.62
CA LEU H 96 18.14 34.01 63.61
C LEU H 96 16.76 34.33 63.01
N VAL H 97 15.96 35.12 63.71
CA VAL H 97 14.63 35.55 63.29
C VAL H 97 14.74 36.91 62.64
N LEU H 98 14.34 37.05 61.38
CA LEU H 98 14.48 38.38 60.80
C LEU H 98 13.14 39.10 60.96
N ALA H 99 13.12 40.20 61.72
CA ALA H 99 11.97 41.07 61.91
C ALA H 99 12.37 42.49 61.55
N THR H 100 13.26 42.66 60.57
CA THR H 100 13.59 43.98 60.07
C THR H 100 12.68 44.38 58.91
N PRO H 101 12.87 45.58 58.38
CA PRO H 101 12.27 46.05 57.13
C PRO H 101 12.40 44.94 56.09
N SER H 102 11.33 44.63 55.37
CA SER H 102 11.31 43.40 54.59
C SER H 102 12.39 43.33 53.52
N GLY H 103 12.79 44.49 53.01
CA GLY H 103 13.73 44.48 51.91
C GLY H 103 15.14 44.08 52.32
N LEU H 104 15.34 43.99 53.64
CA LEU H 104 16.64 43.58 54.15
C LEU H 104 16.58 42.08 54.42
N HIS H 105 15.39 41.47 54.43
CA HIS H 105 15.35 40.02 54.68
C HIS H 105 16.30 39.19 53.83
N PRO H 106 16.33 39.43 52.52
CA PRO H 106 17.09 38.44 51.76
C PRO H 106 18.59 38.54 52.01
N TRP H 107 19.10 39.76 52.15
CA TRP H 107 20.51 39.97 52.41
C TRP H 107 20.90 39.44 53.79
N GLN H 108 20.08 39.74 54.79
CA GLN H 108 20.32 39.17 56.12
C GLN H 108 20.28 37.65 56.11
N ALA H 109 19.30 37.06 55.44
CA ALA H 109 19.20 35.61 55.42
C ALA H 109 20.44 34.99 54.80
N ILE H 110 20.94 35.62 53.75
CA ILE H 110 22.15 35.15 53.09
C ILE H 110 23.37 35.23 54.01
N GLU H 111 23.53 36.34 54.72
CA GLU H 111 24.65 36.48 55.65
C GLU H 111 24.49 35.43 56.76
N VAL H 112 23.28 35.34 57.31
CA VAL H 112 23.03 34.31 58.32
C VAL H 112 23.31 32.90 57.82
N ALA H 113 22.89 32.60 56.60
CA ALA H 113 23.23 31.29 56.05
C ALA H 113 24.74 31.07 55.83
N GLN H 114 25.48 32.15 55.62
CA GLN H 114 26.91 32.06 55.34
C GLN H 114 27.70 31.72 56.59
N ALA H 115 27.13 32.12 57.72
CA ALA H 115 27.62 31.89 59.07
C ALA H 115 27.08 30.57 59.57
N GLY H 116 26.35 29.84 58.74
CA GLY H 116 25.96 28.47 59.04
C GLY H 116 24.80 28.29 60.00
N ARG H 117 23.85 29.22 60.07
CA ARG H 117 22.70 29.11 60.96
C ARG H 117 21.37 29.09 60.23
N HIS H 118 20.33 28.60 60.90
CA HIS H 118 19.01 28.53 60.30
C HIS H 118 18.35 29.90 60.27
N VAL H 119 17.33 30.06 59.43
CA VAL H 119 16.74 31.37 59.21
C VAL H 119 15.23 31.24 59.31
N VAL H 120 14.68 32.09 60.17
CA VAL H 120 13.25 32.32 60.19
C VAL H 120 12.97 33.74 59.69
N SER H 121 12.46 33.90 58.48
CA SER H 121 12.21 35.25 57.97
C SER H 121 10.77 35.71 58.23
N GLU H 122 10.60 36.97 58.63
CA GLU H 122 9.23 37.46 58.65
C GLU H 122 8.76 37.57 57.20
N LYS H 123 7.45 37.65 57.00
CA LYS H 123 6.90 37.86 55.67
C LYS H 123 6.81 39.34 55.30
N PRO H 124 6.89 39.66 54.00
CA PRO H 124 7.28 38.81 52.89
C PRO H 124 8.77 38.50 52.99
N MET H 125 9.20 37.38 52.42
CA MET H 125 10.59 36.99 52.60
C MET H 125 11.48 37.95 51.83
N ALA H 126 10.98 38.64 50.80
CA ALA H 126 11.81 39.64 50.10
C ALA H 126 10.93 40.70 49.45
N THR H 127 11.46 41.86 49.09
CA THR H 127 10.65 42.72 48.26
C THR H 127 10.88 42.51 46.77
N ARG H 128 11.89 41.75 46.36
CA ARG H 128 12.19 41.52 44.93
C ARG H 128 12.37 40.04 44.62
N TRP H 129 11.81 39.63 43.48
CA TRP H 129 11.85 38.24 43.06
C TRP H 129 13.27 37.68 43.05
N GLU H 130 14.25 38.36 42.49
CA GLU H 130 15.59 37.78 42.39
C GLU H 130 16.29 37.59 43.74
N ASP H 131 16.05 38.53 44.65
CA ASP H 131 16.49 38.43 46.05
C ASP H 131 15.82 37.26 46.76
N GLY H 132 14.56 36.99 46.42
CA GLY H 132 13.88 35.89 47.11
C GLY H 132 14.49 34.58 46.67
N LYS H 133 14.83 34.51 45.39
CA LYS H 133 15.46 33.32 44.80
C LYS H 133 16.85 32.99 45.36
N ARG H 134 17.63 34.03 45.58
CA ARG H 134 18.99 34.00 46.10
C ARG H 134 18.98 33.52 47.55
N MET H 135 18.00 33.96 48.34
CA MET H 135 17.95 33.60 49.76
C MET H 135 17.78 32.09 49.84
N VAL H 136 16.97 31.56 48.93
CA VAL H 136 16.57 30.17 49.08
C VAL H 136 17.76 29.31 48.64
N LYS H 137 18.44 29.84 47.64
CA LYS H 137 19.59 29.13 47.07
C LYS H 137 20.67 29.07 48.14
N ALA H 138 20.96 30.26 48.65
CA ALA H 138 22.02 30.44 49.63
C ALA H 138 21.73 29.51 50.80
N CYS H 139 20.49 29.46 51.27
CA CYS H 139 20.21 28.52 52.36
C CYS H 139 20.35 27.07 51.93
N ASP H 140 19.99 26.76 50.68
CA ASP H 140 20.11 25.40 50.21
C ASP H 140 21.58 25.03 50.33
N GLU H 141 22.42 25.92 49.83
CA GLU H 141 23.81 25.66 49.52
C GLU H 141 24.56 25.42 50.84
N ALA H 142 24.16 26.14 51.89
CA ALA H 142 24.73 26.06 53.22
C ALA H 142 24.08 24.94 54.03
N GLY H 143 23.09 24.25 53.49
CA GLY H 143 22.42 23.15 54.18
C GLY H 143 21.78 23.53 55.50
N VAL H 144 21.21 24.72 55.50
CA VAL H 144 20.47 25.30 56.61
C VAL H 144 18.99 25.49 56.30
N ARG H 145 18.15 25.48 57.33
CA ARG H 145 16.70 25.69 57.25
C ARG H 145 16.33 27.16 57.01
N LEU H 146 15.34 27.39 56.16
CA LEU H 146 14.79 28.73 55.95
C LEU H 146 13.28 28.62 56.13
N PHE H 147 12.76 29.25 57.18
CA PHE H 147 11.33 29.37 57.47
C PHE H 147 10.84 30.78 57.16
N VAL H 148 9.64 30.89 56.56
CA VAL H 148 9.03 32.19 56.36
C VAL H 148 7.76 32.25 57.21
N VAL H 149 7.57 33.31 58.00
CA VAL H 149 6.43 33.38 58.89
C VAL H 149 5.17 33.59 58.04
N LYS H 150 4.31 32.58 58.00
CA LYS H 150 2.93 32.71 57.55
C LYS H 150 1.98 32.15 58.62
N GLN H 151 1.90 32.78 59.79
CA GLN H 151 1.02 32.39 60.88
C GLN H 151 -0.47 32.34 60.57
N ASN H 152 -1.03 33.22 59.74
CA ASN H 152 -2.45 33.15 59.43
C ASN H 152 -2.90 31.76 59.00
N ARG H 153 -1.98 30.97 58.47
CA ARG H 153 -2.39 29.65 57.99
C ARG H 153 -2.92 28.77 59.12
N ARG H 154 -2.68 29.20 60.35
CA ARG H 154 -2.95 28.33 61.49
C ARG H 154 -4.21 28.78 62.20
N ASN H 155 -4.90 29.76 61.62
CA ASN H 155 -6.30 30.02 61.98
C ASN H 155 -7.12 28.74 61.91
N ALA H 156 -8.02 28.58 62.88
CA ALA H 156 -8.86 27.39 62.90
C ALA H 156 -9.83 27.49 61.73
N THR H 157 -10.31 28.71 61.51
CA THR H 157 -11.20 28.95 60.37
C THR H 157 -10.49 28.47 59.12
N LEU H 158 -9.28 28.98 58.93
CA LEU H 158 -8.62 28.61 57.67
C LEU H 158 -8.34 27.11 57.59
N GLN H 159 -8.05 26.47 58.72
CA GLN H 159 -7.67 25.05 58.70
C GLN H 159 -8.82 24.19 58.20
N LEU H 160 -10.02 24.63 58.60
CA LEU H 160 -11.25 23.92 58.26
C LEU H 160 -11.45 23.95 56.75
N VAL H 161 -11.15 25.10 56.15
CA VAL H 161 -11.39 25.24 54.72
C VAL H 161 -10.37 24.34 54.04
N LYS H 162 -9.14 24.39 54.54
CA LYS H 162 -8.03 23.68 53.92
C LYS H 162 -8.34 22.19 53.85
N LYS H 163 -8.91 21.67 54.94
CA LYS H 163 -9.25 20.25 54.99
C LYS H 163 -10.45 19.91 54.11
N ALA H 164 -11.51 20.70 54.26
CA ALA H 164 -12.56 20.73 53.24
C ALA H 164 -12.08 20.57 51.79
N ILE H 165 -11.17 21.45 51.37
CA ILE H 165 -10.59 21.36 50.05
C ILE H 165 -9.77 20.09 49.84
N GLU H 166 -8.86 19.81 50.78
CA GLU H 166 -8.06 18.59 50.69
C GLU H 166 -8.90 17.33 50.51
N GLN H 167 -10.00 17.22 51.24
CA GLN H 167 -10.86 16.05 51.05
C GLN H 167 -11.86 16.07 49.89
N GLY H 168 -11.82 17.08 49.04
CA GLY H 168 -12.57 16.98 47.79
C GLY H 168 -14.01 17.44 47.95
N ARG H 169 -14.29 18.01 49.11
CA ARG H 169 -15.66 18.41 49.38
C ARG H 169 -16.19 19.49 48.43
N PHE H 170 -15.32 20.33 47.87
CA PHE H 170 -15.86 21.34 46.96
C PHE H 170 -16.17 20.75 45.59
N GLY H 171 -15.45 19.67 45.28
CA GLY H 171 -15.48 19.09 43.95
C GLY H 171 -14.85 20.22 43.18
N ARG H 172 -15.12 20.35 41.89
CA ARG H 172 -14.46 21.42 41.12
C ARG H 172 -14.69 22.82 41.70
N ILE H 173 -13.63 23.59 41.88
CA ILE H 173 -13.68 24.96 42.35
C ILE H 173 -13.78 25.99 41.24
N TYR H 174 -14.63 27.00 41.39
CA TYR H 174 -14.99 27.81 40.22
C TYR H 174 -14.67 29.29 40.38
N MET H 175 -14.92 29.85 41.56
CA MET H 175 -14.74 31.28 41.77
C MET H 175 -14.23 31.56 43.17
N VAL H 176 -13.30 32.49 43.32
CA VAL H 176 -12.66 32.74 44.60
C VAL H 176 -12.41 34.24 44.69
N THR H 177 -12.91 34.89 45.74
CA THR H 177 -12.62 36.31 45.90
C THR H 177 -12.12 36.62 47.30
N VAL H 178 -11.10 37.47 47.33
CA VAL H 178 -10.49 37.87 48.60
C VAL H 178 -10.62 39.39 48.74
N ASN H 179 -11.21 39.84 49.84
CA ASN H 179 -11.09 41.27 50.10
C ASN H 179 -10.20 41.56 51.31
N VAL H 180 -9.32 42.53 51.12
CA VAL H 180 -8.63 43.16 52.26
C VAL H 180 -8.90 44.66 52.27
N PHE H 181 -9.90 45.07 53.04
CA PHE H 181 -10.37 46.46 53.14
C PHE H 181 -10.05 47.03 54.53
N TRP H 182 -8.81 47.46 54.72
CA TRP H 182 -8.23 47.80 56.02
C TRP H 182 -7.91 49.29 55.97
N THR H 183 -7.31 49.79 57.05
CA THR H 183 -6.91 51.19 57.15
C THR H 183 -5.50 51.44 57.65
N ARG H 184 -4.84 52.41 57.03
CA ARG H 184 -3.53 52.88 57.47
C ARG H 184 -3.43 54.35 57.10
N PRO H 185 -3.49 55.24 58.11
CA PRO H 185 -3.30 56.67 57.93
C PRO H 185 -1.88 57.08 57.56
N GLN H 186 -1.70 58.31 57.10
CA GLN H 186 -0.36 58.84 56.85
C GLN H 186 0.61 58.60 58.01
N GLU H 187 0.19 58.86 59.24
CA GLU H 187 1.05 58.71 60.42
C GLU H 187 1.72 57.34 60.45
N TYR H 188 0.95 56.32 60.08
CA TYR H 188 1.49 54.97 60.09
C TYR H 188 2.67 54.80 59.15
N TYR H 189 2.61 55.45 57.99
CA TYR H 189 3.70 55.38 57.01
C TYR H 189 4.86 56.24 57.49
N ASP H 190 4.53 57.37 58.09
CA ASP H 190 5.52 58.33 58.61
C ASP H 190 6.31 57.90 59.86
N ALA H 191 5.81 56.90 60.59
CA ALA H 191 6.50 56.41 61.77
C ALA H 191 7.85 55.79 61.44
N ALA H 192 8.15 55.55 60.17
CA ALA H 192 9.39 54.87 59.81
C ALA H 192 9.82 55.08 58.36
N ARG H 193 11.03 55.54 58.09
CA ARG H 193 11.32 56.01 56.73
C ARG H 193 11.15 54.89 55.71
N TRP H 194 11.29 53.65 56.17
CA TRP H 194 11.33 52.56 55.20
C TRP H 194 9.96 52.23 54.64
N ARG H 195 8.94 52.66 55.37
CA ARG H 195 7.57 52.18 55.16
C ARG H 195 7.04 52.72 53.84
N GLY H 196 6.46 51.82 53.04
CA GLY H 196 5.79 52.25 51.82
C GLY H 196 6.78 52.38 50.67
N LYS H 197 8.07 52.13 50.90
CA LYS H 197 9.04 52.13 49.80
C LYS H 197 9.16 50.85 48.96
N TRP H 198 9.36 50.98 47.65
CA TRP H 198 9.47 49.82 46.79
C TRP H 198 10.54 48.92 47.39
N GLU H 199 11.71 49.51 47.61
CA GLU H 199 12.87 48.71 48.01
C GLU H 199 12.73 48.02 49.36
N TRP H 200 12.22 48.70 50.38
CA TRP H 200 12.12 48.12 51.72
C TRP H 200 10.83 47.40 52.08
N ASP H 201 9.77 47.74 51.36
CA ASP H 201 8.44 47.49 51.92
C ASP H 201 7.48 46.98 50.85
N GLY H 202 7.33 47.65 49.71
CA GLY H 202 6.20 47.36 48.83
C GLY H 202 5.02 48.17 49.32
N GLY H 203 3.83 47.88 48.81
CA GLY H 203 2.62 48.65 49.13
C GLY H 203 1.63 47.78 49.88
N ALA H 204 0.36 48.08 49.73
CA ALA H 204 -0.66 47.33 50.46
C ALA H 204 -0.65 45.84 50.17
N PHE H 205 -0.30 45.47 48.94
CA PHE H 205 -0.29 44.06 48.59
C PHE H 205 0.89 43.32 49.21
N MET H 206 2.09 43.86 49.05
CA MET H 206 3.29 43.14 49.52
C MET H 206 3.32 43.11 51.04
N ASN H 207 3.00 44.21 51.73
CA ASN H 207 3.08 44.24 53.19
C ASN H 207 1.82 43.71 53.89
N GLN H 208 0.77 44.53 53.96
CA GLN H 208 -0.47 44.10 54.59
C GLN H 208 -1.13 42.85 54.00
N ALA H 209 -1.32 42.73 52.69
CA ALA H 209 -2.15 41.62 52.24
C ALA H 209 -1.37 40.39 51.78
N SER H 210 -0.06 40.37 52.01
CA SER H 210 0.77 39.24 51.60
C SER H 210 0.23 37.98 52.24
N HIS H 211 -0.30 38.11 53.46
CA HIS H 211 -0.96 36.98 54.13
C HIS H 211 -2.16 36.43 53.35
N TYR H 212 -2.83 37.31 52.62
CA TYR H 212 -4.05 36.92 51.92
C TYR H 212 -3.70 36.47 50.51
N VAL H 213 -2.64 37.07 49.96
CA VAL H 213 -2.19 36.62 48.65
C VAL H 213 -1.68 35.20 48.86
N ASP H 214 -1.09 34.90 50.01
CA ASP H 214 -0.73 33.53 50.34
C ASP H 214 -1.88 32.51 50.32
N LEU H 215 -3.06 32.86 50.83
CA LEU H 215 -4.17 31.91 50.76
C LEU H 215 -4.43 31.39 49.35
N LEU H 216 -4.11 32.24 48.38
CA LEU H 216 -4.59 32.00 47.03
C LEU H 216 -4.02 30.67 46.59
N ASP H 217 -2.71 30.54 46.81
CA ASP H 217 -1.94 29.39 46.37
C ASP H 217 -2.14 28.22 47.33
N TRP H 218 -2.08 28.55 48.61
CA TRP H 218 -1.94 27.57 49.67
C TRP H 218 -3.28 26.85 49.79
N LEU H 219 -4.38 27.60 49.73
CA LEU H 219 -5.72 27.05 49.87
C LEU H 219 -6.36 26.48 48.60
N VAL H 220 -6.26 27.20 47.48
CA VAL H 220 -7.02 26.85 46.28
C VAL H 220 -6.16 26.18 45.21
N GLY H 221 -4.88 26.51 45.18
CA GLY H 221 -3.98 25.73 44.35
C GLY H 221 -3.09 26.64 43.53
N PRO H 222 -2.36 26.05 42.57
CA PRO H 222 -1.41 26.86 41.82
C PRO H 222 -2.07 27.88 40.89
N VAL H 223 -1.55 29.10 40.85
CA VAL H 223 -2.21 30.13 40.06
C VAL H 223 -1.59 30.11 38.67
N GLU H 224 -2.40 30.20 37.62
CA GLU H 224 -1.82 30.25 36.28
C GLU H 224 -1.34 31.63 35.80
N SER H 225 -2.09 32.70 36.08
CA SER H 225 -1.70 34.06 35.67
C SER H 225 -2.60 35.06 36.39
N VAL H 226 -2.21 36.32 36.35
CA VAL H 226 -2.97 37.39 36.98
C VAL H 226 -2.94 38.62 36.08
N TYR H 227 -3.85 39.55 36.34
CA TYR H 227 -3.73 40.89 35.78
C TYR H 227 -4.12 41.83 36.93
N ALA H 228 -3.38 42.92 37.05
CA ALA H 228 -3.65 43.82 38.17
C ALA H 228 -3.64 45.29 37.79
N TYR H 229 -4.41 46.07 38.54
CA TYR H 229 -4.32 47.54 38.53
C TYR H 229 -3.93 47.92 39.95
N THR H 230 -2.99 48.85 40.12
CA THR H 230 -2.79 49.36 41.47
C THR H 230 -2.51 50.85 41.32
N ALA H 231 -2.65 51.61 42.40
CA ALA H 231 -2.12 52.98 42.41
C ALA H 231 -1.99 53.42 43.87
N THR H 232 -1.38 54.60 43.96
CA THR H 232 -1.21 55.33 45.20
C THR H 232 -2.31 56.37 45.13
N LEU H 233 -3.47 56.12 45.74
CA LEU H 233 -4.60 57.04 45.58
C LEU H 233 -4.58 58.23 46.54
N ALA H 234 -3.99 58.11 47.73
CA ALA H 234 -4.07 59.19 48.70
C ALA H 234 -2.92 59.38 49.71
N ARG H 235 -2.21 58.32 50.07
CA ARG H 235 -1.08 58.40 50.99
C ARG H 235 0.16 58.93 50.29
N ARG H 236 1.08 59.51 51.06
CA ARG H 236 2.35 59.95 50.47
C ARG H 236 3.36 58.81 50.63
N ILE H 237 3.39 57.87 49.68
CA ILE H 237 4.32 56.74 49.74
C ILE H 237 4.75 56.47 48.31
N GLU H 238 5.78 55.64 48.15
CA GLU H 238 6.07 55.26 46.77
C GLU H 238 5.12 54.20 46.20
N ALA H 239 4.73 53.21 47.01
CA ALA H 239 4.13 51.99 46.54
C ALA H 239 2.62 52.22 46.46
N GLU H 240 1.84 51.17 46.22
CA GLU H 240 0.39 51.34 46.03
C GLU H 240 -0.32 51.32 47.37
N ASP H 241 -1.42 52.06 47.54
CA ASP H 241 -2.23 51.84 48.73
C ASP H 241 -3.54 51.14 48.37
N THR H 242 -3.74 50.90 47.08
CA THR H 242 -5.01 50.37 46.58
C THR H 242 -4.79 49.51 45.35
N GLY H 243 -5.56 48.42 45.23
CA GLY H 243 -5.45 47.62 44.01
C GLY H 243 -6.37 46.43 43.92
N VAL H 244 -6.34 45.89 42.70
CA VAL H 244 -7.16 44.75 42.26
CA VAL H 244 -7.13 44.72 42.34
C VAL H 244 -6.31 43.81 41.42
N ALA H 245 -6.43 42.51 41.61
CA ALA H 245 -5.85 41.57 40.66
C ALA H 245 -6.93 40.59 40.26
N ALA H 246 -7.11 40.41 38.95
CA ALA H 246 -7.95 39.31 38.52
C ALA H 246 -7.02 38.12 38.41
N LEU H 247 -7.56 36.93 38.65
CA LEU H 247 -6.75 35.72 38.73
C LEU H 247 -7.31 34.53 37.97
N ARG H 248 -6.46 33.64 37.49
CA ARG H 248 -6.95 32.42 36.84
C ARG H 248 -6.03 31.35 37.41
N TRP H 249 -6.58 30.34 38.08
CA TRP H 249 -5.82 29.17 38.48
C TRP H 249 -5.59 28.15 37.37
N ARG H 250 -4.65 27.23 37.60
CA ARG H 250 -4.36 26.16 36.63
C ARG H 250 -5.53 25.22 36.44
N HIS H 251 -6.23 24.86 37.52
CA HIS H 251 -7.38 23.96 37.40
C HIS H 251 -8.54 24.76 36.84
N GLY H 252 -8.35 26.04 36.60
CA GLY H 252 -9.41 26.73 35.87
C GLY H 252 -10.31 27.64 36.67
N ALA H 253 -10.23 27.65 38.00
CA ALA H 253 -11.05 28.57 38.79
C ALA H 253 -10.68 29.99 38.37
N MET H 254 -11.56 30.97 38.54
CA MET H 254 -11.15 32.37 38.34
C MET H 254 -11.44 33.20 39.59
N GLY H 255 -10.91 34.41 39.71
CA GLY H 255 -11.24 35.24 40.86
C GLY H 255 -10.58 36.60 40.93
N SER H 256 -10.73 37.26 42.08
CA SER H 256 -10.03 38.53 42.27
C SER H 256 -9.51 38.58 43.69
N ILE H 257 -8.49 39.41 43.87
CA ILE H 257 -8.17 39.92 45.20
C ILE H 257 -8.17 41.45 45.19
N ASN H 258 -8.85 42.03 46.17
CA ASN H 258 -9.14 43.46 46.13
C ASN H 258 -8.63 44.04 47.43
N VAL H 259 -7.82 45.09 47.30
CA VAL H 259 -7.04 45.55 48.46
C VAL H 259 -6.92 47.06 48.50
N THR H 260 -7.25 47.63 49.67
CA THR H 260 -6.99 49.03 49.98
C THR H 260 -6.58 49.20 51.45
N MET H 261 -5.67 50.12 51.73
CA MET H 261 -5.44 50.58 53.10
C MET H 261 -6.13 51.92 53.30
N LEU H 262 -7.18 52.22 52.54
CA LEU H 262 -7.78 53.55 52.60
C LEU H 262 -9.19 53.49 53.17
N THR H 263 -9.58 52.37 53.76
CA THR H 263 -10.97 52.19 54.14
C THR H 263 -11.34 53.17 55.24
N TYR H 264 -12.58 53.66 55.19
CA TYR H 264 -13.07 54.62 56.18
C TYR H 264 -13.99 53.95 57.18
N PRO H 265 -13.79 54.15 58.50
CA PRO H 265 -12.67 54.86 59.10
C PRO H 265 -11.72 53.86 59.75
N GLN H 266 -11.89 52.58 59.44
CA GLN H 266 -11.06 51.55 60.05
C GLN H 266 -11.32 50.19 59.43
N ASN H 267 -10.48 49.20 59.74
CA ASN H 267 -10.51 47.89 59.12
C ASN H 267 -11.98 47.52 58.98
N LEU H 268 -12.32 47.07 57.78
CA LEU H 268 -13.72 46.70 57.58
C LEU H 268 -13.73 45.19 57.36
N GLU H 269 -12.78 44.65 56.60
CA GLU H 269 -12.96 43.29 56.12
C GLU H 269 -11.64 42.71 55.65
N GLY H 270 -11.42 41.46 56.03
CA GLY H 270 -10.31 40.63 55.58
C GLY H 270 -10.99 39.30 55.29
N SER H 271 -11.36 39.03 54.04
CA SER H 271 -12.21 37.87 53.75
C SER H 271 -11.80 37.00 52.56
N ILE H 272 -12.25 35.75 52.53
CA ILE H 272 -12.09 34.90 51.36
C ILE H 272 -13.38 34.13 51.09
N THR H 273 -13.83 34.15 49.83
CA THR H 273 -15.01 33.38 49.50
C THR H 273 -14.63 32.37 48.45
N ILE H 274 -15.08 31.13 48.57
CA ILE H 274 -14.66 30.11 47.63
C ILE H 274 -15.90 29.36 47.16
N LEU H 275 -16.18 29.35 45.86
CA LEU H 275 -17.37 28.66 45.38
C LEU H 275 -17.05 27.51 44.42
N GLY H 276 -17.60 26.34 44.74
CA GLY H 276 -17.34 25.20 43.88
C GLY H 276 -18.60 24.41 43.54
N GLU H 277 -18.41 23.31 42.83
CA GLU H 277 -19.52 22.55 42.28
C GLU H 277 -20.46 22.06 43.38
N LYS H 278 -19.91 21.72 44.54
CA LYS H 278 -20.68 21.14 45.63
C LYS H 278 -20.33 21.72 46.99
N GLY H 279 -19.77 22.92 46.96
CA GLY H 279 -19.36 23.59 48.20
C GLY H 279 -19.35 25.08 47.97
N THR H 280 -19.69 25.78 49.05
CA THR H 280 -19.68 27.23 49.10
C THR H 280 -19.23 27.62 50.50
N VAL H 281 -18.15 28.39 50.58
CA VAL H 281 -17.71 28.88 51.88
C VAL H 281 -17.38 30.36 51.81
N ARG H 282 -17.75 31.10 52.84
CA ARG H 282 -17.17 32.43 53.04
C ARG H 282 -16.58 32.59 54.43
N VAL H 283 -15.30 32.96 54.49
CA VAL H 283 -14.66 33.27 55.77
C VAL H 283 -14.53 34.78 55.87
N GLY H 284 -15.38 35.36 56.73
CA GLY H 284 -15.44 36.79 56.97
C GLY H 284 -14.69 37.26 58.21
N GLY H 285 -14.92 38.53 58.53
CA GLY H 285 -14.33 39.18 59.69
C GLY H 285 -13.35 40.24 59.20
N VAL H 286 -12.68 40.89 60.15
CA VAL H 286 -11.59 41.78 59.80
C VAL H 286 -10.31 41.03 59.43
N ALA H 287 -10.26 39.73 59.72
CA ALA H 287 -9.08 38.95 59.40
C ALA H 287 -9.43 37.46 59.37
N VAL H 288 -10.26 37.10 58.40
CA VAL H 288 -10.55 35.70 58.14
C VAL H 288 -10.73 34.97 59.47
N ASN H 289 -11.47 35.64 60.35
CA ASN H 289 -11.70 35.12 61.69
C ASN H 289 -13.11 34.58 61.84
N ARG H 290 -13.96 34.74 60.83
CA ARG H 290 -15.35 34.38 61.08
C ARG H 290 -16.03 33.69 59.91
N ILE H 291 -16.32 32.39 60.02
CA ILE H 291 -16.89 31.68 58.87
C ILE H 291 -18.36 32.05 58.74
N ASP H 292 -18.76 32.75 57.70
CA ASP H 292 -20.14 33.22 57.55
C ASP H 292 -20.99 32.29 56.70
N GLU H 293 -20.37 31.45 55.90
CA GLU H 293 -21.22 30.68 55.00
C GLU H 293 -20.45 29.37 54.93
N TRP H 294 -21.18 28.26 55.06
CA TRP H 294 -20.51 26.97 55.05
C TRP H 294 -21.53 25.97 54.51
N LYS H 295 -21.49 25.65 53.22
CA LYS H 295 -22.56 24.80 52.70
C LYS H 295 -21.99 23.76 51.76
N PHE H 296 -22.43 22.51 51.88
CA PHE H 296 -21.75 21.41 51.21
C PHE H 296 -22.74 20.35 50.77
N ALA H 297 -22.53 19.68 49.64
CA ALA H 297 -23.47 18.68 49.19
C ALA H 297 -23.65 17.55 50.21
N GLU H 298 -22.55 17.12 50.82
CA GLU H 298 -22.65 16.01 51.76
C GLU H 298 -21.99 16.29 53.10
N PRO H 299 -22.55 15.70 54.16
CA PRO H 299 -22.11 16.05 55.50
C PRO H 299 -20.70 15.57 55.84
N HIS H 300 -20.11 16.23 56.83
CA HIS H 300 -18.82 15.88 57.40
C HIS H 300 -18.81 16.45 58.82
N PRO H 301 -18.16 15.76 59.77
CA PRO H 301 -18.16 16.18 61.17
C PRO H 301 -17.67 17.61 61.39
N ASP H 302 -16.93 18.19 60.46
CA ASP H 302 -16.53 19.58 60.61
C ASP H 302 -17.66 20.63 60.51
N ASP H 303 -18.80 20.19 59.98
CA ASP H 303 -20.01 21.02 59.92
C ASP H 303 -20.46 21.50 61.28
N ASP H 304 -19.93 20.87 62.34
CA ASP H 304 -20.33 21.16 63.71
C ASP H 304 -19.23 21.80 64.56
N LYS H 305 -18.10 22.07 63.92
CA LYS H 305 -16.99 22.71 64.62
C LYS H 305 -16.89 24.18 64.25
N ILE H 306 -17.93 24.76 63.67
CA ILE H 306 -17.91 26.11 63.09
C ILE H 306 -17.91 27.25 64.09
N ARG H 307 -18.86 27.26 65.03
CA ARG H 307 -18.96 28.36 65.99
C ARG H 307 -17.71 28.53 66.85
N GLU H 308 -17.01 27.41 67.07
CA GLU H 308 -15.87 27.44 67.97
C GLU H 308 -14.55 27.58 67.22
N ALA H 309 -14.54 27.16 65.96
CA ALA H 309 -13.40 27.50 65.12
C ALA H 309 -13.42 29.01 64.97
N ASN H 310 -14.62 29.59 64.85
CA ASN H 310 -14.68 31.04 64.80
C ASN H 310 -14.11 31.55 66.12
N TYR H 311 -14.31 30.75 67.17
CA TYR H 311 -13.83 31.00 68.53
C TYR H 311 -12.30 31.05 68.67
N GLU H 312 -11.59 30.00 68.31
CA GLU H 312 -10.13 29.93 68.45
C GLU H 312 -9.29 30.90 67.61
N THR H 313 -9.71 31.11 66.37
CA THR H 313 -9.12 32.11 65.46
C THR H 313 -9.35 33.53 65.95
N THR H 314 -10.55 33.82 66.46
CA THR H 314 -10.84 35.17 66.93
C THR H 314 -10.13 35.55 68.23
N SER H 315 -9.72 34.55 69.00
CA SER H 315 -9.04 34.82 70.26
C SER H 315 -7.54 34.62 70.14
N VAL H 316 -7.09 33.99 69.07
CA VAL H 316 -5.68 34.01 68.69
C VAL H 316 -5.45 35.15 67.71
N TYR H 317 -6.52 35.73 67.17
CA TYR H 317 -6.40 36.87 66.27
C TYR H 317 -5.27 37.83 66.62
N GLY H 318 -4.31 37.98 65.73
CA GLY H 318 -3.13 38.80 66.00
C GLY H 318 -2.04 38.20 66.86
N PHE H 319 -2.15 36.91 67.18
CA PHE H 319 -1.15 36.21 67.97
C PHE H 319 -0.92 34.76 67.52
N GLY H 320 -0.72 34.55 66.22
CA GLY H 320 -0.54 33.22 65.63
C GLY H 320 0.87 32.67 65.69
N HIS H 321 1.78 33.51 66.18
CA HIS H 321 3.17 33.08 66.25
C HIS H 321 3.41 31.88 67.18
N PRO H 322 2.87 31.89 68.40
CA PRO H 322 3.12 30.72 69.22
C PRO H 322 2.95 29.43 68.43
N LEU H 323 1.78 29.26 67.83
CA LEU H 323 1.53 28.12 66.97
C LEU H 323 2.53 28.05 65.82
N TYR H 324 2.95 29.19 65.29
CA TYR H 324 3.94 29.12 64.23
C TYR H 324 5.24 28.48 64.76
N TYR H 325 5.74 28.97 65.88
CA TYR H 325 7.02 28.53 66.43
C TYR H 325 7.03 27.10 66.94
N ASP H 326 5.86 26.53 67.22
CA ASP H 326 5.79 25.11 67.55
C ASP H 326 6.17 24.18 66.40
N ASN H 327 5.92 24.64 65.17
CA ASN H 327 6.36 23.86 64.01
C ASN H 327 7.84 24.14 63.75
N VAL H 328 8.25 25.38 63.96
CA VAL H 328 9.67 25.67 63.81
C VAL H 328 10.47 24.77 64.75
N ILE H 329 10.14 24.84 66.03
CA ILE H 329 10.87 24.14 67.08
C ILE H 329 10.79 22.62 66.87
N ASN H 330 9.67 22.13 66.36
CA ASN H 330 9.60 20.70 66.05
C ASN H 330 10.43 20.29 64.84
N CYS H 331 10.48 21.18 63.85
CA CYS H 331 11.34 20.89 62.71
C CYS H 331 12.81 20.91 63.11
N LEU H 332 13.21 21.85 63.97
CA LEU H 332 14.60 21.94 64.39
C LEU H 332 14.96 20.78 65.32
N ARG H 333 14.02 20.24 66.09
CA ARG H 333 14.34 19.06 66.89
C ARG H 333 14.26 17.80 66.03
N GLY H 334 14.31 17.97 64.72
CA GLY H 334 14.40 16.84 63.80
C GLY H 334 13.13 16.01 63.75
N ASP H 335 12.06 16.57 64.34
CA ASP H 335 10.75 15.93 64.43
C ASP H 335 9.87 16.09 63.19
N CYS H 336 9.79 17.32 62.68
CA CYS H 336 8.86 17.65 61.61
C CYS H 336 9.56 18.19 60.38
N GLU H 337 8.83 18.24 59.27
CA GLU H 337 9.20 19.15 58.18
C GLU H 337 8.64 20.54 58.47
N PRO H 338 9.29 21.58 57.92
CA PRO H 338 8.77 22.91 58.19
C PRO H 338 7.43 23.07 57.47
N GLU H 339 6.45 23.65 58.14
CA GLU H 339 5.21 24.03 57.46
C GLU H 339 5.41 25.11 56.41
N THR H 340 6.19 26.15 56.70
CA THR H 340 6.42 27.15 55.67
C THR H 340 7.91 27.39 55.40
N ASP H 341 8.47 26.66 54.43
CA ASP H 341 9.89 26.80 54.10
C ASP H 341 10.13 27.86 53.04
N GLY H 342 11.38 27.98 52.59
CA GLY H 342 11.70 29.09 51.70
C GLY H 342 10.88 28.95 50.43
N ARG H 343 10.75 27.72 49.94
CA ARG H 343 10.11 27.47 48.64
C ARG H 343 8.63 27.82 48.70
N GLU H 344 8.00 27.48 49.83
CA GLU H 344 6.64 27.90 50.12
C GLU H 344 6.44 29.41 50.08
N GLY H 345 7.40 30.11 50.69
CA GLY H 345 7.44 31.56 50.71
C GLY H 345 7.64 32.11 49.32
N LEU H 346 8.41 31.38 48.50
CA LEU H 346 8.54 31.79 47.11
C LEU H 346 7.19 31.73 46.40
N GLN H 347 6.29 30.76 46.66
CA GLN H 347 4.98 30.72 46.01
C GLN H 347 4.28 32.07 46.10
N SER H 348 3.98 32.51 47.32
CA SER H 348 3.45 33.85 47.49
C SER H 348 4.33 34.97 46.96
N LEU H 349 5.65 34.86 46.97
CA LEU H 349 6.43 35.98 46.46
C LEU H 349 6.34 36.12 44.94
N ALA H 350 6.19 34.98 44.25
CA ALA H 350 6.06 34.97 42.80
C ALA H 350 4.77 35.67 42.42
N LEU H 351 3.71 35.37 43.16
CA LEU H 351 2.42 36.02 42.93
C LEU H 351 2.45 37.54 43.13
N LEU H 352 3.03 38.00 44.23
CA LEU H 352 3.14 39.46 44.41
C LEU H 352 3.88 40.10 43.25
N THR H 353 4.92 39.43 42.77
CA THR H 353 5.74 39.98 41.70
C THR H 353 4.91 40.08 40.42
N ALA H 354 4.24 38.97 40.08
CA ALA H 354 3.28 38.93 38.98
C ALA H 354 2.32 40.11 39.05
N ILE H 355 1.75 40.26 40.23
CA ILE H 355 0.80 41.34 40.43
C ILE H 355 1.53 42.67 40.22
N TYR H 356 2.74 42.82 40.74
CA TYR H 356 3.43 44.09 40.54
C TYR H 356 3.93 44.32 39.12
N ARG H 357 4.46 43.31 38.45
CA ARG H 357 4.70 43.47 37.02
C ARG H 357 3.43 43.77 36.22
N SER H 358 2.32 43.08 36.45
CA SER H 358 1.07 43.39 35.74
C SER H 358 0.70 44.85 35.95
N ALA H 359 0.67 45.35 37.18
CA ALA H 359 0.18 46.71 37.42
C ALA H 359 1.11 47.70 36.75
N ARG H 360 2.40 47.47 36.89
CA ARG H 360 3.30 48.44 36.31
C ARG H 360 3.21 48.26 34.80
N ASP H 361 3.21 47.02 34.32
CA ASP H 361 3.31 46.89 32.86
C ASP H 361 2.04 46.99 32.04
N GLY H 362 0.86 46.79 32.62
CA GLY H 362 -0.39 46.83 31.86
C GLY H 362 -0.62 45.60 31.01
N VAL H 363 -0.12 44.47 31.50
CA VAL H 363 -0.09 43.22 30.74
C VAL H 363 -0.37 42.02 31.66
N ARG H 364 -1.02 40.98 31.17
CA ARG H 364 -1.23 39.75 31.95
C ARG H 364 0.15 39.16 32.23
N ILE H 365 0.39 38.66 33.44
CA ILE H 365 1.68 38.05 33.78
C ILE H 365 1.42 36.63 34.22
N PRO H 366 1.98 35.64 33.50
CA PRO H 366 1.72 34.25 33.86
C PRO H 366 2.79 33.64 34.77
N LEU H 367 2.52 32.48 35.37
CA LEU H 367 3.42 31.90 36.34
C LEU H 367 3.74 30.54 35.75
N PRO H 368 4.84 29.91 36.15
CA PRO H 368 5.73 30.44 37.18
C PRO H 368 6.73 31.32 36.44
N LEU H 369 7.34 32.26 37.17
CA LEU H 369 8.26 33.26 36.65
C LEU H 369 9.62 32.64 36.36
N ASP H 370 10.36 33.22 35.41
CA ASP H 370 11.75 32.79 35.23
C ASP H 370 12.63 33.07 36.45
N ARG I 29 -35.71 -71.62 -64.77
CA ARG I 29 -34.77 -70.90 -65.69
C ARG I 29 -33.40 -70.81 -65.02
N LYS I 30 -32.43 -70.26 -65.73
CA LYS I 30 -31.07 -70.24 -65.19
C LYS I 30 -30.81 -68.99 -64.37
N ILE I 31 -29.94 -69.12 -63.37
CA ILE I 31 -29.52 -67.92 -62.64
C ILE I 31 -28.74 -67.11 -63.66
N ARG I 32 -29.16 -65.87 -63.91
CA ARG I 32 -28.37 -64.96 -64.73
C ARG I 32 -27.34 -64.16 -63.93
N PHE I 33 -26.06 -64.30 -64.24
CA PHE I 33 -25.01 -63.52 -63.58
C PHE I 33 -24.42 -62.45 -64.49
N GLY I 34 -24.12 -61.29 -63.91
CA GLY I 34 -23.29 -60.28 -64.54
C GLY I 34 -21.96 -60.21 -63.80
N LEU I 35 -20.95 -59.59 -64.41
CA LEU I 35 -19.64 -59.52 -63.78
C LEU I 35 -19.14 -58.10 -63.93
N VAL I 36 -18.61 -57.55 -62.84
CA VAL I 36 -18.11 -56.19 -62.95
C VAL I 36 -16.61 -56.26 -62.72
N GLY I 37 -15.82 -55.77 -63.66
CA GLY I 37 -14.36 -55.96 -63.60
C GLY I 37 -13.90 -57.25 -64.24
N CYS I 38 -13.30 -57.15 -65.42
CA CYS I 38 -12.81 -58.35 -66.08
C CYS I 38 -11.29 -58.42 -66.05
N GLY I 39 -10.74 -58.69 -64.86
CA GLY I 39 -9.28 -58.67 -64.68
C GLY I 39 -8.76 -60.04 -64.30
N ARG I 40 -7.66 -60.06 -63.55
CA ARG I 40 -7.00 -61.34 -63.34
C ARG I 40 -7.93 -62.39 -62.74
N ILE I 41 -8.89 -61.99 -61.91
CA ILE I 41 -9.66 -62.99 -61.18
C ILE I 41 -10.98 -63.35 -61.90
N SER I 42 -11.32 -62.58 -62.92
CA SER I 42 -12.56 -62.82 -63.65
C SER I 42 -12.60 -64.20 -64.28
N LYS I 43 -11.49 -64.66 -64.83
CA LYS I 43 -11.42 -66.00 -65.43
C LYS I 43 -11.81 -67.10 -64.42
N ASN I 44 -11.57 -66.83 -63.14
CA ASN I 44 -11.97 -67.81 -62.12
C ASN I 44 -13.49 -67.77 -61.97
N HIS I 45 -14.03 -66.59 -62.20
CA HIS I 45 -15.46 -66.38 -61.96
C HIS I 45 -16.18 -66.98 -63.18
N ILE I 46 -15.89 -66.46 -64.37
CA ILE I 46 -16.33 -67.12 -65.60
C ILE I 46 -16.23 -68.64 -65.51
N GLY I 47 -15.03 -69.11 -65.17
CA GLY I 47 -14.74 -70.53 -65.09
C GLY I 47 -15.68 -71.25 -64.16
N ALA I 48 -15.91 -70.68 -62.98
CA ALA I 48 -16.74 -71.32 -61.98
C ALA I 48 -18.22 -71.31 -62.37
N ILE I 49 -18.65 -70.26 -63.06
CA ILE I 49 -20.06 -70.09 -63.41
C ILE I 49 -20.42 -71.00 -64.59
N ALA I 50 -19.59 -71.04 -65.62
CA ALA I 50 -19.81 -71.95 -66.73
C ALA I 50 -20.01 -73.34 -66.14
N GLN I 51 -19.05 -73.74 -65.32
CA GLN I 51 -19.13 -75.04 -64.65
C GLN I 51 -20.43 -75.40 -63.94
N HIS I 52 -21.43 -74.53 -64.02
CA HIS I 52 -22.79 -74.83 -63.57
C HIS I 52 -23.73 -74.35 -64.66
N GLY I 53 -23.23 -74.44 -65.89
CA GLY I 53 -23.85 -73.93 -67.10
C GLY I 53 -25.31 -74.30 -67.27
N ASP I 54 -25.80 -75.29 -66.54
CA ASP I 54 -27.24 -75.52 -66.52
C ASP I 54 -27.98 -74.52 -65.63
N ARG I 55 -27.60 -74.41 -64.36
CA ARG I 55 -28.35 -73.52 -63.47
C ARG I 55 -27.99 -72.04 -63.58
N ALA I 56 -26.87 -71.75 -64.24
CA ALA I 56 -26.45 -70.36 -64.35
C ALA I 56 -25.86 -70.02 -65.71
N GLU I 57 -26.10 -68.77 -66.14
CA GLU I 57 -25.38 -68.24 -67.28
C GLU I 57 -24.72 -66.91 -66.92
N LEU I 58 -23.43 -66.76 -67.23
CA LEU I 58 -22.83 -65.43 -67.19
C LEU I 58 -23.36 -64.63 -68.37
N VAL I 59 -24.13 -63.59 -68.09
CA VAL I 59 -24.86 -62.86 -69.11
C VAL I 59 -24.23 -61.56 -69.57
N GLU I 60 -23.73 -60.76 -68.64
CA GLU I 60 -23.27 -59.39 -68.89
C GLU I 60 -21.89 -59.20 -68.31
N ILE I 61 -21.10 -58.25 -68.81
CA ILE I 61 -19.76 -58.12 -68.25
C ILE I 61 -19.50 -56.64 -68.40
N CYS I 62 -18.68 -56.06 -67.51
CA CYS I 62 -18.51 -54.63 -67.42
C CYS I 62 -17.06 -54.29 -67.08
N ASP I 63 -16.51 -53.23 -67.68
CA ASP I 63 -15.16 -52.80 -67.34
C ASP I 63 -14.82 -51.42 -67.90
N THR I 64 -14.21 -50.56 -67.10
CA THR I 64 -13.97 -49.18 -67.52
C THR I 64 -12.70 -49.25 -68.38
N ASN I 65 -12.19 -50.46 -68.56
CA ASN I 65 -11.07 -50.55 -69.49
C ASN I 65 -11.49 -51.21 -70.79
N PRO I 66 -11.61 -50.42 -71.88
CA PRO I 66 -12.09 -50.94 -73.15
C PRO I 66 -11.43 -52.27 -73.46
N GLU I 67 -10.11 -52.31 -73.29
CA GLU I 67 -9.35 -53.54 -73.49
C GLU I 67 -9.80 -54.77 -72.71
N ALA I 68 -10.03 -54.67 -71.41
CA ALA I 68 -10.34 -55.90 -70.68
C ALA I 68 -11.74 -56.35 -71.06
N LEU I 69 -12.59 -55.36 -71.29
CA LEU I 69 -13.93 -55.58 -71.82
C LEU I 69 -13.83 -56.55 -73.00
N GLN I 70 -13.17 -56.12 -74.08
CA GLN I 70 -13.03 -56.92 -75.29
C GLN I 70 -12.49 -58.33 -75.02
N ALA I 71 -11.51 -58.41 -74.14
CA ALA I 71 -10.97 -59.74 -73.86
C ALA I 71 -12.11 -60.67 -73.48
N ALA I 72 -12.87 -60.30 -72.46
CA ALA I 72 -13.87 -61.23 -71.96
C ALA I 72 -15.13 -61.23 -72.84
N GLU I 73 -15.54 -60.06 -73.32
CA GLU I 73 -16.67 -59.91 -74.24
C GLU I 73 -16.58 -60.96 -75.35
N ALA I 74 -15.35 -61.15 -75.83
CA ALA I 74 -15.04 -62.14 -76.85
C ALA I 74 -15.06 -63.56 -76.32
N ALA I 75 -14.34 -63.82 -75.22
CA ALA I 75 -14.25 -65.15 -74.61
C ALA I 75 -15.56 -65.64 -73.98
N THR I 76 -16.55 -64.75 -73.91
CA THR I 76 -17.79 -65.14 -73.24
C THR I 76 -19.00 -64.96 -74.14
N GLY I 77 -19.02 -63.89 -74.94
CA GLY I 77 -20.26 -63.45 -75.59
C GLY I 77 -21.27 -63.07 -74.53
N ALA I 78 -20.97 -62.02 -73.77
CA ALA I 78 -21.93 -61.41 -72.86
C ALA I 78 -22.11 -59.99 -73.38
N ARG I 79 -23.27 -59.40 -73.14
CA ARG I 79 -23.40 -58.04 -73.64
C ARG I 79 -22.35 -57.39 -72.76
N PRO I 80 -21.59 -56.45 -73.34
CA PRO I 80 -20.59 -55.59 -72.72
C PRO I 80 -21.01 -54.15 -72.39
N PHE I 81 -20.76 -53.69 -71.16
CA PHE I 81 -20.95 -52.26 -70.86
C PHE I 81 -19.68 -51.57 -70.36
N SER I 82 -19.59 -50.27 -70.60
CA SER I 82 -18.39 -49.55 -70.20
C SER I 82 -18.49 -49.05 -68.77
N SER I 83 -19.72 -48.89 -68.27
CA SER I 83 -19.93 -48.37 -66.93
C SER I 83 -20.93 -49.27 -66.19
N LEU I 84 -20.79 -49.28 -64.86
CA LEU I 84 -21.62 -50.14 -64.03
C LEU I 84 -23.07 -49.65 -64.06
N SER I 85 -23.24 -48.33 -64.02
CA SER I 85 -24.58 -47.73 -64.07
C SER I 85 -25.28 -48.07 -65.38
N ASP I 86 -24.56 -47.98 -66.49
CA ASP I 86 -25.09 -48.40 -67.79
C ASP I 86 -25.53 -49.86 -67.79
N MET I 87 -24.65 -50.71 -67.26
CA MET I 87 -25.02 -52.10 -67.07
C MET I 87 -26.26 -52.27 -66.19
N LEU I 88 -26.52 -51.33 -65.28
CA LEU I 88 -27.66 -51.46 -64.38
C LEU I 88 -28.87 -50.80 -65.02
N ALA I 89 -28.69 -49.60 -65.55
CA ALA I 89 -29.74 -48.93 -66.33
C ALA I 89 -30.31 -49.81 -67.45
N GLN I 90 -29.44 -50.44 -68.22
CA GLN I 90 -29.89 -51.13 -69.44
C GLN I 90 -29.68 -52.64 -69.37
N GLY I 91 -29.87 -53.24 -68.21
CA GLY I 91 -29.34 -54.58 -68.03
C GLY I 91 -30.32 -55.42 -67.25
N ASN I 92 -29.85 -56.58 -66.80
CA ASN I 92 -30.72 -57.50 -66.06
C ASN I 92 -30.10 -58.79 -65.53
N ALA I 93 -28.89 -58.80 -65.01
CA ALA I 93 -28.47 -60.01 -64.30
C ALA I 93 -29.23 -60.12 -62.97
N ASP I 94 -29.52 -61.35 -62.53
CA ASP I 94 -30.03 -61.53 -61.18
C ASP I 94 -29.00 -61.05 -60.16
N ALA I 95 -27.72 -61.37 -60.34
CA ALA I 95 -26.73 -61.00 -59.35
C ALA I 95 -25.52 -60.43 -60.09
N LEU I 96 -24.90 -59.43 -59.47
CA LEU I 96 -23.66 -58.82 -59.96
C LEU I 96 -22.39 -59.19 -59.17
N VAL I 97 -21.46 -59.86 -59.82
CA VAL I 97 -20.14 -60.21 -59.27
C VAL I 97 -19.17 -59.04 -59.22
N LEU I 98 -18.64 -58.69 -58.05
CA LEU I 98 -17.76 -57.53 -58.04
C LEU I 98 -16.31 -58.01 -58.04
N ALA I 99 -15.65 -58.09 -59.18
CA ALA I 99 -14.24 -58.44 -59.14
C ALA I 99 -13.48 -57.16 -59.50
N THR I 100 -13.82 -56.05 -58.84
CA THR I 100 -13.08 -54.82 -59.09
C THR I 100 -12.01 -54.65 -58.01
N PRO I 101 -11.19 -53.60 -58.16
CA PRO I 101 -10.34 -53.20 -57.05
C PRO I 101 -11.17 -53.14 -55.77
N SER I 102 -10.69 -53.77 -54.70
CA SER I 102 -11.37 -53.92 -53.41
C SER I 102 -12.13 -52.69 -52.91
N GLY I 103 -11.50 -51.53 -52.97
CA GLY I 103 -12.11 -50.32 -52.41
C GLY I 103 -13.28 -49.70 -53.16
N LEU I 104 -13.61 -50.28 -54.32
CA LEU I 104 -14.80 -49.91 -55.06
C LEU I 104 -15.94 -50.84 -54.63
N HIS I 105 -15.58 -52.02 -54.13
CA HIS I 105 -16.63 -52.95 -53.72
C HIS I 105 -17.79 -52.29 -52.97
N PRO I 106 -17.51 -51.39 -52.01
CA PRO I 106 -18.64 -50.83 -51.27
C PRO I 106 -19.52 -49.90 -52.11
N TRP I 107 -18.92 -48.95 -52.81
CA TRP I 107 -19.66 -48.01 -53.65
C TRP I 107 -20.41 -48.73 -54.76
N GLN I 108 -19.74 -49.71 -55.35
CA GLN I 108 -20.46 -50.54 -56.30
C GLN I 108 -21.56 -51.37 -55.65
N ALA I 109 -21.30 -52.10 -54.57
CA ALA I 109 -22.40 -52.90 -54.05
C ALA I 109 -23.62 -52.03 -53.74
N ILE I 110 -23.36 -50.85 -53.19
CA ILE I 110 -24.48 -49.95 -52.91
C ILE I 110 -25.30 -49.63 -54.16
N GLU I 111 -24.70 -49.07 -55.20
CA GLU I 111 -25.42 -48.85 -56.45
C GLU I 111 -26.21 -50.09 -56.86
N VAL I 112 -25.59 -51.26 -56.80
CA VAL I 112 -26.21 -52.52 -57.20
C VAL I 112 -27.41 -52.93 -56.36
N ALA I 113 -27.31 -52.73 -55.06
CA ALA I 113 -28.46 -52.98 -54.20
C ALA I 113 -29.57 -52.02 -54.60
N GLN I 114 -29.22 -50.76 -54.80
CA GLN I 114 -30.24 -49.76 -55.08
C GLN I 114 -30.90 -50.00 -56.43
N ALA I 115 -30.53 -51.05 -57.15
CA ALA I 115 -31.17 -51.28 -58.43
C ALA I 115 -31.85 -52.62 -58.25
N GLY I 116 -31.91 -53.09 -57.00
CA GLY I 116 -32.65 -54.31 -56.76
C GLY I 116 -32.07 -55.65 -57.15
N ARG I 117 -30.76 -55.71 -57.42
CA ARG I 117 -30.15 -57.04 -57.60
C ARG I 117 -29.26 -57.44 -56.42
N HIS I 118 -29.11 -58.75 -56.29
CA HIS I 118 -28.15 -59.36 -55.40
C HIS I 118 -26.72 -59.01 -55.75
N VAL I 119 -25.84 -59.20 -54.76
CA VAL I 119 -24.45 -58.76 -54.88
C VAL I 119 -23.56 -59.91 -54.42
N VAL I 120 -22.66 -60.32 -55.30
CA VAL I 120 -21.59 -61.22 -54.89
C VAL I 120 -20.31 -60.40 -54.88
N SER I 121 -19.77 -60.06 -53.71
CA SER I 121 -18.61 -59.19 -53.70
C SER I 121 -17.37 -60.09 -53.54
N GLU I 122 -16.34 -59.84 -54.34
CA GLU I 122 -15.03 -60.43 -54.04
C GLU I 122 -14.53 -59.95 -52.68
N LYS I 123 -13.57 -60.68 -52.13
CA LYS I 123 -12.89 -60.31 -50.87
C LYS I 123 -11.72 -59.36 -51.09
N PRO I 124 -11.39 -58.51 -50.10
CA PRO I 124 -12.25 -58.25 -48.96
C PRO I 124 -13.43 -57.43 -49.45
N MET I 125 -14.54 -57.43 -48.70
CA MET I 125 -15.74 -56.70 -49.06
C MET I 125 -15.51 -55.18 -49.10
N ALA I 126 -14.52 -54.66 -48.39
CA ALA I 126 -14.23 -53.23 -48.42
C ALA I 126 -12.84 -52.98 -47.85
N THR I 127 -12.32 -51.77 -48.00
CA THR I 127 -11.05 -51.44 -47.36
C THR I 127 -11.26 -50.62 -46.10
N ARG I 128 -12.46 -50.08 -45.85
CA ARG I 128 -12.66 -49.19 -44.71
C ARG I 128 -13.87 -49.74 -44.00
N TRP I 129 -13.75 -49.84 -42.68
CA TRP I 129 -14.78 -50.42 -41.83
C TRP I 129 -16.11 -49.71 -42.04
N GLU I 130 -16.12 -48.39 -42.08
CA GLU I 130 -17.41 -47.72 -42.21
C GLU I 130 -18.01 -48.02 -43.59
N ASP I 131 -17.19 -48.20 -44.60
CA ASP I 131 -17.78 -48.53 -45.90
C ASP I 131 -18.34 -49.94 -45.84
N GLY I 132 -17.68 -50.85 -45.13
CA GLY I 132 -18.25 -52.20 -45.00
C GLY I 132 -19.59 -52.15 -44.30
N LYS I 133 -19.70 -51.36 -43.24
CA LYS I 133 -20.95 -51.31 -42.49
C LYS I 133 -22.00 -50.78 -43.46
N ARG I 134 -21.67 -49.74 -44.20
CA ARG I 134 -22.68 -49.10 -45.04
C ARG I 134 -23.14 -49.96 -46.22
N MET I 135 -22.33 -50.90 -46.69
CA MET I 135 -22.80 -51.71 -47.81
C MET I 135 -23.72 -52.81 -47.29
N VAL I 136 -23.59 -53.17 -46.03
CA VAL I 136 -24.39 -54.27 -45.50
C VAL I 136 -25.77 -53.70 -45.23
N LYS I 137 -25.80 -52.47 -44.76
CA LYS I 137 -27.05 -51.73 -44.53
C LYS I 137 -27.87 -51.64 -45.80
N ALA I 138 -27.21 -51.12 -46.83
CA ALA I 138 -27.73 -51.02 -48.19
C ALA I 138 -28.36 -52.30 -48.74
N CYS I 139 -27.72 -53.46 -48.63
CA CYS I 139 -28.39 -54.71 -49.00
C CYS I 139 -29.53 -55.16 -48.11
N ASP I 140 -29.43 -54.98 -46.79
CA ASP I 140 -30.57 -55.08 -45.89
C ASP I 140 -31.78 -54.33 -46.42
N GLU I 141 -31.62 -53.03 -46.68
CA GLU I 141 -32.68 -52.10 -47.02
C GLU I 141 -33.31 -52.43 -48.38
N ALA I 142 -32.53 -52.65 -49.42
CA ALA I 142 -33.14 -53.00 -50.70
C ALA I 142 -33.62 -54.45 -50.72
N GLY I 143 -33.52 -55.15 -49.59
CA GLY I 143 -34.06 -56.50 -49.54
C GLY I 143 -33.25 -57.51 -50.35
N VAL I 144 -32.08 -57.08 -50.83
CA VAL I 144 -31.22 -57.92 -51.66
C VAL I 144 -30.17 -58.72 -50.87
N ARG I 145 -29.73 -59.84 -51.46
CA ARG I 145 -28.69 -60.68 -50.87
C ARG I 145 -27.26 -60.25 -51.18
N LEU I 146 -26.36 -60.46 -50.22
CA LEU I 146 -24.98 -60.00 -50.34
C LEU I 146 -24.05 -61.13 -49.95
N PHE I 147 -23.35 -61.65 -50.96
CA PHE I 147 -22.37 -62.71 -50.73
C PHE I 147 -21.03 -62.01 -50.76
N VAL I 148 -20.09 -62.55 -49.98
CA VAL I 148 -18.71 -62.10 -49.92
C VAL I 148 -17.92 -63.39 -50.16
N VAL I 149 -16.98 -63.36 -51.10
CA VAL I 149 -16.24 -64.56 -51.47
C VAL I 149 -15.17 -65.10 -50.52
N LYS I 150 -15.54 -66.09 -49.71
CA LYS I 150 -14.51 -66.77 -48.92
C LYS I 150 -14.50 -68.25 -49.31
N GLN I 151 -13.85 -68.57 -50.43
CA GLN I 151 -13.82 -69.95 -50.93
C GLN I 151 -13.02 -70.89 -50.03
N ASN I 152 -11.90 -70.44 -49.46
CA ASN I 152 -11.14 -71.32 -48.59
C ASN I 152 -12.01 -72.08 -47.59
N ARG I 153 -13.16 -71.54 -47.25
CA ARG I 153 -14.00 -72.20 -46.27
C ARG I 153 -14.58 -73.50 -46.81
N ARG I 154 -14.59 -73.63 -48.13
CA ARG I 154 -15.08 -74.83 -48.80
C ARG I 154 -14.00 -75.90 -48.79
N ASN I 155 -12.75 -75.54 -48.55
CA ASN I 155 -11.71 -76.55 -48.37
C ASN I 155 -12.10 -77.75 -47.51
N ALA I 156 -12.00 -78.93 -48.10
CA ALA I 156 -12.15 -80.17 -47.35
C ALA I 156 -11.24 -80.26 -46.12
N THR I 157 -9.99 -79.81 -46.21
CA THR I 157 -9.19 -79.72 -44.99
C THR I 157 -9.84 -78.90 -43.88
N LEU I 158 -10.11 -77.62 -44.13
CA LEU I 158 -10.66 -76.78 -43.07
C LEU I 158 -12.02 -77.29 -42.56
N GLN I 159 -12.76 -77.94 -43.45
CA GLN I 159 -14.07 -78.48 -43.10
C GLN I 159 -13.95 -79.55 -42.02
N LEU I 160 -12.97 -80.43 -42.17
CA LEU I 160 -12.69 -81.43 -41.16
C LEU I 160 -12.38 -80.73 -39.85
N VAL I 161 -11.57 -79.68 -39.93
CA VAL I 161 -11.15 -78.96 -38.74
C VAL I 161 -12.32 -78.26 -38.07
N LYS I 162 -13.15 -77.66 -38.92
CA LYS I 162 -14.28 -76.93 -38.37
C LYS I 162 -15.26 -77.86 -37.64
N LYS I 163 -15.53 -79.02 -38.21
CA LYS I 163 -16.42 -79.98 -37.56
C LYS I 163 -15.85 -80.60 -36.28
N ALA I 164 -14.54 -80.80 -36.21
CA ALA I 164 -13.92 -81.12 -34.92
C ALA I 164 -14.01 -79.96 -33.93
N ILE I 165 -13.80 -78.74 -34.38
CA ILE I 165 -13.99 -77.72 -33.36
C ILE I 165 -15.46 -77.80 -32.95
N GLU I 166 -16.35 -77.92 -33.93
CA GLU I 166 -17.77 -77.87 -33.61
C GLU I 166 -18.11 -79.04 -32.71
N GLN I 167 -17.60 -80.23 -32.98
CA GLN I 167 -17.99 -81.32 -32.10
C GLN I 167 -17.46 -81.18 -30.67
N GLY I 168 -16.57 -80.24 -30.39
CA GLY I 168 -15.94 -80.15 -29.07
C GLY I 168 -14.80 -81.12 -28.82
N ARG I 169 -14.16 -81.58 -29.90
CA ARG I 169 -13.10 -82.58 -29.81
C ARG I 169 -11.83 -82.04 -29.17
N PHE I 170 -11.55 -80.75 -29.26
CA PHE I 170 -10.25 -80.28 -28.81
C PHE I 170 -10.28 -80.06 -27.31
N GLY I 171 -11.49 -80.15 -26.76
CA GLY I 171 -11.80 -79.58 -25.45
C GLY I 171 -11.41 -78.12 -25.57
N ARG I 172 -10.86 -77.58 -24.50
CA ARG I 172 -10.59 -76.16 -24.42
C ARG I 172 -9.46 -75.84 -25.40
N ILE I 173 -9.56 -74.83 -26.25
CA ILE I 173 -8.48 -74.52 -27.18
C ILE I 173 -7.46 -73.56 -26.53
N TYR I 174 -6.16 -73.73 -26.71
CA TYR I 174 -5.18 -72.94 -25.98
C TYR I 174 -4.37 -72.01 -26.88
N MET I 175 -3.92 -72.54 -28.02
CA MET I 175 -2.90 -71.82 -28.77
C MET I 175 -3.21 -71.95 -30.24
N VAL I 176 -3.11 -70.84 -30.98
CA VAL I 176 -3.40 -70.94 -32.41
C VAL I 176 -2.42 -70.10 -33.20
N THR I 177 -1.85 -70.68 -34.26
CA THR I 177 -0.85 -69.91 -34.99
C THR I 177 -1.11 -70.02 -36.48
N VAL I 178 -0.94 -68.90 -37.17
CA VAL I 178 -1.23 -68.87 -38.60
C VAL I 178 -0.07 -68.16 -39.29
N ASN I 179 0.38 -68.78 -40.37
CA ASN I 179 1.48 -68.28 -41.21
C ASN I 179 1.02 -68.13 -42.66
N VAL I 180 1.37 -67.00 -43.24
CA VAL I 180 1.12 -66.82 -44.66
C VAL I 180 2.46 -66.22 -45.09
N PHE I 181 3.38 -67.11 -45.43
CA PHE I 181 4.71 -66.74 -45.90
C PHE I 181 4.72 -66.97 -47.42
N TRP I 182 4.42 -65.91 -48.16
CA TRP I 182 4.15 -66.01 -49.59
C TRP I 182 5.02 -65.02 -50.35
N THR I 183 4.80 -64.92 -51.66
CA THR I 183 5.71 -64.14 -52.52
C THR I 183 4.97 -63.25 -53.51
N ARG I 184 5.20 -61.94 -53.46
CA ARG I 184 4.66 -61.03 -54.47
C ARG I 184 5.80 -60.08 -54.82
N PRO I 185 6.30 -60.16 -56.06
CA PRO I 185 7.43 -59.33 -56.46
C PRO I 185 6.92 -57.93 -56.79
N GLN I 186 7.81 -56.96 -56.95
CA GLN I 186 7.38 -55.61 -57.27
C GLN I 186 6.52 -55.45 -58.52
N GLU I 187 6.72 -56.34 -59.48
CA GLU I 187 6.04 -56.25 -60.77
C GLU I 187 4.58 -56.67 -60.63
N TYR I 188 4.32 -57.46 -59.60
CA TYR I 188 2.94 -57.77 -59.26
C TYR I 188 2.20 -56.50 -58.88
N TYR I 189 2.89 -55.58 -58.21
CA TYR I 189 2.24 -54.37 -57.72
C TYR I 189 2.17 -53.27 -58.76
N ASP I 190 3.19 -53.21 -59.60
CA ASP I 190 3.28 -52.28 -60.73
C ASP I 190 2.23 -52.62 -61.79
N ALA I 191 1.69 -53.84 -61.74
CA ALA I 191 0.68 -54.24 -62.72
C ALA I 191 -0.57 -53.35 -62.79
N ALA I 192 -1.08 -52.84 -61.67
CA ALA I 192 -2.17 -51.88 -61.80
C ALA I 192 -2.03 -50.81 -60.74
N ARG I 193 -2.35 -49.56 -61.07
CA ARG I 193 -2.10 -48.48 -60.11
C ARG I 193 -2.73 -48.68 -58.74
N TRP I 194 -3.75 -49.53 -58.63
CA TRP I 194 -4.53 -49.55 -57.41
C TRP I 194 -3.93 -50.48 -56.35
N ARG I 195 -2.97 -51.31 -56.72
CA ARG I 195 -2.46 -52.27 -55.75
C ARG I 195 -1.57 -51.69 -54.66
N GLY I 196 -1.73 -52.23 -53.45
CA GLY I 196 -0.91 -51.75 -52.35
C GLY I 196 -1.27 -50.35 -51.85
N LYS I 197 -2.26 -49.70 -52.43
CA LYS I 197 -2.64 -48.42 -51.85
C LYS I 197 -3.63 -48.67 -50.72
N TRP I 198 -3.58 -47.83 -49.70
CA TRP I 198 -4.57 -47.82 -48.62
C TRP I 198 -6.02 -47.77 -49.10
N GLU I 199 -6.39 -46.79 -49.92
CA GLU I 199 -7.81 -46.70 -50.27
C GLU I 199 -8.41 -47.88 -51.01
N TRP I 200 -7.67 -48.47 -51.95
CA TRP I 200 -8.24 -49.44 -52.88
C TRP I 200 -7.94 -50.90 -52.60
N ASP I 201 -6.94 -51.17 -51.75
CA ASP I 201 -6.34 -52.50 -51.63
C ASP I 201 -6.01 -52.86 -50.18
N GLY I 202 -5.29 -52.02 -49.46
CA GLY I 202 -4.66 -52.42 -48.21
C GLY I 202 -3.37 -53.16 -48.55
N GLY I 203 -2.69 -53.81 -47.60
CA GLY I 203 -1.42 -54.46 -47.88
C GLY I 203 -1.57 -55.97 -47.80
N ALA I 204 -0.50 -56.59 -47.34
CA ALA I 204 -0.45 -58.05 -47.25
C ALA I 204 -1.52 -58.76 -46.43
N PHE I 205 -1.96 -58.13 -45.35
CA PHE I 205 -3.07 -58.65 -44.59
C PHE I 205 -4.44 -58.54 -45.25
N MET I 206 -4.75 -57.37 -45.79
CA MET I 206 -6.12 -57.15 -46.24
C MET I 206 -6.42 -57.72 -47.62
N ASN I 207 -5.40 -57.83 -48.47
CA ASN I 207 -5.51 -58.49 -49.77
C ASN I 207 -5.17 -59.97 -49.61
N GLN I 208 -3.90 -60.35 -49.55
CA GLN I 208 -3.63 -61.79 -49.58
C GLN I 208 -4.06 -62.63 -48.39
N ALA I 209 -3.80 -62.12 -47.19
CA ALA I 209 -3.99 -62.98 -46.04
C ALA I 209 -5.41 -62.88 -45.50
N SER I 210 -6.24 -62.14 -46.21
CA SER I 210 -7.58 -61.91 -45.66
C SER I 210 -8.26 -63.26 -45.47
N HIS I 211 -7.89 -64.24 -46.31
CA HIS I 211 -8.52 -65.56 -46.25
C HIS I 211 -8.08 -66.23 -44.96
N TYR I 212 -6.91 -65.82 -44.49
CA TYR I 212 -6.40 -66.45 -43.29
C TYR I 212 -6.84 -65.68 -42.05
N VAL I 213 -6.91 -64.36 -42.14
CA VAL I 213 -7.53 -63.61 -41.06
C VAL I 213 -8.96 -64.09 -40.86
N ASP I 214 -9.64 -64.48 -41.96
CA ASP I 214 -10.96 -65.07 -41.88
C ASP I 214 -11.08 -66.26 -40.93
N LEU I 215 -10.08 -67.15 -40.95
CA LEU I 215 -10.13 -68.39 -40.19
C LEU I 215 -10.12 -68.14 -38.69
N LEU I 216 -9.43 -67.07 -38.28
CA LEU I 216 -9.29 -66.78 -36.86
C LEU I 216 -10.66 -66.79 -36.24
N ASP I 217 -11.56 -65.95 -36.77
CA ASP I 217 -12.92 -65.93 -36.26
C ASP I 217 -13.79 -67.10 -36.70
N TRP I 218 -13.84 -67.42 -37.98
CA TRP I 218 -14.67 -68.54 -38.44
C TRP I 218 -14.33 -69.91 -37.82
N LEU I 219 -13.06 -70.31 -37.75
CA LEU I 219 -12.78 -71.63 -37.17
C LEU I 219 -12.76 -71.61 -35.66
N VAL I 220 -11.99 -70.67 -35.10
CA VAL I 220 -11.73 -70.66 -33.66
C VAL I 220 -12.77 -70.03 -32.72
N GLY I 221 -13.46 -68.98 -33.14
CA GLY I 221 -14.49 -68.30 -32.36
C GLY I 221 -14.27 -66.80 -32.38
N PRO I 222 -15.02 -66.03 -31.57
CA PRO I 222 -14.78 -64.59 -31.52
C PRO I 222 -13.47 -64.13 -30.91
N VAL I 223 -12.80 -63.23 -31.62
CA VAL I 223 -11.55 -62.65 -31.17
C VAL I 223 -11.82 -61.49 -30.24
N GLU I 224 -11.09 -61.41 -29.14
CA GLU I 224 -11.38 -60.35 -28.19
C GLU I 224 -10.52 -59.11 -28.48
N SER I 225 -9.27 -59.27 -28.89
CA SER I 225 -8.44 -58.09 -29.15
C SER I 225 -7.13 -58.47 -29.83
N VAL I 226 -6.48 -57.51 -30.50
CA VAL I 226 -5.28 -57.82 -31.26
C VAL I 226 -4.23 -56.76 -30.94
N TYR I 227 -2.96 -57.12 -31.04
CA TYR I 227 -1.93 -56.10 -31.16
C TYR I 227 -1.21 -56.49 -32.44
N ALA I 228 -0.85 -55.49 -33.24
CA ALA I 228 -0.08 -55.77 -34.45
C ALA I 228 1.09 -54.83 -34.72
N TYR I 229 2.10 -55.31 -35.44
CA TYR I 229 3.14 -54.49 -36.04
C TYR I 229 3.00 -54.82 -37.52
N THR I 230 3.20 -53.84 -38.38
CA THR I 230 3.39 -54.12 -39.79
C THR I 230 4.33 -53.05 -40.34
N ALA I 231 4.85 -53.28 -41.54
CA ALA I 231 5.73 -52.26 -42.09
C ALA I 231 5.81 -52.60 -43.58
N THR I 232 6.34 -51.65 -44.33
CA THR I 232 6.65 -51.87 -45.73
C THR I 232 8.16 -52.06 -45.78
N LEU I 233 8.63 -53.31 -45.72
CA LEU I 233 10.05 -53.55 -45.54
C LEU I 233 10.84 -53.54 -46.85
N ALA I 234 10.14 -53.57 -47.98
CA ALA I 234 10.80 -53.80 -49.26
C ALA I 234 10.05 -53.28 -50.49
N ARG I 235 8.82 -53.68 -50.78
CA ARG I 235 8.14 -53.17 -51.96
C ARG I 235 7.92 -51.66 -51.98
N ARG I 236 7.57 -51.13 -53.14
CA ARG I 236 7.19 -49.72 -53.24
C ARG I 236 5.67 -49.57 -53.37
N ILE I 237 4.97 -49.66 -52.24
CA ILE I 237 3.52 -49.47 -52.16
C ILE I 237 3.28 -48.65 -50.90
N GLU I 238 2.02 -48.30 -50.62
CA GLU I 238 1.73 -47.44 -49.49
C GLU I 238 1.58 -48.34 -48.25
N ALA I 239 1.07 -49.55 -48.48
CA ALA I 239 0.64 -50.40 -47.38
C ALA I 239 1.71 -51.40 -46.99
N GLU I 240 1.41 -52.23 -45.99
CA GLU I 240 2.38 -53.17 -45.44
C GLU I 240 2.63 -54.32 -46.41
N ASP I 241 3.88 -54.72 -46.57
CA ASP I 241 4.20 -56.02 -47.17
C ASP I 241 4.54 -57.10 -46.16
N THR I 242 4.58 -56.77 -44.87
CA THR I 242 4.98 -57.75 -43.86
C THR I 242 4.38 -57.34 -42.52
N GLY I 243 3.90 -58.28 -41.71
CA GLY I 243 3.48 -57.91 -40.36
C GLY I 243 3.07 -59.10 -39.53
N VAL I 244 2.86 -58.87 -38.24
CA VAL I 244 2.50 -59.91 -37.27
C VAL I 244 1.39 -59.31 -36.42
N ALA I 245 0.45 -60.14 -36.02
CA ALA I 245 -0.60 -59.70 -35.08
C ALA I 245 -0.65 -60.74 -33.96
N ALA I 246 -0.69 -60.32 -32.70
CA ALA I 246 -0.92 -61.29 -31.65
C ALA I 246 -2.40 -61.18 -31.31
N LEU I 247 -2.96 -62.28 -30.81
CA LEU I 247 -4.41 -62.38 -30.71
C LEU I 247 -4.77 -62.96 -29.36
N ARG I 248 -5.83 -62.47 -28.74
CA ARG I 248 -6.48 -63.27 -27.72
C ARG I 248 -7.97 -63.41 -28.04
N TRP I 249 -8.49 -64.63 -27.91
CA TRP I 249 -9.90 -64.92 -28.17
C TRP I 249 -10.72 -64.79 -26.90
N ARG I 250 -12.01 -64.51 -27.06
CA ARG I 250 -12.90 -64.45 -25.89
C ARG I 250 -12.85 -65.69 -25.01
N HIS I 251 -12.75 -66.89 -25.57
CA HIS I 251 -12.68 -68.07 -24.71
C HIS I 251 -11.28 -68.30 -24.17
N GLY I 252 -10.35 -67.43 -24.52
CA GLY I 252 -9.09 -67.38 -23.78
C GLY I 252 -7.87 -67.94 -24.50
N ALA I 253 -8.07 -68.60 -25.63
CA ALA I 253 -6.93 -69.06 -26.40
C ALA I 253 -6.19 -67.80 -26.87
N MET I 254 -4.91 -67.95 -27.20
CA MET I 254 -4.08 -66.83 -27.60
C MET I 254 -3.37 -67.38 -28.81
N GLY I 255 -2.71 -66.53 -29.57
CA GLY I 255 -2.12 -67.02 -30.81
C GLY I 255 -1.63 -65.83 -31.62
N SER I 256 -1.20 -66.11 -32.85
CA SER I 256 -0.60 -65.05 -33.68
C SER I 256 -0.88 -65.41 -35.13
N ILE I 257 -0.88 -64.40 -35.99
CA ILE I 257 -0.97 -64.58 -37.43
C ILE I 257 0.26 -63.84 -37.95
N ASN I 258 1.10 -64.53 -38.70
CA ASN I 258 2.38 -64.00 -39.15
C ASN I 258 2.30 -63.93 -40.68
N VAL I 259 2.52 -62.77 -41.28
CA VAL I 259 2.27 -62.62 -42.71
C VAL I 259 3.46 -61.90 -43.34
N THR I 260 3.93 -62.44 -44.46
CA THR I 260 4.76 -61.61 -45.32
C THR I 260 4.57 -61.94 -46.79
N MET I 261 4.77 -60.96 -47.66
CA MET I 261 4.77 -61.22 -49.08
C MET I 261 6.18 -61.29 -49.63
N LEU I 262 7.20 -61.24 -48.78
CA LEU I 262 8.56 -61.04 -49.27
C LEU I 262 9.31 -62.37 -49.24
N THR I 263 8.61 -63.49 -49.29
CA THR I 263 9.33 -64.75 -49.15
C THR I 263 10.20 -65.18 -50.33
N TYR I 264 11.36 -65.70 -49.93
CA TYR I 264 12.33 -66.18 -50.90
C TYR I 264 12.16 -67.66 -51.23
N PRO I 265 11.97 -67.98 -52.52
CA PRO I 265 11.83 -67.26 -53.79
C PRO I 265 10.41 -67.46 -54.32
N GLN I 266 9.57 -68.08 -53.50
CA GLN I 266 8.19 -68.38 -53.86
C GLN I 266 7.43 -68.83 -52.63
N ASN I 267 6.11 -68.95 -52.74
CA ASN I 267 5.30 -69.19 -51.57
C ASN I 267 5.83 -70.35 -50.75
N LEU I 268 5.95 -70.22 -49.43
CA LEU I 268 6.46 -71.30 -48.59
C LEU I 268 5.31 -71.95 -47.84
N GLU I 269 4.47 -71.14 -47.21
CA GLU I 269 3.58 -71.72 -46.21
C GLU I 269 2.30 -70.91 -46.18
N GLY I 270 1.21 -71.63 -45.95
CA GLY I 270 -0.10 -71.08 -45.65
C GLY I 270 -0.72 -72.08 -44.69
N SER I 271 -0.55 -71.88 -43.39
CA SER I 271 -0.94 -72.89 -42.41
C SER I 271 -1.71 -72.40 -41.20
N ILE I 272 -2.33 -73.35 -40.50
CA ILE I 272 -2.96 -73.01 -39.24
C ILE I 272 -2.70 -74.19 -38.32
N THR I 273 -2.30 -73.90 -37.08
CA THR I 273 -2.04 -74.95 -36.11
C THR I 273 -2.91 -74.57 -34.93
N ILE I 274 -3.59 -75.57 -34.36
CA ILE I 274 -4.49 -75.31 -33.25
C ILE I 274 -4.27 -76.34 -32.17
N LEU I 275 -4.06 -75.85 -30.95
CA LEU I 275 -3.72 -76.78 -29.89
C LEU I 275 -4.68 -76.57 -28.74
N GLY I 276 -5.29 -77.68 -28.37
CA GLY I 276 -6.24 -77.70 -27.27
C GLY I 276 -5.97 -78.81 -26.27
N GLU I 277 -6.89 -78.88 -25.32
CA GLU I 277 -6.76 -79.73 -24.15
C GLU I 277 -6.62 -81.16 -24.62
N LYS I 278 -7.46 -81.55 -25.57
CA LYS I 278 -7.41 -82.94 -26.02
C LYS I 278 -7.38 -83.18 -27.52
N GLY I 279 -6.69 -82.29 -28.22
CA GLY I 279 -6.63 -82.29 -29.68
C GLY I 279 -5.49 -81.36 -30.02
N THR I 280 -4.76 -81.75 -31.06
CA THR I 280 -3.65 -80.97 -31.61
C THR I 280 -3.90 -81.11 -33.10
N VAL I 281 -4.04 -80.02 -33.85
CA VAL I 281 -4.19 -80.17 -35.29
C VAL I 281 -3.30 -79.14 -35.96
N ARG I 282 -2.79 -79.53 -37.12
CA ARG I 282 -2.06 -78.56 -37.91
C ARG I 282 -2.43 -78.81 -39.36
N VAL I 283 -2.87 -77.77 -40.06
CA VAL I 283 -3.04 -77.79 -41.50
C VAL I 283 -1.97 -76.98 -42.23
N GLY I 284 -1.12 -77.67 -42.99
CA GLY I 284 -0.02 -77.04 -43.74
C GLY I 284 -0.24 -77.06 -45.25
N GLY I 285 0.85 -76.93 -45.99
CA GLY I 285 0.74 -76.69 -47.42
C GLY I 285 1.11 -75.25 -47.71
N VAL I 286 1.07 -74.83 -48.97
CA VAL I 286 1.18 -73.41 -49.29
C VAL I 286 -0.16 -72.70 -49.09
N ALA I 287 -1.21 -73.47 -48.77
CA ALA I 287 -2.57 -72.97 -48.67
C ALA I 287 -3.46 -73.94 -47.92
N VAL I 288 -3.11 -74.25 -46.67
CA VAL I 288 -4.02 -74.95 -45.78
C VAL I 288 -4.72 -76.07 -46.56
N ASN I 289 -3.92 -76.83 -47.29
CA ASN I 289 -4.45 -77.88 -48.15
C ASN I 289 -3.99 -79.28 -47.78
N ARG I 290 -3.25 -79.37 -46.68
CA ARG I 290 -2.79 -80.68 -46.24
C ARG I 290 -2.70 -80.74 -44.73
N ILE I 291 -3.58 -81.54 -44.13
CA ILE I 291 -3.47 -81.82 -42.71
C ILE I 291 -2.17 -82.59 -42.47
N ASP I 292 -1.27 -82.06 -41.65
CA ASP I 292 0.05 -82.63 -41.35
C ASP I 292 0.12 -83.19 -39.94
N GLU I 293 -0.83 -82.80 -39.10
CA GLU I 293 -0.75 -83.25 -37.73
C GLU I 293 -2.20 -83.34 -37.26
N TRP I 294 -2.56 -84.47 -36.62
CA TRP I 294 -3.94 -84.73 -36.27
C TRP I 294 -3.98 -85.76 -35.14
N LYS I 295 -4.17 -85.34 -33.90
CA LYS I 295 -4.14 -86.16 -32.71
C LYS I 295 -5.21 -85.69 -31.74
N PHE I 296 -6.10 -86.61 -31.37
CA PHE I 296 -7.16 -86.37 -30.39
C PHE I 296 -7.27 -87.44 -29.31
N ALA I 297 -7.85 -87.07 -28.17
CA ALA I 297 -8.01 -87.98 -27.04
C ALA I 297 -8.96 -89.16 -27.28
N GLU I 298 -9.87 -89.04 -28.24
CA GLU I 298 -10.78 -90.11 -28.61
C GLU I 298 -10.99 -90.04 -30.12
N PRO I 299 -11.26 -91.18 -30.78
CA PRO I 299 -11.27 -91.10 -32.24
C PRO I 299 -12.67 -90.85 -32.78
N HIS I 300 -12.84 -90.84 -34.10
CA HIS I 300 -14.13 -90.41 -34.63
C HIS I 300 -14.12 -90.72 -36.12
N PRO I 301 -15.25 -91.17 -36.70
CA PRO I 301 -15.16 -91.59 -38.08
C PRO I 301 -14.34 -90.67 -38.98
N ASP I 302 -14.48 -89.36 -38.85
CA ASP I 302 -13.79 -88.44 -39.77
C ASP I 302 -12.27 -88.59 -39.74
N ASP I 303 -11.72 -89.11 -38.66
CA ASP I 303 -10.33 -89.54 -38.57
C ASP I 303 -9.88 -90.22 -39.86
N ASP I 304 -10.83 -90.80 -40.59
CA ASP I 304 -10.54 -91.63 -41.75
C ASP I 304 -10.78 -90.90 -43.06
N LYS I 305 -10.88 -89.57 -42.98
CA LYS I 305 -11.09 -88.77 -44.17
C LYS I 305 -9.88 -87.91 -44.51
N ILE I 306 -8.89 -87.92 -43.63
CA ILE I 306 -7.84 -86.92 -43.76
C ILE I 306 -7.32 -86.94 -45.19
N ARG I 307 -7.12 -88.17 -45.67
CA ARG I 307 -6.29 -88.40 -46.86
C ARG I 307 -7.01 -87.85 -48.08
N GLU I 308 -8.31 -88.12 -48.15
CA GLU I 308 -9.10 -87.60 -49.27
C GLU I 308 -9.38 -86.10 -49.15
N ALA I 309 -9.83 -85.64 -47.99
CA ALA I 309 -9.75 -84.21 -47.67
C ALA I 309 -8.49 -83.55 -48.24
N ASN I 310 -7.32 -84.08 -47.89
CA ASN I 310 -6.06 -83.53 -48.38
C ASN I 310 -5.94 -83.57 -49.88
N TYR I 311 -6.11 -84.78 -50.43
CA TYR I 311 -5.95 -84.98 -51.86
C TYR I 311 -6.77 -83.91 -52.57
N GLU I 312 -8.02 -83.82 -52.15
CA GLU I 312 -9.06 -83.05 -52.85
C GLU I 312 -8.82 -81.55 -52.74
N THR I 313 -8.50 -81.08 -51.54
CA THR I 313 -8.06 -79.70 -51.34
C THR I 313 -6.86 -79.36 -52.22
N THR I 314 -5.88 -80.25 -52.27
CA THR I 314 -4.76 -80.07 -53.21
C THR I 314 -5.19 -80.05 -54.68
N SER I 315 -6.01 -81.00 -55.09
CA SER I 315 -6.43 -81.08 -56.49
C SER I 315 -7.28 -79.89 -56.98
N VAL I 316 -7.84 -79.11 -56.06
CA VAL I 316 -8.45 -77.84 -56.46
C VAL I 316 -7.62 -76.59 -56.21
N TYR I 317 -6.40 -76.74 -55.68
CA TYR I 317 -5.56 -75.60 -55.31
C TYR I 317 -5.43 -74.56 -56.43
N GLY I 318 -5.51 -73.27 -56.12
CA GLY I 318 -5.56 -72.24 -57.14
C GLY I 318 -6.89 -72.04 -57.89
N PHE I 319 -7.87 -72.92 -57.72
CA PHE I 319 -9.20 -72.85 -58.33
C PHE I 319 -10.33 -73.30 -57.40
N GLY I 320 -10.69 -72.52 -56.38
CA GLY I 320 -11.79 -72.91 -55.48
C GLY I 320 -13.11 -72.17 -55.56
N HIS I 321 -13.24 -71.15 -56.41
CA HIS I 321 -14.54 -70.56 -56.71
C HIS I 321 -15.61 -71.57 -57.12
N PRO I 322 -15.28 -72.64 -57.88
CA PRO I 322 -16.46 -73.40 -58.31
C PRO I 322 -17.25 -73.95 -57.13
N LEU I 323 -16.53 -74.52 -56.19
CA LEU I 323 -17.13 -74.95 -54.92
C LEU I 323 -17.97 -73.84 -54.30
N TYR I 324 -17.42 -72.63 -54.18
CA TYR I 324 -18.14 -71.47 -53.65
C TYR I 324 -19.41 -71.06 -54.40
N TYR I 325 -19.38 -70.97 -55.72
CA TYR I 325 -20.59 -70.68 -56.50
C TYR I 325 -21.76 -71.63 -56.34
N ASP I 326 -21.49 -72.89 -55.99
CA ASP I 326 -22.57 -73.84 -55.74
C ASP I 326 -23.50 -73.41 -54.61
N ASN I 327 -22.89 -73.09 -53.47
CA ASN I 327 -23.61 -72.45 -52.37
C ASN I 327 -24.28 -71.15 -52.81
N VAL I 328 -23.64 -70.37 -53.67
CA VAL I 328 -24.31 -69.17 -54.18
C VAL I 328 -25.54 -69.57 -54.96
N ILE I 329 -25.35 -70.49 -55.90
CA ILE I 329 -26.43 -70.89 -56.78
C ILE I 329 -27.55 -71.48 -55.94
N ASN I 330 -27.26 -72.45 -55.08
CA ASN I 330 -28.37 -72.96 -54.25
C ASN I 330 -29.14 -71.83 -53.61
N CYS I 331 -28.57 -71.31 -52.53
CA CYS I 331 -29.20 -70.18 -51.85
C CYS I 331 -30.17 -69.41 -52.75
N LEU I 332 -29.68 -68.91 -53.88
CA LEU I 332 -30.48 -68.08 -54.78
C LEU I 332 -31.64 -68.88 -55.38
N ARG I 333 -31.61 -70.20 -55.24
CA ARG I 333 -32.75 -71.02 -55.64
C ARG I 333 -33.65 -71.27 -54.44
N GLY I 334 -33.72 -70.27 -53.57
CA GLY I 334 -34.46 -70.38 -52.31
C GLY I 334 -34.14 -71.62 -51.50
N ASP I 335 -33.21 -72.43 -51.98
CA ASP I 335 -32.78 -73.66 -51.31
C ASP I 335 -31.93 -73.51 -50.05
N CYS I 336 -31.34 -72.34 -49.81
CA CYS I 336 -30.39 -72.19 -48.70
C CYS I 336 -30.18 -70.77 -48.16
N GLU I 337 -29.48 -70.69 -47.02
CA GLU I 337 -28.94 -69.46 -46.45
C GLU I 337 -27.46 -69.40 -46.77
N PRO I 338 -26.97 -68.24 -47.22
CA PRO I 338 -25.56 -68.18 -47.61
C PRO I 338 -24.66 -68.75 -46.53
N GLU I 339 -23.49 -69.23 -46.97
CA GLU I 339 -22.42 -69.71 -46.12
C GLU I 339 -21.62 -68.51 -45.62
N THR I 340 -21.54 -67.50 -46.49
CA THR I 340 -20.72 -66.32 -46.31
C THR I 340 -21.48 -65.11 -46.86
N ASP I 341 -22.41 -64.59 -46.06
CA ASP I 341 -23.08 -63.32 -46.35
C ASP I 341 -22.28 -62.08 -45.94
N GLY I 342 -22.94 -60.93 -46.04
CA GLY I 342 -22.37 -59.64 -45.67
C GLY I 342 -21.81 -59.52 -44.27
N ARG I 343 -22.54 -59.97 -43.27
CA ARG I 343 -22.09 -59.94 -41.88
C ARG I 343 -20.96 -60.93 -41.63
N GLU I 344 -20.98 -62.04 -42.35
CA GLU I 344 -19.80 -62.90 -42.20
C GLU I 344 -18.57 -62.12 -42.63
N GLY I 345 -18.74 -61.43 -43.76
CA GLY I 345 -17.69 -60.63 -44.36
C GLY I 345 -17.22 -59.55 -43.39
N LEU I 346 -18.15 -59.01 -42.60
CA LEU I 346 -17.90 -57.93 -41.65
C LEU I 346 -17.01 -58.41 -40.52
N GLN I 347 -17.30 -59.62 -40.06
CA GLN I 347 -16.42 -60.33 -39.15
C GLN I 347 -14.94 -60.19 -39.51
N SER I 348 -14.55 -60.64 -40.70
CA SER I 348 -13.13 -60.50 -40.97
C SER I 348 -12.71 -59.05 -41.21
N LEU I 349 -13.62 -58.16 -41.64
CA LEU I 349 -13.22 -56.79 -41.94
C LEU I 349 -12.94 -56.04 -40.64
N ALA I 350 -13.69 -56.41 -39.60
CA ALA I 350 -13.44 -55.86 -38.28
C ALA I 350 -12.04 -56.24 -37.83
N LEU I 351 -11.70 -57.53 -37.83
CA LEU I 351 -10.33 -57.97 -37.55
C LEU I 351 -9.20 -57.21 -38.25
N LEU I 352 -9.31 -57.13 -39.58
CA LEU I 352 -8.39 -56.41 -40.43
C LEU I 352 -8.30 -54.96 -39.96
N THR I 353 -9.45 -54.32 -39.70
CA THR I 353 -9.43 -52.95 -39.19
C THR I 353 -8.73 -52.96 -37.84
N ALA I 354 -8.97 -53.93 -36.96
CA ALA I 354 -8.32 -53.88 -35.65
C ALA I 354 -6.81 -53.96 -35.80
N ILE I 355 -6.39 -54.81 -36.72
CA ILE I 355 -4.97 -55.05 -36.95
C ILE I 355 -4.40 -53.78 -37.60
N TYR I 356 -5.08 -53.16 -38.55
CA TYR I 356 -4.50 -51.94 -39.11
C TYR I 356 -4.43 -50.75 -38.14
N ARG I 357 -5.44 -50.59 -37.29
CA ARG I 357 -5.46 -49.53 -36.32
C ARG I 357 -4.35 -49.81 -35.29
N SER I 358 -4.28 -51.06 -34.84
CA SER I 358 -3.28 -51.39 -33.83
C SER I 358 -1.87 -51.10 -34.35
N ALA I 359 -1.61 -51.47 -35.59
CA ALA I 359 -0.25 -51.39 -36.12
C ALA I 359 0.03 -49.90 -36.28
N ARG I 360 -0.93 -49.13 -36.80
CA ARG I 360 -0.76 -47.67 -36.86
C ARG I 360 -0.61 -47.05 -35.47
N ASP I 361 -1.42 -47.41 -34.50
CA ASP I 361 -1.41 -46.63 -33.26
C ASP I 361 -0.46 -47.16 -32.20
N GLY I 362 0.01 -48.40 -32.32
CA GLY I 362 0.97 -48.84 -31.30
C GLY I 362 0.22 -49.24 -30.03
N VAL I 363 -1.08 -49.56 -30.14
CA VAL I 363 -1.84 -49.98 -28.98
C VAL I 363 -2.69 -51.22 -29.29
N ARG I 364 -3.01 -51.99 -28.26
CA ARG I 364 -3.95 -53.08 -28.40
C ARG I 364 -5.31 -52.56 -28.82
N ILE I 365 -5.99 -53.27 -29.73
CA ILE I 365 -7.31 -52.82 -30.16
C ILE I 365 -8.32 -53.92 -29.85
N PRO I 366 -9.34 -53.58 -29.06
CA PRO I 366 -10.34 -54.59 -28.71
C PRO I 366 -11.52 -54.65 -29.68
N LEU I 367 -12.26 -55.75 -29.70
CA LEU I 367 -13.51 -55.85 -30.45
C LEU I 367 -14.68 -56.05 -29.50
N PRO I 368 -15.92 -55.88 -29.98
CA PRO I 368 -16.26 -55.41 -31.33
C PRO I 368 -15.98 -53.91 -31.44
N LEU I 369 -15.71 -53.46 -32.66
CA LEU I 369 -15.56 -52.05 -33.03
C LEU I 369 -16.78 -51.15 -33.02
N ASP I 370 -16.59 -49.87 -32.69
CA ASP I 370 -17.71 -48.94 -32.79
C ASP I 370 -18.18 -48.70 -34.22
N PRO J 25 43.74 -66.73 -13.54
CA PRO J 25 43.78 -67.62 -14.72
C PRO J 25 44.46 -68.93 -14.32
N ILE J 26 43.73 -70.05 -14.35
CA ILE J 26 44.19 -71.25 -13.67
C ILE J 26 44.76 -72.33 -14.60
N THR J 27 46.02 -72.16 -14.99
CA THR J 27 46.60 -72.93 -16.09
C THR J 27 47.46 -74.11 -15.65
N ASP J 28 47.61 -74.33 -14.35
CA ASP J 28 48.64 -75.23 -13.85
C ASP J 28 48.14 -76.40 -13.00
N ARG J 29 46.91 -76.81 -13.24
CA ARG J 29 46.23 -77.79 -12.40
C ARG J 29 44.78 -77.80 -12.84
N LYS J 30 43.99 -78.77 -12.39
CA LYS J 30 42.58 -78.81 -12.76
C LYS J 30 41.70 -77.72 -12.13
N ILE J 31 40.80 -77.11 -12.90
CA ILE J 31 39.70 -76.32 -12.33
C ILE J 31 38.94 -77.17 -11.31
N ARG J 32 38.74 -76.60 -10.14
CA ARG J 32 37.87 -77.20 -9.14
C ARG J 32 36.47 -76.60 -9.20
N PHE J 33 35.47 -77.43 -9.50
CA PHE J 33 34.08 -77.02 -9.41
C PHE J 33 33.36 -77.42 -8.13
N GLY J 34 32.52 -76.51 -7.65
CA GLY J 34 31.46 -76.85 -6.70
C GLY J 34 30.08 -76.79 -7.33
N LEU J 35 29.18 -77.66 -6.93
CA LEU J 35 27.88 -77.69 -7.57
C LEU J 35 26.84 -77.40 -6.49
N VAL J 36 26.15 -76.26 -6.60
CA VAL J 36 25.06 -76.01 -5.67
C VAL J 36 23.69 -76.36 -6.24
N GLY J 37 22.95 -77.12 -5.45
CA GLY J 37 21.70 -77.75 -5.89
C GLY J 37 22.00 -79.07 -6.57
N CYS J 38 21.67 -80.18 -5.92
CA CYS J 38 21.81 -81.48 -6.56
C CYS J 38 20.44 -82.09 -6.86
N GLY J 39 19.64 -81.37 -7.63
CA GLY J 39 18.34 -81.88 -8.06
C GLY J 39 18.42 -82.46 -9.45
N ARG J 40 17.32 -82.31 -10.19
CA ARG J 40 17.25 -82.93 -11.51
C ARG J 40 18.37 -82.62 -12.49
N ILE J 41 18.67 -81.35 -12.75
CA ILE J 41 19.72 -81.04 -13.71
C ILE J 41 21.17 -81.23 -13.23
N SER J 42 21.38 -81.43 -11.93
CA SER J 42 22.72 -81.57 -11.39
C SER J 42 23.42 -82.74 -12.09
N LYS J 43 22.75 -83.88 -12.18
CA LYS J 43 23.28 -85.03 -12.93
C LYS J 43 23.88 -84.64 -14.27
N ASN J 44 23.24 -83.72 -14.99
CA ASN J 44 23.86 -83.24 -16.22
C ASN J 44 25.15 -82.44 -15.98
N HIS J 45 25.23 -81.70 -14.88
CA HIS J 45 26.46 -80.99 -14.57
C HIS J 45 27.59 -81.95 -14.17
N ILE J 46 27.34 -82.86 -13.23
CA ILE J 46 28.29 -83.92 -12.89
C ILE J 46 28.85 -84.64 -14.11
N GLY J 47 27.97 -85.16 -14.95
CA GLY J 47 28.36 -85.72 -16.24
C GLY J 47 29.18 -84.86 -17.19
N ALA J 48 28.95 -83.54 -17.22
CA ALA J 48 29.69 -82.70 -18.15
C ALA J 48 31.10 -82.52 -17.62
N ILE J 49 31.15 -82.35 -16.29
CA ILE J 49 32.44 -82.25 -15.62
C ILE J 49 33.13 -83.60 -15.75
N ALA J 50 32.57 -84.65 -15.16
CA ALA J 50 33.21 -85.97 -15.20
C ALA J 50 33.56 -86.39 -16.61
N GLN J 51 33.60 -85.44 -17.53
CA GLN J 51 33.86 -85.74 -18.93
C GLN J 51 34.96 -84.88 -19.53
N HIS J 52 35.21 -83.76 -18.87
CA HIS J 52 36.43 -83.02 -19.06
C HIS J 52 37.30 -83.33 -17.84
N GLY J 53 37.13 -84.50 -17.25
CA GLY J 53 37.76 -84.86 -15.98
C GLY J 53 39.27 -84.72 -15.93
N ASP J 54 39.86 -84.60 -17.11
CA ASP J 54 41.29 -84.31 -17.25
C ASP J 54 41.67 -82.90 -16.83
N ARG J 55 40.79 -81.94 -17.07
CA ARG J 55 41.07 -80.53 -16.77
C ARG J 55 40.24 -79.96 -15.62
N ALA J 56 39.49 -80.81 -14.94
CA ALA J 56 38.47 -80.29 -14.05
C ALA J 56 38.03 -81.45 -13.17
N GLU J 57 37.54 -81.12 -11.97
CA GLU J 57 37.02 -82.14 -11.08
C GLU J 57 35.91 -81.41 -10.32
N LEU J 58 34.94 -82.20 -9.87
CA LEU J 58 33.90 -81.76 -8.95
C LEU J 58 34.39 -82.04 -7.54
N VAL J 59 34.88 -81.01 -6.84
CA VAL J 59 35.37 -81.15 -5.47
C VAL J 59 34.35 -80.93 -4.36
N GLU J 60 33.35 -80.10 -4.64
CA GLU J 60 32.33 -79.79 -3.64
C GLU J 60 30.89 -79.79 -4.18
N ILE J 61 29.93 -80.09 -3.33
CA ILE J 61 28.53 -80.22 -3.71
C ILE J 61 27.75 -79.73 -2.51
N CYS J 62 26.56 -79.17 -2.77
CA CYS J 62 25.77 -78.49 -1.77
C CYS J 62 24.28 -78.66 -2.02
N ASP J 63 23.51 -78.98 -1.00
CA ASP J 63 22.06 -78.98 -1.16
C ASP J 63 21.31 -79.10 0.15
N THR J 64 20.36 -78.19 0.35
CA THR J 64 19.75 -78.00 1.66
C THR J 64 18.81 -79.14 2.02
N ASN J 65 18.54 -80.00 1.05
CA ASN J 65 17.73 -81.18 1.31
C ASN J 65 18.67 -82.36 1.55
N PRO J 66 18.73 -82.83 2.80
CA PRO J 66 19.58 -83.92 3.27
C PRO J 66 19.71 -85.03 2.24
N GLU J 67 18.58 -85.68 1.97
CA GLU J 67 18.54 -86.82 1.05
C GLU J 67 19.16 -86.63 -0.32
N ALA J 68 18.89 -85.50 -0.94
CA ALA J 68 19.39 -85.23 -2.28
C ALA J 68 20.90 -85.01 -2.15
N LEU J 69 21.29 -84.47 -1.00
CA LEU J 69 22.70 -84.21 -0.78
C LEU J 69 23.41 -85.51 -0.43
N GLN J 70 22.78 -86.38 0.34
CA GLN J 70 23.34 -87.72 0.57
C GLN J 70 23.61 -88.42 -0.77
N ALA J 71 22.60 -88.45 -1.64
CA ALA J 71 22.68 -89.19 -2.90
C ALA J 71 23.68 -88.60 -3.86
N ALA J 72 24.00 -87.32 -3.70
CA ALA J 72 24.96 -86.67 -4.59
C ALA J 72 26.38 -86.98 -4.14
N GLU J 73 26.59 -87.08 -2.83
CA GLU J 73 27.93 -87.32 -2.32
C GLU J 73 28.34 -88.75 -2.67
N ALA J 74 27.33 -89.62 -2.72
CA ALA J 74 27.60 -91.04 -2.89
C ALA J 74 27.88 -91.32 -4.36
N ALA J 75 27.45 -90.43 -5.24
CA ALA J 75 27.68 -90.64 -6.66
C ALA J 75 28.86 -89.83 -7.16
N THR J 76 29.36 -88.92 -6.31
CA THR J 76 30.49 -88.11 -6.71
C THR J 76 31.64 -88.23 -5.72
N GLY J 77 31.31 -88.55 -4.47
CA GLY J 77 32.33 -88.62 -3.41
C GLY J 77 32.74 -87.26 -2.88
N ALA J 78 32.28 -86.18 -3.49
CA ALA J 78 32.76 -84.86 -3.12
C ALA J 78 32.34 -84.39 -1.72
N ARG J 79 33.06 -83.40 -1.22
CA ARG J 79 32.79 -82.97 0.15
C ARG J 79 31.47 -82.23 0.08
N PRO J 80 30.48 -82.75 0.81
CA PRO J 80 29.15 -82.20 1.10
C PRO J 80 29.12 -80.98 2.01
N PHE J 81 28.17 -80.08 1.76
CA PHE J 81 27.88 -78.96 2.65
C PHE J 81 26.37 -78.88 2.56
N SER J 82 25.66 -78.70 3.67
CA SER J 82 24.22 -78.50 3.54
C SER J 82 23.88 -77.01 3.48
N SER J 83 24.85 -76.17 3.14
CA SER J 83 24.47 -74.80 2.86
C SER J 83 25.63 -74.12 2.15
N LEU J 84 25.26 -73.17 1.30
CA LEU J 84 26.23 -72.50 0.46
C LEU J 84 27.16 -71.63 1.31
N SER J 85 26.71 -71.18 2.47
CA SER J 85 27.63 -70.45 3.32
C SER J 85 28.74 -71.31 3.94
N ASP J 86 28.38 -72.48 4.47
CA ASP J 86 29.37 -73.49 4.84
C ASP J 86 30.32 -73.83 3.70
N MET J 87 29.76 -74.20 2.55
CA MET J 87 30.63 -74.54 1.44
C MET J 87 31.57 -73.37 1.13
N LEU J 88 31.18 -72.14 1.44
CA LEU J 88 31.99 -71.05 0.93
C LEU J 88 32.98 -70.63 1.99
N ALA J 89 32.57 -70.78 3.24
CA ALA J 89 33.48 -70.57 4.35
C ALA J 89 34.60 -71.63 4.45
N GLN J 90 34.42 -72.80 3.83
CA GLN J 90 35.32 -73.92 4.06
C GLN J 90 35.72 -74.73 2.83
N GLY J 91 35.02 -74.53 1.72
CA GLY J 91 35.43 -75.22 0.51
C GLY J 91 36.42 -74.39 -0.28
N ASN J 92 36.98 -74.97 -1.32
CA ASN J 92 38.06 -74.34 -2.06
C ASN J 92 37.73 -74.22 -3.55
N ALA J 93 36.54 -74.65 -3.95
CA ALA J 93 36.23 -74.69 -5.38
C ALA J 93 36.62 -73.37 -6.06
N ASP J 94 37.07 -73.42 -7.31
CA ASP J 94 37.38 -72.22 -8.10
C ASP J 94 36.10 -71.56 -8.58
N ALA J 95 35.14 -72.38 -9.00
CA ALA J 95 33.91 -71.93 -9.66
C ALA J 95 32.71 -72.65 -9.05
N LEU J 96 31.67 -71.93 -8.65
CA LEU J 96 30.50 -72.67 -8.22
C LEU J 96 29.44 -72.74 -9.32
N VAL J 97 28.75 -73.87 -9.41
CA VAL J 97 27.72 -73.98 -10.42
C VAL J 97 26.38 -73.81 -9.74
N LEU J 98 25.61 -72.82 -10.19
CA LEU J 98 24.29 -72.64 -9.59
C LEU J 98 23.20 -73.42 -10.32
N ALA J 99 22.77 -74.51 -9.68
CA ALA J 99 21.73 -75.35 -10.24
C ALA J 99 20.55 -75.44 -9.28
N THR J 100 20.21 -74.35 -8.59
CA THR J 100 19.06 -74.36 -7.70
C THR J 100 17.86 -73.73 -8.39
N PRO J 101 16.73 -73.65 -7.70
CA PRO J 101 15.61 -72.88 -8.27
C PRO J 101 16.00 -71.52 -8.80
N SER J 102 15.53 -71.17 -9.99
CA SER J 102 16.06 -70.00 -10.67
C SER J 102 16.10 -68.72 -9.84
N GLY J 103 15.08 -68.54 -8.99
CA GLY J 103 14.94 -67.36 -8.12
C GLY J 103 16.11 -67.13 -7.18
N LEU J 104 16.90 -68.18 -6.95
CA LEU J 104 17.97 -68.09 -5.98
C LEU J 104 19.31 -67.73 -6.61
N HIS J 105 19.43 -67.84 -7.93
CA HIS J 105 20.68 -67.67 -8.66
C HIS J 105 21.26 -66.30 -8.36
N PRO J 106 20.46 -65.25 -8.56
CA PRO J 106 20.98 -63.91 -8.29
C PRO J 106 21.57 -63.85 -6.88
N TRP J 107 20.87 -64.30 -5.85
CA TRP J 107 21.38 -64.11 -4.49
C TRP J 107 22.58 -65.00 -4.14
N GLN J 108 22.60 -66.18 -4.75
CA GLN J 108 23.73 -67.08 -4.59
C GLN J 108 24.92 -66.56 -5.38
N ALA J 109 24.68 -66.07 -6.61
CA ALA J 109 25.81 -65.56 -7.38
C ALA J 109 26.50 -64.40 -6.65
N ILE J 110 25.73 -63.56 -5.98
CA ILE J 110 26.29 -62.44 -5.23
C ILE J 110 27.11 -62.93 -4.04
N GLU J 111 26.53 -63.81 -3.23
CA GLU J 111 27.31 -64.46 -2.18
C GLU J 111 28.62 -65.02 -2.72
N VAL J 112 28.49 -65.89 -3.73
CA VAL J 112 29.69 -66.51 -4.29
C VAL J 112 30.70 -65.47 -4.76
N ALA J 113 30.25 -64.35 -5.32
CA ALA J 113 31.21 -63.39 -5.86
C ALA J 113 31.97 -62.57 -4.81
N GLN J 114 31.25 -62.27 -3.74
CA GLN J 114 31.73 -61.66 -2.51
C GLN J 114 32.83 -62.54 -1.93
N ALA J 115 32.54 -63.80 -1.66
CA ALA J 115 33.54 -64.80 -1.33
C ALA J 115 34.55 -65.05 -2.43
N GLY J 116 34.64 -64.12 -3.38
CA GLY J 116 35.66 -64.14 -4.42
C GLY J 116 35.75 -65.33 -5.35
N ARG J 117 34.72 -66.15 -5.58
CA ARG J 117 34.91 -67.21 -6.57
C ARG J 117 34.20 -67.00 -7.91
N HIS J 118 34.38 -67.89 -8.89
CA HIS J 118 33.66 -67.78 -10.16
C HIS J 118 32.26 -68.40 -10.12
N VAL J 119 31.31 -67.83 -10.87
CA VAL J 119 29.93 -68.32 -10.90
C VAL J 119 29.55 -68.95 -12.24
N VAL J 120 28.85 -70.07 -12.19
CA VAL J 120 28.30 -70.59 -13.44
C VAL J 120 26.83 -70.77 -13.13
N SER J 121 26.02 -69.86 -13.68
CA SER J 121 24.59 -69.91 -13.35
C SER J 121 23.80 -70.66 -14.42
N GLU J 122 23.00 -71.61 -13.95
CA GLU J 122 21.95 -72.14 -14.83
C GLU J 122 21.02 -71.02 -15.31
N LYS J 123 20.29 -71.26 -16.39
CA LYS J 123 19.21 -70.34 -16.76
C LYS J 123 17.92 -70.56 -15.97
N PRO J 124 17.02 -69.56 -16.00
CA PRO J 124 17.38 -68.23 -16.46
C PRO J 124 18.30 -67.67 -15.38
N MET J 125 19.11 -66.66 -15.69
CA MET J 125 20.00 -66.13 -14.65
C MET J 125 19.24 -65.59 -13.45
N ALA J 126 17.98 -65.21 -13.63
CA ALA J 126 17.22 -64.60 -12.55
C ALA J 126 15.76 -64.61 -12.97
N THR J 127 14.87 -64.43 -11.99
CA THR J 127 13.46 -64.38 -12.33
C THR J 127 13.08 -62.91 -12.32
N ARG J 128 13.98 -62.02 -11.91
CA ARG J 128 13.68 -60.59 -11.77
C ARG J 128 14.72 -59.66 -12.40
N TRP J 129 14.28 -58.74 -13.25
CA TRP J 129 15.21 -57.85 -13.93
C TRP J 129 16.21 -57.17 -13.01
N GLU J 130 15.76 -56.73 -11.83
CA GLU J 130 16.65 -56.00 -10.94
C GLU J 130 17.69 -56.89 -10.26
N ASP J 131 17.30 -58.12 -9.92
CA ASP J 131 18.25 -59.08 -9.36
C ASP J 131 19.27 -59.47 -10.41
N GLY J 132 18.80 -59.66 -11.64
CA GLY J 132 19.73 -59.94 -12.74
C GLY J 132 20.80 -58.86 -12.87
N LYS J 133 20.41 -57.59 -12.91
CA LYS J 133 21.41 -56.52 -13.06
C LYS J 133 22.39 -56.48 -11.90
N ARG J 134 21.87 -56.73 -10.69
CA ARG J 134 22.64 -56.77 -9.46
C ARG J 134 23.64 -57.92 -9.44
N MET J 135 23.29 -59.10 -9.93
CA MET J 135 24.25 -60.21 -9.90
C MET J 135 25.41 -59.87 -10.82
N VAL J 136 25.08 -59.19 -11.91
CA VAL J 136 26.13 -58.91 -12.88
C VAL J 136 27.06 -57.88 -12.26
N LYS J 137 26.51 -56.96 -11.47
CA LYS J 137 27.31 -55.86 -10.95
C LYS J 137 28.30 -56.35 -9.88
N ALA J 138 27.85 -57.21 -8.97
CA ALA J 138 28.71 -57.88 -8.00
C ALA J 138 29.91 -58.58 -8.63
N CYS J 139 29.66 -59.36 -9.67
CA CYS J 139 30.75 -60.04 -10.37
C CYS J 139 31.72 -59.06 -11.01
N ASP J 140 31.25 -58.00 -11.68
CA ASP J 140 32.17 -56.97 -12.16
C ASP J 140 33.04 -56.51 -11.00
N GLU J 141 32.38 -56.28 -9.86
CA GLU J 141 32.95 -55.50 -8.78
C GLU J 141 33.97 -56.44 -8.15
N ALA J 142 33.57 -57.67 -7.86
CA ALA J 142 34.52 -58.64 -7.33
C ALA J 142 35.63 -58.99 -8.32
N GLY J 143 35.50 -58.65 -9.60
CA GLY J 143 36.48 -59.18 -10.56
C GLY J 143 36.46 -60.66 -10.86
N VAL J 144 35.41 -61.38 -10.48
CA VAL J 144 35.25 -62.79 -10.82
C VAL J 144 34.39 -63.00 -12.07
N ARG J 145 34.27 -64.24 -12.53
CA ARG J 145 33.64 -64.48 -13.82
C ARG J 145 32.22 -64.99 -13.64
N LEU J 146 31.30 -64.47 -14.44
CA LEU J 146 29.92 -64.96 -14.41
C LEU J 146 29.60 -65.63 -15.74
N PHE J 147 29.27 -66.92 -15.73
CA PHE J 147 28.77 -67.56 -16.95
C PHE J 147 27.29 -67.92 -16.78
N VAL J 148 26.52 -67.74 -17.85
CA VAL J 148 25.11 -68.08 -17.77
C VAL J 148 24.93 -69.22 -18.75
N VAL J 149 24.51 -70.38 -18.22
CA VAL J 149 24.29 -71.56 -19.05
C VAL J 149 23.28 -71.42 -20.19
N LYS J 150 23.73 -71.17 -21.41
CA LYS J 150 22.84 -71.19 -22.57
C LYS J 150 23.22 -72.26 -23.59
N GLN J 151 22.98 -73.55 -23.36
CA GLN J 151 23.71 -74.56 -24.13
C GLN J 151 23.22 -74.80 -25.55
N ASN J 152 21.95 -74.57 -25.83
CA ASN J 152 21.48 -74.63 -27.22
C ASN J 152 22.32 -73.79 -28.18
N ARG J 153 22.98 -72.75 -27.71
CA ARG J 153 23.73 -71.95 -28.68
C ARG J 153 24.78 -72.84 -29.33
N ARG J 154 25.23 -73.87 -28.61
CA ARG J 154 26.22 -74.80 -29.15
C ARG J 154 25.60 -75.71 -30.22
N ASN J 155 24.28 -75.80 -30.31
CA ASN J 155 23.65 -76.54 -31.41
C ASN J 155 24.23 -76.41 -32.82
N ALA J 156 24.51 -77.57 -33.40
CA ALA J 156 25.00 -77.62 -34.78
C ALA J 156 23.98 -77.10 -35.80
N THR J 157 22.69 -77.34 -35.57
CA THR J 157 21.72 -76.63 -36.39
C THR J 157 21.83 -75.12 -36.22
N LEU J 158 21.90 -74.60 -35.01
CA LEU J 158 21.80 -73.14 -34.87
C LEU J 158 23.09 -72.46 -35.30
N GLN J 159 24.20 -73.15 -35.06
CA GLN J 159 25.52 -72.61 -35.43
C GLN J 159 25.58 -72.35 -36.94
N LEU J 160 25.13 -73.31 -37.74
CA LEU J 160 25.01 -73.01 -39.16
C LEU J 160 24.08 -71.82 -39.44
N VAL J 161 22.96 -71.71 -38.73
CA VAL J 161 22.09 -70.56 -38.99
C VAL J 161 22.81 -69.27 -38.62
N LYS J 162 23.46 -69.37 -37.46
CA LYS J 162 24.27 -68.28 -36.94
C LYS J 162 25.23 -67.77 -38.01
N LYS J 163 25.95 -68.68 -38.66
CA LYS J 163 27.02 -68.29 -39.57
C LYS J 163 26.46 -67.65 -40.83
N ALA J 164 25.45 -68.32 -41.37
CA ALA J 164 24.77 -67.88 -42.57
C ALA J 164 24.19 -66.49 -42.35
N ILE J 165 23.80 -66.16 -41.12
CA ILE J 165 23.33 -64.83 -40.78
C ILE J 165 24.52 -63.85 -40.76
N GLU J 166 25.44 -64.05 -39.81
CA GLU J 166 26.72 -63.33 -39.70
C GLU J 166 27.41 -63.01 -41.04
N GLN J 167 27.45 -63.95 -41.97
CA GLN J 167 28.04 -63.63 -43.28
C GLN J 167 27.04 -63.00 -44.25
N GLY J 168 25.90 -62.52 -43.76
CA GLY J 168 24.98 -61.79 -44.61
C GLY J 168 24.18 -62.60 -45.63
N ARG J 169 24.11 -63.93 -45.50
CA ARG J 169 23.52 -64.67 -46.61
C ARG J 169 22.02 -64.51 -46.79
N PHE J 170 21.33 -63.96 -45.79
CA PHE J 170 19.91 -63.63 -45.87
C PHE J 170 19.52 -62.32 -46.55
N GLY J 171 20.45 -61.37 -46.62
CA GLY J 171 20.08 -59.99 -46.90
C GLY J 171 19.23 -59.45 -45.77
N ARG J 172 18.53 -58.34 -45.99
CA ARG J 172 17.51 -57.88 -45.05
C ARG J 172 16.63 -58.97 -44.43
N ILE J 173 16.56 -59.07 -43.11
CA ILE J 173 15.65 -60.04 -42.52
C ILE J 173 14.30 -59.38 -42.36
N TYR J 174 13.24 -60.13 -42.63
CA TYR J 174 11.88 -59.61 -42.65
C TYR J 174 10.95 -60.19 -41.58
N MET J 175 11.05 -61.48 -41.32
CA MET J 175 10.05 -62.15 -40.52
C MET J 175 10.65 -63.38 -39.85
N VAL J 176 10.37 -63.49 -38.56
CA VAL J 176 10.88 -64.57 -37.73
C VAL J 176 9.78 -65.11 -36.84
N THR J 177 9.63 -66.42 -36.77
CA THR J 177 8.56 -67.09 -36.04
C THR J 177 9.17 -68.23 -35.22
N VAL J 178 8.96 -68.21 -33.91
CA VAL J 178 9.44 -69.25 -32.99
C VAL J 178 8.25 -69.93 -32.33
N ASN J 179 8.25 -71.26 -32.32
CA ASN J 179 7.31 -72.03 -31.52
C ASN J 179 7.98 -72.94 -30.51
N VAL J 180 7.26 -73.19 -29.44
CA VAL J 180 7.73 -74.07 -28.39
C VAL J 180 6.38 -74.58 -27.98
N PHE J 181 5.96 -75.65 -28.64
CA PHE J 181 4.70 -76.31 -28.32
C PHE J 181 4.99 -77.58 -27.52
N TRP J 182 5.18 -77.41 -26.21
CA TRP J 182 5.61 -78.54 -25.36
C TRP J 182 4.58 -79.04 -24.34
N THR J 183 5.04 -79.90 -23.44
CA THR J 183 4.13 -80.50 -22.45
C THR J 183 4.73 -80.61 -21.06
N ARG J 184 3.96 -80.11 -20.09
CA ARG J 184 4.26 -80.22 -18.65
C ARG J 184 2.93 -80.45 -17.92
N PRO J 185 2.68 -81.66 -17.42
CA PRO J 185 1.45 -81.97 -16.69
C PRO J 185 1.50 -81.41 -15.28
N GLN J 186 0.36 -81.45 -14.61
CA GLN J 186 0.34 -81.01 -13.22
C GLN J 186 1.44 -81.68 -12.40
N GLU J 187 1.69 -82.97 -12.63
CA GLU J 187 2.64 -83.73 -11.83
C GLU J 187 4.05 -83.15 -11.94
N TYR J 188 4.36 -82.61 -13.12
CA TYR J 188 5.64 -81.93 -13.26
C TYR J 188 5.80 -80.80 -12.24
N TYR J 189 4.83 -79.89 -12.21
CA TYR J 189 4.91 -78.72 -11.34
C TYR J 189 4.83 -79.01 -9.84
N ASP J 190 3.95 -79.95 -9.48
CA ASP J 190 3.76 -80.52 -8.15
C ASP J 190 4.98 -81.20 -7.54
N ALA J 191 5.91 -81.66 -8.39
CA ALA J 191 7.15 -82.25 -7.94
C ALA J 191 8.01 -81.36 -7.03
N ALA J 192 7.67 -80.09 -6.85
CA ALA J 192 8.44 -79.17 -6.00
C ALA J 192 7.78 -77.79 -5.90
N ARG J 193 7.75 -77.20 -4.71
CA ARG J 193 6.94 -76.04 -4.41
C ARG J 193 7.39 -74.82 -5.18
N TRP J 194 8.66 -74.81 -5.60
CA TRP J 194 9.23 -73.66 -6.31
C TRP J 194 8.76 -73.46 -7.75
N ARG J 195 8.23 -74.52 -8.38
CA ARG J 195 7.98 -74.57 -9.81
C ARG J 195 6.72 -73.79 -10.09
N GLY J 196 6.69 -72.98 -11.15
CA GLY J 196 5.48 -72.19 -11.38
C GLY J 196 5.29 -70.90 -10.62
N LYS J 197 6.15 -70.59 -9.64
CA LYS J 197 6.03 -69.36 -8.85
C LYS J 197 6.76 -68.20 -9.53
N TRP J 198 6.24 -66.98 -9.48
CA TRP J 198 6.90 -65.87 -10.16
C TRP J 198 8.26 -65.72 -9.51
N GLU J 199 8.27 -65.72 -8.18
CA GLU J 199 9.51 -65.41 -7.48
C GLU J 199 10.60 -66.42 -7.80
N TRP J 200 10.27 -67.71 -7.87
CA TRP J 200 11.29 -68.77 -7.97
C TRP J 200 11.60 -69.26 -9.38
N ASP J 201 10.67 -69.05 -10.30
CA ASP J 201 10.71 -69.75 -11.57
C ASP J 201 10.23 -68.88 -12.73
N GLY J 202 9.14 -68.15 -12.52
CA GLY J 202 8.34 -67.70 -13.65
C GLY J 202 7.65 -68.84 -14.38
N GLY J 203 7.17 -68.56 -15.59
CA GLY J 203 6.24 -69.49 -16.22
C GLY J 203 6.81 -70.19 -17.43
N ALA J 204 5.92 -70.64 -18.31
CA ALA J 204 6.33 -71.27 -19.57
C ALA J 204 7.45 -70.54 -20.30
N PHE J 205 7.49 -69.22 -20.22
CA PHE J 205 8.44 -68.49 -21.04
C PHE J 205 9.82 -68.41 -20.40
N MET J 206 9.80 -68.23 -19.08
CA MET J 206 11.03 -67.86 -18.42
C MET J 206 11.80 -69.12 -18.04
N ASN J 207 11.09 -70.20 -17.74
CA ASN J 207 11.75 -71.48 -17.50
C ASN J 207 11.98 -72.25 -18.79
N GLN J 208 10.97 -72.90 -19.36
CA GLN J 208 11.21 -73.63 -20.61
C GLN J 208 11.63 -72.86 -21.86
N ALA J 209 11.01 -71.74 -22.21
CA ALA J 209 11.27 -71.18 -23.52
C ALA J 209 12.39 -70.16 -23.51
N SER J 210 12.99 -69.95 -22.35
CA SER J 210 14.03 -68.94 -22.27
C SER J 210 15.18 -69.27 -23.21
N HIS J 211 15.42 -70.56 -23.46
CA HIS J 211 16.41 -70.93 -24.47
C HIS J 211 15.98 -70.45 -25.85
N TYR J 212 14.67 -70.29 -26.05
CA TYR J 212 14.19 -69.89 -27.36
C TYR J 212 14.00 -68.39 -27.38
N VAL J 213 13.48 -67.84 -26.29
CA VAL J 213 13.57 -66.39 -26.17
C VAL J 213 15.00 -65.92 -26.42
N ASP J 214 15.98 -66.63 -25.88
CA ASP J 214 17.39 -66.36 -26.23
C ASP J 214 17.72 -66.28 -27.72
N LEU J 215 17.04 -67.04 -28.59
CA LEU J 215 17.46 -67.01 -29.99
C LEU J 215 17.14 -65.68 -30.64
N LEU J 216 16.21 -64.94 -30.07
CA LEU J 216 15.71 -63.74 -30.74
C LEU J 216 16.85 -62.73 -30.87
N ASP J 217 17.50 -62.43 -29.75
CA ASP J 217 18.65 -61.52 -29.80
C ASP J 217 19.89 -62.18 -30.42
N TRP J 218 20.17 -63.41 -30.02
CA TRP J 218 21.45 -64.00 -30.39
C TRP J 218 21.55 -64.23 -31.89
N LEU J 219 20.53 -64.83 -32.50
CA LEU J 219 20.54 -64.96 -33.95
C LEU J 219 20.20 -63.66 -34.65
N VAL J 220 19.08 -63.02 -34.34
CA VAL J 220 18.55 -62.08 -35.33
C VAL J 220 19.04 -60.67 -35.04
N GLY J 221 19.33 -60.38 -33.78
CA GLY J 221 19.95 -59.10 -33.48
C GLY J 221 19.06 -58.40 -32.45
N PRO J 222 19.28 -57.12 -32.17
CA PRO J 222 18.58 -56.56 -31.02
C PRO J 222 17.09 -56.27 -31.25
N VAL J 223 16.26 -56.61 -30.27
CA VAL J 223 14.81 -56.48 -30.32
C VAL J 223 14.48 -55.04 -29.98
N GLU J 224 13.62 -54.41 -30.77
CA GLU J 224 13.23 -53.06 -30.35
C GLU J 224 12.09 -52.94 -29.35
N SER J 225 11.06 -53.78 -29.47
CA SER J 225 9.94 -53.76 -28.55
C SER J 225 9.19 -55.08 -28.68
N VAL J 226 8.38 -55.37 -27.68
CA VAL J 226 7.47 -56.51 -27.83
C VAL J 226 6.08 -56.13 -27.38
N TYR J 227 5.10 -56.94 -27.75
CA TYR J 227 3.77 -56.93 -27.16
C TYR J 227 3.40 -58.40 -26.89
N ALA J 228 2.85 -58.71 -25.72
CA ALA J 228 2.59 -60.11 -25.41
C ALA J 228 1.23 -60.27 -24.75
N TYR J 229 0.60 -61.41 -24.99
CA TYR J 229 -0.45 -61.90 -24.11
C TYR J 229 0.03 -63.17 -23.44
N THR J 230 -0.28 -63.39 -22.16
CA THR J 230 -0.02 -64.71 -21.59
C THR J 230 -1.12 -65.13 -20.63
N ALA J 231 -1.25 -66.40 -20.28
CA ALA J 231 -2.26 -66.70 -19.27
C ALA J 231 -1.97 -68.03 -18.57
N THR J 232 -2.67 -68.34 -17.49
CA THR J 232 -2.59 -69.69 -16.95
C THR J 232 -3.92 -70.31 -17.35
N LEU J 233 -3.93 -71.05 -18.46
CA LEU J 233 -5.13 -71.57 -19.08
C LEU J 233 -5.58 -72.88 -18.43
N ALA J 234 -4.65 -73.65 -17.86
CA ALA J 234 -5.05 -74.93 -17.31
C ALA J 234 -4.21 -75.44 -16.13
N ARG J 235 -2.99 -74.99 -15.94
CA ARG J 235 -2.32 -75.46 -14.74
C ARG J 235 -2.58 -74.72 -13.43
N ARG J 236 -2.46 -75.45 -12.33
CA ARG J 236 -2.54 -74.85 -11.00
C ARG J 236 -1.17 -74.30 -10.57
N ILE J 237 -0.76 -73.18 -11.14
CA ILE J 237 0.53 -72.55 -10.81
C ILE J 237 0.28 -71.04 -10.78
N GLU J 238 1.25 -70.22 -10.37
CA GLU J 238 1.00 -68.78 -10.36
C GLU J 238 1.27 -68.16 -11.73
N ALA J 239 2.28 -68.65 -12.42
CA ALA J 239 2.81 -68.05 -13.64
C ALA J 239 2.03 -68.57 -14.84
N GLU J 240 2.44 -68.21 -16.05
CA GLU J 240 1.65 -68.53 -17.24
C GLU J 240 2.06 -69.91 -17.75
N ASP J 241 1.15 -70.58 -18.45
CA ASP J 241 1.46 -71.86 -19.07
C ASP J 241 1.37 -71.72 -20.59
N THR J 242 0.84 -70.60 -21.06
CA THR J 242 0.67 -70.40 -22.50
C THR J 242 0.78 -68.91 -22.78
N GLY J 243 1.32 -68.54 -23.93
CA GLY J 243 1.22 -67.13 -24.30
C GLY J 243 1.98 -66.93 -25.60
N VAL J 244 2.01 -65.65 -25.99
CA VAL J 244 2.44 -65.26 -27.32
C VAL J 244 3.05 -63.85 -27.24
N ALA J 245 4.15 -63.60 -27.94
CA ALA J 245 4.70 -62.25 -27.99
C ALA J 245 4.91 -61.90 -29.45
N ALA J 246 4.37 -60.76 -29.84
CA ALA J 246 4.71 -60.16 -31.13
C ALA J 246 5.98 -59.35 -30.89
N LEU J 247 6.77 -59.15 -31.94
CA LEU J 247 8.09 -58.58 -31.75
C LEU J 247 8.44 -57.69 -32.92
N ARG J 248 9.24 -56.67 -32.67
CA ARG J 248 9.85 -55.90 -33.74
C ARG J 248 11.32 -55.61 -33.41
N TRP J 249 12.23 -56.00 -34.30
CA TRP J 249 13.68 -55.79 -34.19
C TRP J 249 14.09 -54.39 -34.60
N ARG J 250 15.21 -53.89 -34.08
CA ARG J 250 15.70 -52.57 -34.47
C ARG J 250 16.00 -52.49 -35.97
N HIS J 251 16.44 -53.60 -36.58
CA HIS J 251 16.66 -53.53 -38.02
C HIS J 251 15.36 -53.63 -38.81
N GLY J 252 14.25 -53.82 -38.11
CA GLY J 252 12.92 -53.70 -38.73
C GLY J 252 12.23 -55.01 -39.01
N ALA J 253 12.93 -56.13 -38.85
CA ALA J 253 12.14 -57.34 -38.96
C ALA J 253 11.07 -57.39 -37.86
N MET J 254 10.10 -58.27 -38.08
CA MET J 254 8.99 -58.55 -37.18
C MET J 254 8.83 -60.05 -37.01
N GLY J 255 8.10 -60.40 -35.97
CA GLY J 255 7.71 -61.79 -35.90
C GLY J 255 7.11 -62.08 -34.55
N SER J 256 7.12 -63.36 -34.23
CA SER J 256 6.42 -63.80 -33.03
C SER J 256 7.06 -65.04 -32.40
N ILE J 257 6.85 -65.16 -31.09
CA ILE J 257 7.20 -66.38 -30.36
C ILE J 257 5.99 -66.90 -29.62
N ASN J 258 5.68 -68.17 -29.87
CA ASN J 258 4.41 -68.72 -29.43
C ASN J 258 4.73 -69.89 -28.51
N VAL J 259 4.32 -69.83 -27.25
CA VAL J 259 4.69 -70.92 -26.36
C VAL J 259 3.48 -71.47 -25.64
N THR J 260 3.51 -72.78 -25.46
CA THR J 260 2.63 -73.40 -24.50
C THR J 260 3.17 -74.72 -23.94
N MET J 261 2.80 -74.99 -22.69
CA MET J 261 3.21 -76.18 -21.96
C MET J 261 2.03 -77.14 -21.87
N LEU J 262 0.96 -76.89 -22.63
CA LEU J 262 -0.30 -77.64 -22.62
C LEU J 262 -0.52 -78.44 -23.90
N THR J 263 0.52 -78.87 -24.60
CA THR J 263 0.28 -79.57 -25.86
C THR J 263 -0.21 -81.01 -25.71
N TYR J 264 -1.25 -81.36 -26.47
CA TYR J 264 -1.72 -82.75 -26.55
C TYR J 264 -0.92 -83.62 -27.52
N PRO J 265 -0.42 -84.78 -27.07
CA PRO J 265 -0.32 -85.30 -25.71
C PRO J 265 1.13 -85.27 -25.21
N GLN J 266 2.08 -84.75 -26.00
CA GLN J 266 3.49 -84.70 -25.59
C GLN J 266 4.11 -83.63 -26.48
N ASN J 267 5.39 -83.35 -26.27
CA ASN J 267 6.09 -82.35 -27.07
C ASN J 267 5.78 -82.51 -28.56
N LEU J 268 5.68 -81.39 -29.26
CA LEU J 268 5.39 -81.43 -30.68
C LEU J 268 6.44 -80.65 -31.45
N GLU J 269 6.80 -79.46 -30.96
CA GLU J 269 7.58 -78.55 -31.78
C GLU J 269 8.43 -77.59 -30.96
N GLY J 270 9.65 -77.38 -31.42
CA GLY J 270 10.60 -76.41 -30.89
C GLY J 270 11.31 -75.88 -32.13
N SER J 271 10.89 -74.75 -32.68
CA SER J 271 11.34 -74.31 -34.02
C SER J 271 11.55 -72.81 -34.16
N ILE J 272 12.42 -72.43 -35.09
CA ILE J 272 12.61 -71.04 -35.46
C ILE J 272 12.64 -70.98 -36.98
N THR J 273 11.79 -70.13 -37.54
CA THR J 273 11.77 -69.88 -38.98
C THR J 273 12.22 -68.45 -39.19
N ILE J 274 13.12 -68.27 -40.15
CA ILE J 274 13.69 -66.97 -40.46
C ILE J 274 13.49 -66.71 -41.95
N LEU J 275 12.97 -65.54 -42.32
CA LEU J 275 12.72 -65.26 -43.74
C LEU J 275 13.31 -63.90 -44.01
N GLY J 276 14.26 -63.87 -44.93
CA GLY J 276 14.76 -62.59 -45.43
C GLY J 276 14.85 -62.40 -46.93
N GLU J 277 15.56 -61.34 -47.31
CA GLU J 277 15.51 -60.91 -48.70
C GLU J 277 16.09 -62.00 -49.61
N LYS J 278 17.19 -62.65 -49.22
CA LYS J 278 17.82 -63.66 -50.09
C LYS J 278 17.89 -65.05 -49.49
N GLY J 279 17.04 -65.41 -48.53
CA GLY J 279 17.29 -66.67 -47.84
C GLY J 279 16.13 -66.99 -46.93
N THR J 280 15.89 -68.28 -46.75
CA THR J 280 14.76 -68.79 -45.96
C THR J 280 15.25 -70.02 -45.21
N VAL J 281 15.07 -70.13 -43.90
CA VAL J 281 15.51 -71.31 -43.16
C VAL J 281 14.44 -71.64 -42.12
N ARG J 282 14.20 -72.91 -41.84
CA ARG J 282 13.30 -73.24 -40.76
C ARG J 282 14.08 -74.36 -40.08
N VAL J 283 14.27 -74.25 -38.77
CA VAL J 283 14.86 -75.29 -37.95
C VAL J 283 13.77 -75.88 -37.08
N GLY J 284 13.44 -77.14 -37.34
CA GLY J 284 12.31 -77.83 -36.72
C GLY J 284 12.67 -78.94 -35.75
N GLY J 285 11.74 -79.87 -35.55
CA GLY J 285 11.81 -80.99 -34.63
C GLY J 285 11.38 -80.48 -33.27
N VAL J 286 11.48 -81.29 -32.21
CA VAL J 286 11.08 -80.84 -30.89
C VAL J 286 12.02 -79.88 -30.16
N ALA J 287 13.22 -79.69 -30.69
CA ALA J 287 14.25 -78.89 -30.06
C ALA J 287 15.22 -78.22 -31.03
N VAL J 288 14.68 -77.53 -32.03
CA VAL J 288 15.55 -76.85 -32.99
C VAL J 288 16.71 -77.81 -33.32
N ASN J 289 16.33 -79.02 -33.69
CA ASN J 289 17.38 -79.99 -33.95
C ASN J 289 17.32 -80.52 -35.38
N ARG J 290 16.18 -80.35 -36.05
CA ARG J 290 16.11 -80.71 -37.47
C ARG J 290 15.96 -79.57 -38.49
N ILE J 291 16.99 -79.25 -39.23
CA ILE J 291 16.80 -78.28 -40.31
C ILE J 291 15.84 -78.79 -41.38
N ASP J 292 14.66 -78.20 -41.49
CA ASP J 292 13.65 -78.61 -42.48
C ASP J 292 13.63 -77.79 -43.77
N GLU J 293 14.34 -76.67 -43.81
CA GLU J 293 14.12 -75.80 -44.94
C GLU J 293 15.37 -74.94 -44.99
N TRP J 294 15.88 -74.70 -46.19
CA TRP J 294 17.20 -74.07 -46.29
C TRP J 294 17.41 -73.54 -47.70
N LYS J 295 17.00 -72.32 -48.00
CA LYS J 295 17.23 -71.82 -49.35
C LYS J 295 17.86 -70.44 -49.33
N PHE J 296 18.89 -70.26 -50.16
CA PHE J 296 19.58 -68.98 -50.30
C PHE J 296 19.80 -68.62 -51.76
N ALA J 297 19.96 -67.33 -52.08
CA ALA J 297 20.29 -66.90 -53.43
C ALA J 297 21.70 -67.27 -53.88
N GLU J 298 22.69 -67.07 -53.01
CA GLU J 298 24.08 -67.43 -53.27
C GLU J 298 24.56 -68.62 -52.42
N PRO J 299 25.01 -69.69 -53.07
CA PRO J 299 25.51 -70.97 -52.56
C PRO J 299 26.69 -70.96 -51.58
N HIS J 300 26.98 -72.09 -50.95
CA HIS J 300 27.96 -72.18 -49.86
C HIS J 300 28.24 -73.57 -49.32
N PRO J 301 29.53 -73.88 -49.12
CA PRO J 301 29.99 -75.09 -48.45
C PRO J 301 28.96 -75.66 -47.48
N ASP J 302 28.37 -74.77 -46.67
CA ASP J 302 27.45 -75.17 -45.61
C ASP J 302 26.13 -75.78 -46.12
N ASP J 303 25.77 -75.53 -47.37
CA ASP J 303 24.55 -76.07 -47.96
C ASP J 303 24.50 -77.60 -47.88
N ASP J 304 25.66 -78.24 -47.99
CA ASP J 304 25.69 -79.70 -48.05
C ASP J 304 25.79 -80.42 -46.71
N LYS J 305 25.89 -79.66 -45.61
CA LYS J 305 26.13 -80.18 -44.27
C LYS J 305 24.91 -80.24 -43.36
N ILE J 306 23.74 -80.09 -43.97
CA ILE J 306 22.46 -80.09 -43.27
C ILE J 306 22.18 -81.42 -42.60
N ARG J 307 22.30 -82.51 -43.36
CA ARG J 307 21.92 -83.83 -42.86
C ARG J 307 22.86 -84.14 -41.70
N GLU J 308 24.05 -83.55 -41.76
CA GLU J 308 25.04 -83.82 -40.72
C GLU J 308 24.89 -82.96 -39.46
N ALA J 309 24.71 -81.65 -39.62
CA ALA J 309 24.46 -80.75 -38.50
C ALA J 309 23.27 -81.31 -37.73
N ASN J 310 22.22 -81.60 -38.50
CA ASN J 310 21.04 -82.30 -37.98
C ASN J 310 21.38 -83.51 -37.13
N TYR J 311 22.23 -84.40 -37.65
CA TYR J 311 22.54 -85.64 -36.94
C TYR J 311 23.21 -85.33 -35.59
N GLU J 312 24.26 -84.52 -35.69
CA GLU J 312 25.08 -84.19 -34.53
C GLU J 312 24.26 -83.46 -33.46
N THR J 313 23.44 -82.50 -33.87
CA THR J 313 22.65 -81.79 -32.88
C THR J 313 21.65 -82.73 -32.20
N THR J 314 21.04 -83.62 -32.97
CA THR J 314 20.12 -84.60 -32.41
C THR J 314 20.79 -85.55 -31.41
N SER J 315 21.97 -86.03 -31.78
CA SER J 315 22.71 -87.00 -30.97
C SER J 315 23.06 -86.48 -29.58
N VAL J 316 23.26 -85.17 -29.45
CA VAL J 316 23.35 -84.69 -28.08
C VAL J 316 22.06 -84.07 -27.54
N TYR J 317 20.98 -84.09 -28.32
CA TYR J 317 19.74 -83.55 -27.77
C TYR J 317 19.65 -84.08 -26.34
N GLY J 318 19.35 -83.23 -25.36
CA GLY J 318 19.32 -83.66 -23.97
C GLY J 318 20.64 -83.48 -23.21
N PHE J 319 21.69 -83.11 -23.92
CA PHE J 319 22.97 -83.24 -23.24
C PHE J 319 23.95 -82.23 -23.82
N GLY J 320 23.52 -80.98 -23.95
CA GLY J 320 24.42 -79.96 -24.48
C GLY J 320 25.46 -79.43 -23.50
N HIS J 321 25.40 -79.82 -22.23
CA HIS J 321 26.26 -79.27 -21.20
C HIS J 321 27.74 -79.48 -21.54
N PRO J 322 28.11 -80.71 -21.92
CA PRO J 322 29.52 -81.00 -22.21
C PRO J 322 30.21 -80.01 -23.13
N LEU J 323 29.58 -79.65 -24.25
CA LEU J 323 30.13 -78.56 -25.03
C LEU J 323 30.22 -77.22 -24.30
N TYR J 324 29.25 -76.94 -23.43
CA TYR J 324 29.25 -75.64 -22.79
C TYR J 324 30.48 -75.52 -21.87
N TYR J 325 30.75 -76.57 -21.12
CA TYR J 325 31.83 -76.56 -20.14
C TYR J 325 33.18 -76.44 -20.84
N ASP J 326 33.26 -77.10 -21.99
CA ASP J 326 34.47 -76.90 -22.77
C ASP J 326 34.80 -75.41 -22.82
N ASN J 327 33.81 -74.59 -23.13
CA ASN J 327 34.11 -73.16 -23.20
C ASN J 327 34.39 -72.46 -21.87
N VAL J 328 33.68 -72.84 -20.82
CA VAL J 328 33.96 -72.40 -19.46
C VAL J 328 35.41 -72.68 -19.07
N ILE J 329 35.78 -73.95 -19.24
CA ILE J 329 37.10 -74.43 -18.88
C ILE J 329 38.13 -73.70 -19.74
N ASN J 330 37.99 -73.72 -21.06
CA ASN J 330 38.95 -72.92 -21.79
C ASN J 330 38.97 -71.50 -21.24
N CYS J 331 37.81 -71.00 -20.86
CA CYS J 331 37.78 -69.60 -20.45
C CYS J 331 38.55 -69.49 -19.16
N LEU J 332 38.27 -70.37 -18.19
CA LEU J 332 38.85 -70.22 -16.87
C LEU J 332 40.36 -70.49 -16.88
N ARG J 333 40.85 -71.15 -17.93
CA ARG J 333 42.27 -71.41 -18.12
C ARG J 333 43.01 -70.26 -18.80
N GLY J 334 42.26 -69.28 -19.29
CA GLY J 334 42.86 -68.06 -19.82
C GLY J 334 42.79 -68.05 -21.33
N ASP J 335 42.11 -69.06 -21.87
CA ASP J 335 42.06 -69.28 -23.31
C ASP J 335 41.07 -68.38 -24.05
N CYS J 336 39.86 -68.28 -23.52
CA CYS J 336 38.81 -67.57 -24.26
C CYS J 336 38.19 -66.57 -23.31
N GLU J 337 37.41 -65.65 -23.89
CA GLU J 337 36.35 -65.02 -23.11
C GLU J 337 35.09 -65.87 -23.11
N PRO J 338 34.23 -65.71 -22.09
CA PRO J 338 33.11 -66.62 -21.93
C PRO J 338 32.21 -66.61 -23.17
N GLU J 339 31.53 -67.70 -23.51
CA GLU J 339 30.72 -67.59 -24.73
C GLU J 339 29.41 -66.88 -24.39
N THR J 340 28.93 -67.11 -23.17
CA THR J 340 27.66 -66.58 -22.70
C THR J 340 27.85 -66.12 -21.26
N ASP J 341 28.34 -64.90 -21.13
CA ASP J 341 28.58 -64.32 -19.82
C ASP J 341 27.33 -63.64 -19.26
N GLY J 342 27.52 -63.09 -18.06
CA GLY J 342 26.46 -62.35 -17.38
C GLY J 342 25.69 -61.41 -18.30
N ARG J 343 26.36 -60.59 -19.10
CA ARG J 343 25.66 -59.62 -19.95
C ARG J 343 24.84 -60.19 -21.11
N GLU J 344 25.13 -61.43 -21.46
CA GLU J 344 24.50 -62.07 -22.61
C GLU J 344 23.23 -62.69 -22.03
N GLY J 345 23.39 -63.18 -20.80
CA GLY J 345 22.29 -63.59 -19.95
C GLY J 345 21.28 -62.47 -19.76
N LEU J 346 21.68 -61.25 -19.38
CA LEU J 346 20.80 -60.09 -19.32
C LEU J 346 20.02 -59.84 -20.61
N GLN J 347 20.53 -60.23 -21.77
CA GLN J 347 19.82 -59.83 -22.97
C GLN J 347 18.53 -60.66 -22.97
N SER J 348 18.60 -61.91 -22.54
CA SER J 348 17.42 -62.73 -22.75
C SER J 348 16.53 -62.40 -21.56
N LEU J 349 17.14 -62.00 -20.44
CA LEU J 349 16.30 -61.70 -19.27
C LEU J 349 15.62 -60.34 -19.46
N ALA J 350 16.27 -59.46 -20.20
CA ALA J 350 15.57 -58.23 -20.55
C ALA J 350 14.35 -58.53 -21.42
N LEU J 351 14.46 -59.38 -22.44
CA LEU J 351 13.29 -59.69 -23.27
C LEU J 351 12.26 -60.43 -22.42
N LEU J 352 12.68 -61.36 -21.58
CA LEU J 352 11.67 -62.00 -20.73
C LEU J 352 10.86 -60.98 -19.93
N THR J 353 11.57 -60.03 -19.34
CA THR J 353 10.96 -59.06 -18.45
C THR J 353 10.03 -58.22 -19.31
N ALA J 354 10.40 -57.94 -20.55
CA ALA J 354 9.61 -57.04 -21.36
C ALA J 354 8.36 -57.80 -21.73
N ILE J 355 8.46 -59.12 -21.92
CA ILE J 355 7.30 -59.96 -22.23
C ILE J 355 6.33 -60.00 -21.06
N TYR J 356 6.84 -60.31 -19.86
CA TYR J 356 6.04 -60.32 -18.66
C TYR J 356 5.36 -58.97 -18.40
N ARG J 357 6.04 -57.84 -18.55
CA ARG J 357 5.47 -56.57 -18.19
C ARG J 357 4.38 -56.26 -19.22
N SER J 358 4.66 -56.63 -20.46
CA SER J 358 3.68 -56.33 -21.49
C SER J 358 2.44 -57.20 -21.28
N ALA J 359 2.64 -58.48 -21.00
CA ALA J 359 1.52 -59.36 -20.69
C ALA J 359 0.73 -58.87 -19.49
N ARG J 360 1.38 -58.34 -18.46
CA ARG J 360 0.60 -57.91 -17.30
C ARG J 360 -0.10 -56.57 -17.58
N ASP J 361 0.59 -55.66 -18.25
CA ASP J 361 0.16 -54.27 -18.28
C ASP J 361 -0.67 -53.95 -19.51
N GLY J 362 -0.61 -54.78 -20.54
CA GLY J 362 -1.46 -54.56 -21.72
C GLY J 362 -0.89 -53.46 -22.60
N VAL J 363 0.42 -53.27 -22.59
CA VAL J 363 0.98 -52.28 -23.50
C VAL J 363 2.25 -52.82 -24.16
N ARG J 364 2.61 -52.18 -25.26
CA ARG J 364 3.90 -52.49 -25.86
C ARG J 364 5.01 -52.12 -24.90
N ILE J 365 5.99 -52.99 -24.68
CA ILE J 365 7.16 -52.57 -23.89
C ILE J 365 8.41 -52.47 -24.77
N PRO J 366 9.07 -51.30 -24.76
CA PRO J 366 10.22 -51.12 -25.64
C PRO J 366 11.55 -51.44 -24.95
N LEU J 367 12.61 -51.64 -25.73
CA LEU J 367 13.94 -51.89 -25.20
C LEU J 367 14.90 -50.78 -25.58
N PRO J 368 16.02 -50.64 -24.84
CA PRO J 368 16.46 -51.42 -23.69
C PRO J 368 15.74 -50.90 -22.44
N LEU J 369 15.62 -51.74 -21.42
CA LEU J 369 14.88 -51.47 -20.19
C LEU J 369 15.67 -50.50 -19.33
N ASP J 370 15.03 -49.71 -18.49
CA ASP J 370 15.89 -48.99 -17.56
C ASP J 370 16.63 -49.91 -16.59
N ARG K 29 52.73 -25.39 -4.65
CA ARG K 29 53.05 -26.62 -5.43
C ARG K 29 52.46 -26.67 -6.85
N LYS K 30 52.75 -27.73 -7.60
CA LYS K 30 52.09 -27.98 -8.88
C LYS K 30 51.05 -29.09 -8.78
N ILE K 31 49.91 -28.94 -9.45
CA ILE K 31 48.89 -29.98 -9.48
C ILE K 31 49.50 -31.25 -10.08
N ARG K 32 49.25 -32.38 -9.44
CA ARG K 32 49.71 -33.64 -9.99
C ARG K 32 48.50 -34.42 -10.51
N PHE K 33 48.40 -34.46 -11.83
CA PHE K 33 47.39 -35.23 -12.54
C PHE K 33 47.67 -36.71 -12.73
N GLY K 34 46.65 -37.53 -12.51
CA GLY K 34 46.64 -38.91 -13.02
C GLY K 34 45.67 -39.06 -14.18
N LEU K 35 45.89 -40.08 -15.00
CA LEU K 35 45.12 -40.29 -16.23
C LEU K 35 44.65 -41.73 -16.18
N VAL K 36 43.36 -41.92 -16.44
CA VAL K 36 42.81 -43.26 -16.41
C VAL K 36 42.22 -43.56 -17.78
N GLY K 37 42.92 -44.40 -18.53
CA GLY K 37 42.55 -44.69 -19.91
C GLY K 37 43.37 -43.97 -20.96
N CYS K 38 44.33 -44.70 -21.52
CA CYS K 38 45.36 -44.15 -22.38
C CYS K 38 45.05 -44.12 -23.88
N GLY K 39 43.80 -44.40 -24.22
CA GLY K 39 43.39 -44.49 -25.61
C GLY K 39 43.49 -43.16 -26.37
N ARG K 40 42.70 -43.11 -27.44
CA ARG K 40 42.65 -42.08 -28.46
C ARG K 40 42.50 -40.65 -27.94
N ILE K 41 41.78 -40.44 -26.84
CA ILE K 41 41.66 -39.08 -26.29
C ILE K 41 42.76 -38.70 -25.30
N SER K 42 43.43 -39.65 -24.66
CA SER K 42 44.57 -39.38 -23.79
C SER K 42 45.57 -38.40 -24.41
N LYS K 43 45.80 -38.57 -25.71
CA LYS K 43 46.75 -37.71 -26.39
C LYS K 43 46.43 -36.25 -26.12
N ASN K 44 45.16 -35.88 -26.16
CA ASN K 44 44.82 -34.46 -26.00
C ASN K 44 44.96 -34.00 -24.55
N HIS K 45 44.72 -34.91 -23.61
CA HIS K 45 44.81 -34.49 -22.22
C HIS K 45 46.29 -34.33 -21.88
N ILE K 46 47.15 -35.14 -22.50
CA ILE K 46 48.59 -35.13 -22.26
C ILE K 46 49.16 -33.82 -22.80
N GLY K 47 48.91 -33.55 -24.08
CA GLY K 47 49.37 -32.33 -24.73
C GLY K 47 48.82 -31.06 -24.13
N ALA K 48 47.70 -31.19 -23.41
CA ALA K 48 47.06 -30.02 -22.83
C ALA K 48 47.65 -29.83 -21.45
N ILE K 49 47.86 -30.95 -20.75
CA ILE K 49 48.56 -30.91 -19.46
C ILE K 49 49.99 -30.40 -19.71
N ALA K 50 50.70 -31.04 -20.64
CA ALA K 50 52.05 -30.64 -21.04
C ALA K 50 52.12 -29.22 -21.58
N GLN K 51 51.08 -28.42 -21.37
CA GLN K 51 51.03 -27.07 -21.92
C GLN K 51 50.94 -26.02 -20.82
N HIS K 52 50.43 -26.42 -19.67
CA HIS K 52 50.48 -25.59 -18.48
C HIS K 52 51.46 -26.42 -17.67
N GLY K 53 52.49 -26.91 -18.35
CA GLY K 53 53.45 -27.86 -17.78
C GLY K 53 54.20 -27.37 -16.55
N ASP K 54 54.14 -26.07 -16.33
CA ASP K 54 54.64 -25.43 -15.13
C ASP K 54 53.75 -25.72 -13.93
N ARG K 55 52.47 -25.37 -14.07
CA ARG K 55 51.43 -25.44 -13.05
C ARG K 55 50.89 -26.83 -12.71
N ALA K 56 51.17 -27.81 -13.57
CA ALA K 56 50.74 -29.18 -13.35
C ALA K 56 51.48 -30.19 -14.21
N GLU K 57 51.89 -31.28 -13.58
CA GLU K 57 52.59 -32.38 -14.25
C GLU K 57 51.65 -33.57 -14.34
N LEU K 58 52.05 -34.63 -15.05
CA LEU K 58 51.32 -35.89 -15.10
C LEU K 58 51.99 -37.08 -14.41
N VAL K 59 52.19 -36.98 -13.10
CA VAL K 59 52.69 -38.10 -12.30
C VAL K 59 52.25 -39.53 -12.62
N GLU K 60 51.13 -39.76 -13.30
CA GLU K 60 50.71 -41.15 -13.46
C GLU K 60 49.70 -41.51 -14.56
N ILE K 61 49.86 -42.69 -15.13
CA ILE K 61 48.90 -43.24 -16.08
C ILE K 61 48.27 -44.54 -15.61
N CYS K 62 47.15 -44.88 -16.22
CA CYS K 62 46.48 -46.13 -15.87
C CYS K 62 45.86 -46.69 -17.14
N ASP K 63 45.87 -48.01 -17.28
CA ASP K 63 45.15 -48.65 -18.38
C ASP K 63 45.08 -50.14 -18.12
N THR K 64 43.97 -50.77 -18.49
CA THR K 64 43.85 -52.19 -18.26
C THR K 64 44.53 -52.92 -19.43
N ASN K 65 44.95 -52.15 -20.44
CA ASN K 65 45.59 -52.74 -21.61
C ASN K 65 47.10 -52.54 -21.68
N PRO K 66 47.88 -53.58 -21.33
CA PRO K 66 49.34 -53.44 -21.29
C PRO K 66 49.81 -52.83 -22.61
N GLU K 67 49.31 -53.34 -23.72
CA GLU K 67 49.78 -52.77 -24.98
C GLU K 67 49.68 -51.25 -24.92
N ALA K 68 48.49 -50.73 -24.60
CA ALA K 68 48.20 -49.29 -24.63
C ALA K 68 48.91 -48.56 -23.50
N LEU K 69 49.01 -49.22 -22.36
CA LEU K 69 49.75 -48.66 -21.22
C LEU K 69 51.19 -48.40 -21.66
N GLN K 70 51.86 -49.47 -22.05
CA GLN K 70 53.26 -49.32 -22.44
C GLN K 70 53.47 -48.19 -23.44
N ALA K 71 52.74 -48.22 -24.55
CA ALA K 71 52.79 -47.12 -25.50
C ALA K 71 52.79 -45.79 -24.77
N ALA K 72 52.01 -45.72 -23.70
CA ALA K 72 51.80 -44.46 -22.99
C ALA K 72 52.88 -44.19 -21.94
N GLU K 73 53.33 -45.24 -21.26
CA GLU K 73 54.41 -45.07 -20.30
C GLU K 73 55.73 -44.68 -20.98
N ALA K 74 56.13 -45.46 -21.98
CA ALA K 74 57.33 -45.12 -22.74
C ALA K 74 57.02 -43.99 -23.71
N ALA K 75 56.11 -43.10 -23.33
CA ALA K 75 55.74 -41.99 -24.20
C ALA K 75 55.65 -40.69 -23.40
N THR K 76 55.47 -40.86 -22.10
CA THR K 76 55.26 -39.73 -21.20
C THR K 76 56.09 -40.04 -19.96
N GLY K 77 56.46 -41.31 -19.82
CA GLY K 77 57.27 -41.76 -18.70
C GLY K 77 56.72 -41.18 -17.42
N ALA K 78 55.44 -41.44 -17.16
CA ALA K 78 54.90 -41.30 -15.81
C ALA K 78 54.65 -42.72 -15.27
N ARG K 79 54.52 -42.89 -13.97
CA ARG K 79 54.28 -44.22 -13.37
C ARG K 79 53.00 -44.92 -13.82
N PRO K 80 53.13 -46.22 -14.13
CA PRO K 80 52.14 -47.04 -14.82
C PRO K 80 51.40 -47.94 -13.84
N PHE K 81 50.10 -48.08 -14.03
CA PHE K 81 49.32 -49.07 -13.30
C PHE K 81 48.44 -49.83 -14.28
N SER K 82 48.08 -51.06 -13.90
CA SER K 82 47.26 -51.92 -14.74
C SER K 82 45.78 -51.90 -14.33
N SER K 83 45.50 -51.44 -13.12
CA SER K 83 44.14 -51.19 -12.64
C SER K 83 44.00 -49.82 -11.98
N LEU K 84 42.76 -49.38 -11.76
CA LEU K 84 42.57 -48.08 -11.11
C LEU K 84 42.85 -48.25 -9.62
N SER K 85 42.36 -49.32 -9.02
CA SER K 85 42.41 -49.42 -7.55
C SER K 85 43.85 -49.43 -7.04
N ASP K 86 44.75 -49.92 -7.88
CA ASP K 86 46.18 -49.82 -7.71
C ASP K 86 46.70 -48.39 -7.74
N MET K 87 46.32 -47.70 -8.81
CA MET K 87 46.80 -46.32 -8.91
C MET K 87 46.45 -45.54 -7.65
N LEU K 88 45.39 -46.01 -6.99
CA LEU K 88 44.76 -45.28 -5.91
C LEU K 88 45.42 -45.76 -4.61
N ALA K 89 45.59 -47.06 -4.43
CA ALA K 89 46.28 -47.60 -3.26
C ALA K 89 47.75 -47.16 -3.21
N GLN K 90 48.42 -47.20 -4.35
CA GLN K 90 49.86 -46.93 -4.38
C GLN K 90 50.23 -45.53 -4.83
N GLY K 91 49.27 -44.81 -5.40
CA GLY K 91 49.63 -43.60 -6.16
C GLY K 91 49.37 -42.33 -5.39
N ASN K 92 49.60 -41.17 -6.01
CA ASN K 92 49.45 -39.95 -5.23
C ASN K 92 49.00 -38.76 -6.08
N ALA K 93 48.13 -39.02 -7.05
CA ALA K 93 47.61 -37.91 -7.84
C ALA K 93 46.58 -37.09 -7.06
N ASP K 94 46.49 -35.82 -7.43
CA ASP K 94 45.58 -34.87 -6.78
C ASP K 94 44.21 -35.01 -7.40
N ALA K 95 44.23 -35.09 -8.73
CA ALA K 95 43.07 -35.29 -9.57
C ALA K 95 43.34 -36.26 -10.71
N LEU K 96 42.36 -37.14 -10.90
CA LEU K 96 42.38 -38.20 -11.89
C LEU K 96 41.55 -37.84 -13.12
N VAL K 97 42.19 -37.80 -14.28
CA VAL K 97 41.42 -37.58 -15.50
C VAL K 97 40.77 -38.93 -15.78
N LEU K 98 39.52 -38.93 -16.23
CA LEU K 98 38.83 -40.16 -16.60
C LEU K 98 38.62 -40.17 -18.11
N ALA K 99 39.45 -40.90 -18.86
CA ALA K 99 39.26 -40.94 -20.29
C ALA K 99 38.95 -42.37 -20.74
N THR K 100 38.21 -43.09 -19.92
CA THR K 100 37.83 -44.48 -20.20
C THR K 100 36.55 -44.52 -21.03
N PRO K 101 36.09 -45.70 -21.44
CA PRO K 101 34.74 -45.78 -22.01
C PRO K 101 33.73 -45.09 -21.10
N SER K 102 32.84 -44.27 -21.66
CA SER K 102 31.99 -43.39 -20.86
C SER K 102 31.14 -44.06 -19.79
N GLY K 103 30.59 -45.22 -20.11
CA GLY K 103 29.89 -46.01 -19.12
C GLY K 103 30.73 -46.36 -17.91
N LEU K 104 32.05 -46.23 -18.01
CA LEU K 104 32.89 -46.46 -16.84
C LEU K 104 32.98 -45.25 -15.91
N HIS K 105 32.80 -44.05 -16.43
CA HIS K 105 33.02 -42.86 -15.61
C HIS K 105 32.30 -42.80 -14.26
N PRO K 106 31.02 -43.19 -14.18
CA PRO K 106 30.41 -43.06 -12.86
C PRO K 106 31.14 -43.91 -11.81
N TRP K 107 31.27 -45.20 -12.08
CA TRP K 107 31.89 -46.17 -11.19
C TRP K 107 33.34 -45.76 -10.94
N GLN K 108 33.98 -45.17 -11.94
CA GLN K 108 35.35 -44.74 -11.68
C GLN K 108 35.34 -43.49 -10.81
N ALA K 109 34.51 -42.50 -11.15
CA ALA K 109 34.50 -41.28 -10.36
C ALA K 109 34.23 -41.61 -8.91
N ILE K 110 33.33 -42.57 -8.68
CA ILE K 110 32.91 -42.90 -7.33
C ILE K 110 34.08 -43.55 -6.59
N GLU K 111 34.77 -44.51 -7.18
CA GLU K 111 35.98 -45.06 -6.57
C GLU K 111 36.93 -43.92 -6.22
N VAL K 112 37.29 -43.11 -7.21
CA VAL K 112 38.25 -42.02 -7.02
C VAL K 112 37.86 -40.97 -5.97
N ALA K 113 36.57 -40.74 -5.74
CA ALA K 113 36.19 -39.75 -4.75
C ALA K 113 36.35 -40.36 -3.35
N GLN K 114 35.94 -41.62 -3.22
CA GLN K 114 36.09 -42.41 -2.01
C GLN K 114 37.54 -42.49 -1.57
N ALA K 115 38.49 -42.34 -2.49
CA ALA K 115 39.91 -42.35 -2.16
C ALA K 115 40.35 -40.92 -1.92
N GLY K 116 39.41 -39.99 -2.04
CA GLY K 116 39.70 -38.62 -1.66
C GLY K 116 40.30 -37.70 -2.71
N ARG K 117 40.33 -38.10 -3.99
CA ARG K 117 40.95 -37.23 -4.97
C ARG K 117 39.90 -36.52 -5.80
N HIS K 118 40.26 -35.52 -6.59
CA HIS K 118 39.27 -34.86 -7.43
C HIS K 118 39.10 -35.68 -8.71
N VAL K 119 37.97 -35.53 -9.39
CA VAL K 119 37.74 -36.20 -10.67
C VAL K 119 37.56 -35.14 -11.73
N VAL K 120 38.22 -35.37 -12.87
CA VAL K 120 37.91 -34.63 -14.07
C VAL K 120 37.48 -35.72 -15.05
N SER K 121 36.19 -35.82 -15.35
CA SER K 121 35.66 -36.86 -16.24
C SER K 121 35.50 -36.34 -17.67
N GLU K 122 35.86 -37.14 -18.68
CA GLU K 122 35.53 -36.81 -20.06
C GLU K 122 34.01 -36.91 -20.21
N LYS K 123 33.47 -36.39 -21.31
CA LYS K 123 32.04 -36.46 -21.61
C LYS K 123 31.75 -37.71 -22.43
N PRO K 124 30.53 -38.24 -22.32
CA PRO K 124 29.51 -37.63 -21.47
C PRO K 124 29.89 -38.04 -20.05
N MET K 125 29.42 -37.44 -18.96
CA MET K 125 29.85 -37.94 -17.67
C MET K 125 29.39 -39.37 -17.37
N ALA K 126 28.33 -39.87 -18.01
CA ALA K 126 27.79 -41.20 -17.71
C ALA K 126 26.91 -41.60 -18.89
N THR K 127 26.55 -42.87 -18.97
CA THR K 127 25.64 -43.21 -20.05
C THR K 127 24.24 -43.36 -19.49
N ARG K 128 24.13 -43.58 -18.18
CA ARG K 128 22.86 -43.75 -17.49
C ARG K 128 22.60 -42.63 -16.48
N TRP K 129 21.43 -42.02 -16.59
CA TRP K 129 20.96 -40.94 -15.73
C TRP K 129 21.18 -41.21 -14.24
N GLU K 130 20.72 -42.34 -13.69
CA GLU K 130 20.96 -42.63 -12.29
C GLU K 130 22.44 -42.77 -11.92
N ASP K 131 23.31 -43.16 -12.83
CA ASP K 131 24.73 -43.15 -12.49
C ASP K 131 25.26 -41.71 -12.44
N GLY K 132 24.82 -40.86 -13.36
CA GLY K 132 25.32 -39.50 -13.36
C GLY K 132 25.03 -38.88 -12.00
N LYS K 133 23.82 -39.03 -11.46
CA LYS K 133 23.46 -38.48 -10.14
C LYS K 133 24.25 -39.13 -9.02
N ARG K 134 24.60 -40.40 -9.15
CA ARG K 134 25.37 -41.04 -8.10
C ARG K 134 26.79 -40.49 -8.06
N MET K 135 27.38 -40.30 -9.23
CA MET K 135 28.69 -39.69 -9.31
C MET K 135 28.66 -38.40 -8.51
N VAL K 136 27.67 -37.56 -8.75
CA VAL K 136 27.60 -36.19 -8.23
C VAL K 136 27.41 -36.23 -6.71
N LYS K 137 26.52 -37.09 -6.26
CA LYS K 137 26.40 -37.38 -4.83
C LYS K 137 27.69 -37.85 -4.15
N ALA K 138 28.52 -38.66 -4.80
CA ALA K 138 29.72 -39.18 -4.14
C ALA K 138 30.85 -38.16 -4.03
N CYS K 139 31.05 -37.36 -5.07
CA CYS K 139 32.00 -36.27 -4.96
C CYS K 139 31.53 -35.23 -3.95
N ASP K 140 30.23 -34.98 -3.92
CA ASP K 140 29.62 -34.09 -2.93
C ASP K 140 30.03 -34.60 -1.56
N GLU K 141 29.67 -35.86 -1.28
CA GLU K 141 29.67 -36.45 0.05
C GLU K 141 31.08 -36.59 0.58
N ALA K 142 32.05 -36.61 -0.33
CA ALA K 142 33.45 -36.64 0.05
C ALA K 142 34.15 -35.30 -0.19
N GLY K 143 33.37 -34.24 -0.41
CA GLY K 143 33.92 -32.90 -0.60
C GLY K 143 35.11 -32.84 -1.52
N VAL K 144 34.92 -33.28 -2.76
CA VAL K 144 36.01 -33.34 -3.73
C VAL K 144 35.44 -32.82 -5.03
N ARG K 145 36.28 -32.24 -5.88
CA ARG K 145 35.80 -31.57 -7.09
C ARG K 145 35.47 -32.56 -8.21
N LEU K 146 34.48 -32.25 -9.04
CA LEU K 146 34.11 -33.02 -10.22
C LEU K 146 34.04 -32.14 -11.46
N PHE K 147 34.97 -32.29 -12.40
CA PHE K 147 34.84 -31.50 -13.62
C PHE K 147 34.30 -32.45 -14.67
N VAL K 148 33.51 -31.92 -15.60
CA VAL K 148 33.18 -32.76 -16.73
C VAL K 148 33.67 -31.95 -17.91
N VAL K 149 34.40 -32.58 -18.84
CA VAL K 149 34.98 -31.92 -20.00
C VAL K 149 34.04 -31.44 -21.09
N LYS K 150 33.79 -30.15 -21.18
CA LYS K 150 33.10 -29.63 -22.36
C LYS K 150 33.92 -28.62 -23.16
N GLN K 151 34.89 -29.11 -23.94
CA GLN K 151 35.90 -28.17 -24.41
C GLN K 151 35.36 -27.20 -25.46
N ASN K 152 34.22 -27.52 -26.07
CA ASN K 152 33.69 -26.67 -27.13
C ASN K 152 33.15 -25.35 -26.59
N ARG K 153 32.88 -25.27 -25.29
CA ARG K 153 32.21 -24.06 -24.81
C ARG K 153 33.16 -22.88 -24.92
N ARG K 154 34.45 -23.18 -25.07
CA ARG K 154 35.33 -22.05 -25.24
C ARG K 154 35.75 -21.78 -26.68
N ASN K 155 35.27 -22.57 -27.63
CA ASN K 155 35.38 -22.14 -29.01
C ASN K 155 35.14 -20.64 -29.16
N ALA K 156 35.84 -20.05 -30.10
CA ALA K 156 35.78 -18.62 -30.33
C ALA K 156 34.35 -18.23 -30.69
N THR K 157 33.80 -18.92 -31.68
CA THR K 157 32.50 -18.58 -32.26
C THR K 157 31.38 -18.59 -31.22
N LEU K 158 31.38 -19.63 -30.39
CA LEU K 158 30.27 -19.98 -29.51
C LEU K 158 30.29 -19.05 -28.32
N GLN K 159 31.52 -18.64 -28.02
CA GLN K 159 31.77 -17.56 -27.06
C GLN K 159 31.10 -16.24 -27.44
N LEU K 160 31.17 -15.86 -28.72
CA LEU K 160 30.47 -14.69 -29.20
C LEU K 160 28.95 -14.86 -29.12
N VAL K 161 28.46 -16.05 -29.44
CA VAL K 161 27.01 -16.26 -29.42
C VAL K 161 26.54 -16.16 -27.98
N LYS K 162 27.32 -16.76 -27.09
CA LYS K 162 26.93 -16.77 -25.69
C LYS K 162 26.88 -15.34 -25.18
N LYS K 163 27.88 -14.54 -25.53
CA LYS K 163 27.85 -13.14 -25.12
C LYS K 163 26.69 -12.31 -25.71
N ALA K 164 26.35 -12.54 -26.97
CA ALA K 164 25.26 -11.79 -27.58
C ALA K 164 23.93 -12.17 -26.92
N ILE K 165 23.79 -13.43 -26.56
CA ILE K 165 22.58 -13.83 -25.86
C ILE K 165 22.60 -13.22 -24.46
N GLU K 166 23.71 -13.36 -23.75
CA GLU K 166 23.71 -12.94 -22.35
C GLU K 166 23.47 -11.44 -22.26
N GLN K 167 23.89 -10.71 -23.28
CA GLN K 167 23.60 -9.29 -23.34
C GLN K 167 22.18 -8.87 -23.74
N GLY K 168 21.32 -9.81 -24.15
CA GLY K 168 19.96 -9.48 -24.55
C GLY K 168 19.84 -9.07 -26.00
N ARG K 169 20.92 -9.25 -26.75
CA ARG K 169 20.87 -8.72 -28.11
C ARG K 169 19.74 -9.37 -28.88
N PHE K 170 19.36 -10.61 -28.54
CA PHE K 170 18.41 -11.29 -29.41
C PHE K 170 16.97 -10.85 -29.20
N GLY K 171 16.68 -10.41 -27.97
CA GLY K 171 15.32 -10.10 -27.56
C GLY K 171 14.66 -11.43 -27.28
N ARG K 172 13.35 -11.54 -27.44
CA ARG K 172 12.72 -12.84 -27.31
C ARG K 172 13.26 -13.87 -28.28
N ILE K 173 13.74 -15.03 -27.82
CA ILE K 173 14.18 -16.10 -28.72
C ILE K 173 13.08 -17.02 -29.22
N TYR K 174 13.03 -17.30 -30.52
CA TYR K 174 11.85 -17.94 -31.12
C TYR K 174 12.16 -19.36 -31.61
N MET K 175 13.30 -19.54 -32.26
CA MET K 175 13.54 -20.76 -33.01
C MET K 175 15.03 -21.06 -33.03
N VAL K 176 15.40 -22.33 -32.81
CA VAL K 176 16.77 -22.82 -32.75
C VAL K 176 16.88 -24.12 -33.57
N THR K 177 17.76 -24.13 -34.57
CA THR K 177 18.02 -25.38 -35.27
C THR K 177 19.51 -25.67 -35.13
N VAL K 178 19.79 -26.89 -34.70
CA VAL K 178 21.11 -27.51 -34.63
C VAL K 178 21.18 -28.73 -35.54
N ASN K 179 22.22 -28.77 -36.38
CA ASN K 179 22.49 -29.96 -37.19
C ASN K 179 23.88 -30.55 -37.00
N VAL K 180 23.94 -31.87 -36.94
CA VAL K 180 25.17 -32.64 -36.94
C VAL K 180 25.05 -33.81 -37.91
N PHE K 181 25.49 -33.51 -39.12
CA PHE K 181 25.49 -34.41 -40.27
C PHE K 181 26.95 -34.81 -40.49
N TRP K 182 27.39 -35.88 -39.85
CA TRP K 182 28.80 -36.26 -39.86
C TRP K 182 28.91 -37.69 -40.38
N THR K 183 30.11 -38.27 -40.29
CA THR K 183 30.33 -39.59 -40.87
C THR K 183 31.13 -40.52 -39.98
N ARG K 184 30.60 -41.70 -39.68
CA ARG K 184 31.41 -42.69 -38.97
C ARG K 184 31.24 -44.04 -39.65
N PRO K 185 32.32 -44.63 -40.19
CA PRO K 185 32.11 -45.85 -40.95
C PRO K 185 32.02 -47.06 -40.01
N GLN K 186 31.57 -48.20 -40.53
CA GLN K 186 31.55 -49.40 -39.70
C GLN K 186 32.85 -49.59 -38.93
N GLU K 187 33.98 -49.35 -39.58
CA GLU K 187 35.25 -49.69 -38.95
C GLU K 187 35.45 -48.94 -37.65
N TYR K 188 35.04 -47.67 -37.64
CA TYR K 188 35.19 -46.80 -36.47
C TYR K 188 34.58 -47.46 -35.24
N TYR K 189 33.39 -48.04 -35.39
CA TYR K 189 32.72 -48.71 -34.28
C TYR K 189 33.45 -50.00 -33.93
N ASP K 190 34.10 -50.55 -34.95
CA ASP K 190 34.70 -51.88 -34.83
C ASP K 190 36.03 -51.82 -34.09
N ALA K 191 36.62 -50.65 -33.98
CA ALA K 191 37.95 -50.59 -33.39
C ALA K 191 38.02 -50.88 -31.88
N ALA K 192 36.89 -51.00 -31.20
CA ALA K 192 36.82 -51.55 -29.84
C ALA K 192 35.38 -51.91 -29.43
N ARG K 193 35.21 -53.01 -28.71
CA ARG K 193 33.88 -53.52 -28.36
C ARG K 193 32.91 -52.59 -27.65
N TRP K 194 33.43 -51.66 -26.85
CA TRP K 194 32.57 -50.79 -26.05
C TRP K 194 31.78 -49.79 -26.90
N ARG K 195 32.25 -49.48 -28.11
CA ARG K 195 31.61 -48.44 -28.91
C ARG K 195 30.25 -48.81 -29.51
N GLY K 196 29.34 -47.84 -29.56
CA GLY K 196 28.01 -48.06 -30.14
C GLY K 196 27.18 -48.90 -29.21
N LYS K 197 27.69 -49.22 -28.02
CA LYS K 197 26.89 -49.91 -27.02
C LYS K 197 26.16 -49.01 -26.01
N TRP K 198 24.97 -49.46 -25.60
CA TRP K 198 24.12 -48.70 -24.69
C TRP K 198 24.89 -48.60 -23.37
N GLU K 199 25.33 -49.73 -22.82
CA GLU K 199 25.91 -49.67 -21.48
C GLU K 199 27.14 -48.75 -21.47
N TRP K 200 27.96 -48.76 -22.51
CA TRP K 200 29.29 -48.14 -22.46
C TRP K 200 29.42 -46.81 -23.21
N ASP K 201 28.58 -46.60 -24.21
CA ASP K 201 28.83 -45.46 -25.09
C ASP K 201 27.55 -44.73 -25.47
N GLY K 202 26.46 -45.46 -25.68
CA GLY K 202 25.32 -44.90 -26.40
C GLY K 202 25.63 -44.58 -27.84
N GLY K 203 24.83 -43.71 -28.45
CA GLY K 203 24.83 -43.64 -29.91
C GLY K 203 25.27 -42.29 -30.39
N ALA K 204 24.86 -41.97 -31.61
CA ALA K 204 25.15 -40.70 -32.25
C ALA K 204 24.89 -39.43 -31.43
N PHE K 205 23.85 -39.46 -30.61
CA PHE K 205 23.52 -38.28 -29.80
C PHE K 205 24.45 -38.25 -28.59
N MET K 206 24.56 -39.37 -27.89
CA MET K 206 25.25 -39.38 -26.61
C MET K 206 26.76 -39.33 -26.79
N ASN K 207 27.27 -39.87 -27.90
CA ASN K 207 28.72 -39.83 -28.05
C ASN K 207 29.05 -38.60 -28.89
N GLN K 208 28.94 -38.69 -30.21
CA GLN K 208 29.42 -37.65 -31.11
C GLN K 208 28.75 -36.28 -31.00
N ALA K 209 27.43 -36.21 -30.87
CA ALA K 209 26.83 -34.88 -30.88
C ALA K 209 26.52 -34.35 -29.47
N SER K 210 26.99 -35.00 -28.40
CA SER K 210 26.74 -34.44 -27.08
C SER K 210 27.23 -33.01 -26.98
N HIS K 211 28.40 -32.71 -27.52
CA HIS K 211 28.84 -31.32 -27.51
C HIS K 211 27.77 -30.33 -27.96
N TYR K 212 26.94 -30.79 -28.89
CA TYR K 212 26.01 -29.92 -29.61
C TYR K 212 24.69 -29.98 -28.88
N VAL K 213 24.43 -31.11 -28.24
CA VAL K 213 23.36 -31.19 -27.23
C VAL K 213 23.55 -30.27 -26.03
N ASP K 214 24.78 -30.13 -25.57
CA ASP K 214 25.16 -29.24 -24.47
C ASP K 214 24.84 -27.78 -24.76
N LEU K 215 24.87 -27.45 -26.05
CA LEU K 215 24.59 -26.08 -26.47
C LEU K 215 23.15 -25.65 -26.20
N LEU K 216 22.23 -26.58 -26.43
CA LEU K 216 20.81 -26.31 -26.24
C LEU K 216 20.52 -25.61 -24.92
N ASP K 217 21.00 -26.20 -23.82
CA ASP K 217 20.84 -25.60 -22.50
C ASP K 217 21.76 -24.41 -22.18
N TRP K 218 23.05 -24.57 -22.45
CA TRP K 218 24.05 -23.58 -22.05
C TRP K 218 23.83 -22.24 -22.77
N LEU K 219 23.66 -22.30 -24.09
CA LEU K 219 23.40 -21.14 -24.93
C LEU K 219 22.01 -20.57 -24.77
N VAL K 220 20.98 -21.42 -24.88
CA VAL K 220 19.61 -20.93 -25.03
C VAL K 220 18.81 -20.89 -23.73
N GLY K 221 19.13 -21.66 -22.70
CA GLY K 221 18.33 -21.63 -21.47
C GLY K 221 17.70 -22.99 -21.20
N PRO K 222 16.91 -23.13 -20.12
CA PRO K 222 16.36 -24.42 -19.68
C PRO K 222 15.33 -25.05 -20.62
N VAL K 223 15.47 -26.34 -20.91
CA VAL K 223 14.60 -26.93 -21.92
C VAL K 223 13.40 -27.43 -21.14
N GLU K 224 12.20 -27.27 -21.68
CA GLU K 224 11.04 -27.73 -20.92
C GLU K 224 10.72 -29.19 -21.22
N SER K 225 10.80 -29.55 -22.50
CA SER K 225 10.59 -30.96 -22.86
C SER K 225 11.10 -31.22 -24.28
N VAL K 226 11.21 -32.50 -24.64
CA VAL K 226 11.64 -32.89 -25.98
C VAL K 226 10.76 -34.02 -26.49
N TYR K 227 10.75 -34.19 -27.81
CA TYR K 227 10.31 -35.43 -28.44
C TYR K 227 11.31 -35.85 -29.51
N ALA K 228 11.62 -37.13 -29.49
CA ALA K 228 12.65 -37.64 -30.38
C ALA K 228 12.24 -38.92 -31.10
N TYR K 229 12.65 -39.01 -32.36
CA TYR K 229 12.86 -40.27 -33.07
C TYR K 229 14.33 -40.63 -33.23
N THR K 230 14.68 -41.89 -32.96
CA THR K 230 16.02 -42.31 -33.38
C THR K 230 15.97 -43.72 -33.96
N ALA K 231 16.99 -44.08 -34.74
CA ALA K 231 17.11 -45.49 -35.12
C ALA K 231 18.52 -45.84 -35.57
N THR K 232 18.80 -47.14 -35.58
CA THR K 232 20.03 -47.65 -36.17
C THR K 232 19.75 -47.90 -37.65
N LEU K 233 20.06 -46.94 -38.52
CA LEU K 233 19.65 -47.13 -39.91
C LEU K 233 20.67 -47.91 -40.74
N ALA K 234 21.96 -47.92 -40.41
CA ALA K 234 22.90 -48.65 -41.24
C ALA K 234 24.08 -49.33 -40.52
N ARG K 235 24.48 -48.88 -39.34
CA ARG K 235 25.62 -49.49 -38.68
C ARG K 235 25.19 -50.73 -37.92
N ARG K 236 26.11 -51.66 -37.67
CA ARG K 236 25.76 -52.81 -36.84
C ARG K 236 26.22 -52.44 -35.43
N ILE K 237 25.43 -51.66 -34.69
CA ILE K 237 25.78 -51.26 -33.33
C ILE K 237 24.51 -51.33 -32.51
N GLU K 238 24.59 -51.24 -31.19
CA GLU K 238 23.35 -51.30 -30.42
C GLU K 238 22.55 -50.00 -30.48
N ALA K 239 23.23 -48.85 -30.49
CA ALA K 239 22.59 -47.57 -30.16
C ALA K 239 22.25 -46.94 -31.51
N GLU K 240 21.86 -45.68 -31.55
CA GLU K 240 21.32 -45.13 -32.80
C GLU K 240 22.41 -44.49 -33.65
N ASP K 241 22.25 -44.49 -34.97
CA ASP K 241 23.14 -43.73 -35.84
C ASP K 241 22.46 -42.51 -36.46
N THR K 242 21.16 -42.42 -36.28
CA THR K 242 20.46 -41.28 -36.85
C THR K 242 19.33 -40.85 -35.93
N GLY K 243 19.00 -39.56 -35.88
CA GLY K 243 17.91 -39.17 -35.00
C GLY K 243 17.55 -37.72 -35.10
N VAL K 244 16.34 -37.40 -34.63
CA VAL K 244 15.87 -36.02 -34.61
C VAL K 244 15.29 -35.84 -33.21
N ALA K 245 15.48 -34.68 -32.57
CA ALA K 245 14.61 -34.35 -31.46
C ALA K 245 13.98 -32.99 -31.70
N ALA K 246 12.65 -32.89 -31.56
CA ALA K 246 12.03 -31.57 -31.44
C ALA K 246 12.15 -31.10 -30.00
N LEU K 247 12.27 -29.80 -29.79
CA LEU K 247 12.53 -29.25 -28.45
C LEU K 247 11.60 -28.09 -28.11
N ARG K 248 11.19 -27.96 -26.86
CA ARG K 248 10.59 -26.68 -26.48
C ARG K 248 11.22 -26.20 -25.19
N TRP K 249 11.53 -24.91 -25.13
CA TRP K 249 12.24 -24.28 -24.02
C TRP K 249 11.22 -23.64 -23.07
N ARG K 250 11.56 -23.50 -21.80
CA ARG K 250 10.67 -22.87 -20.82
C ARG K 250 10.28 -21.46 -21.21
N HIS K 251 11.15 -20.73 -21.90
CA HIS K 251 10.85 -19.34 -22.19
C HIS K 251 9.98 -19.34 -23.44
N GLY K 252 9.65 -20.54 -23.91
CA GLY K 252 8.81 -20.64 -25.09
C GLY K 252 9.47 -20.82 -26.45
N ALA K 253 10.78 -20.67 -26.60
CA ALA K 253 11.31 -20.92 -27.94
C ALA K 253 11.08 -22.38 -28.34
N MET K 254 11.15 -22.66 -29.64
CA MET K 254 11.08 -24.02 -30.15
C MET K 254 12.23 -24.41 -31.07
N GLY K 255 12.47 -25.70 -31.23
CA GLY K 255 13.52 -26.06 -32.18
C GLY K 255 13.72 -27.55 -32.41
N SER K 256 14.83 -27.84 -33.10
CA SER K 256 15.23 -29.22 -33.35
C SER K 256 16.73 -29.41 -33.40
N ILE K 257 17.11 -30.64 -33.08
CA ILE K 257 18.46 -31.13 -33.30
C ILE K 257 18.41 -32.43 -34.09
N ASN K 258 19.01 -32.39 -35.28
CA ASN K 258 18.97 -33.39 -36.35
C ASN K 258 20.37 -34.00 -36.46
N VAL K 259 20.49 -35.31 -36.31
CA VAL K 259 21.83 -35.85 -36.21
C VAL K 259 21.94 -37.14 -37.00
N THR K 260 22.98 -37.27 -37.83
CA THR K 260 23.35 -38.58 -38.38
C THR K 260 24.87 -38.72 -38.51
N MET K 261 25.38 -39.91 -38.26
CA MET K 261 26.75 -40.35 -38.49
C MET K 261 26.87 -41.14 -39.80
N LEU K 262 25.88 -41.01 -40.69
CA LEU K 262 25.72 -41.75 -41.95
C LEU K 262 25.86 -40.88 -43.19
N THR K 263 26.48 -39.71 -43.06
CA THR K 263 26.48 -38.69 -44.11
C THR K 263 27.52 -39.11 -45.15
N TYR K 264 27.13 -39.19 -46.42
CA TYR K 264 28.02 -39.52 -47.52
C TYR K 264 28.64 -38.24 -48.06
N PRO K 265 29.97 -38.19 -48.28
CA PRO K 265 30.86 -39.25 -47.86
C PRO K 265 31.78 -38.87 -46.70
N GLN K 266 31.62 -37.67 -46.15
CA GLN K 266 32.43 -37.23 -45.03
C GLN K 266 31.69 -36.19 -44.18
N ASN K 267 32.19 -35.88 -42.98
CA ASN K 267 31.51 -34.86 -42.20
C ASN K 267 31.01 -33.83 -43.20
N LEU K 268 29.77 -33.37 -43.08
CA LEU K 268 29.28 -32.27 -43.91
C LEU K 268 28.91 -31.01 -43.14
N GLU K 269 28.36 -31.13 -41.94
CA GLU K 269 27.86 -29.98 -41.18
C GLU K 269 27.79 -30.20 -39.67
N GLY K 270 28.21 -29.16 -38.95
CA GLY K 270 28.03 -29.00 -37.50
C GLY K 270 27.55 -27.59 -37.25
N SER K 271 26.25 -27.37 -37.09
CA SER K 271 25.68 -26.01 -37.16
C SER K 271 24.66 -25.66 -36.09
N ILE K 272 24.52 -24.36 -35.83
CA ILE K 272 23.41 -23.89 -34.99
C ILE K 272 22.87 -22.55 -35.49
N THR K 273 21.56 -22.48 -35.70
CA THR K 273 20.85 -21.29 -36.21
C THR K 273 20.01 -20.82 -35.03
N ILE K 274 20.11 -19.54 -34.70
CA ILE K 274 19.31 -18.99 -33.61
C ILE K 274 18.53 -17.79 -34.15
N LEU K 275 17.21 -17.86 -34.04
CA LEU K 275 16.31 -16.83 -34.54
C LEU K 275 15.52 -16.20 -33.41
N GLY K 276 15.63 -14.89 -33.29
CA GLY K 276 15.06 -14.23 -32.13
C GLY K 276 14.39 -12.97 -32.64
N GLU K 277 13.69 -12.25 -31.77
CA GLU K 277 12.95 -11.07 -32.20
C GLU K 277 13.83 -10.01 -32.88
N LYS K 278 14.96 -9.70 -32.24
CA LYS K 278 15.83 -8.66 -32.77
C LYS K 278 17.16 -9.21 -33.27
N GLY K 279 17.26 -10.54 -33.40
CA GLY K 279 18.57 -11.12 -33.69
C GLY K 279 18.50 -12.36 -34.56
N THR K 280 19.53 -12.55 -35.35
CA THR K 280 19.49 -13.72 -36.19
C THR K 280 20.92 -14.18 -36.32
N VAL K 281 21.22 -15.40 -35.90
CA VAL K 281 22.62 -15.79 -36.00
C VAL K 281 22.62 -17.21 -36.49
N ARG K 282 23.51 -17.51 -37.42
CA ARG K 282 23.80 -18.90 -37.78
C ARG K 282 25.31 -19.13 -37.67
N VAL K 283 25.70 -20.21 -36.99
CA VAL K 283 27.09 -20.62 -36.96
C VAL K 283 27.25 -21.94 -37.70
N GLY K 284 28.06 -21.94 -38.76
CA GLY K 284 28.17 -23.07 -39.67
C GLY K 284 29.49 -23.80 -39.87
N GLY K 285 29.57 -24.61 -40.91
CA GLY K 285 30.78 -25.36 -41.26
C GLY K 285 30.64 -26.79 -40.77
N VAL K 286 31.75 -27.53 -40.72
CA VAL K 286 31.69 -28.90 -40.25
C VAL K 286 31.61 -28.99 -38.74
N ALA K 287 31.81 -27.86 -38.05
CA ALA K 287 32.00 -27.90 -36.61
C ALA K 287 31.89 -26.56 -35.87
N VAL K 288 30.71 -25.95 -35.94
CA VAL K 288 30.43 -24.62 -35.43
C VAL K 288 31.63 -23.67 -35.47
N ASN K 289 32.42 -23.82 -36.53
CA ASN K 289 33.61 -23.04 -36.74
C ASN K 289 33.37 -21.71 -37.45
N ARG K 290 32.32 -21.57 -38.27
CA ARG K 290 32.20 -20.37 -39.08
C ARG K 290 30.89 -19.58 -39.00
N ILE K 291 30.98 -18.29 -38.69
CA ILE K 291 29.82 -17.42 -38.59
C ILE K 291 29.25 -16.98 -39.93
N ASP K 292 28.09 -17.53 -40.28
CA ASP K 292 27.53 -17.37 -41.63
C ASP K 292 26.50 -16.25 -41.64
N GLU K 293 25.99 -15.92 -40.46
CA GLU K 293 24.96 -14.90 -40.40
C GLU K 293 25.06 -14.30 -39.01
N TRP K 294 24.86 -12.98 -38.95
CA TRP K 294 25.07 -12.23 -37.72
C TRP K 294 24.32 -10.92 -38.00
N LYS K 295 23.08 -10.83 -37.54
CA LYS K 295 22.24 -9.68 -37.84
C LYS K 295 21.52 -9.32 -36.55
N PHE K 296 21.57 -8.04 -36.21
CA PHE K 296 20.90 -7.54 -35.02
C PHE K 296 20.27 -6.20 -35.36
N ALA K 297 19.40 -5.74 -34.47
CA ALA K 297 18.63 -4.54 -34.74
C ALA K 297 19.38 -3.32 -34.19
N GLU K 298 20.69 -3.47 -34.01
CA GLU K 298 21.50 -2.45 -33.37
C GLU K 298 22.90 -3.00 -33.13
N PRO K 299 23.92 -2.37 -33.74
CA PRO K 299 25.32 -2.76 -33.92
C PRO K 299 26.14 -3.04 -32.67
N GLY K 320 40.78 -25.64 -27.25
CA GLY K 320 40.55 -27.08 -27.18
C GLY K 320 40.58 -27.58 -25.75
N HIS K 321 41.12 -28.78 -25.53
CA HIS K 321 41.36 -29.27 -24.17
C HIS K 321 42.37 -28.41 -23.42
N PRO K 322 43.34 -27.84 -24.15
CA PRO K 322 44.28 -26.84 -23.67
C PRO K 322 43.62 -25.70 -22.90
N LEU K 323 42.66 -25.03 -23.53
CA LEU K 323 41.94 -23.97 -22.85
C LEU K 323 41.03 -24.49 -21.74
N TYR K 324 40.59 -25.74 -21.83
CA TYR K 324 39.76 -26.38 -20.80
C TYR K 324 40.55 -26.50 -19.49
N TYR K 325 41.72 -27.13 -19.52
CA TYR K 325 42.49 -27.36 -18.29
C TYR K 325 42.86 -26.07 -17.55
N ASP K 326 43.05 -25.00 -18.31
CA ASP K 326 43.33 -23.69 -17.73
C ASP K 326 42.33 -23.38 -16.63
N ASN K 327 41.08 -23.73 -16.89
CA ASN K 327 40.07 -23.54 -15.86
C ASN K 327 40.12 -24.59 -14.77
N VAL K 328 40.49 -25.82 -15.13
CA VAL K 328 40.52 -26.86 -14.12
C VAL K 328 41.69 -26.60 -13.19
N ILE K 329 42.74 -26.05 -13.79
CA ILE K 329 43.95 -25.71 -13.07
C ILE K 329 43.71 -24.47 -12.21
N ASN K 330 43.25 -23.39 -12.83
CA ASN K 330 42.91 -22.19 -12.07
C ASN K 330 42.05 -22.61 -10.88
N CYS K 331 41.29 -23.68 -11.04
CA CYS K 331 40.27 -23.98 -10.05
C CYS K 331 40.81 -24.85 -8.92
N LEU K 332 41.62 -25.85 -9.29
CA LEU K 332 42.24 -26.66 -8.26
C LEU K 332 43.16 -25.78 -7.40
N ARG K 333 43.72 -24.73 -7.99
CA ARG K 333 44.53 -23.78 -7.25
C ARG K 333 43.71 -22.71 -6.55
N GLY K 334 42.61 -23.09 -5.90
CA GLY K 334 41.75 -22.17 -5.17
C GLY K 334 41.21 -20.94 -5.87
N ASP K 335 41.62 -20.67 -7.11
CA ASP K 335 41.36 -19.38 -7.77
C ASP K 335 39.93 -19.12 -8.25
N CYS K 336 39.05 -20.10 -8.08
CA CYS K 336 37.95 -20.24 -9.03
C CYS K 336 37.01 -21.38 -8.68
N GLU K 337 35.94 -21.42 -9.46
CA GLU K 337 35.00 -22.54 -9.43
C GLU K 337 34.87 -22.96 -10.89
N PRO K 338 34.69 -24.28 -11.10
CA PRO K 338 34.78 -24.88 -12.43
C PRO K 338 33.71 -24.28 -13.33
N GLU K 339 33.98 -24.26 -14.64
CA GLU K 339 32.95 -23.88 -15.61
C GLU K 339 31.97 -25.01 -15.86
N THR K 340 32.50 -26.22 -16.07
CA THR K 340 31.61 -27.37 -16.15
C THR K 340 31.96 -28.32 -15.01
N ASP K 341 31.41 -28.03 -13.84
CA ASP K 341 31.43 -29.01 -12.77
C ASP K 341 30.44 -30.13 -13.04
N GLY K 342 30.30 -31.04 -12.08
CA GLY K 342 29.40 -32.19 -12.20
C GLY K 342 27.97 -31.80 -12.51
N ARG K 343 27.41 -30.88 -11.73
CA ARG K 343 26.04 -30.43 -11.96
C ARG K 343 25.83 -29.90 -13.37
N GLU K 344 26.77 -29.12 -13.89
CA GLU K 344 26.61 -28.60 -15.24
C GLU K 344 26.56 -29.82 -16.15
N GLY K 345 27.35 -30.83 -15.81
CA GLY K 345 27.42 -32.05 -16.63
C GLY K 345 26.08 -32.76 -16.70
N LEU K 346 25.30 -32.67 -15.61
CA LEU K 346 24.02 -33.34 -15.42
C LEU K 346 22.92 -32.71 -16.27
N GLN K 347 23.06 -31.42 -16.52
CA GLN K 347 22.14 -30.70 -17.38
C GLN K 347 22.05 -31.35 -18.76
N SER K 348 23.19 -31.57 -19.41
CA SER K 348 23.10 -32.21 -20.71
C SER K 348 22.94 -33.73 -20.57
N LEU K 349 23.35 -34.32 -19.46
CA LEU K 349 22.95 -35.72 -19.35
C LEU K 349 21.43 -35.85 -19.21
N ALA K 350 20.79 -34.94 -18.49
CA ALA K 350 19.34 -35.01 -18.37
C ALA K 350 18.69 -34.96 -19.74
N LEU K 351 19.08 -33.98 -20.54
CA LEU K 351 18.55 -33.88 -21.90
C LEU K 351 18.79 -35.11 -22.77
N LEU K 352 20.00 -35.67 -22.67
CA LEU K 352 20.28 -36.84 -23.49
C LEU K 352 19.37 -37.96 -22.99
N THR K 353 19.03 -38.01 -21.70
CA THR K 353 18.18 -39.12 -21.25
C THR K 353 16.75 -38.89 -21.74
N ALA K 354 16.26 -37.67 -21.61
CA ALA K 354 14.94 -37.31 -22.10
C ALA K 354 14.90 -37.71 -23.57
N ILE K 355 15.90 -37.31 -24.36
CA ILE K 355 15.90 -37.71 -25.77
C ILE K 355 15.82 -39.23 -25.95
N TYR K 356 16.72 -39.98 -25.34
CA TYR K 356 16.61 -41.44 -25.38
C TYR K 356 15.30 -42.01 -24.85
N ARG K 357 14.83 -41.55 -23.70
CA ARG K 357 13.58 -42.10 -23.20
C ARG K 357 12.49 -41.81 -24.23
N SER K 358 12.51 -40.61 -24.81
CA SER K 358 11.49 -40.27 -25.80
C SER K 358 11.50 -41.17 -27.03
N ALA K 359 12.69 -41.34 -27.58
CA ALA K 359 12.82 -42.20 -28.76
C ALA K 359 12.37 -43.61 -28.39
N ARG K 360 12.74 -44.10 -27.21
CA ARG K 360 12.35 -45.48 -26.94
C ARG K 360 10.84 -45.62 -26.73
N ASP K 361 10.24 -44.68 -26.01
CA ASP K 361 8.86 -44.78 -25.54
C ASP K 361 7.87 -44.11 -26.48
N GLY K 362 8.29 -43.29 -27.44
CA GLY K 362 7.28 -42.77 -28.37
C GLY K 362 6.41 -41.69 -27.74
N VAL K 363 7.00 -40.97 -26.78
CA VAL K 363 6.22 -40.11 -25.92
C VAL K 363 7.03 -38.85 -25.60
N ARG K 364 6.41 -37.66 -25.54
CA ARG K 364 7.12 -36.44 -25.16
C ARG K 364 7.72 -36.63 -23.78
N ILE K 365 8.96 -36.17 -23.54
CA ILE K 365 9.57 -36.33 -22.23
C ILE K 365 9.89 -34.95 -21.65
N PRO K 366 9.26 -34.62 -20.50
CA PRO K 366 9.48 -33.32 -19.87
C PRO K 366 10.57 -33.35 -18.80
N LEU K 367 11.25 -32.21 -18.63
CA LEU K 367 12.27 -31.97 -17.61
C LEU K 367 11.71 -31.11 -16.47
N PRO K 368 12.39 -31.11 -15.32
CA PRO K 368 13.56 -31.89 -14.93
C PRO K 368 13.12 -33.33 -14.66
N LEU K 369 14.04 -34.28 -14.78
CA LEU K 369 13.73 -35.69 -14.57
C LEU K 369 13.54 -36.04 -13.10
N ASP K 370 13.02 -37.22 -12.79
CA ASP K 370 13.07 -37.63 -11.41
C ASP K 370 14.42 -38.21 -11.03
N ARG L 29 -12.89 -25.82 -79.20
CA ARG L 29 -12.97 -24.43 -78.68
C ARG L 29 -12.07 -24.15 -77.47
N LYS L 30 -12.41 -23.07 -76.75
CA LYS L 30 -11.56 -22.59 -75.67
C LYS L 30 -12.18 -22.91 -74.32
N ILE L 31 -11.53 -23.81 -73.59
CA ILE L 31 -11.77 -24.00 -72.15
C ILE L 31 -12.21 -22.69 -71.49
N ARG L 32 -13.34 -22.69 -70.80
CA ARG L 32 -13.78 -21.45 -70.15
C ARG L 32 -13.86 -21.45 -68.62
N PHE L 33 -13.06 -20.59 -68.01
CA PHE L 33 -12.89 -20.49 -66.56
C PHE L 33 -13.69 -19.41 -65.82
N GLY L 34 -14.32 -19.80 -64.73
CA GLY L 34 -14.93 -18.87 -63.78
C GLY L 34 -13.99 -18.57 -62.63
N LEU L 35 -14.06 -17.36 -62.09
CA LEU L 35 -13.14 -17.05 -61.00
C LEU L 35 -13.84 -16.68 -59.69
N VAL L 36 -13.43 -17.40 -58.65
CA VAL L 36 -14.02 -17.19 -57.34
C VAL L 36 -13.01 -16.66 -56.34
N GLY L 37 -13.08 -15.35 -56.11
CA GLY L 37 -12.16 -14.62 -55.24
C GLY L 37 -11.26 -13.72 -56.06
N CYS L 38 -11.40 -12.41 -55.92
CA CYS L 38 -10.52 -11.50 -56.65
C CYS L 38 -9.58 -10.69 -55.78
N GLY L 39 -8.92 -11.36 -54.85
CA GLY L 39 -7.89 -10.73 -54.02
C GLY L 39 -6.51 -10.95 -54.61
N ARG L 40 -5.50 -10.85 -53.77
CA ARG L 40 -4.10 -10.87 -54.19
C ARG L 40 -3.73 -11.88 -55.27
N ILE L 41 -3.74 -13.15 -54.90
CA ILE L 41 -3.33 -14.24 -55.77
C ILE L 41 -4.21 -14.39 -57.02
N SER L 42 -5.44 -13.88 -57.01
CA SER L 42 -6.28 -13.91 -58.21
C SER L 42 -5.60 -13.29 -59.43
N LYS L 43 -4.75 -12.29 -59.20
CA LYS L 43 -3.96 -11.69 -60.26
C LYS L 43 -3.06 -12.67 -61.01
N ASN L 44 -2.52 -13.63 -60.27
CA ASN L 44 -1.77 -14.73 -60.88
C ASN L 44 -2.62 -15.63 -61.75
N HIS L 45 -3.90 -15.76 -61.41
CA HIS L 45 -4.75 -16.69 -62.15
C HIS L 45 -5.14 -16.07 -63.49
N ILE L 46 -5.59 -14.82 -63.41
CA ILE L 46 -5.69 -13.95 -64.58
C ILE L 46 -4.44 -14.12 -65.45
N GLY L 47 -3.34 -13.47 -65.07
CA GLY L 47 -2.10 -13.63 -65.82
C GLY L 47 -1.91 -15.06 -66.30
N ALA L 48 -2.12 -16.02 -65.41
CA ALA L 48 -1.83 -17.42 -65.73
C ALA L 48 -2.57 -17.93 -66.96
N ILE L 49 -3.91 -17.79 -66.92
CA ILE L 49 -4.79 -18.15 -68.02
C ILE L 49 -4.44 -17.24 -69.20
N ALA L 50 -4.83 -15.97 -69.09
CA ALA L 50 -4.56 -14.97 -70.12
C ALA L 50 -3.40 -15.44 -71.01
N GLN L 51 -2.32 -15.90 -70.38
CA GLN L 51 -1.12 -16.35 -71.08
C GLN L 51 -1.34 -17.68 -71.80
N HIS L 52 -2.55 -18.20 -71.69
CA HIS L 52 -3.00 -19.32 -72.52
C HIS L 52 -4.21 -18.84 -73.32
N GLY L 53 -4.06 -17.64 -73.88
CA GLY L 53 -5.11 -17.01 -74.68
C GLY L 53 -5.62 -17.98 -75.73
N ASP L 54 -4.69 -18.69 -76.36
CA ASP L 54 -5.01 -19.68 -77.38
C ASP L 54 -6.08 -20.64 -76.90
N ARG L 55 -5.71 -21.47 -75.94
CA ARG L 55 -6.50 -22.65 -75.56
C ARG L 55 -7.54 -22.42 -74.48
N ALA L 56 -7.43 -21.32 -73.75
CA ALA L 56 -8.39 -21.10 -72.67
C ALA L 56 -8.69 -19.61 -72.53
N GLU L 57 -9.74 -19.31 -71.78
CA GLU L 57 -10.23 -17.94 -71.68
C GLU L 57 -11.16 -17.79 -70.48
N LEU L 58 -10.68 -16.99 -69.53
CA LEU L 58 -11.40 -16.60 -68.32
C LEU L 58 -12.73 -15.89 -68.61
N VAL L 59 -13.84 -16.42 -68.12
CA VAL L 59 -15.13 -15.99 -68.63
C VAL L 59 -16.05 -15.35 -67.58
N GLU L 60 -16.11 -15.94 -66.39
CA GLU L 60 -16.80 -15.25 -65.30
C GLU L 60 -15.83 -14.85 -64.19
N ILE L 61 -16.28 -13.93 -63.33
CA ILE L 61 -15.57 -13.55 -62.12
C ILE L 61 -16.58 -13.25 -61.03
N CYS L 62 -16.20 -13.57 -59.79
CA CYS L 62 -17.12 -13.56 -58.66
C CYS L 62 -16.46 -12.87 -57.46
N ASP L 63 -17.21 -12.09 -56.68
CA ASP L 63 -16.66 -11.56 -55.43
C ASP L 63 -17.67 -10.96 -54.45
N THR L 64 -17.56 -11.29 -53.17
CA THR L 64 -18.68 -10.92 -52.31
C THR L 64 -18.43 -9.48 -51.88
N ASN L 65 -17.32 -8.95 -52.38
CA ASN L 65 -16.99 -7.58 -52.05
C ASN L 65 -17.06 -6.82 -53.37
N PRO L 66 -18.04 -5.92 -53.52
CA PRO L 66 -18.37 -5.28 -54.78
C PRO L 66 -17.16 -4.59 -55.42
N GLU L 67 -16.39 -3.91 -54.59
CA GLU L 67 -15.24 -3.17 -55.08
C GLU L 67 -14.11 -4.04 -55.65
N ALA L 68 -13.75 -5.13 -54.97
CA ALA L 68 -12.70 -6.00 -55.47
C ALA L 68 -13.10 -6.50 -56.86
N LEU L 69 -14.38 -6.84 -56.93
CA LEU L 69 -15.04 -7.34 -58.13
C LEU L 69 -14.97 -6.36 -59.30
N GLN L 70 -15.15 -5.08 -58.97
CA GLN L 70 -15.10 -4.02 -59.97
C GLN L 70 -13.76 -3.89 -60.68
N ALA L 71 -12.73 -3.58 -59.91
CA ALA L 71 -11.37 -3.45 -60.42
C ALA L 71 -10.91 -4.77 -61.04
N ALA L 72 -11.57 -5.85 -60.66
CA ALA L 72 -11.32 -7.17 -61.26
C ALA L 72 -12.03 -7.21 -62.62
N GLU L 73 -13.29 -6.78 -62.62
CA GLU L 73 -13.99 -6.70 -63.90
C GLU L 73 -13.29 -5.80 -64.92
N ALA L 74 -13.09 -4.54 -64.55
CA ALA L 74 -12.56 -3.55 -65.48
C ALA L 74 -11.15 -3.90 -65.95
N ALA L 75 -10.56 -4.94 -65.37
CA ALA L 75 -9.19 -5.30 -65.73
C ALA L 75 -9.11 -6.48 -66.69
N THR L 76 -10.20 -7.25 -66.78
CA THR L 76 -10.25 -8.39 -67.66
C THR L 76 -11.52 -8.49 -68.49
N GLY L 77 -12.53 -7.70 -68.13
CA GLY L 77 -13.86 -7.82 -68.73
C GLY L 77 -14.33 -9.26 -68.60
N ALA L 78 -15.31 -9.48 -67.74
CA ALA L 78 -15.86 -10.82 -67.59
C ALA L 78 -17.12 -10.70 -66.73
N ARG L 79 -18.12 -11.52 -67.02
CA ARG L 79 -19.40 -11.33 -66.35
C ARG L 79 -19.27 -11.34 -64.81
N PRO L 80 -19.60 -10.23 -64.15
CA PRO L 80 -19.39 -10.23 -62.71
C PRO L 80 -20.50 -10.90 -61.90
N PHE L 81 -20.16 -11.57 -60.81
CA PHE L 81 -21.18 -12.00 -59.84
C PHE L 81 -20.82 -11.61 -58.42
N SER L 82 -21.81 -11.27 -57.61
CA SER L 82 -21.58 -10.91 -56.20
C SER L 82 -21.72 -12.06 -55.20
N SER L 83 -22.02 -13.25 -55.69
CA SER L 83 -22.19 -14.46 -54.86
C SER L 83 -21.86 -15.70 -55.69
N LEU L 84 -21.64 -16.84 -55.06
CA LEU L 84 -21.20 -18.00 -55.83
C LEU L 84 -22.39 -18.71 -56.46
N SER L 85 -23.44 -18.88 -55.66
CA SER L 85 -24.62 -19.63 -56.13
C SER L 85 -25.37 -18.98 -57.29
N ASP L 86 -24.94 -17.78 -57.69
CA ASP L 86 -25.39 -17.16 -58.93
C ASP L 86 -24.44 -17.47 -60.08
N MET L 87 -23.14 -17.30 -59.82
CA MET L 87 -22.19 -17.57 -60.89
C MET L 87 -22.50 -18.97 -61.41
N LEU L 88 -23.10 -19.77 -60.52
CA LEU L 88 -23.30 -21.18 -60.77
C LEU L 88 -24.62 -21.38 -61.53
N ALA L 89 -25.69 -20.81 -61.01
CA ALA L 89 -26.98 -20.87 -61.67
C ALA L 89 -27.01 -20.22 -63.06
N GLN L 90 -26.17 -19.22 -63.29
CA GLN L 90 -26.18 -18.44 -64.53
C GLN L 90 -25.07 -18.78 -65.52
N GLY L 91 -23.82 -18.50 -65.16
CA GLY L 91 -22.70 -18.72 -66.06
C GLY L 91 -22.56 -20.16 -66.54
N ASN L 92 -21.38 -20.51 -67.03
CA ASN L 92 -21.17 -21.81 -67.66
C ASN L 92 -19.68 -21.96 -67.96
N ALA L 93 -18.85 -21.42 -67.08
CA ALA L 93 -17.44 -21.76 -67.16
C ALA L 93 -17.44 -23.27 -66.94
N ASP L 94 -16.39 -23.92 -67.40
CA ASP L 94 -16.32 -25.37 -67.28
C ASP L 94 -15.74 -25.77 -65.93
N ALA L 95 -14.87 -24.90 -65.40
CA ALA L 95 -13.98 -25.20 -64.29
C ALA L 95 -13.81 -23.95 -63.42
N LEU L 96 -14.38 -23.94 -62.22
CA LEU L 96 -14.06 -22.81 -61.36
C LEU L 96 -12.74 -22.87 -60.60
N VAL L 97 -12.10 -21.71 -60.50
CA VAL L 97 -10.89 -21.59 -59.69
C VAL L 97 -11.27 -20.93 -58.38
N LEU L 98 -11.13 -21.64 -57.27
CA LEU L 98 -11.42 -21.11 -55.93
C LEU L 98 -10.15 -20.43 -55.42
N ALA L 99 -10.17 -19.10 -55.33
CA ALA L 99 -9.02 -18.32 -54.92
C ALA L 99 -9.47 -17.44 -53.77
N THR L 100 -10.34 -18.02 -52.96
CA THR L 100 -10.90 -17.29 -51.83
C THR L 100 -10.06 -17.76 -50.64
N PRO L 101 -10.38 -17.22 -49.45
CA PRO L 101 -9.83 -17.69 -48.18
C PRO L 101 -9.97 -19.20 -48.00
N SER L 102 -8.95 -19.80 -47.40
CA SER L 102 -8.76 -21.24 -47.56
C SER L 102 -9.92 -22.09 -47.06
N GLY L 103 -10.50 -21.70 -45.94
CA GLY L 103 -11.51 -22.54 -45.30
C GLY L 103 -12.82 -22.63 -46.07
N LEU L 104 -12.96 -21.81 -47.11
CA LEU L 104 -14.12 -21.82 -47.99
C LEU L 104 -13.89 -22.76 -49.17
N HIS L 105 -12.65 -23.16 -49.44
CA HIS L 105 -12.49 -24.07 -50.56
C HIS L 105 -13.44 -25.27 -50.50
N PRO L 106 -13.45 -26.00 -49.37
CA PRO L 106 -14.23 -27.23 -49.35
C PRO L 106 -15.72 -27.02 -49.70
N TRP L 107 -16.39 -26.08 -49.03
CA TRP L 107 -17.82 -25.85 -49.24
C TRP L 107 -18.07 -25.27 -50.62
N GLN L 108 -17.23 -24.34 -51.05
CA GLN L 108 -17.33 -23.85 -52.41
C GLN L 108 -17.10 -24.95 -53.44
N ALA L 109 -16.17 -25.86 -53.17
CA ALA L 109 -15.84 -26.87 -54.16
C ALA L 109 -17.02 -27.83 -54.24
N ILE L 110 -17.74 -27.95 -53.13
CA ILE L 110 -18.81 -28.93 -53.08
C ILE L 110 -19.92 -28.47 -54.02
N GLU L 111 -20.35 -27.21 -53.91
CA GLU L 111 -21.27 -26.66 -54.89
C GLU L 111 -20.85 -26.78 -56.36
N VAL L 112 -19.60 -26.45 -56.65
CA VAL L 112 -19.15 -26.43 -58.05
C VAL L 112 -19.17 -27.80 -58.70
N ALA L 113 -19.36 -28.82 -57.88
CA ALA L 113 -19.39 -30.22 -58.28
C ALA L 113 -20.85 -30.56 -58.56
N GLN L 114 -21.66 -30.34 -57.54
CA GLN L 114 -23.11 -30.29 -57.64
C GLN L 114 -23.68 -29.50 -58.81
N ALA L 115 -22.93 -28.57 -59.40
CA ALA L 115 -23.37 -27.93 -60.63
C ALA L 115 -22.56 -28.48 -61.80
N GLY L 116 -22.13 -29.73 -61.69
CA GLY L 116 -21.44 -30.42 -62.79
C GLY L 116 -20.18 -29.88 -63.43
N ARG L 117 -19.46 -28.97 -62.77
CA ARG L 117 -18.22 -28.46 -63.34
C ARG L 117 -16.98 -28.87 -62.55
N HIS L 118 -15.80 -28.77 -63.17
CA HIS L 118 -14.56 -29.02 -62.46
C HIS L 118 -14.11 -27.93 -61.48
N VAL L 119 -13.18 -28.29 -60.59
CA VAL L 119 -12.65 -27.38 -59.56
C VAL L 119 -11.13 -27.27 -59.60
N VAL L 120 -10.59 -26.06 -59.70
CA VAL L 120 -9.19 -25.81 -59.40
C VAL L 120 -9.15 -25.04 -58.06
N SER L 121 -8.88 -25.77 -56.99
CA SER L 121 -8.73 -25.14 -55.69
C SER L 121 -7.28 -24.68 -55.50
N GLU L 122 -7.16 -23.47 -54.94
CA GLU L 122 -5.91 -22.96 -54.39
C GLU L 122 -5.58 -23.80 -53.17
N LYS L 123 -4.30 -23.81 -52.80
CA LYS L 123 -3.87 -24.51 -51.60
C LYS L 123 -4.09 -23.61 -50.39
N PRO L 124 -4.26 -24.21 -49.22
CA PRO L 124 -4.39 -25.65 -49.18
C PRO L 124 -5.84 -25.96 -49.58
N MET L 125 -6.17 -27.23 -49.79
CA MET L 125 -7.47 -27.52 -50.37
C MET L 125 -8.53 -27.32 -49.31
N ALA L 126 -8.11 -27.30 -48.05
CA ALA L 126 -9.10 -27.10 -46.99
C ALA L 126 -8.30 -26.79 -45.73
N THR L 127 -8.93 -26.23 -44.71
CA THR L 127 -8.24 -26.12 -43.44
C THR L 127 -8.58 -27.24 -42.46
N ARG L 128 -9.60 -28.05 -42.70
CA ARG L 128 -9.97 -29.15 -41.80
C ARG L 128 -9.87 -30.46 -42.56
N TRP L 129 -9.42 -31.53 -41.91
CA TRP L 129 -9.35 -32.83 -42.56
C TRP L 129 -10.64 -33.38 -43.17
N GLU L 130 -11.72 -33.39 -42.40
CA GLU L 130 -13.01 -33.91 -42.87
C GLU L 130 -13.58 -33.19 -44.07
N ASP L 131 -13.43 -31.87 -44.11
CA ASP L 131 -13.75 -31.10 -45.31
C ASP L 131 -12.98 -31.50 -46.57
N GLY L 132 -11.68 -31.73 -46.46
CA GLY L 132 -10.90 -32.18 -47.62
C GLY L 132 -11.37 -33.51 -48.17
N LYS L 133 -11.77 -34.43 -47.28
CA LYS L 133 -12.33 -35.74 -47.62
C LYS L 133 -13.69 -35.56 -48.31
N ARG L 134 -14.51 -34.66 -47.78
CA ARG L 134 -15.82 -34.36 -48.34
C ARG L 134 -15.70 -33.76 -49.74
N MET L 135 -14.79 -32.81 -49.91
CA MET L 135 -14.58 -32.19 -51.21
C MET L 135 -14.28 -33.25 -52.24
N VAL L 136 -13.33 -34.10 -51.90
CA VAL L 136 -12.89 -35.15 -52.82
C VAL L 136 -14.08 -36.09 -53.00
N LYS L 137 -14.83 -36.35 -51.93
CA LYS L 137 -15.95 -37.28 -52.03
C LYS L 137 -17.02 -36.71 -52.97
N ALA L 138 -17.34 -35.42 -52.89
CA ALA L 138 -18.38 -34.83 -53.72
C ALA L 138 -18.01 -34.64 -55.19
N CYS L 139 -16.71 -34.61 -55.48
CA CYS L 139 -16.24 -34.57 -56.86
C CYS L 139 -16.29 -35.94 -57.54
N ASP L 140 -15.80 -36.95 -56.83
CA ASP L 140 -15.72 -38.28 -57.43
C ASP L 140 -17.13 -38.49 -57.96
N GLU L 141 -18.06 -38.30 -57.03
CA GLU L 141 -19.49 -38.41 -57.24
C GLU L 141 -19.98 -37.63 -58.45
N ALA L 142 -19.70 -36.33 -58.51
CA ALA L 142 -19.98 -35.59 -59.74
C ALA L 142 -19.40 -36.28 -60.97
N GLY L 143 -18.35 -37.06 -60.80
CA GLY L 143 -17.52 -37.41 -61.95
C GLY L 143 -16.91 -36.15 -62.54
N VAL L 144 -16.60 -35.20 -61.67
CA VAL L 144 -15.86 -34.02 -62.11
C VAL L 144 -14.39 -34.02 -61.70
N ARG L 145 -13.58 -33.20 -62.37
CA ARG L 145 -12.16 -33.10 -62.04
C ARG L 145 -11.95 -32.16 -60.86
N LEU L 146 -11.05 -32.50 -59.94
CA LEU L 146 -10.68 -31.56 -58.88
C LEU L 146 -9.16 -31.36 -58.93
N PHE L 147 -8.71 -30.15 -59.23
CA PHE L 147 -7.28 -29.85 -59.16
C PHE L 147 -6.94 -29.12 -57.87
N VAL L 148 -5.72 -29.33 -57.39
CA VAL L 148 -5.18 -28.52 -56.30
C VAL L 148 -3.88 -27.80 -56.67
N VAL L 149 -3.85 -26.48 -56.50
CA VAL L 149 -2.71 -25.69 -56.93
C VAL L 149 -1.47 -25.94 -56.08
N LYS L 150 -0.54 -26.72 -56.63
CA LYS L 150 0.76 -26.85 -56.00
C LYS L 150 1.83 -26.38 -56.96
N GLN L 151 1.86 -25.11 -57.34
CA GLN L 151 2.72 -24.69 -58.45
C GLN L 151 4.20 -25.05 -58.31
N ASN L 152 4.72 -25.00 -57.09
CA ASN L 152 6.16 -25.18 -56.85
C ASN L 152 6.78 -26.54 -57.19
N ARG L 153 6.00 -27.61 -57.33
CA ARG L 153 6.67 -28.86 -57.72
C ARG L 153 7.43 -28.75 -59.06
N ARG L 154 7.04 -27.78 -59.89
CA ARG L 154 7.68 -27.57 -61.18
C ARG L 154 9.10 -27.02 -61.07
N ASN L 155 9.35 -26.10 -60.13
CA ASN L 155 10.65 -25.44 -60.06
C ASN L 155 11.82 -26.25 -60.61
N THR L 157 14.71 -27.00 -59.82
CA THR L 157 15.61 -27.41 -58.75
C THR L 157 14.99 -28.52 -57.89
N LEU L 158 13.72 -28.37 -57.56
CA LEU L 158 13.02 -29.46 -56.88
C LEU L 158 12.89 -30.60 -57.86
N GLN L 159 12.56 -30.24 -59.10
CA GLN L 159 12.44 -31.20 -60.19
C GLN L 159 13.70 -32.04 -60.28
N LEU L 160 14.87 -31.40 -60.25
CA LEU L 160 16.13 -32.13 -60.23
C LEU L 160 16.19 -33.14 -59.11
N VAL L 161 15.85 -32.67 -57.90
CA VAL L 161 15.94 -33.53 -56.72
C VAL L 161 15.04 -34.74 -56.97
N LYS L 162 13.83 -34.43 -57.39
CA LYS L 162 12.80 -35.43 -57.56
C LYS L 162 13.24 -36.50 -58.56
N LYS L 163 13.90 -36.10 -59.64
CA LYS L 163 14.42 -37.08 -60.59
C LYS L 163 15.55 -37.86 -59.94
N ALA L 164 16.43 -37.20 -59.18
CA ALA L 164 17.53 -37.92 -58.54
C ALA L 164 17.05 -38.99 -57.58
N ILE L 165 15.95 -38.73 -56.88
CA ILE L 165 15.46 -39.65 -55.86
C ILE L 165 14.86 -40.84 -56.58
N GLU L 166 13.89 -40.54 -57.44
CA GLU L 166 13.22 -41.55 -58.26
C GLU L 166 14.18 -42.49 -58.98
N GLN L 167 15.33 -41.96 -59.42
CA GLN L 167 16.28 -42.78 -60.16
C GLN L 167 16.98 -43.80 -59.27
N GLY L 168 17.02 -43.56 -57.96
CA GLY L 168 17.67 -44.50 -57.05
C GLY L 168 18.99 -43.98 -56.51
N ARG L 169 19.34 -42.75 -56.86
CA ARG L 169 20.69 -42.31 -56.54
C ARG L 169 20.98 -41.98 -55.08
N PHE L 170 20.01 -41.98 -54.18
CA PHE L 170 20.36 -41.63 -52.80
C PHE L 170 20.67 -42.95 -52.12
N GLY L 171 20.25 -44.04 -52.74
CA GLY L 171 20.22 -45.29 -51.97
C GLY L 171 19.28 -44.99 -50.82
N ARG L 172 19.46 -45.66 -49.69
CA ARG L 172 18.53 -45.61 -48.57
C ARG L 172 18.57 -44.19 -48.03
N ILE L 173 17.45 -43.49 -47.92
CA ILE L 173 17.45 -42.11 -47.43
C ILE L 173 17.42 -42.11 -45.90
N TYR L 174 18.22 -41.24 -45.29
CA TYR L 174 18.48 -41.33 -43.85
C TYR L 174 17.91 -40.18 -43.08
N MET L 175 18.17 -38.96 -43.56
CA MET L 175 17.89 -37.76 -42.80
C MET L 175 17.40 -36.69 -43.75
N VAL L 176 16.34 -35.98 -43.38
CA VAL L 176 15.77 -34.88 -44.18
C VAL L 176 15.43 -33.70 -43.27
N THR L 177 15.92 -32.50 -43.54
CA THR L 177 15.45 -31.33 -42.79
C THR L 177 14.97 -30.27 -43.78
N VAL L 178 13.86 -29.64 -43.40
CA VAL L 178 13.38 -28.49 -44.13
C VAL L 178 13.33 -27.24 -43.25
N ASN L 179 13.83 -26.09 -43.70
CA ASN L 179 13.65 -24.86 -42.94
C ASN L 179 12.95 -23.75 -43.71
N VAL L 180 12.23 -22.94 -42.96
CA VAL L 180 11.32 -21.96 -43.55
C VAL L 180 11.40 -20.87 -42.50
N PHE L 181 12.45 -20.08 -42.63
CA PHE L 181 12.65 -18.94 -41.74
C PHE L 181 12.28 -17.65 -42.47
N TRP L 182 10.99 -17.33 -42.49
CA TRP L 182 10.47 -16.18 -43.24
C TRP L 182 9.99 -15.11 -42.26
N THR L 183 9.52 -14.01 -42.81
CA THR L 183 9.07 -12.88 -42.01
C THR L 183 7.64 -12.53 -42.47
N ARG L 184 6.76 -12.28 -41.51
CA ARG L 184 5.42 -11.82 -41.81
C ARG L 184 5.09 -10.86 -40.67
N PRO L 185 5.05 -9.57 -40.96
CA PRO L 185 4.84 -8.63 -39.86
C PRO L 185 3.38 -8.60 -39.41
N GLN L 186 3.06 -7.95 -38.29
CA GLN L 186 1.65 -7.93 -37.93
C GLN L 186 0.76 -7.34 -39.01
N GLU L 187 1.20 -6.33 -39.75
CA GLU L 187 0.33 -5.73 -40.76
C GLU L 187 -0.10 -6.70 -41.85
N TYR L 188 0.73 -7.69 -42.16
CA TYR L 188 0.32 -8.68 -43.15
C TYR L 188 -0.98 -9.39 -42.76
N TYR L 189 -1.06 -9.83 -41.51
CA TYR L 189 -2.26 -10.48 -40.99
C TYR L 189 -3.48 -9.56 -40.96
N ASP L 190 -3.25 -8.30 -40.62
CA ASP L 190 -4.34 -7.34 -40.48
C ASP L 190 -4.98 -6.97 -41.81
N ALA L 191 -4.31 -7.29 -42.92
CA ALA L 191 -4.84 -6.94 -44.22
C ALA L 191 -6.22 -7.53 -44.50
N ALA L 192 -6.62 -8.53 -43.72
CA ALA L 192 -7.98 -9.06 -43.77
C ALA L 192 -8.28 -9.95 -42.57
N ARG L 193 -9.50 -9.84 -42.05
CA ARG L 193 -9.86 -10.56 -40.85
C ARG L 193 -9.62 -12.07 -40.94
N TRP L 194 -9.66 -12.68 -42.11
CA TRP L 194 -9.64 -14.14 -42.22
C TRP L 194 -8.27 -14.74 -41.85
N ARG L 195 -7.21 -14.07 -42.30
CA ARG L 195 -5.85 -14.48 -42.01
C ARG L 195 -5.51 -14.73 -40.54
N GLY L 196 -4.70 -15.75 -40.29
CA GLY L 196 -4.39 -16.16 -38.91
C GLY L 196 -5.52 -16.90 -38.22
N LYS L 197 -6.62 -17.11 -38.94
CA LYS L 197 -7.78 -17.67 -38.26
C LYS L 197 -7.80 -19.18 -38.40
N TRP L 198 -8.14 -19.90 -37.34
CA TRP L 198 -8.08 -21.35 -37.50
C TRP L 198 -8.98 -21.77 -38.65
N GLU L 199 -10.21 -21.27 -38.58
CA GLU L 199 -11.26 -21.69 -39.49
C GLU L 199 -10.93 -21.32 -40.94
N TRP L 200 -10.43 -20.11 -41.17
CA TRP L 200 -10.21 -19.65 -42.54
C TRP L 200 -8.83 -19.91 -43.14
N ASP L 201 -7.82 -19.96 -42.29
CA ASP L 201 -6.42 -19.85 -42.68
C ASP L 201 -5.47 -20.92 -42.15
N GLY L 202 -5.49 -21.20 -40.85
CA GLY L 202 -4.35 -21.88 -40.24
C GLY L 202 -3.21 -20.90 -40.06
N GLY L 203 -2.02 -21.33 -39.66
CA GLY L 203 -0.95 -20.35 -39.46
C GLY L 203 0.28 -20.68 -40.27
N ALA L 204 1.46 -20.55 -39.68
CA ALA L 204 2.70 -20.72 -40.44
C ALA L 204 2.83 -22.00 -41.28
N PHE L 205 2.29 -23.11 -40.80
CA PHE L 205 2.43 -24.38 -41.52
C PHE L 205 1.44 -24.53 -42.66
N MET L 206 0.19 -24.23 -42.34
CA MET L 206 -0.91 -24.41 -43.27
C MET L 206 -0.96 -23.37 -44.39
N ASN L 207 -0.53 -22.14 -44.12
CA ASN L 207 -0.45 -21.14 -45.19
C ASN L 207 0.96 -21.02 -45.77
N GLN L 208 1.85 -20.28 -45.09
CA GLN L 208 3.16 -19.93 -45.63
C GLN L 208 4.06 -21.10 -46.03
N ALA L 209 4.26 -22.00 -45.07
CA ALA L 209 5.13 -23.15 -45.28
C ALA L 209 4.46 -24.31 -46.03
N SER L 210 3.19 -24.18 -46.40
CA SER L 210 2.52 -25.38 -46.87
C SER L 210 3.16 -26.05 -48.09
N HIS L 211 3.76 -25.24 -48.97
CA HIS L 211 4.52 -25.76 -50.11
C HIS L 211 5.73 -26.58 -49.70
N TYR L 212 6.28 -26.27 -48.53
CA TYR L 212 7.39 -27.07 -48.02
C TYR L 212 6.87 -28.30 -47.31
N VAL L 213 5.76 -28.15 -46.60
CA VAL L 213 5.16 -29.37 -46.06
C VAL L 213 4.92 -30.35 -47.22
N ASP L 214 4.39 -29.84 -48.33
CA ASP L 214 4.15 -30.65 -49.53
C ASP L 214 5.37 -31.48 -49.93
N LEU L 215 6.56 -30.89 -49.84
CA LEU L 215 7.83 -31.57 -50.12
C LEU L 215 8.08 -32.90 -49.41
N LEU L 216 7.56 -33.01 -48.19
CA LEU L 216 7.93 -34.11 -47.32
C LEU L 216 7.46 -35.42 -47.92
N ASP L 217 6.20 -35.47 -48.36
CA ASP L 217 5.66 -36.71 -48.90
C ASP L 217 5.98 -36.75 -50.39
N TRP L 218 5.82 -35.62 -51.06
CA TRP L 218 6.03 -35.62 -52.50
C TRP L 218 7.43 -36.11 -52.87
N LEU L 219 8.46 -35.52 -52.27
CA LEU L 219 9.83 -35.87 -52.63
C LEU L 219 10.32 -37.13 -51.94
N VAL L 220 9.98 -37.35 -50.68
CA VAL L 220 10.64 -38.42 -49.91
C VAL L 220 9.79 -39.68 -49.75
N GLY L 221 8.48 -39.57 -49.90
CA GLY L 221 7.61 -40.74 -49.74
C GLY L 221 6.73 -40.57 -48.53
N PRO L 222 5.96 -41.62 -48.17
CA PRO L 222 4.95 -41.40 -47.14
C PRO L 222 5.50 -41.33 -45.71
N VAL L 223 5.02 -40.33 -44.97
CA VAL L 223 5.30 -40.16 -43.55
C VAL L 223 4.57 -41.23 -42.76
N GLU L 224 5.25 -41.82 -41.78
CA GLU L 224 4.56 -42.73 -40.86
C GLU L 224 3.96 -42.02 -39.66
N SER L 225 4.64 -41.03 -39.09
CA SER L 225 4.10 -40.31 -37.94
C SER L 225 4.83 -39.01 -37.71
N VAL L 226 4.20 -38.06 -37.04
CA VAL L 226 4.86 -36.80 -36.71
C VAL L 226 4.65 -36.46 -35.23
N TYR L 227 5.56 -35.65 -34.71
CA TYR L 227 5.32 -34.94 -33.45
C TYR L 227 5.69 -33.49 -33.66
N ALA L 228 4.78 -32.60 -33.28
CA ALA L 228 5.02 -31.16 -33.45
C ALA L 228 4.79 -30.36 -32.18
N TYR L 229 5.49 -29.24 -32.10
CA TYR L 229 5.29 -28.16 -31.14
C TYR L 229 5.01 -26.92 -31.96
N THR L 230 4.05 -26.08 -31.56
CA THR L 230 3.78 -24.88 -32.34
C THR L 230 3.31 -23.87 -31.32
N ALA L 231 3.42 -22.59 -31.69
CA ALA L 231 2.93 -21.57 -30.76
C ALA L 231 2.78 -20.25 -31.49
N THR L 232 2.07 -19.36 -30.81
CA THR L 232 2.02 -18.00 -31.30
C THR L 232 2.92 -17.24 -30.33
N LEU L 233 4.18 -17.07 -30.71
CA LEU L 233 5.12 -16.37 -29.83
C LEU L 233 4.99 -14.85 -29.93
N ALA L 234 4.54 -14.30 -31.06
CA ALA L 234 4.53 -12.84 -31.25
C ALA L 234 3.32 -12.23 -31.95
N ARG L 235 2.88 -12.76 -33.09
CA ARG L 235 1.77 -12.10 -33.79
C ARG L 235 0.43 -12.16 -33.05
N ARG L 236 -0.44 -11.19 -33.30
CA ARG L 236 -1.76 -11.25 -32.67
C ARG L 236 -2.66 -11.93 -33.69
N ILE L 237 -2.57 -13.26 -33.71
CA ILE L 237 -3.37 -14.04 -34.64
C ILE L 237 -3.93 -15.21 -33.84
N GLU L 238 -4.79 -15.99 -34.47
CA GLU L 238 -5.22 -17.22 -33.84
C GLU L 238 -4.20 -18.35 -33.90
N ALA L 239 -3.76 -18.72 -35.10
CA ALA L 239 -2.90 -19.88 -35.31
C ALA L 239 -1.43 -19.60 -35.00
N GLU L 240 -0.55 -20.56 -35.28
CA GLU L 240 0.80 -20.48 -34.76
C GLU L 240 1.57 -19.53 -35.69
N ASP L 241 2.65 -18.93 -35.19
CA ASP L 241 3.57 -18.17 -36.03
C ASP L 241 4.93 -18.85 -36.14
N THR L 242 5.12 -19.90 -35.34
CA THR L 242 6.38 -20.63 -35.18
C THR L 242 6.08 -22.06 -34.76
N GLY L 243 6.90 -23.02 -35.18
CA GLY L 243 6.60 -24.40 -34.81
C GLY L 243 7.71 -25.26 -35.36
N VAL L 244 7.95 -26.40 -34.72
CA VAL L 244 8.80 -27.45 -35.28
C VAL L 244 8.00 -28.75 -35.37
N ALA L 245 8.25 -29.59 -36.38
CA ALA L 245 7.79 -30.97 -36.41
C ALA L 245 8.89 -32.03 -36.57
N ALA L 246 8.95 -33.04 -35.71
CA ALA L 246 9.85 -34.15 -36.04
C ALA L 246 9.07 -35.13 -36.91
N LEU L 247 9.76 -35.83 -37.81
CA LEU L 247 9.13 -36.72 -38.78
C LEU L 247 9.86 -38.05 -38.83
N ARG L 248 9.09 -39.11 -39.06
CA ARG L 248 9.64 -40.41 -39.40
C ARG L 248 8.90 -40.94 -40.63
N TRP L 249 9.68 -41.36 -41.63
CA TRP L 249 9.12 -41.88 -42.86
C TRP L 249 8.87 -43.38 -42.79
N ARG L 250 7.96 -43.87 -43.61
CA ARG L 250 7.66 -45.28 -43.52
C ARG L 250 8.89 -46.14 -43.78
N HIS L 251 9.73 -45.71 -44.71
CA HIS L 251 10.95 -46.42 -45.04
C HIS L 251 12.03 -46.19 -43.99
N GLY L 252 11.80 -45.37 -42.96
CA GLY L 252 12.78 -45.31 -41.87
C GLY L 252 13.52 -43.99 -41.76
N ALA L 253 13.59 -43.21 -42.82
CA ALA L 253 14.26 -41.91 -42.67
C ALA L 253 13.59 -41.05 -41.59
N MET L 254 14.35 -40.11 -41.05
CA MET L 254 13.81 -39.25 -40.01
C MET L 254 14.24 -37.86 -40.45
N GLY L 255 13.49 -36.88 -39.97
CA GLY L 255 13.71 -35.50 -40.36
C GLY L 255 12.95 -34.53 -39.47
N SER L 256 13.13 -33.24 -39.73
CA SER L 256 12.39 -32.16 -39.09
C SER L 256 12.05 -31.10 -40.12
N ILE L 257 10.98 -30.37 -39.84
CA ILE L 257 10.60 -29.17 -40.57
C ILE L 257 10.47 -28.04 -39.57
N ASN L 258 11.12 -26.90 -39.84
CA ASN L 258 11.39 -25.92 -38.80
C ASN L 258 10.88 -24.58 -39.32
N VAL L 259 9.89 -24.00 -38.66
CA VAL L 259 9.19 -22.96 -39.42
C VAL L 259 9.01 -21.74 -38.54
N THR L 260 9.41 -20.54 -38.99
CA THR L 260 8.90 -19.38 -38.27
C THR L 260 8.68 -18.21 -39.23
N MET L 261 7.69 -17.40 -38.89
CA MET L 261 7.37 -16.17 -39.61
C MET L 261 7.91 -14.94 -38.88
N LEU L 262 8.80 -15.13 -37.91
CA LEU L 262 9.25 -14.04 -37.05
C LEU L 262 10.73 -13.71 -37.26
N THR L 263 11.28 -14.05 -38.43
CA THR L 263 12.71 -13.90 -38.61
C THR L 263 13.02 -12.42 -38.78
N TYR L 264 13.91 -11.92 -37.94
CA TYR L 264 14.45 -10.57 -38.06
C TYR L 264 15.49 -10.51 -39.18
N PRO L 265 15.34 -9.58 -40.13
CA PRO L 265 14.29 -8.60 -40.37
C PRO L 265 13.50 -9.00 -41.62
N GLN L 266 14.01 -9.98 -42.37
CA GLN L 266 13.38 -10.32 -43.63
C GLN L 266 13.68 -11.78 -43.98
N ASN L 267 12.90 -12.32 -44.91
CA ASN L 267 12.98 -13.75 -45.14
C ASN L 267 14.44 -14.15 -45.01
N LEU L 268 14.71 -15.35 -44.49
CA LEU L 268 16.10 -15.78 -44.48
C LEU L 268 16.31 -17.06 -45.28
N GLU L 269 15.61 -18.14 -44.95
CA GLU L 269 15.91 -19.42 -45.57
C GLU L 269 14.65 -20.16 -46.02
N GLY L 270 14.78 -21.04 -46.99
CA GLY L 270 13.73 -21.86 -47.57
C GLY L 270 14.56 -23.02 -48.09
N SER L 271 14.82 -24.02 -47.24
CA SER L 271 15.80 -25.05 -47.61
C SER L 271 15.30 -26.46 -47.42
N ILE L 272 15.94 -27.39 -48.11
CA ILE L 272 15.73 -28.80 -47.80
C ILE L 272 17.03 -29.56 -47.99
N THR L 273 17.32 -30.40 -47.02
CA THR L 273 18.56 -31.16 -47.05
C THR L 273 18.15 -32.62 -46.97
N ILE L 274 18.72 -33.45 -47.85
CA ILE L 274 18.41 -34.86 -47.88
C ILE L 274 19.70 -35.67 -47.91
N LEU L 275 19.85 -36.61 -46.99
CA LEU L 275 21.08 -37.37 -46.83
C LEU L 275 20.68 -38.84 -46.86
N GLY L 276 21.17 -39.51 -47.90
CA GLY L 276 20.98 -40.94 -48.06
C GLY L 276 22.32 -41.63 -48.01
N GLU L 277 22.28 -42.95 -48.09
CA GLU L 277 23.46 -43.79 -48.15
C GLU L 277 24.51 -43.40 -49.20
N LYS L 278 24.18 -42.72 -50.29
CA LYS L 278 25.21 -42.44 -51.29
C LYS L 278 24.86 -41.13 -52.00
N GLY L 279 24.26 -40.21 -51.27
CA GLY L 279 23.98 -38.92 -51.88
C GLY L 279 23.62 -37.91 -50.81
N THR L 280 23.90 -36.67 -51.17
CA THR L 280 23.77 -35.56 -50.24
C THR L 280 23.39 -34.35 -51.06
N VAL L 281 22.17 -33.86 -50.83
CA VAL L 281 21.74 -32.72 -51.61
C VAL L 281 21.21 -31.67 -50.66
N ARG L 282 21.47 -30.43 -51.03
CA ARG L 282 20.90 -29.34 -50.25
C ARG L 282 20.52 -28.26 -51.24
N VAL L 283 19.23 -27.94 -51.22
CA VAL L 283 18.72 -26.81 -52.00
C VAL L 283 18.42 -25.70 -51.00
N GLY L 284 19.10 -24.57 -51.13
CA GLY L 284 18.93 -23.48 -50.18
C GLY L 284 18.46 -22.25 -50.93
N GLY L 285 18.76 -21.06 -50.40
CA GLY L 285 18.25 -19.80 -50.92
C GLY L 285 17.24 -19.28 -49.92
N VAL L 286 16.50 -18.24 -50.26
CA VAL L 286 15.27 -17.92 -49.54
C VAL L 286 14.11 -18.83 -49.92
N ALA L 287 14.30 -19.60 -51.00
CA ALA L 287 13.21 -20.34 -51.62
C ALA L 287 13.66 -21.57 -52.40
N VAL L 288 14.45 -22.44 -51.77
CA VAL L 288 14.75 -23.73 -52.37
C VAL L 288 15.05 -23.42 -53.83
N ASN L 289 15.76 -22.32 -54.08
CA ASN L 289 15.92 -21.80 -55.43
C ASN L 289 17.38 -21.86 -55.87
N ARG L 290 18.26 -22.35 -55.00
CA ARG L 290 19.70 -22.39 -55.22
C ARG L 290 20.28 -23.70 -54.72
N ILE L 291 20.83 -24.49 -55.63
CA ILE L 291 21.40 -25.77 -55.24
C ILE L 291 22.75 -25.57 -54.56
N ASP L 292 22.93 -26.04 -53.34
CA ASP L 292 24.10 -25.72 -52.50
C ASP L 292 24.98 -26.90 -52.14
N GLU L 293 24.55 -28.11 -52.46
CA GLU L 293 25.34 -29.30 -52.16
C GLU L 293 24.64 -30.35 -53.00
N TRP L 294 25.41 -31.22 -53.65
CA TRP L 294 24.88 -32.14 -54.64
C TRP L 294 25.91 -33.24 -54.87
N LYS L 295 25.94 -34.26 -54.02
CA LYS L 295 26.99 -35.28 -54.02
C LYS L 295 26.48 -36.70 -54.17
N PHE L 296 26.97 -37.40 -55.20
CA PHE L 296 26.59 -38.81 -55.30
C PHE L 296 27.77 -39.73 -55.59
N ALA L 297 27.64 -41.00 -55.24
CA ALA L 297 28.73 -41.94 -55.50
C ALA L 297 28.80 -42.32 -56.98
N GLU L 298 27.99 -41.68 -57.82
CA GLU L 298 27.91 -42.00 -59.24
C GLU L 298 27.31 -40.84 -60.04
N PRO L 299 28.09 -40.22 -60.94
CA PRO L 299 27.74 -38.95 -61.57
C PRO L 299 27.03 -38.96 -62.92
N GLY L 320 5.24 -20.55 -60.06
CA GLY L 320 4.97 -20.59 -61.49
C GLY L 320 3.56 -21.09 -61.79
N HIS L 321 2.55 -20.27 -61.60
CA HIS L 321 1.19 -20.64 -61.98
C HIS L 321 0.97 -21.09 -63.41
N PRO L 322 1.28 -20.23 -64.39
CA PRO L 322 1.25 -20.55 -65.83
C PRO L 322 1.86 -21.90 -66.12
N LEU L 323 3.07 -22.11 -65.61
CA LEU L 323 3.66 -23.44 -65.46
C LEU L 323 2.59 -24.44 -65.04
N TYR L 324 1.93 -24.23 -63.90
CA TYR L 324 0.87 -25.15 -63.45
C TYR L 324 -0.36 -25.22 -64.35
N TYR L 325 -0.87 -24.08 -64.83
CA TYR L 325 -2.09 -24.21 -65.62
C TYR L 325 -1.85 -25.07 -66.85
N ASP L 326 -0.57 -25.29 -67.19
CA ASP L 326 -0.30 -26.07 -68.39
C ASP L 326 -1.01 -27.42 -68.32
N ASN L 327 -0.55 -28.28 -67.41
CA ASN L 327 -1.10 -29.61 -67.23
C ASN L 327 -2.59 -29.62 -66.89
N VAL L 328 -3.09 -28.48 -66.45
CA VAL L 328 -4.47 -28.35 -65.99
C VAL L 328 -5.39 -28.31 -67.20
N ILE L 329 -4.77 -27.91 -68.30
CA ILE L 329 -5.51 -27.69 -69.54
C ILE L 329 -5.46 -28.97 -70.37
N ASN L 330 -4.26 -29.47 -70.66
CA ASN L 330 -4.10 -30.81 -71.20
C ASN L 330 -5.04 -31.79 -70.53
N CYS L 331 -4.84 -31.98 -69.24
CA CYS L 331 -5.83 -32.75 -68.48
C CYS L 331 -7.24 -32.45 -68.97
N LEU L 332 -7.56 -31.17 -69.14
CA LEU L 332 -8.94 -30.82 -69.49
C LEU L 332 -9.31 -31.06 -70.95
N ARG L 333 -8.31 -31.32 -71.79
CA ARG L 333 -8.54 -31.80 -73.15
C ARG L 333 -8.19 -33.28 -73.32
N GLY L 334 -8.78 -34.12 -72.47
CA GLY L 334 -8.48 -35.55 -72.48
C GLY L 334 -7.00 -35.85 -72.64
N ASP L 335 -6.16 -34.84 -72.43
CA ASP L 335 -4.74 -34.99 -72.73
C ASP L 335 -4.01 -35.92 -71.76
N CYS L 336 -3.95 -35.52 -70.49
CA CYS L 336 -3.17 -36.20 -69.47
C CYS L 336 -3.94 -36.60 -68.21
N GLU L 337 -3.20 -37.10 -67.23
CA GLU L 337 -3.65 -37.19 -65.84
C GLU L 337 -3.48 -35.83 -65.16
N PRO L 338 -4.24 -35.54 -64.09
CA PRO L 338 -3.82 -34.42 -63.26
C PRO L 338 -2.49 -34.72 -62.58
N GLU L 339 -1.65 -33.69 -62.51
CA GLU L 339 -0.44 -33.75 -61.72
C GLU L 339 -0.81 -33.59 -60.25
N THR L 340 -1.61 -32.57 -59.92
CA THR L 340 -2.15 -32.50 -58.57
C THR L 340 -3.67 -32.48 -58.49
N ASP L 341 -4.21 -33.70 -58.39
CA ASP L 341 -5.62 -33.92 -58.08
C ASP L 341 -5.92 -33.88 -56.58
N GLY L 342 -7.21 -34.08 -56.29
CA GLY L 342 -7.80 -34.02 -54.97
C GLY L 342 -7.11 -34.96 -54.01
N ARG L 343 -6.77 -36.18 -54.43
CA ARG L 343 -6.12 -37.08 -53.51
C ARG L 343 -4.72 -36.57 -53.20
N GLU L 344 -4.10 -36.04 -54.25
CA GLU L 344 -2.78 -35.45 -54.13
C GLU L 344 -2.78 -34.38 -53.04
N GLY L 345 -3.80 -33.55 -53.04
CA GLY L 345 -3.89 -32.48 -52.05
C GLY L 345 -4.12 -32.97 -50.63
N LEU L 346 -4.67 -34.17 -50.48
CA LEU L 346 -5.04 -34.70 -49.17
C LEU L 346 -3.79 -35.26 -48.52
N GLN L 347 -2.80 -35.56 -49.36
CA GLN L 347 -1.57 -36.14 -48.83
C GLN L 347 -0.99 -35.03 -47.96
N SER L 348 -0.92 -33.79 -48.45
CA SER L 348 -0.31 -32.76 -47.62
C SER L 348 -1.25 -32.21 -46.55
N LEU L 349 -2.54 -32.20 -46.84
CA LEU L 349 -3.55 -31.87 -45.85
C LEU L 349 -3.50 -32.85 -44.69
N ALA L 350 -3.24 -34.14 -44.93
CA ALA L 350 -3.17 -35.10 -43.84
C ALA L 350 -1.95 -34.83 -42.97
N LEU L 351 -0.82 -34.58 -43.62
CA LEU L 351 0.39 -34.18 -42.92
C LEU L 351 0.16 -32.92 -42.08
N LEU L 352 -0.44 -31.89 -42.66
CA LEU L 352 -0.68 -30.69 -41.87
C LEU L 352 -1.59 -30.99 -40.68
N THR L 353 -2.65 -31.76 -40.94
CA THR L 353 -3.63 -32.05 -39.91
C THR L 353 -2.93 -32.71 -38.74
N ALA L 354 -2.17 -33.74 -39.11
CA ALA L 354 -1.36 -34.51 -38.16
C ALA L 354 -0.48 -33.58 -37.31
N ILE L 355 0.15 -32.60 -37.96
CA ILE L 355 1.08 -31.73 -37.25
C ILE L 355 0.25 -30.85 -36.32
N TYR L 356 -0.89 -30.39 -36.81
CA TYR L 356 -1.76 -29.62 -35.92
C TYR L 356 -2.36 -30.42 -34.77
N ARG L 357 -2.68 -31.70 -34.96
CA ARG L 357 -3.28 -32.44 -33.85
C ARG L 357 -2.24 -32.73 -32.79
N SER L 358 -1.02 -32.98 -33.29
CA SER L 358 0.08 -33.31 -32.40
C SER L 358 0.41 -32.05 -31.61
N ALA L 359 0.49 -30.89 -32.25
CA ALA L 359 0.87 -29.70 -31.49
C ALA L 359 -0.23 -29.44 -30.47
N ARG L 360 -1.47 -29.69 -30.89
CA ARG L 360 -2.58 -29.39 -29.99
C ARG L 360 -2.63 -30.43 -28.87
N ASP L 361 -2.47 -31.73 -29.16
CA ASP L 361 -2.67 -32.70 -28.08
C ASP L 361 -1.38 -33.11 -27.39
N GLY L 362 -0.20 -32.68 -27.82
CA GLY L 362 1.04 -33.13 -27.17
C GLY L 362 1.25 -34.64 -27.34
N VAL L 363 0.73 -35.29 -28.37
CA VAL L 363 1.09 -36.69 -28.62
C VAL L 363 1.63 -36.88 -30.04
N ARG L 364 2.34 -37.99 -30.21
CA ARG L 364 2.71 -38.45 -31.55
CA ARG L 364 2.71 -38.46 -31.54
C ARG L 364 1.47 -38.82 -32.37
N ILE L 365 1.39 -38.35 -33.60
CA ILE L 365 0.22 -38.59 -34.47
C ILE L 365 0.56 -39.43 -35.70
N PRO L 366 0.09 -40.68 -35.80
CA PRO L 366 0.40 -41.55 -36.91
C PRO L 366 -0.50 -41.40 -38.16
N LEU L 367 0.00 -41.73 -39.34
CA LEU L 367 -0.71 -41.74 -40.63
C LEU L 367 -0.84 -43.17 -41.17
N PRO L 368 -1.86 -43.44 -41.99
CA PRO L 368 -2.90 -42.55 -42.46
C PRO L 368 -3.95 -42.23 -41.41
N LEU L 369 -4.47 -41.02 -41.53
CA LEU L 369 -5.51 -40.57 -40.62
C LEU L 369 -6.81 -41.34 -40.80
N ASP L 370 -7.59 -41.55 -39.74
CA ASP L 370 -8.93 -42.11 -39.95
C ASP L 370 -9.87 -41.31 -40.85
N PRO M 25 13.56 -34.66 27.59
CA PRO M 25 12.81 -33.51 28.12
C PRO M 25 13.67 -32.53 28.91
N ILE M 26 13.60 -31.24 28.61
CA ILE M 26 14.60 -30.31 29.10
C ILE M 26 14.01 -29.17 29.93
N THR M 27 14.05 -29.36 31.25
CA THR M 27 13.28 -28.55 32.18
C THR M 27 14.15 -27.70 33.09
N ASP M 28 15.31 -28.22 33.48
CA ASP M 28 16.00 -27.67 34.65
C ASP M 28 16.81 -26.43 34.30
N ARG M 29 16.92 -26.13 33.02
CA ARG M 29 17.80 -25.10 32.47
C ARG M 29 17.22 -24.53 31.19
N LYS M 30 17.80 -23.45 30.69
CA LYS M 30 17.34 -22.90 29.42
C LYS M 30 17.47 -23.89 28.27
N ILE M 31 16.77 -23.69 27.15
CA ILE M 31 17.03 -24.53 25.98
C ILE M 31 18.22 -23.99 25.20
N ARG M 32 19.07 -24.93 24.77
CA ARG M 32 20.30 -24.65 24.03
C ARG M 32 20.11 -24.78 22.53
N PHE M 33 20.05 -23.66 21.83
CA PHE M 33 19.82 -23.61 20.40
C PHE M 33 21.12 -23.34 19.63
N GLY M 34 21.37 -24.14 18.61
CA GLY M 34 22.33 -23.79 17.56
C GLY M 34 21.66 -23.36 16.27
N LEU M 35 22.22 -22.36 15.60
CA LEU M 35 21.65 -21.91 14.35
C LEU M 35 22.55 -22.36 13.20
N VAL M 36 21.99 -23.03 12.19
CA VAL M 36 22.77 -23.35 11.00
C VAL M 36 22.27 -22.49 9.84
N GLY M 37 23.14 -21.64 9.30
CA GLY M 37 22.79 -20.65 8.29
C GLY M 37 22.61 -19.25 8.87
N CYS M 38 23.57 -18.36 8.69
CA CYS M 38 23.47 -17.01 9.24
C CYS M 38 23.07 -16.06 8.14
N GLY M 39 22.10 -16.46 7.32
CA GLY M 39 21.74 -15.68 6.16
C GLY M 39 20.54 -14.84 6.58
N ARG M 40 19.73 -14.41 5.63
CA ARG M 40 18.73 -13.37 5.88
C ARG M 40 17.61 -13.75 6.86
N ILE M 41 17.16 -14.99 6.89
CA ILE M 41 16.09 -15.34 7.81
C ILE M 41 16.69 -15.60 9.19
N SER M 42 18.01 -15.78 9.30
CA SER M 42 18.65 -15.99 10.61
C SER M 42 18.28 -14.88 11.59
N LYS M 43 18.26 -13.65 11.07
CA LYS M 43 17.88 -12.50 11.88
C LYS M 43 16.61 -12.75 12.67
N ASN M 44 15.57 -13.27 12.03
CA ASN M 44 14.32 -13.53 12.74
C ASN M 44 14.41 -14.65 13.78
N HIS M 45 15.35 -15.57 13.61
CA HIS M 45 15.36 -16.76 14.47
C HIS M 45 16.18 -16.38 15.70
N ILE M 46 17.14 -15.48 15.50
CA ILE M 46 17.99 -14.95 16.56
C ILE M 46 17.04 -14.06 17.36
N GLY M 47 16.38 -13.16 16.66
CA GLY M 47 15.29 -12.38 17.24
C GLY M 47 14.31 -13.19 18.08
N ALA M 48 13.59 -14.09 17.41
CA ALA M 48 12.70 -15.03 18.09
C ALA M 48 13.31 -15.56 19.39
N ILE M 49 14.42 -16.29 19.31
CA ILE M 49 15.07 -16.89 20.47
C ILE M 49 15.38 -15.96 21.65
N ALA M 50 15.95 -14.79 21.39
CA ALA M 50 16.08 -13.68 22.35
C ALA M 50 14.77 -13.65 23.12
N GLN M 51 13.82 -12.92 22.55
CA GLN M 51 12.49 -12.75 23.11
C GLN M 51 11.99 -13.89 24.00
N HIS M 52 12.58 -15.08 23.96
CA HIS M 52 12.29 -16.11 24.96
C HIS M 52 13.50 -16.40 25.85
N GLY M 53 14.18 -15.32 26.21
CA GLY M 53 15.46 -15.36 26.92
C GLY M 53 15.46 -16.12 28.24
N ASP M 54 14.28 -16.21 28.83
CA ASP M 54 14.10 -16.91 30.10
C ASP M 54 14.13 -18.44 29.97
N ARG M 55 14.01 -18.94 28.74
CA ARG M 55 13.81 -20.38 28.63
C ARG M 55 14.76 -20.93 27.59
N ALA M 56 15.26 -20.04 26.73
CA ALA M 56 16.17 -20.43 25.66
C ALA M 56 17.40 -19.52 25.56
N GLU M 57 18.49 -20.04 25.01
CA GLU M 57 19.54 -19.16 24.51
C GLU M 57 20.14 -19.67 23.20
N LEU M 58 20.60 -18.76 22.36
CA LEU M 58 21.48 -19.16 21.27
C LEU M 58 22.95 -19.35 21.67
N VAL M 59 23.34 -20.62 21.78
CA VAL M 59 24.66 -21.08 22.22
C VAL M 59 25.66 -21.15 21.06
N GLU M 60 25.23 -21.64 19.91
CA GLU M 60 26.14 -21.83 18.78
C GLU M 60 25.70 -21.27 17.43
N ILE M 61 26.65 -21.02 16.53
CA ILE M 61 26.24 -20.64 15.18
C ILE M 61 27.18 -21.24 14.15
N CYS M 62 26.64 -21.53 12.98
CA CYS M 62 27.39 -22.15 11.89
C CYS M 62 27.04 -21.54 10.52
N ASP M 63 28.07 -21.42 9.68
CA ASP M 63 27.91 -20.94 8.31
C ASP M 63 29.21 -21.16 7.53
N THR M 64 29.11 -21.70 6.33
CA THR M 64 30.28 -22.02 5.54
C THR M 64 30.80 -20.74 4.88
N ASN M 65 30.08 -19.63 5.02
CA ASN M 65 30.61 -18.36 4.58
C ASN M 65 31.09 -17.57 5.80
N PRO M 66 32.40 -17.31 5.87
CA PRO M 66 33.12 -16.79 7.03
C PRO M 66 32.69 -15.39 7.46
N GLU M 67 32.47 -14.49 6.49
CA GLU M 67 31.89 -13.17 6.75
C GLU M 67 30.46 -13.12 7.27
N ALA M 68 29.52 -13.80 6.60
CA ALA M 68 28.25 -14.03 7.28
C ALA M 68 28.46 -14.62 8.67
N LEU M 69 29.31 -15.64 8.81
CA LEU M 69 29.56 -16.14 10.15
C LEU M 69 30.15 -15.11 11.13
N GLN M 70 31.05 -14.25 10.67
CA GLN M 70 31.65 -13.26 11.57
C GLN M 70 30.56 -12.29 12.00
N ALA M 71 29.99 -11.61 11.01
CA ALA M 71 28.89 -10.70 11.26
C ALA M 71 27.99 -11.31 12.33
N ALA M 72 27.71 -12.60 12.21
CA ALA M 72 26.83 -13.20 13.22
C ALA M 72 27.41 -13.47 14.59
N GLU M 73 28.64 -13.96 14.72
CA GLU M 73 29.14 -14.14 16.08
C GLU M 73 29.27 -12.82 16.82
N ALA M 74 29.63 -11.79 16.06
CA ALA M 74 29.73 -10.42 16.57
C ALA M 74 28.39 -9.79 16.96
N ALA M 75 27.27 -10.22 16.38
CA ALA M 75 25.98 -9.77 16.88
C ALA M 75 25.44 -10.67 18.00
N THR M 76 26.05 -11.83 18.22
CA THR M 76 25.42 -12.80 19.11
C THR M 76 26.29 -13.26 20.26
N GLY M 77 27.61 -13.25 20.07
CA GLY M 77 28.52 -13.86 21.03
C GLY M 77 28.50 -15.37 21.15
N ALA M 78 27.85 -16.07 20.23
CA ALA M 78 27.81 -17.52 20.29
C ALA M 78 29.06 -18.18 19.71
N ARG M 79 29.30 -19.44 20.08
CA ARG M 79 30.48 -20.17 19.65
C ARG M 79 30.41 -20.41 18.14
N PRO M 80 31.27 -19.75 17.37
CA PRO M 80 31.23 -20.01 15.92
C PRO M 80 31.72 -21.41 15.54
N PHE M 81 31.22 -21.91 14.41
CA PHE M 81 31.72 -23.11 13.76
C PHE M 81 31.64 -22.80 12.28
N SER M 82 32.46 -23.43 11.45
CA SER M 82 32.45 -23.08 10.03
C SER M 82 31.83 -24.20 9.21
N SER M 83 31.58 -25.34 9.85
CA SER M 83 30.78 -26.39 9.25
C SER M 83 29.88 -27.12 10.25
N LEU M 84 28.74 -27.60 9.77
CA LEU M 84 27.81 -28.34 10.61
C LEU M 84 28.53 -29.49 11.31
N SER M 85 29.27 -30.25 10.52
CA SER M 85 29.88 -31.45 11.08
C SER M 85 30.80 -31.11 12.24
N ASP M 86 31.34 -29.90 12.25
CA ASP M 86 32.26 -29.55 13.33
C ASP M 86 31.40 -29.18 14.52
N MET M 87 30.30 -28.51 14.17
CA MET M 87 29.42 -27.94 15.19
C MET M 87 28.81 -29.12 15.90
N LEU M 88 28.68 -30.24 15.20
CA LEU M 88 28.08 -31.39 15.88
C LEU M 88 29.16 -32.09 16.70
N ALA M 89 30.24 -32.43 16.04
CA ALA M 89 31.40 -33.03 16.68
C ALA M 89 31.79 -32.34 17.99
N GLN M 90 31.75 -31.02 18.06
CA GLN M 90 32.21 -30.36 19.28
C GLN M 90 31.18 -29.56 20.07
N GLY M 91 30.32 -28.85 19.36
CA GLY M 91 29.23 -28.08 19.97
C GLY M 91 28.38 -28.95 20.88
N ASN M 92 27.54 -28.35 21.71
CA ASN M 92 26.63 -29.16 22.51
C ASN M 92 25.13 -28.91 22.34
N ALA M 93 24.73 -27.86 21.63
CA ALA M 93 23.31 -27.52 21.47
C ALA M 93 22.31 -28.68 21.55
N ASP M 94 21.16 -28.42 22.15
CA ASP M 94 20.11 -29.45 22.21
C ASP M 94 19.33 -29.65 20.90
N ALA M 95 19.18 -28.57 20.13
CA ALA M 95 18.29 -28.54 18.98
C ALA M 95 18.91 -27.61 17.96
N LEU M 96 18.95 -28.06 16.72
CA LEU M 96 19.64 -27.25 15.73
C LEU M 96 18.62 -26.65 14.77
N VAL M 97 18.82 -25.37 14.51
CA VAL M 97 17.89 -24.64 13.66
C VAL M 97 18.46 -24.55 12.24
N LEU M 98 17.76 -25.15 11.29
CA LEU M 98 18.17 -25.11 9.89
C LEU M 98 17.66 -23.93 9.06
N ALA M 99 18.50 -22.91 8.96
CA ALA M 99 18.12 -21.70 8.26
C ALA M 99 18.98 -21.54 7.03
N THR M 100 19.38 -22.68 6.45
CA THR M 100 20.05 -22.74 5.15
C THR M 100 19.16 -22.85 3.92
N PRO M 101 19.74 -22.83 2.71
CA PRO M 101 19.02 -23.17 1.48
C PRO M 101 18.16 -24.42 1.60
N SER M 102 16.92 -24.35 1.13
CA SER M 102 15.95 -25.41 1.42
C SER M 102 16.46 -26.80 1.07
N GLY M 103 17.12 -26.91 -0.07
CA GLY M 103 17.59 -28.20 -0.58
C GLY M 103 18.58 -28.89 0.34
N LEU M 104 19.21 -28.16 1.25
CA LEU M 104 20.12 -28.85 2.17
C LEU M 104 19.47 -29.36 3.45
N HIS M 105 18.26 -28.93 3.73
CA HIS M 105 17.64 -29.22 5.02
C HIS M 105 17.57 -30.72 5.32
N PRO M 106 17.24 -31.52 4.31
CA PRO M 106 17.01 -32.94 4.60
C PRO M 106 18.35 -33.55 4.96
N TRP M 107 19.38 -33.19 4.19
CA TRP M 107 20.69 -33.79 4.43
C TRP M 107 21.26 -33.33 5.77
N GLN M 108 21.08 -32.07 6.17
CA GLN M 108 21.48 -31.59 7.48
C GLN M 108 20.69 -32.23 8.64
N ALA M 109 19.37 -32.26 8.52
CA ALA M 109 18.51 -32.90 9.50
C ALA M 109 18.93 -34.34 9.74
N ILE M 110 19.38 -35.04 8.70
CA ILE M 110 19.77 -36.42 8.88
C ILE M 110 21.09 -36.49 9.65
N GLU M 111 22.06 -35.66 9.29
CA GLU M 111 23.29 -35.62 10.08
C GLU M 111 22.95 -35.13 11.49
N VAL M 112 22.14 -34.08 11.63
CA VAL M 112 21.79 -33.63 12.98
C VAL M 112 21.15 -34.73 13.81
N ALA M 113 20.30 -35.54 13.20
CA ALA M 113 19.63 -36.61 13.93
C ALA M 113 20.55 -37.73 14.40
N GLN M 114 21.49 -38.10 13.55
CA GLN M 114 22.46 -39.14 13.87
C GLN M 114 23.46 -38.61 14.90
N ALA M 115 23.55 -37.30 15.12
CA ALA M 115 24.15 -36.76 16.32
C ALA M 115 23.23 -36.72 17.55
N GLY M 116 22.05 -37.33 17.47
CA GLY M 116 21.13 -37.41 18.61
C GLY M 116 20.58 -36.09 19.09
N ARG M 117 20.54 -35.07 18.23
CA ARG M 117 19.95 -33.82 18.68
C ARG M 117 18.62 -33.59 17.94
N HIS M 118 17.82 -32.64 18.43
CA HIS M 118 16.56 -32.24 17.83
C HIS M 118 16.78 -31.29 16.66
N VAL M 119 15.78 -31.30 15.79
CA VAL M 119 15.86 -30.56 14.53
C VAL M 119 14.72 -29.57 14.39
N VAL M 120 15.06 -28.32 14.13
CA VAL M 120 14.06 -27.33 13.80
C VAL M 120 14.32 -26.87 12.38
N SER M 121 13.51 -27.31 11.41
CA SER M 121 13.85 -27.04 10.02
C SER M 121 13.07 -25.87 9.43
N GLU M 122 13.74 -24.92 8.78
CA GLU M 122 12.96 -23.91 8.08
C GLU M 122 12.08 -24.62 7.06
N LYS M 123 11.08 -23.90 6.53
CA LYS M 123 10.27 -24.40 5.43
C LYS M 123 10.90 -24.02 4.10
N PRO M 124 10.62 -24.79 3.03
CA PRO M 124 9.98 -26.11 3.10
C PRO M 124 10.99 -27.10 3.69
N MET M 125 10.57 -28.26 4.17
CA MET M 125 11.53 -29.11 4.85
C MET M 125 12.52 -29.75 3.89
N ALA M 126 12.13 -29.90 2.63
CA ALA M 126 12.98 -30.51 1.62
C ALA M 126 12.51 -29.95 0.28
N THR M 127 13.29 -30.10 -0.80
CA THR M 127 12.77 -29.78 -2.12
C THR M 127 12.31 -31.01 -2.92
N ARG M 128 12.65 -32.20 -2.47
CA ARG M 128 12.32 -33.46 -3.15
C ARG M 128 11.60 -34.41 -2.21
N TRP M 129 10.48 -34.96 -2.65
CA TRP M 129 9.62 -35.81 -1.83
C TRP M 129 10.44 -36.86 -1.05
N GLU M 130 11.44 -37.47 -1.69
CA GLU M 130 12.07 -38.66 -1.14
C GLU M 130 13.02 -38.28 -0.02
N ASP M 131 13.58 -37.08 -0.13
CA ASP M 131 14.48 -36.54 0.90
C ASP M 131 13.62 -36.23 2.12
N GLY M 132 12.43 -35.68 1.89
CA GLY M 132 11.59 -35.36 3.03
C GLY M 132 11.23 -36.64 3.75
N LYS M 133 10.87 -37.69 3.03
CA LYS M 133 10.49 -38.87 3.77
C LYS M 133 11.70 -39.42 4.53
N ARG M 134 12.86 -39.31 3.92
CA ARG M 134 14.11 -39.79 4.50
C ARG M 134 14.49 -39.03 5.77
N MET M 135 14.35 -37.71 5.74
CA MET M 135 14.40 -36.86 6.93
C MET M 135 13.53 -37.34 8.06
N VAL M 136 12.24 -37.50 7.77
CA VAL M 136 11.30 -37.91 8.80
C VAL M 136 11.71 -39.24 9.40
N LYS M 137 12.09 -40.18 8.54
CA LYS M 137 12.51 -41.50 9.03
C LYS M 137 13.80 -41.50 9.87
N ALA M 138 14.78 -40.67 9.52
CA ALA M 138 16.00 -40.63 10.32
C ALA M 138 15.71 -40.15 11.74
N CYS M 139 14.97 -39.05 11.88
CA CYS M 139 14.64 -38.53 13.20
C CYS M 139 13.78 -39.54 13.94
N ASP M 140 12.79 -40.11 13.26
CA ASP M 140 12.08 -41.26 13.83
C ASP M 140 13.12 -42.17 14.46
N GLU M 141 14.05 -42.68 13.65
CA GLU M 141 14.95 -43.71 14.16
C GLU M 141 15.83 -43.24 15.31
N ALA M 142 16.26 -41.98 15.24
CA ALA M 142 17.16 -41.43 16.25
C ALA M 142 16.39 -41.13 17.54
N GLY M 143 15.08 -40.96 17.50
CA GLY M 143 14.32 -40.69 18.72
C GLY M 143 14.31 -39.22 19.07
N VAL M 144 14.47 -38.39 18.04
CA VAL M 144 14.62 -36.95 18.19
C VAL M 144 13.39 -36.26 17.60
N ARG M 145 13.02 -35.13 18.20
CA ARG M 145 12.03 -34.20 17.65
C ARG M 145 12.32 -33.65 16.26
N LEU M 146 11.33 -33.54 15.37
CA LEU M 146 11.52 -32.87 14.09
C LEU M 146 10.50 -31.75 13.94
N PHE M 147 10.93 -30.49 14.04
CA PHE M 147 10.01 -29.38 13.92
C PHE M 147 10.20 -28.82 12.52
N VAL M 148 9.08 -28.50 11.89
CA VAL M 148 9.11 -27.70 10.68
C VAL M 148 8.39 -26.37 10.82
N VAL M 149 9.11 -25.31 10.49
CA VAL M 149 8.59 -23.95 10.69
C VAL M 149 7.45 -23.58 9.75
N LYS M 150 6.26 -23.44 10.33
CA LYS M 150 5.14 -22.83 9.62
C LYS M 150 4.49 -21.79 10.52
N GLN M 151 5.09 -20.61 10.62
CA GLN M 151 4.65 -19.66 11.63
C GLN M 151 3.29 -19.05 11.31
N ASN M 152 2.83 -19.07 10.07
CA ASN M 152 1.51 -18.52 9.74
C ASN M 152 0.36 -19.24 10.44
N ARG M 153 0.59 -20.51 10.75
CA ARG M 153 -0.42 -21.24 11.50
C ARG M 153 -0.74 -20.54 12.80
N ARG M 154 0.14 -19.64 13.23
CA ARG M 154 -0.18 -19.00 14.51
C ARG M 154 -0.91 -17.67 14.38
N ASN M 155 -1.07 -17.14 13.17
CA ASN M 155 -1.89 -15.95 12.97
C ASN M 155 -3.22 -16.05 13.71
N ALA M 156 -3.60 -14.98 14.41
CA ALA M 156 -4.91 -15.00 15.05
C ALA M 156 -6.04 -15.04 14.02
N THR M 157 -5.91 -14.38 12.87
CA THR M 157 -6.92 -14.54 11.82
C THR M 157 -7.17 -16.00 11.46
N LEU M 158 -6.11 -16.76 11.17
CA LEU M 158 -6.33 -18.12 10.69
C LEU M 158 -6.72 -19.06 11.82
N GLN M 159 -6.33 -18.68 13.04
CA GLN M 159 -6.67 -19.47 14.22
C GLN M 159 -8.19 -19.38 14.44
N LEU M 160 -8.82 -18.23 14.19
CA LEU M 160 -10.28 -18.10 14.22
C LEU M 160 -10.98 -18.98 13.19
N VAL M 161 -10.45 -18.99 11.97
CA VAL M 161 -11.04 -19.77 10.90
C VAL M 161 -10.94 -21.26 11.28
N LYS M 162 -9.79 -21.61 11.83
CA LYS M 162 -9.51 -23.01 12.13
C LYS M 162 -10.52 -23.43 13.20
N LYS M 163 -10.76 -22.53 14.14
CA LYS M 163 -11.83 -22.79 15.11
C LYS M 163 -13.20 -22.96 14.47
N ALA M 164 -13.58 -22.07 13.56
CA ALA M 164 -14.90 -22.15 12.93
C ALA M 164 -15.07 -23.54 12.30
N ILE M 165 -13.96 -24.05 11.77
CA ILE M 165 -14.06 -25.22 10.92
C ILE M 165 -14.16 -26.36 11.92
N GLU M 166 -13.28 -26.50 12.89
CA GLU M 166 -13.45 -27.61 13.81
C GLU M 166 -14.77 -27.58 14.58
N GLN M 167 -15.24 -26.40 14.97
CA GLN M 167 -16.51 -26.30 15.67
C GLN M 167 -17.68 -26.86 14.85
N GLY M 168 -17.52 -26.82 13.54
CA GLY M 168 -18.50 -27.34 12.59
C GLY M 168 -19.33 -26.22 11.98
N ARG M 169 -18.95 -24.95 12.15
CA ARG M 169 -19.83 -23.87 11.79
C ARG M 169 -19.90 -23.69 10.28
N PHE M 170 -18.96 -24.23 9.50
CA PHE M 170 -19.11 -24.17 8.05
C PHE M 170 -20.16 -25.17 7.54
N GLY M 171 -20.46 -26.24 8.26
CA GLY M 171 -21.21 -27.31 7.60
C GLY M 171 -20.38 -27.84 6.44
N ARG M 172 -21.00 -28.37 5.39
CA ARG M 172 -20.21 -28.95 4.32
C ARG M 172 -19.46 -27.84 3.58
N ILE M 173 -18.15 -28.02 3.37
CA ILE M 173 -17.29 -27.07 2.67
C ILE M 173 -17.34 -27.34 1.18
N TYR M 174 -17.56 -26.29 0.41
CA TYR M 174 -17.70 -26.42 -1.04
C TYR M 174 -16.59 -25.88 -1.91
N MET M 175 -16.06 -24.72 -1.55
CA MET M 175 -15.24 -23.95 -2.49
C MET M 175 -14.14 -23.24 -1.71
N VAL M 176 -12.91 -23.31 -2.20
CA VAL M 176 -11.77 -22.75 -1.50
C VAL M 176 -10.85 -22.15 -2.55
N THR M 177 -10.51 -20.89 -2.35
CA THR M 177 -9.57 -20.21 -3.24
C THR M 177 -8.48 -19.49 -2.48
N VAL M 178 -7.24 -19.72 -2.94
CA VAL M 178 -6.04 -19.09 -2.42
C VAL M 178 -5.25 -18.30 -3.45
N ASN M 179 -4.91 -17.07 -3.08
CA ASN M 179 -4.12 -16.20 -3.96
C ASN M 179 -2.86 -15.76 -3.25
N VAL M 180 -1.72 -15.92 -3.92
CA VAL M 180 -0.45 -15.34 -3.47
C VAL M 180 0.04 -14.49 -4.64
N PHE M 181 -0.19 -13.19 -4.53
CA PHE M 181 0.13 -12.32 -5.66
C PHE M 181 1.16 -11.41 -4.99
N TRP M 182 2.40 -11.83 -5.13
CA TRP M 182 3.52 -11.14 -4.47
C TRP M 182 4.51 -10.67 -5.53
N THR M 183 5.63 -10.17 -5.04
CA THR M 183 6.61 -9.50 -5.88
C THR M 183 8.03 -9.89 -5.49
N ARG M 184 8.76 -10.38 -6.47
CA ARG M 184 10.17 -10.66 -6.25
C ARG M 184 10.82 -10.19 -7.54
N PRO M 185 11.69 -9.16 -7.50
CA PRO M 185 12.37 -8.72 -8.71
C PRO M 185 13.54 -9.67 -9.01
N GLN M 186 14.07 -9.59 -10.23
CA GLN M 186 15.28 -10.32 -10.58
C GLN M 186 16.39 -10.18 -9.53
N GLU M 187 16.55 -9.01 -8.94
CA GLU M 187 17.70 -8.87 -8.05
C GLU M 187 17.52 -9.69 -6.78
N TYR M 188 16.28 -10.01 -6.39
CA TYR M 188 16.10 -10.86 -5.21
C TYR M 188 16.76 -12.21 -5.52
N TYR M 189 16.57 -12.65 -6.76
CA TYR M 189 17.10 -13.96 -7.16
C TYR M 189 18.62 -13.95 -7.32
N ASP M 190 19.18 -12.85 -7.82
CA ASP M 190 20.63 -12.77 -8.02
C ASP M 190 21.44 -12.65 -6.73
N ALA M 191 20.76 -12.27 -5.67
CA ALA M 191 21.38 -12.05 -4.38
C ALA M 191 22.06 -13.34 -3.95
N ALA M 192 21.59 -14.47 -4.43
CA ALA M 192 22.28 -15.72 -4.07
C ALA M 192 22.07 -16.85 -5.08
N ARG M 193 23.11 -17.63 -5.33
CA ARG M 193 23.10 -18.62 -6.40
C ARG M 193 22.05 -19.71 -6.25
N TRP M 194 21.86 -20.22 -5.04
CA TRP M 194 20.92 -21.31 -4.82
C TRP M 194 19.47 -21.00 -5.13
N ARG M 195 19.12 -19.73 -5.30
CA ARG M 195 17.72 -19.32 -5.39
C ARG M 195 17.09 -19.62 -6.75
N GLY M 196 15.84 -20.07 -6.79
CA GLY M 196 15.17 -20.33 -8.06
C GLY M 196 15.61 -21.62 -8.73
N LYS M 197 16.53 -22.32 -8.06
CA LYS M 197 16.99 -23.60 -8.59
C LYS M 197 16.17 -24.80 -8.11
N TRP M 198 15.91 -25.75 -8.99
CA TRP M 198 15.09 -26.89 -8.59
C TRP M 198 15.74 -27.56 -7.38
N GLU M 199 17.06 -27.70 -7.40
CA GLU M 199 17.66 -28.61 -6.43
C GLU M 199 17.59 -27.91 -5.08
N TRP M 200 17.79 -26.60 -5.02
CA TRP M 200 18.05 -25.95 -3.75
C TRP M 200 16.88 -25.16 -3.18
N ASP M 201 15.98 -24.74 -4.07
CA ASP M 201 14.93 -23.78 -3.76
C ASP M 201 13.57 -24.26 -4.24
N GLY M 202 13.42 -24.70 -5.49
CA GLY M 202 12.09 -24.74 -6.10
C GLY M 202 11.65 -23.33 -6.46
N GLY M 203 10.41 -23.11 -6.89
CA GLY M 203 10.01 -21.79 -7.37
C GLY M 203 8.98 -21.08 -6.50
N ALA M 204 8.19 -20.19 -7.10
CA ALA M 204 7.13 -19.49 -6.38
C ALA M 204 6.29 -20.40 -5.51
N PHE M 205 5.95 -21.61 -5.92
CA PHE M 205 5.11 -22.43 -5.05
C PHE M 205 5.91 -22.97 -3.88
N MET M 206 7.10 -23.52 -4.11
CA MET M 206 7.84 -24.23 -3.07
C MET M 206 8.48 -23.31 -2.04
N ASN M 207 8.80 -22.11 -2.48
CA ASN M 207 9.42 -21.16 -1.56
C ASN M 207 8.37 -20.22 -0.98
N GLN M 208 7.98 -19.18 -1.71
CA GLN M 208 7.08 -18.18 -1.11
C GLN M 208 5.70 -18.68 -0.69
N ALA M 209 5.05 -19.46 -1.55
CA ALA M 209 3.65 -19.82 -1.34
C ALA M 209 3.53 -21.10 -0.52
N SER M 210 4.64 -21.62 -0.01
CA SER M 210 4.51 -22.90 0.69
C SER M 210 3.70 -22.72 1.99
N HIS M 211 3.79 -21.54 2.60
CA HIS M 211 2.90 -21.29 3.73
C HIS M 211 1.42 -21.36 3.38
N TYR M 212 1.07 -21.07 2.13
CA TYR M 212 -0.32 -20.97 1.68
C TYR M 212 -0.73 -22.38 1.29
N VAL M 213 0.12 -23.04 0.52
CA VAL M 213 -0.08 -24.47 0.23
C VAL M 213 -0.38 -25.26 1.50
N ASP M 214 0.34 -24.93 2.57
CA ASP M 214 0.06 -25.57 3.86
C ASP M 214 -1.37 -25.36 4.31
N LEU M 215 -2.03 -24.25 3.99
CA LEU M 215 -3.36 -24.00 4.58
C LEU M 215 -4.37 -25.00 4.04
N LEU M 216 -4.06 -25.53 2.86
CA LEU M 216 -5.07 -26.32 2.16
C LEU M 216 -5.35 -27.59 2.95
N ASP M 217 -4.29 -28.31 3.32
CA ASP M 217 -4.51 -29.53 4.10
C ASP M 217 -4.80 -29.15 5.55
N TRP M 218 -4.09 -28.17 6.12
CA TRP M 218 -4.18 -27.86 7.54
C TRP M 218 -5.55 -27.27 7.91
N LEU M 219 -6.07 -26.31 7.15
CA LEU M 219 -7.40 -25.79 7.46
C LEU M 219 -8.54 -26.64 6.93
N VAL M 220 -8.54 -27.00 5.64
CA VAL M 220 -9.74 -27.56 5.08
C VAL M 220 -9.79 -29.08 5.08
N GLY M 221 -8.64 -29.76 5.11
CA GLY M 221 -8.68 -31.22 5.12
C GLY M 221 -7.77 -31.82 4.07
N PRO M 222 -7.81 -33.15 4.01
CA PRO M 222 -6.91 -33.93 3.16
C PRO M 222 -7.34 -33.76 1.71
N VAL M 223 -6.37 -33.39 0.89
CA VAL M 223 -6.56 -33.06 -0.52
C VAL M 223 -6.53 -34.41 -1.22
N GLU M 224 -7.51 -34.59 -2.11
CA GLU M 224 -7.55 -35.80 -2.92
C GLU M 224 -6.68 -35.79 -4.15
N SER M 225 -6.60 -34.69 -4.88
CA SER M 225 -5.85 -34.63 -6.12
C SER M 225 -5.72 -33.20 -6.57
N VAL M 226 -4.82 -32.95 -7.50
CA VAL M 226 -4.56 -31.58 -7.95
C VAL M 226 -4.24 -31.60 -9.44
N TYR M 227 -4.43 -30.49 -10.13
CA TYR M 227 -3.91 -30.44 -11.49
C TYR M 227 -3.28 -29.07 -11.51
N ALA M 228 -2.04 -28.93 -11.97
CA ALA M 228 -1.45 -27.59 -12.00
C ALA M 228 -0.83 -27.19 -13.34
N TYR M 229 -0.84 -25.89 -13.61
CA TYR M 229 0.07 -25.35 -14.61
C TYR M 229 1.10 -24.43 -13.94
N THR M 230 2.34 -24.39 -14.41
CA THR M 230 3.25 -23.39 -13.87
C THR M 230 4.21 -22.97 -14.97
N ALA M 231 4.88 -21.84 -14.81
CA ALA M 231 5.76 -21.46 -15.91
C ALA M 231 6.79 -20.48 -15.33
N THR M 232 7.83 -20.22 -16.11
CA THR M 232 8.77 -19.17 -15.71
C THR M 232 8.49 -18.10 -16.73
N LEU M 233 7.75 -17.06 -16.34
CA LEU M 233 7.15 -16.18 -17.34
C LEU M 233 8.04 -14.95 -17.52
N ALA M 234 8.92 -14.65 -16.57
CA ALA M 234 9.74 -13.46 -16.74
C ALA M 234 11.08 -13.46 -16.00
N ARG M 235 11.21 -14.13 -14.85
CA ARG M 235 12.48 -14.13 -14.13
C ARG M 235 13.48 -15.08 -14.76
N ARG M 236 14.77 -14.79 -14.63
CA ARG M 236 15.78 -15.72 -15.15
C ARG M 236 16.18 -16.73 -14.08
N ILE M 237 15.42 -17.82 -13.99
CA ILE M 237 15.58 -18.82 -12.94
C ILE M 237 15.20 -20.19 -13.48
N GLU M 238 15.43 -21.25 -12.72
CA GLU M 238 15.01 -22.55 -13.27
C GLU M 238 13.56 -22.93 -13.02
N ALA M 239 13.02 -22.53 -11.88
CA ALA M 239 11.74 -23.06 -11.42
C ALA M 239 10.68 -22.04 -11.83
N GLU M 240 9.42 -22.26 -11.47
CA GLU M 240 8.34 -21.38 -11.93
C GLU M 240 8.27 -20.03 -11.21
N ASP M 241 7.91 -18.93 -11.87
CA ASP M 241 7.58 -17.73 -11.10
C ASP M 241 6.06 -17.48 -11.03
N THR M 242 5.22 -18.25 -11.72
CA THR M 242 3.79 -17.96 -11.83
C THR M 242 3.22 -19.37 -11.96
N GLY M 243 2.14 -19.68 -11.25
CA GLY M 243 1.34 -20.82 -11.66
C GLY M 243 -0.03 -20.94 -11.03
N VAL M 244 -0.71 -22.06 -11.19
CA VAL M 244 -2.06 -22.19 -10.66
C VAL M 244 -2.32 -23.69 -10.53
N ALA M 245 -2.91 -24.13 -9.42
CA ALA M 245 -3.32 -25.53 -9.17
C ALA M 245 -4.82 -25.60 -8.90
N ALA M 246 -5.55 -26.43 -9.66
CA ALA M 246 -6.89 -26.83 -9.26
C ALA M 246 -6.83 -28.01 -8.31
N LEU M 247 -7.82 -28.04 -7.43
CA LEU M 247 -7.74 -28.91 -6.29
C LEU M 247 -9.09 -29.59 -6.06
N ARG M 248 -9.06 -30.81 -5.53
CA ARG M 248 -10.30 -31.44 -5.08
C ARG M 248 -9.95 -32.10 -3.74
N TRP M 249 -10.76 -31.82 -2.72
CA TRP M 249 -10.61 -32.43 -1.40
C TRP M 249 -11.30 -33.78 -1.34
N ARG M 250 -10.87 -34.63 -0.42
CA ARG M 250 -11.50 -35.93 -0.16
C ARG M 250 -12.96 -35.74 0.24
N HIS M 251 -13.33 -34.80 1.10
CA HIS M 251 -14.76 -34.52 1.33
C HIS M 251 -15.56 -33.86 0.20
N GLY M 252 -14.97 -33.61 -0.96
CA GLY M 252 -15.66 -33.13 -2.16
C GLY M 252 -15.49 -31.63 -2.43
N ALA M 253 -15.02 -30.83 -1.48
CA ALA M 253 -14.85 -29.41 -1.83
C ALA M 253 -13.92 -29.27 -3.03
N MET M 254 -13.98 -28.13 -3.72
CA MET M 254 -13.06 -27.91 -4.84
C MET M 254 -12.42 -26.55 -4.62
N GLY M 255 -11.40 -26.22 -5.39
CA GLY M 255 -10.55 -25.12 -4.97
C GLY M 255 -9.48 -24.83 -6.00
N SER M 256 -8.77 -23.73 -5.77
CA SER M 256 -7.64 -23.34 -6.61
C SER M 256 -6.67 -22.56 -5.72
N ILE M 257 -5.38 -22.61 -6.07
CA ILE M 257 -4.41 -21.73 -5.41
C ILE M 257 -3.69 -21.08 -6.57
N ASN M 258 -3.61 -19.75 -6.55
CA ASN M 258 -3.09 -18.99 -7.69
C ASN M 258 -1.88 -18.19 -7.23
N VAL M 259 -0.75 -18.26 -7.94
CA VAL M 259 0.50 -17.77 -7.37
C VAL M 259 1.28 -17.03 -8.44
N THR M 260 1.76 -15.83 -8.12
CA THR M 260 2.82 -15.22 -8.94
C THR M 260 3.76 -14.36 -8.09
N MET M 261 5.02 -14.32 -8.48
CA MET M 261 5.95 -13.38 -7.87
C MET M 261 6.17 -12.25 -8.87
N LEU M 262 5.30 -12.07 -9.86
CA LEU M 262 5.53 -11.03 -10.86
C LEU M 262 4.57 -9.84 -10.68
N THR M 263 4.05 -9.64 -9.46
CA THR M 263 2.96 -8.69 -9.27
C THR M 263 3.52 -7.27 -9.32
N TYR M 264 2.91 -6.47 -10.17
CA TYR M 264 3.21 -5.04 -10.22
C TYR M 264 2.45 -4.23 -9.16
N PRO M 265 3.14 -3.43 -8.35
CA PRO M 265 4.58 -3.19 -8.35
C PRO M 265 5.15 -3.75 -7.05
N GLN M 266 4.31 -4.32 -6.18
CA GLN M 266 4.70 -4.86 -4.88
C GLN M 266 3.59 -5.81 -4.42
N ASN M 267 3.81 -6.45 -3.28
CA ASN M 267 2.86 -7.44 -2.79
C ASN M 267 1.44 -6.88 -2.80
N LEU M 268 0.53 -7.58 -3.47
CA LEU M 268 -0.89 -7.21 -3.54
C LEU M 268 -1.70 -8.04 -2.55
N GLU M 269 -1.54 -9.35 -2.52
CA GLU M 269 -2.50 -10.10 -1.73
C GLU M 269 -1.91 -11.45 -1.38
N GLY M 270 -2.16 -11.87 -0.15
CA GLY M 270 -2.03 -13.25 0.28
C GLY M 270 -3.34 -13.59 0.97
N SER M 271 -4.18 -14.36 0.28
CA SER M 271 -5.55 -14.58 0.76
C SER M 271 -6.13 -15.99 0.68
N ILE M 272 -7.07 -16.23 1.57
CA ILE M 272 -7.83 -17.46 1.52
C ILE M 272 -9.33 -17.18 1.70
N THR M 273 -10.15 -17.82 0.89
CA THR M 273 -11.58 -17.57 0.83
C THR M 273 -12.20 -18.95 0.93
N ILE M 274 -13.04 -19.17 1.92
CA ILE M 274 -13.60 -20.50 2.13
C ILE M 274 -15.12 -20.41 2.25
N LEU M 275 -15.84 -21.17 1.43
CA LEU M 275 -17.30 -21.06 1.36
C LEU M 275 -17.97 -22.40 1.67
N GLY M 276 -18.96 -22.38 2.55
CA GLY M 276 -19.50 -23.62 3.07
C GLY M 276 -21.02 -23.55 3.12
N GLU M 277 -21.61 -24.68 3.49
CA GLU M 277 -23.06 -24.77 3.60
C GLU M 277 -23.62 -23.64 4.47
N LYS M 278 -23.06 -23.43 5.66
CA LYS M 278 -23.56 -22.38 6.53
C LYS M 278 -22.50 -21.38 6.93
N GLY M 279 -21.47 -21.18 6.12
CA GLY M 279 -20.46 -20.18 6.44
C GLY M 279 -19.72 -19.68 5.21
N THR M 280 -19.31 -18.43 5.29
CA THR M 280 -18.54 -17.75 4.27
C THR M 280 -17.44 -16.95 4.97
N VAL M 281 -16.19 -17.26 4.63
CA VAL M 281 -15.10 -16.48 5.18
C VAL M 281 -14.08 -16.04 4.15
N ARG M 282 -13.55 -14.84 4.35
CA ARG M 282 -12.44 -14.42 3.49
C ARG M 282 -11.36 -13.74 4.32
N VAL M 283 -10.18 -14.36 4.44
CA VAL M 283 -9.05 -13.73 5.10
C VAL M 283 -8.24 -13.11 3.95
N GLY M 284 -8.27 -11.78 3.84
CA GLY M 284 -7.45 -11.01 2.89
C GLY M 284 -6.17 -10.43 3.49
N GLY M 285 -5.65 -9.35 2.91
CA GLY M 285 -4.41 -8.75 3.40
C GLY M 285 -3.27 -9.08 2.44
N VAL M 286 -2.01 -8.78 2.77
CA VAL M 286 -0.91 -9.11 1.88
C VAL M 286 -0.40 -10.50 2.26
N ALA M 287 -0.90 -10.95 3.40
CA ALA M 287 -0.42 -12.15 4.08
C ALA M 287 -1.51 -12.66 5.03
N VAL M 288 -2.72 -12.96 4.57
CA VAL M 288 -3.75 -13.57 5.43
C VAL M 288 -3.83 -12.96 6.82
N ASN M 289 -3.75 -11.64 6.83
CA ASN M 289 -3.68 -10.84 8.05
C ASN M 289 -4.90 -9.95 8.30
N ARG M 290 -5.97 -10.10 7.53
CA ARG M 290 -7.14 -9.27 7.79
C ARG M 290 -8.42 -9.97 7.32
N ILE M 291 -9.26 -10.43 8.25
CA ILE M 291 -10.53 -11.04 7.89
C ILE M 291 -11.40 -9.98 7.26
N ASP M 292 -11.91 -10.23 6.05
CA ASP M 292 -12.70 -9.24 5.32
C ASP M 292 -14.14 -9.71 5.15
N GLU M 293 -14.37 -11.01 5.32
CA GLU M 293 -15.73 -11.48 5.11
C GLU M 293 -15.85 -12.59 6.16
N TRP M 294 -16.93 -12.56 6.93
CA TRP M 294 -17.14 -13.51 8.01
C TRP M 294 -18.66 -13.59 8.22
N LYS M 295 -19.32 -14.61 7.67
CA LYS M 295 -20.75 -14.81 7.81
C LYS M 295 -21.07 -16.26 8.13
N PHE M 296 -21.86 -16.45 9.17
CA PHE M 296 -22.23 -17.80 9.58
C PHE M 296 -23.69 -17.90 10.02
N ALA M 297 -24.28 -19.08 9.90
CA ALA M 297 -25.68 -19.19 10.29
C ALA M 297 -25.85 -19.24 11.82
N GLU M 298 -24.80 -19.66 12.51
CA GLU M 298 -24.84 -19.95 13.94
C GLU M 298 -23.87 -19.02 14.65
N PRO M 299 -24.30 -18.52 15.82
CA PRO M 299 -23.53 -17.53 16.57
C PRO M 299 -22.44 -18.14 17.45
N HIS M 300 -21.36 -17.37 17.58
CA HIS M 300 -20.24 -17.74 18.43
C HIS M 300 -19.50 -16.47 18.86
N PRO M 301 -18.99 -16.41 20.09
CA PRO M 301 -18.26 -15.22 20.56
C PRO M 301 -17.11 -14.81 19.65
N ASP M 302 -16.48 -15.75 18.94
CA ASP M 302 -15.40 -15.40 18.02
C ASP M 302 -15.90 -14.37 17.01
N ASP M 303 -17.20 -14.36 16.72
CA ASP M 303 -17.74 -13.51 15.68
C ASP M 303 -17.41 -12.09 16.14
N ASP M 304 -17.07 -11.94 17.41
CA ASP M 304 -16.82 -10.58 17.89
C ASP M 304 -15.33 -10.36 18.12
N LYS M 305 -14.46 -11.32 17.87
CA LYS M 305 -13.02 -11.07 18.00
C LYS M 305 -12.37 -10.72 16.67
N ILE M 306 -13.17 -10.41 15.65
CA ILE M 306 -12.54 -10.20 14.36
C ILE M 306 -11.57 -9.02 14.30
N ARG M 307 -11.91 -7.90 14.92
CA ARG M 307 -11.18 -6.63 14.75
C ARG M 307 -9.88 -6.84 15.49
N GLU M 308 -9.97 -7.57 16.59
CA GLU M 308 -8.72 -7.73 17.30
C GLU M 308 -7.88 -8.87 16.73
N ALA M 309 -8.47 -9.80 16.00
CA ALA M 309 -7.61 -10.81 15.37
C ALA M 309 -6.79 -10.21 14.23
N ASN M 310 -7.46 -9.35 13.46
CA ASN M 310 -6.86 -8.59 12.38
C ASN M 310 -5.78 -7.69 12.97
N TYR M 311 -6.10 -7.00 14.06
CA TYR M 311 -5.17 -6.03 14.64
C TYR M 311 -3.92 -6.79 15.09
N GLU M 312 -4.12 -7.93 15.73
CA GLU M 312 -3.00 -8.71 16.23
C GLU M 312 -2.15 -9.34 15.14
N THR M 313 -2.75 -10.11 14.24
CA THR M 313 -1.95 -10.66 13.14
C THR M 313 -1.22 -9.60 12.32
N THR M 314 -1.88 -8.49 12.00
CA THR M 314 -1.26 -7.50 11.14
C THR M 314 -0.06 -6.84 11.81
N SER M 315 0.05 -7.05 13.12
CA SER M 315 1.01 -6.26 13.88
C SER M 315 2.28 -7.07 14.17
N VAL M 316 2.17 -8.40 14.14
CA VAL M 316 3.36 -9.23 14.14
C VAL M 316 3.73 -9.65 12.72
N TYR M 317 3.22 -8.91 11.74
CA TYR M 317 3.44 -9.25 10.34
C TYR M 317 4.93 -9.04 10.03
N GLY M 318 5.56 -10.10 9.52
CA GLY M 318 7.02 -10.20 9.39
C GLY M 318 7.65 -10.84 10.61
N PHE M 319 6.97 -10.87 11.75
CA PHE M 319 7.64 -11.36 12.96
C PHE M 319 6.87 -12.55 13.53
N GLY M 320 6.74 -13.60 12.75
CA GLY M 320 5.88 -14.71 13.16
C GLY M 320 6.66 -15.73 13.97
N HIS M 321 7.98 -15.70 13.87
CA HIS M 321 8.79 -16.69 14.59
C HIS M 321 8.67 -16.76 16.11
N PRO M 322 8.61 -15.60 16.80
CA PRO M 322 8.51 -15.64 18.26
C PRO M 322 7.38 -16.58 18.71
N LEU M 323 6.22 -16.48 18.05
CA LEU M 323 5.07 -17.27 18.46
C LEU M 323 5.29 -18.75 18.14
N TYR M 324 5.83 -19.02 16.95
CA TYR M 324 6.29 -20.36 16.62
C TYR M 324 7.23 -21.01 17.64
N TYR M 325 8.27 -20.27 17.99
CA TYR M 325 9.29 -20.78 18.91
C TYR M 325 8.67 -21.02 20.28
N ASP M 326 7.66 -20.22 20.61
CA ASP M 326 6.96 -20.46 21.86
C ASP M 326 6.48 -21.90 21.92
N ASN M 327 5.76 -22.36 20.91
CA ASN M 327 5.41 -23.77 20.92
C ASN M 327 6.62 -24.70 20.84
N VAL M 328 7.66 -24.31 20.10
CA VAL M 328 8.87 -25.13 20.06
C VAL M 328 9.40 -25.33 21.48
N ILE M 329 9.49 -24.25 22.25
CA ILE M 329 10.12 -24.30 23.56
C ILE M 329 9.26 -25.14 24.51
N ASN M 330 7.95 -24.93 24.54
CA ASN M 330 7.07 -25.70 25.41
C ASN M 330 7.12 -27.21 25.16
N CYS M 331 7.16 -27.60 23.89
CA CYS M 331 7.20 -29.01 23.51
C CYS M 331 8.47 -29.65 24.05
N LEU M 332 9.57 -28.89 24.00
CA LEU M 332 10.88 -29.46 24.32
C LEU M 332 11.04 -29.60 25.82
N ARG M 333 10.39 -28.69 26.54
CA ARG M 333 10.28 -28.76 28.00
C ARG M 333 9.30 -29.87 28.39
N GLY M 334 8.76 -30.60 27.42
CA GLY M 334 7.75 -31.61 27.71
C GLY M 334 6.35 -31.05 27.82
N ASP M 335 6.12 -29.76 27.58
CA ASP M 335 4.78 -29.19 27.81
C ASP M 335 3.64 -29.79 27.00
N CYS M 336 3.91 -30.03 25.71
CA CYS M 336 2.88 -30.41 24.75
C CYS M 336 3.45 -31.21 23.60
N GLU M 337 2.72 -31.26 22.48
CA GLU M 337 3.15 -31.83 21.21
C GLU M 337 3.62 -30.76 20.22
N PRO M 338 4.42 -31.12 19.21
CA PRO M 338 4.75 -30.09 18.23
C PRO M 338 3.49 -29.75 17.43
N GLU M 339 3.22 -28.46 17.26
CA GLU M 339 2.18 -27.95 16.35
C GLU M 339 2.47 -28.24 14.87
N THR M 340 3.74 -28.30 14.48
CA THR M 340 4.05 -28.57 13.09
C THR M 340 5.34 -29.39 13.10
N ASP M 341 5.18 -30.70 13.13
CA ASP M 341 6.29 -31.65 13.16
C ASP M 341 6.60 -32.07 11.72
N GLY M 342 7.47 -33.06 11.60
CA GLY M 342 7.94 -33.60 10.32
C GLY M 342 6.81 -34.12 9.46
N ARG M 343 6.06 -35.07 9.98
CA ARG M 343 4.88 -35.56 9.26
C ARG M 343 3.92 -34.46 8.84
N GLU M 344 3.81 -33.43 9.68
CA GLU M 344 2.96 -32.29 9.37
C GLU M 344 3.58 -31.52 8.22
N GLY M 345 4.91 -31.44 8.22
CA GLY M 345 5.58 -30.66 7.19
C GLY M 345 5.56 -31.50 5.92
N LEU M 346 5.53 -32.82 6.08
CA LEU M 346 5.36 -33.70 4.93
C LEU M 346 4.05 -33.49 4.16
N GLN M 347 2.93 -33.18 4.81
CA GLN M 347 1.67 -32.89 4.11
C GLN M 347 1.85 -31.80 3.04
N SER M 348 2.36 -30.63 3.42
CA SER M 348 2.45 -29.61 2.37
C SER M 348 3.49 -30.02 1.34
N LEU M 349 4.45 -30.86 1.76
CA LEU M 349 5.48 -31.29 0.81
C LEU M 349 4.94 -32.20 -0.29
N ALA M 350 4.08 -33.13 0.10
CA ALA M 350 3.33 -34.00 -0.79
C ALA M 350 2.53 -33.21 -1.82
N LEU M 351 1.76 -32.24 -1.33
CA LEU M 351 0.98 -31.34 -2.16
C LEU M 351 1.87 -30.62 -3.15
N LEU M 352 2.99 -30.06 -2.68
CA LEU M 352 3.92 -29.35 -3.54
C LEU M 352 4.51 -30.33 -4.55
N THR M 353 4.73 -31.59 -4.18
CA THR M 353 5.33 -32.51 -5.13
C THR M 353 4.29 -32.83 -6.20
N ALA M 354 3.03 -32.98 -5.77
CA ALA M 354 1.95 -33.35 -6.66
C ALA M 354 1.78 -32.17 -7.63
N ILE M 355 1.84 -30.95 -7.12
CA ILE M 355 1.70 -29.78 -8.00
C ILE M 355 2.81 -29.77 -9.04
N TYR M 356 4.06 -29.97 -8.62
CA TYR M 356 5.22 -29.98 -9.50
C TYR M 356 5.14 -31.13 -10.50
N ARG M 357 4.71 -32.33 -10.11
CA ARG M 357 4.69 -33.43 -11.06
C ARG M 357 3.55 -33.14 -12.04
N SER M 358 2.44 -32.59 -11.56
CA SER M 358 1.32 -32.27 -12.46
C SER M 358 1.69 -31.13 -13.39
N ALA M 359 2.43 -30.12 -12.91
CA ALA M 359 2.83 -29.04 -13.81
C ALA M 359 3.71 -29.68 -14.88
N ARG M 360 4.55 -30.63 -14.49
CA ARG M 360 5.53 -31.11 -15.46
C ARG M 360 4.93 -32.15 -16.40
N ASP M 361 4.10 -33.04 -15.88
CA ASP M 361 3.63 -34.16 -16.69
C ASP M 361 2.33 -33.85 -17.43
N GLY M 362 1.57 -32.85 -16.99
CA GLY M 362 0.40 -32.43 -17.76
C GLY M 362 -0.73 -33.38 -17.40
N VAL M 363 -0.78 -33.83 -16.15
CA VAL M 363 -1.74 -34.88 -15.80
C VAL M 363 -2.17 -34.64 -14.34
N ARG M 364 -3.39 -35.02 -14.01
CA ARG M 364 -3.90 -34.86 -12.65
C ARG M 364 -3.03 -35.69 -11.72
N ILE M 365 -2.64 -35.29 -10.51
CA ILE M 365 -1.83 -36.17 -9.65
C ILE M 365 -2.59 -36.45 -8.35
N PRO M 366 -2.95 -37.72 -8.09
CA PRO M 366 -3.72 -37.83 -6.85
C PRO M 366 -2.88 -38.16 -5.62
N LEU M 367 -3.44 -38.05 -4.42
CA LEU M 367 -2.75 -38.31 -3.16
C LEU M 367 -3.35 -39.53 -2.45
N PRO M 368 -2.64 -40.16 -1.50
CA PRO M 368 -1.29 -39.84 -1.05
C PRO M 368 -0.26 -40.38 -2.03
N LEU M 369 0.95 -39.84 -1.97
CA LEU M 369 1.98 -40.21 -2.93
C LEU M 369 2.56 -41.54 -2.44
N ASP M 370 3.18 -42.33 -3.31
CA ASP M 370 3.94 -43.45 -2.77
C ASP M 370 5.26 -42.99 -2.17
N ARG N 29 -38.03 3.13 -41.69
CA ARG N 29 -38.83 2.70 -40.51
C ARG N 29 -38.06 2.22 -39.29
N LYS N 30 -38.81 1.67 -38.34
CA LYS N 30 -38.23 1.07 -37.15
C LYS N 30 -37.91 -0.40 -37.41
N ILE N 31 -37.00 -0.98 -36.63
CA ILE N 31 -36.70 -2.40 -36.68
C ILE N 31 -37.75 -3.20 -35.91
N ARG N 32 -38.22 -4.28 -36.54
CA ARG N 32 -39.30 -5.10 -36.00
C ARG N 32 -38.77 -6.36 -35.31
N PHE N 33 -38.84 -6.36 -33.98
CA PHE N 33 -38.30 -7.44 -33.17
C PHE N 33 -39.33 -8.52 -32.85
N GLY N 34 -38.87 -9.76 -32.87
CA GLY N 34 -39.72 -10.88 -32.47
C GLY N 34 -39.18 -11.56 -31.23
N LEU N 35 -40.06 -11.84 -30.27
CA LEU N 35 -39.61 -12.43 -29.02
C LEU N 35 -40.18 -13.82 -28.75
N VAL N 36 -39.35 -14.84 -28.93
CA VAL N 36 -39.69 -16.21 -28.56
C VAL N 36 -39.29 -16.49 -27.12
N GLY N 37 -40.25 -16.71 -26.23
CA GLY N 37 -39.99 -16.85 -24.80
C GLY N 37 -40.47 -15.65 -24.00
N CYS N 38 -41.46 -15.85 -23.14
CA CYS N 38 -42.04 -14.76 -22.36
C CYS N 38 -41.90 -15.10 -20.89
N GLY N 39 -40.70 -15.54 -20.50
CA GLY N 39 -40.47 -16.15 -19.20
C GLY N 39 -39.84 -15.12 -18.29
N ARG N 40 -39.01 -15.51 -17.33
CA ARG N 40 -38.37 -14.56 -16.41
C ARG N 40 -37.52 -13.44 -17.03
N ILE N 41 -36.71 -13.72 -18.04
CA ILE N 41 -35.95 -12.66 -18.67
C ILE N 41 -36.65 -11.84 -19.75
N SER N 42 -37.90 -12.15 -20.05
CA SER N 42 -38.50 -11.51 -21.21
C SER N 42 -38.67 -10.00 -21.02
N LYS N 43 -39.12 -9.63 -19.83
CA LYS N 43 -39.29 -8.24 -19.43
C LYS N 43 -38.02 -7.42 -19.64
N ASN N 44 -36.82 -8.01 -19.53
CA ASN N 44 -35.68 -7.13 -19.62
C ASN N 44 -35.60 -6.86 -21.11
N HIS N 45 -36.03 -7.83 -21.92
CA HIS N 45 -36.06 -7.54 -23.35
C HIS N 45 -37.16 -6.57 -23.75
N ILE N 46 -38.36 -6.79 -23.22
CA ILE N 46 -39.48 -5.89 -23.41
C ILE N 46 -39.05 -4.50 -22.96
N GLY N 47 -38.57 -4.39 -21.73
CA GLY N 47 -37.97 -3.16 -21.21
C GLY N 47 -37.06 -2.42 -22.17
N ALA N 48 -36.01 -3.08 -22.65
CA ALA N 48 -34.99 -2.52 -23.51
C ALA N 48 -35.41 -2.32 -24.97
N ILE N 49 -36.37 -3.08 -25.49
CA ILE N 49 -36.86 -2.75 -26.82
C ILE N 49 -37.71 -1.49 -26.70
N ALA N 50 -38.31 -1.30 -25.53
CA ALA N 50 -39.10 -0.10 -25.23
C ALA N 50 -38.16 1.09 -25.05
N GLN N 51 -37.10 0.93 -24.28
CA GLN N 51 -36.25 2.09 -24.10
C GLN N 51 -35.43 2.53 -25.31
N HIS N 52 -35.70 1.96 -26.49
CA HIS N 52 -35.21 2.46 -27.78
C HIS N 52 -36.37 2.49 -28.77
N GLY N 53 -37.53 2.88 -28.21
CA GLY N 53 -38.82 2.93 -28.88
C GLY N 53 -38.82 3.83 -30.10
N ASP N 54 -37.95 4.82 -30.14
CA ASP N 54 -37.89 5.58 -31.38
C ASP N 54 -37.17 4.88 -32.52
N ARG N 55 -36.55 3.73 -32.29
CA ARG N 55 -35.80 3.08 -33.37
C ARG N 55 -36.15 1.61 -33.55
N ALA N 56 -37.00 1.07 -32.68
CA ALA N 56 -37.46 -0.30 -32.84
C ALA N 56 -38.74 -0.64 -32.08
N GLU N 57 -39.44 -1.61 -32.65
CA GLU N 57 -40.74 -2.05 -32.15
C GLU N 57 -40.76 -3.57 -31.95
N LEU N 58 -41.30 -3.98 -30.81
CA LEU N 58 -41.64 -5.38 -30.59
C LEU N 58 -42.99 -5.76 -31.20
N VAL N 59 -42.97 -6.20 -32.45
CA VAL N 59 -44.15 -6.61 -33.22
C VAL N 59 -44.90 -7.79 -32.60
N GLU N 60 -44.21 -8.93 -32.52
CA GLU N 60 -44.82 -10.19 -32.14
C GLU N 60 -44.16 -10.81 -30.90
N ILE N 61 -44.84 -11.79 -30.32
CA ILE N 61 -44.29 -12.47 -29.17
C ILE N 61 -44.80 -13.89 -29.20
N CYS N 62 -44.03 -14.81 -28.62
CA CYS N 62 -44.31 -16.21 -28.85
C CYS N 62 -43.94 -17.03 -27.62
N ASP N 63 -44.84 -17.92 -27.21
CA ASP N 63 -44.59 -18.77 -26.05
C ASP N 63 -45.48 -20.00 -26.13
N THR N 64 -44.93 -21.18 -25.89
CA THR N 64 -45.77 -22.38 -25.84
C THR N 64 -46.59 -22.48 -24.54
N ASN N 65 -46.51 -21.46 -23.69
CA ASN N 65 -47.27 -21.50 -22.44
C ASN N 65 -48.29 -20.38 -22.52
N PRO N 66 -49.58 -20.76 -22.57
CA PRO N 66 -50.66 -19.82 -22.84
C PRO N 66 -50.82 -18.81 -21.71
N GLU N 67 -50.65 -19.20 -20.46
CA GLU N 67 -50.59 -18.17 -19.43
C GLU N 67 -49.54 -17.09 -19.67
N ALA N 68 -48.28 -17.46 -19.88
CA ALA N 68 -47.23 -16.46 -20.04
C ALA N 68 -47.45 -15.67 -21.32
N LEU N 69 -47.85 -16.39 -22.36
CA LEU N 69 -48.14 -15.75 -23.64
C LEU N 69 -49.23 -14.69 -23.44
N GLN N 70 -50.29 -15.04 -22.73
CA GLN N 70 -51.33 -14.06 -22.42
C GLN N 70 -50.76 -12.85 -21.66
N ALA N 71 -50.14 -13.15 -20.52
CA ALA N 71 -49.61 -12.11 -19.65
C ALA N 71 -48.76 -11.13 -20.45
N ALA N 72 -48.02 -11.68 -21.41
CA ALA N 72 -47.14 -10.83 -22.20
C ALA N 72 -47.88 -10.02 -23.25
N GLU N 73 -49.11 -10.37 -23.61
CA GLU N 73 -49.78 -9.54 -24.63
C GLU N 73 -50.40 -8.32 -23.96
N ALA N 74 -50.92 -8.56 -22.77
CA ALA N 74 -51.57 -7.55 -21.96
C ALA N 74 -50.45 -6.68 -21.42
N ALA N 75 -49.25 -6.88 -21.97
CA ALA N 75 -48.11 -6.07 -21.55
C ALA N 75 -47.64 -5.24 -22.74
N THR N 76 -47.57 -5.86 -23.91
CA THR N 76 -46.92 -5.24 -25.07
C THR N 76 -47.95 -4.92 -26.14
N GLY N 77 -48.94 -5.80 -26.28
CA GLY N 77 -49.91 -5.62 -27.35
C GLY N 77 -49.31 -6.01 -28.68
N ALA N 78 -48.31 -6.89 -28.65
CA ALA N 78 -47.81 -7.52 -29.87
C ALA N 78 -48.69 -8.71 -30.23
N ARG N 79 -48.58 -9.12 -31.50
CA ARG N 79 -49.33 -10.23 -32.09
C ARG N 79 -48.90 -11.59 -31.56
N PRO N 80 -49.73 -12.21 -30.71
CA PRO N 80 -49.26 -13.43 -30.07
C PRO N 80 -49.29 -14.65 -30.98
N PHE N 81 -48.34 -15.57 -30.81
CA PHE N 81 -48.32 -16.83 -31.53
C PHE N 81 -48.04 -17.92 -30.49
N SER N 82 -48.46 -19.15 -30.78
CA SER N 82 -48.29 -20.20 -29.78
C SER N 82 -47.17 -21.17 -30.10
N SER N 83 -46.55 -21.03 -31.28
CA SER N 83 -45.29 -21.71 -31.51
C SER N 83 -44.48 -20.82 -32.44
N LEU N 84 -43.27 -21.27 -32.75
CA LEU N 84 -42.35 -20.42 -33.50
C LEU N 84 -42.64 -20.55 -34.99
N SER N 85 -43.01 -21.77 -35.36
CA SER N 85 -43.34 -22.10 -36.74
C SER N 85 -44.48 -21.18 -37.18
N ASP N 86 -45.49 -21.05 -36.34
CA ASP N 86 -46.58 -20.11 -36.60
C ASP N 86 -45.96 -18.75 -36.85
N MET N 87 -45.36 -18.17 -35.80
CA MET N 87 -44.65 -16.91 -35.93
C MET N 87 -43.83 -16.77 -37.22
N LEU N 88 -43.21 -17.84 -37.68
CA LEU N 88 -42.41 -17.75 -38.90
C LEU N 88 -43.32 -17.75 -40.12
N ALA N 89 -44.43 -18.48 -40.03
CA ALA N 89 -45.40 -18.61 -41.11
C ALA N 89 -46.11 -17.31 -41.46
N GLN N 90 -46.41 -16.52 -40.44
CA GLN N 90 -47.26 -15.35 -40.57
C GLN N 90 -46.72 -14.08 -39.91
N GLY N 91 -45.90 -14.21 -38.88
CA GLY N 91 -45.29 -13.03 -38.25
C GLY N 91 -44.36 -12.48 -39.31
N ASN N 92 -43.87 -11.25 -39.13
CA ASN N 92 -43.07 -10.64 -40.19
C ASN N 92 -41.75 -10.04 -39.72
N ALA N 93 -41.51 -10.11 -38.41
CA ALA N 93 -40.37 -9.49 -37.75
C ALA N 93 -39.03 -9.52 -38.47
N ASP N 94 -38.24 -8.47 -38.26
CA ASP N 94 -36.87 -8.42 -38.79
C ASP N 94 -35.93 -9.39 -38.07
N ALA N 95 -36.01 -9.40 -36.75
CA ALA N 95 -35.11 -10.19 -35.92
C ALA N 95 -35.99 -10.94 -34.94
N LEU N 96 -35.47 -12.03 -34.40
CA LEU N 96 -36.13 -12.78 -33.33
C LEU N 96 -35.24 -13.07 -32.11
N VAL N 97 -35.69 -12.60 -30.95
CA VAL N 97 -34.97 -12.74 -29.69
C VAL N 97 -35.31 -14.10 -29.13
N LEU N 98 -34.34 -15.01 -29.07
CA LEU N 98 -34.56 -16.27 -28.39
C LEU N 98 -34.39 -16.18 -26.88
N ALA N 99 -35.51 -16.05 -26.16
CA ALA N 99 -35.43 -16.04 -24.72
C ALA N 99 -35.97 -17.31 -24.08
N THR N 100 -35.79 -18.44 -24.77
CA THR N 100 -36.27 -19.73 -24.25
C THR N 100 -35.25 -20.56 -23.47
N PRO N 101 -35.63 -21.70 -22.88
CA PRO N 101 -34.57 -22.53 -22.27
C PRO N 101 -33.37 -22.77 -23.17
N SER N 102 -32.15 -22.77 -22.62
CA SER N 102 -30.94 -22.58 -23.40
C SER N 102 -30.76 -23.61 -24.50
N GLY N 103 -31.06 -24.85 -24.17
CA GLY N 103 -30.92 -25.96 -25.13
C GLY N 103 -31.75 -25.83 -26.40
N LEU N 104 -32.79 -25.01 -26.38
CA LEU N 104 -33.58 -24.85 -27.60
C LEU N 104 -32.94 -23.82 -28.55
N HIS N 105 -32.10 -22.95 -28.03
CA HIS N 105 -31.56 -21.87 -28.85
C HIS N 105 -31.10 -22.35 -30.21
N PRO N 106 -30.31 -23.43 -30.25
CA PRO N 106 -29.76 -23.80 -31.54
C PRO N 106 -30.83 -24.23 -32.55
N TRP N 107 -31.81 -25.02 -32.14
CA TRP N 107 -32.78 -25.56 -33.09
C TRP N 107 -33.73 -24.45 -33.53
N GLN N 108 -34.20 -23.69 -32.56
CA GLN N 108 -34.83 -22.42 -32.91
C GLN N 108 -34.03 -21.54 -33.87
N ALA N 109 -32.80 -21.17 -33.53
CA ALA N 109 -32.03 -20.23 -34.36
C ALA N 109 -31.98 -20.73 -35.80
N ILE N 110 -31.81 -22.04 -35.93
CA ILE N 110 -31.69 -22.66 -37.25
C ILE N 110 -32.97 -22.55 -38.05
N GLU N 111 -34.13 -22.63 -37.40
CA GLU N 111 -35.41 -22.47 -38.07
C GLU N 111 -35.62 -21.02 -38.48
N VAL N 112 -35.49 -20.09 -37.53
CA VAL N 112 -35.53 -18.68 -37.88
C VAL N 112 -34.61 -18.32 -39.04
N ALA N 113 -33.38 -18.84 -39.03
CA ALA N 113 -32.47 -18.60 -40.14
C ALA N 113 -33.10 -19.01 -41.47
N GLN N 114 -33.48 -20.27 -41.57
CA GLN N 114 -34.07 -20.81 -42.79
C GLN N 114 -35.30 -19.99 -43.17
N ALA N 115 -35.98 -19.32 -42.24
CA ALA N 115 -37.05 -18.41 -42.63
C ALA N 115 -36.52 -17.04 -43.07
N GLY N 116 -35.21 -16.83 -43.02
CA GLY N 116 -34.60 -15.62 -43.55
C GLY N 116 -34.58 -14.40 -42.65
N ARG N 117 -34.73 -14.58 -41.35
CA ARG N 117 -34.62 -13.40 -40.50
C ARG N 117 -33.38 -13.55 -39.63
N HIS N 118 -32.90 -12.43 -39.09
CA HIS N 118 -31.82 -12.45 -38.12
C HIS N 118 -32.26 -13.00 -36.76
N VAL N 119 -31.29 -13.52 -36.03
CA VAL N 119 -31.43 -14.13 -34.71
C VAL N 119 -30.63 -13.41 -33.63
N VAL N 120 -31.24 -13.25 -32.46
CA VAL N 120 -30.63 -12.66 -31.28
C VAL N 120 -30.81 -13.70 -30.18
N SER N 121 -29.80 -14.53 -29.91
CA SER N 121 -29.91 -15.63 -28.98
C SER N 121 -29.51 -15.21 -27.57
N GLU N 122 -30.36 -15.46 -26.58
CA GLU N 122 -29.88 -15.30 -25.21
C GLU N 122 -28.65 -16.19 -25.03
N LYS N 123 -27.85 -15.99 -23.98
CA LYS N 123 -26.74 -16.90 -23.68
C LYS N 123 -27.20 -18.06 -22.82
N PRO N 124 -26.51 -19.22 -22.86
CA PRO N 124 -25.48 -19.47 -23.85
C PRO N 124 -26.18 -19.73 -25.18
N MET N 125 -25.50 -19.60 -26.30
CA MET N 125 -26.15 -19.84 -27.58
C MET N 125 -26.61 -21.29 -27.74
N ALA N 126 -25.94 -22.21 -27.07
CA ALA N 126 -26.31 -23.62 -27.10
C ALA N 126 -25.87 -24.36 -25.85
N THR N 127 -26.41 -25.56 -25.63
CA THR N 127 -25.75 -26.38 -24.61
C THR N 127 -24.78 -27.41 -25.17
N ARG N 128 -24.74 -27.68 -26.48
CA ARG N 128 -23.78 -28.69 -26.90
C ARG N 128 -22.92 -28.08 -28.00
N TRP N 129 -21.66 -28.47 -28.04
CA TRP N 129 -20.70 -27.82 -28.94
C TRP N 129 -21.17 -28.01 -30.39
N GLU N 130 -21.50 -29.23 -30.79
CA GLU N 130 -21.96 -29.43 -32.18
C GLU N 130 -23.15 -28.55 -32.57
N ASP N 131 -24.12 -28.37 -31.68
CA ASP N 131 -25.28 -27.57 -32.06
C ASP N 131 -24.83 -26.13 -32.26
N GLY N 132 -23.88 -25.66 -31.47
CA GLY N 132 -23.48 -24.27 -31.63
C GLY N 132 -22.91 -24.03 -33.00
N LYS N 133 -21.97 -24.88 -33.40
CA LYS N 133 -21.50 -24.89 -34.78
C LYS N 133 -22.58 -24.92 -35.85
N ARG N 134 -23.49 -25.90 -35.82
CA ARG N 134 -24.60 -25.98 -36.78
C ARG N 134 -25.43 -24.71 -36.87
N MET N 135 -25.75 -24.23 -35.68
CA MET N 135 -26.46 -22.96 -35.50
C MET N 135 -25.70 -21.85 -36.22
N VAL N 136 -24.38 -21.72 -36.05
CA VAL N 136 -23.65 -20.63 -36.69
C VAL N 136 -23.60 -20.90 -38.19
N LYS N 137 -23.47 -22.18 -38.56
CA LYS N 137 -23.37 -22.45 -40.00
C LYS N 137 -24.72 -22.16 -40.66
N ALA N 138 -25.82 -22.43 -39.96
CA ALA N 138 -27.13 -22.18 -40.52
C ALA N 138 -27.32 -20.70 -40.79
N CYS N 139 -26.97 -19.83 -39.84
CA CYS N 139 -27.05 -18.41 -40.15
C CYS N 139 -26.09 -18.02 -41.26
N ASP N 140 -24.90 -18.60 -41.25
CA ASP N 140 -23.98 -18.41 -42.38
C ASP N 140 -24.71 -18.49 -43.72
N GLU N 141 -25.13 -19.70 -44.10
CA GLU N 141 -26.06 -19.94 -45.19
C GLU N 141 -27.26 -19.00 -45.32
N ALA N 142 -28.06 -18.80 -44.28
CA ALA N 142 -29.21 -17.92 -44.43
C ALA N 142 -28.76 -16.54 -44.91
N GLY N 143 -27.47 -16.25 -44.79
CA GLY N 143 -26.96 -14.88 -44.86
C GLY N 143 -27.61 -13.95 -43.86
N VAL N 144 -27.87 -14.44 -42.65
CA VAL N 144 -28.60 -13.71 -41.61
C VAL N 144 -27.69 -13.37 -40.43
N ARG N 145 -28.12 -12.45 -39.58
CA ARG N 145 -27.30 -11.92 -38.51
C ARG N 145 -27.51 -12.74 -37.25
N LEU N 146 -26.44 -13.28 -36.68
CA LEU N 146 -26.62 -14.02 -35.44
C LEU N 146 -25.93 -13.25 -34.31
N PHE N 147 -26.74 -12.72 -33.41
CA PHE N 147 -26.19 -11.95 -32.30
C PHE N 147 -26.34 -12.87 -31.11
N VAL N 148 -25.34 -12.96 -30.25
CA VAL N 148 -25.59 -13.59 -28.98
C VAL N 148 -25.53 -12.53 -27.87
N VAL N 149 -26.47 -12.59 -26.93
CA VAL N 149 -26.48 -11.74 -25.75
C VAL N 149 -25.40 -11.94 -24.68
N LYS N 150 -24.46 -10.99 -24.61
CA LYS N 150 -23.47 -10.91 -23.54
C LYS N 150 -23.35 -9.47 -23.05
N GLN N 151 -24.27 -9.06 -22.18
CA GLN N 151 -24.42 -7.65 -21.91
C GLN N 151 -23.34 -7.06 -21.01
N ASN N 152 -22.77 -7.88 -20.14
CA ASN N 152 -21.74 -7.42 -19.21
C ASN N 152 -20.58 -6.80 -19.99
N ARG N 153 -20.41 -7.21 -21.24
CA ARG N 153 -19.34 -6.68 -22.09
C ARG N 153 -19.46 -5.16 -22.17
N ARG N 154 -20.68 -4.68 -21.98
CA ARG N 154 -21.03 -3.26 -22.08
C ARG N 154 -20.75 -2.54 -20.77
N ASN N 155 -20.67 -3.28 -19.67
CA ASN N 155 -20.37 -2.64 -18.40
C ASN N 155 -19.30 -1.56 -18.60
N ALA N 156 -19.37 -0.47 -17.84
CA ALA N 156 -18.41 0.61 -17.99
C ALA N 156 -17.09 0.16 -17.36
N THR N 157 -17.14 -0.55 -16.24
CA THR N 157 -15.95 -1.10 -15.61
C THR N 157 -15.11 -1.91 -16.61
N LEU N 158 -15.71 -2.86 -17.32
CA LEU N 158 -14.93 -3.79 -18.15
C LEU N 158 -14.49 -3.16 -19.45
N GLN N 159 -15.20 -2.11 -19.87
CA GLN N 159 -14.78 -1.35 -21.03
C GLN N 159 -13.47 -0.66 -20.70
N LEU N 160 -13.35 -0.17 -19.45
CA LEU N 160 -12.08 0.37 -18.94
C LEU N 160 -11.02 -0.70 -18.98
N VAL N 161 -11.26 -1.88 -18.40
CA VAL N 161 -10.22 -2.91 -18.46
C VAL N 161 -9.84 -3.27 -19.90
N LYS N 162 -10.87 -3.45 -20.70
CA LYS N 162 -10.68 -3.81 -22.10
C LYS N 162 -9.87 -2.76 -22.88
N LYS N 163 -10.10 -1.47 -22.70
CA LYS N 163 -9.26 -0.51 -23.42
C LYS N 163 -7.83 -0.56 -22.93
N ALA N 164 -7.66 -0.77 -21.63
CA ALA N 164 -6.30 -0.83 -21.09
C ALA N 164 -5.53 -2.04 -21.63
N ILE N 165 -6.21 -3.18 -21.70
CA ILE N 165 -5.58 -4.32 -22.35
C ILE N 165 -5.14 -4.02 -23.79
N GLU N 166 -6.10 -3.57 -24.58
CA GLU N 166 -5.90 -3.28 -26.00
C GLU N 166 -4.78 -2.26 -26.24
N GLN N 167 -4.68 -1.23 -25.40
CA GLN N 167 -3.58 -0.30 -25.54
C GLN N 167 -2.25 -0.87 -25.06
N GLY N 168 -2.18 -2.11 -24.57
CA GLY N 168 -0.90 -2.66 -24.13
C GLY N 168 -0.45 -2.18 -22.78
N ARG N 169 -1.38 -1.65 -21.99
CA ARG N 169 -0.92 -1.03 -20.77
C ARG N 169 -0.48 -2.00 -19.67
N PHE N 170 -0.87 -3.26 -19.76
CA PHE N 170 -0.45 -4.23 -18.76
C PHE N 170 0.93 -4.80 -19.09
N GLY N 171 1.38 -4.64 -20.33
CA GLY N 171 2.58 -5.35 -20.76
C GLY N 171 2.19 -6.82 -20.88
N ARG N 172 3.10 -7.73 -20.62
CA ARG N 172 2.78 -9.16 -20.71
C ARG N 172 1.84 -9.57 -19.58
N ILE N 173 0.77 -10.27 -19.92
CA ILE N 173 -0.14 -10.69 -18.88
C ILE N 173 0.35 -11.99 -18.25
N TYR N 174 0.29 -12.10 -16.93
CA TYR N 174 0.81 -13.28 -16.25
C TYR N 174 -0.25 -14.06 -15.49
N MET N 175 -1.15 -13.40 -14.76
CA MET N 175 -2.04 -14.18 -13.91
C MET N 175 -3.41 -13.53 -13.96
N VAL N 176 -4.45 -14.35 -14.05
CA VAL N 176 -5.84 -13.95 -14.27
C VAL N 176 -6.73 -14.85 -13.41
N THR N 177 -7.54 -14.28 -12.53
CA THR N 177 -8.40 -15.11 -11.68
C THR N 177 -9.84 -14.59 -11.71
N VAL N 178 -10.81 -15.48 -11.95
CA VAL N 178 -12.21 -15.08 -12.01
C VAL N 178 -12.95 -15.85 -10.93
N ASN N 179 -13.76 -15.15 -10.13
CA ASN N 179 -14.57 -15.86 -9.15
C ASN N 179 -16.02 -15.48 -9.35
N VAL N 180 -16.88 -16.48 -9.18
CA VAL N 180 -18.31 -16.28 -9.24
C VAL N 180 -18.95 -17.06 -8.10
N PHE N 181 -19.09 -16.39 -6.97
CA PHE N 181 -19.59 -16.97 -5.72
C PHE N 181 -21.01 -16.50 -5.48
N TRP N 182 -21.98 -17.23 -6.04
CA TRP N 182 -23.37 -16.76 -6.04
C TRP N 182 -24.25 -17.75 -5.29
N THR N 183 -25.53 -17.41 -5.21
CA THR N 183 -26.49 -18.20 -4.46
C THR N 183 -27.72 -18.49 -5.31
N ARG N 184 -28.06 -19.76 -5.49
CA ARG N 184 -29.28 -20.25 -6.14
C ARG N 184 -29.83 -21.34 -5.22
N PRO N 185 -30.88 -21.06 -4.41
CA PRO N 185 -31.51 -22.10 -3.60
C PRO N 185 -32.27 -23.12 -4.45
N GLN N 186 -32.60 -24.25 -3.83
CA GLN N 186 -33.30 -25.32 -4.54
C GLN N 186 -34.54 -24.77 -5.23
N GLU N 187 -35.24 -23.86 -4.57
CA GLU N 187 -36.50 -23.25 -5.02
C GLU N 187 -36.26 -22.63 -6.39
N TYR N 188 -35.09 -22.03 -6.58
CA TYR N 188 -34.78 -21.52 -7.93
C TYR N 188 -34.78 -22.59 -9.03
N TYR N 189 -34.15 -23.74 -8.77
CA TYR N 189 -34.05 -24.83 -9.75
C TYR N 189 -35.41 -25.48 -9.97
N ASP N 190 -36.20 -25.60 -8.92
CA ASP N 190 -37.55 -26.14 -8.94
C ASP N 190 -38.58 -25.29 -9.69
N ALA N 191 -38.26 -24.03 -9.95
CA ALA N 191 -39.20 -23.13 -10.61
C ALA N 191 -39.49 -23.52 -12.07
N ALA N 192 -38.58 -24.20 -12.73
CA ALA N 192 -38.91 -24.72 -14.06
C ALA N 192 -38.18 -26.04 -14.32
N ARG N 193 -38.89 -26.96 -14.95
CA ARG N 193 -38.39 -28.29 -15.31
C ARG N 193 -36.99 -28.26 -15.95
N TRP N 194 -36.81 -27.40 -16.95
CA TRP N 194 -35.61 -27.52 -17.77
C TRP N 194 -34.35 -27.13 -17.02
N ARG N 195 -34.44 -26.55 -15.84
CA ARG N 195 -33.25 -25.95 -15.24
C ARG N 195 -32.32 -26.95 -14.58
N GLY N 196 -31.01 -26.77 -14.70
CA GLY N 196 -30.10 -27.72 -14.05
C GLY N 196 -29.93 -29.02 -14.82
N LYS N 197 -30.68 -29.17 -15.91
CA LYS N 197 -30.48 -30.27 -16.85
C LYS N 197 -29.39 -30.06 -17.88
N TRP N 198 -28.66 -31.14 -18.13
CA TRP N 198 -27.57 -31.14 -19.10
C TRP N 198 -28.05 -30.65 -20.47
N GLU N 199 -29.16 -31.23 -20.93
CA GLU N 199 -29.59 -31.03 -22.30
C GLU N 199 -30.14 -29.61 -22.41
N TRP N 200 -30.78 -29.08 -21.38
CA TRP N 200 -31.48 -27.80 -21.55
C TRP N 200 -30.80 -26.54 -21.01
N ASP N 201 -29.88 -26.72 -20.07
CA ASP N 201 -29.28 -25.66 -19.26
C ASP N 201 -27.76 -25.76 -19.07
N GLY N 202 -27.20 -26.92 -18.72
CA GLY N 202 -25.92 -27.04 -18.02
C GLY N 202 -26.01 -26.66 -16.55
N GLY N 203 -24.91 -26.54 -15.82
CA GLY N 203 -25.01 -26.14 -14.40
C GLY N 203 -24.54 -24.72 -14.16
N ALA N 204 -23.89 -24.50 -13.02
CA ALA N 204 -23.36 -23.18 -12.69
C ALA N 204 -22.45 -22.57 -13.76
N PHE N 205 -21.58 -23.34 -14.38
CA PHE N 205 -20.71 -22.76 -15.40
C PHE N 205 -21.47 -22.25 -16.61
N MET N 206 -22.31 -23.11 -17.17
CA MET N 206 -22.93 -22.87 -18.47
C MET N 206 -24.02 -21.81 -18.41
N ASN N 207 -24.82 -21.84 -17.35
CA ASN N 207 -25.88 -20.84 -17.22
C ASN N 207 -25.28 -19.59 -16.57
N GLN N 208 -25.18 -19.55 -15.25
CA GLN N 208 -24.77 -18.36 -14.50
C GLN N 208 -23.40 -17.75 -14.78
N ALA N 209 -22.38 -18.60 -14.87
CA ALA N 209 -21.01 -18.11 -14.91
C ALA N 209 -20.61 -17.92 -16.37
N SER N 210 -21.53 -18.14 -17.30
CA SER N 210 -21.12 -18.10 -18.68
C SER N 210 -20.76 -16.65 -19.05
N HIS N 211 -21.34 -15.61 -18.46
CA HIS N 211 -20.87 -14.24 -18.69
C HIS N 211 -19.43 -14.01 -18.25
N TYR N 212 -18.96 -14.86 -17.33
CA TYR N 212 -17.67 -14.72 -16.69
C TYR N 212 -16.68 -15.54 -17.51
N VAL N 213 -17.07 -16.74 -17.89
CA VAL N 213 -16.29 -17.50 -18.86
C VAL N 213 -15.98 -16.70 -20.11
N ASP N 214 -16.91 -15.85 -20.52
CA ASP N 214 -16.80 -15.06 -21.75
C ASP N 214 -15.67 -14.05 -21.64
N LEU N 215 -15.30 -13.67 -20.41
CA LEU N 215 -14.28 -12.67 -20.23
C LEU N 215 -12.89 -13.24 -20.49
N LEU N 216 -12.73 -14.55 -20.37
CA LEU N 216 -11.45 -15.19 -20.55
C LEU N 216 -10.91 -14.93 -21.96
N ASP N 217 -11.70 -15.29 -22.96
CA ASP N 217 -11.21 -15.04 -24.32
C ASP N 217 -11.42 -13.57 -24.64
N TRP N 218 -12.51 -12.97 -24.19
CA TRP N 218 -12.76 -11.61 -24.67
C TRP N 218 -11.73 -10.62 -24.14
N LEU N 219 -11.55 -10.54 -22.83
CA LEU N 219 -10.50 -9.67 -22.31
C LEU N 219 -9.07 -10.14 -22.57
N VAL N 220 -8.80 -11.41 -22.27
CA VAL N 220 -7.41 -11.83 -22.16
C VAL N 220 -6.79 -12.50 -23.39
N GLY N 221 -7.60 -13.00 -24.30
CA GLY N 221 -7.13 -13.65 -25.52
C GLY N 221 -7.33 -15.16 -25.52
N PRO N 222 -6.90 -15.82 -26.61
CA PRO N 222 -7.21 -17.22 -26.91
C PRO N 222 -6.69 -18.16 -25.83
N VAL N 223 -7.53 -19.03 -25.28
CA VAL N 223 -7.12 -20.00 -24.28
C VAL N 223 -6.47 -21.21 -24.95
N GLU N 224 -5.38 -21.74 -24.40
CA GLU N 224 -4.76 -22.93 -25.00
C GLU N 224 -5.35 -24.24 -24.48
N SER N 225 -5.54 -24.36 -23.17
CA SER N 225 -6.16 -25.58 -22.67
C SER N 225 -6.75 -25.31 -21.29
N VAL N 226 -7.63 -26.19 -20.81
CA VAL N 226 -8.09 -26.03 -19.43
C VAL N 226 -8.07 -27.36 -18.69
N TYR N 227 -8.29 -27.34 -17.37
CA TYR N 227 -8.49 -28.57 -16.61
C TYR N 227 -9.45 -28.13 -15.51
N ALA N 228 -10.46 -28.97 -15.27
CA ALA N 228 -11.57 -28.57 -14.42
C ALA N 228 -11.95 -29.67 -13.45
N TYR N 229 -12.45 -29.28 -12.29
CA TYR N 229 -13.19 -30.26 -11.50
C TYR N 229 -14.53 -29.56 -11.32
N THR N 230 -15.58 -30.37 -11.36
CA THR N 230 -16.90 -29.84 -11.02
C THR N 230 -17.70 -30.95 -10.34
N ALA N 231 -18.68 -30.62 -9.50
CA ALA N 231 -19.55 -31.62 -8.89
C ALA N 231 -20.91 -30.97 -8.62
N THR N 232 -21.88 -31.79 -8.26
CA THR N 232 -23.16 -31.37 -7.72
C THR N 232 -23.00 -31.51 -6.21
N LEU N 233 -22.69 -30.46 -5.47
CA LEU N 233 -22.40 -30.68 -4.07
C LEU N 233 -23.65 -30.58 -3.21
N ALA N 234 -24.61 -29.73 -3.56
CA ALA N 234 -25.78 -29.66 -2.68
C ALA N 234 -27.15 -29.67 -3.36
N ARG N 235 -27.29 -29.01 -4.51
CA ARG N 235 -28.63 -28.93 -5.10
C ARG N 235 -29.11 -30.24 -5.73
N ARG N 236 -30.43 -30.46 -5.73
CA ARG N 236 -30.94 -31.60 -6.46
C ARG N 236 -31.12 -31.28 -7.94
N ILE N 237 -30.05 -31.36 -8.73
CA ILE N 237 -30.14 -31.05 -10.15
C ILE N 237 -29.18 -32.02 -10.84
N GLU N 238 -29.17 -31.97 -12.17
CA GLU N 238 -28.31 -32.84 -12.97
C GLU N 238 -26.85 -32.40 -13.10
N ALA N 239 -26.68 -31.10 -13.36
CA ALA N 239 -25.41 -30.47 -13.68
C ALA N 239 -24.64 -29.99 -12.44
N GLU N 240 -23.51 -29.34 -12.65
CA GLU N 240 -22.68 -28.99 -11.50
C GLU N 240 -23.32 -27.78 -10.83
N ASP N 241 -23.31 -27.75 -9.50
CA ASP N 241 -23.57 -26.52 -8.76
C ASP N 241 -22.27 -25.87 -8.28
N THR N 242 -21.12 -26.51 -8.53
CA THR N 242 -19.84 -26.03 -8.01
C THR N 242 -18.71 -26.49 -8.91
N GLY N 243 -17.74 -25.61 -9.19
CA GLY N 243 -16.56 -26.11 -9.90
C GLY N 243 -15.40 -25.15 -10.03
N VAL N 244 -14.28 -25.67 -10.51
CA VAL N 244 -13.03 -24.94 -10.70
C VAL N 244 -12.47 -25.28 -12.06
N ALA N 245 -12.02 -24.30 -12.84
CA ALA N 245 -11.14 -24.59 -13.96
C ALA N 245 -9.80 -23.86 -13.83
N ALA N 246 -8.70 -24.59 -13.99
CA ALA N 246 -7.40 -23.98 -14.22
C ALA N 246 -7.24 -23.80 -15.72
N LEU N 247 -6.53 -22.75 -16.10
CA LEU N 247 -6.37 -22.34 -17.49
C LEU N 247 -4.96 -21.90 -17.88
N ARG N 248 -4.62 -22.09 -19.15
CA ARG N 248 -3.39 -21.56 -19.73
C ARG N 248 -3.81 -20.89 -21.03
N TRP N 249 -3.35 -19.66 -21.24
CA TRP N 249 -3.54 -18.91 -22.50
C TRP N 249 -2.40 -19.16 -23.49
N ARG N 250 -2.66 -19.03 -24.78
CA ARG N 250 -1.63 -19.30 -25.77
C ARG N 250 -0.49 -18.32 -25.58
N HIS N 251 -0.70 -17.08 -25.12
CA HIS N 251 0.44 -16.19 -24.89
C HIS N 251 1.15 -16.47 -23.58
N GLY N 252 0.67 -17.44 -22.81
CA GLY N 252 1.44 -17.88 -21.65
C GLY N 252 0.92 -17.63 -20.25
N ALA N 253 0.07 -16.62 -20.14
CA ALA N 253 -0.60 -16.35 -18.86
C ALA N 253 -1.33 -17.60 -18.36
N MET N 254 -1.52 -17.74 -17.05
CA MET N 254 -2.26 -18.80 -16.39
C MET N 254 -3.30 -18.18 -15.46
N GLY N 255 -4.29 -18.96 -15.03
CA GLY N 255 -5.45 -18.43 -14.35
C GLY N 255 -6.41 -19.46 -13.78
N SER N 256 -7.40 -19.01 -13.01
CA SER N 256 -8.45 -19.96 -12.68
C SER N 256 -9.77 -19.21 -12.77
N ILE N 257 -10.81 -19.97 -13.03
CA ILE N 257 -12.15 -19.46 -12.82
C ILE N 257 -12.82 -20.39 -11.81
N ASN N 258 -13.51 -19.85 -10.83
CA ASN N 258 -13.97 -20.61 -9.66
C ASN N 258 -15.40 -20.18 -9.44
N VAL N 259 -16.34 -21.12 -9.31
CA VAL N 259 -17.76 -20.86 -9.46
C VAL N 259 -18.54 -21.72 -8.47
N THR N 260 -19.43 -21.14 -7.68
CA THR N 260 -20.38 -21.97 -6.95
C THR N 260 -21.70 -21.22 -6.87
N MET N 261 -22.85 -21.90 -6.93
CA MET N 261 -24.15 -21.29 -6.69
C MET N 261 -24.58 -21.66 -5.26
N LEU N 262 -23.60 -22.06 -4.46
CA LEU N 262 -23.90 -22.47 -3.11
C LEU N 262 -23.45 -21.49 -2.03
N THR N 263 -23.34 -20.20 -2.33
CA THR N 263 -22.69 -19.30 -1.37
C THR N 263 -23.66 -18.86 -0.28
N TYR N 264 -23.26 -19.07 0.96
CA TYR N 264 -24.01 -18.61 2.12
C TYR N 264 -23.85 -17.11 2.38
N PRO N 265 -24.95 -16.36 2.57
CA PRO N 265 -26.37 -16.63 2.36
C PRO N 265 -26.90 -15.91 1.12
N GLN N 266 -26.06 -15.35 0.27
CA GLN N 266 -26.52 -14.60 -0.91
C GLN N 266 -25.30 -14.24 -1.74
N ASN N 267 -25.48 -13.72 -2.95
CA ASN N 267 -24.33 -13.41 -3.81
C ASN N 267 -23.20 -12.72 -3.04
N LEU N 268 -21.98 -13.23 -3.16
CA LEU N 268 -20.82 -12.64 -2.49
C LEU N 268 -19.91 -11.93 -3.50
N GLU N 269 -19.63 -12.51 -4.66
CA GLU N 269 -18.60 -11.96 -5.54
C GLU N 269 -18.73 -12.44 -7.00
N GLY N 270 -18.67 -11.51 -7.95
CA GLY N 270 -18.48 -11.77 -9.37
C GLY N 270 -17.30 -10.89 -9.71
N SER N 271 -16.10 -11.47 -9.81
CA SER N 271 -14.91 -10.63 -9.93
C SER N 271 -13.90 -11.22 -10.90
N ILE N 272 -13.12 -10.30 -11.47
CA ILE N 272 -11.97 -10.64 -12.31
C ILE N 272 -10.71 -9.90 -11.90
N THR N 273 -9.59 -10.61 -11.77
CA THR N 273 -8.32 -10.03 -11.37
C THR N 273 -7.27 -10.31 -12.44
N ILE N 274 -6.63 -9.24 -12.94
CA ILE N 274 -5.64 -9.41 -13.98
C ILE N 274 -4.28 -8.83 -13.62
N LEU N 275 -3.24 -9.65 -13.67
CA LEU N 275 -1.93 -9.22 -13.20
C LEU N 275 -0.96 -9.30 -14.36
N GLY N 276 -0.33 -8.18 -14.73
CA GLY N 276 0.59 -8.14 -15.86
C GLY N 276 1.93 -7.52 -15.52
N GLU N 277 2.81 -7.41 -16.51
CA GLU N 277 4.14 -6.86 -16.28
C GLU N 277 4.10 -5.41 -15.76
N LYS N 278 3.26 -4.54 -16.31
CA LYS N 278 3.18 -3.17 -15.81
C LYS N 278 1.82 -2.70 -15.30
N GLY N 279 0.94 -3.65 -15.00
CA GLY N 279 -0.45 -3.34 -14.69
C GLY N 279 -1.03 -4.39 -13.78
N THR N 280 -1.86 -3.89 -12.87
CA THR N 280 -2.60 -4.68 -11.90
C THR N 280 -4.02 -4.13 -11.83
N VAL N 281 -5.01 -4.94 -12.20
CA VAL N 281 -6.41 -4.55 -12.08
C VAL N 281 -7.28 -5.61 -11.43
N ARG N 282 -8.18 -5.21 -10.52
CA ARG N 282 -9.15 -6.12 -9.94
C ARG N 282 -10.50 -5.43 -10.09
N VAL N 283 -11.44 -6.08 -10.75
CA VAL N 283 -12.82 -5.61 -10.79
C VAL N 283 -13.65 -6.53 -9.90
N GLY N 284 -14.18 -5.97 -8.82
CA GLY N 284 -14.94 -6.68 -7.79
C GLY N 284 -16.40 -6.29 -7.70
N GLY N 285 -16.98 -6.57 -6.53
CA GLY N 285 -18.42 -6.44 -6.34
C GLY N 285 -19.12 -7.77 -6.53
N VAL N 286 -20.43 -7.78 -6.75
CA VAL N 286 -21.13 -9.05 -6.86
C VAL N 286 -21.23 -9.35 -8.35
N ALA N 287 -20.89 -8.41 -9.23
CA ALA N 287 -20.97 -8.60 -10.68
C ALA N 287 -20.05 -7.64 -11.44
N VAL N 288 -18.75 -7.85 -11.31
CA VAL N 288 -17.75 -7.05 -12.02
C VAL N 288 -18.22 -5.61 -12.17
N ASN N 289 -18.71 -5.01 -11.09
CA ASN N 289 -19.30 -3.68 -11.12
C ASN N 289 -18.51 -2.65 -10.31
N ARG N 290 -17.42 -3.08 -9.68
CA ARG N 290 -16.68 -2.15 -8.82
C ARG N 290 -15.17 -2.36 -8.88
N ILE N 291 -14.51 -1.50 -9.64
CA ILE N 291 -13.05 -1.65 -9.76
C ILE N 291 -12.40 -1.39 -8.41
N ASP N 292 -11.53 -2.27 -7.91
CA ASP N 292 -10.95 -2.06 -6.58
C ASP N 292 -9.44 -1.87 -6.60
N GLU N 293 -8.79 -2.07 -7.74
CA GLU N 293 -7.35 -2.11 -7.70
C GLU N 293 -7.10 -1.65 -9.13
N TRP N 294 -6.24 -0.66 -9.31
CA TRP N 294 -5.98 -0.18 -10.65
C TRP N 294 -4.65 0.59 -10.71
N LYS N 295 -3.54 -0.13 -10.85
CA LYS N 295 -2.16 0.32 -10.78
C LYS N 295 -1.52 0.00 -12.12
N PHE N 296 -0.95 1.00 -12.80
CA PHE N 296 -0.26 0.81 -14.10
C PHE N 296 1.05 1.59 -14.10
N ALA N 297 2.07 1.21 -14.85
CA ALA N 297 3.33 1.94 -14.70
C ALA N 297 3.27 3.32 -15.35
N GLU N 298 2.35 3.52 -16.28
CA GLU N 298 2.26 4.86 -16.84
C GLU N 298 0.85 5.40 -16.72
N PRO N 299 0.72 6.69 -16.36
CA PRO N 299 -0.60 7.27 -16.10
C PRO N 299 -1.45 7.33 -17.37
N HIS N 300 -2.77 7.41 -17.22
CA HIS N 300 -3.57 7.59 -18.42
C HIS N 300 -4.86 8.29 -18.03
N PRO N 301 -5.37 9.18 -18.89
CA PRO N 301 -6.57 9.94 -18.59
C PRO N 301 -7.67 9.07 -17.99
N ASP N 302 -7.90 7.89 -18.57
CA ASP N 302 -8.83 6.94 -17.97
C ASP N 302 -8.70 6.69 -16.48
N ASP N 303 -7.51 6.90 -15.92
CA ASP N 303 -7.28 6.69 -14.49
C ASP N 303 -8.20 7.51 -13.59
N ASP N 304 -9.00 8.41 -14.16
CA ASP N 304 -9.78 9.35 -13.35
C ASP N 304 -11.29 9.10 -13.31
N LYS N 305 -11.79 8.21 -14.15
CA LYS N 305 -13.22 7.95 -14.23
C LYS N 305 -13.53 6.55 -13.69
N ILE N 306 -12.66 6.09 -12.80
CA ILE N 306 -12.84 4.79 -12.18
C ILE N 306 -14.11 4.83 -11.34
N ARG N 307 -14.29 5.95 -10.64
CA ARG N 307 -15.40 6.13 -9.73
C ARG N 307 -16.67 6.30 -10.56
N GLU N 308 -16.57 7.10 -11.61
CA GLU N 308 -17.80 7.25 -12.37
C GLU N 308 -18.26 5.93 -13.01
N ALA N 309 -17.29 5.14 -13.45
CA ALA N 309 -17.59 3.85 -14.05
C ALA N 309 -18.17 2.88 -13.01
N ASN N 310 -17.54 2.81 -11.84
CA ASN N 310 -18.13 2.05 -10.74
C ASN N 310 -19.62 2.39 -10.54
N TYR N 311 -19.97 3.66 -10.48
CA TYR N 311 -21.34 4.07 -10.20
C TYR N 311 -22.27 3.71 -11.37
N GLU N 312 -21.87 4.15 -12.55
CA GLU N 312 -22.59 3.84 -13.78
C GLU N 312 -22.78 2.36 -14.07
N THR N 313 -21.98 1.46 -13.50
CA THR N 313 -22.09 0.02 -13.75
C THR N 313 -23.04 -0.60 -12.71
N THR N 314 -22.78 -0.28 -11.44
CA THR N 314 -23.60 -0.66 -10.30
C THR N 314 -25.03 -0.12 -10.40
N SER N 315 -25.16 1.09 -10.94
CA SER N 315 -26.50 1.65 -11.07
C SER N 315 -27.43 0.88 -12.00
N VAL N 316 -26.89 0.23 -13.04
CA VAL N 316 -27.70 -0.44 -14.05
C VAL N 316 -27.74 -1.94 -13.74
N TYR N 317 -27.39 -2.27 -12.51
CA TYR N 317 -27.35 -3.66 -12.08
C TYR N 317 -28.68 -4.41 -12.14
N GLY N 318 -28.65 -5.59 -12.78
CA GLY N 318 -29.77 -6.50 -12.99
C GLY N 318 -30.65 -6.09 -14.16
N PHE N 319 -30.13 -5.17 -14.96
CA PHE N 319 -30.83 -4.45 -16.03
C PHE N 319 -29.84 -3.85 -17.05
N GLY N 320 -28.90 -4.62 -17.58
CA GLY N 320 -27.97 -4.14 -18.59
C GLY N 320 -28.31 -4.44 -20.05
N HIS N 321 -29.52 -4.95 -20.31
CA HIS N 321 -29.90 -5.23 -21.70
C HIS N 321 -30.03 -4.02 -22.63
N PRO N 322 -30.62 -2.93 -22.11
CA PRO N 322 -30.79 -1.73 -22.92
C PRO N 322 -29.49 -1.35 -23.63
N LEU N 323 -28.39 -1.27 -22.89
CA LEU N 323 -27.11 -1.00 -23.54
C LEU N 323 -26.70 -2.07 -24.55
N TYR N 324 -27.00 -3.34 -24.27
CA TYR N 324 -26.69 -4.39 -25.25
C TYR N 324 -27.51 -4.14 -26.51
N TYR N 325 -28.80 -3.88 -26.33
CA TYR N 325 -29.63 -3.65 -27.52
C TYR N 325 -29.23 -2.45 -28.36
N ASP N 326 -28.63 -1.48 -27.68
CA ASP N 326 -28.23 -0.27 -28.39
C ASP N 326 -27.29 -0.68 -29.52
N ASN N 327 -26.45 -1.67 -29.22
CA ASN N 327 -25.57 -2.13 -30.29
C ASN N 327 -26.29 -2.94 -31.37
N VAL N 328 -27.35 -3.67 -31.02
CA VAL N 328 -27.95 -4.58 -32.00
C VAL N 328 -28.63 -3.77 -33.09
N ILE N 329 -29.30 -2.73 -32.61
CA ILE N 329 -30.01 -1.83 -33.52
C ILE N 329 -29.02 -1.13 -34.46
N ASN N 330 -27.90 -0.62 -33.94
CA ASN N 330 -26.98 0.17 -34.75
C ASN N 330 -26.41 -0.66 -35.87
N CYS N 331 -26.34 -1.96 -35.60
CA CYS N 331 -25.79 -2.90 -36.56
C CYS N 331 -26.82 -3.16 -37.66
N LEU N 332 -28.00 -3.64 -37.25
CA LEU N 332 -29.05 -3.95 -38.21
C LEU N 332 -29.32 -2.75 -39.12
N ARG N 333 -29.20 -1.55 -38.56
CA ARG N 333 -29.33 -0.31 -39.31
C ARG N 333 -28.08 0.08 -40.10
N GLY N 334 -27.52 -0.86 -40.87
CA GLY N 334 -26.30 -0.66 -41.64
C GLY N 334 -25.26 0.35 -41.20
N ASP N 335 -24.61 0.06 -40.09
CA ASP N 335 -23.65 0.97 -39.45
C ASP N 335 -22.33 0.28 -39.13
N CYS N 336 -22.36 -0.52 -38.06
CA CYS N 336 -21.19 -1.21 -37.54
C CYS N 336 -21.51 -2.70 -37.55
N GLU N 337 -20.55 -3.53 -37.15
CA GLU N 337 -20.78 -4.96 -36.96
C GLU N 337 -21.02 -5.21 -35.46
N PRO N 338 -21.59 -6.38 -35.10
CA PRO N 338 -22.03 -6.58 -33.72
C PRO N 338 -20.86 -6.80 -32.76
N GLU N 339 -20.98 -6.26 -31.55
CA GLU N 339 -20.00 -6.61 -30.53
C GLU N 339 -19.94 -8.12 -30.30
N THR N 340 -21.08 -8.82 -30.26
CA THR N 340 -21.11 -10.23 -29.88
C THR N 340 -21.94 -11.05 -30.85
N ASP N 341 -21.23 -11.55 -31.86
CA ASP N 341 -21.85 -12.28 -32.96
C ASP N 341 -21.76 -13.77 -32.60
N GLY N 342 -22.22 -14.62 -33.51
CA GLY N 342 -22.25 -16.05 -33.24
C GLY N 342 -20.87 -16.61 -33.01
N ARG N 343 -19.92 -16.25 -33.88
CA ARG N 343 -18.57 -16.77 -33.75
C ARG N 343 -17.95 -16.40 -32.41
N GLU N 344 -18.37 -15.25 -31.87
CA GLU N 344 -17.95 -14.80 -30.55
C GLU N 344 -18.58 -15.68 -29.48
N GLY N 345 -19.82 -16.07 -29.74
CA GLY N 345 -20.58 -16.86 -28.77
C GLY N 345 -19.91 -18.22 -28.74
N LEU N 346 -19.34 -18.63 -29.88
CA LEU N 346 -18.73 -19.97 -29.98
C LEU N 346 -17.45 -20.04 -29.14
N GLN N 347 -16.88 -18.90 -28.79
CA GLN N 347 -15.56 -18.84 -28.17
C GLN N 347 -15.81 -19.31 -26.75
N SER N 348 -16.78 -18.69 -26.10
CA SER N 348 -17.15 -19.14 -24.76
C SER N 348 -17.81 -20.50 -24.73
N LEU N 349 -18.50 -20.87 -25.81
CA LEU N 349 -19.13 -22.20 -25.87
C LEU N 349 -18.08 -23.31 -25.91
N ALA N 350 -17.04 -23.13 -26.71
CA ALA N 350 -15.84 -23.97 -26.75
C ALA N 350 -15.22 -24.08 -25.37
N LEU N 351 -14.97 -22.97 -24.67
CA LEU N 351 -14.44 -23.11 -23.31
C LEU N 351 -15.35 -23.87 -22.35
N LEU N 352 -16.67 -23.65 -22.38
CA LEU N 352 -17.59 -24.36 -21.50
C LEU N 352 -17.44 -25.85 -21.81
N THR N 353 -17.31 -26.18 -23.10
CA THR N 353 -17.25 -27.57 -23.57
C THR N 353 -15.94 -28.19 -23.13
N ALA N 354 -14.83 -27.46 -23.31
CA ALA N 354 -13.58 -27.97 -22.77
C ALA N 354 -13.71 -28.17 -21.27
N ILE N 355 -14.29 -27.21 -20.55
CA ILE N 355 -14.44 -27.37 -19.10
C ILE N 355 -15.26 -28.62 -18.74
N TYR N 356 -16.38 -28.83 -19.43
CA TYR N 356 -17.27 -29.95 -19.08
C TYR N 356 -16.60 -31.26 -19.48
N ARG N 357 -15.93 -31.29 -20.63
CA ARG N 357 -15.27 -32.54 -20.99
C ARG N 357 -14.16 -32.82 -19.99
N SER N 358 -13.39 -31.78 -19.66
CA SER N 358 -12.29 -32.00 -18.72
C SER N 358 -12.85 -32.46 -17.38
N ALA N 359 -13.90 -31.83 -16.87
CA ALA N 359 -14.37 -32.27 -15.56
C ALA N 359 -14.87 -33.71 -15.59
N ARG N 360 -15.45 -34.14 -16.70
CA ARG N 360 -15.97 -35.49 -16.80
C ARG N 360 -14.79 -36.46 -16.93
N ASP N 361 -13.81 -36.15 -17.77
CA ASP N 361 -12.89 -37.21 -18.17
C ASP N 361 -11.65 -37.16 -17.32
N GLY N 362 -11.44 -36.07 -16.58
CA GLY N 362 -10.27 -36.02 -15.69
C GLY N 362 -8.96 -35.81 -16.45
N VAL N 363 -9.02 -35.02 -17.53
CA VAL N 363 -7.84 -34.82 -18.34
C VAL N 363 -7.81 -33.36 -18.84
N ARG N 364 -6.65 -32.82 -19.13
CA ARG N 364 -6.52 -31.45 -19.62
C ARG N 364 -7.17 -31.48 -20.99
N ILE N 365 -8.03 -30.54 -21.37
CA ILE N 365 -8.56 -30.48 -22.73
C ILE N 365 -8.05 -29.22 -23.44
N PRO N 366 -7.41 -29.35 -24.62
CA PRO N 366 -6.81 -28.23 -25.35
C PRO N 366 -7.72 -27.66 -26.43
N LEU N 367 -7.51 -26.41 -26.85
CA LEU N 367 -8.31 -25.78 -27.88
C LEU N 367 -7.49 -25.59 -29.16
N PRO N 368 -8.13 -25.44 -30.33
CA PRO N 368 -9.57 -25.36 -30.58
C PRO N 368 -10.08 -26.78 -30.49
N LEU N 369 -11.35 -26.97 -30.10
CA LEU N 369 -11.96 -28.29 -30.24
C LEU N 369 -12.06 -28.75 -31.68
N ASP N 370 -12.15 -30.06 -31.95
CA ASP N 370 -12.40 -30.57 -33.29
C ASP N 370 -13.81 -30.36 -33.85
N PRO O 25 -54.19 -35.74 -29.71
CA PRO O 25 -54.72 -36.35 -28.50
C PRO O 25 -56.00 -37.12 -28.81
N ILE O 26 -56.12 -38.34 -28.29
CA ILE O 26 -57.15 -39.26 -28.76
C ILE O 26 -58.23 -39.54 -27.71
N THR O 27 -59.27 -38.72 -27.70
CA THR O 27 -60.24 -38.73 -26.60
C THR O 27 -61.54 -39.48 -26.90
N ASP O 28 -62.02 -39.39 -28.13
CA ASP O 28 -63.42 -39.75 -28.31
C ASP O 28 -63.55 -41.13 -28.94
N ARG O 29 -62.77 -42.07 -28.43
CA ARG O 29 -62.71 -43.44 -28.94
C ARG O 29 -61.58 -44.25 -28.32
N LYS O 30 -61.57 -45.56 -28.46
CA LYS O 30 -60.44 -46.34 -27.93
C LYS O 30 -59.15 -46.06 -28.70
N ILE O 31 -58.03 -46.35 -28.05
CA ILE O 31 -56.74 -46.23 -28.71
C ILE O 31 -56.54 -47.46 -29.60
N ARG O 32 -56.13 -47.19 -30.83
CA ARG O 32 -55.80 -48.19 -31.86
C ARG O 32 -54.33 -48.62 -31.90
N PHE O 33 -54.09 -49.78 -31.33
CA PHE O 33 -52.74 -50.33 -31.20
C PHE O 33 -52.35 -51.28 -32.33
N GLY O 34 -51.09 -51.21 -32.73
CA GLY O 34 -50.47 -52.15 -33.67
C GLY O 34 -49.20 -52.77 -33.08
N LEU O 35 -48.98 -54.06 -33.34
CA LEU O 35 -47.95 -54.88 -32.74
C LEU O 35 -46.97 -55.34 -33.81
N VAL O 36 -45.72 -54.91 -33.65
CA VAL O 36 -44.66 -55.33 -34.57
C VAL O 36 -43.82 -56.42 -33.91
N GLY O 37 -43.94 -57.66 -34.36
CA GLY O 37 -43.18 -58.75 -33.75
C GLY O 37 -44.10 -59.56 -32.85
N CYS O 38 -44.38 -60.79 -33.28
CA CYS O 38 -45.24 -61.75 -32.59
C CYS O 38 -44.53 -62.93 -31.94
N GLY O 39 -43.50 -62.69 -31.15
CA GLY O 39 -42.73 -63.73 -30.43
C GLY O 39 -43.20 -63.82 -28.99
N ARG O 40 -42.29 -64.13 -28.08
CA ARG O 40 -42.63 -64.43 -26.69
C ARG O 40 -43.24 -63.30 -25.86
N ILE O 41 -42.81 -62.08 -26.16
CA ILE O 41 -43.21 -60.93 -25.36
C ILE O 41 -44.49 -60.36 -25.97
N SER O 42 -44.77 -60.63 -27.24
CA SER O 42 -45.96 -60.06 -27.87
C SER O 42 -47.15 -60.51 -27.05
N LYS O 43 -47.09 -61.76 -26.60
CA LYS O 43 -48.06 -62.33 -25.68
C LYS O 43 -48.45 -61.45 -24.49
N ASN O 44 -47.51 -60.80 -23.83
CA ASN O 44 -47.88 -59.93 -22.71
C ASN O 44 -48.41 -58.59 -23.19
N HIS O 45 -48.02 -58.19 -24.39
CA HIS O 45 -48.61 -56.99 -24.96
C HIS O 45 -50.09 -57.15 -25.32
N ILE O 46 -50.40 -58.29 -25.93
CA ILE O 46 -51.78 -58.70 -26.20
C ILE O 46 -52.59 -58.73 -24.91
N GLY O 47 -52.08 -59.45 -23.91
CA GLY O 47 -52.76 -59.60 -22.62
C GLY O 47 -52.97 -58.26 -21.95
N ALA O 48 -51.95 -57.41 -22.00
CA ALA O 48 -52.01 -56.07 -21.45
C ALA O 48 -53.07 -55.17 -22.09
N ILE O 49 -52.95 -54.97 -23.40
CA ILE O 49 -53.84 -54.11 -24.18
C ILE O 49 -55.31 -54.52 -24.01
N ALA O 50 -55.58 -55.82 -24.14
CA ALA O 50 -56.84 -56.50 -23.84
C ALA O 50 -57.40 -56.35 -22.43
N GLN O 51 -56.55 -56.29 -21.41
CA GLN O 51 -57.05 -56.02 -20.06
C GLN O 51 -57.36 -54.53 -19.98
N HIS O 52 -57.22 -53.86 -21.12
CA HIS O 52 -57.67 -52.47 -21.24
C HIS O 52 -58.71 -52.29 -22.33
N GLY O 53 -59.38 -53.41 -22.61
CA GLY O 53 -60.47 -53.48 -23.57
C GLY O 53 -61.39 -52.27 -23.64
N ASP O 54 -61.82 -51.73 -22.49
CA ASP O 54 -62.70 -50.56 -22.50
C ASP O 54 -62.08 -49.32 -23.13
N ARG O 55 -60.76 -49.25 -23.14
CA ARG O 55 -60.15 -48.01 -23.64
C ARG O 55 -59.24 -48.17 -24.85
N ALA O 56 -58.87 -49.41 -25.20
CA ALA O 56 -57.92 -49.65 -26.27
C ALA O 56 -58.21 -50.98 -26.96
N GLU O 57 -57.63 -51.13 -28.14
CA GLU O 57 -57.72 -52.39 -28.85
C GLU O 57 -56.58 -52.67 -29.81
N LEU O 58 -56.26 -53.96 -29.96
CA LEU O 58 -55.27 -54.41 -30.94
C LEU O 58 -55.83 -54.58 -32.35
N VAL O 59 -55.58 -53.60 -33.22
CA VAL O 59 -56.09 -53.55 -34.58
C VAL O 59 -55.25 -54.26 -35.64
N GLU O 60 -53.93 -54.08 -35.59
CA GLU O 60 -53.05 -54.62 -36.61
C GLU O 60 -51.93 -55.53 -36.10
N ILE O 61 -51.31 -56.29 -37.00
CA ILE O 61 -50.20 -57.12 -36.58
C ILE O 61 -49.13 -57.31 -37.64
N CYS O 62 -47.95 -57.72 -37.17
CA CYS O 62 -46.79 -57.73 -38.04
C CYS O 62 -45.84 -58.82 -37.59
N ASP O 63 -45.24 -59.47 -38.58
CA ASP O 63 -44.18 -60.43 -38.29
C ASP O 63 -43.73 -61.03 -39.61
N THR O 64 -42.43 -60.91 -39.86
CA THR O 64 -41.92 -61.34 -41.16
C THR O 64 -41.92 -62.87 -41.25
N ASN O 65 -42.11 -63.57 -40.14
CA ASN O 65 -42.28 -65.02 -40.17
C ASN O 65 -43.73 -65.47 -40.37
N PRO O 66 -44.02 -66.16 -41.48
CA PRO O 66 -45.43 -66.51 -41.66
C PRO O 66 -46.11 -67.37 -40.59
N GLU O 67 -45.48 -68.43 -40.06
CA GLU O 67 -46.15 -69.20 -39.02
C GLU O 67 -46.50 -68.37 -37.79
N ALA O 68 -45.51 -67.71 -37.20
CA ALA O 68 -45.79 -66.81 -36.09
C ALA O 68 -46.91 -65.82 -36.40
N LEU O 69 -46.88 -65.19 -37.57
CA LEU O 69 -47.92 -64.22 -37.96
C LEU O 69 -49.33 -64.79 -37.95
N GLN O 70 -49.44 -66.08 -38.22
CA GLN O 70 -50.73 -66.76 -38.34
C GLN O 70 -51.24 -67.21 -36.98
N ALA O 71 -50.33 -67.48 -36.05
CA ALA O 71 -50.82 -67.89 -34.73
C ALA O 71 -51.38 -66.66 -34.02
N ALA O 72 -50.88 -65.50 -34.46
CA ALA O 72 -51.25 -64.24 -33.82
C ALA O 72 -52.60 -63.77 -34.36
N GLU O 73 -52.79 -63.92 -35.66
CA GLU O 73 -54.05 -63.55 -36.27
C GLU O 73 -55.14 -64.47 -35.73
N ALA O 74 -54.88 -65.77 -35.77
CA ALA O 74 -55.71 -66.72 -35.04
C ALA O 74 -56.05 -66.16 -33.66
N ALA O 75 -55.07 -66.08 -32.76
CA ALA O 75 -55.36 -65.77 -31.36
C ALA O 75 -56.04 -64.41 -31.19
N THR O 76 -55.82 -63.46 -32.10
CA THR O 76 -56.28 -62.10 -31.84
C THR O 76 -57.26 -61.53 -32.85
N GLY O 77 -57.21 -61.99 -34.09
CA GLY O 77 -58.09 -61.43 -35.11
C GLY O 77 -57.60 -60.16 -35.79
N ALA O 78 -56.55 -59.52 -35.28
CA ALA O 78 -56.15 -58.30 -35.98
C ALA O 78 -55.77 -58.57 -37.43
N ARG O 79 -55.78 -57.52 -38.26
CA ARG O 79 -55.31 -57.55 -39.63
C ARG O 79 -53.82 -57.89 -39.63
N PRO O 80 -53.38 -58.73 -40.58
CA PRO O 80 -51.97 -59.14 -40.58
C PRO O 80 -51.11 -58.60 -41.72
N PHE O 81 -49.87 -58.25 -41.42
CA PHE O 81 -48.89 -57.81 -42.42
C PHE O 81 -47.56 -58.54 -42.20
N SER O 82 -46.82 -58.80 -43.27
CA SER O 82 -45.58 -59.54 -43.15
C SER O 82 -44.37 -58.61 -43.18
N SER O 83 -44.60 -57.31 -43.34
CA SER O 83 -43.49 -56.37 -43.26
C SER O 83 -43.99 -55.09 -42.59
N LEU O 84 -43.14 -54.29 -41.96
CA LEU O 84 -43.62 -53.14 -41.20
C LEU O 84 -44.07 -52.03 -42.15
N SER O 85 -43.36 -51.87 -43.27
CA SER O 85 -43.71 -50.87 -44.27
C SER O 85 -45.10 -51.11 -44.87
N ASP O 86 -45.47 -52.36 -45.16
CA ASP O 86 -46.85 -52.68 -45.52
C ASP O 86 -47.83 -52.15 -44.48
N MET O 87 -47.56 -52.44 -43.21
CA MET O 87 -48.48 -52.05 -42.16
C MET O 87 -48.61 -50.53 -41.99
N LEU O 88 -47.52 -49.81 -42.21
CA LEU O 88 -47.54 -48.35 -42.19
C LEU O 88 -48.38 -47.84 -43.36
N ALA O 89 -47.95 -48.15 -44.59
CA ALA O 89 -48.69 -47.84 -45.81
C ALA O 89 -50.21 -48.01 -45.83
N GLN O 90 -50.75 -49.01 -45.12
CA GLN O 90 -52.15 -49.43 -45.21
C GLN O 90 -52.93 -49.57 -43.91
N GLY O 91 -52.26 -49.47 -42.76
CA GLY O 91 -52.94 -49.58 -41.48
C GLY O 91 -53.33 -48.25 -40.88
N ASN O 92 -53.96 -48.29 -39.71
CA ASN O 92 -54.44 -47.06 -39.09
C ASN O 92 -54.08 -47.02 -37.61
N ALA O 93 -53.23 -47.93 -37.14
CA ALA O 93 -53.03 -47.95 -35.68
C ALA O 93 -52.47 -46.61 -35.19
N ASP O 94 -52.85 -46.17 -33.99
CA ASP O 94 -52.37 -44.90 -33.46
C ASP O 94 -50.92 -45.01 -33.01
N ALA O 95 -50.57 -46.22 -32.55
CA ALA O 95 -49.24 -46.42 -31.97
C ALA O 95 -48.73 -47.83 -32.18
N LEU O 96 -47.48 -47.95 -32.60
CA LEU O 96 -46.93 -49.28 -32.90
C LEU O 96 -46.00 -49.79 -31.80
N VAL O 97 -46.30 -50.99 -31.31
CA VAL O 97 -45.51 -51.64 -30.29
C VAL O 97 -44.42 -52.45 -30.97
N LEU O 98 -43.15 -52.19 -30.65
CA LEU O 98 -42.05 -52.90 -31.28
C LEU O 98 -41.58 -54.00 -30.34
N ALA O 99 -41.97 -55.24 -30.61
CA ALA O 99 -41.57 -56.40 -29.82
C ALA O 99 -40.67 -57.30 -30.66
N THR O 100 -39.95 -56.67 -31.59
CA THR O 100 -38.91 -57.38 -32.33
C THR O 100 -37.58 -57.49 -31.58
N PRO O 101 -36.63 -58.26 -32.12
CA PRO O 101 -35.28 -58.23 -31.56
C PRO O 101 -34.77 -56.80 -31.36
N SER O 102 -34.33 -56.54 -30.13
CA SER O 102 -33.87 -55.23 -29.70
C SER O 102 -33.09 -54.43 -30.74
N GLY O 103 -32.19 -55.06 -31.47
CA GLY O 103 -31.41 -54.25 -32.40
C GLY O 103 -32.25 -53.72 -33.55
N LEU O 104 -33.50 -54.14 -33.68
CA LEU O 104 -34.33 -53.55 -34.74
C LEU O 104 -35.07 -52.28 -34.32
N HIS O 105 -35.26 -52.10 -33.01
CA HIS O 105 -36.18 -51.09 -32.51
C HIS O 105 -35.84 -49.71 -33.05
N PRO O 106 -34.54 -49.36 -33.09
CA PRO O 106 -34.38 -47.96 -33.46
C PRO O 106 -34.78 -47.64 -34.91
N TRP O 107 -34.53 -48.58 -35.82
CA TRP O 107 -34.75 -48.27 -37.22
C TRP O 107 -36.25 -48.43 -37.49
N GLN O 108 -36.90 -49.38 -36.85
CA GLN O 108 -38.36 -49.41 -36.90
C GLN O 108 -38.96 -48.18 -36.23
N ALA O 109 -38.46 -47.82 -35.05
CA ALA O 109 -39.03 -46.63 -34.43
C ALA O 109 -38.86 -45.46 -35.39
N ILE O 110 -37.71 -45.32 -36.03
CA ILE O 110 -37.58 -44.18 -36.92
C ILE O 110 -38.58 -44.34 -38.06
N GLU O 111 -38.75 -45.56 -38.57
CA GLU O 111 -39.65 -45.68 -39.70
C GLU O 111 -41.06 -45.29 -39.27
N VAL O 112 -41.52 -45.88 -38.16
CA VAL O 112 -42.82 -45.56 -37.58
C VAL O 112 -43.09 -44.07 -37.40
N ALA O 113 -42.08 -43.29 -37.03
CA ALA O 113 -42.29 -41.89 -36.71
C ALA O 113 -42.28 -41.08 -38.00
N GLN O 114 -41.57 -41.60 -39.01
CA GLN O 114 -41.73 -41.10 -40.37
C GLN O 114 -43.13 -41.35 -40.93
N ALA O 115 -43.81 -42.46 -40.63
CA ALA O 115 -45.25 -42.50 -40.88
C ALA O 115 -46.14 -41.77 -39.87
N GLY O 116 -45.58 -40.95 -38.99
CA GLY O 116 -46.33 -40.12 -38.04
C GLY O 116 -47.16 -40.83 -36.97
N ARG O 117 -46.72 -41.98 -36.48
CA ARG O 117 -47.43 -42.63 -35.38
C ARG O 117 -46.54 -42.66 -34.14
N HIS O 118 -47.14 -42.90 -32.97
CA HIS O 118 -46.40 -42.95 -31.72
C HIS O 118 -45.66 -44.28 -31.69
N VAL O 119 -44.71 -44.39 -30.77
CA VAL O 119 -43.92 -45.59 -30.66
C VAL O 119 -43.87 -46.09 -29.22
N VAL O 120 -44.23 -47.36 -29.01
CA VAL O 120 -44.00 -48.02 -27.74
C VAL O 120 -42.89 -49.01 -28.06
N SER O 121 -41.67 -48.73 -27.60
CA SER O 121 -40.55 -49.65 -27.78
C SER O 121 -40.32 -50.59 -26.60
N GLU O 122 -40.15 -51.88 -26.88
CA GLU O 122 -39.76 -52.79 -25.83
C GLU O 122 -38.32 -52.38 -25.51
N LYS O 123 -37.85 -52.88 -24.37
CA LYS O 123 -36.46 -52.70 -23.95
C LYS O 123 -35.61 -53.81 -24.56
N PRO O 124 -34.30 -53.56 -24.69
CA PRO O 124 -33.80 -52.21 -24.47
C PRO O 124 -34.20 -51.39 -25.70
N MET O 125 -34.20 -50.07 -25.61
CA MET O 125 -34.65 -49.27 -26.73
C MET O 125 -33.77 -49.39 -27.97
N ALA O 126 -32.48 -49.68 -27.78
CA ALA O 126 -31.51 -49.83 -28.85
C ALA O 126 -30.37 -50.72 -28.37
N THR O 127 -29.56 -51.24 -29.28
CA THR O 127 -28.39 -51.95 -28.80
C THR O 127 -27.12 -51.13 -28.89
N ARG O 128 -27.18 -50.01 -29.60
CA ARG O 128 -26.01 -49.16 -29.75
C ARG O 128 -26.42 -47.76 -29.36
N TRP O 129 -25.50 -47.07 -28.67
CA TRP O 129 -25.76 -45.74 -28.16
C TRP O 129 -26.24 -44.70 -29.17
N GLU O 130 -25.64 -44.65 -30.35
CA GLU O 130 -26.05 -43.69 -31.37
C GLU O 130 -27.37 -43.95 -32.11
N ASP O 131 -27.79 -45.21 -32.14
CA ASP O 131 -29.11 -45.58 -32.63
C ASP O 131 -30.20 -45.13 -31.67
N GLY O 132 -29.95 -45.27 -30.38
CA GLY O 132 -30.82 -44.71 -29.35
C GLY O 132 -30.97 -43.21 -29.49
N LYS O 133 -29.86 -42.49 -29.64
CA LYS O 133 -29.95 -41.05 -29.82
C LYS O 133 -30.80 -40.69 -31.05
N ARG O 134 -30.51 -41.31 -32.19
CA ARG O 134 -31.25 -41.17 -33.44
C ARG O 134 -32.75 -41.45 -33.30
N MET O 135 -33.18 -42.51 -32.61
CA MET O 135 -34.62 -42.79 -32.44
C MET O 135 -35.30 -41.62 -31.77
N VAL O 136 -34.67 -41.18 -30.69
CA VAL O 136 -35.27 -40.12 -29.89
C VAL O 136 -35.36 -38.85 -30.72
N LYS O 137 -34.27 -38.49 -31.40
CA LYS O 137 -34.29 -37.28 -32.20
C LYS O 137 -35.34 -37.38 -33.31
N ALA O 138 -35.58 -38.56 -33.87
CA ALA O 138 -36.58 -38.63 -34.94
C ALA O 138 -38.00 -38.58 -34.40
N CYS O 139 -38.28 -39.15 -33.22
CA CYS O 139 -39.59 -38.88 -32.64
C CYS O 139 -39.81 -37.43 -32.24
N ASP O 140 -38.75 -36.80 -31.72
CA ASP O 140 -38.78 -35.39 -31.33
C ASP O 140 -39.26 -34.66 -32.56
N GLU O 141 -38.58 -34.90 -33.68
CA GLU O 141 -38.83 -34.18 -34.92
C GLU O 141 -40.20 -34.54 -35.49
N ALA O 142 -40.73 -35.72 -35.17
CA ALA O 142 -42.00 -36.08 -35.78
C ALA O 142 -43.19 -35.65 -34.93
N GLY O 143 -42.96 -35.22 -33.70
CA GLY O 143 -44.03 -34.83 -32.78
C GLY O 143 -44.81 -36.02 -32.25
N VAL O 144 -44.21 -37.20 -32.28
CA VAL O 144 -44.85 -38.43 -31.82
C VAL O 144 -44.38 -38.84 -30.43
N ARG O 145 -45.18 -39.54 -29.62
CA ARG O 145 -44.69 -40.05 -28.35
C ARG O 145 -43.67 -41.13 -28.66
N LEU O 146 -42.59 -41.22 -27.88
CA LEU O 146 -41.77 -42.43 -27.82
C LEU O 146 -41.81 -42.94 -26.39
N PHE O 147 -42.33 -44.14 -26.22
CA PHE O 147 -42.34 -44.83 -24.93
C PHE O 147 -41.36 -45.98 -24.96
N VAL O 148 -40.72 -46.23 -23.82
CA VAL O 148 -39.86 -47.41 -23.69
C VAL O 148 -40.42 -48.33 -22.60
N VAL O 149 -40.49 -49.61 -22.92
CA VAL O 149 -41.06 -50.52 -21.94
C VAL O 149 -40.20 -50.84 -20.72
N LYS O 150 -40.45 -50.10 -19.64
CA LYS O 150 -39.78 -50.43 -18.39
C LYS O 150 -40.83 -50.78 -17.34
N GLN O 151 -41.40 -51.98 -17.43
CA GLN O 151 -42.53 -52.35 -16.58
C GLN O 151 -42.13 -52.59 -15.12
N ASN O 152 -40.87 -52.95 -14.89
CA ASN O 152 -40.44 -53.25 -13.53
C ASN O 152 -40.48 -52.08 -12.55
N ARG O 153 -40.26 -50.88 -13.08
CA ARG O 153 -40.43 -49.73 -12.24
C ARG O 153 -41.79 -49.69 -11.56
N ARG O 154 -42.72 -50.51 -12.04
CA ARG O 154 -44.05 -50.50 -11.47
C ARG O 154 -44.26 -51.55 -10.40
N ASN O 155 -43.35 -52.51 -10.23
CA ASN O 155 -43.42 -53.38 -9.06
C ASN O 155 -43.63 -52.64 -7.74
N ALA O 156 -44.24 -53.38 -6.82
CA ALA O 156 -44.67 -52.84 -5.55
C ALA O 156 -43.48 -52.48 -4.67
N THR O 157 -42.73 -53.50 -4.29
CA THR O 157 -41.47 -53.32 -3.59
C THR O 157 -40.65 -52.12 -4.09
N LEU O 158 -40.33 -52.13 -5.38
CA LEU O 158 -39.48 -51.12 -6.00
C LEU O 158 -40.05 -49.71 -5.89
N GLN O 159 -41.39 -49.65 -5.91
CA GLN O 159 -42.05 -48.36 -5.74
C GLN O 159 -41.89 -47.80 -4.32
N LEU O 160 -41.88 -48.68 -3.33
CA LEU O 160 -41.53 -48.39 -1.94
C LEU O 160 -40.13 -47.83 -1.73
N VAL O 161 -39.14 -48.58 -2.19
CA VAL O 161 -37.74 -48.16 -2.16
C VAL O 161 -37.63 -46.77 -2.77
N LYS O 162 -38.27 -46.55 -3.92
CA LYS O 162 -38.18 -45.27 -4.63
C LYS O 162 -38.79 -44.09 -3.88
N LYS O 163 -39.94 -44.30 -3.25
CA LYS O 163 -40.54 -43.23 -2.45
C LYS O 163 -39.65 -42.87 -1.26
N ALA O 164 -39.11 -43.87 -0.57
CA ALA O 164 -38.25 -43.68 0.60
C ALA O 164 -36.96 -42.97 0.19
N ILE O 165 -36.46 -43.28 -1.00
CA ILE O 165 -35.32 -42.52 -1.49
C ILE O 165 -35.68 -41.07 -1.81
N GLU O 166 -36.79 -40.88 -2.54
CA GLU O 166 -37.34 -39.58 -2.88
C GLU O 166 -37.68 -38.81 -1.61
N GLN O 167 -38.04 -39.50 -0.53
CA GLN O 167 -38.35 -38.74 0.67
C GLN O 167 -37.13 -38.38 1.50
N GLY O 168 -35.93 -38.59 0.95
CA GLY O 168 -34.71 -38.39 1.71
C GLY O 168 -34.51 -39.26 2.95
N ARG O 169 -35.16 -40.42 3.02
CA ARG O 169 -35.07 -41.23 4.24
C ARG O 169 -33.76 -41.95 4.58
N PHE O 170 -32.91 -42.19 3.58
CA PHE O 170 -31.64 -42.88 3.83
C PHE O 170 -30.62 -41.91 4.39
N GLY O 171 -30.93 -40.62 4.30
CA GLY O 171 -29.91 -39.60 4.53
C GLY O 171 -28.96 -39.83 3.38
N ARG O 172 -27.70 -39.47 3.54
CA ARG O 172 -26.70 -39.71 2.49
C ARG O 172 -26.62 -41.18 2.09
N ILE O 173 -26.78 -41.54 0.82
CA ILE O 173 -26.51 -42.90 0.38
C ILE O 173 -25.05 -43.25 0.18
N TYR O 174 -24.63 -44.39 0.72
CA TYR O 174 -23.20 -44.73 0.85
C TYR O 174 -22.81 -45.89 -0.06
N MET O 175 -23.57 -46.99 -0.01
CA MET O 175 -23.16 -48.24 -0.64
C MET O 175 -24.31 -48.95 -1.33
N VAL O 176 -24.23 -49.41 -2.58
CA VAL O 176 -25.37 -50.03 -3.25
C VAL O 176 -24.87 -51.29 -3.97
N THR O 177 -25.43 -52.46 -3.71
CA THR O 177 -25.04 -53.68 -4.44
C THR O 177 -26.21 -54.39 -5.11
N VAL O 178 -26.07 -54.82 -6.37
CA VAL O 178 -27.17 -55.45 -7.08
C VAL O 178 -26.64 -56.78 -7.61
N ASN O 179 -27.31 -57.90 -7.36
CA ASN O 179 -26.78 -59.19 -7.79
C ASN O 179 -27.89 -59.72 -8.69
N VAL O 180 -27.50 -60.21 -9.86
CA VAL O 180 -28.46 -60.89 -10.71
C VAL O 180 -27.80 -62.24 -11.01
N PHE O 181 -28.14 -63.20 -10.16
CA PHE O 181 -27.52 -64.51 -10.27
C PHE O 181 -28.53 -65.47 -10.88
N TRP O 182 -28.53 -65.61 -12.21
CA TRP O 182 -29.57 -66.32 -12.95
C TRP O 182 -28.98 -67.41 -13.82
N THR O 183 -29.84 -68.05 -14.61
CA THR O 183 -29.53 -69.27 -15.35
C THR O 183 -30.21 -69.24 -16.72
N ARG O 184 -29.40 -69.51 -17.73
CA ARG O 184 -29.90 -69.45 -19.10
C ARG O 184 -29.02 -70.47 -19.80
N PRO O 185 -29.56 -71.66 -20.11
CA PRO O 185 -28.73 -72.70 -20.71
C PRO O 185 -28.59 -72.40 -22.19
N GLN O 186 -27.71 -73.10 -22.90
CA GLN O 186 -27.43 -72.83 -24.31
C GLN O 186 -28.63 -72.82 -25.25
N GLU O 187 -29.66 -73.59 -24.92
CA GLU O 187 -30.85 -73.74 -25.75
C GLU O 187 -31.67 -72.45 -25.78
N TYR O 188 -31.72 -71.74 -24.67
CA TYR O 188 -32.31 -70.41 -24.68
C TYR O 188 -31.66 -69.52 -25.73
N TYR O 189 -30.36 -69.66 -25.98
CA TYR O 189 -29.66 -68.79 -26.92
C TYR O 189 -29.90 -69.33 -28.33
N ASP O 190 -30.21 -70.62 -28.39
CA ASP O 190 -30.48 -71.34 -29.62
C ASP O 190 -31.90 -71.15 -30.19
N ALA O 191 -32.85 -70.64 -29.41
CA ALA O 191 -34.18 -70.44 -29.97
C ALA O 191 -34.30 -69.54 -31.20
N ALA O 192 -33.40 -68.57 -31.39
CA ALA O 192 -33.33 -67.76 -32.60
C ALA O 192 -31.93 -67.18 -32.71
N ARG O 193 -31.47 -66.96 -33.94
CA ARG O 193 -30.13 -66.49 -34.31
C ARG O 193 -29.81 -65.10 -33.75
N TRP O 194 -30.84 -64.28 -33.56
CA TRP O 194 -30.68 -62.92 -33.03
C TRP O 194 -30.09 -62.87 -31.61
N ARG O 195 -30.31 -63.92 -30.83
CA ARG O 195 -30.11 -63.88 -29.39
C ARG O 195 -28.64 -64.02 -29.08
N GLY O 196 -28.11 -63.24 -28.15
CA GLY O 196 -26.71 -63.45 -27.80
C GLY O 196 -25.79 -62.69 -28.73
N LYS O 197 -26.35 -62.15 -29.81
CA LYS O 197 -25.57 -61.27 -30.69
C LYS O 197 -25.45 -59.80 -30.27
N TRP O 198 -24.29 -59.20 -30.52
CA TRP O 198 -24.02 -57.80 -30.20
C TRP O 198 -25.04 -56.96 -30.97
N GLU O 199 -25.21 -57.23 -32.25
CA GLU O 199 -26.00 -56.33 -33.08
C GLU O 199 -27.45 -56.28 -32.60
N TRP O 200 -28.00 -57.43 -32.25
CA TRP O 200 -29.44 -57.64 -32.07
C TRP O 200 -29.81 -57.72 -30.58
N ASP O 201 -28.90 -58.18 -29.73
CA ASP O 201 -29.32 -58.57 -28.39
C ASP O 201 -28.41 -57.99 -27.32
N GLY O 202 -27.10 -58.08 -27.52
CA GLY O 202 -26.18 -57.82 -26.40
C GLY O 202 -26.26 -58.99 -25.45
N GLY O 203 -25.67 -58.87 -24.26
CA GLY O 203 -25.51 -60.00 -23.36
C GLY O 203 -26.27 -60.05 -22.05
N ALA O 204 -25.69 -60.65 -21.01
CA ALA O 204 -26.36 -60.69 -19.72
C ALA O 204 -26.73 -59.33 -19.13
N PHE O 205 -25.95 -58.27 -19.39
CA PHE O 205 -26.35 -56.94 -18.95
C PHE O 205 -27.46 -56.28 -19.74
N MET O 206 -27.37 -56.38 -21.07
CA MET O 206 -28.21 -55.60 -21.96
C MET O 206 -29.57 -56.30 -22.15
N ASN O 207 -29.53 -57.61 -22.04
CA ASN O 207 -30.79 -58.34 -22.19
C ASN O 207 -31.38 -58.57 -20.82
N GLN O 208 -30.86 -59.62 -20.18
CA GLN O 208 -31.42 -60.28 -19.00
C GLN O 208 -31.54 -59.45 -17.73
N ALA O 209 -30.54 -58.61 -17.52
CA ALA O 209 -30.41 -57.89 -16.27
C ALA O 209 -30.67 -56.40 -16.47
N SER O 210 -31.15 -56.04 -17.67
CA SER O 210 -31.29 -54.63 -18.02
C SER O 210 -32.28 -53.93 -17.10
N HIS O 211 -33.25 -54.68 -16.57
CA HIS O 211 -34.24 -54.20 -15.60
C HIS O 211 -33.57 -53.89 -14.26
N TYR O 212 -32.42 -54.54 -14.03
CA TYR O 212 -31.66 -54.30 -12.81
C TYR O 212 -30.64 -53.20 -13.07
N VAL O 213 -29.95 -53.23 -14.22
CA VAL O 213 -29.20 -52.04 -14.61
C VAL O 213 -30.01 -50.75 -14.45
N ASP O 214 -31.26 -50.77 -14.90
CA ASP O 214 -32.19 -49.64 -14.83
C ASP O 214 -32.36 -49.05 -13.43
N LEU O 215 -32.34 -49.87 -12.39
CA LEU O 215 -32.54 -49.40 -11.03
C LEU O 215 -31.43 -48.49 -10.52
N LEU O 216 -30.23 -48.60 -11.07
CA LEU O 216 -29.11 -47.87 -10.50
C LEU O 216 -29.26 -46.38 -10.78
N ASP O 217 -29.75 -46.03 -11.96
CA ASP O 217 -30.06 -44.62 -12.18
C ASP O 217 -31.43 -44.27 -11.60
N TRP O 218 -32.44 -45.10 -11.87
CA TRP O 218 -33.81 -44.73 -11.49
C TRP O 218 -34.03 -44.59 -9.97
N LEU O 219 -33.51 -45.55 -9.22
CA LEU O 219 -33.68 -45.51 -7.77
C LEU O 219 -32.64 -44.62 -7.09
N VAL O 220 -31.37 -44.84 -7.40
CA VAL O 220 -30.31 -44.29 -6.57
C VAL O 220 -29.83 -42.92 -7.05
N GLY O 221 -29.87 -42.64 -8.35
CA GLY O 221 -29.60 -41.28 -8.79
C GLY O 221 -28.62 -41.34 -9.94
N PRO O 222 -28.14 -40.17 -10.39
CA PRO O 222 -27.31 -40.26 -11.59
C PRO O 222 -25.95 -40.91 -11.35
N VAL O 223 -25.53 -41.76 -12.27
CA VAL O 223 -24.19 -42.32 -12.16
C VAL O 223 -23.10 -41.39 -12.67
N GLU O 224 -22.00 -41.26 -11.92
CA GLU O 224 -20.83 -40.56 -12.44
C GLU O 224 -19.93 -41.35 -13.39
N SER O 225 -19.55 -42.57 -13.01
CA SER O 225 -18.76 -43.37 -13.94
C SER O 225 -18.79 -44.84 -13.49
N VAL O 226 -18.44 -45.74 -14.40
CA VAL O 226 -18.27 -47.16 -14.07
C VAL O 226 -16.96 -47.76 -14.55
N TYR O 227 -16.64 -48.91 -13.99
CA TYR O 227 -15.61 -49.79 -14.52
C TYR O 227 -16.15 -51.21 -14.54
N ALA O 228 -16.03 -51.93 -15.65
CA ALA O 228 -16.66 -53.25 -15.65
C ALA O 228 -15.68 -54.28 -16.19
N TYR O 229 -15.79 -55.52 -15.75
CA TYR O 229 -15.24 -56.65 -16.50
C TYR O 229 -16.40 -57.52 -16.96
N THR O 230 -16.30 -58.14 -18.13
CA THR O 230 -17.33 -59.04 -18.60
C THR O 230 -16.59 -60.06 -19.45
N ALA O 231 -17.25 -61.19 -19.69
CA ALA O 231 -16.60 -62.23 -20.47
C ALA O 231 -17.71 -63.22 -20.78
N THR O 232 -17.46 -64.00 -21.83
CA THR O 232 -18.26 -65.15 -22.23
C THR O 232 -17.55 -66.36 -21.65
N LEU O 233 -17.88 -66.77 -20.42
CA LEU O 233 -17.18 -67.89 -19.79
C LEU O 233 -17.71 -69.26 -20.21
N ALA O 234 -18.94 -69.37 -20.72
CA ALA O 234 -19.34 -70.70 -21.15
C ALA O 234 -20.30 -70.80 -22.34
N ARG O 235 -21.33 -69.97 -22.41
CA ARG O 235 -22.28 -70.18 -23.50
C ARG O 235 -21.57 -69.90 -24.83
N ARG O 236 -22.02 -70.50 -25.92
CA ARG O 236 -21.45 -70.18 -27.22
C ARG O 236 -22.31 -69.05 -27.76
N ILE O 237 -21.97 -67.80 -27.50
CA ILE O 237 -22.73 -66.65 -27.99
C ILE O 237 -21.75 -65.51 -28.19
N GLU O 238 -22.14 -64.36 -28.76
CA GLU O 238 -21.13 -63.34 -29.02
C GLU O 238 -20.86 -62.47 -27.80
N ALA O 239 -21.94 -62.04 -27.14
CA ALA O 239 -21.90 -61.16 -25.99
C ALA O 239 -21.52 -61.93 -24.73
N GLU O 240 -21.64 -61.23 -23.62
CA GLU O 240 -21.15 -61.69 -22.33
C GLU O 240 -22.22 -62.47 -21.58
N ASP O 241 -21.78 -63.52 -20.89
CA ASP O 241 -22.67 -64.29 -20.02
C ASP O 241 -22.43 -64.03 -18.53
N THR O 242 -21.31 -63.38 -18.21
CA THR O 242 -20.96 -63.01 -16.85
C THR O 242 -20.24 -61.67 -16.83
N GLY O 243 -20.41 -60.89 -15.77
CA GLY O 243 -19.67 -59.64 -15.65
C GLY O 243 -19.91 -58.99 -14.30
N VAL O 244 -19.09 -57.98 -13.99
CA VAL O 244 -19.29 -57.17 -12.80
C VAL O 244 -19.03 -55.72 -13.19
N ALA O 245 -19.82 -54.75 -12.72
CA ALA O 245 -19.40 -53.36 -12.89
C ALA O 245 -19.28 -52.71 -11.52
N ALA O 246 -18.15 -52.06 -11.26
CA ALA O 246 -18.00 -51.17 -10.10
C ALA O 246 -18.62 -49.84 -10.54
N LEU O 247 -19.27 -49.12 -9.63
CA LEU O 247 -19.96 -47.86 -9.86
C LEU O 247 -19.72 -46.78 -8.78
N ARG O 248 -19.62 -45.54 -9.26
CA ARG O 248 -19.68 -44.30 -8.46
C ARG O 248 -20.78 -43.35 -8.93
N TRP O 249 -21.61 -42.90 -7.98
CA TRP O 249 -22.71 -42.00 -8.28
C TRP O 249 -22.21 -40.55 -8.13
N ARG O 250 -22.85 -39.59 -8.80
CA ARG O 250 -22.47 -38.19 -8.68
C ARG O 250 -22.57 -37.74 -7.23
N HIS O 251 -23.54 -38.25 -6.47
CA HIS O 251 -23.60 -37.85 -5.07
C HIS O 251 -22.58 -38.53 -4.15
N GLY O 252 -21.73 -39.36 -4.74
CA GLY O 252 -20.64 -40.06 -4.01
C GLY O 252 -20.82 -41.50 -3.55
N ALA O 253 -22.00 -42.08 -3.71
CA ALA O 253 -22.08 -43.44 -3.21
C ALA O 253 -21.38 -44.32 -4.23
N MET O 254 -21.16 -45.56 -3.82
CA MET O 254 -20.40 -46.46 -4.66
C MET O 254 -21.10 -47.80 -4.59
N GLY O 255 -20.89 -48.67 -5.57
CA GLY O 255 -21.37 -50.02 -5.37
C GLY O 255 -21.05 -50.88 -6.57
N SER O 256 -21.68 -52.04 -6.71
CA SER O 256 -21.37 -52.90 -7.84
C SER O 256 -22.64 -53.56 -8.37
N ILE O 257 -22.57 -54.08 -9.59
CA ILE O 257 -23.67 -54.89 -10.09
C ILE O 257 -22.97 -56.13 -10.63
N ASN O 258 -23.42 -57.27 -10.12
CA ASN O 258 -22.79 -58.54 -10.41
C ASN O 258 -23.83 -59.45 -11.09
N VAL O 259 -23.49 -59.97 -12.26
CA VAL O 259 -24.46 -60.59 -13.16
C VAL O 259 -23.83 -61.85 -13.75
N THR O 260 -24.49 -62.99 -13.52
CA THR O 260 -24.19 -64.14 -14.35
C THR O 260 -25.45 -64.90 -14.76
N MET O 261 -25.42 -65.58 -15.90
CA MET O 261 -26.53 -66.44 -16.28
C MET O 261 -25.99 -67.86 -16.24
N LEU O 262 -24.95 -68.11 -15.45
CA LEU O 262 -24.38 -69.45 -15.41
C LEU O 262 -24.69 -70.14 -14.09
N THR O 263 -25.65 -69.62 -13.34
CA THR O 263 -25.87 -70.01 -11.95
C THR O 263 -26.33 -71.47 -11.93
N TYR O 264 -25.59 -72.29 -11.20
CA TYR O 264 -26.00 -73.68 -11.05
C TYR O 264 -27.09 -73.82 -9.99
N PRO O 265 -28.25 -74.48 -10.23
CA PRO O 265 -28.92 -75.03 -11.40
C PRO O 265 -30.04 -74.14 -11.93
N GLN O 266 -30.32 -73.02 -11.28
CA GLN O 266 -31.44 -72.20 -11.72
C GLN O 266 -31.27 -70.88 -10.98
N ASN O 267 -32.09 -69.89 -11.33
CA ASN O 267 -31.95 -68.55 -10.80
C ASN O 267 -31.77 -68.70 -9.31
N LEU O 268 -30.79 -68.00 -8.74
CA LEU O 268 -30.54 -68.03 -7.32
C LEU O 268 -30.99 -66.70 -6.72
N GLU O 269 -30.82 -65.59 -7.42
CA GLU O 269 -31.06 -64.29 -6.80
C GLU O 269 -31.22 -63.13 -7.79
N GLY O 270 -32.04 -62.16 -7.40
CA GLY O 270 -32.15 -60.88 -8.08
C GLY O 270 -32.40 -59.91 -6.95
N SER O 271 -31.38 -59.12 -6.59
CA SER O 271 -31.47 -58.31 -5.39
C SER O 271 -30.82 -56.94 -5.47
N ILE O 272 -31.29 -56.02 -4.63
CA ILE O 272 -30.61 -54.74 -4.53
C ILE O 272 -30.49 -54.41 -3.05
N THR O 273 -29.28 -54.10 -2.58
CA THR O 273 -29.09 -53.59 -1.22
C THR O 273 -28.66 -52.13 -1.30
N ILE O 274 -29.24 -51.30 -0.46
CA ILE O 274 -28.92 -49.88 -0.39
C ILE O 274 -28.62 -49.53 1.06
N LEU O 275 -27.48 -48.92 1.38
CA LEU O 275 -27.04 -48.57 2.73
C LEU O 275 -26.67 -47.09 2.74
N GLY O 276 -27.39 -46.35 3.58
CA GLY O 276 -27.23 -44.90 3.77
C GLY O 276 -27.01 -44.58 5.23
N GLU O 277 -26.90 -43.29 5.54
CA GLU O 277 -26.64 -42.72 6.86
C GLU O 277 -27.69 -43.19 7.86
N LYS O 278 -28.94 -43.26 7.45
CA LYS O 278 -30.04 -43.53 8.37
C LYS O 278 -31.05 -44.50 7.76
N GLY O 279 -30.58 -45.41 6.93
CA GLY O 279 -31.50 -46.42 6.42
C GLY O 279 -30.70 -47.55 5.81
N THR O 280 -31.31 -48.73 5.88
CA THR O 280 -30.71 -49.96 5.35
C THR O 280 -31.88 -50.74 4.75
N VAL O 281 -31.75 -51.13 3.49
CA VAL O 281 -32.81 -51.78 2.73
C VAL O 281 -32.22 -52.89 1.88
N ARG O 282 -32.65 -54.13 2.10
CA ARG O 282 -32.30 -55.22 1.20
C ARG O 282 -33.61 -55.72 0.61
N VAL O 283 -33.76 -55.70 -0.71
CA VAL O 283 -34.97 -56.20 -1.39
C VAL O 283 -34.45 -57.42 -2.14
N GLY O 284 -34.73 -58.61 -1.62
CA GLY O 284 -34.18 -59.84 -2.18
C GLY O 284 -35.10 -60.74 -3.00
N GLY O 285 -34.74 -62.02 -3.06
CA GLY O 285 -35.54 -63.03 -3.75
C GLY O 285 -34.87 -63.41 -5.07
N VAL O 286 -35.65 -63.97 -5.99
CA VAL O 286 -35.14 -64.26 -7.32
C VAL O 286 -35.46 -63.11 -8.26
N ALA O 287 -36.25 -62.17 -7.76
CA ALA O 287 -36.65 -61.01 -8.56
C ALA O 287 -37.05 -59.81 -7.73
N VAL O 288 -36.16 -59.29 -6.89
CA VAL O 288 -36.54 -58.07 -6.19
C VAL O 288 -38.02 -58.18 -5.80
N ASN O 289 -38.37 -59.35 -5.27
CA ASN O 289 -39.73 -59.59 -4.82
C ASN O 289 -39.94 -59.66 -3.32
N ARG O 290 -38.87 -59.52 -2.52
CA ARG O 290 -38.95 -59.78 -1.09
C ARG O 290 -38.18 -58.81 -0.22
N ILE O 291 -38.86 -57.87 0.43
CA ILE O 291 -38.20 -56.99 1.39
C ILE O 291 -37.58 -57.77 2.54
N ASP O 292 -36.25 -57.86 2.55
CA ASP O 292 -35.48 -58.54 3.60
C ASP O 292 -34.94 -57.53 4.61
N GLU O 293 -34.75 -56.29 4.17
CA GLU O 293 -34.19 -55.43 5.19
C GLU O 293 -34.81 -54.06 4.99
N TRP O 294 -35.39 -53.61 6.09
CA TRP O 294 -36.17 -52.38 6.08
C TRP O 294 -35.98 -51.76 7.46
N LYS O 295 -34.87 -51.04 7.59
CA LYS O 295 -34.53 -50.34 8.83
C LYS O 295 -34.25 -48.87 8.53
N PHE O 296 -34.88 -48.01 9.33
CA PHE O 296 -34.67 -46.56 9.25
C PHE O 296 -34.56 -46.04 10.69
N ALA O 297 -33.94 -44.87 10.86
CA ALA O 297 -33.85 -44.22 12.16
C ALA O 297 -35.11 -43.43 12.49
N GLU O 298 -35.70 -42.83 11.46
CA GLU O 298 -36.89 -41.99 11.57
C GLU O 298 -38.10 -42.72 10.98
N PRO O 299 -38.91 -43.37 11.84
CA PRO O 299 -40.06 -44.07 11.29
C PRO O 299 -41.10 -43.17 10.59
N HIS O 300 -41.71 -43.75 9.58
CA HIS O 300 -42.54 -43.01 8.64
C HIS O 300 -43.77 -43.92 8.54
N PRO O 301 -44.92 -43.29 8.25
CA PRO O 301 -46.20 -44.02 8.22
C PRO O 301 -46.07 -45.26 7.32
N ASP O 302 -46.57 -46.41 7.74
CA ASP O 302 -46.64 -47.56 6.81
C ASP O 302 -45.43 -48.46 6.95
N ASP O 303 -44.40 -48.05 7.70
CA ASP O 303 -43.22 -48.92 7.84
C ASP O 303 -43.50 -50.38 8.21
N ASP O 304 -44.35 -50.54 9.23
CA ASP O 304 -44.59 -51.86 9.81
C ASP O 304 -45.47 -52.69 8.88
N LYS O 305 -46.31 -51.97 8.13
CA LYS O 305 -47.07 -52.62 7.07
C LYS O 305 -46.05 -53.21 6.11
N ILE O 306 -45.30 -52.37 5.40
CA ILE O 306 -44.25 -52.84 4.50
C ILE O 306 -43.40 -53.94 5.12
N ARG O 307 -43.06 -53.75 6.39
CA ARG O 307 -42.45 -54.80 7.20
C ARG O 307 -43.43 -55.85 7.69
N GLY O 320 -47.43 -56.09 -14.25
CA GLY O 320 -46.28 -55.87 -15.13
C GLY O 320 -46.68 -55.07 -16.36
N HIS O 321 -46.88 -55.72 -17.50
CA HIS O 321 -47.36 -54.92 -18.62
C HIS O 321 -48.72 -54.24 -18.47
N PRO O 322 -49.69 -54.88 -17.80
CA PRO O 322 -50.98 -54.19 -17.87
C PRO O 322 -50.89 -52.81 -17.24
N LEU O 323 -50.29 -52.79 -16.06
CA LEU O 323 -50.07 -51.52 -15.39
C LEU O 323 -49.30 -50.56 -16.30
N TYR O 324 -48.31 -51.08 -17.01
CA TYR O 324 -47.54 -50.21 -17.88
C TYR O 324 -48.42 -49.52 -18.92
N TYR O 325 -49.33 -50.28 -19.53
CA TYR O 325 -50.25 -49.74 -20.54
C TYR O 325 -51.24 -48.68 -20.09
N ASP O 326 -51.52 -48.74 -18.79
CA ASP O 326 -52.40 -47.76 -18.16
C ASP O 326 -51.82 -46.37 -18.37
N ASN O 327 -50.53 -46.17 -18.13
CA ASN O 327 -49.93 -44.86 -18.38
C ASN O 327 -49.80 -44.54 -19.87
N VAL O 328 -49.46 -45.55 -20.68
CA VAL O 328 -49.42 -45.32 -22.12
C VAL O 328 -50.80 -44.84 -22.56
N ILE O 329 -51.83 -45.56 -22.13
CA ILE O 329 -53.17 -45.18 -22.58
C ILE O 329 -53.56 -43.77 -22.10
N ASN O 330 -53.31 -43.47 -20.84
CA ASN O 330 -53.70 -42.14 -20.34
C ASN O 330 -52.93 -41.03 -21.03
N CYS O 331 -51.72 -41.34 -21.49
CA CYS O 331 -50.87 -40.29 -22.00
C CYS O 331 -51.36 -39.95 -23.41
N LEU O 332 -51.67 -40.99 -24.18
CA LEU O 332 -52.17 -40.80 -25.54
C LEU O 332 -53.58 -40.22 -25.45
N ARG O 333 -54.23 -40.38 -24.29
CA ARG O 333 -55.49 -39.70 -24.03
C ARG O 333 -55.37 -38.19 -23.77
N GLY O 334 -54.18 -37.70 -23.46
CA GLY O 334 -53.97 -36.28 -23.20
C GLY O 334 -53.83 -35.92 -21.73
N ASP O 335 -54.02 -36.91 -20.85
CA ASP O 335 -54.02 -36.70 -19.41
C ASP O 335 -52.59 -36.53 -18.90
N CYS O 336 -51.73 -37.53 -19.14
CA CYS O 336 -50.43 -37.58 -18.50
C CYS O 336 -49.28 -37.29 -19.45
N GLU O 337 -48.11 -37.13 -18.85
CA GLU O 337 -46.84 -37.31 -19.54
C GLU O 337 -46.47 -38.77 -19.32
N PRO O 338 -45.66 -39.34 -20.22
CA PRO O 338 -45.21 -40.73 -20.14
C PRO O 338 -44.32 -40.86 -18.90
N GLU O 339 -44.39 -41.98 -18.21
CA GLU O 339 -43.49 -42.16 -17.08
C GLU O 339 -42.12 -42.49 -17.63
N THR O 340 -42.08 -43.33 -18.66
CA THR O 340 -40.82 -43.87 -19.18
C THR O 340 -40.76 -43.53 -20.67
N ASP O 341 -40.34 -42.29 -20.89
CA ASP O 341 -40.23 -41.84 -22.26
C ASP O 341 -38.85 -42.22 -22.82
N GLY O 342 -38.58 -41.73 -24.03
CA GLY O 342 -37.36 -42.00 -24.76
C GLY O 342 -36.09 -41.48 -24.10
N ARG O 343 -36.11 -40.26 -23.58
CA ARG O 343 -34.99 -39.76 -22.77
C ARG O 343 -34.75 -40.65 -21.56
N GLU O 344 -35.82 -41.24 -21.04
CA GLU O 344 -35.70 -41.98 -19.79
C GLU O 344 -35.02 -43.29 -20.20
N GLY O 345 -35.40 -43.75 -21.38
CA GLY O 345 -34.81 -44.95 -21.95
C GLY O 345 -33.34 -44.69 -22.21
N LEU O 346 -32.96 -43.50 -22.64
CA LEU O 346 -31.54 -43.20 -22.84
C LEU O 346 -30.64 -43.34 -21.62
N GLN O 347 -31.20 -43.04 -20.45
CA GLN O 347 -30.49 -43.13 -19.18
C GLN O 347 -29.88 -44.52 -19.02
N SER O 348 -30.68 -45.58 -19.15
CA SER O 348 -30.14 -46.93 -18.96
C SER O 348 -29.32 -47.35 -20.17
N LEU O 349 -29.68 -46.95 -21.38
CA LEU O 349 -28.80 -47.28 -22.50
C LEU O 349 -27.41 -46.67 -22.36
N ALA O 350 -27.33 -45.43 -21.89
CA ALA O 350 -26.06 -44.76 -21.63
C ALA O 350 -25.24 -45.56 -20.63
N LEU O 351 -25.92 -46.02 -19.58
CA LEU O 351 -25.21 -46.82 -18.58
C LEU O 351 -24.72 -48.17 -19.11
N LEU O 352 -25.49 -48.81 -19.98
CA LEU O 352 -25.11 -50.12 -20.47
C LEU O 352 -23.98 -49.86 -21.46
N THR O 353 -24.07 -48.76 -22.18
CA THR O 353 -22.99 -48.44 -23.11
C THR O 353 -21.70 -48.22 -22.32
N ALA O 354 -21.79 -47.51 -21.20
CA ALA O 354 -20.61 -47.27 -20.39
C ALA O 354 -19.98 -48.57 -19.91
N ILE O 355 -20.85 -49.45 -19.42
CA ILE O 355 -20.41 -50.74 -18.93
C ILE O 355 -19.75 -51.54 -20.04
N TYR O 356 -20.38 -51.58 -21.21
CA TYR O 356 -19.78 -52.36 -22.29
C TYR O 356 -18.58 -51.67 -22.93
N ARG O 357 -18.50 -50.33 -22.97
CA ARG O 357 -17.22 -49.76 -23.39
C ARG O 357 -16.09 -50.04 -22.40
N SER O 358 -16.40 -50.08 -21.10
CA SER O 358 -15.37 -50.27 -20.06
C SER O 358 -14.86 -51.71 -20.10
N ALA O 359 -15.76 -52.68 -20.12
CA ALA O 359 -15.43 -54.10 -20.29
C ALA O 359 -14.58 -54.31 -21.54
N ARG O 360 -15.05 -53.85 -22.70
CA ARG O 360 -14.16 -53.85 -23.85
C ARG O 360 -12.84 -53.06 -23.78
N ASP O 361 -12.81 -51.83 -23.31
CA ASP O 361 -11.53 -51.12 -23.40
C ASP O 361 -10.64 -51.24 -22.17
N GLY O 362 -11.19 -51.70 -21.05
CA GLY O 362 -10.30 -51.81 -19.90
C GLY O 362 -10.13 -50.46 -19.25
N VAL O 363 -11.14 -49.59 -19.22
CA VAL O 363 -10.83 -48.26 -18.74
C VAL O 363 -12.08 -47.75 -18.03
N ARG O 364 -11.97 -46.94 -16.99
CA ARG O 364 -13.18 -46.37 -16.38
C ARG O 364 -13.98 -45.54 -17.39
N ILE O 365 -15.30 -45.67 -17.48
CA ILE O 365 -16.03 -44.85 -18.46
C ILE O 365 -16.93 -43.83 -17.75
N PRO O 366 -16.72 -42.52 -17.97
CA PRO O 366 -17.53 -41.57 -17.20
C PRO O 366 -18.79 -41.19 -17.97
N LEU O 367 -19.80 -40.65 -17.32
CA LEU O 367 -21.03 -40.15 -17.95
C LEU O 367 -21.13 -38.66 -17.67
N PRO O 368 -21.99 -37.89 -18.38
CA PRO O 368 -22.80 -38.45 -19.46
C PRO O 368 -21.92 -38.63 -20.68
N LEU O 369 -22.42 -39.42 -21.63
CA LEU O 369 -21.71 -39.73 -22.86
C LEU O 369 -21.90 -38.60 -23.87
N ASP O 370 -20.96 -38.45 -24.80
CA ASP O 370 -21.13 -37.61 -25.97
C ASP O 370 -22.20 -38.10 -26.93
N ARG P 29 12.49 -78.31 26.58
CA ARG P 29 12.13 -76.97 27.13
C ARG P 29 10.88 -76.35 26.49
N LYS P 30 10.51 -75.15 26.91
CA LYS P 30 9.32 -74.49 26.37
C LYS P 30 9.72 -73.23 25.62
N ILE P 31 8.90 -72.84 24.65
CA ILE P 31 9.18 -71.65 23.83
C ILE P 31 9.05 -70.35 24.60
N ARG P 32 9.94 -69.42 24.29
CA ARG P 32 9.85 -68.12 24.94
C ARG P 32 9.39 -67.03 23.99
N PHE P 33 8.19 -66.53 24.29
CA PHE P 33 7.54 -65.47 23.54
C PHE P 33 7.70 -64.16 24.27
N GLY P 34 7.99 -63.11 23.51
CA GLY P 34 7.78 -61.79 24.06
C GLY P 34 6.77 -61.05 23.19
N LEU P 35 6.30 -59.91 23.68
CA LEU P 35 5.17 -59.27 23.02
C LEU P 35 5.33 -57.75 23.04
N VAL P 36 5.56 -57.19 21.86
CA VAL P 36 5.55 -55.75 21.68
C VAL P 36 4.17 -55.20 21.32
N GLY P 37 3.61 -54.40 22.23
CA GLY P 37 2.32 -53.78 22.00
C GLY P 37 1.35 -54.40 22.99
N CYS P 38 0.94 -53.64 24.00
CA CYS P 38 0.04 -54.19 25.00
C CYS P 38 -1.30 -53.45 24.94
N GLY P 39 -1.94 -53.39 23.78
CA GLY P 39 -3.28 -52.82 23.63
C GLY P 39 -4.35 -53.88 23.45
N ARG P 40 -5.46 -53.54 22.82
CA ARG P 40 -6.54 -54.51 22.65
C ARG P 40 -6.20 -55.95 22.30
N ILE P 41 -5.55 -56.18 21.16
CA ILE P 41 -5.32 -57.55 20.68
C ILE P 41 -4.28 -58.38 21.43
N SER P 42 -3.47 -57.73 22.27
CA SER P 42 -2.52 -58.45 23.11
C SER P 42 -3.25 -59.46 23.99
N LYS P 43 -4.45 -59.10 24.45
CA LYS P 43 -5.28 -60.03 25.21
C LYS P 43 -5.45 -61.40 24.52
N ASN P 44 -5.81 -61.44 23.24
CA ASN P 44 -5.86 -62.73 22.56
C ASN P 44 -4.49 -63.39 22.60
N HIS P 45 -3.43 -62.60 22.59
CA HIS P 45 -2.11 -63.21 22.62
C HIS P 45 -1.73 -63.76 23.99
N ILE P 46 -1.93 -62.96 25.04
CA ILE P 46 -1.78 -63.38 26.43
C ILE P 46 -2.61 -64.65 26.58
N GLY P 47 -3.93 -64.49 26.63
CA GLY P 47 -4.87 -65.59 26.45
C GLY P 47 -4.38 -66.82 25.71
N ALA P 48 -4.14 -66.70 24.41
CA ALA P 48 -3.72 -67.86 23.63
C ALA P 48 -2.44 -68.56 24.12
N ILE P 49 -1.45 -67.80 24.59
CA ILE P 49 -0.19 -68.40 25.03
C ILE P 49 -0.26 -69.12 26.37
N ALA P 50 -0.92 -68.53 27.36
CA ALA P 50 -1.12 -69.18 28.66
C ALA P 50 -1.69 -70.59 28.48
N GLN P 51 -2.55 -70.73 27.47
CA GLN P 51 -3.16 -72.00 27.09
C GLN P 51 -2.21 -73.07 26.53
N HIS P 52 -1.31 -72.68 25.63
CA HIS P 52 -0.20 -73.54 25.24
C HIS P 52 0.97 -73.47 26.22
N GLY P 53 0.67 -73.40 27.51
CA GLY P 53 1.69 -73.30 28.55
C GLY P 53 2.49 -74.55 28.86
N ASP P 54 2.36 -75.58 28.01
CA ASP P 54 3.07 -76.85 28.16
C ASP P 54 4.13 -76.91 27.08
N ARG P 55 4.02 -76.02 26.11
CA ARG P 55 5.03 -75.95 25.07
C ARG P 55 5.58 -74.54 24.98
N ALA P 56 4.97 -73.59 25.70
CA ALA P 56 5.35 -72.19 25.50
C ALA P 56 5.05 -71.31 26.70
N GLU P 57 5.69 -70.14 26.79
CA GLU P 57 5.51 -69.17 27.86
C GLU P 57 5.75 -67.69 27.52
N LEU P 58 4.81 -66.84 27.89
CA LEU P 58 5.06 -65.41 27.68
C LEU P 58 6.08 -64.82 28.65
N VAL P 59 7.31 -64.67 28.17
CA VAL P 59 8.43 -64.17 28.96
C VAL P 59 8.62 -62.66 29.14
N GLU P 60 8.46 -61.88 28.08
CA GLU P 60 8.61 -60.44 28.23
C GLU P 60 7.51 -59.67 27.49
N ILE P 61 7.14 -58.50 28.01
CA ILE P 61 6.24 -57.61 27.31
C ILE P 61 6.91 -56.26 27.06
N CYS P 62 6.36 -55.48 26.14
CA CYS P 62 6.95 -54.18 25.80
C CYS P 62 5.81 -53.17 25.55
N ASP P 63 5.98 -51.91 25.91
CA ASP P 63 5.01 -50.86 25.57
C ASP P 63 5.54 -49.47 25.93
N THR P 64 5.61 -48.62 24.91
CA THR P 64 6.07 -47.26 25.03
C THR P 64 5.08 -46.45 25.84
N ASN P 65 4.03 -47.11 26.31
CA ASN P 65 3.04 -46.41 27.13
C ASN P 65 3.11 -46.90 28.56
N PRO P 66 3.65 -46.06 29.45
CA PRO P 66 3.82 -46.38 30.87
C PRO P 66 2.67 -47.20 31.43
N GLU P 67 1.44 -46.71 31.30
CA GLU P 67 0.27 -47.39 31.84
C GLU P 67 -0.08 -48.79 31.33
N ALA P 68 -0.13 -48.98 30.01
CA ALA P 68 -0.49 -50.26 29.39
C ALA P 68 0.51 -51.35 29.73
N LEU P 69 1.78 -50.95 29.75
CA LEU P 69 2.90 -51.81 30.13
C LEU P 69 2.64 -52.30 31.55
N GLN P 70 2.51 -51.35 32.47
CA GLN P 70 2.18 -51.73 33.84
C GLN P 70 0.88 -52.53 33.95
N ALA P 71 -0.13 -52.16 33.17
CA ALA P 71 -1.31 -53.02 33.08
C ALA P 71 -0.94 -54.50 32.86
N ALA P 72 -0.11 -54.74 31.84
CA ALA P 72 0.24 -56.07 31.34
C ALA P 72 1.23 -56.79 32.25
N GLU P 73 2.20 -56.04 32.76
CA GLU P 73 3.15 -56.60 33.72
C GLU P 73 2.36 -57.26 34.84
N ALA P 74 1.31 -56.55 35.25
CA ALA P 74 0.44 -57.01 36.34
C ALA P 74 -0.32 -58.28 35.98
N ALA P 75 -0.70 -58.45 34.71
CA ALA P 75 -1.62 -59.52 34.35
C ALA P 75 -0.84 -60.76 33.94
N THR P 76 0.40 -60.52 33.55
CA THR P 76 1.25 -61.54 32.97
C THR P 76 2.43 -61.91 33.87
N GLY P 77 2.91 -60.94 34.62
CA GLY P 77 4.16 -61.06 35.36
C GLY P 77 5.35 -61.33 34.46
N ALA P 78 5.46 -60.56 33.38
CA ALA P 78 6.47 -60.81 32.36
C ALA P 78 7.53 -59.74 32.59
N ARG P 79 8.78 -59.97 32.22
CA ARG P 79 9.70 -58.85 32.32
C ARG P 79 9.33 -57.64 31.43
N PRO P 80 9.08 -56.48 32.07
CA PRO P 80 8.55 -55.29 31.40
C PRO P 80 9.63 -54.41 30.79
N PHE P 81 9.47 -53.93 29.55
CA PHE P 81 10.30 -52.85 29.00
C PHE P 81 9.48 -51.74 28.36
N SER P 82 10.15 -50.67 27.99
CA SER P 82 9.44 -49.49 27.52
C SER P 82 9.86 -49.13 26.11
N SER P 83 10.69 -49.99 25.53
CA SER P 83 11.10 -49.87 24.13
C SER P 83 11.63 -51.19 23.58
N LEU P 84 11.31 -51.46 22.32
CA LEU P 84 11.69 -52.72 21.71
C LEU P 84 13.21 -52.91 21.75
N SER P 85 13.99 -51.86 21.53
CA SER P 85 15.45 -51.91 21.54
C SER P 85 16.08 -52.38 22.87
N ASP P 86 15.55 -51.95 24.01
CA ASP P 86 15.85 -52.56 25.31
C ASP P 86 15.59 -54.06 25.30
N MET P 87 14.31 -54.41 25.25
CA MET P 87 13.86 -55.81 25.27
C MET P 87 14.78 -56.65 24.39
N LEU P 88 15.26 -56.03 23.32
CA LEU P 88 16.11 -56.80 22.42
C LEU P 88 17.56 -56.88 22.88
N ALA P 89 18.10 -55.83 23.50
CA ALA P 89 19.47 -55.90 24.00
C ALA P 89 19.49 -56.75 25.27
N GLN P 90 18.63 -56.34 26.19
CA GLN P 90 18.48 -56.99 27.48
C GLN P 90 17.75 -58.33 27.54
N GLY P 91 16.74 -58.55 26.71
CA GLY P 91 15.87 -59.73 26.83
C GLY P 91 16.32 -60.95 26.05
N ASN P 92 15.60 -62.06 26.18
CA ASN P 92 16.06 -63.33 25.66
C ASN P 92 15.02 -64.10 24.85
N ALA P 93 13.85 -63.53 24.61
CA ALA P 93 12.77 -64.24 23.92
C ALA P 93 13.17 -64.85 22.57
N ASP P 94 12.57 -65.99 22.27
CA ASP P 94 12.82 -66.71 21.03
C ASP P 94 12.11 -66.01 19.87
N ALA P 95 10.84 -65.70 20.11
CA ALA P 95 9.99 -65.10 19.10
C ALA P 95 9.27 -63.89 19.69
N LEU P 96 9.24 -62.80 18.93
CA LEU P 96 8.58 -61.57 19.35
C LEU P 96 7.25 -61.41 18.64
N VAL P 97 6.21 -61.08 19.40
CA VAL P 97 4.89 -60.91 18.80
C VAL P 97 4.69 -59.42 18.59
N LEU P 98 4.50 -59.01 17.35
CA LEU P 98 4.25 -57.60 17.10
C LEU P 98 2.74 -57.28 17.12
N ALA P 99 2.21 -56.70 18.19
CA ALA P 99 0.80 -56.34 18.26
C ALA P 99 0.61 -54.84 18.37
N THR P 100 1.31 -54.09 17.54
CA THR P 100 1.36 -52.63 17.67
C THR P 100 0.62 -52.09 16.46
N PRO P 101 0.34 -50.78 16.36
CA PRO P 101 -0.24 -50.22 15.14
C PRO P 101 0.47 -50.83 13.93
N SER P 102 -0.30 -51.18 12.92
CA SER P 102 0.13 -51.98 11.77
C SER P 102 1.35 -51.40 11.05
N GLY P 103 1.40 -50.09 10.90
CA GLY P 103 2.54 -49.48 10.23
C GLY P 103 3.89 -49.53 10.94
N LEU P 104 3.92 -49.92 12.21
CA LEU P 104 5.16 -50.20 12.93
C LEU P 104 5.68 -51.60 12.63
N HIS P 105 4.81 -52.51 12.20
CA HIS P 105 5.14 -53.93 12.09
C HIS P 105 6.39 -54.21 11.28
N PRO P 106 6.51 -53.58 10.10
CA PRO P 106 7.64 -53.92 9.26
C PRO P 106 8.95 -53.49 9.92
N TRP P 107 9.01 -52.25 10.41
CA TRP P 107 10.25 -51.74 11.01
C TRP P 107 10.58 -52.53 12.27
N GLN P 108 9.59 -52.78 13.10
CA GLN P 108 9.93 -53.60 14.26
C GLN P 108 10.44 -54.98 13.86
N ALA P 109 9.94 -55.48 12.74
CA ALA P 109 10.29 -56.84 12.33
C ALA P 109 11.73 -56.81 11.82
N ILE P 110 12.03 -55.82 11.00
CA ILE P 110 13.40 -55.68 10.52
C ILE P 110 14.34 -55.62 11.72
N GLU P 111 13.91 -55.04 12.84
CA GLU P 111 14.78 -54.82 14.00
C GLU P 111 14.87 -56.08 14.86
N VAL P 112 13.75 -56.77 15.02
CA VAL P 112 13.81 -58.11 15.59
C VAL P 112 14.66 -59.10 14.80
N ALA P 113 14.59 -59.00 13.48
CA ALA P 113 15.34 -59.93 12.65
C ALA P 113 16.82 -59.60 12.66
N GLN P 114 17.23 -58.34 12.81
CA GLN P 114 18.65 -58.03 12.83
C GLN P 114 19.26 -58.54 14.14
N ALA P 115 18.41 -58.66 15.15
CA ALA P 115 18.80 -59.19 16.45
C ALA P 115 18.59 -60.69 16.42
N GLY P 116 18.26 -61.26 15.28
CA GLY P 116 18.17 -62.71 15.20
C GLY P 116 17.09 -63.47 15.95
N ARG P 117 15.94 -62.87 16.24
CA ARG P 117 14.88 -63.77 16.68
C ARG P 117 13.81 -63.82 15.61
N HIS P 118 12.89 -64.76 15.85
CA HIS P 118 11.66 -64.97 15.09
C HIS P 118 10.60 -63.91 15.36
N VAL P 119 9.72 -63.71 14.38
CA VAL P 119 8.73 -62.65 14.35
C VAL P 119 7.36 -63.23 14.04
N VAL P 120 6.38 -62.94 14.91
CA VAL P 120 4.98 -63.25 14.67
C VAL P 120 4.33 -61.88 14.45
N SER P 121 4.01 -61.55 13.19
CA SER P 121 3.40 -60.26 12.91
C SER P 121 1.88 -60.35 12.92
N GLU P 122 1.21 -59.46 13.64
CA GLU P 122 -0.23 -59.36 13.45
C GLU P 122 -0.56 -58.84 12.04
N LYS P 123 -1.79 -59.03 11.58
CA LYS P 123 -2.12 -58.56 10.25
C LYS P 123 -2.47 -57.09 10.42
N PRO P 124 -2.37 -56.31 9.33
CA PRO P 124 -1.71 -56.74 8.11
C PRO P 124 -0.25 -56.52 8.44
N MET P 125 0.65 -57.14 7.69
CA MET P 125 2.04 -57.16 8.13
C MET P 125 2.71 -55.81 7.85
N ALA P 126 2.14 -55.04 6.92
CA ALA P 126 2.66 -53.70 6.71
C ALA P 126 1.51 -52.86 6.17
N THR P 127 1.62 -51.54 6.22
CA THR P 127 0.56 -50.79 5.57
C THR P 127 1.04 -50.38 4.16
N ARG P 128 2.33 -50.51 3.91
CA ARG P 128 2.97 -50.06 2.66
C ARG P 128 3.66 -51.19 1.90
N TRP P 129 3.55 -51.25 0.57
CA TRP P 129 3.98 -52.43 -0.16
C TRP P 129 5.49 -52.65 -0.12
N GLU P 130 6.25 -51.60 -0.37
CA GLU P 130 7.68 -51.59 -0.08
C GLU P 130 8.05 -52.06 1.32
N ASP P 131 7.47 -51.50 2.38
CA ASP P 131 7.87 -52.00 3.71
C ASP P 131 7.66 -53.50 3.83
N GLY P 132 6.58 -53.98 3.23
CA GLY P 132 6.25 -55.39 3.31
C GLY P 132 7.31 -56.27 2.68
N LYS P 133 7.68 -56.02 1.43
CA LYS P 133 8.77 -56.77 0.80
C LYS P 133 10.04 -56.72 1.65
N ARG P 134 10.41 -55.50 2.04
CA ARG P 134 11.57 -55.33 2.89
C ARG P 134 11.57 -56.07 4.24
N MET P 135 10.48 -56.20 4.98
CA MET P 135 10.47 -57.09 6.16
C MET P 135 10.76 -58.53 5.78
N VAL P 136 10.30 -58.99 4.62
CA VAL P 136 10.41 -60.42 4.30
C VAL P 136 11.84 -60.73 3.91
N LYS P 137 12.42 -59.80 3.15
CA LYS P 137 13.83 -59.90 2.80
C LYS P 137 14.71 -59.93 4.05
N ALA P 138 14.37 -59.18 5.10
CA ALA P 138 15.21 -59.10 6.30
C ALA P 138 15.12 -60.43 7.04
N CYS P 139 13.92 -60.98 7.20
CA CYS P 139 13.93 -62.25 7.90
C CYS P 139 14.61 -63.32 7.07
N ASP P 140 14.54 -63.16 5.75
CA ASP P 140 15.23 -64.10 4.87
C ASP P 140 16.72 -64.05 5.22
N GLU P 141 17.29 -62.86 5.10
CA GLU P 141 18.72 -62.64 5.26
C GLU P 141 19.25 -63.07 6.63
N ALA P 142 18.41 -63.03 7.66
CA ALA P 142 18.89 -63.28 9.01
C ALA P 142 18.55 -64.69 9.48
N GLY P 143 17.90 -65.48 8.65
CA GLY P 143 17.54 -66.87 8.98
C GLY P 143 16.40 -67.07 9.95
N VAL P 144 15.55 -66.05 10.11
CA VAL P 144 14.48 -66.12 11.10
C VAL P 144 13.14 -66.47 10.46
N ARG P 145 12.33 -67.25 11.16
CA ARG P 145 10.92 -67.32 10.81
C ARG P 145 10.26 -65.95 10.79
N LEU P 146 9.40 -65.72 9.81
CA LEU P 146 8.46 -64.61 9.88
C LEU P 146 7.01 -65.09 9.75
N PHE P 147 6.22 -64.96 10.81
CA PHE P 147 4.85 -65.44 10.74
C PHE P 147 3.85 -64.28 10.59
N VAL P 148 2.76 -64.48 9.84
CA VAL P 148 1.72 -63.46 9.80
C VAL P 148 0.37 -63.97 10.31
N VAL P 149 -0.28 -63.18 11.16
CA VAL P 149 -1.44 -63.71 11.86
C VAL P 149 -2.67 -63.61 10.97
N LYS P 150 -3.13 -64.77 10.49
CA LYS P 150 -4.40 -64.92 9.77
C LYS P 150 -5.27 -66.03 10.35
N GLN P 151 -5.65 -65.82 11.61
CA GLN P 151 -6.40 -66.78 12.40
C GLN P 151 -7.82 -67.04 11.88
N ASN P 152 -8.25 -66.36 10.81
CA ASN P 152 -9.59 -66.58 10.28
C ASN P 152 -9.66 -67.79 9.36
N ARG P 153 -8.53 -68.06 8.73
CA ARG P 153 -8.46 -69.16 7.77
C ARG P 153 -8.99 -70.47 8.36
N ARG P 154 -8.81 -70.63 9.67
CA ARG P 154 -9.22 -71.88 10.29
C ARG P 154 -10.68 -71.86 10.69
N ASN P 155 -11.42 -70.78 10.47
CA ASN P 155 -12.84 -70.82 10.80
C ASN P 155 -13.51 -71.98 10.09
N ALA P 156 -14.64 -72.43 10.63
CA ALA P 156 -15.09 -73.80 10.32
C ALA P 156 -15.71 -73.83 8.94
N THR P 157 -16.58 -72.84 8.74
CA THR P 157 -17.30 -72.63 7.48
C THR P 157 -16.31 -72.35 6.35
N LEU P 158 -15.45 -71.35 6.52
CA LEU P 158 -14.44 -71.08 5.51
C LEU P 158 -13.61 -72.33 5.20
N GLN P 159 -13.31 -73.11 6.23
CA GLN P 159 -12.43 -74.27 6.05
C GLN P 159 -13.21 -75.22 5.16
N LEU P 160 -14.54 -75.26 5.34
CA LEU P 160 -15.36 -76.09 4.46
C LEU P 160 -15.38 -75.64 3.00
N VAL P 161 -15.41 -74.34 2.74
CA VAL P 161 -15.39 -73.84 1.37
C VAL P 161 -14.04 -74.16 0.75
N LYS P 162 -13.01 -73.82 1.51
CA LYS P 162 -11.70 -74.03 0.90
C LYS P 162 -11.61 -75.47 0.41
N LYS P 163 -11.97 -76.42 1.27
CA LYS P 163 -11.98 -77.82 0.86
C LYS P 163 -12.69 -78.11 -0.47
N ALA P 164 -13.97 -77.78 -0.52
CA ALA P 164 -14.73 -77.88 -1.76
C ALA P 164 -13.99 -77.32 -2.98
N ILE P 165 -13.42 -76.13 -2.88
CA ILE P 165 -12.75 -75.57 -4.05
C ILE P 165 -11.55 -76.45 -4.38
N GLU P 166 -10.81 -76.81 -3.34
CA GLU P 166 -9.58 -77.56 -3.57
C GLU P 166 -9.92 -78.87 -4.27
N GLN P 167 -11.06 -79.44 -3.90
CA GLN P 167 -11.40 -80.75 -4.43
C GLN P 167 -11.77 -80.64 -5.90
N GLY P 168 -12.13 -79.44 -6.31
CA GLY P 168 -12.65 -79.21 -7.66
C GLY P 168 -14.16 -79.33 -7.65
N ARG P 169 -14.79 -79.24 -6.49
CA ARG P 169 -16.24 -79.41 -6.49
C ARG P 169 -17.00 -78.33 -7.26
N PHE P 170 -16.43 -77.18 -7.58
CA PHE P 170 -17.23 -76.13 -8.23
C PHE P 170 -17.24 -76.27 -9.74
N GLY P 171 -16.31 -77.08 -10.23
CA GLY P 171 -16.00 -77.05 -11.66
C GLY P 171 -15.45 -75.65 -11.91
N ARG P 172 -15.73 -75.07 -13.07
CA ARG P 172 -15.15 -73.75 -13.29
C ARG P 172 -15.83 -72.63 -12.52
N ILE P 173 -15.02 -71.72 -11.97
CA ILE P 173 -15.62 -70.73 -11.08
C ILE P 173 -16.00 -69.50 -11.92
N TYR P 174 -17.08 -68.82 -11.60
CA TYR P 174 -17.55 -67.84 -12.56
C TYR P 174 -17.71 -66.49 -11.90
N MET P 175 -18.28 -66.50 -10.70
CA MET P 175 -18.69 -65.27 -10.05
C MET P 175 -18.50 -65.36 -8.54
N VAL P 176 -17.96 -64.30 -7.95
CA VAL P 176 -17.64 -64.22 -6.52
C VAL P 176 -18.03 -62.83 -6.00
N THR P 177 -18.72 -62.76 -4.86
CA THR P 177 -19.20 -61.54 -4.25
C THR P 177 -18.92 -61.67 -2.76
N VAL P 178 -18.15 -60.71 -2.25
CA VAL P 178 -17.90 -60.59 -0.83
C VAL P 178 -18.55 -59.26 -0.43
N ASN P 179 -19.31 -59.28 0.66
CA ASN P 179 -19.79 -58.04 1.24
C ASN P 179 -19.35 -57.98 2.69
N VAL P 180 -18.93 -56.78 3.08
CA VAL P 180 -18.63 -56.44 4.47
C VAL P 180 -19.35 -55.13 4.69
N PHE P 181 -20.54 -55.26 5.29
CA PHE P 181 -21.40 -54.14 5.61
C PHE P 181 -21.44 -54.00 7.14
N TRP P 182 -20.43 -53.35 7.69
CA TRP P 182 -20.24 -53.31 9.14
C TRP P 182 -20.41 -51.88 9.63
N THR P 183 -20.04 -51.62 10.88
CA THR P 183 -20.32 -50.34 11.55
C THR P 183 -19.19 -49.94 12.49
N ARG P 184 -18.60 -48.78 12.24
CA ARG P 184 -17.58 -48.21 13.13
C ARG P 184 -18.02 -46.78 13.38
N PRO P 185 -18.48 -46.46 14.60
CA PRO P 185 -18.76 -45.04 14.73
C PRO P 185 -17.43 -44.31 14.89
N GLN P 186 -17.50 -42.98 14.98
CA GLN P 186 -16.30 -42.16 15.04
C GLN P 186 -15.49 -42.46 16.30
N GLU P 187 -16.15 -42.64 17.43
CA GLU P 187 -15.44 -42.91 18.68
C GLU P 187 -14.49 -44.08 18.50
N TYR P 188 -14.94 -45.13 17.81
CA TYR P 188 -14.00 -46.18 17.48
C TYR P 188 -12.68 -45.65 16.93
N TYR P 189 -12.69 -44.61 16.11
CA TYR P 189 -11.46 -44.17 15.46
C TYR P 189 -10.66 -43.22 16.34
N ASP P 190 -11.39 -42.44 17.12
CA ASP P 190 -10.74 -41.54 18.07
C ASP P 190 -10.12 -42.28 19.25
N ALA P 191 -10.46 -43.55 19.48
CA ALA P 191 -9.82 -44.33 20.55
C ALA P 191 -8.29 -44.30 20.49
N ALA P 192 -7.67 -44.02 19.34
CA ALA P 192 -6.22 -43.86 19.30
C ALA P 192 -5.71 -43.00 18.13
N ARG P 193 -4.68 -42.19 18.31
CA ARG P 193 -4.27 -41.28 17.24
C ARG P 193 -4.03 -42.03 15.93
N TRP P 194 -3.49 -43.23 16.03
CA TRP P 194 -3.07 -44.06 14.88
C TRP P 194 -4.18 -44.56 13.97
N ARG P 195 -5.40 -44.67 14.50
CA ARG P 195 -6.47 -45.32 13.78
C ARG P 195 -6.90 -44.47 12.59
N GLY P 196 -7.19 -45.11 11.46
CA GLY P 196 -7.69 -44.39 10.28
C GLY P 196 -6.63 -43.63 9.48
N LYS P 197 -5.37 -43.71 9.88
CA LYS P 197 -4.32 -42.91 9.25
C LYS P 197 -3.69 -43.77 8.16
N TRP P 198 -3.34 -43.24 6.99
CA TRP P 198 -2.74 -44.15 6.01
C TRP P 198 -1.43 -44.79 6.52
N GLU P 199 -0.56 -44.06 7.21
CA GLU P 199 0.76 -44.64 7.44
C GLU P 199 0.62 -45.84 8.36
N TRP P 200 -0.32 -45.74 9.30
CA TRP P 200 -0.38 -46.59 10.47
C TRP P 200 -1.41 -47.72 10.38
N ASP P 201 -2.46 -47.57 9.58
CA ASP P 201 -3.64 -48.42 9.73
C ASP P 201 -4.25 -48.71 8.37
N GLY P 202 -4.39 -47.69 7.53
CA GLY P 202 -5.30 -47.84 6.39
C GLY P 202 -6.74 -47.74 6.83
N GLY P 203 -7.64 -48.15 5.95
CA GLY P 203 -9.08 -47.88 6.05
C GLY P 203 -9.85 -49.18 6.14
N ALA P 204 -11.14 -49.08 5.81
CA ALA P 204 -12.07 -50.20 5.80
C ALA P 204 -11.50 -51.47 5.16
N PHE P 205 -10.75 -51.31 4.06
CA PHE P 205 -10.14 -52.44 3.36
C PHE P 205 -8.94 -53.05 4.07
N MET P 206 -7.93 -52.25 4.41
CA MET P 206 -6.73 -52.77 5.04
C MET P 206 -6.89 -53.20 6.51
N ASN P 207 -7.78 -52.56 7.25
CA ASN P 207 -8.09 -52.98 8.62
C ASN P 207 -9.35 -53.81 8.83
N GLN P 208 -10.54 -53.18 8.81
CA GLN P 208 -11.77 -53.84 9.22
C GLN P 208 -12.12 -55.10 8.43
N ALA P 209 -11.86 -55.06 7.12
CA ALA P 209 -12.17 -56.17 6.22
C ALA P 209 -10.98 -56.89 5.61
N SER P 210 -9.77 -56.73 6.14
CA SER P 210 -8.62 -57.39 5.54
C SER P 210 -8.82 -58.90 5.43
N HIS P 211 -9.42 -59.46 6.47
CA HIS P 211 -9.60 -60.92 6.50
C HIS P 211 -10.52 -61.31 5.35
N TYR P 212 -11.44 -60.43 4.97
CA TYR P 212 -12.32 -60.80 3.87
C TYR P 212 -11.57 -60.68 2.56
N VAL P 213 -10.74 -59.64 2.47
CA VAL P 213 -9.92 -59.44 1.29
C VAL P 213 -8.97 -60.62 1.11
N ASP P 214 -8.41 -61.11 2.21
CA ASP P 214 -7.66 -62.36 2.26
C ASP P 214 -8.32 -63.56 1.57
N LEU P 215 -9.64 -63.67 1.65
CA LEU P 215 -10.42 -64.77 1.07
C LEU P 215 -10.32 -64.82 -0.45
N LEU P 216 -10.28 -63.66 -1.11
CA LEU P 216 -10.30 -63.55 -2.56
C LEU P 216 -9.20 -64.42 -3.17
N ASP P 217 -8.01 -64.32 -2.59
CA ASP P 217 -6.84 -65.04 -3.10
C ASP P 217 -6.77 -66.44 -2.47
N TRP P 218 -6.85 -66.52 -1.15
CA TRP P 218 -6.73 -67.81 -0.48
C TRP P 218 -7.77 -68.83 -0.96
N LEU P 219 -9.06 -68.52 -0.83
CA LEU P 219 -10.08 -69.46 -1.31
C LEU P 219 -10.13 -69.62 -2.83
N VAL P 220 -10.29 -68.49 -3.54
CA VAL P 220 -10.62 -68.57 -4.96
C VAL P 220 -9.40 -68.82 -5.85
N GLY P 221 -8.24 -68.22 -5.58
CA GLY P 221 -7.13 -68.31 -6.52
C GLY P 221 -6.42 -66.98 -6.75
N PRO P 222 -5.38 -67.00 -7.59
CA PRO P 222 -4.62 -65.79 -7.93
C PRO P 222 -5.46 -64.76 -8.67
N VAL P 223 -5.45 -63.52 -8.19
CA VAL P 223 -6.15 -62.45 -8.88
C VAL P 223 -5.28 -61.98 -10.05
N GLU P 224 -5.91 -61.72 -11.18
CA GLU P 224 -5.16 -61.08 -12.26
C GLU P 224 -5.13 -59.56 -12.15
N SER P 225 -6.26 -58.91 -11.90
CA SER P 225 -6.24 -57.46 -11.71
C SER P 225 -7.48 -56.99 -10.95
N VAL P 226 -7.47 -55.73 -10.50
CA VAL P 226 -8.61 -55.08 -9.85
C VAL P 226 -8.89 -53.67 -10.35
N TYR P 227 -10.14 -53.21 -10.23
CA TYR P 227 -10.45 -51.80 -10.34
C TYR P 227 -11.22 -51.40 -9.09
N ALA P 228 -10.85 -50.36 -8.34
CA ALA P 228 -11.60 -49.96 -7.14
C ALA P 228 -12.04 -48.51 -7.03
N TYR P 229 -13.15 -48.26 -6.34
CA TYR P 229 -13.48 -46.91 -5.89
C TYR P 229 -13.44 -46.94 -4.36
N THR P 230 -12.87 -45.93 -3.73
CA THR P 230 -13.13 -45.83 -2.29
C THR P 230 -13.31 -44.37 -1.97
N ALA P 231 -13.78 -44.10 -0.76
CA ALA P 231 -13.91 -42.71 -0.35
C ALA P 231 -14.15 -42.69 1.15
N THR P 232 -13.87 -41.54 1.74
CA THR P 232 -14.21 -41.31 3.14
C THR P 232 -15.59 -40.67 3.06
N LEU P 233 -16.66 -41.39 3.33
CA LEU P 233 -17.95 -40.76 3.07
C LEU P 233 -18.47 -39.98 4.28
N ALA P 234 -18.07 -40.36 5.49
CA ALA P 234 -18.70 -39.85 6.71
C ALA P 234 -17.73 -39.63 7.86
N ARG P 235 -16.90 -40.62 8.16
CA ARG P 235 -15.92 -40.50 9.23
C ARG P 235 -14.85 -39.43 9.05
N ARG P 236 -14.43 -38.83 10.15
CA ARG P 236 -13.31 -37.89 10.08
C ARG P 236 -12.02 -38.67 10.31
N ILE P 237 -11.50 -39.32 9.26
CA ILE P 237 -10.32 -40.18 9.27
C ILE P 237 -9.66 -39.98 7.90
N GLU P 238 -8.48 -40.53 7.64
CA GLU P 238 -7.71 -40.25 6.43
C GLU P 238 -8.04 -41.25 5.32
N ALA P 239 -8.16 -42.51 5.73
CA ALA P 239 -8.36 -43.65 4.86
C ALA P 239 -9.85 -43.75 4.55
N GLU P 240 -10.24 -44.74 3.75
CA GLU P 240 -11.64 -44.81 3.33
C GLU P 240 -12.51 -45.42 4.43
N ASP P 241 -13.78 -45.03 4.51
CA ASP P 241 -14.80 -45.73 5.30
C ASP P 241 -15.70 -46.55 4.38
N THR P 242 -15.52 -46.35 3.07
CA THR P 242 -16.40 -47.02 2.12
C THR P 242 -15.69 -47.34 0.81
N GLY P 243 -16.04 -48.47 0.20
CA GLY P 243 -15.39 -48.83 -1.05
C GLY P 243 -15.84 -50.07 -1.79
N VAL P 244 -15.54 -50.09 -3.09
CA VAL P 244 -15.77 -51.27 -3.91
C VAL P 244 -14.56 -51.61 -4.79
N ALA P 245 -14.21 -52.89 -4.90
CA ALA P 245 -13.26 -53.33 -5.92
C ALA P 245 -13.91 -54.38 -6.79
N ALA P 246 -13.88 -54.19 -8.11
CA ALA P 246 -14.19 -55.27 -9.03
C ALA P 246 -12.92 -56.07 -9.31
N LEU P 247 -13.04 -57.37 -9.57
CA LEU P 247 -11.85 -58.20 -9.71
C LEU P 247 -11.93 -59.26 -10.81
N ARG P 248 -10.81 -59.60 -11.44
CA ARG P 248 -10.84 -60.69 -12.40
C ARG P 248 -9.74 -61.63 -11.92
N TRP P 249 -10.05 -62.93 -11.85
CA TRP P 249 -9.08 -63.95 -11.44
C TRP P 249 -8.34 -64.39 -12.70
N ARG P 250 -7.10 -64.87 -12.51
CA ARG P 250 -6.35 -65.49 -13.59
C ARG P 250 -7.09 -66.62 -14.27
N HIS P 251 -7.87 -67.42 -13.53
CA HIS P 251 -8.65 -68.44 -14.22
C HIS P 251 -9.89 -67.93 -14.95
N GLY P 252 -10.20 -66.64 -14.80
CA GLY P 252 -11.28 -66.05 -15.59
C GLY P 252 -12.51 -65.66 -14.78
N ALA P 253 -12.66 -66.14 -13.55
CA ALA P 253 -13.75 -65.63 -12.74
C ALA P 253 -13.66 -64.11 -12.64
N MET P 254 -14.79 -63.43 -12.45
CA MET P 254 -14.84 -62.02 -12.08
C MET P 254 -15.62 -61.97 -10.78
N GLY P 255 -15.49 -60.88 -10.04
CA GLY P 255 -16.28 -60.68 -8.84
C GLY P 255 -16.20 -59.28 -8.29
N SER P 256 -16.79 -59.04 -7.12
CA SER P 256 -16.63 -57.77 -6.44
C SER P 256 -16.46 -57.99 -4.94
N ILE P 257 -15.81 -57.05 -4.27
CA ILE P 257 -15.87 -56.98 -2.81
C ILE P 257 -16.42 -55.58 -2.52
N ASN P 258 -17.42 -55.50 -1.66
CA ASN P 258 -18.12 -54.26 -1.33
C ASN P 258 -18.10 -54.05 0.17
N VAL P 259 -17.50 -52.94 0.56
CA VAL P 259 -17.19 -52.69 1.96
C VAL P 259 -17.71 -51.32 2.38
N THR P 260 -18.40 -51.32 3.52
CA THR P 260 -18.60 -50.07 4.25
C THR P 260 -18.61 -50.33 5.74
N MET P 261 -18.10 -49.31 6.44
CA MET P 261 -18.10 -49.20 7.89
C MET P 261 -19.15 -48.17 8.32
N LEU P 262 -20.01 -47.72 7.40
CA LEU P 262 -21.08 -46.78 7.71
C LEU P 262 -22.49 -47.39 7.78
N THR P 263 -22.61 -48.67 8.06
CA THR P 263 -23.92 -49.32 7.98
C THR P 263 -24.87 -48.99 9.12
N TYR P 264 -26.07 -48.52 8.80
CA TYR P 264 -27.04 -48.17 9.83
C TYR P 264 -27.77 -49.43 10.31
N PRO P 265 -27.88 -49.68 11.62
CA PRO P 265 -27.30 -48.97 12.74
C PRO P 265 -26.16 -49.79 13.37
N GLN P 266 -25.81 -50.94 12.81
CA GLN P 266 -24.88 -51.88 13.43
C GLN P 266 -24.55 -52.86 12.33
N ASN P 267 -23.57 -53.73 12.59
CA ASN P 267 -23.15 -54.73 11.64
C ASN P 267 -24.34 -55.44 10.98
N LEU P 268 -24.46 -55.23 9.68
CA LEU P 268 -25.49 -55.90 8.91
C LEU P 268 -25.05 -57.24 8.33
N GLU P 269 -23.78 -57.37 7.92
CA GLU P 269 -23.43 -58.51 7.08
C GLU P 269 -21.96 -58.64 6.70
N GLY P 270 -21.54 -59.90 6.70
CA GLY P 270 -20.22 -60.30 6.23
C GLY P 270 -20.35 -61.61 5.49
N SER P 271 -20.27 -61.57 4.16
CA SER P 271 -20.56 -62.76 3.38
C SER P 271 -19.73 -62.93 2.13
N ILE P 272 -19.65 -64.20 1.75
CA ILE P 272 -18.98 -64.60 0.51
C ILE P 272 -19.97 -65.47 -0.27
N THR P 273 -20.11 -65.18 -1.55
CA THR P 273 -20.94 -66.00 -2.41
C THR P 273 -20.06 -66.44 -3.57
N ILE P 274 -20.08 -67.74 -3.83
CA ILE P 274 -19.22 -68.28 -4.89
C ILE P 274 -20.11 -69.10 -5.80
N LEU P 275 -20.14 -68.74 -7.08
CA LEU P 275 -20.99 -69.44 -8.05
C LEU P 275 -20.08 -69.95 -9.15
N GLY P 276 -20.25 -71.24 -9.45
CA GLY P 276 -19.40 -71.95 -10.41
C GLY P 276 -20.27 -72.85 -11.27
N GLU P 277 -19.64 -73.48 -12.26
CA GLU P 277 -20.36 -74.31 -13.23
C GLU P 277 -21.12 -75.44 -12.52
N LYS P 278 -20.55 -76.04 -11.49
CA LYS P 278 -21.32 -77.06 -10.79
C LYS P 278 -21.36 -76.93 -9.27
N GLY P 279 -21.20 -75.69 -8.82
CA GLY P 279 -21.34 -75.40 -7.39
C GLY P 279 -21.96 -74.03 -7.18
N THR P 280 -22.55 -73.87 -5.99
CA THR P 280 -23.15 -72.62 -5.57
C THR P 280 -23.13 -72.59 -4.05
N VAL P 281 -22.26 -71.75 -3.52
CA VAL P 281 -22.10 -71.66 -2.08
C VAL P 281 -22.33 -70.21 -1.64
N ARG P 282 -22.89 -70.08 -0.44
CA ARG P 282 -23.17 -68.77 0.11
C ARG P 282 -23.07 -68.82 1.64
N VAL P 283 -21.93 -68.37 2.16
CA VAL P 283 -21.73 -68.05 3.57
C VAL P 283 -22.21 -66.64 3.92
N GLY P 284 -23.05 -66.57 4.95
CA GLY P 284 -23.74 -65.34 5.34
C GLY P 284 -23.65 -65.03 6.83
N GLY P 285 -24.64 -64.27 7.27
CA GLY P 285 -24.64 -63.73 8.62
C GLY P 285 -23.76 -62.50 8.70
N VAL P 286 -23.26 -62.25 9.90
CA VAL P 286 -22.54 -61.02 10.18
C VAL P 286 -21.05 -61.21 9.96
N ALA P 287 -20.63 -62.45 9.76
CA ALA P 287 -19.20 -62.77 9.77
C ALA P 287 -18.90 -64.17 9.25
N VAL P 288 -19.31 -64.40 8.01
CA VAL P 288 -19.13 -65.68 7.30
C VAL P 288 -19.14 -66.90 8.19
N ASN P 289 -20.22 -67.02 8.95
CA ASN P 289 -20.30 -67.95 10.07
C ASN P 289 -21.42 -68.94 9.83
N ARG P 290 -22.40 -68.50 9.04
CA ARG P 290 -23.57 -69.31 8.72
C ARG P 290 -23.59 -69.75 7.26
N ILE P 291 -23.55 -71.05 7.00
CA ILE P 291 -23.63 -71.50 5.61
C ILE P 291 -25.04 -71.43 5.04
N ASP P 292 -25.28 -70.53 4.08
CA ASP P 292 -26.62 -70.28 3.58
C ASP P 292 -26.93 -70.86 2.21
N GLU P 293 -25.93 -71.34 1.49
CA GLU P 293 -26.27 -71.99 0.24
C GLU P 293 -25.17 -72.97 -0.12
N TRP P 294 -25.56 -74.22 -0.35
CA TRP P 294 -24.60 -75.31 -0.49
C TRP P 294 -25.08 -76.37 -1.50
N LYS P 295 -25.19 -76.00 -2.77
CA LYS P 295 -25.60 -76.89 -3.85
C LYS P 295 -24.45 -77.32 -4.76
N PHE P 296 -24.26 -78.62 -4.97
CA PHE P 296 -23.25 -79.09 -5.90
C PHE P 296 -23.88 -80.18 -6.77
N ALA P 297 -23.29 -80.53 -7.91
CA ALA P 297 -23.95 -81.54 -8.74
C ALA P 297 -23.64 -82.98 -8.34
N GLU P 298 -23.36 -83.19 -7.05
CA GLU P 298 -22.89 -84.48 -6.54
C GLU P 298 -22.41 -84.17 -5.14
N PRO P 299 -23.27 -84.45 -4.15
CA PRO P 299 -23.23 -84.43 -2.69
C PRO P 299 -21.89 -84.39 -1.95
N GLY P 320 -9.86 -69.13 16.80
CA GLY P 320 -9.32 -67.77 16.81
C GLY P 320 -7.80 -67.79 16.86
N HIS P 321 -7.23 -67.04 17.80
CA HIS P 321 -5.78 -67.02 17.98
C HIS P 321 -5.22 -68.30 18.60
N PRO P 322 -5.79 -68.76 19.72
CA PRO P 322 -5.27 -69.94 20.41
C PRO P 322 -4.95 -71.05 19.42
N LEU P 323 -5.89 -71.29 18.52
CA LEU P 323 -5.59 -72.24 17.45
C LEU P 323 -4.33 -71.79 16.70
N TYR P 324 -4.35 -70.55 16.21
CA TYR P 324 -3.32 -70.08 15.30
C TYR P 324 -1.92 -70.38 15.81
N TYR P 325 -1.77 -70.39 17.13
CA TYR P 325 -0.46 -70.45 17.77
C TYR P 325 -0.02 -71.90 17.73
N ASP P 326 -0.97 -72.82 17.62
CA ASP P 326 -0.64 -74.24 17.62
C ASP P 326 0.43 -74.41 16.56
N ASN P 327 0.03 -74.12 15.33
CA ASN P 327 0.99 -74.08 14.23
C ASN P 327 2.26 -73.30 14.55
N VAL P 328 2.16 -72.04 14.98
CA VAL P 328 3.40 -71.33 15.29
C VAL P 328 4.37 -72.20 16.08
N ILE P 329 3.93 -72.79 17.18
CA ILE P 329 4.83 -73.58 18.04
C ILE P 329 5.27 -74.91 17.44
N ASN P 330 4.36 -75.70 16.88
CA ASN P 330 4.78 -76.92 16.21
C ASN P 330 5.92 -76.48 15.31
N CYS P 331 5.73 -75.33 14.65
CA CYS P 331 6.69 -74.83 13.67
C CYS P 331 8.06 -74.52 14.24
N LEU P 332 8.10 -73.74 15.32
CA LEU P 332 9.39 -73.47 15.94
C LEU P 332 10.09 -74.69 16.55
N ARG P 333 9.33 -75.74 16.82
CA ARG P 333 9.96 -76.95 17.30
C ARG P 333 10.55 -77.64 16.07
N GLY P 334 10.60 -76.90 14.96
CA GLY P 334 11.13 -77.44 13.72
C GLY P 334 10.39 -78.65 13.19
N ASP P 335 9.15 -78.83 13.65
CA ASP P 335 8.27 -79.88 13.16
C ASP P 335 7.58 -79.49 11.85
N CYS P 336 6.82 -78.40 11.87
CA CYS P 336 6.05 -78.02 10.69
C CYS P 336 6.84 -77.05 9.83
N GLU P 337 6.10 -76.50 8.86
CA GLU P 337 6.40 -75.20 8.28
C GLU P 337 5.30 -74.28 8.79
N PRO P 338 5.49 -72.96 8.58
CA PRO P 338 4.51 -71.95 8.96
C PRO P 338 3.23 -72.11 8.13
N GLU P 339 2.06 -72.05 8.75
CA GLU P 339 0.82 -71.99 8.00
C GLU P 339 0.69 -70.70 7.17
N THR P 340 1.02 -69.57 7.81
CA THR P 340 1.04 -68.27 7.15
C THR P 340 2.39 -67.61 7.45
N ASP P 341 3.36 -67.78 6.56
CA ASP P 341 4.65 -67.12 6.70
C ASP P 341 4.52 -65.77 5.99
N GLY P 342 5.65 -65.08 5.86
CA GLY P 342 5.68 -63.69 5.42
C GLY P 342 5.21 -63.57 3.99
N ARG P 343 5.65 -64.53 3.17
CA ARG P 343 5.28 -64.54 1.76
C ARG P 343 3.78 -64.78 1.54
N GLU P 344 3.14 -65.55 2.40
CA GLU P 344 1.68 -65.63 2.38
C GLU P 344 1.08 -64.25 2.67
N GLY P 345 1.66 -63.53 3.63
CA GLY P 345 1.19 -62.21 3.98
C GLY P 345 1.36 -61.24 2.82
N LEU P 346 2.36 -61.44 1.97
CA LEU P 346 2.59 -60.55 0.84
C LEU P 346 1.47 -60.65 -0.18
N GLN P 347 0.87 -61.83 -0.26
CA GLN P 347 -0.19 -62.08 -1.24
C GLN P 347 -1.34 -61.14 -0.93
N SER P 348 -1.77 -61.07 0.33
CA SER P 348 -2.89 -60.17 0.60
C SER P 348 -2.49 -58.70 0.58
N LEU P 349 -1.25 -58.39 0.97
CA LEU P 349 -0.82 -57.01 0.96
C LEU P 349 -0.71 -56.45 -0.46
N ALA P 350 -0.34 -57.28 -1.43
CA ALA P 350 -0.25 -56.92 -2.84
C ALA P 350 -1.65 -56.64 -3.35
N LEU P 351 -2.62 -57.45 -2.94
CA LEU P 351 -4.01 -57.27 -3.34
C LEU P 351 -4.63 -56.00 -2.77
N LEU P 352 -4.45 -55.80 -1.46
CA LEU P 352 -4.75 -54.50 -0.86
C LEU P 352 -4.07 -53.32 -1.58
N THR P 353 -2.81 -53.50 -1.97
CA THR P 353 -2.07 -52.36 -2.50
C THR P 353 -2.65 -52.09 -3.88
N ALA P 354 -2.98 -53.17 -4.58
CA ALA P 354 -3.54 -52.98 -5.91
C ALA P 354 -4.87 -52.23 -5.81
N ILE P 355 -5.71 -52.60 -4.85
CA ILE P 355 -6.99 -51.91 -4.61
C ILE P 355 -6.74 -50.44 -4.28
N TYR P 356 -5.77 -50.15 -3.42
CA TYR P 356 -5.58 -48.80 -2.90
C TYR P 356 -5.00 -47.94 -4.02
N ARG P 357 -4.12 -48.53 -4.82
CA ARG P 357 -3.56 -47.85 -5.98
C ARG P 357 -4.62 -47.59 -7.04
N SER P 358 -5.50 -48.55 -7.32
CA SER P 358 -6.59 -48.33 -8.29
C SER P 358 -7.54 -47.20 -7.87
N ALA P 359 -7.93 -47.24 -6.61
CA ALA P 359 -8.84 -46.21 -6.10
C ALA P 359 -8.19 -44.85 -6.27
N ARG P 360 -6.91 -44.76 -5.97
CA ARG P 360 -6.28 -43.45 -5.95
C ARG P 360 -6.09 -42.97 -7.38
N ASP P 361 -5.65 -43.88 -8.24
CA ASP P 361 -5.22 -43.50 -9.59
C ASP P 361 -6.32 -43.58 -10.64
N GLY P 362 -7.48 -44.18 -10.34
CA GLY P 362 -8.54 -44.23 -11.33
C GLY P 362 -8.27 -45.20 -12.49
N VAL P 363 -7.48 -46.24 -12.25
CA VAL P 363 -6.99 -47.04 -13.36
C VAL P 363 -7.01 -48.48 -12.86
N ARG P 364 -7.19 -49.47 -13.74
CA ARG P 364 -7.07 -50.89 -13.39
C ARG P 364 -5.67 -51.30 -12.97
N ILE P 365 -5.46 -52.07 -11.91
CA ILE P 365 -4.10 -52.34 -11.41
C ILE P 365 -3.90 -53.85 -11.52
N PRO P 366 -2.93 -54.31 -12.33
CA PRO P 366 -2.72 -55.73 -12.52
C PRO P 366 -1.68 -56.27 -11.54
N LEU P 367 -1.65 -57.58 -11.30
CA LEU P 367 -0.74 -58.30 -10.40
C LEU P 367 0.07 -59.27 -11.23
N PRO P 368 1.29 -59.65 -10.81
CA PRO P 368 2.03 -59.29 -9.59
C PRO P 368 2.59 -57.88 -9.72
N LEU P 369 2.64 -57.18 -8.59
CA LEU P 369 3.21 -55.86 -8.58
C LEU P 369 4.73 -55.90 -8.75
N ASP P 370 5.35 -54.80 -9.17
CA ASP P 370 6.80 -54.70 -9.22
C ASP P 370 7.42 -54.72 -7.83
#